data_2QJY
#
_entry.id   2QJY
#
_cell.length_a   351.891
_cell.length_b   147.042
_cell.length_c   161.312
_cell.angle_alpha   90.00
_cell.angle_beta   104.25
_cell.angle_gamma   90.00
#
_symmetry.space_group_name_H-M   'C 1 2 1'
#
loop_
_entity.id
_entity.type
_entity.pdbx_description
1 polymer 'Cytochrome b'
2 polymer 'Cytochrome c1'
3 polymer 'Ubiquinol-cytochrome c reductase iron-sulfur subunit'
4 non-polymer 'STRONTIUM ION'
5 non-polymer 'PROTOPORPHYRIN IX CONTAINING FE'
6 non-polymer 'STIGMATELLIN A'
7 non-polymer '(1R)-2-{[(R)-(2-AMINOETHOXY)(HYDROXY)PHOSPHORYL]OXY}-1-[(DODECANOYLOXY)METHYL]ETHYL (9Z)-OCTADEC-9-ENOATE'
8 non-polymer UBIQUINONE-2
9 non-polymer 2-O-octyl-beta-D-glucopyranose
10 non-polymer 'FE2/S2 (INORGANIC) CLUSTER'
11 non-polymer 'CHLORIDE ION'
12 non-polymer 'SODIUM ION'
13 water water
#
loop_
_entity_poly.entity_id
_entity_poly.type
_entity_poly.pdbx_seq_one_letter_code
_entity_poly.pdbx_strand_id
1 'polypeptide(L)'
;MSGIPHDHYEPRTGIEKWLHSRLPIVALAYDTIMIPTPRNLNWMWIWGVVLAFCLVLQIVTGIVLAMHYTPHVDLAFASV
EHIMRNVNGGFMLRYLHANGASLFFIAVYLHIFRGLYYGSYKAPREVTWIVGMLIYLAMMATAFMGYVLPWGQMSFWGAT
VITGLFGAIPGIGHSIQTWLLGGPAVDNATLNRFFSLHYLLPFVIAALVAIHIWAFHSTGNNNPTGVEVRRTSKAEAQKD
TVPFWPYFIIKDVFALAVVLLVFFAIVGFMPNYLGHPDNYIEANPLRTPAHIVPEWYFLPFYAILRAFTADVWVVQIANF
ISFGIIDAKFFGVLAMFGAILVMALVPWLDTSPVRSGRYRPMFKIYFWLLAADFVILTWVGAQQTTFPYDWISLIASAYW
FAYFLVILPILGAIEKPVAPPATIEEDFNAHYSPATGGTKTVVAE
;
A,D,G,J,M,P
2 'polypeptide(L)'
;AGGGHVEDVPFSFEGPFGTFDQHQLQRGLQVYTEVCAACHGMKFVPIRSLSEPGGPELPEDQVRAYATQFTVTDEETGED
REGKPTDHFPHSALENAPDLSLMAKARAGFHGPMGTGISQLFNGIGGPEYIYSVLTGFPEEPPKCAEGHEPDGFYYNRAF
QNGSVPDTCKDANGVKTTAGSWIAMPPPLMDDLVEYADGHDASVHAMAEDVSAFLMWAAEPKLMARKQAGFTAVMFLTVL
SVLLYLTNKRLWAGVKGKKKTNVHHHHHH
;
B,E,H,K,N,Q
3 'polypeptide(L)'
;MSNAEDHAGTRRDFLYYATAGAGAVATGAAVWPLINQMNPSADVQALASIFVDVSSVEPGVQLTVKFLGKPIFIRRRTEA
DIELGRSVQLGQLVDTNARNANIDAGAEATDQNRTLDEAGEWLVMWGVCTHLGCSPIGGVSGDFGGWFCPCHGSHYDSAG
RIRKGPAPENLPIPLAKFIDETTIQLG
;
C,F,I,L,O,R
#
# COMPACT_ATOMS: atom_id res chain seq x y z
N GLY A 3 -107.38 40.78 28.26
CA GLY A 3 -108.68 41.45 27.98
C GLY A 3 -109.64 40.56 27.21
N ILE A 4 -109.51 40.59 25.88
CA ILE A 4 -110.36 39.78 25.01
C ILE A 4 -109.83 38.34 24.98
N PRO A 5 -110.72 37.34 25.08
CA PRO A 5 -110.27 35.95 25.06
C PRO A 5 -109.56 35.60 23.75
N HIS A 6 -108.38 34.99 23.86
CA HIS A 6 -107.56 34.60 22.72
C HIS A 6 -106.80 33.33 23.07
N ASP A 7 -106.30 32.65 22.04
CA ASP A 7 -105.51 31.44 22.23
C ASP A 7 -104.06 31.94 22.27
N HIS A 8 -103.17 31.25 22.97
CA HIS A 8 -101.78 31.74 23.03
C HIS A 8 -100.77 31.03 22.13
N TYR A 9 -99.55 31.58 22.12
CA TYR A 9 -98.46 31.05 21.30
C TYR A 9 -97.97 29.73 21.88
N GLU A 10 -97.53 28.86 20.98
CA GLU A 10 -97.04 27.55 21.38
C GLU A 10 -95.80 27.20 20.56
N PRO A 11 -94.69 26.92 21.22
CA PRO A 11 -93.44 26.56 20.54
C PRO A 11 -93.62 25.26 19.75
N ARG A 12 -93.28 25.29 18.47
CA ARG A 12 -93.37 24.11 17.62
C ARG A 12 -91.97 23.59 17.29
N THR A 13 -91.25 24.31 16.44
CA THR A 13 -89.90 23.92 16.03
C THR A 13 -88.97 23.72 17.24
N GLY A 14 -87.80 23.14 16.99
CA GLY A 14 -86.84 22.94 18.06
C GLY A 14 -86.23 24.28 18.39
N ILE A 15 -85.88 25.03 17.35
CA ILE A 15 -85.31 26.35 17.52
C ILE A 15 -86.28 27.18 18.35
N GLU A 16 -87.57 26.99 18.09
CA GLU A 16 -88.61 27.71 18.82
C GLU A 16 -88.66 27.39 20.31
N LYS A 17 -88.67 26.10 20.66
CA LYS A 17 -88.71 25.69 22.07
C LYS A 17 -87.42 26.07 22.80
N TRP A 18 -86.31 26.06 22.08
CA TRP A 18 -85.01 26.43 22.65
C TRP A 18 -85.05 27.91 22.99
N LEU A 19 -85.51 28.69 22.01
CA LEU A 19 -85.61 30.13 22.15
C LEU A 19 -86.61 30.51 23.22
N HIS A 20 -87.78 29.88 23.19
CA HIS A 20 -88.84 30.19 24.14
C HIS A 20 -88.50 30.00 25.62
N SER A 21 -87.66 29.02 25.93
CA SER A 21 -87.28 28.76 27.32
C SER A 21 -86.21 29.74 27.81
N ARG A 22 -85.74 30.60 26.91
CA ARG A 22 -84.70 31.57 27.25
C ARG A 22 -85.16 33.02 27.12
N LEU A 23 -85.78 33.32 25.99
CA LEU A 23 -86.30 34.66 25.72
C LEU A 23 -87.58 34.50 24.92
N PRO A 24 -88.73 34.68 25.58
CA PRO A 24 -90.06 34.56 24.96
C PRO A 24 -90.39 35.68 23.98
N ILE A 25 -89.41 36.13 23.20
CA ILE A 25 -89.68 37.20 22.26
C ILE A 25 -90.62 36.79 21.13
N VAL A 26 -90.49 35.58 20.61
CA VAL A 26 -91.39 35.14 19.53
C VAL A 26 -92.81 35.02 20.04
N ALA A 27 -92.95 34.66 21.31
CA ALA A 27 -94.27 34.53 21.92
C ALA A 27 -94.92 35.91 21.98
N LEU A 28 -94.17 36.89 22.44
CA LEU A 28 -94.67 38.26 22.56
C LEU A 28 -95.08 38.82 21.21
N ALA A 29 -94.26 38.60 20.18
CA ALA A 29 -94.57 39.10 18.86
C ALA A 29 -95.90 38.51 18.41
N TYR A 30 -96.04 37.21 18.63
CA TYR A 30 -97.25 36.47 18.27
C TYR A 30 -98.49 37.02 18.98
N ASP A 31 -98.43 37.14 20.31
CA ASP A 31 -99.57 37.65 21.06
C ASP A 31 -99.92 39.08 20.66
N THR A 32 -98.97 39.77 20.05
CA THR A 32 -99.18 41.15 19.62
C THR A 32 -99.82 41.20 18.24
N ILE A 33 -99.28 40.39 17.34
CA ILE A 33 -99.74 40.31 15.97
C ILE A 33 -101.08 39.56 15.86
N MET A 34 -101.44 38.83 16.90
CA MET A 34 -102.67 38.03 16.93
C MET A 34 -103.85 38.59 17.72
N ILE A 35 -103.66 39.76 18.32
CA ILE A 35 -104.72 40.37 19.11
C ILE A 35 -106.06 40.44 18.37
N PRO A 36 -107.15 40.06 19.04
CA PRO A 36 -108.50 40.09 18.45
C PRO A 36 -108.93 41.55 18.27
N THR A 37 -109.25 41.91 17.02
CA THR A 37 -109.64 43.26 16.66
C THR A 37 -111.08 43.38 16.15
N PRO A 38 -111.86 44.36 16.65
CA PRO A 38 -113.24 44.49 16.17
C PRO A 38 -113.33 44.37 14.65
N ARG A 39 -114.28 43.56 14.17
CA ARG A 39 -114.47 43.32 12.74
C ARG A 39 -114.96 44.51 11.94
N ASN A 40 -115.57 45.46 12.61
CA ASN A 40 -116.16 46.62 11.96
C ASN A 40 -115.32 47.87 11.71
N LEU A 41 -114.02 47.82 11.96
CA LEU A 41 -113.20 49.01 11.74
C LEU A 41 -113.32 49.47 10.29
N ASN A 42 -113.34 50.79 10.09
CA ASN A 42 -113.44 51.34 8.74
C ASN A 42 -112.13 52.02 8.33
N TRP A 43 -112.13 52.60 7.13
CA TRP A 43 -110.95 53.27 6.58
C TRP A 43 -110.32 54.37 7.44
N MET A 44 -110.99 54.79 8.50
CA MET A 44 -110.41 55.84 9.35
C MET A 44 -109.49 55.23 10.41
N TRP A 45 -109.33 53.92 10.38
CA TRP A 45 -108.46 53.23 11.33
C TRP A 45 -107.10 52.93 10.70
N ILE A 46 -106.87 53.44 9.51
CA ILE A 46 -105.61 53.21 8.82
C ILE A 46 -104.53 54.24 9.09
N TRP A 47 -104.92 55.38 9.63
CA TRP A 47 -103.93 56.44 9.86
C TRP A 47 -102.83 56.17 10.87
N GLY A 48 -103.08 55.27 11.81
CA GLY A 48 -102.05 54.95 12.79
C GLY A 48 -100.90 54.24 12.10
N VAL A 49 -101.21 53.39 11.14
CA VAL A 49 -100.18 52.68 10.39
C VAL A 49 -99.48 53.66 9.46
N VAL A 50 -100.23 54.60 8.90
CA VAL A 50 -99.59 55.57 8.03
C VAL A 50 -98.59 56.38 8.84
N LEU A 51 -98.93 56.64 10.10
CA LEU A 51 -98.06 57.41 10.98
C LEU A 51 -96.79 56.63 11.35
N ALA A 52 -96.95 55.33 11.65
CA ALA A 52 -95.80 54.49 12.01
C ALA A 52 -94.82 54.48 10.83
N PHE A 53 -95.36 54.31 9.63
CA PHE A 53 -94.56 54.29 8.43
C PHE A 53 -93.80 55.60 8.26
N CYS A 54 -94.52 56.70 8.45
CA CYS A 54 -93.93 58.05 8.33
C CYS A 54 -92.78 58.24 9.30
N LEU A 55 -92.97 57.76 10.52
CA LEU A 55 -91.92 57.91 11.51
C LEU A 55 -90.67 57.18 11.02
N VAL A 56 -90.84 55.95 10.55
CA VAL A 56 -89.72 55.17 10.03
C VAL A 56 -89.13 55.88 8.81
N LEU A 57 -89.99 56.31 7.89
CA LEU A 57 -89.51 57.01 6.70
C LEU A 57 -88.67 58.22 7.08
N GLN A 58 -89.18 59.03 8.00
CA GLN A 58 -88.46 60.23 8.44
C GLN A 58 -87.14 59.88 9.08
N ILE A 59 -87.13 58.85 9.90
CA ILE A 59 -85.89 58.48 10.58
C ILE A 59 -84.83 57.98 9.60
N VAL A 60 -85.15 57.03 8.71
CA VAL A 60 -84.10 56.58 7.80
C VAL A 60 -83.63 57.64 6.82
N THR A 61 -84.55 58.42 6.24
CA THR A 61 -84.11 59.45 5.31
C THR A 61 -83.34 60.52 6.09
N GLY A 62 -83.71 60.71 7.35
CA GLY A 62 -83.03 61.70 8.18
C GLY A 62 -81.59 61.32 8.47
N ILE A 63 -81.37 60.10 8.93
CA ILE A 63 -80.02 59.62 9.23
C ILE A 63 -79.16 59.80 8.01
N VAL A 64 -79.71 59.46 6.86
CA VAL A 64 -79.01 59.57 5.59
C VAL A 64 -78.69 61.02 5.25
N LEU A 65 -79.66 61.90 5.40
CA LEU A 65 -79.42 63.31 5.11
C LEU A 65 -78.37 63.86 6.03
N ALA A 66 -78.42 63.46 7.30
CA ALA A 66 -77.45 63.93 8.27
C ALA A 66 -76.02 63.52 7.89
N MET A 67 -75.88 62.52 7.02
CA MET A 67 -74.55 62.08 6.60
C MET A 67 -73.91 63.07 5.63
N HIS A 68 -74.73 63.94 5.02
CA HIS A 68 -74.21 64.90 4.03
C HIS A 68 -74.46 66.36 4.40
N TYR A 69 -75.15 66.58 5.51
CA TYR A 69 -75.50 67.91 5.99
C TYR A 69 -74.51 68.52 6.99
N THR A 70 -74.25 69.83 6.88
CA THR A 70 -73.34 70.50 7.81
C THR A 70 -74.09 71.54 8.64
N PRO A 71 -74.19 71.32 9.96
CA PRO A 71 -74.90 72.28 10.80
C PRO A 71 -74.06 73.51 11.18
N HIS A 72 -73.83 74.37 10.22
CA HIS A 72 -73.07 75.58 10.47
C HIS A 72 -73.59 76.66 9.52
N VAL A 73 -73.82 77.86 10.04
CA VAL A 73 -74.39 78.92 9.22
C VAL A 73 -73.69 79.21 7.90
N ASP A 74 -72.38 79.01 7.83
CA ASP A 74 -71.66 79.29 6.58
C ASP A 74 -71.77 78.12 5.59
N LEU A 75 -72.17 76.96 6.08
CA LEU A 75 -72.22 75.78 5.23
C LEU A 75 -73.55 75.05 5.12
N ALA A 76 -74.47 75.32 6.04
CA ALA A 76 -75.76 74.63 6.04
C ALA A 76 -76.56 74.64 4.75
N PHE A 77 -76.81 75.82 4.21
CA PHE A 77 -77.60 75.96 2.99
C PHE A 77 -76.84 75.35 1.80
N ALA A 78 -75.55 75.64 1.70
CA ALA A 78 -74.72 75.11 0.62
C ALA A 78 -74.76 73.59 0.66
N SER A 79 -74.72 73.04 1.88
CA SER A 79 -74.73 71.60 2.08
C SER A 79 -76.03 70.93 1.67
N VAL A 80 -77.14 71.65 1.75
CA VAL A 80 -78.41 71.06 1.33
C VAL A 80 -78.44 71.13 -0.20
N GLU A 81 -77.77 72.12 -0.78
CA GLU A 81 -77.73 72.21 -2.24
C GLU A 81 -76.79 71.11 -2.77
N HIS A 82 -75.73 70.82 -2.02
CA HIS A 82 -74.77 69.77 -2.38
C HIS A 82 -75.55 68.44 -2.37
N ILE A 83 -76.40 68.25 -1.36
CA ILE A 83 -77.19 67.04 -1.27
C ILE A 83 -78.10 66.94 -2.51
N MET A 84 -78.73 68.06 -2.88
CA MET A 84 -79.64 68.10 -4.02
C MET A 84 -78.98 67.82 -5.38
N ARG A 85 -77.78 68.37 -5.58
CA ARG A 85 -77.05 68.26 -6.84
C ARG A 85 -76.02 67.14 -6.99
N ASN A 86 -75.30 66.85 -5.93
CA ASN A 86 -74.22 65.87 -5.96
C ASN A 86 -74.44 64.47 -5.42
N VAL A 87 -75.14 64.37 -4.30
CA VAL A 87 -75.38 63.08 -3.69
C VAL A 87 -76.30 62.19 -4.52
N ASN A 88 -75.89 60.94 -4.69
CA ASN A 88 -76.69 59.99 -5.47
C ASN A 88 -78.07 59.87 -4.86
N GLY A 89 -79.07 60.30 -5.63
CA GLY A 89 -80.45 60.22 -5.14
C GLY A 89 -80.73 61.24 -4.06
N GLY A 90 -79.81 62.18 -3.89
CA GLY A 90 -79.97 63.21 -2.86
C GLY A 90 -81.24 64.01 -3.04
N PHE A 91 -81.46 64.52 -4.25
CA PHE A 91 -82.65 65.30 -4.54
C PHE A 91 -83.90 64.56 -4.08
N MET A 92 -83.98 63.26 -4.40
CA MET A 92 -85.17 62.50 -4.00
C MET A 92 -85.25 62.25 -2.50
N LEU A 93 -84.11 62.09 -1.84
CA LEU A 93 -84.11 61.85 -0.40
C LEU A 93 -84.54 63.10 0.37
N ARG A 94 -84.09 64.25 -0.11
CA ARG A 94 -84.41 65.54 0.49
C ARG A 94 -85.92 65.76 0.39
N TYR A 95 -86.45 65.66 -0.83
CA TYR A 95 -87.87 65.84 -1.06
C TYR A 95 -88.70 64.82 -0.30
N LEU A 96 -88.18 63.61 -0.12
CA LEU A 96 -88.94 62.61 0.61
C LEU A 96 -89.04 63.00 2.10
N HIS A 97 -87.95 63.56 2.64
CA HIS A 97 -87.92 63.98 4.04
C HIS A 97 -88.83 65.17 4.25
N ALA A 98 -88.73 66.15 3.36
CA ALA A 98 -89.53 67.36 3.42
C ALA A 98 -91.02 67.05 3.33
N ASN A 99 -91.43 66.46 2.20
CA ASN A 99 -92.83 66.12 2.02
C ASN A 99 -93.29 65.04 2.99
N GLY A 100 -92.35 64.34 3.60
CA GLY A 100 -92.69 63.30 4.55
C GLY A 100 -93.24 63.95 5.80
N ALA A 101 -92.75 65.15 6.09
CA ALA A 101 -93.20 65.91 7.25
C ALA A 101 -94.68 66.24 7.05
N SER A 102 -95.04 66.64 5.82
CA SER A 102 -96.43 66.98 5.52
C SER A 102 -97.34 65.77 5.58
N LEU A 103 -96.86 64.64 5.06
CA LEU A 103 -97.66 63.43 5.11
C LEU A 103 -97.86 63.08 6.57
N PHE A 104 -96.81 63.27 7.37
CA PHE A 104 -96.86 62.96 8.79
C PHE A 104 -97.97 63.77 9.46
N PHE A 105 -98.11 65.05 9.11
CA PHE A 105 -99.15 65.88 9.73
C PHE A 105 -100.54 65.67 9.14
N ILE A 106 -100.63 65.46 7.84
CA ILE A 106 -101.91 65.18 7.21
C ILE A 106 -102.48 64.00 7.97
N ALA A 107 -101.63 63.01 8.18
CA ALA A 107 -102.04 61.80 8.88
C ALA A 107 -102.40 62.01 10.34
N VAL A 108 -101.64 62.81 11.11
CA VAL A 108 -102.05 62.99 12.51
C VAL A 108 -103.34 63.74 12.64
N TYR A 109 -103.59 64.71 11.76
CA TYR A 109 -104.82 65.45 11.89
C TYR A 109 -106.01 64.52 11.63
N LEU A 110 -105.90 63.64 10.64
CA LEU A 110 -106.98 62.69 10.36
C LEU A 110 -107.09 61.71 11.54
N HIS A 111 -105.94 61.29 12.06
CA HIS A 111 -105.87 60.36 13.19
C HIS A 111 -106.56 61.02 14.39
N ILE A 112 -106.21 62.28 14.67
CA ILE A 112 -106.77 63.03 15.80
C ILE A 112 -108.28 63.24 15.70
N PHE A 113 -108.73 63.70 14.54
CA PHE A 113 -110.15 63.94 14.34
C PHE A 113 -110.96 62.66 14.38
N ARG A 114 -110.36 61.55 13.93
CA ARG A 114 -111.02 60.26 13.96
C ARG A 114 -111.33 60.00 15.43
N GLY A 115 -110.34 60.25 16.29
CA GLY A 115 -110.50 60.03 17.71
C GLY A 115 -111.53 60.93 18.37
N LEU A 116 -111.56 62.19 17.96
CA LEU A 116 -112.50 63.15 18.52
C LEU A 116 -113.93 62.78 18.19
N TYR A 117 -114.12 62.16 17.04
CA TYR A 117 -115.44 61.77 16.57
C TYR A 117 -116.02 60.48 17.17
N TYR A 118 -115.17 59.49 17.37
CA TYR A 118 -115.61 58.19 17.90
C TYR A 118 -115.36 58.04 19.40
N GLY A 119 -114.93 59.11 20.04
CA GLY A 119 -114.68 59.06 21.47
C GLY A 119 -113.59 58.06 21.84
N SER A 120 -112.57 57.95 20.99
CA SER A 120 -111.48 57.02 21.24
C SER A 120 -110.63 57.51 22.42
N TYR A 121 -110.93 58.71 22.90
CA TYR A 121 -110.21 59.31 24.04
C TYR A 121 -110.95 59.06 25.34
N LYS A 122 -112.19 58.61 25.21
CA LYS A 122 -113.02 58.34 26.39
C LYS A 122 -112.57 57.10 27.12
N ALA A 123 -112.82 57.08 28.43
CA ALA A 123 -112.47 55.94 29.24
C ALA A 123 -112.84 54.68 28.47
N PRO A 124 -112.01 53.63 28.58
CA PRO A 124 -110.80 53.61 29.42
C PRO A 124 -109.54 54.05 28.65
N ARG A 125 -109.72 54.79 27.56
CA ARG A 125 -108.62 55.20 26.71
C ARG A 125 -107.91 56.54 26.95
N GLU A 126 -107.99 57.09 28.15
CA GLU A 126 -107.38 58.38 28.43
C GLU A 126 -105.85 58.42 28.29
N VAL A 127 -105.19 57.36 28.75
CA VAL A 127 -103.73 57.31 28.67
C VAL A 127 -103.28 57.25 27.21
N THR A 128 -103.97 56.45 26.40
CA THR A 128 -103.63 56.36 25.00
C THR A 128 -103.65 57.79 24.45
N TRP A 129 -104.73 58.49 24.75
CA TRP A 129 -104.92 59.87 24.30
C TRP A 129 -103.86 60.84 24.78
N ILE A 130 -103.49 60.75 26.06
CA ILE A 130 -102.48 61.65 26.60
C ILE A 130 -101.10 61.38 25.99
N VAL A 131 -100.74 60.11 25.84
CA VAL A 131 -99.45 59.79 25.25
C VAL A 131 -99.46 60.35 23.83
N GLY A 132 -100.58 60.18 23.14
CA GLY A 132 -100.70 60.72 21.79
C GLY A 132 -100.46 62.23 21.77
N MET A 133 -100.98 62.94 22.77
CA MET A 133 -100.79 64.39 22.85
C MET A 133 -99.32 64.74 23.01
N LEU A 134 -98.60 63.93 23.78
CA LEU A 134 -97.18 64.17 23.99
C LEU A 134 -96.46 63.96 22.66
N ILE A 135 -96.87 62.94 21.93
CA ILE A 135 -96.27 62.68 20.64
C ILE A 135 -96.49 63.89 19.73
N TYR A 136 -97.71 64.43 19.75
CA TYR A 136 -98.04 65.60 18.92
C TYR A 136 -97.16 66.80 19.25
N LEU A 137 -96.91 67.04 20.52
CA LEU A 137 -96.06 68.17 20.90
C LEU A 137 -94.65 67.94 20.38
N ALA A 138 -94.15 66.71 20.53
CA ALA A 138 -92.81 66.37 20.07
C ALA A 138 -92.69 66.50 18.55
N MET A 139 -93.71 66.03 17.84
CA MET A 139 -93.74 66.11 16.39
C MET A 139 -93.58 67.56 15.95
N MET A 140 -94.32 68.45 16.58
CA MET A 140 -94.24 69.87 16.22
C MET A 140 -92.87 70.45 16.51
N ALA A 141 -92.33 70.18 17.70
CA ALA A 141 -91.00 70.71 18.02
C ALA A 141 -89.96 70.10 17.05
N THR A 142 -90.11 68.83 16.72
CA THR A 142 -89.17 68.17 15.81
C THR A 142 -89.23 68.83 14.44
N ALA A 143 -90.42 68.93 13.86
CA ALA A 143 -90.57 69.52 12.54
C ALA A 143 -90.12 70.97 12.50
N PHE A 144 -90.32 71.69 13.58
CA PHE A 144 -89.90 73.07 13.62
C PHE A 144 -88.37 73.13 13.51
N MET A 145 -87.67 72.39 14.35
CA MET A 145 -86.21 72.40 14.29
C MET A 145 -85.65 71.92 12.95
N GLY A 146 -86.29 70.90 12.39
CA GLY A 146 -85.85 70.40 11.10
C GLY A 146 -85.91 71.51 10.06
N TYR A 147 -87.03 72.24 10.06
CA TYR A 147 -87.24 73.33 9.11
C TYR A 147 -86.16 74.41 9.20
N VAL A 148 -85.55 74.53 10.37
CA VAL A 148 -84.51 75.54 10.56
C VAL A 148 -83.17 75.10 9.97
N LEU A 149 -82.93 73.79 9.89
CA LEU A 149 -81.65 73.29 9.39
C LEU A 149 -81.13 73.81 8.04
N PRO A 150 -82.01 73.91 7.01
CA PRO A 150 -81.61 74.41 5.68
C PRO A 150 -81.02 75.82 5.71
N TRP A 151 -81.35 76.56 6.77
CA TRP A 151 -80.93 77.95 6.95
C TRP A 151 -81.36 78.90 5.83
N GLY A 152 -82.61 78.74 5.37
CA GLY A 152 -83.13 79.61 4.33
C GLY A 152 -83.84 80.76 5.02
N GLN A 153 -84.56 81.62 4.29
CA GLN A 153 -85.24 82.75 4.91
C GLN A 153 -86.33 82.32 5.90
N MET A 154 -87.19 81.40 5.49
CA MET A 154 -88.24 80.94 6.37
C MET A 154 -87.61 80.30 7.61
N SER A 155 -86.50 79.62 7.42
CA SER A 155 -85.78 78.96 8.50
C SER A 155 -85.34 79.94 9.59
N PHE A 156 -84.63 80.98 9.18
CA PHE A 156 -84.13 81.97 10.12
C PHE A 156 -85.22 82.72 10.86
N TRP A 157 -86.17 83.29 10.13
CA TRP A 157 -87.22 84.07 10.77
C TRP A 157 -88.20 83.21 11.56
N GLY A 158 -88.45 81.99 11.10
CA GLY A 158 -89.35 81.13 11.84
C GLY A 158 -88.68 80.78 13.17
N ALA A 159 -87.35 80.67 13.15
CA ALA A 159 -86.61 80.36 14.38
C ALA A 159 -86.65 81.56 15.31
N THR A 160 -86.53 82.75 14.72
CA THR A 160 -86.58 83.98 15.49
C THR A 160 -87.92 84.08 16.22
N VAL A 161 -89.01 83.87 15.48
CA VAL A 161 -90.35 83.93 16.04
C VAL A 161 -90.70 82.87 17.07
N ILE A 162 -90.34 81.62 16.80
CA ILE A 162 -90.66 80.55 17.72
C ILE A 162 -89.84 80.62 19.01
N THR A 163 -88.60 81.09 18.93
CA THR A 163 -87.85 81.21 20.17
C THR A 163 -88.42 82.44 20.87
N GLY A 164 -89.01 83.34 20.09
CA GLY A 164 -89.62 84.54 20.63
C GLY A 164 -90.82 84.22 21.52
N LEU A 165 -91.54 83.16 21.19
CA LEU A 165 -92.71 82.77 21.98
C LEU A 165 -92.34 82.66 23.44
N PHE A 166 -91.21 82.05 23.72
CA PHE A 166 -90.77 81.88 25.10
C PHE A 166 -90.36 83.18 25.73
N GLY A 167 -89.97 84.13 24.88
CA GLY A 167 -89.58 85.43 25.37
C GLY A 167 -90.80 86.15 25.92
N ALA A 168 -91.99 85.64 25.61
CA ALA A 168 -93.23 86.26 26.05
C ALA A 168 -93.67 85.83 27.45
N ILE A 169 -93.06 84.79 27.99
CA ILE A 169 -93.42 84.36 29.34
C ILE A 169 -92.96 85.46 30.30
N PRO A 170 -93.86 85.93 31.16
CA PRO A 170 -93.57 86.98 32.14
C PRO A 170 -92.47 86.59 33.14
N GLY A 171 -91.58 87.54 33.43
CA GLY A 171 -90.52 87.29 34.39
C GLY A 171 -89.33 86.48 33.91
N ILE A 172 -89.51 85.17 33.78
CA ILE A 172 -88.42 84.29 33.36
C ILE A 172 -88.16 84.30 31.86
N GLY A 173 -89.19 84.69 31.09
CA GLY A 173 -89.09 84.73 29.64
C GLY A 173 -87.80 85.12 28.93
N HIS A 174 -87.27 86.32 29.21
CA HIS A 174 -86.06 86.69 28.49
C HIS A 174 -84.92 85.72 28.72
N SER A 175 -84.87 85.13 29.90
CA SER A 175 -83.83 84.18 30.24
C SER A 175 -83.99 82.90 29.43
N ILE A 176 -85.20 82.37 29.41
CA ILE A 176 -85.46 81.16 28.68
C ILE A 176 -85.11 81.38 27.21
N GLN A 177 -85.45 82.56 26.69
CA GLN A 177 -85.15 82.83 25.29
C GLN A 177 -83.65 82.92 25.03
N THR A 178 -82.90 83.53 25.94
CA THR A 178 -81.46 83.65 25.75
C THR A 178 -80.84 82.25 25.78
N TRP A 179 -81.37 81.41 26.65
CA TRP A 179 -80.90 80.04 26.82
C TRP A 179 -81.14 79.21 25.54
N LEU A 180 -82.34 79.32 24.97
CA LEU A 180 -82.66 78.58 23.75
C LEU A 180 -81.82 79.04 22.58
N LEU A 181 -81.48 80.32 22.56
CA LEU A 181 -80.70 80.89 21.47
C LEU A 181 -79.18 80.74 21.62
N GLY A 182 -78.73 80.63 22.86
CA GLY A 182 -77.31 80.52 23.10
C GLY A 182 -76.65 81.86 22.87
N GLY A 183 -77.45 82.91 22.83
CA GLY A 183 -76.92 84.25 22.62
C GLY A 183 -78.00 85.30 22.42
N PRO A 184 -77.62 86.52 22.02
CA PRO A 184 -78.57 87.62 21.81
C PRO A 184 -79.49 87.52 20.60
N ALA A 185 -79.17 86.62 19.67
CA ALA A 185 -79.99 86.46 18.48
C ALA A 185 -79.85 85.06 17.92
N VAL A 186 -80.66 84.75 16.92
CA VAL A 186 -80.59 83.45 16.26
C VAL A 186 -79.28 83.48 15.49
N ASP A 187 -78.38 82.55 15.80
CA ASP A 187 -77.08 82.48 15.13
C ASP A 187 -76.59 81.03 15.05
N ASN A 188 -75.30 80.84 14.84
CA ASN A 188 -74.77 79.49 14.72
C ASN A 188 -75.02 78.64 15.95
N ALA A 189 -74.82 79.17 17.14
CA ALA A 189 -75.08 78.38 18.34
C ALA A 189 -76.50 77.83 18.32
N THR A 190 -77.43 78.57 17.74
CA THR A 190 -78.83 78.14 17.67
C THR A 190 -79.03 76.99 16.68
N LEU A 191 -78.45 77.15 15.49
CA LEU A 191 -78.54 76.13 14.45
C LEU A 191 -77.92 74.82 14.94
N ASN A 192 -76.74 74.95 15.54
CA ASN A 192 -75.99 73.82 16.06
C ASN A 192 -76.79 73.00 17.08
N ARG A 193 -77.46 73.66 18.04
CA ARG A 193 -78.22 72.90 19.04
C ARG A 193 -79.53 72.35 18.47
N PHE A 194 -80.05 73.01 17.45
CA PHE A 194 -81.29 72.54 16.83
C PHE A 194 -80.98 71.26 16.08
N PHE A 195 -79.79 71.18 15.49
CA PHE A 195 -79.42 69.98 14.77
C PHE A 195 -79.41 68.81 15.74
N SER A 196 -78.69 68.97 16.84
CA SER A 196 -78.64 67.90 17.83
C SER A 196 -80.01 67.50 18.33
N LEU A 197 -80.86 68.48 18.62
CA LEU A 197 -82.20 68.15 19.12
C LEU A 197 -83.12 67.58 18.05
N HIS A 198 -82.91 67.98 16.80
CA HIS A 198 -83.75 67.45 15.71
C HIS A 198 -83.42 65.97 15.57
N TYR A 199 -82.16 65.61 15.82
CA TYR A 199 -81.73 64.21 15.71
C TYR A 199 -82.30 63.41 16.88
N LEU A 200 -82.22 63.97 18.08
CA LEU A 200 -82.70 63.31 19.30
C LEU A 200 -84.21 63.09 19.46
N LEU A 201 -85.01 64.11 19.20
CA LEU A 201 -86.46 63.97 19.39
C LEU A 201 -87.15 62.81 18.72
N PRO A 202 -86.80 62.54 17.45
CA PRO A 202 -87.48 61.41 16.80
C PRO A 202 -87.38 60.08 17.56
N PHE A 203 -86.31 59.90 18.33
CA PHE A 203 -86.15 58.67 19.12
C PHE A 203 -87.05 58.69 20.34
N VAL A 204 -87.29 59.89 20.84
CA VAL A 204 -88.16 60.08 21.99
C VAL A 204 -89.55 59.74 21.48
N ILE A 205 -89.89 60.26 20.31
CA ILE A 205 -91.18 59.99 19.71
C ILE A 205 -91.33 58.47 19.56
N ALA A 206 -90.32 57.81 19.00
CA ALA A 206 -90.37 56.35 18.83
C ALA A 206 -90.64 55.66 20.14
N ALA A 207 -89.98 56.13 21.20
CA ALA A 207 -90.17 55.55 22.53
C ALA A 207 -91.62 55.78 22.97
N LEU A 208 -92.13 56.99 22.77
CA LEU A 208 -93.51 57.28 23.14
C LEU A 208 -94.51 56.45 22.34
N VAL A 209 -94.23 56.29 21.05
CA VAL A 209 -95.11 55.50 20.20
C VAL A 209 -95.18 54.07 20.72
N ALA A 210 -94.10 53.60 21.32
CA ALA A 210 -94.08 52.26 21.89
C ALA A 210 -95.09 52.17 23.02
N ILE A 211 -95.10 53.19 23.87
CA ILE A 211 -96.04 53.23 24.98
C ILE A 211 -97.47 53.40 24.48
N HIS A 212 -97.61 54.17 23.40
CA HIS A 212 -98.91 54.43 22.75
C HIS A 212 -99.49 53.08 22.31
N ILE A 213 -98.69 52.28 21.61
CA ILE A 213 -99.14 50.96 21.14
C ILE A 213 -99.48 50.05 22.32
N TRP A 214 -98.62 50.06 23.32
CA TRP A 214 -98.84 49.24 24.50
C TRP A 214 -100.18 49.65 25.11
N ALA A 215 -100.39 50.96 25.23
CA ALA A 215 -101.61 51.51 25.79
C ALA A 215 -102.89 51.06 25.10
N PHE A 216 -102.97 51.18 23.78
CA PHE A 216 -104.21 50.73 23.16
C PHE A 216 -104.29 49.22 23.09
N HIS A 217 -103.17 48.54 23.24
CA HIS A 217 -103.19 47.08 23.25
C HIS A 217 -103.76 46.62 24.60
N SER A 218 -103.49 47.39 25.65
CA SER A 218 -103.99 47.06 26.98
C SER A 218 -105.51 47.15 27.06
N THR A 219 -106.10 48.09 26.32
CA THR A 219 -107.54 48.25 26.38
C THR A 219 -108.27 47.62 25.20
N GLY A 220 -107.56 47.42 24.10
CA GLY A 220 -108.18 46.89 22.91
C GLY A 220 -108.63 48.09 22.11
N ASN A 221 -108.62 47.96 20.79
CA ASN A 221 -109.01 49.05 19.91
C ASN A 221 -110.47 49.41 20.08
N ASN A 222 -110.79 50.66 19.79
CA ASN A 222 -112.16 51.13 19.85
C ASN A 222 -112.63 50.91 18.41
N ASN A 223 -113.94 50.89 18.19
CA ASN A 223 -114.47 50.69 16.85
C ASN A 223 -115.52 51.76 16.59
N PRO A 224 -116.03 51.85 15.36
CA PRO A 224 -117.05 52.88 15.03
C PRO A 224 -118.36 52.90 15.82
N THR A 225 -118.66 51.86 16.58
CA THR A 225 -119.90 51.85 17.35
C THR A 225 -119.70 52.24 18.81
N GLY A 226 -118.45 52.24 19.26
CA GLY A 226 -118.18 52.60 20.64
C GLY A 226 -118.53 51.46 21.58
N VAL A 227 -119.01 50.36 21.02
CA VAL A 227 -119.39 49.20 21.81
C VAL A 227 -118.19 48.26 21.93
N GLU A 228 -117.80 47.96 23.16
CA GLU A 228 -116.66 47.09 23.42
C GLU A 228 -116.88 45.67 22.91
N VAL A 229 -115.80 44.91 22.85
CA VAL A 229 -115.86 43.52 22.42
C VAL A 229 -116.30 42.73 23.65
N ARG A 230 -117.13 41.71 23.45
CA ARG A 230 -117.59 40.91 24.58
C ARG A 230 -116.41 40.13 25.15
N ARG A 231 -116.18 40.25 26.46
CA ARG A 231 -115.06 39.57 27.10
C ARG A 231 -115.43 38.27 27.82
N THR A 232 -116.73 38.01 27.96
CA THR A 232 -117.23 36.83 28.68
C THR A 232 -116.78 35.44 28.20
N SER A 233 -116.59 35.25 26.90
CA SER A 233 -116.15 33.93 26.38
C SER A 233 -115.46 34.02 25.03
N LYS A 234 -114.46 33.16 24.80
CA LYS A 234 -113.74 33.14 23.52
C LYS A 234 -114.78 33.06 22.41
N ALA A 235 -115.84 32.34 22.70
CA ALA A 235 -116.95 32.13 21.77
C ALA A 235 -117.50 33.39 21.13
N GLU A 236 -118.09 34.25 21.95
CA GLU A 236 -118.68 35.49 21.47
C GLU A 236 -117.63 36.53 21.11
N ALA A 237 -116.51 36.52 21.81
CA ALA A 237 -115.43 37.45 21.53
C ALA A 237 -115.07 37.32 20.05
N GLN A 238 -115.07 36.08 19.57
CA GLN A 238 -114.75 35.82 18.17
C GLN A 238 -115.82 36.30 17.21
N LYS A 239 -117.06 36.39 17.68
CA LYS A 239 -118.16 36.85 16.84
C LYS A 239 -117.96 38.35 16.61
N ASP A 240 -117.34 39.00 17.57
CA ASP A 240 -117.06 40.44 17.51
C ASP A 240 -115.75 40.80 16.81
N THR A 241 -114.79 39.88 16.78
CA THR A 241 -113.49 40.13 16.21
C THR A 241 -112.97 39.20 15.11
N VAL A 242 -111.71 39.44 14.78
CA VAL A 242 -110.91 38.66 13.83
C VAL A 242 -109.50 39.03 14.28
N PRO A 243 -108.52 38.14 14.10
CA PRO A 243 -107.18 38.49 14.54
C PRO A 243 -106.54 39.57 13.68
N PHE A 244 -105.76 40.43 14.31
CA PHE A 244 -105.09 41.52 13.61
C PHE A 244 -104.36 40.97 12.38
N TRP A 245 -103.59 39.91 12.58
CA TRP A 245 -102.90 39.26 11.47
C TRP A 245 -103.78 38.10 11.04
N PRO A 246 -104.06 37.97 9.73
CA PRO A 246 -103.63 38.84 8.62
C PRO A 246 -104.71 39.81 8.17
N TYR A 247 -105.89 39.68 8.76
CA TYR A 247 -107.03 40.51 8.39
C TYR A 247 -106.83 42.01 8.33
N PHE A 248 -106.35 42.61 9.41
CA PHE A 248 -106.14 44.04 9.38
C PHE A 248 -104.77 44.43 8.88
N ILE A 249 -103.76 43.61 9.19
CA ILE A 249 -102.41 43.89 8.71
C ILE A 249 -102.45 44.10 7.21
N ILE A 250 -103.26 43.32 6.52
CA ILE A 250 -103.32 43.44 5.08
C ILE A 250 -104.13 44.61 4.54
N LYS A 251 -105.24 44.98 5.16
CA LYS A 251 -105.90 46.14 4.58
C LYS A 251 -105.10 47.39 4.96
N ASP A 252 -104.40 47.35 6.10
CA ASP A 252 -103.57 48.48 6.50
C ASP A 252 -102.45 48.63 5.45
N VAL A 253 -101.75 47.55 5.14
CA VAL A 253 -100.69 47.61 4.14
C VAL A 253 -101.27 48.03 2.79
N PHE A 254 -102.49 47.57 2.50
CA PHE A 254 -103.13 47.95 1.25
C PHE A 254 -103.40 49.45 1.23
N ALA A 255 -103.93 49.97 2.34
CA ALA A 255 -104.23 51.39 2.46
C ALA A 255 -102.94 52.18 2.31
N LEU A 256 -101.92 51.73 3.04
CA LEU A 256 -100.61 52.36 3.01
C LEU A 256 -100.06 52.48 1.59
N ALA A 257 -100.27 51.43 0.79
CA ALA A 257 -99.79 51.42 -0.60
C ALA A 257 -100.50 52.48 -1.42
N VAL A 258 -101.79 52.67 -1.15
CA VAL A 258 -102.56 53.67 -1.88
C VAL A 258 -102.09 55.06 -1.47
N VAL A 259 -101.87 55.24 -0.16
CA VAL A 259 -101.40 56.52 0.35
C VAL A 259 -100.01 56.82 -0.23
N LEU A 260 -99.12 55.84 -0.20
CA LEU A 260 -97.78 56.05 -0.73
C LEU A 260 -97.81 56.32 -2.22
N LEU A 261 -98.84 55.81 -2.90
CA LEU A 261 -98.97 56.04 -4.33
C LEU A 261 -99.14 57.54 -4.56
N VAL A 262 -100.05 58.15 -3.81
CA VAL A 262 -100.29 59.59 -3.93
C VAL A 262 -99.05 60.36 -3.48
N PHE A 263 -98.49 59.94 -2.35
CA PHE A 263 -97.31 60.57 -1.79
C PHE A 263 -96.16 60.63 -2.78
N PHE A 264 -95.84 59.50 -3.41
CA PHE A 264 -94.75 59.47 -4.38
C PHE A 264 -95.07 60.28 -5.63
N ALA A 265 -96.35 60.34 -5.97
CA ALA A 265 -96.77 61.13 -7.13
C ALA A 265 -96.48 62.58 -6.80
N ILE A 266 -96.76 62.99 -5.56
CA ILE A 266 -96.50 64.36 -5.12
C ILE A 266 -95.01 64.62 -5.19
N VAL A 267 -94.24 63.78 -4.52
CA VAL A 267 -92.79 63.92 -4.48
C VAL A 267 -92.14 63.89 -5.85
N GLY A 268 -92.65 63.04 -6.73
CA GLY A 268 -92.07 62.97 -8.05
C GLY A 268 -92.47 64.12 -8.96
N PHE A 269 -93.73 64.52 -8.87
CA PHE A 269 -94.23 65.57 -9.75
C PHE A 269 -94.43 66.99 -9.24
N MET A 270 -94.64 67.17 -7.94
CA MET A 270 -94.83 68.50 -7.39
C MET A 270 -94.28 68.54 -5.97
N PRO A 271 -92.99 68.23 -5.82
CA PRO A 271 -92.26 68.20 -4.56
C PRO A 271 -92.21 69.51 -3.78
N ASN A 272 -92.37 70.64 -4.49
CA ASN A 272 -92.32 71.96 -3.87
C ASN A 272 -93.66 72.63 -3.62
N TYR A 273 -94.74 71.94 -3.94
CA TYR A 273 -96.06 72.49 -3.79
C TYR A 273 -96.42 72.83 -2.33
N LEU A 274 -96.16 71.90 -1.42
CA LEU A 274 -96.49 72.12 -0.01
C LEU A 274 -95.43 72.93 0.73
N GLY A 275 -94.52 73.56 0.00
CA GLY A 275 -93.47 74.34 0.65
C GLY A 275 -93.51 75.83 0.38
N HIS A 276 -92.52 76.54 0.91
CA HIS A 276 -92.43 77.98 0.74
C HIS A 276 -91.21 78.38 -0.08
N PRO A 277 -91.45 78.99 -1.26
CA PRO A 277 -90.38 79.44 -2.15
C PRO A 277 -89.30 80.26 -1.48
N ASP A 278 -89.67 80.99 -0.43
CA ASP A 278 -88.66 81.83 0.20
C ASP A 278 -87.59 81.05 0.94
N ASN A 279 -87.80 79.74 1.15
CA ASN A 279 -86.74 79.04 1.84
C ASN A 279 -85.64 78.60 0.88
N TYR A 280 -85.75 79.04 -0.37
CA TYR A 280 -84.72 78.76 -1.35
C TYR A 280 -83.88 80.01 -1.47
N ILE A 281 -84.02 80.87 -0.48
CA ILE A 281 -83.26 82.11 -0.41
C ILE A 281 -82.50 81.98 0.89
N GLU A 282 -81.21 82.30 0.87
CA GLU A 282 -80.39 82.16 2.06
C GLU A 282 -80.83 83.09 3.19
N ALA A 283 -80.72 82.58 4.41
CA ALA A 283 -81.07 83.35 5.59
C ALA A 283 -80.43 84.73 5.50
N ASN A 284 -81.23 85.77 5.74
CA ASN A 284 -80.72 87.15 5.73
C ASN A 284 -81.16 87.72 7.07
N PRO A 285 -80.23 87.82 8.03
CA PRO A 285 -80.57 88.35 9.35
C PRO A 285 -81.03 89.81 9.35
N LEU A 286 -80.85 90.50 8.23
CA LEU A 286 -81.24 91.90 8.16
C LEU A 286 -82.48 92.16 7.35
N ARG A 287 -83.28 91.14 7.12
CA ARG A 287 -84.41 91.36 6.25
C ARG A 287 -85.42 90.24 6.32
N THR A 288 -86.66 90.57 6.69
CA THR A 288 -87.71 89.56 6.76
C THR A 288 -88.55 89.64 5.50
N PRO A 289 -88.73 88.48 4.83
CA PRO A 289 -89.53 88.44 3.60
C PRO A 289 -90.92 89.01 3.81
N ALA A 290 -91.43 89.70 2.80
CA ALA A 290 -92.76 90.29 2.87
C ALA A 290 -93.84 89.22 2.93
N HIS A 291 -93.59 88.05 2.33
CA HIS A 291 -94.61 87.04 2.36
C HIS A 291 -94.34 85.85 3.25
N ILE A 292 -93.66 86.11 4.35
CA ILE A 292 -93.36 85.07 5.33
C ILE A 292 -94.68 84.45 5.76
N VAL A 293 -94.73 83.12 5.75
CA VAL A 293 -95.92 82.37 6.13
C VAL A 293 -95.45 81.05 6.71
N PRO A 294 -96.09 80.60 7.80
CA PRO A 294 -95.66 79.32 8.39
C PRO A 294 -95.95 78.11 7.52
N GLU A 295 -95.39 76.98 7.94
CA GLU A 295 -95.57 75.70 7.29
C GLU A 295 -97.06 75.40 7.43
N TRP A 296 -97.72 74.94 6.37
CA TRP A 296 -99.16 74.70 6.47
C TRP A 296 -99.65 73.96 7.71
N TYR A 297 -98.96 72.92 8.14
CA TYR A 297 -99.45 72.20 9.32
C TYR A 297 -99.34 73.03 10.60
N PHE A 298 -98.81 74.25 10.51
CA PHE A 298 -98.70 75.14 11.66
C PHE A 298 -99.72 76.27 11.56
N LEU A 299 -100.23 76.51 10.37
CA LEU A 299 -101.17 77.60 10.12
C LEU A 299 -102.33 77.76 11.10
N PRO A 300 -103.11 76.68 11.35
CA PRO A 300 -104.21 76.89 12.29
C PRO A 300 -103.86 77.47 13.66
N PHE A 301 -102.75 77.02 14.23
CA PHE A 301 -102.36 77.53 15.54
C PHE A 301 -101.80 78.94 15.43
N TYR A 302 -101.22 79.21 14.27
CA TYR A 302 -100.65 80.50 13.97
C TYR A 302 -101.79 81.50 13.87
N ALA A 303 -102.87 81.10 13.19
CA ALA A 303 -104.05 81.94 13.00
C ALA A 303 -104.61 82.33 14.35
N ILE A 304 -104.74 81.35 15.24
CA ILE A 304 -105.27 81.63 16.56
C ILE A 304 -104.37 82.68 17.23
N LEU A 305 -103.06 82.47 17.16
CA LEU A 305 -102.17 83.43 17.77
C LEU A 305 -102.30 84.86 17.26
N ARG A 306 -102.25 85.09 15.95
CA ARG A 306 -102.35 86.50 15.53
C ARG A 306 -103.73 87.13 15.52
N ALA A 307 -104.76 86.37 15.88
CA ALA A 307 -106.10 86.91 15.93
C ALA A 307 -106.16 87.90 17.10
N PHE A 308 -105.36 87.63 18.13
CA PHE A 308 -105.37 88.46 19.32
C PHE A 308 -104.46 89.67 19.39
N THR A 309 -104.94 90.77 18.81
CA THR A 309 -104.20 92.02 18.81
C THR A 309 -104.65 92.85 20.01
N ALA A 310 -104.00 93.99 20.21
CA ALA A 310 -104.29 94.89 21.32
C ALA A 310 -105.74 95.37 21.34
N ASP A 311 -106.37 95.41 20.17
CA ASP A 311 -107.74 95.89 20.07
C ASP A 311 -108.86 94.90 20.39
N VAL A 312 -108.54 93.63 20.61
CA VAL A 312 -109.57 92.65 20.92
C VAL A 312 -110.08 92.85 22.36
N TRP A 313 -111.40 92.88 22.55
CA TRP A 313 -111.99 93.15 23.87
C TRP A 313 -111.56 92.21 24.98
N VAL A 314 -111.55 90.92 24.68
CA VAL A 314 -111.16 89.92 25.67
C VAL A 314 -109.71 90.13 26.12
N VAL A 315 -108.89 90.67 25.23
CA VAL A 315 -107.50 90.94 25.52
C VAL A 315 -107.41 92.14 26.45
N GLN A 316 -108.19 93.17 26.14
CA GLN A 316 -108.21 94.39 26.94
C GLN A 316 -108.75 94.10 28.32
N ILE A 317 -109.76 93.25 28.42
CA ILE A 317 -110.29 92.90 29.72
C ILE A 317 -109.16 92.24 30.49
N ALA A 318 -108.56 91.21 29.89
CA ALA A 318 -107.45 90.48 30.50
C ALA A 318 -106.28 91.39 30.84
N ASN A 319 -105.99 92.35 29.98
CA ASN A 319 -104.91 93.27 30.21
C ASN A 319 -105.22 94.12 31.43
N PHE A 320 -106.49 94.48 31.59
CA PHE A 320 -106.92 95.31 32.72
C PHE A 320 -106.87 94.52 34.03
N ILE A 321 -107.58 93.40 34.01
CA ILE A 321 -107.70 92.50 35.14
C ILE A 321 -106.38 91.92 35.67
N SER A 322 -105.37 91.84 34.81
CA SER A 322 -104.07 91.30 35.23
C SER A 322 -103.06 92.40 35.48
N PHE A 323 -103.54 93.64 35.57
CA PHE A 323 -102.67 94.78 35.81
C PHE A 323 -101.57 94.81 34.75
N GLY A 324 -101.95 94.58 33.50
CA GLY A 324 -101.00 94.61 32.40
C GLY A 324 -99.99 93.49 32.25
N ILE A 325 -100.07 92.45 33.08
CA ILE A 325 -99.12 91.36 32.94
C ILE A 325 -99.46 90.55 31.68
N ILE A 326 -100.75 90.46 31.39
CA ILE A 326 -101.20 89.72 30.21
C ILE A 326 -101.60 90.66 29.06
N ASP A 327 -100.64 91.05 28.23
CA ASP A 327 -100.98 91.91 27.10
C ASP A 327 -101.29 91.01 25.91
N ALA A 328 -101.49 91.60 24.74
CA ALA A 328 -101.83 90.82 23.55
C ALA A 328 -100.73 89.81 23.21
N LYS A 329 -99.47 90.26 23.35
CA LYS A 329 -98.33 89.42 23.08
C LYS A 329 -98.42 88.08 23.78
N PHE A 330 -98.57 88.11 25.11
CA PHE A 330 -98.67 86.91 25.92
C PHE A 330 -100.01 86.20 25.79
N PHE A 331 -101.06 86.98 25.53
CA PHE A 331 -102.39 86.42 25.37
C PHE A 331 -102.41 85.52 24.13
N GLY A 332 -101.80 85.99 23.05
CA GLY A 332 -101.76 85.20 21.83
C GLY A 332 -101.03 83.88 22.06
N VAL A 333 -99.94 83.94 22.82
CA VAL A 333 -99.15 82.76 23.12
C VAL A 333 -99.96 81.79 23.99
N LEU A 334 -100.70 82.33 24.95
CA LEU A 334 -101.51 81.48 25.82
C LEU A 334 -102.66 80.88 25.02
N ALA A 335 -103.26 81.67 24.14
CA ALA A 335 -104.36 81.18 23.34
C ALA A 335 -103.88 80.03 22.48
N MET A 336 -102.73 80.21 21.83
CA MET A 336 -102.19 79.17 20.98
C MET A 336 -101.86 77.88 21.72
N PHE A 337 -101.10 77.96 22.80
CA PHE A 337 -100.79 76.74 23.52
C PHE A 337 -102.06 76.22 24.18
N GLY A 338 -102.94 77.14 24.56
CA GLY A 338 -104.20 76.76 25.17
C GLY A 338 -105.11 75.98 24.23
N ALA A 339 -105.06 76.31 22.95
CA ALA A 339 -105.88 75.62 21.97
C ALA A 339 -105.45 74.16 21.93
N ILE A 340 -104.16 73.92 22.14
CA ILE A 340 -103.66 72.55 22.14
C ILE A 340 -104.02 71.89 23.46
N LEU A 341 -103.85 72.63 24.56
CA LEU A 341 -104.17 72.10 25.89
C LEU A 341 -105.64 71.70 26.07
N VAL A 342 -106.58 72.45 25.50
CA VAL A 342 -107.97 72.06 25.70
C VAL A 342 -108.29 70.77 24.95
N MET A 343 -107.58 70.55 23.85
CA MET A 343 -107.78 69.32 23.07
C MET A 343 -107.24 68.15 23.87
N ALA A 344 -106.18 68.38 24.64
CA ALA A 344 -105.60 67.33 25.46
C ALA A 344 -106.54 66.97 26.60
N LEU A 345 -107.31 67.95 27.04
CA LEU A 345 -108.25 67.73 28.16
C LEU A 345 -109.62 67.20 27.77
N VAL A 346 -109.87 67.06 26.48
CA VAL A 346 -111.17 66.60 26.02
C VAL A 346 -111.73 65.39 26.78
N PRO A 347 -110.87 64.46 27.26
CA PRO A 347 -111.47 63.34 27.98
C PRO A 347 -112.27 63.78 29.20
N TRP A 348 -111.86 64.90 29.81
CA TRP A 348 -112.52 65.40 31.00
C TRP A 348 -113.52 66.52 30.74
N LEU A 349 -113.64 66.93 29.48
CA LEU A 349 -114.57 67.98 29.12
C LEU A 349 -115.80 67.40 28.47
N ASP A 350 -115.64 66.23 27.84
CA ASP A 350 -116.76 65.57 27.20
C ASP A 350 -117.48 64.78 28.28
N THR A 351 -118.61 65.29 28.74
CA THR A 351 -119.36 64.65 29.80
C THR A 351 -120.37 63.57 29.37
N SER A 352 -120.58 63.43 28.07
CA SER A 352 -121.52 62.42 27.59
C SER A 352 -120.94 61.03 27.83
N PRO A 353 -121.79 60.09 28.28
CA PRO A 353 -121.33 58.72 28.54
C PRO A 353 -121.39 57.87 27.26
N VAL A 354 -121.91 58.45 26.19
CA VAL A 354 -122.02 57.75 24.92
C VAL A 354 -120.67 57.88 24.21
N ARG A 355 -120.01 56.76 23.97
CA ARG A 355 -118.69 56.77 23.36
C ARG A 355 -118.64 57.28 21.92
N SER A 356 -119.33 56.61 20.99
CA SER A 356 -119.28 57.04 19.60
C SER A 356 -120.23 58.17 19.21
N GLY A 357 -119.67 59.20 18.57
CA GLY A 357 -120.48 60.33 18.14
C GLY A 357 -121.39 59.97 16.98
N ARG A 358 -121.42 58.69 16.62
CA ARG A 358 -122.27 58.24 15.54
C ARG A 358 -123.70 58.24 16.05
N TYR A 359 -123.83 58.07 17.36
CA TYR A 359 -125.12 58.03 18.04
C TYR A 359 -125.38 59.28 18.89
N ARG A 360 -124.84 60.41 18.45
CA ARG A 360 -125.02 61.68 19.14
C ARG A 360 -125.40 62.72 18.09
N PRO A 361 -126.71 62.93 17.89
CA PRO A 361 -127.28 63.88 16.92
C PRO A 361 -126.84 65.34 17.01
N MET A 362 -126.73 65.87 18.21
CA MET A 362 -126.31 67.26 18.38
C MET A 362 -124.80 67.35 18.23
N PHE A 363 -124.11 66.38 18.83
CA PHE A 363 -122.66 66.32 18.76
C PHE A 363 -122.22 66.38 17.30
N LYS A 364 -122.83 65.54 16.47
CA LYS A 364 -122.49 65.51 15.05
C LYS A 364 -122.32 66.90 14.45
N ILE A 365 -123.23 67.80 14.80
CA ILE A 365 -123.21 69.15 14.26
C ILE A 365 -122.00 69.97 14.69
N TYR A 366 -121.77 70.02 16.01
CA TYR A 366 -120.66 70.79 16.52
C TYR A 366 -119.33 70.19 16.08
N PHE A 367 -119.28 68.86 15.99
CA PHE A 367 -118.06 68.19 15.55
C PHE A 367 -117.70 68.65 14.14
N TRP A 368 -118.63 68.57 13.20
CA TRP A 368 -118.34 68.99 11.84
C TRP A 368 -118.04 70.48 11.74
N LEU A 369 -118.52 71.26 12.70
CA LEU A 369 -118.24 72.67 12.69
C LEU A 369 -116.79 72.81 13.11
N LEU A 370 -116.38 71.97 14.05
CA LEU A 370 -115.00 71.97 14.53
C LEU A 370 -114.07 71.62 13.38
N ALA A 371 -114.44 70.58 12.63
CA ALA A 371 -113.64 70.14 11.50
C ALA A 371 -113.51 71.28 10.49
N ALA A 372 -114.62 71.90 10.15
CA ALA A 372 -114.61 73.00 9.20
C ALA A 372 -113.81 74.17 9.76
N ASP A 373 -113.91 74.36 11.06
CA ASP A 373 -113.20 75.43 11.75
C ASP A 373 -111.70 75.26 11.58
N PHE A 374 -111.24 74.02 11.75
CA PHE A 374 -109.81 73.70 11.62
C PHE A 374 -109.35 74.09 10.21
N VAL A 375 -110.15 73.73 9.21
CA VAL A 375 -109.81 74.06 7.83
C VAL A 375 -109.83 75.58 7.62
N ILE A 376 -110.81 76.25 8.21
CA ILE A 376 -110.90 77.69 8.08
C ILE A 376 -109.69 78.36 8.71
N LEU A 377 -109.33 77.92 9.92
CA LEU A 377 -108.17 78.46 10.62
C LEU A 377 -106.92 78.30 9.77
N THR A 378 -106.77 77.12 9.19
CA THR A 378 -105.62 76.83 8.34
C THR A 378 -105.62 77.80 7.16
N TRP A 379 -106.78 77.94 6.54
CA TRP A 379 -106.91 78.85 5.41
C TRP A 379 -106.70 80.31 5.79
N VAL A 380 -107.21 80.78 6.93
CA VAL A 380 -106.98 82.18 7.28
C VAL A 380 -105.54 82.47 7.63
N GLY A 381 -104.86 81.47 8.20
CA GLY A 381 -103.48 81.67 8.58
C GLY A 381 -102.62 82.18 7.43
N ALA A 382 -103.01 81.80 6.22
CA ALA A 382 -102.27 82.20 5.03
C ALA A 382 -102.76 83.53 4.43
N GLN A 383 -103.78 84.12 5.06
CA GLN A 383 -104.32 85.40 4.59
C GLN A 383 -103.70 86.54 5.37
N GLN A 384 -103.96 87.77 4.95
CA GLN A 384 -103.42 88.94 5.64
C GLN A 384 -104.25 89.20 6.88
N THR A 385 -103.79 90.16 7.66
CA THR A 385 -104.48 90.51 8.92
C THR A 385 -105.58 91.55 8.73
N THR A 386 -105.74 92.03 7.51
CA THR A 386 -106.76 93.02 7.21
C THR A 386 -108.17 92.45 7.30
N PHE A 387 -109.14 93.35 7.25
CA PHE A 387 -110.55 93.00 7.30
C PHE A 387 -110.86 92.24 6.00
N PRO A 388 -111.69 91.19 6.07
CA PRO A 388 -112.43 90.57 7.18
C PRO A 388 -111.72 89.38 7.82
N TYR A 389 -110.51 89.08 7.37
CA TYR A 389 -109.75 87.95 7.89
C TYR A 389 -109.56 88.05 9.40
N ASP A 390 -109.30 89.25 9.88
CA ASP A 390 -109.12 89.48 11.30
C ASP A 390 -110.34 89.01 12.10
N TRP A 391 -111.53 89.24 11.53
CA TRP A 391 -112.77 88.82 12.16
C TRP A 391 -112.97 87.32 12.05
N ILE A 392 -112.72 86.79 10.87
CA ILE A 392 -112.86 85.36 10.64
C ILE A 392 -111.96 84.59 11.60
N SER A 393 -110.72 85.04 11.76
CA SER A 393 -109.83 84.33 12.67
C SER A 393 -110.36 84.37 14.09
N LEU A 394 -110.92 85.49 14.51
CA LEU A 394 -111.46 85.60 15.87
C LEU A 394 -112.64 84.67 16.08
N ILE A 395 -113.54 84.62 15.11
CA ILE A 395 -114.70 83.77 15.23
C ILE A 395 -114.25 82.31 15.23
N ALA A 396 -113.35 81.96 14.32
CA ALA A 396 -112.86 80.58 14.25
C ALA A 396 -112.16 80.20 15.57
N SER A 397 -111.34 81.10 16.11
CA SER A 397 -110.66 80.81 17.37
C SER A 397 -111.70 80.65 18.47
N ALA A 398 -112.70 81.52 18.46
CA ALA A 398 -113.76 81.49 19.45
C ALA A 398 -114.46 80.15 19.42
N TYR A 399 -114.85 79.72 18.22
CA TYR A 399 -115.55 78.45 18.12
C TYR A 399 -114.71 77.29 18.64
N TRP A 400 -113.39 77.33 18.40
CA TRP A 400 -112.49 76.29 18.84
C TRP A 400 -112.53 76.09 20.35
N PHE A 401 -112.38 77.18 21.10
CA PHE A 401 -112.42 77.10 22.56
C PHE A 401 -113.83 76.82 23.05
N ALA A 402 -114.83 77.28 22.30
CA ALA A 402 -116.21 77.07 22.67
C ALA A 402 -116.53 75.58 22.62
N TYR A 403 -116.10 74.94 21.54
CA TYR A 403 -116.34 73.51 21.37
C TYR A 403 -115.89 72.70 22.57
N PHE A 404 -114.65 72.89 23.01
CA PHE A 404 -114.12 72.12 24.13
C PHE A 404 -114.55 72.59 25.52
N LEU A 405 -114.52 73.89 25.75
CA LEU A 405 -114.86 74.42 27.06
C LEU A 405 -116.34 74.62 27.40
N VAL A 406 -117.17 74.79 26.38
CA VAL A 406 -118.59 75.03 26.60
C VAL A 406 -119.49 73.96 26.00
N ILE A 407 -119.49 73.86 24.68
CA ILE A 407 -120.35 72.92 23.98
C ILE A 407 -120.29 71.46 24.42
N LEU A 408 -119.09 70.92 24.64
CA LEU A 408 -119.00 69.51 25.05
C LEU A 408 -119.50 69.23 26.46
N PRO A 409 -119.18 70.12 27.42
CA PRO A 409 -119.66 69.86 28.77
C PRO A 409 -121.18 69.96 28.85
N ILE A 410 -121.77 70.86 28.06
CA ILE A 410 -123.21 71.06 28.06
C ILE A 410 -123.94 69.91 27.36
N LEU A 411 -123.51 69.56 26.15
CA LEU A 411 -124.13 68.47 25.40
C LEU A 411 -124.26 67.21 26.24
N GLY A 412 -123.30 67.04 27.14
CA GLY A 412 -123.31 65.86 27.99
C GLY A 412 -124.62 65.68 28.72
N ALA A 413 -125.11 66.77 29.31
CA ALA A 413 -126.34 66.74 30.08
C ALA A 413 -127.61 67.02 29.27
N ILE A 414 -127.45 67.68 28.14
CA ILE A 414 -128.56 68.10 27.29
C ILE A 414 -128.99 67.22 26.12
N GLU A 415 -128.09 66.39 25.61
CA GLU A 415 -128.38 65.59 24.44
C GLU A 415 -129.19 64.30 24.60
N LYS A 416 -130.02 63.98 23.61
CA LYS A 416 -130.79 62.75 23.65
C LYS A 416 -130.14 61.85 22.60
N PRO A 417 -129.25 60.96 23.05
CA PRO A 417 -128.51 60.01 22.22
C PRO A 417 -129.30 58.85 21.66
N VAL A 418 -129.06 58.60 20.37
CA VAL A 418 -129.69 57.50 19.68
C VAL A 418 -129.09 56.26 20.30
N ALA A 419 -129.76 55.12 20.16
CA ALA A 419 -129.25 53.87 20.72
C ALA A 419 -128.26 53.19 19.79
N PRO A 420 -127.17 52.65 20.36
CA PRO A 420 -126.15 51.96 19.55
C PRO A 420 -126.45 50.47 19.49
N PRO A 421 -125.87 49.77 18.50
CA PRO A 421 -126.10 48.32 18.38
C PRO A 421 -125.72 47.69 19.72
N ALA A 422 -126.15 46.46 19.95
CA ALA A 422 -125.83 45.78 21.21
C ALA A 422 -124.46 45.10 21.08
N THR A 423 -124.06 44.85 19.83
CA THR A 423 -122.78 44.19 19.58
C THR A 423 -122.12 44.64 18.29
N ILE A 424 -120.82 44.44 18.25
CA ILE A 424 -120.00 44.77 17.09
C ILE A 424 -120.48 43.83 15.97
N GLU A 425 -120.72 42.57 16.33
CA GLU A 425 -121.19 41.58 15.38
C GLU A 425 -122.48 42.05 14.71
N GLU A 426 -123.41 42.53 15.53
CA GLU A 426 -124.68 43.04 15.02
C GLU A 426 -124.37 44.08 13.95
N ASP A 427 -123.60 45.08 14.34
CA ASP A 427 -123.22 46.16 13.45
C ASP A 427 -122.50 45.68 12.18
N PHE A 428 -121.61 44.72 12.34
CA PHE A 428 -120.83 44.17 11.23
C PHE A 428 -121.72 43.55 10.16
N ASN A 429 -122.65 42.69 10.58
CA ASN A 429 -123.55 42.04 9.65
C ASN A 429 -124.37 43.08 8.87
N ALA A 430 -124.85 44.11 9.55
CA ALA A 430 -125.65 45.14 8.91
C ALA A 430 -124.96 45.75 7.69
N ALA B 1 -95.59 94.08 0.28
CA ALA B 1 -95.72 93.77 -1.17
C ALA B 1 -96.91 92.86 -1.45
N GLY B 2 -96.82 92.05 -2.51
CA GLY B 2 -97.92 91.17 -2.86
C GLY B 2 -97.62 90.16 -3.96
N GLY B 3 -98.66 89.77 -4.70
CA GLY B 3 -98.51 88.82 -5.80
C GLY B 3 -99.13 89.38 -7.06
N GLY B 4 -98.64 88.95 -8.23
CA GLY B 4 -99.17 89.49 -9.47
C GLY B 4 -99.40 88.57 -10.66
N HIS B 5 -99.54 89.18 -11.83
CA HIS B 5 -99.79 88.44 -13.06
C HIS B 5 -98.51 88.12 -13.83
N VAL B 6 -98.42 86.88 -14.29
CA VAL B 6 -97.27 86.41 -15.05
C VAL B 6 -97.74 85.78 -16.35
N GLU B 7 -97.05 86.07 -17.44
CA GLU B 7 -97.38 85.50 -18.74
C GLU B 7 -97.17 84.00 -18.63
N ASP B 8 -98.22 83.22 -18.92
CA ASP B 8 -98.12 81.77 -18.83
C ASP B 8 -97.45 81.12 -20.05
N VAL B 9 -96.13 81.00 -19.99
CA VAL B 9 -95.36 80.41 -21.07
C VAL B 9 -95.41 78.88 -21.00
N PRO B 10 -95.60 78.22 -22.14
CA PRO B 10 -95.64 76.76 -22.13
C PRO B 10 -94.21 76.25 -22.30
N PHE B 11 -93.60 75.83 -21.20
CA PHE B 11 -92.24 75.33 -21.24
C PHE B 11 -92.25 73.82 -21.46
N SER B 12 -91.34 73.33 -22.31
CA SER B 12 -91.26 71.91 -22.60
C SER B 12 -91.21 71.02 -21.37
N PHE B 13 -90.52 71.48 -20.34
CA PHE B 13 -90.34 70.72 -19.11
C PHE B 13 -91.53 70.60 -18.16
N GLU B 14 -92.62 71.30 -18.45
CA GLU B 14 -93.78 71.23 -17.57
C GLU B 14 -94.64 70.02 -17.92
N GLY B 15 -95.38 69.54 -16.93
CA GLY B 15 -96.21 68.37 -17.15
C GLY B 15 -95.43 67.15 -16.67
N PRO B 16 -96.11 66.09 -16.21
CA PRO B 16 -95.40 64.91 -15.74
C PRO B 16 -94.46 64.28 -16.77
N PHE B 17 -94.71 64.55 -18.04
CA PHE B 17 -93.87 64.01 -19.10
C PHE B 17 -92.95 65.07 -19.69
N GLY B 18 -92.97 66.25 -19.08
CA GLY B 18 -92.14 67.33 -19.56
C GLY B 18 -90.66 67.02 -19.39
N THR B 19 -89.85 67.56 -20.29
CA THR B 19 -88.41 67.35 -20.24
C THR B 19 -87.75 68.59 -20.81
N PHE B 20 -86.51 68.83 -20.39
CA PHE B 20 -85.79 69.98 -20.88
C PHE B 20 -85.47 69.78 -22.36
N ASP B 21 -85.33 70.89 -23.06
CA ASP B 21 -84.98 70.89 -24.48
C ASP B 21 -83.51 71.28 -24.44
N GLN B 22 -82.66 70.31 -24.75
CA GLN B 22 -81.22 70.50 -24.72
C GLN B 22 -80.69 71.72 -25.46
N HIS B 23 -81.26 72.04 -26.62
CA HIS B 23 -80.78 73.19 -27.38
C HIS B 23 -81.21 74.52 -26.77
N GLN B 24 -82.41 74.55 -26.22
CA GLN B 24 -82.92 75.75 -25.57
C GLN B 24 -82.00 76.06 -24.40
N LEU B 25 -81.72 75.03 -23.59
CA LEU B 25 -80.86 75.19 -22.43
C LEU B 25 -79.51 75.76 -22.88
N GLN B 26 -79.01 75.23 -23.99
CA GLN B 26 -77.74 75.70 -24.53
C GLN B 26 -77.86 77.18 -24.91
N ARG B 27 -78.94 77.54 -25.60
CA ARG B 27 -79.14 78.94 -25.98
C ARG B 27 -79.23 79.77 -24.71
N GLY B 28 -80.01 79.28 -23.75
CA GLY B 28 -80.17 79.98 -22.50
C GLY B 28 -78.84 80.22 -21.81
N LEU B 29 -77.98 79.21 -21.83
CA LEU B 29 -76.67 79.33 -21.22
C LEU B 29 -75.88 80.46 -21.89
N GLN B 30 -76.09 80.66 -23.18
CA GLN B 30 -75.37 81.71 -23.90
C GLN B 30 -75.88 83.07 -23.42
N VAL B 31 -77.19 83.19 -23.28
CA VAL B 31 -77.81 84.43 -22.82
C VAL B 31 -77.27 84.73 -21.42
N TYR B 32 -77.34 83.75 -20.53
CA TYR B 32 -76.85 83.94 -19.17
C TYR B 32 -75.40 84.40 -19.18
N THR B 33 -74.59 83.73 -20.00
CA THR B 33 -73.17 84.03 -20.11
C THR B 33 -72.87 85.40 -20.70
N GLU B 34 -73.53 85.71 -21.80
CA GLU B 34 -73.31 86.97 -22.48
C GLU B 34 -74.00 88.18 -21.85
N VAL B 35 -75.14 87.97 -21.20
CA VAL B 35 -75.86 89.09 -20.59
C VAL B 35 -75.93 89.12 -19.06
N CYS B 36 -76.72 88.22 -18.49
CA CYS B 36 -76.94 88.13 -17.05
C CYS B 36 -75.67 88.05 -16.20
N ALA B 37 -74.78 87.14 -16.57
CA ALA B 37 -73.53 86.92 -15.86
C ALA B 37 -72.74 88.17 -15.50
N ALA B 38 -72.98 89.27 -16.19
CA ALA B 38 -72.26 90.50 -15.92
C ALA B 38 -72.59 91.04 -14.52
N CYS B 39 -73.76 90.67 -14.00
CA CYS B 39 -74.17 91.13 -12.67
C CYS B 39 -74.55 89.99 -11.73
N HIS B 40 -75.24 88.98 -12.26
CA HIS B 40 -75.72 87.81 -11.51
C HIS B 40 -74.79 86.61 -11.51
N GLY B 41 -74.64 85.97 -10.36
CA GLY B 41 -73.82 84.77 -10.29
C GLY B 41 -74.71 83.56 -10.10
N MET B 42 -74.12 82.37 -9.99
CA MET B 42 -74.87 81.14 -9.76
C MET B 42 -73.97 80.28 -8.88
N LYS B 43 -73.62 80.85 -7.74
CA LYS B 43 -72.72 80.22 -6.80
C LYS B 43 -72.94 78.79 -6.32
N PHE B 44 -74.12 78.22 -6.54
CA PHE B 44 -74.36 76.84 -6.13
C PHE B 44 -74.30 75.91 -7.30
N VAL B 45 -73.99 76.44 -8.47
CA VAL B 45 -73.96 75.60 -9.65
C VAL B 45 -72.56 75.23 -10.09
N PRO B 46 -72.23 73.93 -10.04
CA PRO B 46 -70.90 73.52 -10.46
C PRO B 46 -70.87 73.56 -11.98
N ILE B 47 -69.86 74.22 -12.53
CA ILE B 47 -69.74 74.35 -13.97
C ILE B 47 -69.82 73.00 -14.68
N ARG B 48 -69.15 72.01 -14.10
CA ARG B 48 -69.14 70.67 -14.66
C ARG B 48 -70.52 70.10 -14.91
N SER B 49 -71.55 70.64 -14.24
CA SER B 49 -72.88 70.09 -14.48
C SER B 49 -73.37 70.42 -15.88
N LEU B 50 -72.66 71.30 -16.58
CA LEU B 50 -73.04 71.65 -17.94
C LEU B 50 -72.90 70.40 -18.80
N SER B 51 -72.12 69.43 -18.30
CA SER B 51 -71.88 68.15 -18.98
C SER B 51 -72.88 67.05 -18.65
N GLU B 52 -73.34 67.02 -17.40
CA GLU B 52 -74.25 65.96 -16.96
C GLU B 52 -75.52 65.80 -17.79
N PRO B 53 -76.06 64.58 -17.82
CA PRO B 53 -77.28 64.27 -18.57
C PRO B 53 -78.51 64.94 -17.97
N GLY B 54 -79.43 65.34 -18.83
CA GLY B 54 -80.64 66.00 -18.38
C GLY B 54 -80.53 67.50 -18.39
N GLY B 55 -79.43 68.01 -18.93
CA GLY B 55 -79.23 69.45 -18.98
C GLY B 55 -78.73 69.90 -20.34
N PRO B 56 -77.90 70.94 -20.39
CA PRO B 56 -77.39 71.40 -21.69
C PRO B 56 -76.62 70.26 -22.36
N GLU B 57 -75.97 69.45 -21.52
CA GLU B 57 -75.17 68.32 -21.98
C GLU B 57 -74.09 68.69 -22.98
N LEU B 58 -73.25 69.65 -22.62
CA LEU B 58 -72.15 70.05 -23.50
C LEU B 58 -70.99 69.09 -23.32
N PRO B 59 -70.22 68.87 -24.40
CA PRO B 59 -69.05 67.98 -24.37
C PRO B 59 -68.03 68.51 -23.36
N GLU B 60 -67.49 67.60 -22.55
CA GLU B 60 -66.54 67.97 -21.51
C GLU B 60 -65.43 68.94 -21.89
N ASP B 61 -64.97 68.87 -23.13
CA ASP B 61 -63.91 69.76 -23.59
C ASP B 61 -64.42 71.19 -23.72
N GLN B 62 -65.65 71.36 -24.25
CA GLN B 62 -66.26 72.67 -24.39
C GLN B 62 -66.40 73.27 -23.00
N VAL B 63 -66.97 72.47 -22.10
CA VAL B 63 -67.16 72.88 -20.72
C VAL B 63 -65.82 73.28 -20.12
N ARG B 64 -64.79 72.48 -20.37
CA ARG B 64 -63.46 72.78 -19.84
C ARG B 64 -62.96 74.10 -20.41
N ALA B 65 -63.26 74.36 -21.68
CA ALA B 65 -62.85 75.60 -22.33
C ALA B 65 -63.62 76.75 -21.68
N TYR B 66 -64.93 76.55 -21.57
CA TYR B 66 -65.85 77.52 -20.99
C TYR B 66 -65.40 77.98 -19.60
N ALA B 67 -65.09 77.01 -18.74
CA ALA B 67 -64.66 77.31 -17.38
C ALA B 67 -63.45 78.21 -17.36
N THR B 68 -62.74 78.28 -18.49
CA THR B 68 -61.54 79.09 -18.55
C THR B 68 -61.77 80.59 -18.45
N GLN B 69 -62.94 81.07 -18.86
CA GLN B 69 -63.22 82.49 -18.80
C GLN B 69 -63.26 83.09 -17.39
N PHE B 70 -63.72 82.31 -16.42
CA PHE B 70 -63.80 82.82 -15.05
C PHE B 70 -62.41 82.82 -14.43
N THR B 71 -62.16 83.78 -13.54
CA THR B 71 -60.88 83.83 -12.87
C THR B 71 -61.20 83.56 -11.42
N VAL B 72 -60.83 82.36 -10.98
CA VAL B 72 -61.07 81.88 -9.63
C VAL B 72 -59.86 82.01 -8.71
N THR B 73 -60.11 82.20 -7.42
CA THR B 73 -59.02 82.27 -6.45
C THR B 73 -58.92 80.89 -5.82
N ASP B 74 -57.80 80.22 -6.07
CA ASP B 74 -57.60 78.87 -5.55
C ASP B 74 -57.70 78.75 -4.04
N GLU B 75 -58.31 77.66 -3.58
CA GLU B 75 -58.54 77.44 -2.16
C GLU B 75 -57.36 77.22 -1.21
N GLU B 76 -56.19 76.82 -1.72
CA GLU B 76 -55.01 76.67 -0.85
C GLU B 76 -54.02 77.72 -1.31
N THR B 77 -53.88 77.82 -2.62
CA THR B 77 -52.97 78.76 -3.25
C THR B 77 -53.26 80.18 -2.82
N GLY B 78 -54.53 80.58 -2.91
CA GLY B 78 -54.91 81.93 -2.55
C GLY B 78 -54.64 82.78 -3.77
N GLU B 79 -53.73 82.29 -4.61
CA GLU B 79 -53.36 82.97 -5.86
C GLU B 79 -54.44 82.64 -6.88
N ASP B 80 -54.67 83.54 -7.83
CA ASP B 80 -55.69 83.32 -8.83
C ASP B 80 -55.29 82.31 -9.91
N ARG B 81 -56.28 81.84 -10.65
CA ARG B 81 -56.07 80.85 -11.71
C ARG B 81 -57.28 80.82 -12.64
N GLU B 82 -57.16 80.11 -13.77
CA GLU B 82 -58.29 80.03 -14.69
C GLU B 82 -59.33 79.15 -14.02
N GLY B 83 -60.55 79.12 -14.56
CA GLY B 83 -61.56 78.28 -13.97
C GLY B 83 -61.51 76.84 -14.46
N LYS B 84 -61.94 75.92 -13.60
CA LYS B 84 -61.98 74.50 -13.90
C LYS B 84 -63.43 74.04 -13.86
N PRO B 85 -63.74 72.94 -14.55
CA PRO B 85 -65.13 72.47 -14.52
C PRO B 85 -65.56 72.12 -13.09
N THR B 86 -64.59 71.91 -12.19
CA THR B 86 -64.90 71.57 -10.81
C THR B 86 -65.27 72.80 -9.99
N ASP B 87 -65.13 73.97 -10.59
CA ASP B 87 -65.47 75.20 -9.89
C ASP B 87 -66.95 75.51 -10.09
N HIS B 88 -67.50 76.34 -9.22
CA HIS B 88 -68.90 76.76 -9.32
C HIS B 88 -68.88 78.05 -10.10
N PHE B 89 -70.01 78.41 -10.70
CA PHE B 89 -70.07 79.70 -11.40
C PHE B 89 -69.77 80.71 -10.32
N PRO B 90 -69.31 81.91 -10.67
CA PRO B 90 -69.01 82.85 -9.59
C PRO B 90 -70.21 83.51 -8.90
N HIS B 91 -69.90 84.23 -7.82
CA HIS B 91 -70.89 84.96 -7.05
C HIS B 91 -71.29 86.14 -7.93
N SER B 92 -72.39 86.81 -7.58
CA SER B 92 -72.84 87.96 -8.36
C SER B 92 -71.79 89.06 -8.28
N ALA B 93 -71.41 89.59 -9.44
CA ALA B 93 -70.42 90.66 -9.51
C ALA B 93 -71.01 91.96 -8.99
N LEU B 94 -72.32 92.11 -9.16
CA LEU B 94 -73.04 93.30 -8.71
C LEU B 94 -73.66 93.01 -7.34
N GLU B 95 -73.14 93.66 -6.30
CA GLU B 95 -73.59 93.43 -4.93
C GLU B 95 -75.10 93.24 -4.68
N ASN B 96 -75.95 93.97 -5.39
CA ASN B 96 -77.39 93.84 -5.18
C ASN B 96 -78.11 92.96 -6.18
N ALA B 97 -77.37 92.35 -7.09
CA ALA B 97 -77.97 91.46 -8.08
C ALA B 97 -78.09 90.13 -7.35
N PRO B 98 -79.32 89.59 -7.22
CA PRO B 98 -79.38 88.32 -6.49
C PRO B 98 -78.78 87.14 -7.25
N ASP B 99 -78.40 86.13 -6.49
CA ASP B 99 -77.84 84.93 -7.09
C ASP B 99 -78.94 84.25 -7.87
N LEU B 100 -78.64 83.77 -9.07
CA LEU B 100 -79.67 83.13 -9.88
C LEU B 100 -79.73 81.59 -9.83
N SER B 101 -78.89 80.97 -9.00
CA SER B 101 -78.87 79.50 -8.90
C SER B 101 -80.22 78.85 -8.62
N LEU B 102 -80.99 79.48 -7.75
CA LEU B 102 -82.27 78.93 -7.32
C LEU B 102 -83.47 79.83 -7.62
N MET B 103 -83.24 80.91 -8.34
CA MET B 103 -84.32 81.85 -8.66
C MET B 103 -85.59 81.19 -9.18
N ALA B 104 -85.47 80.30 -10.15
CA ALA B 104 -86.68 79.67 -10.70
C ALA B 104 -87.51 78.91 -9.66
N LYS B 105 -86.95 78.70 -8.47
CA LYS B 105 -87.69 78.00 -7.41
C LYS B 105 -88.01 78.98 -6.27
N ALA B 106 -87.19 80.01 -6.15
CA ALA B 106 -87.37 81.02 -5.12
C ALA B 106 -88.45 82.02 -5.49
N ARG B 107 -89.26 81.69 -6.49
CA ARG B 107 -90.34 82.55 -6.94
C ARG B 107 -91.57 81.76 -7.36
N ALA B 108 -92.75 82.31 -7.06
CA ALA B 108 -94.02 81.69 -7.45
C ALA B 108 -94.63 82.69 -8.41
N GLY B 109 -95.30 82.20 -9.45
CA GLY B 109 -95.91 83.09 -10.43
C GLY B 109 -97.42 82.95 -10.43
N PHE B 110 -97.88 81.82 -9.88
CA PHE B 110 -99.31 81.55 -9.80
C PHE B 110 -99.69 81.59 -8.31
N HIS B 111 -100.68 82.42 -8.00
CA HIS B 111 -101.13 82.60 -6.62
C HIS B 111 -102.65 82.40 -6.48
N GLY B 112 -103.09 82.02 -5.29
CA GLY B 112 -104.51 81.83 -5.03
C GLY B 112 -105.16 80.67 -5.78
N PRO B 113 -106.43 80.81 -6.20
CA PRO B 113 -107.30 81.98 -6.00
C PRO B 113 -107.88 82.06 -4.60
N MET B 114 -107.91 83.27 -4.04
CA MET B 114 -108.43 83.51 -2.69
C MET B 114 -107.49 82.91 -1.65
N GLY B 115 -106.24 82.71 -2.03
CA GLY B 115 -105.27 82.13 -1.12
C GLY B 115 -105.58 80.67 -0.85
N THR B 116 -106.17 80.00 -1.83
CA THR B 116 -106.54 78.59 -1.70
C THR B 116 -105.50 77.65 -2.30
N GLY B 117 -104.56 78.20 -3.06
CA GLY B 117 -103.52 77.38 -3.67
C GLY B 117 -104.00 76.52 -4.82
N ILE B 118 -105.25 76.67 -5.22
CA ILE B 118 -105.79 75.88 -6.32
C ILE B 118 -105.14 76.24 -7.66
N SER B 119 -104.69 77.50 -7.78
CA SER B 119 -104.04 77.97 -9.00
C SER B 119 -102.74 77.20 -9.28
N GLN B 120 -101.90 77.06 -8.27
CA GLN B 120 -100.63 76.34 -8.41
C GLN B 120 -100.89 74.86 -8.66
N LEU B 121 -101.86 74.31 -7.93
CA LEU B 121 -102.22 72.90 -8.04
C LEU B 121 -102.36 72.48 -9.51
N PHE B 122 -102.81 73.42 -10.35
CA PHE B 122 -103.01 73.15 -11.77
C PHE B 122 -102.01 73.84 -12.71
N ASN B 123 -101.29 74.85 -12.20
CA ASN B 123 -100.34 75.60 -13.02
C ASN B 123 -98.87 75.50 -12.64
N GLY B 124 -98.58 74.91 -11.48
CA GLY B 124 -97.20 74.82 -11.03
C GLY B 124 -96.91 76.00 -10.12
N ILE B 125 -95.68 76.15 -9.64
CA ILE B 125 -95.36 77.28 -8.77
C ILE B 125 -95.16 78.55 -9.62
N GLY B 126 -94.66 78.36 -10.84
CA GLY B 126 -94.49 79.48 -11.76
C GLY B 126 -93.21 80.31 -11.78
N GLY B 127 -92.13 79.78 -11.22
CA GLY B 127 -90.87 80.50 -11.18
C GLY B 127 -90.29 80.88 -12.54
N PRO B 128 -90.24 79.94 -13.49
CA PRO B 128 -89.69 80.34 -14.78
C PRO B 128 -90.59 81.35 -15.49
N GLU B 129 -91.91 81.18 -15.37
CA GLU B 129 -92.84 82.12 -15.98
C GLU B 129 -92.61 83.48 -15.34
N TYR B 130 -92.46 83.50 -14.01
CA TYR B 130 -92.20 84.75 -13.33
C TYR B 130 -90.94 85.42 -13.89
N ILE B 131 -89.86 84.65 -14.03
CA ILE B 131 -88.61 85.21 -14.55
C ILE B 131 -88.79 85.77 -15.95
N TYR B 132 -89.51 85.01 -16.78
CA TYR B 132 -89.81 85.40 -18.14
C TYR B 132 -90.52 86.75 -18.11
N SER B 133 -91.61 86.78 -17.34
CA SER B 133 -92.42 87.98 -17.19
C SER B 133 -91.61 89.20 -16.77
N VAL B 134 -90.64 89.02 -15.88
CA VAL B 134 -89.85 90.16 -15.47
C VAL B 134 -88.97 90.65 -16.59
N LEU B 135 -88.33 89.73 -17.30
CA LEU B 135 -87.44 90.09 -18.41
C LEU B 135 -88.24 90.74 -19.52
N THR B 136 -89.46 90.25 -19.68
CA THR B 136 -90.41 90.68 -20.69
C THR B 136 -91.21 91.92 -20.30
N GLY B 137 -91.27 92.21 -18.99
CA GLY B 137 -92.05 93.32 -18.50
C GLY B 137 -91.52 94.73 -18.31
N PHE B 138 -90.60 95.19 -19.17
CA PHE B 138 -90.07 96.56 -19.07
C PHE B 138 -90.69 97.35 -20.22
N PRO B 139 -91.67 98.21 -19.92
CA PRO B 139 -92.25 98.97 -21.04
C PRO B 139 -91.47 100.26 -21.27
N GLU B 140 -91.54 100.81 -22.48
CA GLU B 140 -90.78 102.03 -22.74
C GLU B 140 -91.28 103.23 -21.97
N GLU B 141 -92.60 103.37 -21.88
CA GLU B 141 -93.22 104.48 -21.18
C GLU B 141 -93.79 104.05 -19.82
N PRO B 142 -93.42 104.76 -18.74
CA PRO B 142 -93.88 104.47 -17.38
C PRO B 142 -95.38 104.79 -17.31
N PRO B 143 -96.10 104.19 -16.36
CA PRO B 143 -97.53 104.52 -16.31
C PRO B 143 -97.69 106.01 -15.92
N LYS B 144 -98.73 106.66 -16.41
CA LYS B 144 -98.94 108.09 -16.14
C LYS B 144 -98.75 108.56 -14.68
N CYS B 145 -99.49 107.95 -13.75
CA CYS B 145 -99.40 108.35 -12.34
C CYS B 145 -97.98 108.73 -11.93
N ALA B 146 -96.98 108.03 -12.46
CA ALA B 146 -95.60 108.30 -12.08
C ALA B 146 -94.83 109.28 -12.96
N GLU B 147 -95.28 109.43 -14.21
CA GLU B 147 -94.61 110.30 -15.19
C GLU B 147 -93.52 111.24 -14.69
N GLY B 148 -93.78 112.02 -13.63
CA GLY B 148 -92.75 112.92 -13.14
C GLY B 148 -92.02 112.49 -11.89
N HIS B 149 -92.44 111.39 -11.27
CA HIS B 149 -91.82 110.92 -10.01
C HIS B 149 -91.13 109.55 -10.04
N GLU B 150 -90.42 109.22 -11.12
CA GLU B 150 -89.74 107.92 -11.17
C GLU B 150 -88.49 107.90 -10.29
N PRO B 151 -88.42 106.99 -9.29
CA PRO B 151 -87.24 106.95 -8.42
C PRO B 151 -85.99 106.81 -9.28
N ASP B 152 -84.91 107.49 -8.92
CA ASP B 152 -83.73 107.36 -9.75
C ASP B 152 -82.97 106.08 -9.51
N GLY B 153 -82.54 105.48 -10.61
CA GLY B 153 -81.81 104.24 -10.54
C GLY B 153 -82.77 103.07 -10.62
N PHE B 154 -84.06 103.39 -10.80
CA PHE B 154 -85.04 102.33 -10.89
C PHE B 154 -85.74 102.33 -12.23
N TYR B 155 -86.44 101.25 -12.52
CA TYR B 155 -87.12 101.12 -13.79
C TYR B 155 -88.46 100.45 -13.54
N TYR B 156 -89.48 100.90 -14.25
CA TYR B 156 -90.79 100.29 -14.04
C TYR B 156 -90.86 98.92 -14.70
N ASN B 157 -91.45 97.98 -13.98
CA ASN B 157 -91.60 96.61 -14.45
C ASN B 157 -92.98 96.09 -14.09
N ARG B 158 -93.70 95.58 -15.09
CA ARG B 158 -95.05 95.07 -14.90
C ARG B 158 -95.19 93.85 -13.99
N ALA B 159 -94.19 93.00 -13.96
CA ALA B 159 -94.27 91.78 -13.14
C ALA B 159 -93.71 91.91 -11.73
N PHE B 160 -92.69 92.74 -11.57
CA PHE B 160 -92.06 92.93 -10.27
C PHE B 160 -93.03 93.50 -9.24
N GLN B 161 -93.26 92.75 -8.15
CA GLN B 161 -94.19 93.19 -7.12
C GLN B 161 -93.57 93.69 -5.82
N ASN B 162 -92.27 93.54 -5.65
CA ASN B 162 -91.67 93.99 -4.40
C ASN B 162 -90.91 95.31 -4.47
N GLY B 163 -91.11 96.07 -5.54
CA GLY B 163 -90.41 97.33 -5.66
C GLY B 163 -91.15 98.49 -5.05
N SER B 164 -90.52 99.66 -5.05
CA SER B 164 -91.15 100.85 -4.51
C SER B 164 -92.02 101.45 -5.59
N VAL B 165 -92.99 102.25 -5.18
CA VAL B 165 -93.89 102.89 -6.12
C VAL B 165 -94.09 104.33 -5.66
N PRO B 166 -94.09 105.28 -6.62
CA PRO B 166 -94.28 106.69 -6.27
C PRO B 166 -95.58 106.90 -5.50
N ASP B 167 -95.57 107.86 -4.58
CA ASP B 167 -96.73 108.19 -3.76
C ASP B 167 -97.93 108.48 -4.67
N THR B 168 -97.63 109.12 -5.79
CA THR B 168 -98.60 109.51 -6.78
C THR B 168 -99.27 108.30 -7.45
N CYS B 169 -98.78 107.11 -7.11
CA CYS B 169 -99.33 105.88 -7.67
C CYS B 169 -100.01 104.95 -6.67
N LYS B 170 -100.20 105.42 -5.42
CA LYS B 170 -100.87 104.61 -4.39
C LYS B 170 -102.27 105.19 -4.17
N ASP B 171 -103.27 104.32 -4.03
CA ASP B 171 -104.65 104.77 -3.83
C ASP B 171 -104.86 105.43 -2.48
N ALA B 172 -106.12 105.72 -2.17
CA ALA B 172 -106.52 106.36 -0.91
C ALA B 172 -105.97 105.64 0.32
N ASN B 173 -105.83 104.32 0.21
CA ASN B 173 -105.34 103.50 1.32
C ASN B 173 -103.87 103.14 1.30
N GLY B 174 -103.12 103.68 0.35
CA GLY B 174 -101.70 103.39 0.29
C GLY B 174 -101.31 102.21 -0.60
N VAL B 175 -102.31 101.52 -1.13
CA VAL B 175 -102.08 100.37 -2.01
C VAL B 175 -101.68 100.86 -3.40
N LYS B 176 -100.72 100.17 -4.01
CA LYS B 176 -100.26 100.58 -5.34
C LYS B 176 -101.34 100.47 -6.41
N THR B 177 -101.27 101.39 -7.38
CA THR B 177 -102.21 101.47 -8.48
C THR B 177 -101.69 100.72 -9.72
N THR B 178 -100.37 100.77 -9.88
CA THR B 178 -99.70 100.12 -11.00
C THR B 178 -99.72 98.60 -10.88
N ALA B 179 -99.65 97.92 -12.01
CA ALA B 179 -99.65 96.46 -12.03
C ALA B 179 -98.33 95.98 -11.45
N GLY B 180 -97.25 96.70 -11.74
CA GLY B 180 -95.95 96.33 -11.23
C GLY B 180 -95.37 97.31 -10.24
N SER B 181 -94.06 97.54 -10.31
CA SER B 181 -93.37 98.48 -9.44
C SER B 181 -91.97 98.74 -9.97
N TRP B 182 -91.18 99.50 -9.23
CA TRP B 182 -89.84 99.86 -9.64
C TRP B 182 -88.73 98.92 -9.13
N ILE B 183 -87.98 98.36 -10.09
CA ILE B 183 -86.91 97.38 -9.90
C ILE B 183 -85.52 98.02 -10.15
N ALA B 184 -84.51 97.65 -9.39
CA ALA B 184 -83.18 98.23 -9.57
C ALA B 184 -82.42 97.65 -10.78
N MET B 185 -83.05 96.72 -11.49
CA MET B 185 -82.44 96.11 -12.65
C MET B 185 -82.83 96.78 -13.97
N PRO B 186 -81.87 97.44 -14.65
CA PRO B 186 -82.24 98.06 -15.91
C PRO B 186 -82.57 96.96 -16.92
N PRO B 187 -83.50 97.23 -17.86
CA PRO B 187 -83.90 96.24 -18.87
C PRO B 187 -82.63 95.59 -19.41
N PRO B 188 -82.42 94.29 -19.16
CA PRO B 188 -81.20 93.67 -19.65
C PRO B 188 -81.15 93.28 -21.12
N LEU B 189 -82.31 92.87 -21.65
CA LEU B 189 -82.39 92.42 -23.03
C LEU B 189 -82.65 93.54 -24.06
N MET B 190 -82.76 93.13 -25.34
CA MET B 190 -82.99 93.99 -26.50
C MET B 190 -82.77 93.06 -27.68
N ASP B 191 -83.73 93.02 -28.59
CA ASP B 191 -83.65 92.13 -29.74
C ASP B 191 -82.26 91.89 -30.32
N ASP B 192 -81.92 90.61 -30.50
CA ASP B 192 -80.65 90.18 -31.04
C ASP B 192 -79.41 90.77 -30.36
N LEU B 193 -79.41 90.72 -29.04
CA LEU B 193 -78.29 91.21 -28.23
C LEU B 193 -77.31 90.05 -28.18
N VAL B 194 -77.81 88.89 -28.60
CA VAL B 194 -77.05 87.66 -28.64
C VAL B 194 -77.22 87.02 -30.01
N GLU B 195 -76.10 86.57 -30.58
CA GLU B 195 -76.06 85.93 -31.89
C GLU B 195 -76.07 84.41 -31.71
N TYR B 196 -77.20 83.76 -31.95
CA TYR B 196 -77.20 82.30 -31.83
C TYR B 196 -76.53 81.72 -33.06
N ALA B 197 -75.63 80.78 -32.84
CA ALA B 197 -74.91 80.13 -33.94
C ALA B 197 -75.86 79.66 -35.03
N ASP B 198 -76.72 78.69 -34.71
CA ASP B 198 -77.67 78.14 -35.66
C ASP B 198 -78.69 79.14 -36.20
N GLY B 199 -78.45 80.43 -35.99
CA GLY B 199 -79.36 81.46 -36.49
C GLY B 199 -80.77 81.49 -35.91
N HIS B 200 -80.97 80.87 -34.75
CA HIS B 200 -82.28 80.84 -34.07
C HIS B 200 -82.64 82.30 -33.76
N ASP B 201 -83.93 82.66 -33.65
CA ASP B 201 -84.26 84.08 -33.41
C ASP B 201 -83.93 84.56 -31.99
N ALA B 202 -83.29 85.73 -31.94
CA ALA B 202 -82.89 86.34 -30.69
C ALA B 202 -83.76 87.54 -30.33
N SER B 203 -85.07 87.36 -30.41
CA SER B 203 -85.98 88.44 -30.06
C SER B 203 -86.04 88.42 -28.54
N VAL B 204 -86.19 89.59 -27.92
CA VAL B 204 -86.24 89.66 -26.46
C VAL B 204 -87.14 88.53 -25.96
N HIS B 205 -88.22 88.27 -26.68
CA HIS B 205 -89.15 87.22 -26.31
C HIS B 205 -88.48 85.84 -26.27
N ALA B 206 -87.77 85.50 -27.34
CA ALA B 206 -87.09 84.20 -27.43
C ALA B 206 -86.01 84.02 -26.35
N MET B 207 -85.11 84.99 -26.26
CA MET B 207 -84.04 84.93 -25.28
C MET B 207 -84.59 84.76 -23.87
N ALA B 208 -85.60 85.54 -23.53
CA ALA B 208 -86.20 85.47 -22.21
C ALA B 208 -86.75 84.08 -21.94
N GLU B 209 -87.32 83.45 -22.96
CA GLU B 209 -87.87 82.12 -22.78
C GLU B 209 -86.75 81.09 -22.62
N ASP B 210 -85.65 81.28 -23.35
CA ASP B 210 -84.54 80.35 -23.29
C ASP B 210 -83.79 80.44 -21.95
N VAL B 211 -83.40 81.65 -21.57
CA VAL B 211 -82.67 81.84 -20.32
C VAL B 211 -83.53 81.41 -19.13
N SER B 212 -84.84 81.48 -19.29
CA SER B 212 -85.73 81.06 -18.22
C SER B 212 -85.70 79.55 -18.08
N ALA B 213 -85.66 78.86 -19.22
CA ALA B 213 -85.60 77.40 -19.19
C ALA B 213 -84.25 77.02 -18.57
N PHE B 214 -83.21 77.72 -18.99
CA PHE B 214 -81.88 77.47 -18.48
C PHE B 214 -81.85 77.62 -16.96
N LEU B 215 -82.44 78.70 -16.47
CA LEU B 215 -82.45 78.93 -15.03
C LEU B 215 -83.30 77.89 -14.30
N MET B 216 -84.29 77.33 -14.99
CA MET B 216 -85.11 76.31 -14.35
C MET B 216 -84.18 75.11 -14.14
N TRP B 217 -83.37 74.80 -15.15
CA TRP B 217 -82.45 73.67 -15.08
C TRP B 217 -81.37 73.92 -14.02
N ALA B 218 -80.85 75.14 -13.98
CA ALA B 218 -79.82 75.48 -13.01
C ALA B 218 -80.36 75.26 -11.59
N ALA B 219 -81.66 75.45 -11.40
CA ALA B 219 -82.27 75.27 -10.10
C ALA B 219 -82.66 73.81 -9.81
N GLU B 220 -83.21 73.12 -10.82
CA GLU B 220 -83.62 71.72 -10.69
C GLU B 220 -82.88 70.85 -11.70
N PRO B 221 -81.54 70.78 -11.60
CA PRO B 221 -80.85 69.94 -12.58
C PRO B 221 -81.32 68.47 -12.66
N LYS B 222 -81.94 67.96 -11.60
CA LYS B 222 -82.42 66.58 -11.53
C LYS B 222 -83.92 66.45 -11.78
N LEU B 223 -84.48 67.44 -12.45
CA LEU B 223 -85.89 67.43 -12.75
C LEU B 223 -86.33 66.14 -13.44
N MET B 224 -85.63 65.80 -14.50
CA MET B 224 -85.95 64.59 -15.25
C MET B 224 -85.78 63.32 -14.42
N ALA B 225 -84.69 63.22 -13.68
CA ALA B 225 -84.44 62.05 -12.85
C ALA B 225 -85.57 61.91 -11.85
N ARG B 226 -85.94 63.03 -11.24
CA ARG B 226 -87.02 63.06 -10.25
C ARG B 226 -88.32 62.51 -10.84
N LYS B 227 -88.65 62.99 -12.03
CA LYS B 227 -89.87 62.55 -12.71
C LYS B 227 -89.81 61.08 -13.14
N GLN B 228 -88.64 60.64 -13.56
CA GLN B 228 -88.48 59.24 -13.96
C GLN B 228 -88.72 58.42 -12.70
N ALA B 229 -88.09 58.84 -11.61
CA ALA B 229 -88.23 58.13 -10.33
C ALA B 229 -89.70 58.10 -9.92
N GLY B 230 -90.42 59.18 -10.24
CA GLY B 230 -91.82 59.26 -9.90
C GLY B 230 -92.68 58.22 -10.60
N PHE B 231 -92.57 58.17 -11.92
CA PHE B 231 -93.33 57.21 -12.71
C PHE B 231 -93.05 55.81 -12.16
N THR B 232 -91.77 55.50 -12.00
CA THR B 232 -91.34 54.21 -11.48
C THR B 232 -92.08 53.87 -10.19
N ALA B 233 -91.95 54.73 -9.19
CA ALA B 233 -92.59 54.52 -7.91
C ALA B 233 -94.10 54.34 -8.06
N VAL B 234 -94.71 55.16 -8.92
CA VAL B 234 -96.15 55.06 -9.12
C VAL B 234 -96.54 53.73 -9.74
N MET B 235 -95.75 53.25 -10.70
CA MET B 235 -96.07 51.97 -11.32
C MET B 235 -95.97 50.83 -10.31
N PHE B 236 -94.86 50.75 -9.57
CA PHE B 236 -94.70 49.72 -8.56
C PHE B 236 -95.92 49.70 -7.65
N LEU B 237 -96.18 50.85 -7.05
CA LEU B 237 -97.30 51.02 -6.12
C LEU B 237 -98.68 50.81 -6.71
N THR B 238 -98.88 51.12 -7.97
CA THR B 238 -100.17 50.90 -8.60
C THR B 238 -100.38 49.40 -8.69
N VAL B 239 -99.34 48.69 -9.14
CA VAL B 239 -99.39 47.25 -9.26
C VAL B 239 -99.62 46.62 -7.89
N LEU B 240 -98.72 46.95 -6.97
CA LEU B 240 -98.77 46.44 -5.61
C LEU B 240 -100.11 46.73 -4.94
N SER B 241 -100.71 47.87 -5.26
CA SER B 241 -102.00 48.24 -4.68
C SER B 241 -103.07 47.27 -5.14
N VAL B 242 -103.14 47.06 -6.45
CA VAL B 242 -104.11 46.16 -7.05
C VAL B 242 -103.98 44.75 -6.45
N LEU B 243 -102.75 44.27 -6.33
CA LEU B 243 -102.50 42.94 -5.78
C LEU B 243 -102.91 42.85 -4.31
N LEU B 244 -102.62 43.90 -3.54
CA LEU B 244 -102.97 43.92 -2.12
C LEU B 244 -104.47 44.02 -1.96
N TYR B 245 -105.11 44.63 -2.95
CA TYR B 245 -106.55 44.79 -2.94
C TYR B 245 -107.21 43.43 -3.14
N LEU B 246 -106.74 42.70 -4.14
CA LEU B 246 -107.25 41.38 -4.45
C LEU B 246 -107.01 40.46 -3.26
N THR B 247 -105.78 40.49 -2.74
CA THR B 247 -105.42 39.68 -1.58
C THR B 247 -106.34 40.03 -0.43
N ASN B 248 -106.57 41.33 -0.26
CA ASN B 248 -107.43 41.78 0.82
C ASN B 248 -108.85 41.27 0.60
N LYS B 249 -109.34 41.40 -0.62
CA LYS B 249 -110.68 40.95 -0.95
C LYS B 249 -110.83 39.44 -0.70
N ARG B 250 -109.92 38.64 -1.24
CA ARG B 250 -109.99 37.20 -1.05
C ARG B 250 -109.93 36.81 0.42
N LEU B 251 -109.04 37.45 1.16
CA LEU B 251 -108.88 37.15 2.57
C LEU B 251 -110.11 37.45 3.42
N TRP B 252 -110.81 38.55 3.15
CA TRP B 252 -112.00 38.89 3.91
C TRP B 252 -113.23 38.13 3.46
N ALA B 253 -113.24 37.74 2.19
CA ALA B 253 -114.36 36.99 1.62
C ALA B 253 -114.78 35.89 2.59
N GLY B 254 -113.81 35.25 3.22
CA GLY B 254 -114.11 34.18 4.16
C GLY B 254 -114.63 34.67 5.50
N VAL B 255 -115.29 35.83 5.52
CA VAL B 255 -115.83 36.39 6.76
C VAL B 255 -117.13 37.19 6.56
N LYS B 256 -117.13 38.13 5.63
CA LYS B 256 -118.30 38.98 5.37
C LYS B 256 -119.20 38.41 4.26
N GLY C 9 -107.53 26.55 -5.93
CA GLY C 9 -106.21 25.85 -5.99
C GLY C 9 -105.04 26.81 -5.93
N THR C 10 -104.23 26.84 -6.98
CA THR C 10 -103.08 27.74 -7.03
C THR C 10 -103.46 29.09 -7.67
N ARG C 11 -104.76 29.42 -7.61
CA ARG C 11 -105.26 30.69 -8.14
C ARG C 11 -105.00 31.74 -7.06
N ARG C 12 -105.38 31.38 -5.83
CA ARG C 12 -105.22 32.25 -4.65
C ARG C 12 -103.82 32.11 -4.07
N ASP C 13 -103.19 30.96 -4.30
CA ASP C 13 -101.86 30.71 -3.78
C ASP C 13 -100.87 31.53 -4.62
N PHE C 14 -101.12 31.59 -5.92
CA PHE C 14 -100.29 32.35 -6.84
C PHE C 14 -100.37 33.84 -6.50
N LEU C 15 -101.58 34.30 -6.22
CA LEU C 15 -101.82 35.69 -5.87
C LEU C 15 -100.97 36.09 -4.67
N TYR C 16 -101.17 35.37 -3.55
CA TYR C 16 -100.42 35.63 -2.33
C TYR C 16 -98.93 35.60 -2.63
N TYR C 17 -98.56 34.77 -3.59
CA TYR C 17 -97.17 34.62 -4.00
C TYR C 17 -96.71 35.85 -4.79
N ALA C 18 -97.51 36.24 -5.78
CA ALA C 18 -97.22 37.39 -6.64
C ALA C 18 -97.21 38.68 -5.81
N THR C 19 -98.05 38.71 -4.79
CA THR C 19 -98.16 39.85 -3.91
C THR C 19 -96.86 40.03 -3.13
N ALA C 20 -96.52 39.04 -2.31
CA ALA C 20 -95.29 39.11 -1.53
C ALA C 20 -94.13 39.42 -2.47
N GLY C 21 -94.21 38.92 -3.70
CA GLY C 21 -93.15 39.17 -4.66
C GLY C 21 -93.00 40.64 -4.99
N ALA C 22 -94.13 41.30 -5.27
CA ALA C 22 -94.12 42.72 -5.60
C ALA C 22 -93.56 43.48 -4.40
N GLY C 23 -93.96 43.04 -3.21
CA GLY C 23 -93.47 43.68 -2.00
C GLY C 23 -91.97 43.69 -2.01
N ALA C 24 -91.37 42.50 -1.97
CA ALA C 24 -89.93 42.36 -1.98
C ALA C 24 -89.27 43.28 -2.99
N VAL C 25 -89.81 43.35 -4.20
CA VAL C 25 -89.24 44.22 -5.22
C VAL C 25 -89.28 45.69 -4.82
N ALA C 26 -90.43 46.14 -4.34
CA ALA C 26 -90.57 47.53 -3.91
C ALA C 26 -89.59 47.82 -2.78
N THR C 27 -89.52 46.88 -1.84
CA THR C 27 -88.62 47.00 -0.71
C THR C 27 -87.18 47.20 -1.16
N GLY C 28 -86.71 46.32 -2.04
CA GLY C 28 -85.36 46.45 -2.53
C GLY C 28 -85.15 47.77 -3.24
N ALA C 29 -86.14 48.17 -4.03
CA ALA C 29 -86.08 49.43 -4.75
C ALA C 29 -85.89 50.60 -3.81
N ALA C 30 -86.36 50.45 -2.58
CA ALA C 30 -86.24 51.50 -1.57
C ALA C 30 -84.89 51.42 -0.86
N VAL C 31 -84.45 50.20 -0.63
CA VAL C 31 -83.20 49.95 0.05
C VAL C 31 -81.94 50.32 -0.73
N TRP C 32 -81.87 49.95 -2.00
CA TRP C 32 -80.69 50.27 -2.80
C TRP C 32 -80.25 51.74 -2.70
N PRO C 33 -81.17 52.69 -2.93
CA PRO C 33 -80.77 54.10 -2.83
C PRO C 33 -80.29 54.56 -1.44
N LEU C 34 -80.74 53.88 -0.39
CA LEU C 34 -80.33 54.22 0.97
C LEU C 34 -78.88 53.81 1.15
N ILE C 35 -78.47 52.82 0.36
CA ILE C 35 -77.12 52.30 0.37
C ILE C 35 -76.26 53.13 -0.57
N ASN C 36 -76.75 53.33 -1.78
CA ASN C 36 -76.01 54.07 -2.78
C ASN C 36 -75.71 55.54 -2.50
N GLN C 37 -76.44 56.16 -1.58
CA GLN C 37 -76.17 57.58 -1.29
C GLN C 37 -74.80 57.72 -0.66
N MET C 38 -74.32 56.62 -0.09
CA MET C 38 -73.01 56.62 0.54
C MET C 38 -71.88 56.46 -0.47
N ASN C 39 -72.19 56.08 -1.71
CA ASN C 39 -71.12 55.95 -2.68
C ASN C 39 -70.67 57.35 -3.09
N PRO C 40 -69.44 57.47 -3.61
CA PRO C 40 -68.91 58.78 -4.03
C PRO C 40 -69.90 59.68 -4.75
N SER C 41 -70.00 60.91 -4.27
CA SER C 41 -70.91 61.86 -4.88
C SER C 41 -70.23 62.52 -6.09
N ALA C 42 -71.01 63.17 -6.92
CA ALA C 42 -70.52 63.80 -8.13
C ALA C 42 -69.33 64.76 -8.00
N ASP C 43 -69.25 65.47 -6.89
CA ASP C 43 -68.15 66.41 -6.71
C ASP C 43 -66.85 65.63 -6.45
N VAL C 44 -67.01 64.50 -5.75
CA VAL C 44 -65.93 63.59 -5.39
C VAL C 44 -65.46 62.89 -6.64
N GLN C 45 -66.43 62.35 -7.37
CA GLN C 45 -66.13 61.66 -8.61
C GLN C 45 -65.43 62.51 -9.66
N ALA C 46 -65.25 63.79 -9.42
CA ALA C 46 -64.58 64.64 -10.41
C ALA C 46 -63.06 64.57 -10.21
N LEU C 47 -62.53 63.36 -10.34
CA LEU C 47 -61.11 63.00 -10.19
C LEU C 47 -60.21 63.68 -11.24
N ALA C 48 -59.55 64.76 -10.86
CA ALA C 48 -58.67 65.49 -11.78
C ALA C 48 -57.29 64.87 -11.99
N SER C 49 -56.39 65.69 -12.51
CA SER C 49 -54.99 65.35 -12.77
C SER C 49 -54.29 66.58 -12.25
N ILE C 50 -53.06 66.44 -11.79
CA ILE C 50 -52.38 67.60 -11.28
C ILE C 50 -50.96 67.68 -11.83
N PHE C 51 -50.35 68.85 -11.69
CA PHE C 51 -49.01 69.05 -12.15
C PHE C 51 -48.14 69.44 -10.97
N VAL C 52 -46.95 68.87 -10.92
CA VAL C 52 -46.04 69.15 -9.84
C VAL C 52 -44.75 69.72 -10.37
N ASP C 53 -44.39 70.90 -9.89
CA ASP C 53 -43.13 71.51 -10.30
C ASP C 53 -42.12 70.76 -9.46
N VAL C 54 -41.08 70.25 -10.11
CA VAL C 54 -40.11 69.46 -9.40
C VAL C 54 -38.67 69.99 -9.55
N SER C 55 -38.56 71.27 -9.89
CA SER C 55 -37.27 71.93 -10.10
C SER C 55 -36.43 72.22 -8.86
N SER C 56 -37.07 72.27 -7.70
CA SER C 56 -36.35 72.54 -6.47
C SER C 56 -35.97 71.25 -5.75
N VAL C 57 -36.07 70.12 -6.44
CA VAL C 57 -35.76 68.85 -5.80
C VAL C 57 -34.35 68.34 -6.06
N GLU C 58 -33.53 68.35 -5.02
CA GLU C 58 -32.17 67.85 -5.10
C GLU C 58 -32.26 66.37 -4.79
N PRO C 59 -31.20 65.61 -5.13
CA PRO C 59 -31.26 64.17 -4.81
C PRO C 59 -31.17 63.98 -3.31
N GLY C 60 -31.91 63.00 -2.79
CA GLY C 60 -31.92 62.72 -1.37
C GLY C 60 -33.11 63.43 -0.74
N VAL C 61 -33.91 64.06 -1.60
CA VAL C 61 -35.08 64.81 -1.17
C VAL C 61 -36.38 64.17 -1.66
N GLN C 62 -37.35 64.09 -0.77
CA GLN C 62 -38.65 63.54 -1.12
C GLN C 62 -39.68 64.67 -1.01
N LEU C 63 -40.54 64.73 -2.01
CA LEU C 63 -41.59 65.72 -2.10
C LEU C 63 -42.89 64.99 -1.81
N THR C 64 -43.66 65.48 -0.85
CA THR C 64 -44.94 64.84 -0.55
C THR C 64 -46.02 65.82 -0.97
N VAL C 65 -46.88 65.32 -1.83
CA VAL C 65 -47.95 66.09 -2.44
C VAL C 65 -49.30 65.38 -2.29
N LYS C 66 -50.39 66.15 -2.20
CA LYS C 66 -51.70 65.52 -2.08
C LYS C 66 -52.36 65.34 -3.43
N PHE C 67 -52.97 64.18 -3.61
CA PHE C 67 -53.63 63.86 -4.85
C PHE C 67 -54.75 62.88 -4.50
N LEU C 68 -55.97 63.22 -4.89
CA LEU C 68 -57.12 62.40 -4.58
C LEU C 68 -57.21 62.11 -3.08
N GLY C 69 -56.79 63.10 -2.28
CA GLY C 69 -56.86 62.97 -0.84
C GLY C 69 -55.80 62.10 -0.18
N LYS C 70 -54.84 61.62 -0.97
CA LYS C 70 -53.79 60.77 -0.44
C LYS C 70 -52.40 61.26 -0.80
N PRO C 71 -51.41 60.91 0.02
CA PRO C 71 -50.07 61.40 -0.31
C PRO C 71 -49.39 60.67 -1.46
N ILE C 72 -48.62 61.43 -2.21
CA ILE C 72 -47.87 60.91 -3.32
C ILE C 72 -46.44 61.33 -3.06
N PHE C 73 -45.54 60.36 -3.12
CA PHE C 73 -44.13 60.61 -2.87
C PHE C 73 -43.37 60.81 -4.16
N ILE C 74 -42.49 61.81 -4.15
CA ILE C 74 -41.65 62.08 -5.31
C ILE C 74 -40.26 62.23 -4.74
N ARG C 75 -39.47 61.17 -4.87
CA ARG C 75 -38.13 61.20 -4.35
C ARG C 75 -37.14 61.25 -5.49
N ARG C 76 -36.15 62.11 -5.33
CA ARG C 76 -35.11 62.18 -6.32
C ARG C 76 -34.04 61.38 -5.62
N ARG C 77 -33.86 60.15 -6.05
CA ARG C 77 -32.92 59.24 -5.41
C ARG C 77 -31.44 59.55 -5.60
N THR C 78 -30.66 59.16 -4.59
CA THR C 78 -29.22 59.33 -4.58
C THR C 78 -28.61 58.13 -5.28
N GLU C 79 -27.28 58.15 -5.42
CA GLU C 79 -26.60 57.03 -6.05
C GLU C 79 -26.74 55.79 -5.17
N ALA C 80 -26.58 55.99 -3.86
CA ALA C 80 -26.72 54.90 -2.91
C ALA C 80 -28.11 54.29 -3.06
N ASP C 81 -29.14 55.13 -3.15
CA ASP C 81 -30.51 54.62 -3.29
C ASP C 81 -30.60 53.75 -4.55
N ILE C 82 -30.06 54.25 -5.66
CA ILE C 82 -30.13 53.53 -6.93
C ILE C 82 -29.31 52.25 -6.92
N GLU C 83 -28.12 52.27 -6.33
CA GLU C 83 -27.31 51.06 -6.28
C GLU C 83 -28.05 49.98 -5.51
N LEU C 84 -28.37 50.29 -4.26
CA LEU C 84 -29.08 49.33 -3.42
C LEU C 84 -30.33 48.79 -4.09
N GLY C 85 -31.02 49.63 -4.86
CA GLY C 85 -32.22 49.17 -5.52
C GLY C 85 -31.92 48.16 -6.60
N ARG C 86 -30.91 48.46 -7.41
CA ARG C 86 -30.54 47.57 -8.50
C ARG C 86 -29.89 46.27 -8.04
N SER C 87 -29.40 46.24 -6.82
CA SER C 87 -28.77 45.04 -6.30
C SER C 87 -29.69 43.93 -5.80
N VAL C 88 -30.99 44.12 -5.86
CA VAL C 88 -31.90 43.09 -5.35
C VAL C 88 -32.37 42.14 -6.45
N GLN C 89 -32.39 40.85 -6.15
CA GLN C 89 -32.81 39.85 -7.15
C GLN C 89 -34.32 39.66 -7.05
N LEU C 90 -34.98 39.61 -8.21
CA LEU C 90 -36.42 39.46 -8.26
C LEU C 90 -36.93 38.42 -7.25
N GLY C 91 -36.29 37.27 -7.24
CA GLY C 91 -36.70 36.19 -6.34
C GLY C 91 -36.51 36.49 -4.85
N GLN C 92 -35.93 37.65 -4.53
CA GLN C 92 -35.74 37.99 -3.13
C GLN C 92 -36.89 38.91 -2.67
N LEU C 93 -37.74 39.33 -3.60
CA LEU C 93 -38.86 40.21 -3.26
C LEU C 93 -40.11 39.51 -2.74
N VAL C 94 -40.88 40.24 -1.93
CA VAL C 94 -42.12 39.69 -1.39
C VAL C 94 -43.18 39.77 -2.48
N ASP C 95 -43.09 40.80 -3.31
CA ASP C 95 -44.04 40.99 -4.38
C ASP C 95 -43.22 41.32 -5.61
N THR C 96 -43.36 40.49 -6.64
CA THR C 96 -42.58 40.65 -7.86
C THR C 96 -43.24 41.48 -8.94
N ASN C 97 -44.48 41.89 -8.70
CA ASN C 97 -45.15 42.71 -9.70
C ASN C 97 -44.71 44.17 -9.53
N ALA C 98 -44.53 44.86 -10.64
CA ALA C 98 -44.09 46.25 -10.61
C ALA C 98 -45.12 47.22 -10.05
N ARG C 99 -46.41 46.86 -10.12
CA ARG C 99 -47.48 47.73 -9.63
C ARG C 99 -47.32 49.11 -10.22
N ASN C 100 -46.99 49.15 -11.50
CA ASN C 100 -46.77 50.40 -12.18
C ASN C 100 -47.80 50.58 -13.28
N ALA C 101 -48.70 51.55 -13.10
CA ALA C 101 -49.76 51.82 -14.05
C ALA C 101 -49.26 52.38 -15.38
N ASN C 102 -48.00 52.83 -15.39
CA ASN C 102 -47.41 53.40 -16.59
C ASN C 102 -46.90 52.35 -17.56
N ILE C 103 -46.82 51.10 -17.10
CA ILE C 103 -46.33 50.04 -17.95
C ILE C 103 -47.24 48.81 -17.90
N ASP C 104 -46.81 47.71 -18.52
CA ASP C 104 -47.61 46.49 -18.55
C ASP C 104 -47.97 45.99 -17.15
N ALA C 105 -49.20 45.52 -17.02
CA ALA C 105 -49.68 45.00 -15.75
C ALA C 105 -48.85 43.81 -15.30
N GLY C 106 -48.20 43.15 -16.25
CA GLY C 106 -47.37 42.00 -15.91
C GLY C 106 -45.93 42.30 -15.58
N ALA C 107 -45.47 43.51 -15.86
CA ALA C 107 -44.08 43.89 -15.58
C ALA C 107 -43.55 43.41 -14.24
N GLU C 108 -42.23 43.22 -14.16
CA GLU C 108 -41.59 42.75 -12.94
C GLU C 108 -41.01 43.88 -12.09
N ALA C 109 -41.01 43.64 -10.78
CA ALA C 109 -40.51 44.61 -9.80
C ALA C 109 -39.04 44.93 -9.84
N THR C 110 -38.47 45.07 -11.03
CA THR C 110 -37.06 45.43 -11.12
C THR C 110 -37.00 46.93 -10.86
N ASP C 111 -35.92 47.40 -10.27
CA ASP C 111 -35.78 48.80 -9.98
C ASP C 111 -35.99 49.69 -11.21
N GLN C 112 -35.59 49.21 -12.39
CA GLN C 112 -35.78 49.97 -13.63
C GLN C 112 -37.27 50.14 -13.91
N ASN C 113 -38.05 49.16 -13.46
CA ASN C 113 -39.49 49.15 -13.63
C ASN C 113 -40.25 49.91 -12.56
N ARG C 114 -39.52 50.59 -11.69
CA ARG C 114 -40.11 51.34 -10.60
C ARG C 114 -39.88 52.83 -10.70
N THR C 115 -39.11 53.27 -11.68
CA THR C 115 -38.83 54.69 -11.85
C THR C 115 -39.41 55.23 -13.15
N LEU C 116 -39.46 56.55 -13.27
CA LEU C 116 -40.01 57.19 -14.46
C LEU C 116 -38.96 57.29 -15.58
N ASP C 117 -37.71 57.49 -15.18
CA ASP C 117 -36.61 57.65 -16.10
C ASP C 117 -35.72 56.41 -16.21
N GLU C 118 -34.92 56.36 -17.27
CA GLU C 118 -34.01 55.25 -17.49
C GLU C 118 -32.88 55.31 -16.47
N ALA C 119 -32.47 56.53 -16.11
CA ALA C 119 -31.40 56.70 -15.13
C ALA C 119 -31.87 56.28 -13.75
N GLY C 120 -33.17 56.06 -13.60
CA GLY C 120 -33.74 55.63 -12.33
C GLY C 120 -33.58 56.56 -11.14
N GLU C 121 -33.62 57.87 -11.41
CA GLU C 121 -33.46 58.86 -10.36
C GLU C 121 -34.80 59.32 -9.79
N TRP C 122 -35.83 59.29 -10.62
CA TRP C 122 -37.15 59.72 -10.20
C TRP C 122 -38.12 58.63 -9.77
N LEU C 123 -38.25 58.48 -8.46
CA LEU C 123 -39.17 57.50 -7.90
C LEU C 123 -40.45 58.27 -7.52
N VAL C 124 -41.54 57.91 -8.17
CA VAL C 124 -42.84 58.53 -7.95
C VAL C 124 -43.85 57.45 -7.61
N MET C 125 -44.42 57.51 -6.40
CA MET C 125 -45.39 56.51 -5.99
C MET C 125 -46.36 57.01 -4.94
N TRP C 126 -47.42 56.23 -4.74
CA TRP C 126 -48.43 56.55 -3.76
C TRP C 126 -47.80 56.32 -2.39
N GLY C 127 -47.77 57.34 -1.55
CA GLY C 127 -47.20 57.16 -0.23
C GLY C 127 -48.25 56.54 0.68
N VAL C 128 -48.91 55.51 0.14
CA VAL C 128 -50.00 54.81 0.84
C VAL C 128 -49.66 53.32 1.06
N CYS C 129 -49.32 52.98 2.31
CA CYS C 129 -48.99 51.59 2.65
C CYS C 129 -50.06 50.67 2.09
N THR C 130 -49.64 49.55 1.51
CA THR C 130 -50.57 48.60 0.91
C THR C 130 -51.20 47.69 1.96
N HIS C 131 -50.78 47.83 3.21
CA HIS C 131 -51.39 47.02 4.27
C HIS C 131 -52.73 47.66 4.60
N LEU C 132 -52.73 48.72 5.41
CA LEU C 132 -53.98 49.36 5.78
C LEU C 132 -54.06 50.88 5.57
N GLY C 133 -53.24 51.42 4.67
CA GLY C 133 -53.33 52.84 4.37
C GLY C 133 -52.41 53.93 4.92
N CYS C 134 -51.71 53.71 6.03
CA CYS C 134 -50.86 54.76 6.54
C CYS C 134 -49.83 55.22 5.51
N SER C 135 -49.23 56.36 5.79
CA SER C 135 -48.21 56.91 4.90
C SER C 135 -46.87 56.57 5.51
N PRO C 136 -46.06 55.79 4.79
CA PRO C 136 -44.75 55.38 5.31
C PRO C 136 -43.78 56.54 5.46
N ILE C 137 -42.99 56.46 6.52
CA ILE C 137 -42.00 57.48 6.80
C ILE C 137 -40.81 57.21 5.89
N GLY C 138 -40.31 58.28 5.29
CA GLY C 138 -39.20 58.18 4.37
C GLY C 138 -37.90 58.65 4.97
N GLY C 139 -37.07 59.25 4.12
CA GLY C 139 -35.78 59.72 4.60
C GLY C 139 -34.91 58.50 4.84
N VAL C 140 -35.06 57.49 3.97
CA VAL C 140 -34.27 56.27 4.11
C VAL C 140 -34.48 55.68 5.51
N SER C 141 -35.70 55.21 5.76
CA SER C 141 -36.07 54.63 7.05
C SER C 141 -36.35 53.14 6.95
N GLY C 142 -36.27 52.44 8.07
CA GLY C 142 -36.54 51.02 8.06
C GLY C 142 -35.29 50.19 7.86
N ASP C 143 -35.46 48.87 7.80
CA ASP C 143 -34.35 47.93 7.61
C ASP C 143 -33.85 47.78 6.18
N PHE C 144 -34.48 48.47 5.22
CA PHE C 144 -34.04 48.33 3.84
C PHE C 144 -33.72 49.62 3.10
N GLY C 145 -33.37 50.65 3.86
CA GLY C 145 -33.02 51.93 3.25
C GLY C 145 -34.13 52.61 2.48
N GLY C 146 -35.37 52.31 2.82
CA GLY C 146 -36.46 52.93 2.09
C GLY C 146 -37.40 53.72 2.98
N TRP C 147 -38.55 53.12 3.25
CA TRP C 147 -39.61 53.70 4.06
C TRP C 147 -40.02 52.72 5.13
N PHE C 148 -40.54 53.26 6.23
CA PHE C 148 -41.00 52.43 7.34
C PHE C 148 -42.44 52.85 7.71
N CYS C 149 -43.37 51.90 7.72
CA CYS C 149 -44.74 52.21 8.08
C CYS C 149 -44.89 51.95 9.58
N PRO C 150 -45.10 53.02 10.36
CA PRO C 150 -45.25 52.93 11.82
C PRO C 150 -46.56 52.32 12.28
N CYS C 151 -47.51 52.16 11.38
CA CYS C 151 -48.79 51.59 11.78
C CYS C 151 -48.71 50.11 12.16
N HIS C 152 -48.06 49.28 11.36
CA HIS C 152 -47.93 47.88 11.76
C HIS C 152 -46.58 47.27 11.45
N GLY C 153 -45.61 48.12 11.11
CA GLY C 153 -44.27 47.62 10.86
C GLY C 153 -43.84 47.12 9.49
N SER C 154 -44.39 47.71 8.43
CA SER C 154 -43.99 47.30 7.10
C SER C 154 -42.76 48.08 6.69
N HIS C 155 -41.82 47.40 6.05
CA HIS C 155 -40.60 48.07 5.57
C HIS C 155 -40.59 47.98 4.05
N TYR C 156 -40.18 49.06 3.40
CA TYR C 156 -40.09 49.10 1.95
C TYR C 156 -38.66 49.48 1.62
N ASP C 157 -38.14 48.96 0.50
CA ASP C 157 -36.77 49.29 0.11
C ASP C 157 -36.70 50.59 -0.66
N SER C 158 -35.52 50.93 -1.14
CA SER C 158 -35.36 52.18 -1.88
C SER C 158 -36.07 52.28 -3.21
N ALA C 159 -36.84 51.27 -3.60
CA ALA C 159 -37.59 51.35 -4.85
C ALA C 159 -39.07 51.31 -4.45
N GLY C 160 -39.30 51.30 -3.15
CA GLY C 160 -40.66 51.27 -2.64
C GLY C 160 -41.27 49.88 -2.68
N ARG C 161 -40.43 48.86 -2.64
CA ARG C 161 -40.93 47.48 -2.67
C ARG C 161 -41.05 46.95 -1.24
N ILE C 162 -42.10 46.20 -0.98
CA ILE C 162 -42.32 45.65 0.35
C ILE C 162 -41.33 44.52 0.60
N ARG C 163 -40.66 44.56 1.75
CA ARG C 163 -39.66 43.56 2.09
C ARG C 163 -39.92 42.92 3.45
N LYS C 164 -40.83 43.50 4.22
CA LYS C 164 -41.11 42.96 5.54
C LYS C 164 -42.35 43.58 6.19
N GLY C 165 -43.09 42.76 6.93
CA GLY C 165 -44.29 43.23 7.56
C GLY C 165 -45.54 42.62 6.96
N PRO C 166 -46.72 43.15 7.32
CA PRO C 166 -47.98 42.61 6.77
C PRO C 166 -48.42 43.17 5.43
N ALA C 167 -47.79 44.24 4.95
CA ALA C 167 -48.21 44.79 3.66
C ALA C 167 -48.01 43.73 2.58
N PRO C 168 -49.04 43.48 1.76
CA PRO C 168 -48.91 42.47 0.72
C PRO C 168 -48.22 42.95 -0.56
N GLU C 169 -48.16 44.25 -0.80
CA GLU C 169 -47.58 44.70 -2.05
C GLU C 169 -46.64 45.90 -2.04
N ASN C 170 -46.08 46.16 -3.21
CA ASN C 170 -45.19 47.29 -3.40
C ASN C 170 -46.04 48.55 -3.53
N LEU C 171 -45.53 49.67 -3.05
CA LEU C 171 -46.24 50.92 -3.15
C LEU C 171 -46.55 51.12 -4.64
N PRO C 172 -47.84 51.34 -4.97
CA PRO C 172 -48.24 51.54 -6.37
C PRO C 172 -47.66 52.80 -6.99
N ILE C 173 -47.48 52.76 -8.29
CA ILE C 173 -46.97 53.90 -9.05
C ILE C 173 -48.14 54.31 -9.93
N PRO C 174 -48.59 55.57 -9.82
CA PRO C 174 -49.71 56.12 -10.59
C PRO C 174 -49.28 56.57 -11.97
N LEU C 175 -50.25 56.87 -12.82
CA LEU C 175 -49.91 57.39 -14.12
C LEU C 175 -49.13 58.63 -13.80
N ALA C 176 -47.91 58.71 -14.33
CA ALA C 176 -47.06 59.85 -14.07
C ALA C 176 -46.08 59.93 -15.23
N LYS C 177 -45.78 61.15 -15.65
CA LYS C 177 -44.88 61.37 -16.76
C LYS C 177 -44.35 62.79 -16.75
N PHE C 178 -43.07 62.97 -17.03
CA PHE C 178 -42.56 64.32 -17.09
C PHE C 178 -43.22 64.95 -18.31
N ILE C 179 -43.92 66.06 -18.07
CA ILE C 179 -44.62 66.79 -19.11
C ILE C 179 -43.64 67.78 -19.74
N ASP C 180 -42.47 67.89 -19.11
CA ASP C 180 -41.41 68.76 -19.59
C ASP C 180 -40.24 68.72 -18.63
N GLU C 181 -39.26 69.57 -18.90
CA GLU C 181 -38.04 69.67 -18.13
C GLU C 181 -38.15 69.51 -16.61
N THR C 182 -39.05 70.24 -15.98
CA THR C 182 -39.16 70.19 -14.53
C THR C 182 -40.57 69.99 -14.01
N THR C 183 -41.43 69.40 -14.83
CA THR C 183 -42.81 69.20 -14.45
C THR C 183 -43.34 67.78 -14.68
N ILE C 184 -43.91 67.19 -13.64
CA ILE C 184 -44.48 65.85 -13.73
C ILE C 184 -45.99 65.96 -13.65
N GLN C 185 -46.69 65.21 -14.49
CA GLN C 185 -48.13 65.22 -14.47
C GLN C 185 -48.66 63.92 -13.88
N LEU C 186 -49.27 64.00 -12.70
CA LEU C 186 -49.83 62.83 -12.06
C LEU C 186 -51.24 62.63 -12.55
N GLY C 187 -51.62 61.37 -12.77
CA GLY C 187 -52.95 61.08 -13.26
C GLY C 187 -53.09 61.49 -14.72
N GLY D 3 -88.07 32.68 36.26
CA GLY D 3 -89.42 32.20 36.71
C GLY D 3 -89.44 31.76 38.16
N ILE D 4 -88.97 32.64 39.05
CA ILE D 4 -88.93 32.34 40.49
C ILE D 4 -90.27 32.71 41.12
N PRO D 5 -90.75 31.92 42.10
CA PRO D 5 -92.04 32.22 42.75
C PRO D 5 -91.91 33.39 43.73
N HIS D 6 -92.72 34.44 43.53
CA HIS D 6 -92.69 35.61 44.39
C HIS D 6 -94.03 36.34 44.49
N ASP D 7 -94.01 37.64 44.79
CA ASP D 7 -95.25 38.44 44.93
C ASP D 7 -95.45 39.50 43.85
N HIS D 8 -96.66 39.57 43.27
CA HIS D 8 -96.93 40.56 42.23
C HIS D 8 -97.68 41.81 42.73
N TYR D 9 -97.50 42.90 42.00
CA TYR D 9 -98.07 44.23 42.29
C TYR D 9 -99.56 44.33 42.61
N GLU D 10 -99.90 45.20 43.55
CA GLU D 10 -101.29 45.41 43.92
C GLU D 10 -101.69 46.87 44.04
N PRO D 11 -102.62 47.30 43.17
CA PRO D 11 -103.10 48.68 43.17
C PRO D 11 -103.64 49.10 44.53
N ARG D 12 -103.02 50.13 45.10
CA ARG D 12 -103.47 50.64 46.38
C ARG D 12 -104.23 51.96 46.18
N THR D 13 -103.50 53.03 45.90
CA THR D 13 -104.09 54.36 45.69
C THR D 13 -105.18 54.33 44.63
N GLY D 14 -105.93 55.43 44.53
CA GLY D 14 -106.97 55.52 43.53
C GLY D 14 -106.30 55.75 42.20
N ILE D 15 -105.32 56.66 42.20
CA ILE D 15 -104.57 56.97 40.99
C ILE D 15 -103.99 55.65 40.46
N GLU D 16 -103.54 54.80 41.38
CA GLU D 16 -102.95 53.52 41.03
C GLU D 16 -103.94 52.56 40.35
N LYS D 17 -105.11 52.40 40.95
CA LYS D 17 -106.13 51.52 40.39
C LYS D 17 -106.61 52.03 39.02
N TRP D 18 -106.74 53.35 38.90
CA TRP D 18 -107.17 54.01 37.67
C TRP D 18 -106.17 53.72 36.58
N LEU D 19 -104.90 53.94 36.92
CA LEU D 19 -103.80 53.73 36.02
C LEU D 19 -103.67 52.26 35.62
N HIS D 20 -103.72 51.39 36.62
CA HIS D 20 -103.58 49.96 36.38
C HIS D 20 -104.59 49.32 35.44
N SER D 21 -105.82 49.81 35.44
CA SER D 21 -106.85 49.25 34.56
C SER D 21 -106.72 49.76 33.12
N ARG D 22 -105.76 50.66 32.90
CA ARG D 22 -105.54 51.24 31.58
C ARG D 22 -104.17 50.91 31.00
N LEU D 23 -103.14 51.11 31.81
CA LEU D 23 -101.77 50.83 31.41
C LEU D 23 -101.03 50.32 32.63
N PRO D 24 -100.81 49.01 32.70
CA PRO D 24 -100.10 48.36 33.81
C PRO D 24 -98.61 48.67 33.90
N ILE D 25 -98.23 49.90 33.60
CA ILE D 25 -96.82 50.23 33.65
C ILE D 25 -96.23 50.22 35.06
N VAL D 26 -96.98 50.68 36.05
CA VAL D 26 -96.46 50.67 37.42
C VAL D 26 -96.29 49.22 37.90
N ALA D 27 -97.16 48.34 37.42
CA ALA D 27 -97.09 46.93 37.81
C ALA D 27 -95.80 46.34 37.25
N LEU D 28 -95.53 46.61 35.99
CA LEU D 28 -94.33 46.11 35.33
C LEU D 28 -93.06 46.60 36.00
N ALA D 29 -93.01 47.88 36.34
CA ALA D 29 -91.85 48.46 37.01
C ALA D 29 -91.62 47.70 38.31
N TYR D 30 -92.70 47.49 39.05
CA TYR D 30 -92.66 46.79 40.32
C TYR D 30 -92.13 45.35 40.18
N ASP D 31 -92.72 44.58 39.28
CA ASP D 31 -92.29 43.20 39.08
C ASP D 31 -90.83 43.13 38.62
N THR D 32 -90.32 44.23 38.08
CA THR D 32 -88.95 44.28 37.60
C THR D 32 -87.99 44.64 38.74
N ILE D 33 -88.38 45.65 39.50
CA ILE D 33 -87.60 46.14 40.62
C ILE D 33 -87.64 45.19 41.83
N MET D 34 -88.64 44.29 41.83
CA MET D 34 -88.86 43.31 42.90
C MET D 34 -88.45 41.86 42.63
N ILE D 35 -87.75 41.64 41.53
CA ILE D 35 -87.30 40.30 41.19
C ILE D 35 -86.40 39.70 42.27
N PRO D 36 -86.64 38.43 42.65
CA PRO D 36 -85.84 37.74 43.66
C PRO D 36 -84.43 37.47 43.10
N THR D 37 -83.42 37.98 43.79
CA THR D 37 -82.03 37.86 43.37
C THR D 37 -81.17 37.03 44.34
N PRO D 38 -80.36 36.08 43.81
CA PRO D 38 -79.51 35.30 44.72
C PRO D 38 -78.82 36.17 45.77
N ARG D 39 -78.88 35.74 47.04
CA ARG D 39 -78.29 36.49 48.15
C ARG D 39 -76.77 36.57 48.15
N ASN D 40 -76.13 35.64 47.45
CA ASN D 40 -74.68 35.54 47.44
C ASN D 40 -73.88 36.32 46.40
N LEU D 41 -74.51 37.18 45.61
CA LEU D 41 -73.76 37.93 44.62
C LEU D 41 -72.64 38.72 45.26
N ASN D 42 -71.49 38.77 44.59
CA ASN D 42 -70.34 39.51 45.10
C ASN D 42 -70.09 40.76 44.28
N TRP D 43 -69.07 41.51 44.65
CA TRP D 43 -68.77 42.74 43.95
C TRP D 43 -68.64 42.67 42.44
N MET D 44 -68.37 41.48 41.90
CA MET D 44 -68.21 41.37 40.46
C MET D 44 -69.54 41.45 39.72
N TRP D 45 -70.61 41.64 40.46
CA TRP D 45 -71.94 41.76 39.87
C TRP D 45 -72.36 43.22 39.76
N ILE D 46 -71.44 44.13 40.04
CA ILE D 46 -71.74 45.55 39.97
C ILE D 46 -71.45 46.19 38.62
N TRP D 47 -70.67 45.52 37.78
CA TRP D 47 -70.32 46.11 36.51
C TRP D 47 -71.43 46.36 35.51
N GLY D 48 -72.53 45.61 35.62
CA GLY D 48 -73.64 45.83 34.70
C GLY D 48 -74.26 47.18 34.96
N VAL D 49 -74.34 47.56 36.24
CA VAL D 49 -74.90 48.85 36.60
C VAL D 49 -73.93 49.94 36.21
N VAL D 50 -72.64 49.68 36.35
CA VAL D 50 -71.66 50.69 35.96
C VAL D 50 -71.79 50.93 34.46
N LEU D 51 -72.09 49.87 33.71
CA LEU D 51 -72.24 50.00 32.27
C LEU D 51 -73.50 50.77 31.88
N ALA D 52 -74.61 50.52 32.58
CA ALA D 52 -75.86 51.23 32.30
C ALA D 52 -75.65 52.72 32.54
N PHE D 53 -74.97 53.05 33.64
CA PHE D 53 -74.69 54.42 33.97
C PHE D 53 -73.85 55.08 32.87
N CYS D 54 -72.81 54.38 32.45
CA CYS D 54 -71.91 54.85 31.40
C CYS D 54 -72.66 55.15 30.12
N LEU D 55 -73.57 54.25 29.76
CA LEU D 55 -74.33 54.47 28.55
C LEU D 55 -75.11 55.76 28.67
N VAL D 56 -75.79 55.97 29.79
CA VAL D 56 -76.55 57.20 30.01
C VAL D 56 -75.59 58.40 30.01
N LEU D 57 -74.48 58.28 30.75
CA LEU D 57 -73.51 59.38 30.80
C LEU D 57 -73.05 59.75 29.40
N GLN D 58 -72.68 58.74 28.60
CA GLN D 58 -72.22 59.01 27.23
C GLN D 58 -73.29 59.66 26.38
N ILE D 59 -74.52 59.19 26.52
CA ILE D 59 -75.59 59.76 25.72
C ILE D 59 -75.88 61.21 26.09
N VAL D 60 -76.07 61.54 27.37
CA VAL D 60 -76.35 62.95 27.67
C VAL D 60 -75.19 63.88 27.37
N THR D 61 -73.97 63.49 27.70
CA THR D 61 -72.84 64.39 27.41
C THR D 61 -72.66 64.47 25.90
N GLY D 62 -73.02 63.40 25.19
CA GLY D 62 -72.89 63.38 23.74
C GLY D 62 -73.85 64.35 23.08
N ILE D 63 -75.12 64.26 23.45
CA ILE D 63 -76.15 65.14 22.88
C ILE D 63 -75.71 66.59 23.07
N VAL D 64 -75.20 66.86 24.26
CA VAL D 64 -74.75 68.20 24.61
C VAL D 64 -73.55 68.62 23.75
N LEU D 65 -72.57 67.73 23.62
CA LEU D 65 -71.39 68.06 22.81
C LEU D 65 -71.81 68.29 21.37
N ALA D 66 -72.74 67.49 20.87
CA ALA D 66 -73.20 67.63 19.50
C ALA D 66 -73.86 69.00 19.28
N MET D 67 -74.25 69.67 20.35
CA MET D 67 -74.87 71.00 20.20
C MET D 67 -73.84 72.07 19.86
N HIS D 68 -72.56 71.79 20.10
CA HIS D 68 -71.50 72.76 19.84
C HIS D 68 -70.44 72.29 18.84
N TYR D 69 -70.58 71.07 18.38
CA TYR D 69 -69.64 70.44 17.46
C TYR D 69 -70.03 70.58 15.98
N THR D 70 -69.03 70.81 15.11
CA THR D 70 -69.28 70.93 13.67
C THR D 70 -68.61 69.79 12.90
N PRO D 71 -69.40 68.90 12.29
CA PRO D 71 -68.82 67.79 11.54
C PRO D 71 -68.34 68.16 10.14
N HIS D 72 -67.25 68.93 10.07
CA HIS D 72 -66.70 69.33 8.81
C HIS D 72 -65.20 69.46 8.96
N VAL D 73 -64.42 68.93 8.04
CA VAL D 73 -62.96 68.97 8.15
C VAL D 73 -62.33 70.32 8.43
N ASP D 74 -62.94 71.40 7.93
CA ASP D 74 -62.35 72.71 8.17
C ASP D 74 -62.74 73.27 9.53
N LEU D 75 -63.76 72.71 10.16
CA LEU D 75 -64.24 73.23 11.43
C LEU D 75 -64.29 72.28 12.61
N ALA D 76 -64.20 70.97 12.35
CA ALA D 76 -64.28 69.99 13.42
C ALA D 76 -63.33 70.16 14.60
N PHE D 77 -62.04 70.25 14.32
CA PHE D 77 -61.04 70.40 15.38
C PHE D 77 -61.20 71.75 16.09
N ALA D 78 -61.39 72.81 15.32
CA ALA D 78 -61.58 74.14 15.88
C ALA D 78 -62.78 74.15 16.82
N SER D 79 -63.83 73.43 16.40
CA SER D 79 -65.06 73.36 17.17
C SER D 79 -64.91 72.60 18.48
N VAL D 80 -63.98 71.65 18.55
CA VAL D 80 -63.77 70.94 19.80
C VAL D 80 -62.95 71.86 20.71
N GLU D 81 -62.12 72.72 20.12
CA GLU D 81 -61.34 73.66 20.92
C GLU D 81 -62.28 74.75 21.44
N HIS D 82 -63.27 75.13 20.63
CA HIS D 82 -64.26 76.14 21.02
C HIS D 82 -65.03 75.56 22.22
N ILE D 83 -65.37 74.27 22.15
CA ILE D 83 -66.08 73.64 23.25
C ILE D 83 -65.22 73.70 24.51
N MET D 84 -63.93 73.40 24.37
CA MET D 84 -63.00 73.39 25.49
C MET D 84 -62.78 74.75 26.15
N ARG D 85 -62.67 75.80 25.33
CA ARG D 85 -62.40 77.16 25.80
C ARG D 85 -63.57 78.10 26.07
N ASN D 86 -64.60 78.02 25.23
CA ASN D 86 -65.75 78.92 25.31
C ASN D 86 -67.03 78.45 25.97
N VAL D 87 -67.42 77.22 25.69
CA VAL D 87 -68.66 76.68 26.23
C VAL D 87 -68.60 76.51 27.75
N ASN D 88 -69.65 76.97 28.42
CA ASN D 88 -69.73 76.86 29.87
C ASN D 88 -69.64 75.40 30.27
N GLY D 89 -68.56 75.08 30.98
CA GLY D 89 -68.35 73.71 31.43
C GLY D 89 -67.98 72.78 30.29
N GLY D 90 -67.65 73.37 29.14
CA GLY D 90 -67.30 72.58 27.97
C GLY D 90 -66.13 71.66 28.22
N PHE D 91 -65.04 72.22 28.75
CA PHE D 91 -63.85 71.44 29.05
C PHE D 91 -64.21 70.20 29.86
N MET D 92 -65.04 70.36 30.89
CA MET D 92 -65.41 69.22 31.72
C MET D 92 -66.32 68.24 31.01
N LEU D 93 -67.19 68.73 30.12
CA LEU D 93 -68.10 67.84 29.40
C LEU D 93 -67.36 66.97 28.39
N ARG D 94 -66.37 67.59 27.75
CA ARG D 94 -65.55 66.94 26.75
C ARG D 94 -64.77 65.80 27.44
N TYR D 95 -64.04 66.16 28.50
CA TYR D 95 -63.27 65.17 29.24
C TYR D 95 -64.15 64.07 29.81
N LEU D 96 -65.38 64.41 30.20
CA LEU D 96 -66.27 63.39 30.75
C LEU D 96 -66.65 62.40 29.65
N HIS D 97 -66.90 62.90 28.44
CA HIS D 97 -67.28 62.03 27.32
C HIS D 97 -66.10 61.14 26.91
N ALA D 98 -64.93 61.75 26.81
CA ALA D 98 -63.72 61.04 26.42
C ALA D 98 -63.38 59.94 27.43
N ASN D 99 -63.12 60.34 28.67
CA ASN D 99 -62.80 59.36 29.71
C ASN D 99 -63.97 58.43 30.02
N GLY D 100 -65.16 58.82 29.60
CA GLY D 100 -66.33 57.99 29.82
C GLY D 100 -66.25 56.76 28.94
N ALA D 101 -65.62 56.93 27.78
CA ALA D 101 -65.45 55.83 26.84
C ALA D 101 -64.55 54.79 27.50
N SER D 102 -63.49 55.25 28.16
CA SER D 102 -62.57 54.35 28.86
C SER D 102 -63.27 53.62 30.00
N LEU D 103 -64.01 54.36 30.81
CA LEU D 103 -64.71 53.76 31.91
C LEU D 103 -65.65 52.70 31.35
N PHE D 104 -66.27 53.03 30.23
CA PHE D 104 -67.20 52.11 29.58
C PHE D 104 -66.50 50.79 29.23
N PHE D 105 -65.27 50.87 28.72
CA PHE D 105 -64.55 49.65 28.37
C PHE D 105 -63.94 48.92 29.55
N ILE D 106 -63.41 49.66 30.50
CA ILE D 106 -62.83 49.04 31.68
C ILE D 106 -63.94 48.18 32.27
N ALA D 107 -65.14 48.75 32.31
CA ALA D 107 -66.29 48.04 32.85
C ALA D 107 -66.73 46.84 32.01
N VAL D 108 -66.76 46.93 30.67
CA VAL D 108 -67.17 45.72 29.94
C VAL D 108 -66.17 44.61 30.03
N TYR D 109 -64.89 44.95 30.09
CA TYR D 109 -63.92 43.87 30.17
C TYR D 109 -64.09 43.13 31.50
N LEU D 110 -64.32 43.86 32.59
CA LEU D 110 -64.55 43.20 33.88
C LEU D 110 -65.86 42.43 33.83
N HIS D 111 -66.87 43.02 33.19
CA HIS D 111 -68.18 42.40 33.05
C HIS D 111 -68.02 41.10 32.25
N ILE D 112 -67.31 41.16 31.13
CA ILE D 112 -67.09 40.00 30.28
C ILE D 112 -66.31 38.87 30.97
N PHE D 113 -65.20 39.22 31.62
CA PHE D 113 -64.40 38.22 32.31
C PHE D 113 -65.14 37.60 33.48
N ARG D 114 -66.00 38.40 34.12
CA ARG D 114 -66.79 37.89 35.23
C ARG D 114 -67.63 36.74 34.66
N GLY D 115 -68.21 37.00 33.49
CA GLY D 115 -69.04 35.98 32.86
C GLY D 115 -68.28 34.74 32.41
N LEU D 116 -67.07 34.93 31.90
CA LEU D 116 -66.26 33.81 31.44
C LEU D 116 -65.88 32.90 32.59
N TYR D 117 -65.71 33.49 33.77
CA TYR D 117 -65.32 32.76 34.97
C TYR D 117 -66.41 31.98 35.68
N TYR D 118 -67.61 32.55 35.74
CA TYR D 118 -68.73 31.91 36.44
C TYR D 118 -69.69 31.19 35.50
N GLY D 119 -69.32 31.09 34.23
CA GLY D 119 -70.17 30.41 33.26
C GLY D 119 -71.53 31.07 33.12
N SER D 120 -71.56 32.39 33.18
CA SER D 120 -72.82 33.12 33.05
C SER D 120 -73.32 33.04 31.61
N TYR D 121 -72.51 32.48 30.72
CA TYR D 121 -72.87 32.32 29.31
C TYR D 121 -73.44 30.95 29.03
N LYS D 122 -73.28 30.06 29.99
CA LYS D 122 -73.77 28.71 29.83
C LYS D 122 -75.29 28.65 29.93
N ALA D 123 -75.86 27.62 29.33
CA ALA D 123 -77.29 27.43 29.37
C ALA D 123 -77.77 27.66 30.79
N PRO D 124 -78.96 28.27 30.96
CA PRO D 124 -79.82 28.70 29.85
C PRO D 124 -79.56 30.15 29.41
N ARG D 125 -78.36 30.65 29.71
CA ARG D 125 -78.02 32.04 29.40
C ARG D 125 -77.33 32.39 28.09
N GLU D 126 -77.47 31.57 27.06
CA GLU D 126 -76.81 31.85 25.79
C GLU D 126 -77.27 33.12 25.09
N VAL D 127 -78.56 33.40 25.13
CA VAL D 127 -79.10 34.59 24.48
C VAL D 127 -78.58 35.84 25.16
N THR D 128 -78.56 35.84 26.48
CA THR D 128 -78.05 36.98 27.22
C THR D 128 -76.65 37.25 26.70
N TRP D 129 -75.84 36.20 26.62
CA TRP D 129 -74.47 36.29 26.14
C TRP D 129 -74.33 36.79 24.71
N ILE D 130 -75.16 36.29 23.80
CA ILE D 130 -75.09 36.72 22.42
C ILE D 130 -75.50 38.19 22.27
N VAL D 131 -76.57 38.60 22.95
CA VAL D 131 -76.99 39.99 22.86
C VAL D 131 -75.82 40.83 23.38
N GLY D 132 -75.20 40.39 24.47
CA GLY D 132 -74.08 41.12 25.00
C GLY D 132 -72.97 41.27 23.96
N MET D 133 -72.72 40.22 23.19
CA MET D 133 -71.67 40.27 22.16
C MET D 133 -72.01 41.31 21.10
N LEU D 134 -73.29 41.43 20.77
CA LEU D 134 -73.73 42.40 19.78
C LEU D 134 -73.48 43.80 20.35
N ILE D 135 -73.77 43.97 21.62
CA ILE D 135 -73.54 45.24 22.27
C ILE D 135 -72.07 45.60 22.18
N TYR D 136 -71.21 44.61 22.47
CA TYR D 136 -69.77 44.82 22.41
C TYR D 136 -69.31 45.28 21.02
N LEU D 137 -69.83 44.67 19.97
CA LEU D 137 -69.44 45.07 18.63
C LEU D 137 -69.87 46.51 18.38
N ALA D 138 -71.09 46.85 18.78
CA ALA D 138 -71.62 48.19 18.60
C ALA D 138 -70.78 49.22 19.38
N MET D 139 -70.44 48.87 20.62
CA MET D 139 -69.65 49.76 21.46
C MET D 139 -68.34 50.11 20.76
N MET D 140 -67.69 49.10 20.19
CA MET D 140 -66.42 49.34 19.50
C MET D 140 -66.62 50.22 18.27
N ALA D 141 -67.62 49.92 17.46
CA ALA D 141 -67.88 50.73 16.27
C ALA D 141 -68.22 52.16 16.69
N THR D 142 -69.00 52.30 17.75
CA THR D 142 -69.38 53.64 18.24
C THR D 142 -68.16 54.42 18.70
N ALA D 143 -67.36 53.83 19.59
CA ALA D 143 -66.18 54.51 20.10
C ALA D 143 -65.19 54.84 19.00
N PHE D 144 -65.09 53.99 17.99
CA PHE D 144 -64.17 54.25 16.91
C PHE D 144 -64.61 55.52 16.17
N MET D 145 -65.88 55.58 15.77
CA MET D 145 -66.38 56.75 15.06
C MET D 145 -66.28 58.02 15.90
N GLY D 146 -66.58 57.91 17.19
CA GLY D 146 -66.48 59.07 18.04
C GLY D 146 -65.06 59.62 18.02
N TYR D 147 -64.09 58.73 18.13
CA TYR D 147 -62.68 59.12 18.16
C TYR D 147 -62.25 59.87 16.89
N VAL D 148 -62.96 59.64 15.80
CA VAL D 148 -62.65 60.30 14.52
C VAL D 148 -63.18 61.73 14.49
N LEU D 149 -64.27 62.00 15.21
CA LEU D 149 -64.86 63.34 15.18
C LEU D 149 -63.96 64.56 15.43
N PRO D 150 -63.07 64.51 16.42
CA PRO D 150 -62.16 65.63 16.72
C PRO D 150 -61.28 66.03 15.54
N TRP D 151 -61.10 65.09 14.62
CA TRP D 151 -60.24 65.26 13.43
C TRP D 151 -58.79 65.59 13.75
N GLY D 152 -58.24 64.89 14.74
CA GLY D 152 -56.84 65.11 15.11
C GLY D 152 -56.02 64.09 14.33
N GLN D 153 -54.72 63.94 14.63
CA GLN D 153 -53.88 62.99 13.89
C GLN D 153 -54.32 61.54 14.12
N MET D 154 -54.53 61.16 15.36
CA MET D 154 -54.97 59.79 15.63
C MET D 154 -56.31 59.53 14.96
N SER D 155 -57.15 60.56 14.93
CA SER D 155 -58.47 60.47 14.31
C SER D 155 -58.42 60.10 12.84
N PHE D 156 -57.63 60.87 12.09
CA PHE D 156 -57.51 60.66 10.65
C PHE D 156 -56.88 59.32 10.29
N TRP D 157 -55.72 59.00 10.86
CA TRP D 157 -55.05 57.76 10.53
C TRP D 157 -55.77 56.53 11.07
N GLY D 158 -56.41 56.66 12.24
CA GLY D 158 -57.15 55.54 12.76
C GLY D 158 -58.30 55.24 11.83
N ALA D 159 -58.88 56.29 11.24
CA ALA D 159 -60.00 56.12 10.31
C ALA D 159 -59.50 55.48 9.03
N THR D 160 -58.31 55.90 8.60
CA THR D 160 -57.71 55.35 7.40
C THR D 160 -57.52 53.84 7.58
N VAL D 161 -56.93 53.45 8.71
CA VAL D 161 -56.67 52.05 8.99
C VAL D 161 -57.89 51.16 9.21
N ILE D 162 -58.87 51.66 9.95
CA ILE D 162 -60.06 50.88 10.23
C ILE D 162 -60.94 50.71 8.98
N THR D 163 -60.98 51.72 8.12
CA THR D 163 -61.76 51.54 6.90
C THR D 163 -60.95 50.61 6.00
N GLY D 164 -59.63 50.60 6.24
CA GLY D 164 -58.73 49.75 5.47
C GLY D 164 -58.99 48.28 5.74
N LEU D 165 -59.39 47.95 6.96
CA LEU D 165 -59.69 46.57 7.30
C LEU D 165 -60.64 45.94 6.30
N PHE D 166 -61.68 46.68 5.93
CA PHE D 166 -62.66 46.17 4.98
C PHE D 166 -62.09 46.06 3.59
N GLY D 167 -61.05 46.86 3.33
CA GLY D 167 -60.42 46.82 2.03
C GLY D 167 -59.68 45.51 1.86
N ALA D 168 -59.49 44.78 2.96
CA ALA D 168 -58.78 43.51 2.95
C ALA D 168 -59.65 42.32 2.58
N ILE D 169 -60.96 42.50 2.58
CA ILE D 169 -61.84 41.39 2.22
C ILE D 169 -61.64 41.12 0.72
N PRO D 170 -61.36 39.86 0.37
CA PRO D 170 -61.14 39.46 -1.03
C PRO D 170 -62.33 39.71 -1.94
N GLY D 171 -62.04 40.19 -3.15
CA GLY D 171 -63.10 40.44 -4.11
C GLY D 171 -63.94 41.70 -3.92
N ILE D 172 -64.85 41.68 -2.95
CA ILE D 172 -65.71 42.82 -2.70
C ILE D 172 -65.05 43.95 -1.91
N GLY D 173 -64.00 43.62 -1.18
CA GLY D 173 -63.27 44.58 -0.37
C GLY D 173 -63.08 46.02 -0.84
N HIS D 174 -62.47 46.25 -1.99
CA HIS D 174 -62.24 47.60 -2.48
C HIS D 174 -63.54 48.40 -2.54
N SER D 175 -64.62 47.73 -2.91
CA SER D 175 -65.92 48.36 -3.04
C SER D 175 -66.46 48.77 -1.69
N ILE D 176 -66.43 47.86 -0.74
CA ILE D 176 -66.93 48.14 0.58
C ILE D 176 -66.15 49.31 1.17
N GLN D 177 -64.85 49.35 0.92
CA GLN D 177 -64.02 50.43 1.44
C GLN D 177 -64.36 51.77 0.79
N THR D 178 -64.60 51.76 -0.52
CA THR D 178 -64.95 53.01 -1.19
C THR D 178 -66.28 53.54 -0.67
N TRP D 179 -67.19 52.61 -0.42
CA TRP D 179 -68.52 52.90 0.10
C TRP D 179 -68.45 53.53 1.50
N LEU D 180 -67.65 52.94 2.38
CA LEU D 180 -67.50 53.47 3.73
C LEU D 180 -66.87 54.85 3.74
N LEU D 181 -65.96 55.09 2.80
CA LEU D 181 -65.25 56.36 2.72
C LEU D 181 -65.99 57.44 1.94
N GLY D 182 -66.87 57.04 1.04
CA GLY D 182 -67.60 58.01 0.23
C GLY D 182 -66.66 58.62 -0.78
N GLY D 183 -65.51 57.98 -0.99
CA GLY D 183 -64.55 58.49 -1.95
C GLY D 183 -63.23 57.72 -1.95
N PRO D 184 -62.20 58.24 -2.64
CA PRO D 184 -60.90 57.59 -2.71
C PRO D 184 -60.04 57.63 -1.44
N ALA D 185 -60.41 58.48 -0.48
CA ALA D 185 -59.63 58.58 0.74
C ALA D 185 -60.51 59.09 1.87
N VAL D 186 -59.96 59.08 3.07
CA VAL D 186 -60.68 59.58 4.23
C VAL D 186 -60.74 61.08 4.02
N ASP D 187 -61.96 61.63 3.97
CA ASP D 187 -62.15 63.06 3.74
C ASP D 187 -63.43 63.54 4.45
N ASN D 188 -63.94 64.70 4.04
CA ASN D 188 -65.14 65.23 4.66
C ASN D 188 -66.34 64.30 4.59
N ALA D 189 -66.58 63.68 3.43
CA ALA D 189 -67.71 62.78 3.32
C ALA D 189 -67.62 61.69 4.40
N THR D 190 -66.39 61.30 4.75
CA THR D 190 -66.21 60.26 5.77
C THR D 190 -66.55 60.77 7.16
N LEU D 191 -66.04 61.93 7.50
CA LEU D 191 -66.28 62.56 8.81
C LEU D 191 -67.78 62.79 9.00
N ASN D 192 -68.41 63.32 7.97
CA ASN D 192 -69.84 63.62 7.97
C ASN D 192 -70.69 62.38 8.26
N ARG D 193 -70.41 61.26 7.61
CA ARG D 193 -71.23 60.06 7.85
C ARG D 193 -70.91 59.41 9.19
N PHE D 194 -69.69 59.61 9.67
CA PHE D 194 -69.30 59.04 10.95
C PHE D 194 -70.05 59.79 12.05
N PHE D 195 -70.25 61.09 11.84
CA PHE D 195 -70.97 61.86 12.84
C PHE D 195 -72.37 61.30 12.96
N SER D 196 -73.06 61.19 11.84
CA SER D 196 -74.42 60.65 11.87
C SER D 196 -74.48 59.27 12.49
N LEU D 197 -73.54 58.39 12.16
CA LEU D 197 -73.58 57.04 12.73
C LEU D 197 -73.15 57.01 14.19
N HIS D 198 -72.28 57.94 14.60
CA HIS D 198 -71.86 57.97 15.98
C HIS D 198 -73.08 58.36 16.84
N TYR D 199 -73.94 59.20 16.28
CA TYR D 199 -75.13 59.65 17.00
C TYR D 199 -76.16 58.50 17.05
N LEU D 200 -76.34 57.80 15.93
CA LEU D 200 -77.30 56.70 15.86
C LEU D 200 -77.00 55.42 16.65
N LEU D 201 -75.79 54.92 16.59
CA LEU D 201 -75.46 53.67 17.28
C LEU D 201 -75.78 53.59 18.76
N PRO D 202 -75.50 54.65 19.52
CA PRO D 202 -75.81 54.57 20.95
C PRO D 202 -77.27 54.20 21.25
N PHE D 203 -78.20 54.57 20.37
CA PHE D 203 -79.62 54.25 20.55
C PHE D 203 -79.87 52.78 20.25
N VAL D 204 -79.09 52.25 19.33
CA VAL D 204 -79.21 50.85 18.96
C VAL D 204 -78.72 50.08 20.18
N ILE D 205 -77.59 50.54 20.75
CA ILE D 205 -77.04 49.89 21.92
C ILE D 205 -78.12 49.92 23.02
N ALA D 206 -78.73 51.09 23.27
CA ALA D 206 -79.76 51.19 24.30
C ALA D 206 -80.88 50.19 24.05
N ALA D 207 -81.27 50.04 22.79
CA ALA D 207 -82.32 49.09 22.45
C ALA D 207 -81.83 47.68 22.77
N LEU D 208 -80.60 47.35 22.40
CA LEU D 208 -80.06 46.02 22.68
C LEU D 208 -79.95 45.78 24.18
N VAL D 209 -79.54 46.79 24.92
CA VAL D 209 -79.42 46.66 26.37
C VAL D 209 -80.77 46.32 26.96
N ALA D 210 -81.83 46.81 26.35
CA ALA D 210 -83.17 46.53 26.82
C ALA D 210 -83.44 45.03 26.69
N ILE D 211 -83.06 44.48 25.55
CA ILE D 211 -83.25 43.04 25.33
C ILE D 211 -82.34 42.23 26.26
N HIS D 212 -81.15 42.76 26.52
CA HIS D 212 -80.16 42.14 27.40
C HIS D 212 -80.78 41.99 28.79
N ILE D 213 -81.36 43.08 29.30
CA ILE D 213 -81.99 43.06 30.62
C ILE D 213 -83.17 42.11 30.65
N TRP D 214 -83.99 42.14 29.60
CA TRP D 214 -85.14 41.27 29.49
C TRP D 214 -84.63 39.82 29.55
N ALA D 215 -83.60 39.54 28.77
CA ALA D 215 -82.99 38.22 28.70
C ALA D 215 -82.54 37.67 30.06
N PHE D 216 -81.75 38.42 30.82
CA PHE D 216 -81.35 37.85 32.09
C PHE D 216 -82.48 37.87 33.11
N HIS D 217 -83.51 38.68 32.87
CA HIS D 217 -84.65 38.69 33.78
C HIS D 217 -85.47 37.42 33.53
N SER D 218 -85.49 36.97 32.27
CA SER D 218 -86.24 35.77 31.92
C SER D 218 -85.65 34.53 32.59
N THR D 219 -84.34 34.48 32.75
CA THR D 219 -83.71 33.30 33.36
C THR D 219 -83.34 33.49 34.82
N GLY D 220 -83.22 34.75 35.24
CA GLY D 220 -82.83 35.00 36.61
C GLY D 220 -81.31 35.12 36.58
N ASN D 221 -80.77 35.94 37.46
CA ASN D 221 -79.33 36.16 37.53
C ASN D 221 -78.59 34.88 37.93
N ASN D 222 -77.35 34.77 37.49
CA ASN D 222 -76.51 33.64 37.86
C ASN D 222 -75.79 34.17 39.10
N ASN D 223 -75.24 33.28 39.92
CA ASN D 223 -74.53 33.70 41.12
C ASN D 223 -73.17 33.00 41.14
N PRO D 224 -72.30 33.36 42.09
CA PRO D 224 -70.97 32.74 42.18
C PRO D 224 -70.87 31.22 42.34
N THR D 225 -71.97 30.55 42.67
CA THR D 225 -71.90 29.10 42.84
C THR D 225 -72.39 28.34 41.62
N GLY D 226 -73.08 29.04 40.71
CA GLY D 226 -73.59 28.40 39.52
C GLY D 226 -74.81 27.56 39.81
N VAL D 227 -75.23 27.57 41.08
CA VAL D 227 -76.40 26.82 41.51
C VAL D 227 -77.64 27.72 41.42
N GLU D 228 -78.62 27.28 40.65
CA GLU D 228 -79.85 28.03 40.45
C GLU D 228 -80.64 28.22 41.75
N VAL D 229 -81.60 29.14 41.71
CA VAL D 229 -82.46 29.41 42.86
C VAL D 229 -83.53 28.32 42.82
N ARG D 230 -83.93 27.81 43.98
CA ARG D 230 -84.97 26.78 44.03
C ARG D 230 -86.29 27.39 43.56
N ARG D 231 -86.94 26.75 42.59
CA ARG D 231 -88.19 27.25 42.04
C ARG D 231 -89.44 26.55 42.60
N THR D 232 -89.24 25.45 43.32
CA THR D 232 -90.35 24.67 43.86
C THR D 232 -91.37 25.36 44.79
N SER D 233 -90.94 26.33 45.60
CA SER D 233 -91.88 27.02 46.49
C SER D 233 -91.39 28.40 46.91
N LYS D 234 -92.32 29.35 47.06
CA LYS D 234 -91.97 30.69 47.49
C LYS D 234 -91.02 30.53 48.68
N ALA D 235 -91.42 29.62 49.56
CA ALA D 235 -90.71 29.31 50.80
C ALA D 235 -89.19 29.24 50.70
N GLU D 236 -88.71 28.24 49.97
CA GLU D 236 -87.29 28.04 49.79
C GLU D 236 -86.66 29.05 48.84
N ALA D 237 -87.44 29.49 47.85
CA ALA D 237 -86.94 30.48 46.91
C ALA D 237 -86.44 31.68 47.71
N GLN D 238 -87.18 32.03 48.77
CA GLN D 238 -86.81 33.16 49.61
C GLN D 238 -85.57 32.89 50.44
N LYS D 239 -85.31 31.61 50.69
CA LYS D 239 -84.13 31.19 51.45
C LYS D 239 -82.89 31.49 50.62
N ASP D 240 -83.06 31.38 49.30
CA ASP D 240 -82.00 31.60 48.33
C ASP D 240 -81.83 33.05 47.87
N THR D 241 -82.90 33.84 47.97
CA THR D 241 -82.87 35.22 47.51
C THR D 241 -83.25 36.33 48.48
N VAL D 242 -83.36 37.53 47.91
CA VAL D 242 -83.79 38.76 48.56
C VAL D 242 -84.23 39.57 47.35
N PRO D 243 -85.19 40.49 47.51
CA PRO D 243 -85.62 41.25 46.35
C PRO D 243 -84.57 42.25 45.89
N PHE D 244 -84.49 42.45 44.58
CA PHE D 244 -83.52 43.37 44.00
C PHE D 244 -83.60 44.71 44.71
N TRP D 245 -84.82 45.23 44.86
CA TRP D 245 -85.02 46.48 45.57
C TRP D 245 -85.42 46.11 47.00
N PRO D 246 -84.74 46.68 48.00
CA PRO D 246 -83.69 47.69 47.94
C PRO D 246 -82.30 47.09 48.15
N TYR D 247 -82.26 45.81 48.47
CA TYR D 247 -81.02 45.11 48.77
C TYR D 247 -79.88 45.26 47.77
N PHE D 248 -80.12 44.95 46.51
CA PHE D 248 -79.05 45.09 45.55
C PHE D 248 -78.99 46.46 44.91
N ILE D 249 -80.15 47.09 44.71
CA ILE D 249 -80.18 48.43 44.15
C ILE D 249 -79.24 49.33 44.96
N ILE D 250 -79.23 49.15 46.27
CA ILE D 250 -78.39 49.99 47.10
C ILE D 250 -76.91 49.63 47.08
N LYS D 251 -76.60 48.34 46.98
CA LYS D 251 -75.22 47.85 46.92
C LYS D 251 -74.62 48.41 45.62
N ASP D 252 -75.43 48.32 44.56
CA ASP D 252 -75.05 48.79 43.24
C ASP D 252 -74.80 50.29 43.23
N VAL D 253 -75.75 51.05 43.73
CA VAL D 253 -75.59 52.50 43.77
C VAL D 253 -74.37 52.86 44.62
N PHE D 254 -74.15 52.10 45.69
CA PHE D 254 -73.00 52.35 46.54
C PHE D 254 -71.71 52.10 45.76
N ALA D 255 -71.66 50.98 45.05
CA ALA D 255 -70.50 50.62 44.25
C ALA D 255 -70.28 51.71 43.20
N LEU D 256 -71.36 52.07 42.52
CA LEU D 256 -71.31 53.10 41.49
C LEU D 256 -70.71 54.41 42.01
N ALA D 257 -71.06 54.77 43.24
CA ALA D 257 -70.55 55.99 43.84
C ALA D 257 -69.05 55.92 44.05
N VAL D 258 -68.57 54.73 44.41
CA VAL D 258 -67.14 54.54 44.63
C VAL D 258 -66.43 54.63 43.28
N VAL D 259 -67.01 53.97 42.28
CA VAL D 259 -66.44 53.99 40.94
C VAL D 259 -66.40 55.42 40.40
N LEU D 260 -67.51 56.13 40.54
CA LEU D 260 -67.57 57.50 40.06
C LEU D 260 -66.59 58.40 40.82
N LEU D 261 -66.29 58.04 42.06
CA LEU D 261 -65.35 58.81 42.86
C LEU D 261 -63.99 58.77 42.15
N VAL D 262 -63.55 57.57 41.78
CA VAL D 262 -62.28 57.42 41.09
C VAL D 262 -62.35 58.08 39.71
N PHE D 263 -63.44 57.82 39.01
CA PHE D 263 -63.65 58.38 37.68
C PHE D 263 -63.53 59.91 37.66
N PHE D 264 -64.21 60.58 38.59
CA PHE D 264 -64.15 62.04 38.64
C PHE D 264 -62.77 62.53 39.05
N ALA D 265 -62.08 61.74 39.88
CA ALA D 265 -60.74 62.10 40.31
C ALA D 265 -59.86 62.09 39.06
N ILE D 266 -60.06 61.08 38.21
CA ILE D 266 -59.29 60.96 36.97
C ILE D 266 -59.59 62.17 36.08
N VAL D 267 -60.87 62.39 35.81
CA VAL D 267 -61.30 63.50 34.97
C VAL D 267 -60.88 64.85 35.50
N GLY D 268 -60.92 65.03 36.81
CA GLY D 268 -60.53 66.31 37.36
C GLY D 268 -59.03 66.51 37.41
N PHE D 269 -58.30 65.46 37.74
CA PHE D 269 -56.85 65.58 37.88
C PHE D 269 -55.91 65.06 36.80
N MET D 270 -56.36 64.09 36.00
CA MET D 270 -55.50 63.55 34.94
C MET D 270 -56.37 63.10 33.78
N PRO D 271 -57.17 64.04 33.23
CA PRO D 271 -58.10 63.82 32.12
C PRO D 271 -57.46 63.34 30.82
N ASN D 272 -56.16 63.61 30.63
CA ASN D 272 -55.45 63.22 29.42
C ASN D 272 -54.55 62.01 29.53
N TYR D 273 -54.55 61.38 30.70
CA TYR D 273 -53.71 60.22 30.93
C TYR D 273 -54.04 59.03 30.02
N LEU D 274 -55.33 58.70 29.91
CA LEU D 274 -55.73 57.56 29.09
C LEU D 274 -55.85 57.89 27.60
N GLY D 275 -55.32 59.05 27.19
CA GLY D 275 -55.41 59.44 25.80
C GLY D 275 -54.09 59.53 25.06
N HIS D 276 -54.16 59.96 23.81
CA HIS D 276 -52.97 60.08 22.98
C HIS D 276 -52.68 61.54 22.61
N PRO D 277 -51.52 62.06 23.07
CA PRO D 277 -51.11 63.43 22.80
C PRO D 277 -51.19 63.86 21.34
N ASP D 278 -51.01 62.89 20.44
CA ASP D 278 -51.04 63.25 19.03
C ASP D 278 -52.40 63.65 18.54
N ASN D 279 -53.45 63.42 19.31
CA ASN D 279 -54.73 63.84 18.79
C ASN D 279 -55.00 65.31 19.09
N TYR D 280 -53.99 65.99 19.63
CA TYR D 280 -54.10 67.42 19.88
C TYR D 280 -53.35 68.11 18.75
N ILE D 281 -53.12 67.35 17.69
CA ILE D 281 -52.45 67.86 16.50
C ILE D 281 -53.49 67.65 15.43
N GLU D 282 -53.69 68.66 14.59
CA GLU D 282 -54.69 68.57 13.53
C GLU D 282 -54.36 67.51 12.50
N ALA D 283 -55.40 66.84 12.02
CA ALA D 283 -55.25 65.83 11.01
C ALA D 283 -54.36 66.34 9.89
N ASN D 284 -53.38 65.53 9.50
CA ASN D 284 -52.47 65.87 8.42
C ASN D 284 -52.51 64.69 7.46
N PRO D 285 -53.26 64.81 6.36
CA PRO D 285 -53.38 63.72 5.40
C PRO D 285 -52.07 63.30 4.74
N LEU D 286 -51.03 64.12 4.89
CA LEU D 286 -49.74 63.82 4.27
C LEU D 286 -48.69 63.33 5.23
N ARG D 287 -49.07 62.91 6.41
CA ARG D 287 -48.07 62.49 7.35
C ARG D 287 -48.63 61.71 8.53
N THR D 288 -48.11 60.51 8.72
CA THR D 288 -48.54 59.68 9.82
C THR D 288 -47.56 59.80 10.98
N PRO D 289 -48.06 60.11 12.18
CA PRO D 289 -47.19 60.26 13.35
C PRO D 289 -46.36 59.02 13.58
N ALA D 290 -45.12 59.22 14.02
CA ALA D 290 -44.21 58.11 14.29
C ALA D 290 -44.70 57.26 15.45
N HIS D 291 -45.41 57.86 16.40
CA HIS D 291 -45.86 57.07 17.53
C HIS D 291 -47.33 56.77 17.58
N ILE D 292 -47.93 56.63 16.41
CA ILE D 292 -49.33 56.29 16.31
C ILE D 292 -49.56 55.01 17.10
N VAL D 293 -50.58 55.01 17.94
CA VAL D 293 -50.93 53.87 18.77
C VAL D 293 -52.43 53.92 19.00
N PRO D 294 -53.10 52.77 18.94
CA PRO D 294 -54.55 52.77 19.15
C PRO D 294 -54.96 53.12 20.57
N GLU D 295 -56.27 53.34 20.72
CA GLU D 295 -56.91 53.64 21.98
C GLU D 295 -56.66 52.40 22.84
N TRP D 296 -56.26 52.55 24.11
CA TRP D 296 -55.97 51.37 24.92
C TRP D 296 -56.99 50.23 24.88
N TYR D 297 -58.28 50.54 24.90
CA TYR D 297 -59.26 49.46 24.87
C TYR D 297 -59.30 48.71 23.53
N PHE D 298 -58.47 49.16 22.57
CA PHE D 298 -58.37 48.49 21.27
C PHE D 298 -57.07 47.72 21.14
N LEU D 299 -56.10 48.05 21.98
CA LEU D 299 -54.79 47.43 21.94
C LEU D 299 -54.72 45.90 21.84
N PRO D 300 -55.42 45.18 22.73
CA PRO D 300 -55.33 43.73 22.59
C PRO D 300 -55.69 43.15 21.23
N PHE D 301 -56.72 43.66 20.60
CA PHE D 301 -57.12 43.14 19.29
C PHE D 301 -56.15 43.61 18.22
N TYR D 302 -55.57 44.78 18.46
CA TYR D 302 -54.61 45.36 17.55
C TYR D 302 -53.35 44.49 17.58
N ALA D 303 -52.95 44.09 18.79
CA ALA D 303 -51.77 43.25 18.97
C ALA D 303 -51.93 41.96 18.20
N ILE D 304 -53.10 41.33 18.33
CA ILE D 304 -53.35 40.09 17.61
C ILE D 304 -53.18 40.36 16.12
N LEU D 305 -53.77 41.43 15.62
CA LEU D 305 -53.65 41.72 14.21
C LEU D 305 -52.21 41.90 13.72
N ARG D 306 -51.39 42.73 14.34
CA ARG D 306 -50.05 42.87 13.77
C ARG D 306 -49.04 41.77 14.09
N ALA D 307 -49.45 40.76 14.86
CA ALA D 307 -48.55 39.66 15.17
C ALA D 307 -48.35 38.86 13.88
N PHE D 308 -49.36 38.85 13.02
CA PHE D 308 -49.31 38.09 11.79
C PHE D 308 -48.72 38.71 10.54
N THR D 309 -47.40 38.66 10.45
CA THR D 309 -46.67 39.20 9.32
C THR D 309 -46.46 38.07 8.31
N ALA D 310 -45.89 38.44 7.16
CA ALA D 310 -45.63 37.49 6.08
C ALA D 310 -44.73 36.32 6.50
N ASP D 311 -43.88 36.56 7.50
CA ASP D 311 -42.95 35.54 7.96
C ASP D 311 -43.49 34.48 8.93
N VAL D 312 -44.72 34.64 9.42
CA VAL D 312 -45.29 33.66 10.35
C VAL D 312 -45.65 32.37 9.63
N TRP D 313 -45.19 31.25 10.19
CA TRP D 313 -45.39 29.95 9.58
C TRP D 313 -46.83 29.63 9.25
N VAL D 314 -47.73 29.81 10.20
CA VAL D 314 -49.13 29.51 9.94
C VAL D 314 -49.70 30.41 8.84
N VAL D 315 -49.13 31.60 8.71
CA VAL D 315 -49.56 32.52 7.67
C VAL D 315 -49.04 32.01 6.33
N GLN D 316 -47.80 31.54 6.35
CA GLN D 316 -47.21 31.00 5.13
C GLN D 316 -47.93 29.74 4.71
N ILE D 317 -48.31 28.91 5.68
CA ILE D 317 -49.05 27.71 5.31
C ILE D 317 -50.37 28.16 4.70
N ALA D 318 -51.05 29.08 5.36
CA ALA D 318 -52.34 29.58 4.88
C ALA D 318 -52.24 30.20 3.50
N ASN D 319 -51.18 30.97 3.27
CA ASN D 319 -50.99 31.62 1.99
C ASN D 319 -50.84 30.57 0.89
N PHE D 320 -50.13 29.50 1.20
CA PHE D 320 -49.88 28.42 0.26
C PHE D 320 -51.17 27.67 -0.05
N ILE D 321 -51.76 27.14 1.02
CA ILE D 321 -52.96 26.36 0.90
C ILE D 321 -54.16 27.06 0.26
N SER D 322 -54.22 28.38 0.36
CA SER D 322 -55.35 29.12 -0.22
C SER D 322 -54.99 29.73 -1.56
N PHE D 323 -53.89 29.27 -2.14
CA PHE D 323 -53.46 29.78 -3.44
C PHE D 323 -53.27 31.29 -3.37
N GLY D 324 -52.82 31.78 -2.22
CA GLY D 324 -52.57 33.21 -2.05
C GLY D 324 -53.70 34.14 -1.67
N ILE D 325 -54.95 33.67 -1.73
CA ILE D 325 -56.08 34.52 -1.37
C ILE D 325 -55.87 35.06 0.02
N ILE D 326 -55.44 34.19 0.93
CA ILE D 326 -55.24 34.58 2.31
C ILE D 326 -53.79 34.93 2.63
N ASP D 327 -53.41 36.19 2.42
CA ASP D 327 -52.06 36.61 2.75
C ASP D 327 -52.06 37.12 4.18
N ALA D 328 -50.93 37.67 4.63
CA ALA D 328 -50.83 38.17 6.01
C ALA D 328 -51.86 39.27 6.29
N LYS D 329 -52.04 40.19 5.34
CA LYS D 329 -53.01 41.26 5.52
C LYS D 329 -54.36 40.72 5.93
N PHE D 330 -54.94 39.87 5.09
CA PHE D 330 -56.25 39.30 5.37
C PHE D 330 -56.25 38.36 6.57
N PHE D 331 -55.13 37.67 6.76
CA PHE D 331 -55.00 36.74 7.88
C PHE D 331 -55.10 37.51 9.19
N GLY D 332 -54.41 38.65 9.26
CA GLY D 332 -54.43 39.47 10.46
C GLY D 332 -55.84 39.95 10.76
N VAL D 333 -56.57 40.34 9.71
CA VAL D 333 -57.94 40.79 9.86
C VAL D 333 -58.84 39.66 10.35
N LEU D 334 -58.63 38.46 9.80
CA LEU D 334 -59.43 37.32 10.20
C LEU D 334 -59.10 36.93 11.64
N ALA D 335 -57.82 36.97 11.97
CA ALA D 335 -57.40 36.62 13.32
C ALA D 335 -58.05 37.58 14.31
N MET D 336 -58.01 38.87 14.01
CA MET D 336 -58.60 39.86 14.91
C MET D 336 -60.10 39.70 15.08
N PHE D 337 -60.86 39.63 13.99
CA PHE D 337 -62.29 39.47 14.15
C PHE D 337 -62.56 38.07 14.72
N GLY D 338 -61.71 37.12 14.36
CA GLY D 338 -61.87 35.75 14.86
C GLY D 338 -61.68 35.65 16.36
N ALA D 339 -60.78 36.47 16.91
CA ALA D 339 -60.56 36.45 18.35
C ALA D 339 -61.84 36.87 19.04
N ILE D 340 -62.60 37.77 18.42
CA ILE D 340 -63.86 38.20 19.01
C ILE D 340 -64.91 37.12 18.78
N LEU D 341 -64.94 36.54 17.59
CA LEU D 341 -65.90 35.49 17.28
C LEU D 341 -65.78 34.24 18.15
N VAL D 342 -64.56 33.82 18.50
CA VAL D 342 -64.46 32.63 19.34
C VAL D 342 -64.98 32.89 20.74
N MET D 343 -64.88 34.14 21.19
CA MET D 343 -65.37 34.50 22.51
C MET D 343 -66.89 34.47 22.48
N ALA D 344 -67.47 34.81 21.33
CA ALA D 344 -68.92 34.79 21.19
C ALA D 344 -69.45 33.35 21.20
N LEU D 345 -68.62 32.44 20.71
CA LEU D 345 -68.99 31.03 20.64
C LEU D 345 -68.72 30.21 21.90
N VAL D 346 -68.10 30.82 22.89
CA VAL D 346 -67.77 30.09 24.11
C VAL D 346 -68.90 29.22 24.68
N PRO D 347 -70.18 29.63 24.51
CA PRO D 347 -71.20 28.75 25.08
C PRO D 347 -71.17 27.34 24.46
N TRP D 348 -70.74 27.27 23.21
CA TRP D 348 -70.71 25.99 22.51
C TRP D 348 -69.33 25.34 22.47
N LEU D 349 -68.34 26.01 23.05
CA LEU D 349 -66.99 25.47 23.08
C LEU D 349 -66.69 24.93 24.47
N ASP D 350 -67.35 25.47 25.48
CA ASP D 350 -67.15 25.01 26.84
C ASP D 350 -68.05 23.80 27.04
N THR D 351 -67.46 22.61 27.01
CA THR D 351 -68.22 21.39 27.15
C THR D 351 -68.50 20.91 28.57
N SER D 352 -67.88 21.54 29.56
CA SER D 352 -68.11 21.15 30.94
C SER D 352 -69.53 21.49 31.37
N PRO D 353 -70.19 20.58 32.11
CA PRO D 353 -71.55 20.83 32.56
C PRO D 353 -71.57 21.58 33.88
N VAL D 354 -70.39 21.83 34.44
CA VAL D 354 -70.26 22.57 35.69
C VAL D 354 -70.30 24.05 35.35
N ARG D 355 -71.30 24.76 35.86
CA ARG D 355 -71.46 26.18 35.58
C ARG D 355 -70.35 27.09 36.10
N SER D 356 -70.18 27.15 37.41
CA SER D 356 -69.15 28.02 37.98
C SER D 356 -67.72 27.48 38.00
N GLY D 357 -66.80 28.29 37.47
CA GLY D 357 -65.40 27.88 37.44
C GLY D 357 -64.78 27.89 38.82
N ARG D 358 -65.59 28.14 39.83
CA ARG D 358 -65.10 28.16 41.20
C ARG D 358 -64.84 26.72 41.61
N TYR D 359 -65.58 25.81 40.98
CA TYR D 359 -65.49 24.37 41.24
C TYR D 359 -64.84 23.60 40.10
N ARG D 360 -63.93 24.25 39.39
CA ARG D 360 -63.21 23.65 38.28
C ARG D 360 -61.72 23.97 38.47
N PRO D 361 -60.98 23.06 39.12
CA PRO D 361 -59.54 23.19 39.42
C PRO D 361 -58.60 23.43 38.25
N MET D 362 -58.83 22.75 37.12
CA MET D 362 -57.94 22.94 35.96
C MET D 362 -58.35 24.21 35.23
N PHE D 363 -59.66 24.41 35.13
CA PHE D 363 -60.21 25.60 34.49
C PHE D 363 -59.60 26.86 35.10
N LYS D 364 -59.62 26.96 36.44
CA LYS D 364 -59.06 28.13 37.12
C LYS D 364 -57.68 28.53 36.63
N ILE D 365 -56.88 27.55 36.22
CA ILE D 365 -55.54 27.85 35.74
C ILE D 365 -55.55 28.50 34.37
N TYR D 366 -56.25 27.88 33.41
CA TYR D 366 -56.31 28.41 32.07
C TYR D 366 -57.02 29.74 32.04
N PHE D 367 -58.05 29.88 32.88
CA PHE D 367 -58.79 31.12 32.95
C PHE D 367 -57.86 32.27 33.33
N TRP D 368 -57.12 32.12 34.43
CA TRP D 368 -56.22 33.18 34.84
C TRP D 368 -55.10 33.42 33.85
N LEU D 369 -54.80 32.43 33.03
CA LEU D 369 -53.77 32.60 32.01
C LEU D 369 -54.39 33.49 30.93
N LEU D 370 -55.68 33.26 30.68
CA LEU D 370 -56.42 34.04 29.70
C LEU D 370 -56.47 35.48 30.14
N ALA D 371 -56.77 35.69 31.42
CA ALA D 371 -56.83 37.03 31.97
C ALA D 371 -55.49 37.73 31.82
N ALA D 372 -54.42 37.05 32.20
CA ALA D 372 -53.08 37.61 32.10
C ALA D 372 -52.73 37.85 30.63
N ASP D 373 -53.20 36.96 29.77
CA ASP D 373 -52.95 37.05 28.35
C ASP D 373 -53.56 38.35 27.79
N PHE D 374 -54.78 38.65 28.22
CA PHE D 374 -55.47 39.86 27.79
C PHE D 374 -54.64 41.06 28.17
N VAL D 375 -54.13 41.08 29.40
CA VAL D 375 -53.30 42.19 29.85
C VAL D 375 -51.99 42.25 29.06
N ILE D 376 -51.41 41.10 28.78
CA ILE D 376 -50.17 41.07 28.02
C ILE D 376 -50.41 41.61 26.61
N LEU D 377 -51.48 41.14 25.97
CA LEU D 377 -51.82 41.61 24.63
C LEU D 377 -51.97 43.12 24.61
N THR D 378 -52.68 43.63 25.61
CA THR D 378 -52.89 45.08 25.73
C THR D 378 -51.54 45.77 25.85
N TRP D 379 -50.69 45.24 26.72
CA TRP D 379 -49.37 45.80 26.92
C TRP D 379 -48.49 45.68 25.68
N VAL D 380 -48.51 44.55 24.96
CA VAL D 380 -47.66 44.48 23.76
C VAL D 380 -48.13 45.38 22.64
N GLY D 381 -49.43 45.60 22.57
CA GLY D 381 -49.97 46.46 21.53
C GLY D 381 -49.32 47.81 21.48
N ALA D 382 -48.87 48.27 22.64
CA ALA D 382 -48.22 49.58 22.74
C ALA D 382 -46.71 49.51 22.53
N GLN D 383 -46.18 48.31 22.31
CA GLN D 383 -44.74 48.13 22.08
C GLN D 383 -44.46 48.11 20.58
N GLN D 384 -43.19 48.12 20.22
CA GLN D 384 -42.80 48.08 18.82
C GLN D 384 -42.92 46.65 18.31
N THR D 385 -42.72 46.49 17.01
CA THR D 385 -42.82 45.17 16.39
C THR D 385 -41.51 44.38 16.42
N THR D 386 -40.46 44.99 16.95
CA THR D 386 -39.17 44.34 17.02
C THR D 386 -39.15 43.21 18.04
N PHE D 387 -38.06 42.44 18.00
CA PHE D 387 -37.84 41.32 18.91
C PHE D 387 -37.70 41.91 20.30
N PRO D 388 -38.26 41.24 21.33
CA PRO D 388 -39.03 40.01 21.42
C PRO D 388 -40.55 40.21 21.39
N TYR D 389 -40.99 41.45 21.24
CA TYR D 389 -42.42 41.75 21.23
C TYR D 389 -43.17 40.97 20.17
N ASP D 390 -42.54 40.83 19.00
CA ASP D 390 -43.14 40.08 17.91
C ASP D 390 -43.47 38.65 18.34
N TRP D 391 -42.58 38.06 19.15
CA TRP D 391 -42.77 36.71 19.65
C TRP D 391 -43.82 36.66 20.73
N ILE D 392 -43.75 37.61 21.65
CA ILE D 392 -44.70 37.69 22.73
C ILE D 392 -46.11 37.83 22.18
N SER D 393 -46.28 38.68 21.18
CA SER D 393 -47.62 38.85 20.61
C SER D 393 -48.12 37.55 19.99
N LEU D 394 -47.23 36.81 19.33
CA LEU D 394 -47.63 35.54 18.72
C LEU D 394 -48.04 34.51 19.75
N ILE D 395 -47.27 34.42 20.83
CA ILE D 395 -47.58 33.46 21.88
C ILE D 395 -48.89 33.85 22.53
N ALA D 396 -49.05 35.14 22.85
CA ALA D 396 -50.28 35.61 23.48
C ALA D 396 -51.48 35.35 22.58
N SER D 397 -51.33 35.63 21.29
CA SER D 397 -52.43 35.39 20.35
C SER D 397 -52.75 33.90 20.30
N ALA D 398 -51.69 33.10 20.28
CA ALA D 398 -51.83 31.65 20.22
C ALA D 398 -52.61 31.16 21.42
N TYR D 399 -52.21 31.61 22.61
CA TYR D 399 -52.90 31.17 23.81
C TYR D 399 -54.39 31.55 23.79
N TRP D 400 -54.70 32.72 23.24
CA TRP D 400 -56.08 33.19 23.17
C TRP D 400 -56.97 32.24 22.38
N PHE D 401 -56.53 31.86 21.19
CA PHE D 401 -57.31 30.93 20.38
C PHE D 401 -57.28 29.53 20.97
N ALA D 402 -56.18 29.19 21.63
CA ALA D 402 -56.03 27.88 22.23
C ALA D 402 -57.06 27.71 23.34
N TYR D 403 -57.18 28.74 24.17
CA TYR D 403 -58.13 28.70 25.28
C TYR D 403 -59.54 28.33 24.83
N PHE D 404 -60.06 29.03 23.82
CA PHE D 404 -61.41 28.77 23.33
C PHE D 404 -61.58 27.56 22.43
N LEU D 405 -60.68 27.39 21.47
CA LEU D 405 -60.80 26.30 20.51
C LEU D 405 -60.27 24.93 20.94
N VAL D 406 -59.33 24.91 21.87
CA VAL D 406 -58.73 23.65 22.30
C VAL D 406 -58.95 23.34 23.79
N ILE D 407 -58.37 24.16 24.64
CA ILE D 407 -58.45 23.95 26.09
C ILE D 407 -59.85 23.79 26.70
N LEU D 408 -60.78 24.66 26.36
CA LEU D 408 -62.12 24.55 26.93
C LEU D 408 -62.88 23.32 26.46
N PRO D 409 -62.76 22.96 25.18
CA PRO D 409 -63.50 21.77 24.78
C PRO D 409 -62.90 20.52 25.41
N ILE D 410 -61.59 20.54 25.64
CA ILE D 410 -60.90 19.41 26.24
C ILE D 410 -61.19 19.26 27.74
N LEU D 411 -61.03 20.34 28.49
CA LEU D 411 -61.29 20.31 29.93
C LEU D 411 -62.66 19.76 30.24
N GLY D 412 -63.59 19.96 29.32
CA GLY D 412 -64.94 19.48 29.52
C GLY D 412 -64.98 17.99 29.82
N ALA D 413 -64.22 17.23 29.05
CA ALA D 413 -64.18 15.77 29.20
C ALA D 413 -63.12 15.26 30.15
N ILE D 414 -62.09 16.07 30.38
CA ILE D 414 -60.97 15.67 31.20
C ILE D 414 -60.90 16.10 32.66
N GLU D 415 -61.64 17.13 33.02
CA GLU D 415 -61.58 17.66 34.38
C GLU D 415 -62.38 16.97 35.48
N LYS D 416 -61.84 16.97 36.70
CA LYS D 416 -62.56 16.40 37.82
C LYS D 416 -63.03 17.56 38.68
N PRO D 417 -64.28 17.98 38.46
CA PRO D 417 -64.86 19.09 39.22
C PRO D 417 -65.21 18.82 40.66
N VAL D 418 -64.84 19.79 41.49
CA VAL D 418 -65.13 19.77 42.90
C VAL D 418 -66.64 19.93 42.99
N ALA D 419 -67.23 19.51 44.09
CA ALA D 419 -68.68 19.59 44.26
C ALA D 419 -69.12 20.96 44.76
N PRO D 420 -70.22 21.49 44.20
CA PRO D 420 -70.71 22.80 44.64
C PRO D 420 -71.76 22.63 45.72
N PRO D 421 -72.06 23.72 46.45
CA PRO D 421 -73.07 23.67 47.52
C PRO D 421 -74.36 23.15 46.89
N ALA D 422 -75.30 22.70 47.71
CA ALA D 422 -76.55 22.22 47.15
C ALA D 422 -77.53 23.37 47.00
N THR D 423 -77.26 24.46 47.70
CA THR D 423 -78.11 25.65 47.62
C THR D 423 -77.35 26.95 47.83
N ILE D 424 -77.95 28.02 47.33
CA ILE D 424 -77.42 29.36 47.47
C ILE D 424 -77.42 29.67 48.96
N GLU D 425 -78.54 29.31 49.60
CA GLU D 425 -78.73 29.50 51.05
C GLU D 425 -77.52 28.94 51.79
N GLU D 426 -77.23 27.69 51.48
CA GLU D 426 -76.10 26.96 52.05
C GLU D 426 -74.86 27.83 51.94
N ASP D 427 -74.50 28.19 50.71
CA ASP D 427 -73.33 29.00 50.45
C ASP D 427 -73.36 30.36 51.15
N PHE D 428 -74.53 30.99 51.19
CA PHE D 428 -74.65 32.30 51.81
C PHE D 428 -74.32 32.28 53.30
N ASN D 429 -74.88 31.32 54.03
CA ASN D 429 -74.62 31.24 55.45
C ASN D 429 -73.14 31.01 55.71
N ALA D 430 -72.49 30.18 54.90
CA ALA D 430 -71.06 29.91 55.06
C ALA D 430 -70.23 31.19 55.08
N ALA E 1 -38.90 57.24 15.10
CA ALA E 1 -38.40 58.06 16.24
C ALA E 1 -38.55 57.32 17.56
N GLY E 2 -38.69 58.07 18.65
CA GLY E 2 -38.84 57.46 19.96
C GLY E 2 -39.18 58.41 21.09
N GLY E 3 -38.74 58.06 22.31
CA GLY E 3 -39.00 58.88 23.48
C GLY E 3 -37.72 59.16 24.23
N GLY E 4 -37.64 60.29 24.94
CA GLY E 4 -36.41 60.61 25.64
C GLY E 4 -36.47 61.19 27.06
N HIS E 5 -35.35 61.79 27.46
CA HIS E 5 -35.19 62.38 28.79
C HIS E 5 -35.55 63.88 28.80
N VAL E 6 -36.34 64.28 29.79
CA VAL E 6 -36.74 65.67 29.96
C VAL E 6 -36.43 66.12 31.37
N GLU E 7 -35.89 67.33 31.51
CA GLU E 7 -35.58 67.83 32.84
C GLU E 7 -36.90 68.04 33.57
N ASP E 8 -37.01 67.43 34.74
CA ASP E 8 -38.21 67.49 35.57
C ASP E 8 -38.36 68.80 36.33
N VAL E 9 -38.96 69.80 35.69
CA VAL E 9 -39.15 71.10 36.33
C VAL E 9 -40.38 71.08 37.24
N PRO E 10 -40.27 71.66 38.44
CA PRO E 10 -41.42 71.67 39.34
C PRO E 10 -42.24 72.92 39.03
N PHE E 11 -43.34 72.74 38.32
CA PHE E 11 -44.19 73.86 37.95
C PHE E 11 -45.27 74.03 39.01
N SER E 12 -45.56 75.29 39.36
CA SER E 12 -46.57 75.59 40.39
C SER E 12 -47.91 74.90 40.14
N PHE E 13 -48.29 74.79 38.88
CA PHE E 13 -49.58 74.19 38.51
C PHE E 13 -49.72 72.67 38.60
N GLU E 14 -48.64 71.97 38.90
CA GLU E 14 -48.71 70.52 39.00
C GLU E 14 -49.20 70.11 40.38
N GLY E 15 -49.82 68.93 40.46
CA GLY E 15 -50.35 68.46 41.72
C GLY E 15 -51.82 68.83 41.77
N PRO E 16 -52.64 68.04 42.49
CA PRO E 16 -54.07 68.36 42.56
C PRO E 16 -54.38 69.76 43.10
N PHE E 17 -53.44 70.33 43.83
CA PHE E 17 -53.64 71.66 44.39
C PHE E 17 -52.83 72.71 43.64
N GLY E 18 -52.19 72.28 42.55
CA GLY E 18 -51.39 73.20 41.75
C GLY E 18 -52.24 74.27 41.11
N THR E 19 -51.66 75.43 40.90
CA THR E 19 -52.35 76.53 40.28
C THR E 19 -51.33 77.36 39.52
N PHE E 20 -51.78 78.07 38.50
CA PHE E 20 -50.89 78.89 37.74
C PHE E 20 -50.42 80.06 38.59
N ASP E 21 -49.24 80.57 38.28
CA ASP E 21 -48.67 81.72 38.95
C ASP E 21 -48.89 82.84 37.95
N GLN E 22 -49.81 83.74 38.29
CA GLN E 22 -50.18 84.84 37.44
C GLN E 22 -49.03 85.67 36.87
N HIS E 23 -48.00 85.93 37.67
CA HIS E 23 -46.88 86.74 37.19
C HIS E 23 -46.00 85.96 36.22
N GLN E 24 -45.81 84.67 36.48
CA GLN E 24 -45.00 83.83 35.61
C GLN E 24 -45.67 83.82 34.25
N LEU E 25 -46.98 83.57 34.24
CA LEU E 25 -47.75 83.54 33.00
C LEU E 25 -47.55 84.85 32.25
N GLN E 26 -47.58 85.95 32.98
CA GLN E 26 -47.39 87.27 32.38
C GLN E 26 -46.00 87.35 31.77
N ARG E 27 -44.98 86.92 32.52
CA ARG E 27 -43.61 86.94 32.01
C ARG E 27 -43.55 86.06 30.76
N GLY E 28 -44.14 84.86 30.87
CA GLY E 28 -44.16 83.93 29.76
C GLY E 28 -44.80 84.55 28.53
N LEU E 29 -45.89 85.29 28.72
CA LEU E 29 -46.56 85.93 27.60
C LEU E 29 -45.61 86.92 26.93
N GLN E 30 -44.73 87.55 27.71
CA GLN E 30 -43.80 88.51 27.13
C GLN E 30 -42.79 87.78 26.26
N VAL E 31 -42.29 86.65 26.78
CA VAL E 31 -41.33 85.83 26.04
C VAL E 31 -41.98 85.38 24.74
N TYR E 32 -43.18 84.81 24.83
CA TYR E 32 -43.87 84.35 23.64
C TYR E 32 -44.01 85.48 22.63
N THR E 33 -44.42 86.64 23.13
CA THR E 33 -44.63 87.82 22.28
C THR E 33 -43.36 88.37 21.67
N GLU E 34 -42.33 88.51 22.49
CA GLU E 34 -41.08 89.07 22.01
C GLU E 34 -40.19 88.09 21.23
N VAL E 35 -40.27 86.81 21.54
CA VAL E 35 -39.44 85.81 20.87
C VAL E 35 -40.14 84.81 19.94
N CYS E 36 -40.87 83.88 20.55
CA CYS E 36 -41.58 82.82 19.83
C CYS E 36 -42.52 83.29 18.73
N ALA E 37 -43.36 84.26 19.06
CA ALA E 37 -44.34 84.80 18.12
C ALA E 37 -43.82 85.16 16.74
N ALA E 38 -42.50 85.36 16.62
CA ALA E 38 -41.92 85.72 15.32
C ALA E 38 -42.08 84.57 14.31
N CYS E 39 -42.22 83.35 14.81
CA CYS E 39 -42.36 82.17 13.93
C CYS E 39 -43.61 81.35 14.25
N HIS E 40 -43.90 81.17 15.54
CA HIS E 40 -45.04 80.36 15.99
C HIS E 40 -46.31 81.15 16.31
N GLY E 41 -47.45 80.59 15.92
CA GLY E 41 -48.72 81.23 16.20
C GLY E 41 -49.44 80.46 17.27
N MET E 42 -50.65 80.90 17.61
CA MET E 42 -51.48 80.21 18.60
C MET E 42 -52.91 80.39 18.14
N LYS E 43 -53.12 79.93 16.91
CA LYS E 43 -54.39 79.99 16.20
C LYS E 43 -55.68 79.68 16.95
N PHE E 44 -55.64 78.89 18.02
CA PHE E 44 -56.86 78.53 18.77
C PHE E 44 -57.04 79.33 20.03
N VAL E 45 -56.14 80.28 20.26
CA VAL E 45 -56.24 81.06 21.48
C VAL E 45 -56.81 82.45 21.26
N PRO E 46 -57.97 82.72 21.86
CA PRO E 46 -58.57 84.04 21.69
C PRO E 46 -57.79 85.00 22.58
N ILE E 47 -57.35 86.11 22.00
CA ILE E 47 -56.57 87.09 22.73
C ILE E 47 -57.25 87.52 24.03
N ARG E 48 -58.57 87.72 23.94
CA ARG E 48 -59.35 88.13 25.09
C ARG E 48 -59.19 87.21 26.29
N SER E 49 -58.73 85.98 26.08
CA SER E 49 -58.57 85.09 27.23
C SER E 49 -57.44 85.55 28.12
N LEU E 50 -56.64 86.51 27.65
CA LEU E 50 -55.55 87.04 28.46
C LEU E 50 -56.17 87.73 29.69
N SER E 51 -57.45 88.07 29.58
CA SER E 51 -58.19 88.73 30.66
C SER E 51 -58.90 87.77 31.62
N GLU E 52 -59.38 86.64 31.11
CA GLU E 52 -60.11 85.69 31.94
C GLU E 52 -59.38 85.22 33.19
N PRO E 53 -60.14 84.85 34.24
CA PRO E 53 -59.57 84.38 35.50
C PRO E 53 -58.90 83.01 35.35
N GLY E 54 -57.83 82.81 36.10
CA GLY E 54 -57.11 81.54 36.04
C GLY E 54 -55.96 81.59 35.06
N GLY E 55 -55.68 82.77 34.52
CA GLY E 55 -54.58 82.90 33.58
C GLY E 55 -53.73 84.11 33.88
N PRO E 56 -53.17 84.77 32.85
CA PRO E 56 -52.33 85.95 33.11
C PRO E 56 -53.17 87.01 33.81
N GLU E 57 -54.46 87.03 33.49
CA GLU E 57 -55.43 87.98 34.03
C GLU E 57 -55.01 89.44 33.87
N LEU E 58 -54.74 89.84 32.64
CA LEU E 58 -54.35 91.22 32.38
C LEU E 58 -55.61 92.06 32.27
N PRO E 59 -55.53 93.34 32.67
CA PRO E 59 -56.66 94.27 32.60
C PRO E 59 -57.11 94.44 31.14
N GLU E 60 -58.41 94.40 30.93
CA GLU E 60 -58.99 94.50 29.61
C GLU E 60 -58.42 95.58 28.67
N ASP E 61 -58.02 96.70 29.24
CA ASP E 61 -57.45 97.79 28.46
C ASP E 61 -56.08 97.40 27.91
N GLN E 62 -55.26 96.76 28.74
CA GLN E 62 -53.94 96.31 28.33
C GLN E 62 -54.10 95.32 27.18
N VAL E 63 -54.98 94.34 27.41
CA VAL E 63 -55.29 93.34 26.42
C VAL E 63 -55.73 94.00 25.12
N ARG E 64 -56.60 95.00 25.26
CA ARG E 64 -57.11 95.72 24.10
C ARG E 64 -55.96 96.40 23.37
N ALA E 65 -55.00 96.95 24.14
CA ALA E 65 -53.84 97.61 23.56
C ALA E 65 -52.98 96.57 22.85
N TYR E 66 -52.74 95.48 23.57
CA TYR E 66 -51.93 94.35 23.10
C TYR E 66 -52.43 93.84 21.75
N ALA E 67 -53.72 93.59 21.66
CA ALA E 67 -54.32 93.08 20.43
C ALA E 67 -54.05 93.99 19.24
N THR E 68 -53.69 95.23 19.53
CA THR E 68 -53.43 96.19 18.47
C THR E 68 -52.21 95.90 17.61
N GLN E 69 -51.19 95.29 18.21
CA GLN E 69 -49.99 94.97 17.47
C GLN E 69 -50.28 94.01 16.31
N PHE E 70 -51.27 93.15 16.49
CA PHE E 70 -51.60 92.20 15.45
C PHE E 70 -52.39 92.87 14.33
N THR E 71 -51.97 92.60 13.09
CA THR E 71 -52.62 93.18 11.92
C THR E 71 -53.47 92.09 11.26
N VAL E 72 -54.71 92.00 11.72
CA VAL E 72 -55.69 91.01 11.27
C VAL E 72 -56.45 91.40 10.00
N THR E 73 -57.10 90.40 9.40
CA THR E 73 -57.92 90.58 8.20
C THR E 73 -59.37 90.45 8.66
N ASP E 74 -60.18 91.47 8.41
CA ASP E 74 -61.58 91.44 8.82
C ASP E 74 -62.38 90.40 8.03
N GLU E 75 -63.26 89.68 8.73
CA GLU E 75 -64.08 88.64 8.12
C GLU E 75 -65.13 89.14 7.14
N GLU E 76 -65.38 90.44 7.16
CA GLU E 76 -66.34 91.08 6.26
C GLU E 76 -65.48 92.00 5.40
N THR E 77 -65.10 93.14 5.99
CA THR E 77 -64.25 94.12 5.33
C THR E 77 -63.30 93.46 4.34
N GLY E 78 -62.61 92.41 4.80
CA GLY E 78 -61.67 91.72 3.95
C GLY E 78 -60.38 92.50 3.94
N GLU E 79 -60.53 93.82 4.01
CA GLU E 79 -59.38 94.70 4.06
C GLU E 79 -58.76 94.44 5.42
N ASP E 80 -57.50 94.80 5.57
CA ASP E 80 -56.81 94.57 6.83
C ASP E 80 -57.24 95.58 7.90
N ARG E 81 -56.81 95.35 9.13
CA ARG E 81 -57.14 96.23 10.25
C ARG E 81 -56.40 95.74 11.49
N GLU E 82 -56.33 96.59 12.50
CA GLU E 82 -55.65 96.24 13.75
C GLU E 82 -56.41 95.12 14.48
N GLY E 83 -55.76 94.49 15.46
CA GLY E 83 -56.38 93.39 16.19
C GLY E 83 -57.29 93.78 17.34
N LYS E 84 -58.33 92.98 17.57
CA LYS E 84 -59.30 93.19 18.65
C LYS E 84 -59.21 92.01 19.60
N PRO E 85 -59.50 92.22 20.90
CA PRO E 85 -59.41 91.12 21.86
C PRO E 85 -60.25 89.92 21.43
N THR E 86 -61.21 90.14 20.53
CA THR E 86 -62.06 89.04 20.06
C THR E 86 -61.37 88.21 18.99
N ASP E 87 -60.18 88.63 18.57
CA ASP E 87 -59.43 87.89 17.56
C ASP E 87 -58.57 86.85 18.25
N HIS E 88 -58.15 85.85 17.48
CA HIS E 88 -57.29 84.78 18.00
C HIS E 88 -55.87 85.23 17.68
N PHE E 89 -54.89 84.69 18.39
CA PHE E 89 -53.50 85.05 18.08
C PHE E 89 -53.35 84.58 16.63
N PRO E 90 -52.38 85.12 15.88
CA PRO E 90 -52.32 84.62 14.51
C PRO E 90 -51.68 83.24 14.28
N HIS E 91 -51.77 82.79 13.04
CA HIS E 91 -51.21 81.52 12.62
C HIS E 91 -49.70 81.71 12.63
N SER E 92 -48.96 80.61 12.58
CA SER E 92 -47.51 80.68 12.57
C SER E 92 -47.03 81.43 11.32
N ALA E 93 -46.18 82.43 11.52
CA ALA E 93 -45.65 83.21 10.41
C ALA E 93 -44.67 82.37 9.59
N LEU E 94 -44.01 81.44 10.27
CA LEU E 94 -43.03 80.54 9.63
C LEU E 94 -43.72 79.22 9.30
N GLU E 95 -43.92 78.97 8.01
CA GLU E 95 -44.62 77.78 7.53
C GLU E 95 -44.37 76.45 8.26
N ASN E 96 -43.13 76.18 8.66
CA ASN E 96 -42.83 74.93 9.34
C ASN E 96 -42.77 75.02 10.86
N ALA E 97 -43.06 76.19 11.41
CA ALA E 97 -43.06 76.35 12.87
C ALA E 97 -44.43 75.85 13.29
N PRO E 98 -44.48 74.82 14.16
CA PRO E 98 -45.83 74.38 14.52
C PRO E 98 -46.60 75.35 15.41
N ASP E 99 -47.92 75.24 15.37
CA ASP E 99 -48.76 76.08 16.18
C ASP E 99 -48.52 75.71 17.63
N LEU E 100 -48.41 76.72 18.50
CA LEU E 100 -48.15 76.43 19.90
C LEU E 100 -49.36 76.41 20.84
N SER E 101 -50.57 76.59 20.31
CA SER E 101 -51.79 76.60 21.12
C SER E 101 -51.97 75.39 22.02
N LEU E 102 -51.66 74.24 21.47
CA LEU E 102 -51.87 72.98 22.17
C LEU E 102 -50.62 72.17 22.49
N MET E 103 -49.46 72.71 22.16
CA MET E 103 -48.19 72.03 22.38
C MET E 103 -47.97 71.40 23.76
N ALA E 104 -48.25 72.14 24.83
CA ALA E 104 -48.04 71.58 26.17
C ALA E 104 -48.84 70.31 26.37
N LYS E 105 -49.76 70.01 25.47
CA LYS E 105 -50.56 68.80 25.63
C LYS E 105 -50.27 67.78 24.53
N ALA E 106 -49.71 68.25 23.42
CA ALA E 106 -49.42 67.39 22.29
C ALA E 106 -48.02 66.78 22.33
N ARG E 107 -47.46 66.68 23.53
CA ARG E 107 -46.16 66.10 23.74
C ARG E 107 -46.13 65.56 25.16
N ALA E 108 -45.43 64.46 25.31
CA ALA E 108 -45.28 63.78 26.59
C ALA E 108 -43.79 63.86 26.89
N GLY E 109 -43.44 64.01 28.16
CA GLY E 109 -42.05 64.10 28.53
C GLY E 109 -41.63 62.92 29.39
N PHE E 110 -42.63 62.26 29.97
CA PHE E 110 -42.41 61.11 30.82
C PHE E 110 -42.96 59.89 30.10
N HIS E 111 -42.11 58.89 29.91
CA HIS E 111 -42.49 57.67 29.19
C HIS E 111 -42.20 56.40 30.00
N GLY E 112 -42.93 55.33 29.73
CA GLY E 112 -42.72 54.07 30.44
C GLY E 112 -43.05 54.07 31.92
N PRO E 113 -42.29 53.33 32.75
CA PRO E 113 -41.15 52.49 32.37
C PRO E 113 -41.58 51.14 31.76
N MET E 114 -40.88 50.72 30.71
CA MET E 114 -41.17 49.46 30.04
C MET E 114 -42.48 49.56 29.26
N GLY E 115 -42.89 50.80 28.98
CA GLY E 115 -44.13 51.03 28.26
C GLY E 115 -45.33 50.69 29.13
N THR E 116 -45.18 50.86 30.45
CA THR E 116 -46.23 50.55 31.40
C THR E 116 -47.05 51.78 31.80
N GLY E 117 -46.56 52.96 31.43
CA GLY E 117 -47.27 54.18 31.76
C GLY E 117 -47.24 54.57 33.23
N ILE E 118 -46.47 53.83 34.03
CA ILE E 118 -46.38 54.12 35.46
C ILE E 118 -45.66 55.44 35.72
N SER E 119 -44.76 55.82 34.81
CA SER E 119 -44.00 57.07 34.93
C SER E 119 -44.93 58.28 34.90
N GLN E 120 -45.84 58.32 33.93
CA GLN E 120 -46.78 59.43 33.80
C GLN E 120 -47.75 59.45 34.98
N LEU E 121 -48.21 58.26 35.36
CA LEU E 121 -49.15 58.11 36.46
C LEU E 121 -48.71 58.92 37.68
N PHE E 122 -47.40 59.05 37.86
CA PHE E 122 -46.84 59.80 39.00
C PHE E 122 -46.18 61.12 38.63
N ASN E 123 -45.87 61.34 37.34
CA ASN E 123 -45.20 62.56 36.90
C ASN E 123 -45.98 63.47 35.96
N GLY E 124 -47.12 63.01 35.46
CA GLY E 124 -47.90 63.81 34.54
C GLY E 124 -47.51 63.42 33.12
N ILE E 125 -48.14 64.02 32.11
CA ILE E 125 -47.79 63.66 30.73
C ILE E 125 -46.43 64.29 30.39
N GLY E 126 -46.13 65.44 31.00
CA GLY E 126 -44.85 66.09 30.79
C GLY E 126 -44.63 67.06 29.63
N GLY E 127 -45.71 67.60 29.09
CA GLY E 127 -45.61 68.53 27.98
C GLY E 127 -44.84 69.81 28.28
N PRO E 128 -45.13 70.47 29.40
CA PRO E 128 -44.36 71.68 29.67
C PRO E 128 -42.88 71.37 29.94
N GLU E 129 -42.61 70.26 30.64
CA GLU E 129 -41.24 69.87 30.92
C GLU E 129 -40.56 69.61 29.57
N TYR E 130 -41.26 68.91 28.67
CA TYR E 130 -40.71 68.66 27.36
C TYR E 130 -40.35 69.97 26.66
N ILE E 131 -41.27 70.92 26.66
CA ILE E 131 -41.01 72.20 26.00
C ILE E 131 -39.80 72.90 26.62
N TYR E 132 -39.73 72.88 27.94
CA TYR E 132 -38.64 73.48 28.68
C TYR E 132 -37.34 72.85 28.20
N SER E 133 -37.31 71.53 28.26
CA SER E 133 -36.15 70.75 27.84
C SER E 133 -35.68 71.08 26.44
N VAL E 134 -36.61 71.29 25.51
CA VAL E 134 -36.19 71.61 24.17
C VAL E 134 -35.56 72.99 24.11
N LEU E 135 -36.16 73.96 24.78
CA LEU E 135 -35.64 75.32 24.79
C LEU E 135 -34.27 75.35 25.47
N THR E 136 -34.16 74.51 26.48
CA THR E 136 -32.98 74.38 27.31
C THR E 136 -31.91 73.46 26.72
N GLY E 137 -32.32 72.60 25.79
CA GLY E 137 -31.41 71.63 25.20
C GLY E 137 -30.57 71.88 23.95
N PHE E 138 -30.15 73.11 23.72
CA PHE E 138 -29.30 73.38 22.57
C PHE E 138 -27.89 73.55 23.13
N PRO E 139 -27.01 72.56 22.95
CA PRO E 139 -25.65 72.69 23.48
C PRO E 139 -24.75 73.40 22.47
N GLU E 140 -23.69 74.05 22.95
CA GLU E 140 -22.79 74.77 22.05
C GLU E 140 -22.06 73.84 21.09
N GLU E 141 -21.54 72.73 21.61
CA GLU E 141 -20.83 71.77 20.78
C GLU E 141 -21.64 70.51 20.51
N PRO E 142 -21.71 70.11 19.23
CA PRO E 142 -22.43 68.93 18.75
C PRO E 142 -21.76 67.69 19.32
N PRO E 143 -22.51 66.58 19.43
CA PRO E 143 -21.83 65.40 19.98
C PRO E 143 -20.77 64.94 18.99
N LYS E 144 -19.73 64.30 19.51
CA LYS E 144 -18.63 63.83 18.69
C LYS E 144 -18.98 63.14 17.37
N CYS E 145 -19.70 62.03 17.41
CA CYS E 145 -20.03 61.30 16.18
C CYS E 145 -20.40 62.18 14.99
N ALA E 146 -21.03 63.32 15.24
CA ALA E 146 -21.45 64.21 14.15
C ALA E 146 -20.47 65.28 13.71
N GLU E 147 -19.58 65.68 14.62
CA GLU E 147 -18.56 66.71 14.38
C GLU E 147 -18.46 67.27 12.95
N GLY E 148 -18.26 66.40 11.97
CA GLY E 148 -18.12 66.89 10.61
C GLY E 148 -19.32 66.71 9.69
N HIS E 149 -20.38 66.06 10.18
CA HIS E 149 -21.55 65.80 9.35
C HIS E 149 -22.88 66.42 9.83
N GLU E 150 -22.87 67.65 10.33
CA GLU E 150 -24.12 68.28 10.78
C GLU E 150 -24.97 68.75 9.59
N PRO E 151 -26.22 68.26 9.49
CA PRO E 151 -27.07 68.68 8.37
C PRO E 151 -27.16 70.19 8.34
N ASP E 152 -27.14 70.79 7.15
CA ASP E 152 -27.21 72.23 7.10
C ASP E 152 -28.62 72.77 7.33
N GLY E 153 -28.69 73.79 8.19
CA GLY E 153 -29.96 74.39 8.50
C GLY E 153 -30.62 73.76 9.72
N PHE E 154 -29.99 72.76 10.32
CA PHE E 154 -30.54 72.13 11.50
C PHE E 154 -29.64 72.40 12.68
N TYR E 155 -30.11 72.07 13.87
CA TYR E 155 -29.34 72.32 15.08
C TYR E 155 -29.51 71.14 16.00
N TYR E 156 -28.44 70.74 16.68
CA TYR E 156 -28.55 69.63 17.59
C TYR E 156 -29.29 70.02 18.86
N ASN E 157 -30.18 69.15 19.30
CA ASN E 157 -30.97 69.37 20.49
C ASN E 157 -31.08 68.08 21.29
N ARG E 158 -30.73 68.16 22.57
CA ARG E 158 -30.77 67.03 23.51
C ARG E 158 -32.11 66.37 23.71
N ALA E 159 -33.17 67.17 23.73
CA ALA E 159 -34.50 66.65 23.99
C ALA E 159 -35.31 66.21 22.78
N PHE E 160 -35.09 66.88 21.65
CA PHE E 160 -35.81 66.57 20.44
C PHE E 160 -35.53 65.15 19.95
N GLN E 161 -36.58 64.33 19.86
CA GLN E 161 -36.43 62.94 19.43
C GLN E 161 -36.89 62.61 18.02
N ASN E 162 -37.57 63.54 17.35
CA ASN E 162 -38.04 63.22 16.01
C ASN E 162 -37.24 63.81 14.86
N GLY E 163 -36.03 64.28 15.16
CA GLY E 163 -35.22 64.86 14.11
C GLY E 163 -34.34 63.85 13.40
N SER E 164 -33.63 64.31 12.37
CA SER E 164 -32.74 63.44 11.62
C SER E 164 -31.42 63.41 12.36
N VAL E 165 -30.64 62.36 12.12
CA VAL E 165 -29.35 62.21 12.75
C VAL E 165 -28.37 61.71 11.69
N PRO E 166 -27.14 62.26 11.70
CA PRO E 166 -26.14 61.85 10.72
C PRO E 166 -25.89 60.34 10.79
N ASP E 167 -25.59 59.75 9.63
CA ASP E 167 -25.31 58.32 9.53
C ASP E 167 -24.23 57.93 10.51
N THR E 168 -23.26 58.82 10.64
CA THR E 168 -22.12 58.66 11.50
C THR E 168 -22.51 58.60 12.97
N CYS E 169 -23.79 58.80 13.25
CA CYS E 169 -24.29 58.77 14.63
C CYS E 169 -25.28 57.64 14.94
N LYS E 170 -25.48 56.70 14.02
CA LYS E 170 -26.39 55.61 14.30
C LYS E 170 -25.49 54.40 14.53
N ASP E 171 -25.96 53.47 15.36
CA ASP E 171 -25.20 52.26 15.66
C ASP E 171 -25.27 51.23 14.53
N ALA E 172 -24.76 50.05 14.81
CA ALA E 172 -24.73 48.94 13.86
C ALA E 172 -26.11 48.64 13.28
N ASN E 173 -27.15 48.86 14.07
CA ASN E 173 -28.52 48.59 13.64
C ASN E 173 -29.33 49.77 13.13
N GLY E 174 -28.70 50.93 13.01
CA GLY E 174 -29.40 52.09 12.50
C GLY E 174 -30.02 52.99 13.56
N VAL E 175 -29.95 52.56 14.81
CA VAL E 175 -30.50 53.33 15.93
C VAL E 175 -29.55 54.48 16.25
N LYS E 176 -30.09 55.68 16.45
CA LYS E 176 -29.23 56.81 16.75
C LYS E 176 -28.52 56.69 18.10
N THR E 177 -27.29 57.21 18.12
CA THR E 177 -26.37 57.18 19.27
C THR E 177 -26.52 58.37 20.21
N THR E 178 -26.87 59.51 19.64
CA THR E 178 -27.06 60.74 20.37
C THR E 178 -28.31 60.70 21.23
N ALA E 179 -28.30 61.49 22.29
CA ALA E 179 -29.45 61.56 23.19
C ALA E 179 -30.60 62.26 22.46
N GLY E 180 -30.24 63.26 21.65
CA GLY E 180 -31.26 63.99 20.91
C GLY E 180 -31.19 63.78 19.41
N SER E 181 -31.44 64.86 18.66
CA SER E 181 -31.39 64.82 17.20
C SER E 181 -31.40 66.25 16.66
N TRP E 182 -31.45 66.38 15.33
CA TRP E 182 -31.43 67.68 14.68
C TRP E 182 -32.83 68.26 14.40
N ILE E 183 -33.04 69.46 14.93
CA ILE E 183 -34.30 70.22 14.87
C ILE E 183 -34.15 71.45 13.94
N ALA E 184 -35.19 71.78 13.18
CA ALA E 184 -35.11 72.93 12.27
C ALA E 184 -35.23 74.28 12.98
N MET E 185 -35.39 74.26 14.29
CA MET E 185 -35.52 75.50 15.07
C MET E 185 -34.19 75.97 15.65
N PRO E 186 -33.67 77.11 15.18
CA PRO E 186 -32.41 77.59 15.76
C PRO E 186 -32.66 77.98 17.22
N PRO E 187 -31.64 77.82 18.09
CA PRO E 187 -31.79 78.17 19.51
C PRO E 187 -32.48 79.53 19.63
N PRO E 188 -33.67 79.56 20.26
CA PRO E 188 -34.44 80.78 20.41
C PRO E 188 -33.97 81.76 21.50
N LEU E 189 -33.69 81.23 22.68
CA LEU E 189 -33.28 82.08 23.78
C LEU E 189 -31.87 82.62 23.71
N MET E 190 -31.41 83.13 24.85
CA MET E 190 -30.09 83.75 25.01
C MET E 190 -30.30 84.63 26.23
N ASP E 191 -29.54 84.42 27.30
CA ASP E 191 -29.71 85.22 28.52
C ASP E 191 -30.11 86.69 28.30
N ASP E 192 -31.14 87.10 29.02
CA ASP E 192 -31.67 88.47 28.98
C ASP E 192 -31.97 88.98 27.57
N LEU E 193 -32.68 88.17 26.80
CA LEU E 193 -33.08 88.55 25.44
C LEU E 193 -34.38 89.32 25.63
N VAL E 194 -34.90 89.23 26.83
CA VAL E 194 -36.13 89.89 27.22
C VAL E 194 -35.89 90.64 28.53
N GLU E 195 -36.34 91.89 28.56
CA GLU E 195 -36.20 92.74 29.73
C GLU E 195 -37.48 92.65 30.54
N TYR E 196 -37.45 91.97 31.68
CA TYR E 196 -38.66 91.89 32.49
C TYR E 196 -38.83 93.17 33.28
N ALA E 197 -40.03 93.73 33.26
CA ALA E 197 -40.33 94.96 33.97
C ALA E 197 -39.86 94.89 35.41
N ASP E 198 -40.47 94.01 36.20
CA ASP E 198 -40.13 93.84 37.61
C ASP E 198 -38.70 93.39 37.87
N GLY E 199 -37.84 93.47 36.87
CA GLY E 199 -36.44 93.09 37.03
C GLY E 199 -36.15 91.63 37.34
N HIS E 200 -37.11 90.75 37.07
CA HIS E 200 -36.96 89.31 37.31
C HIS E 200 -35.80 88.83 36.43
N ASP E 201 -35.13 87.75 36.80
CA ASP E 201 -34.01 87.30 35.97
C ASP E 201 -34.45 86.67 34.65
N ALA E 202 -33.79 87.10 33.58
CA ALA E 202 -34.09 86.62 32.25
C ALA E 202 -33.01 85.67 31.74
N SER E 203 -32.64 84.70 32.55
CA SER E 203 -31.64 83.72 32.15
C SER E 203 -32.39 82.74 31.25
N VAL E 204 -31.72 82.21 30.24
CA VAL E 204 -32.38 81.26 29.35
C VAL E 204 -33.21 80.27 30.17
N HIS E 205 -32.66 79.89 31.33
CA HIS E 205 -33.36 78.96 32.21
C HIS E 205 -34.70 79.51 32.68
N ALA E 206 -34.70 80.74 33.19
CA ALA E 206 -35.92 81.38 33.69
C ALA E 206 -36.97 81.57 32.60
N MET E 207 -36.58 82.19 31.50
CA MET E 207 -37.49 82.44 30.40
C MET E 207 -38.14 81.14 29.91
N ALA E 208 -37.33 80.11 29.75
CA ALA E 208 -37.83 78.82 29.28
C ALA E 208 -38.88 78.27 30.25
N GLU E 209 -38.65 78.48 31.55
CA GLU E 209 -39.60 77.99 32.53
C GLU E 209 -40.89 78.80 32.50
N ASP E 210 -40.76 80.11 32.26
CA ASP E 210 -41.94 80.98 32.23
C ASP E 210 -42.80 80.74 30.99
N VAL E 211 -42.16 80.77 29.82
CA VAL E 211 -42.90 80.57 28.57
C VAL E 211 -43.52 79.18 28.53
N SER E 212 -42.92 78.23 29.26
CA SER E 212 -43.47 76.90 29.31
C SER E 212 -44.75 76.89 30.13
N ALA E 213 -44.74 77.65 31.23
CA ALA E 213 -45.93 77.72 32.08
C ALA E 213 -47.02 78.41 31.26
N PHE E 214 -46.62 79.48 30.55
CA PHE E 214 -47.55 80.22 29.72
C PHE E 214 -48.19 79.30 28.68
N LEU E 215 -47.38 78.49 28.02
CA LEU E 215 -47.91 77.58 27.01
C LEU E 215 -48.80 76.50 27.63
N MET E 216 -48.55 76.16 28.89
CA MET E 216 -49.39 75.18 29.55
C MET E 216 -50.77 75.82 29.68
N TRP E 217 -50.80 77.09 30.09
CA TRP E 217 -52.05 77.81 30.26
C TRP E 217 -52.76 77.99 28.91
N ALA E 218 -52.00 78.33 27.88
CA ALA E 218 -52.58 78.53 26.56
C ALA E 218 -53.27 77.25 26.10
N ALA E 219 -52.76 76.10 26.53
CA ALA E 219 -53.34 74.82 26.15
C ALA E 219 -54.49 74.38 27.08
N GLU E 220 -54.34 74.60 28.39
CA GLU E 220 -55.38 74.25 29.37
C GLU E 220 -55.81 75.49 30.12
N PRO E 221 -56.40 76.49 29.45
CA PRO E 221 -56.80 77.67 30.21
C PRO E 221 -57.75 77.40 31.38
N LYS E 222 -58.46 76.28 31.30
CA LYS E 222 -59.43 75.86 32.30
C LYS E 222 -58.87 74.87 33.33
N LEU E 223 -57.55 74.84 33.47
CA LEU E 223 -56.92 73.91 34.40
C LEU E 223 -57.46 74.05 35.83
N MET E 224 -57.41 75.26 36.36
CA MET E 224 -57.87 75.51 37.72
C MET E 224 -59.36 75.19 37.90
N ALA E 225 -60.18 75.59 36.93
CA ALA E 225 -61.62 75.29 37.01
C ALA E 225 -61.80 73.78 37.07
N ARG E 226 -61.07 73.07 36.22
CA ARG E 226 -61.14 71.62 36.15
C ARG E 226 -60.83 70.98 37.49
N LYS E 227 -59.74 71.42 38.11
CA LYS E 227 -59.34 70.89 39.40
C LYS E 227 -60.30 71.26 40.52
N GLN E 228 -60.87 72.46 40.46
CA GLN E 228 -61.84 72.88 41.48
C GLN E 228 -63.05 71.96 41.31
N ALA E 229 -63.48 71.76 40.06
CA ALA E 229 -64.61 70.88 39.79
C ALA E 229 -64.30 69.48 40.31
N GLY E 230 -63.04 69.08 40.22
CA GLY E 230 -62.63 67.77 40.70
C GLY E 230 -62.82 67.57 42.18
N PHE E 231 -62.28 68.49 42.97
CA PHE E 231 -62.41 68.41 44.43
C PHE E 231 -63.87 68.31 44.78
N THR E 232 -64.65 69.24 44.21
CA THR E 232 -66.07 69.29 44.45
C THR E 232 -66.70 67.91 44.25
N ALA E 233 -66.55 67.37 43.04
CA ALA E 233 -67.11 66.07 42.73
C ALA E 233 -66.63 64.99 43.71
N VAL E 234 -65.35 65.02 44.05
CA VAL E 234 -64.82 64.04 44.97
C VAL E 234 -65.43 64.15 46.35
N MET E 235 -65.64 65.39 46.81
CA MET E 235 -66.26 65.59 48.11
C MET E 235 -67.68 65.05 48.14
N PHE E 236 -68.49 65.46 47.17
CA PHE E 236 -69.87 64.96 47.09
C PHE E 236 -69.87 63.45 47.19
N LEU E 237 -69.16 62.85 46.25
CA LEU E 237 -69.08 61.39 46.15
C LEU E 237 -68.48 60.69 47.36
N THR E 238 -67.53 61.32 48.04
CA THR E 238 -66.94 60.70 49.21
C THR E 238 -68.03 60.64 50.29
N VAL E 239 -68.74 61.75 50.45
CA VAL E 239 -69.83 61.84 51.43
C VAL E 239 -70.90 60.82 51.07
N LEU E 240 -71.41 60.95 49.85
CA LEU E 240 -72.45 60.06 49.36
C LEU E 240 -72.08 58.58 49.46
N SER E 241 -70.80 58.29 49.29
CA SER E 241 -70.33 56.91 49.37
C SER E 241 -70.49 56.39 50.80
N VAL E 242 -69.98 57.17 51.75
CA VAL E 242 -70.08 56.81 53.16
C VAL E 242 -71.53 56.59 53.57
N LEU E 243 -72.41 57.49 53.16
CA LEU E 243 -73.83 57.37 53.50
C LEU E 243 -74.47 56.13 52.86
N LEU E 244 -74.12 55.85 51.61
CA LEU E 244 -74.66 54.69 50.92
C LEU E 244 -74.11 53.41 51.52
N TYR E 245 -72.92 53.52 52.09
CA TYR E 245 -72.28 52.39 52.72
C TYR E 245 -73.04 52.04 54.00
N LEU E 246 -73.30 53.05 54.81
CA LEU E 246 -74.02 52.88 56.07
C LEU E 246 -75.41 52.35 55.77
N THR E 247 -76.07 52.99 54.80
CA THR E 247 -77.41 52.57 54.39
C THR E 247 -77.37 51.12 53.95
N ASN E 248 -76.34 50.79 53.18
CA ASN E 248 -76.19 49.43 52.68
C ASN E 248 -75.99 48.49 53.87
N LYS E 249 -75.10 48.91 54.77
CA LYS E 249 -74.77 48.15 55.97
C LYS E 249 -76.01 47.85 56.83
N ARG E 250 -76.80 48.89 57.09
CA ARG E 250 -78.01 48.77 57.90
C ARG E 250 -79.06 47.89 57.21
N LEU E 251 -79.24 48.11 55.92
CA LEU E 251 -80.21 47.36 55.15
C LEU E 251 -79.96 45.85 55.09
N TRP E 252 -78.70 45.46 54.95
CA TRP E 252 -78.37 44.02 54.89
C TRP E 252 -78.31 43.38 56.27
N ALA E 253 -78.01 44.17 57.28
CA ALA E 253 -77.92 43.67 58.65
C ALA E 253 -79.13 42.78 58.94
N GLY E 254 -80.29 43.16 58.44
CA GLY E 254 -81.48 42.38 58.66
C GLY E 254 -81.56 41.12 57.81
N VAL E 255 -80.40 40.57 57.44
CA VAL E 255 -80.36 39.35 56.63
C VAL E 255 -79.17 38.44 56.96
N LYS E 256 -77.96 38.99 57.02
CA LYS E 256 -76.75 38.21 57.38
C LYS E 256 -76.02 38.93 58.51
N GLY F 9 -84.80 53.86 66.08
CA GLY F 9 -85.79 54.95 65.90
C GLY F 9 -85.49 55.80 64.67
N THR F 10 -85.23 57.09 64.89
CA THR F 10 -84.91 58.01 63.80
C THR F 10 -83.40 58.05 63.54
N ARG F 11 -82.70 57.00 63.96
CA ARG F 11 -81.25 56.88 63.76
C ARG F 11 -81.05 56.40 62.32
N ARG F 12 -81.81 55.37 61.99
CA ARG F 12 -81.80 54.70 60.71
C ARG F 12 -82.68 55.46 59.70
N ASP F 13 -83.69 56.13 60.22
CA ASP F 13 -84.61 56.89 59.39
C ASP F 13 -83.90 58.15 58.90
N PHE F 14 -83.12 58.75 59.79
CA PHE F 14 -82.36 59.96 59.46
C PHE F 14 -81.33 59.63 58.39
N LEU F 15 -80.67 58.48 58.54
CA LEU F 15 -79.65 58.05 57.59
C LEU F 15 -80.25 57.96 56.20
N TYR F 16 -81.29 57.15 56.06
CA TYR F 16 -81.96 56.98 54.78
C TYR F 16 -82.37 58.33 54.23
N TYR F 17 -82.72 59.27 55.11
CA TYR F 17 -83.10 60.57 54.61
C TYR F 17 -81.88 61.43 54.24
N ALA F 18 -80.81 61.36 55.03
CA ALA F 18 -79.59 62.11 54.72
C ALA F 18 -78.98 61.57 53.43
N THR F 19 -79.15 60.28 53.20
CA THR F 19 -78.64 59.61 52.01
C THR F 19 -79.36 60.14 50.78
N ALA F 20 -80.67 59.94 50.72
CA ALA F 20 -81.44 60.42 49.58
C ALA F 20 -81.15 61.92 49.37
N GLY F 21 -80.90 62.62 50.47
CA GLY F 21 -80.60 64.04 50.39
C GLY F 21 -79.32 64.31 49.62
N ALA F 22 -78.27 63.58 49.94
CA ALA F 22 -76.99 63.75 49.27
C ALA F 22 -77.18 63.42 47.80
N GLY F 23 -77.99 62.39 47.53
CA GLY F 23 -78.25 62.01 46.16
C GLY F 23 -78.78 63.21 45.40
N ALA F 24 -79.95 63.68 45.80
CA ALA F 24 -80.59 64.84 45.19
C ALA F 24 -79.59 65.94 44.89
N VAL F 25 -78.73 66.25 45.86
CA VAL F 25 -77.73 67.31 45.68
C VAL F 25 -76.75 66.99 44.55
N ALA F 26 -76.23 65.77 44.55
CA ALA F 26 -75.29 65.35 43.52
C ALA F 26 -75.98 65.42 42.16
N THR F 27 -77.21 64.93 42.12
CA THR F 27 -78.00 64.93 40.89
C THR F 27 -78.14 66.35 40.32
N GLY F 28 -78.56 67.28 41.16
CA GLY F 28 -78.70 68.65 40.72
C GLY F 28 -77.38 69.21 40.24
N ALA F 29 -76.32 68.89 40.97
CA ALA F 29 -74.98 69.36 40.62
C ALA F 29 -74.59 68.89 39.23
N ALA F 30 -75.16 67.77 38.80
CA ALA F 30 -74.86 67.22 37.48
C ALA F 30 -75.77 67.85 36.42
N VAL F 31 -77.02 68.08 36.81
CA VAL F 31 -78.00 68.65 35.91
C VAL F 31 -77.76 70.12 35.53
N TRP F 32 -77.45 70.96 36.50
CA TRP F 32 -77.23 72.38 36.20
C TRP F 32 -76.27 72.61 35.03
N PRO F 33 -75.08 72.00 35.04
CA PRO F 33 -74.15 72.22 33.92
C PRO F 33 -74.65 71.73 32.56
N LEU F 34 -75.54 70.73 32.54
CA LEU F 34 -76.10 70.22 31.30
C LEU F 34 -77.03 71.27 30.71
N ILE F 35 -77.57 72.10 31.60
CA ILE F 35 -78.46 73.18 31.22
C ILE F 35 -77.64 74.40 30.86
N ASN F 36 -76.73 74.77 31.74
CA ASN F 36 -75.91 75.95 31.53
C ASN F 36 -74.99 75.97 30.31
N GLN F 37 -74.69 74.81 29.73
CA GLN F 37 -73.82 74.80 28.56
C GLN F 37 -74.52 75.48 27.40
N MET F 38 -75.84 75.54 27.47
CA MET F 38 -76.61 76.18 26.43
C MET F 38 -76.65 77.70 26.58
N ASN F 39 -76.22 78.23 27.72
CA ASN F 39 -76.22 79.68 27.87
C ASN F 39 -75.07 80.25 27.03
N PRO F 40 -75.16 81.53 26.66
CA PRO F 40 -74.11 82.16 25.85
C PRO F 40 -72.68 81.80 26.24
N SER F 41 -71.90 81.38 25.24
CA SER F 41 -70.52 81.02 25.49
C SER F 41 -69.67 82.28 25.48
N ALA F 42 -68.44 82.16 25.99
CA ALA F 42 -67.52 83.28 26.10
C ALA F 42 -67.26 84.10 24.85
N ASP F 43 -67.25 83.45 23.69
CA ASP F 43 -66.99 84.17 22.44
C ASP F 43 -68.17 85.06 22.11
N VAL F 44 -69.36 84.60 22.46
CA VAL F 44 -70.57 85.37 22.17
C VAL F 44 -70.65 86.57 23.09
N GLN F 45 -70.42 86.32 24.36
CA GLN F 45 -70.48 87.36 25.38
C GLN F 45 -69.55 88.54 25.15
N ALA F 46 -68.73 88.47 24.11
CA ALA F 46 -67.81 89.56 23.80
C ALA F 46 -68.53 90.64 22.98
N LEU F 47 -69.61 91.16 23.55
CA LEU F 47 -70.50 92.20 23.02
C LEU F 47 -69.78 93.53 22.73
N ALA F 48 -69.38 93.77 21.49
CA ALA F 48 -68.67 95.00 21.14
C ALA F 48 -69.56 96.23 20.96
N SER F 49 -68.99 97.23 20.29
CA SER F 49 -69.66 98.50 19.97
C SER F 49 -69.20 98.68 18.54
N ILE F 50 -70.01 99.35 17.72
CA ILE F 50 -69.59 99.54 16.35
C ILE F 50 -69.78 100.97 15.91
N PHE F 51 -69.15 101.32 14.80
CA PHE F 51 -69.26 102.65 14.26
C PHE F 51 -69.88 102.58 12.88
N VAL F 52 -70.79 103.50 12.61
CA VAL F 52 -71.46 103.51 11.31
C VAL F 52 -71.21 104.84 10.63
N ASP F 53 -70.66 104.78 9.42
CA ASP F 53 -70.44 105.99 8.65
C ASP F 53 -71.83 106.28 8.10
N VAL F 54 -72.29 107.51 8.28
CA VAL F 54 -73.62 107.86 7.85
C VAL F 54 -73.65 109.05 6.88
N SER F 55 -72.52 109.31 6.24
CA SER F 55 -72.37 110.42 5.30
C SER F 55 -73.09 110.29 3.96
N SER F 56 -73.39 109.06 3.55
CA SER F 56 -74.06 108.85 2.28
C SER F 56 -75.58 108.72 2.46
N VAL F 57 -76.07 109.12 3.63
CA VAL F 57 -77.50 109.00 3.88
C VAL F 57 -78.30 110.28 3.64
N GLU F 58 -79.11 110.26 2.59
CA GLU F 58 -79.97 111.39 2.25
C GLU F 58 -81.25 111.18 3.03
N PRO F 59 -82.07 112.23 3.18
CA PRO F 59 -83.32 112.05 3.92
C PRO F 59 -84.26 111.16 3.10
N GLY F 60 -85.03 110.31 3.78
CA GLY F 60 -85.95 109.42 3.09
C GLY F 60 -85.26 108.07 2.88
N VAL F 61 -84.04 107.96 3.40
CA VAL F 61 -83.24 106.76 3.28
C VAL F 61 -83.01 106.08 4.62
N GLN F 62 -83.17 104.77 4.63
CA GLN F 62 -82.94 103.98 5.85
C GLN F 62 -81.73 103.08 5.60
N LEU F 63 -80.85 103.05 6.59
CA LEU F 63 -79.66 102.26 6.56
C LEU F 63 -79.90 101.08 7.49
N THR F 64 -79.70 99.86 7.00
CA THR F 64 -79.87 98.70 7.87
C THR F 64 -78.50 98.08 8.05
N VAL F 65 -78.13 97.97 9.32
CA VAL F 65 -76.84 97.50 9.75
C VAL F 65 -76.96 96.38 10.78
N LYS F 66 -76.00 95.46 10.81
CA LYS F 66 -76.08 94.38 11.79
C LYS F 66 -75.31 94.71 13.04
N PHE F 67 -75.89 94.37 14.18
CA PHE F 67 -75.27 94.64 15.45
C PHE F 67 -75.79 93.58 16.41
N LEU F 68 -74.88 92.87 17.05
CA LEU F 68 -75.26 91.82 17.97
C LEU F 68 -76.19 90.82 17.29
N GLY F 69 -75.99 90.62 15.99
CA GLY F 69 -76.79 89.66 15.23
C GLY F 69 -78.20 90.09 14.85
N LYS F 70 -78.56 91.32 15.17
CA LYS F 70 -79.89 91.83 14.85
C LYS F 70 -79.80 93.10 14.03
N PRO F 71 -80.85 93.43 13.27
CA PRO F 71 -80.77 94.65 12.47
C PRO F 71 -81.01 95.91 13.27
N ILE F 72 -80.33 96.97 12.84
CA ILE F 72 -80.47 98.27 13.46
C ILE F 72 -80.80 99.20 12.32
N PHE F 73 -81.87 99.97 12.50
CA PHE F 73 -82.32 100.90 11.49
C PHE F 73 -81.79 102.30 11.74
N ILE F 74 -81.35 102.95 10.68
CA ILE F 74 -80.88 104.32 10.77
C ILE F 74 -81.55 105.04 9.64
N ARG F 75 -82.62 105.77 9.97
CA ARG F 75 -83.34 106.49 8.97
C ARG F 75 -83.11 107.97 9.12
N ARG F 76 -82.88 108.62 7.99
CA ARG F 76 -82.70 110.05 8.00
C ARG F 76 -84.07 110.46 7.52
N ARG F 77 -84.90 110.91 8.47
CA ARG F 77 -86.26 111.28 8.16
C ARG F 77 -86.49 112.54 7.34
N THR F 78 -87.59 112.52 6.60
CA THR F 78 -87.99 113.64 5.75
C THR F 78 -88.80 114.59 6.60
N GLU F 79 -89.23 115.71 6.01
CA GLU F 79 -90.03 116.68 6.74
C GLU F 79 -91.38 116.04 7.04
N ALA F 80 -91.94 115.35 6.05
CA ALA F 80 -93.22 114.68 6.24
C ALA F 80 -93.11 113.71 7.42
N ASP F 81 -92.04 112.93 7.46
CA ASP F 81 -91.84 111.98 8.56
C ASP F 81 -91.86 112.72 9.90
N ILE F 82 -91.12 113.81 9.99
CA ILE F 82 -91.01 114.57 11.22
C ILE F 82 -92.33 115.25 11.60
N GLU F 83 -93.01 115.81 10.59
CA GLU F 83 -94.29 116.47 10.78
C GLU F 83 -95.29 115.49 11.40
N LEU F 84 -95.53 114.37 10.72
CA LEU F 84 -96.45 113.33 11.20
C LEU F 84 -96.09 112.82 12.58
N GLY F 85 -94.79 112.72 12.87
CA GLY F 85 -94.37 112.22 14.15
C GLY F 85 -94.73 113.16 15.28
N ARG F 86 -94.47 114.44 15.07
CA ARG F 86 -94.76 115.44 16.07
C ARG F 86 -96.24 115.70 16.27
N SER F 87 -97.03 115.39 15.25
CA SER F 87 -98.45 115.59 15.30
C SER F 87 -99.22 114.64 16.22
N VAL F 88 -98.63 113.50 16.60
CA VAL F 88 -99.32 112.54 17.46
C VAL F 88 -99.32 112.95 18.94
N GLN F 89 -100.42 112.67 19.62
CA GLN F 89 -100.54 113.02 21.03
C GLN F 89 -100.29 111.82 21.93
N LEU F 90 -99.37 112.01 22.87
CA LEU F 90 -98.98 110.99 23.81
C LEU F 90 -100.08 110.01 24.18
N GLY F 91 -101.20 110.52 24.70
CA GLY F 91 -102.29 109.67 25.08
C GLY F 91 -102.95 108.92 23.93
N GLN F 92 -102.40 109.03 22.72
CA GLN F 92 -103.00 108.32 21.59
C GLN F 92 -102.12 107.13 21.24
N LEU F 93 -100.97 107.07 21.92
CA LEU F 93 -100.00 106.01 21.71
C LEU F 93 -100.26 104.75 22.51
N VAL F 94 -100.08 103.62 21.86
CA VAL F 94 -100.27 102.34 22.53
C VAL F 94 -99.23 102.15 23.65
N ASP F 95 -98.01 102.63 23.41
CA ASP F 95 -96.94 102.53 24.40
C ASP F 95 -96.46 103.96 24.56
N THR F 96 -96.49 104.46 25.79
CA THR F 96 -96.07 105.84 26.01
C THR F 96 -94.63 105.99 26.47
N ASN F 97 -93.95 104.88 26.70
CA ASN F 97 -92.55 104.95 27.12
C ASN F 97 -91.68 105.16 25.89
N ALA F 98 -90.66 105.98 26.03
CA ALA F 98 -89.75 106.29 24.93
C ALA F 98 -88.88 105.11 24.49
N ARG F 99 -88.64 104.16 25.40
CA ARG F 99 -87.79 102.99 25.10
C ARG F 99 -86.49 103.47 24.50
N ASN F 100 -85.94 104.52 25.09
CA ASN F 100 -84.72 105.10 24.60
C ASN F 100 -83.64 104.98 25.68
N ALA F 101 -82.64 104.15 25.41
CA ALA F 101 -81.55 103.92 26.35
C ALA F 101 -80.63 105.13 26.53
N ASN F 102 -80.76 106.11 25.64
CA ASN F 102 -79.93 107.32 25.71
C ASN F 102 -80.47 108.34 26.69
N ILE F 103 -81.70 108.14 27.15
CA ILE F 103 -82.31 109.08 28.08
C ILE F 103 -82.95 108.37 29.27
N ASP F 104 -83.66 109.10 30.11
CA ASP F 104 -84.29 108.52 31.29
C ASP F 104 -85.25 107.37 30.95
N ALA F 105 -85.22 106.33 31.78
CA ALA F 105 -86.07 105.17 31.58
C ALA F 105 -87.54 105.57 31.64
N GLY F 106 -87.83 106.69 32.29
CA GLY F 106 -89.20 107.14 32.40
C GLY F 106 -89.69 108.05 31.30
N ALA F 107 -88.77 108.55 30.47
CA ALA F 107 -89.13 109.45 29.38
C ALA F 107 -90.39 109.03 28.61
N GLU F 108 -91.06 110.00 28.00
CA GLU F 108 -92.29 109.75 27.25
C GLU F 108 -92.05 109.65 25.75
N ALA F 109 -92.87 108.84 25.11
CA ALA F 109 -92.80 108.58 23.67
C ALA F 109 -93.09 109.75 22.74
N THR F 110 -92.61 110.94 23.10
CA THR F 110 -92.81 112.09 22.21
C THR F 110 -91.78 111.91 21.11
N ASP F 111 -92.12 112.35 19.90
CA ASP F 111 -91.23 112.24 18.76
C ASP F 111 -89.82 112.76 19.05
N GLN F 112 -89.76 113.83 19.83
CA GLN F 112 -88.50 114.45 20.18
C GLN F 112 -87.65 113.48 21.01
N ASN F 113 -88.34 112.63 21.77
CA ASN F 113 -87.69 111.65 22.63
C ASN F 113 -87.31 110.35 21.94
N ARG F 114 -87.51 110.32 20.62
CA ARG F 114 -87.23 109.13 19.84
C ARG F 114 -86.09 109.33 18.83
N THR F 115 -85.58 110.56 18.73
CA THR F 115 -84.49 110.83 17.79
C THR F 115 -83.21 111.21 18.51
N LEU F 116 -82.10 111.23 17.78
CA LEU F 116 -80.81 111.58 18.37
C LEU F 116 -80.60 113.08 18.41
N ASP F 117 -81.11 113.76 17.38
CA ASP F 117 -80.96 115.19 17.23
C ASP F 117 -82.23 115.94 17.60
N GLU F 118 -82.09 117.24 17.83
CA GLU F 118 -83.24 118.03 18.18
C GLU F 118 -84.09 118.33 16.96
N ALA F 119 -83.47 118.34 15.79
CA ALA F 119 -84.23 118.56 14.55
C ALA F 119 -85.03 117.28 14.26
N GLY F 120 -84.74 116.24 15.02
CA GLY F 120 -85.44 114.97 14.86
C GLY F 120 -85.28 114.38 13.48
N GLU F 121 -84.10 114.55 12.90
CA GLU F 121 -83.84 114.04 11.57
C GLU F 121 -83.27 112.62 11.64
N TRP F 122 -82.56 112.30 12.73
CA TRP F 122 -81.95 110.98 12.88
C TRP F 122 -82.65 109.99 13.79
N LEU F 123 -83.37 109.06 13.17
CA LEU F 123 -84.08 108.02 13.90
C LEU F 123 -83.20 106.76 13.86
N VAL F 124 -82.75 106.34 15.03
CA VAL F 124 -81.89 105.17 15.17
C VAL F 124 -82.54 104.20 16.14
N MET F 125 -82.88 103.01 15.65
CA MET F 125 -83.53 102.02 16.51
C MET F 125 -83.28 100.58 16.08
N TRP F 126 -83.60 99.67 16.98
CA TRP F 126 -83.46 98.24 16.70
C TRP F 126 -84.56 97.90 15.72
N GLY F 127 -84.20 97.35 14.56
CA GLY F 127 -85.20 96.98 13.59
C GLY F 127 -85.75 95.61 13.97
N VAL F 128 -86.05 95.45 15.26
CA VAL F 128 -86.55 94.21 15.84
C VAL F 128 -87.95 94.37 16.45
N CYS F 129 -88.97 93.88 15.74
CA CYS F 129 -90.35 93.95 16.23
C CYS F 129 -90.41 93.49 17.68
N THR F 130 -91.12 94.25 18.50
CA THR F 130 -91.23 93.92 19.93
C THR F 130 -92.25 92.79 20.20
N HIS F 131 -92.91 92.32 19.14
CA HIS F 131 -93.85 91.22 19.31
C HIS F 131 -93.01 89.95 19.41
N LEU F 132 -92.59 89.40 18.27
CA LEU F 132 -91.81 88.18 18.29
C LEU F 132 -90.48 88.20 17.50
N GLY F 133 -89.91 89.39 17.29
CA GLY F 133 -88.61 89.47 16.63
C GLY F 133 -88.37 89.81 15.17
N CYS F 134 -89.36 89.64 14.28
CA CYS F 134 -89.11 89.97 12.89
C CYS F 134 -88.63 91.39 12.70
N SER F 135 -88.09 91.65 11.51
CA SER F 135 -87.60 92.98 11.18
C SER F 135 -88.67 93.66 10.35
N PRO F 136 -89.22 94.77 10.85
CA PRO F 136 -90.27 95.48 10.13
C PRO F 136 -89.79 96.13 8.83
N ILE F 137 -90.70 96.16 7.86
CA ILE F 137 -90.44 96.72 6.55
C ILE F 137 -90.64 98.25 6.54
N GLY F 138 -89.57 98.95 6.17
CA GLY F 138 -89.59 100.41 6.12
C GLY F 138 -90.05 100.97 4.79
N GLY F 139 -89.55 102.15 4.42
CA GLY F 139 -89.93 102.79 3.18
C GLY F 139 -91.32 103.36 3.29
N VAL F 140 -91.66 103.79 4.51
CA VAL F 140 -92.98 104.32 4.82
C VAL F 140 -94.02 103.27 4.44
N SER F 141 -94.09 102.22 5.24
CA SER F 141 -95.03 101.12 5.03
C SER F 141 -95.93 101.12 6.25
N GLY F 142 -97.08 100.45 6.13
CA GLY F 142 -97.97 100.40 7.26
C GLY F 142 -99.05 101.46 7.14
N ASP F 143 -99.93 101.44 8.13
CA ASP F 143 -101.04 102.37 8.19
C ASP F 143 -100.68 103.64 8.95
N PHE F 144 -99.42 103.79 9.36
CA PHE F 144 -99.02 104.98 10.08
C PHE F 144 -97.73 105.62 9.57
N GLY F 145 -97.50 105.47 8.27
CA GLY F 145 -96.32 106.06 7.66
C GLY F 145 -95.02 105.68 8.34
N GLY F 146 -94.90 104.43 8.74
CA GLY F 146 -93.68 104.01 9.39
C GLY F 146 -93.13 102.70 8.86
N TRP F 147 -93.32 101.66 9.65
CA TRP F 147 -92.87 100.31 9.33
C TRP F 147 -94.02 99.34 9.50
N PHE F 148 -93.96 98.23 8.77
CA PHE F 148 -94.98 97.20 8.85
C PHE F 148 -94.31 95.84 9.10
N CYS F 149 -94.70 95.14 10.16
CA CYS F 149 -94.14 93.83 10.45
C CYS F 149 -95.04 92.79 9.79
N PRO F 150 -94.51 92.10 8.76
CA PRO F 150 -95.27 91.09 8.03
C PRO F 150 -95.50 89.80 8.81
N CYS F 151 -94.80 89.62 9.92
CA CYS F 151 -94.98 88.39 10.68
C CYS F 151 -96.36 88.25 11.32
N HIS F 152 -96.86 89.29 11.98
CA HIS F 152 -98.21 89.17 12.56
C HIS F 152 -99.03 90.44 12.44
N GLY F 153 -98.55 91.38 11.62
CA GLY F 153 -99.31 92.61 11.40
C GLY F 153 -99.17 93.80 12.32
N SER F 154 -97.99 94.03 12.85
CA SER F 154 -97.78 95.18 13.70
C SER F 154 -97.42 96.38 12.84
N HIS F 155 -97.98 97.53 13.18
CA HIS F 155 -97.67 98.77 12.42
C HIS F 155 -96.98 99.73 13.38
N TYR F 156 -95.96 100.41 12.89
CA TYR F 156 -95.24 101.39 13.69
C TYR F 156 -95.28 102.71 12.93
N ASP F 157 -95.35 103.83 13.66
CA ASP F 157 -95.40 105.12 13.00
C ASP F 157 -94.02 105.63 12.63
N SER F 158 -93.94 106.84 12.10
CA SER F 158 -92.66 107.39 11.68
C SER F 158 -91.65 107.67 12.78
N ALA F 159 -91.97 107.34 14.02
CA ALA F 159 -91.01 107.53 15.10
C ALA F 159 -90.69 106.14 15.65
N GLY F 160 -91.28 105.14 14.98
CA GLY F 160 -91.06 103.76 15.38
C GLY F 160 -91.89 103.35 16.58
N ARG F 161 -93.02 104.01 16.77
CA ARG F 161 -93.89 103.68 17.89
C ARG F 161 -94.97 102.72 17.42
N ILE F 162 -95.31 101.76 18.27
CA ILE F 162 -96.32 100.77 17.93
C ILE F 162 -97.71 101.42 17.98
N ARG F 163 -98.48 101.23 16.92
CA ARG F 163 -99.81 101.84 16.83
C ARG F 163 -100.88 100.79 16.58
N LYS F 164 -100.46 99.58 16.29
CA LYS F 164 -101.43 98.57 15.96
C LYS F 164 -100.79 97.19 15.83
N GLY F 165 -101.56 96.16 16.17
CA GLY F 165 -101.06 94.80 16.10
C GLY F 165 -100.80 94.22 17.47
N PRO F 166 -100.11 93.06 17.54
CA PRO F 166 -99.82 92.45 18.83
C PRO F 166 -98.54 92.93 19.52
N ALA F 167 -97.69 93.69 18.82
CA ALA F 167 -96.47 94.16 19.45
C ALA F 167 -96.83 95.02 20.66
N PRO F 168 -96.22 94.72 21.82
CA PRO F 168 -96.54 95.52 23.02
C PRO F 168 -95.78 96.85 23.13
N GLU F 169 -94.67 96.98 22.44
CA GLU F 169 -93.90 98.21 22.59
C GLU F 169 -93.32 98.90 21.38
N ASN F 170 -92.72 100.06 21.64
CA ASN F 170 -92.09 100.85 20.59
C ASN F 170 -90.72 100.23 20.34
N LEU F 171 -90.29 100.28 19.08
CA LEU F 171 -88.99 99.75 18.73
C LEU F 171 -87.98 100.42 19.65
N PRO F 172 -87.16 99.62 20.35
CA PRO F 172 -86.16 100.19 21.27
C PRO F 172 -85.07 100.98 20.57
N ILE F 173 -84.52 101.95 21.28
CA ILE F 173 -83.44 102.77 20.77
C ILE F 173 -82.24 102.40 21.65
N PRO F 174 -81.15 101.95 21.01
CA PRO F 174 -79.92 101.54 21.70
C PRO F 174 -79.04 102.73 22.02
N LEU F 175 -78.03 102.49 22.86
CA LEU F 175 -77.09 103.55 23.15
C LEU F 175 -76.56 103.93 21.78
N ALA F 176 -76.69 105.19 21.43
CA ALA F 176 -76.24 105.66 20.15
C ALA F 176 -76.00 107.14 20.28
N LYS F 177 -75.00 107.63 19.56
CA LYS F 177 -74.71 109.06 19.58
C LYS F 177 -73.68 109.37 18.52
N PHE F 178 -73.82 110.54 17.91
CA PHE F 178 -72.88 110.94 16.89
C PHE F 178 -71.54 111.16 17.57
N ILE F 179 -70.54 110.43 17.09
CA ILE F 179 -69.19 110.52 17.60
C ILE F 179 -68.46 111.64 16.88
N ASP F 180 -69.11 112.15 15.84
CA ASP F 180 -68.59 113.25 15.05
C ASP F 180 -69.55 113.57 13.92
N GLU F 181 -69.09 114.46 13.04
CA GLU F 181 -69.86 114.92 11.89
C GLU F 181 -70.70 113.90 11.14
N THR F 182 -70.10 112.78 10.77
CA THR F 182 -70.82 111.79 9.99
C THR F 182 -70.71 110.36 10.51
N THR F 183 -70.46 110.23 11.81
CA THR F 183 -70.30 108.92 12.41
C THR F 183 -71.09 108.71 13.69
N ILE F 184 -71.86 107.62 13.72
CA ILE F 184 -72.65 107.28 14.89
C ILE F 184 -72.06 106.04 15.55
N GLN F 185 -71.98 106.06 16.87
CA GLN F 185 -71.44 104.91 17.58
C GLN F 185 -72.56 104.18 18.31
N LEU F 186 -72.85 102.96 17.86
CA LEU F 186 -73.88 102.15 18.47
C LEU F 186 -73.27 101.37 19.63
N GLY F 187 -74.01 101.25 20.73
CA GLY F 187 -73.50 100.53 21.87
C GLY F 187 -72.40 101.31 22.55
N GLY G 3 -28.72 -25.32 11.58
CA GLY G 3 -29.57 -26.07 12.55
C GLY G 3 -30.61 -26.97 11.90
N ILE G 4 -30.52 -27.11 10.58
CA ILE G 4 -31.44 -27.93 9.78
C ILE G 4 -30.85 -29.34 9.68
N PRO G 5 -31.69 -30.40 9.85
CA PRO G 5 -31.18 -31.78 9.77
C PRO G 5 -30.62 -32.13 8.40
N HIS G 6 -29.34 -32.46 8.37
CA HIS G 6 -28.64 -32.79 7.13
C HIS G 6 -27.62 -33.89 7.44
N ASP G 7 -27.17 -34.59 6.42
CA ASP G 7 -26.17 -35.62 6.62
C ASP G 7 -24.80 -35.00 6.44
N HIS G 8 -23.94 -35.17 7.45
CA HIS G 8 -22.62 -34.59 7.39
C HIS G 8 -21.54 -35.57 6.95
N TYR G 9 -20.42 -34.99 6.51
CA TYR G 9 -19.24 -35.66 5.97
C TYR G 9 -18.55 -36.81 6.70
N GLU G 10 -18.10 -37.78 5.90
CA GLU G 10 -17.35 -38.95 6.34
C GLU G 10 -16.27 -39.18 5.25
N PRO G 11 -15.02 -39.37 5.65
CA PRO G 11 -13.85 -39.59 4.78
C PRO G 11 -13.88 -40.85 3.89
N ARG G 12 -13.45 -40.70 2.63
CA ARG G 12 -13.40 -41.84 1.70
C ARG G 12 -11.95 -42.20 1.38
N THR G 13 -11.30 -41.39 0.54
CA THR G 13 -9.91 -41.64 0.14
C THR G 13 -8.98 -41.81 1.34
N GLY G 14 -7.77 -42.26 1.08
CA GLY G 14 -6.80 -42.43 2.15
C GLY G 14 -6.31 -41.05 2.55
N ILE G 15 -6.01 -40.24 1.54
CA ILE G 15 -5.56 -38.88 1.77
C ILE G 15 -6.61 -38.18 2.64
N GLU G 16 -7.88 -38.45 2.36
CA GLU G 16 -8.99 -37.88 3.11
C GLU G 16 -9.00 -38.29 4.57
N LYS G 17 -8.86 -39.58 4.82
CA LYS G 17 -8.85 -40.12 6.18
C LYS G 17 -7.69 -39.56 6.98
N TRP G 18 -6.54 -39.49 6.31
CA TRP G 18 -5.30 -38.99 6.90
C TRP G 18 -5.48 -37.55 7.31
N LEU G 19 -6.00 -36.77 6.37
CA LEU G 19 -6.23 -35.36 6.57
C LEU G 19 -7.27 -35.12 7.65
N HIS G 20 -8.38 -35.84 7.58
CA HIS G 20 -9.46 -35.68 8.53
C HIS G 20 -9.11 -35.90 10.00
N SER G 21 -8.18 -36.82 10.27
CA SER G 21 -7.79 -37.10 11.65
C SER G 21 -6.82 -36.07 12.19
N ARG G 22 -6.42 -35.12 11.34
CA ARG G 22 -5.48 -34.08 11.73
C ARG G 22 -6.06 -32.68 11.66
N LEU G 23 -6.71 -32.38 10.54
CA LEU G 23 -7.34 -31.08 10.33
C LEU G 23 -8.60 -31.31 9.52
N PRO G 24 -9.76 -31.27 10.17
CA PRO G 24 -11.07 -31.47 9.53
C PRO G 24 -11.50 -30.35 8.60
N ILE G 25 -10.56 -29.79 7.85
CA ILE G 25 -10.91 -28.70 6.96
C ILE G 25 -11.81 -29.13 5.79
N VAL G 26 -11.56 -30.31 5.23
CA VAL G 26 -12.41 -30.77 4.12
C VAL G 26 -13.82 -31.03 4.62
N ALA G 27 -13.93 -31.46 5.87
CA ALA G 27 -15.24 -31.74 6.46
C ALA G 27 -16.01 -30.44 6.57
N LEU G 28 -15.35 -29.40 7.10
CA LEU G 28 -15.97 -28.09 7.27
C LEU G 28 -16.43 -27.51 5.93
N ALA G 29 -15.58 -27.60 4.91
CA ALA G 29 -15.93 -27.08 3.60
C ALA G 29 -17.21 -27.76 3.13
N TYR G 30 -17.23 -29.08 3.28
CA TYR G 30 -18.37 -29.90 2.88
C TYR G 30 -19.67 -29.51 3.60
N ASP G 31 -19.61 -29.44 4.93
CA ASP G 31 -20.80 -29.06 5.70
C ASP G 31 -21.29 -27.66 5.36
N THR G 32 -20.39 -26.85 4.79
CA THR G 32 -20.73 -25.49 4.42
C THR G 32 -21.36 -25.43 3.03
N ILE G 33 -20.73 -26.15 2.11
CA ILE G 33 -21.17 -26.20 0.73
C ILE G 33 -22.44 -27.05 0.56
N MET G 34 -22.74 -27.86 1.55
CA MET G 34 -23.91 -28.73 1.46
C MET G 34 -25.17 -28.26 2.19
N ILE G 35 -25.04 -27.24 3.03
CA ILE G 35 -26.17 -26.74 3.81
C ILE G 35 -27.50 -26.75 3.07
N PRO G 36 -28.56 -27.26 3.71
CA PRO G 36 -29.90 -27.32 3.11
C PRO G 36 -30.46 -25.90 2.99
N THR G 37 -30.81 -25.50 1.76
CA THR G 37 -31.31 -24.18 1.46
C THR G 37 -32.76 -24.17 0.94
N PRO G 38 -33.62 -23.28 1.49
CA PRO G 38 -35.01 -23.24 1.00
C PRO G 38 -35.08 -23.31 -0.53
N ARG G 39 -35.94 -24.18 -1.05
CA ARG G 39 -36.10 -24.37 -2.50
C ARG G 39 -36.69 -23.19 -3.25
N ASN G 40 -37.39 -22.32 -2.53
CA ASN G 40 -38.08 -21.19 -3.13
C ASN G 40 -37.36 -19.86 -3.32
N LEU G 41 -36.06 -19.81 -3.06
CA LEU G 41 -35.34 -18.54 -3.22
C LEU G 41 -35.49 -18.03 -4.65
N ASN G 42 -35.63 -16.72 -4.79
CA ASN G 42 -35.77 -16.11 -6.11
C ASN G 42 -34.53 -15.29 -6.47
N TRP G 43 -34.58 -14.67 -7.66
CA TRP G 43 -33.47 -13.87 -8.16
C TRP G 43 -32.91 -12.79 -7.24
N MET G 44 -33.64 -12.45 -6.18
CA MET G 44 -33.16 -11.40 -5.27
C MET G 44 -32.20 -11.96 -4.23
N TRP G 45 -31.92 -13.26 -4.33
CA TRP G 45 -31.01 -13.91 -3.40
C TRP G 45 -29.62 -14.06 -4.02
N ILE G 46 -29.42 -13.47 -5.20
CA ILE G 46 -28.14 -13.57 -5.88
C ILE G 46 -27.16 -12.45 -5.54
N TRP G 47 -27.64 -11.37 -4.96
CA TRP G 47 -26.77 -10.25 -4.68
C TRP G 47 -25.65 -10.46 -3.67
N GLY G 48 -25.82 -11.43 -2.78
CA GLY G 48 -24.77 -11.70 -1.81
C GLY G 48 -23.55 -12.26 -2.51
N VAL G 49 -23.78 -13.10 -3.52
CA VAL G 49 -22.70 -13.67 -4.28
C VAL G 49 -22.08 -12.59 -5.15
N VAL G 50 -22.91 -11.70 -5.69
CA VAL G 50 -22.36 -10.64 -6.52
C VAL G 50 -21.44 -9.77 -5.65
N LEU G 51 -21.80 -9.61 -4.38
CA LEU G 51 -21.01 -8.82 -3.46
C LEU G 51 -19.69 -9.50 -3.11
N ALA G 52 -19.73 -10.81 -2.88
CA ALA G 52 -18.52 -11.55 -2.55
C ALA G 52 -17.53 -11.43 -3.72
N PHE G 53 -18.04 -11.60 -4.94
CA PHE G 53 -17.23 -11.49 -6.13
C PHE G 53 -16.59 -10.11 -6.21
N CYS G 54 -17.41 -9.07 -5.99
CA CYS G 54 -16.94 -7.68 -6.05
C CYS G 54 -15.81 -7.44 -5.07
N LEU G 55 -15.97 -7.97 -3.86
CA LEU G 55 -14.94 -7.79 -2.85
C LEU G 55 -13.64 -8.37 -3.37
N VAL G 56 -13.70 -9.59 -3.90
CA VAL G 56 -12.49 -10.24 -4.41
C VAL G 56 -11.97 -9.42 -5.61
N LEU G 57 -12.85 -9.04 -6.52
CA LEU G 57 -12.43 -8.24 -7.68
C LEU G 57 -11.71 -6.98 -7.24
N GLN G 58 -12.29 -6.26 -6.27
CA GLN G 58 -11.69 -5.03 -5.78
C GLN G 58 -10.34 -5.28 -5.13
N ILE G 59 -10.25 -6.35 -4.37
CA ILE G 59 -8.99 -6.64 -3.71
C ILE G 59 -7.86 -7.00 -4.69
N VAL G 60 -8.10 -7.93 -5.63
CA VAL G 60 -7.01 -8.25 -6.54
C VAL G 60 -6.64 -7.10 -7.48
N THR G 61 -7.62 -6.38 -8.03
CA THR G 61 -7.27 -5.27 -8.91
C THR G 61 -6.60 -4.17 -8.08
N GLY G 62 -6.98 -4.08 -6.81
CA GLY G 62 -6.42 -3.09 -5.93
C GLY G 62 -4.95 -3.32 -5.65
N ILE G 63 -4.64 -4.55 -5.24
CA ILE G 63 -3.25 -4.92 -4.95
C ILE G 63 -2.38 -4.63 -6.15
N VAL G 64 -2.91 -4.96 -7.31
CA VAL G 64 -2.20 -4.72 -8.57
C VAL G 64 -2.01 -3.23 -8.83
N LEU G 65 -3.06 -2.45 -8.67
CA LEU G 65 -2.95 -1.01 -8.88
C LEU G 65 -1.95 -0.40 -7.92
N ALA G 66 -1.97 -0.88 -6.68
CA ALA G 66 -1.04 -0.36 -5.69
C ALA G 66 0.41 -0.63 -6.06
N MET G 67 0.63 -1.56 -6.99
CA MET G 67 2.00 -1.86 -7.40
C MET G 67 2.56 -0.77 -8.33
N HIS G 68 1.68 0.03 -8.91
CA HIS G 68 2.11 1.08 -9.84
C HIS G 68 1.74 2.50 -9.41
N TYR G 69 1.03 2.60 -8.30
CA TYR G 69 0.55 3.87 -7.76
C TYR G 69 1.48 4.53 -6.72
N THR G 70 1.61 5.86 -6.77
CA THR G 70 2.46 6.56 -5.81
C THR G 70 1.61 7.48 -4.94
N PRO G 71 1.52 7.20 -3.63
CA PRO G 71 0.72 8.05 -2.75
C PRO G 71 1.44 9.33 -2.30
N HIS G 72 1.61 10.26 -3.24
CA HIS G 72 2.25 11.52 -2.93
C HIS G 72 1.63 12.58 -3.82
N VAL G 73 1.31 13.73 -3.25
CA VAL G 73 0.65 14.78 -4.02
C VAL G 73 1.33 15.20 -5.32
N ASP G 74 2.65 15.12 -5.39
CA ASP G 74 3.34 15.51 -6.62
C ASP G 74 3.34 14.39 -7.65
N LEU G 75 3.05 13.16 -7.23
CA LEU G 75 3.10 12.03 -8.14
C LEU G 75 1.84 11.20 -8.30
N ALA G 76 0.91 11.33 -7.37
CA ALA G 76 -0.31 10.52 -7.42
C ALA G 76 -1.11 10.54 -8.71
N PHE G 77 -1.47 11.72 -9.19
CA PHE G 77 -2.26 11.83 -10.42
C PHE G 77 -1.43 11.35 -11.62
N ALA G 78 -0.17 11.77 -11.70
CA ALA G 78 0.70 11.36 -12.79
C ALA G 78 0.80 9.83 -12.82
N SER G 79 0.88 9.23 -11.62
CA SER G 79 1.01 7.79 -11.50
C SER G 79 -0.24 7.04 -11.96
N VAL G 80 -1.41 7.65 -11.84
CA VAL G 80 -2.61 6.98 -12.30
C VAL G 80 -2.64 7.10 -13.82
N GLU G 81 -2.07 8.17 -14.36
CA GLU G 81 -2.02 8.33 -15.80
C GLU G 81 -0.98 7.35 -16.37
N HIS G 82 0.10 7.12 -15.64
CA HIS G 82 1.14 6.18 -16.03
C HIS G 82 0.48 4.79 -16.09
N ILE G 83 -0.34 4.48 -15.09
CA ILE G 83 -1.03 3.20 -15.08
C ILE G 83 -1.91 3.07 -16.33
N MET G 84 -2.64 4.14 -16.64
CA MET G 84 -3.54 4.15 -17.80
C MET G 84 -2.85 4.00 -19.15
N ARG G 85 -1.72 4.66 -19.32
CA ARG G 85 -0.97 4.68 -20.58
C ARG G 85 0.15 3.67 -20.77
N ASN G 86 0.92 3.39 -19.72
CA ASN G 86 2.07 2.51 -19.79
C ASN G 86 1.96 1.07 -19.32
N VAL G 87 1.28 0.87 -18.19
CA VAL G 87 1.15 -0.47 -17.64
C VAL G 87 0.32 -1.39 -18.53
N ASN G 88 0.83 -2.61 -18.76
CA ASN G 88 0.13 -3.58 -19.58
C ASN G 88 -1.24 -3.85 -18.98
N GLY G 89 -2.28 -3.50 -19.74
CA GLY G 89 -3.64 -3.71 -19.26
C GLY G 89 -4.01 -2.76 -18.15
N GLY G 90 -3.18 -1.75 -17.94
CA GLY G 90 -3.43 -0.79 -16.87
C GLY G 90 -4.77 -0.09 -17.01
N PHE G 91 -5.04 0.44 -18.20
CA PHE G 91 -6.29 1.13 -18.46
C PHE G 91 -7.47 0.26 -18.06
N MET G 92 -7.43 -1.02 -18.42
CA MET G 92 -8.53 -1.92 -18.09
C MET G 92 -8.61 -2.24 -16.59
N LEU G 93 -7.47 -2.32 -15.93
CA LEU G 93 -7.45 -2.63 -14.50
C LEU G 93 -8.00 -1.46 -13.68
N ARG G 94 -7.66 -0.24 -14.09
CA ARG G 94 -8.11 0.96 -13.42
C ARG G 94 -9.62 1.05 -13.56
N TYR G 95 -10.12 0.98 -14.79
CA TYR G 95 -11.55 1.04 -15.03
C TYR G 95 -12.31 -0.08 -14.31
N LEU G 96 -11.68 -1.25 -14.19
CA LEU G 96 -12.35 -2.35 -13.50
C LEU G 96 -12.48 -2.03 -12.01
N HIS G 97 -11.45 -1.41 -11.43
CA HIS G 97 -11.46 -1.06 -10.01
C HIS G 97 -12.49 0.05 -9.74
N ALA G 98 -12.48 1.08 -10.60
CA ALA G 98 -13.38 2.20 -10.47
C ALA G 98 -14.82 1.75 -10.61
N ASN G 99 -15.18 1.19 -11.76
CA ASN G 99 -16.54 0.73 -11.98
C ASN G 99 -16.91 -0.42 -11.06
N GLY G 100 -15.91 -1.07 -10.48
CA GLY G 100 -16.17 -2.17 -9.56
C GLY G 100 -16.78 -1.63 -8.29
N ALA G 101 -16.39 -0.41 -7.94
CA ALA G 101 -16.91 0.24 -6.74
C ALA G 101 -18.41 0.45 -6.95
N SER G 102 -18.77 0.88 -8.16
CA SER G 102 -20.18 1.12 -8.50
C SER G 102 -20.99 -0.17 -8.46
N LEU G 103 -20.44 -1.23 -9.04
CA LEU G 103 -21.12 -2.51 -9.04
C LEU G 103 -21.30 -2.95 -7.60
N PHE G 104 -20.28 -2.69 -6.79
CA PHE G 104 -20.30 -3.07 -5.38
C PHE G 104 -21.48 -2.40 -4.68
N PHE G 105 -21.74 -1.14 -4.98
CA PHE G 105 -22.85 -0.43 -4.35
C PHE G 105 -24.21 -0.73 -4.94
N ILE G 106 -24.27 -0.88 -6.27
CA ILE G 106 -25.53 -1.21 -6.90
C ILE G 106 -25.99 -2.50 -6.23
N ALA G 107 -25.05 -3.42 -6.04
CA ALA G 107 -25.36 -4.70 -5.41
C ALA G 107 -25.74 -4.59 -3.93
N VAL G 108 -25.07 -3.75 -3.13
CA VAL G 108 -25.50 -3.67 -1.71
C VAL G 108 -26.86 -3.06 -1.57
N TYR G 109 -27.18 -2.07 -2.40
CA TYR G 109 -28.48 -1.46 -2.25
C TYR G 109 -29.57 -2.47 -2.56
N LEU G 110 -29.38 -3.30 -3.59
CA LEU G 110 -30.37 -4.32 -3.91
C LEU G 110 -30.39 -5.37 -2.79
N HIS G 111 -29.21 -5.70 -2.28
CA HIS G 111 -29.07 -6.67 -1.20
C HIS G 111 -29.81 -6.12 0.04
N ILE G 112 -29.57 -4.85 0.38
CA ILE G 112 -30.22 -4.22 1.54
C ILE G 112 -31.74 -4.14 1.43
N PHE G 113 -32.23 -3.66 0.29
CA PHE G 113 -33.65 -3.55 0.10
C PHE G 113 -34.35 -4.90 0.06
N ARG G 114 -33.64 -5.91 -0.43
CA ARG G 114 -34.19 -7.27 -0.47
C ARG G 114 -34.48 -7.62 0.99
N GLY G 115 -33.52 -7.32 1.86
CA GLY G 115 -33.67 -7.63 3.28
C GLY G 115 -34.78 -6.85 3.95
N LEU G 116 -34.92 -5.57 3.61
CA LEU G 116 -35.94 -4.73 4.21
C LEU G 116 -37.33 -5.22 3.86
N TYR G 117 -37.45 -5.79 2.66
CA TYR G 117 -38.74 -6.28 2.17
C TYR G 117 -39.20 -7.63 2.70
N TYR G 118 -38.27 -8.56 2.86
CA TYR G 118 -38.60 -9.90 3.34
C TYR G 118 -38.34 -10.12 4.82
N GLY G 119 -38.02 -9.03 5.52
CA GLY G 119 -37.74 -9.12 6.95
C GLY G 119 -36.58 -10.04 7.28
N SER G 120 -35.56 -10.02 6.44
CA SER G 120 -34.39 -10.87 6.65
C SER G 120 -33.59 -10.36 7.86
N TYR G 121 -34.00 -9.21 8.39
CA TYR G 121 -33.34 -8.60 9.55
C TYR G 121 -34.07 -8.96 10.84
N LYS G 122 -35.30 -9.45 10.71
CA LYS G 122 -36.05 -9.80 11.90
C LYS G 122 -35.49 -11.07 12.52
N ALA G 123 -35.75 -11.23 13.82
CA ALA G 123 -35.31 -12.40 14.58
C ALA G 123 -35.57 -13.65 13.75
N PRO G 124 -34.66 -14.63 13.83
CA PRO G 124 -33.45 -14.57 14.67
C PRO G 124 -32.23 -14.00 13.94
N ARG G 125 -32.47 -13.22 12.88
CA ARG G 125 -31.39 -12.68 12.08
C ARG G 125 -30.83 -11.28 12.36
N GLU G 126 -30.96 -10.80 13.59
CA GLU G 126 -30.47 -9.47 13.93
C GLU G 126 -28.95 -9.30 13.80
N VAL G 127 -28.20 -10.31 14.22
CA VAL G 127 -26.74 -10.23 14.16
C VAL G 127 -26.28 -10.17 12.70
N THR G 128 -26.88 -11.00 11.85
CA THR G 128 -26.52 -11.00 10.44
C THR G 128 -26.67 -9.56 9.96
N TRP G 129 -27.81 -8.96 10.28
CA TRP G 129 -28.13 -7.59 9.89
C TRP G 129 -27.15 -6.54 10.43
N ILE G 130 -26.79 -6.65 11.70
CA ILE G 130 -25.87 -5.70 12.29
C ILE G 130 -24.47 -5.82 11.68
N VAL G 131 -24.00 -7.04 11.49
CA VAL G 131 -22.68 -7.22 10.89
C VAL G 131 -22.73 -6.59 9.50
N GLY G 132 -23.84 -6.82 8.78
CA GLY G 132 -23.98 -6.25 7.46
C GLY G 132 -23.87 -4.73 7.52
N MET G 133 -24.46 -4.11 8.55
CA MET G 133 -24.42 -2.65 8.68
C MET G 133 -22.98 -2.17 8.88
N LEU G 134 -22.19 -2.95 9.62
CA LEU G 134 -20.80 -2.60 9.84
C LEU G 134 -20.07 -2.68 8.51
N ILE G 135 -20.38 -3.69 7.72
CA ILE G 135 -19.75 -3.85 6.44
C ILE G 135 -20.07 -2.61 5.59
N TYR G 136 -21.33 -2.20 5.61
CA TYR G 136 -21.77 -1.02 4.85
C TYR G 136 -20.99 0.23 5.24
N LEU G 137 -20.78 0.44 6.53
CA LEU G 137 -20.03 1.63 6.94
C LEU G 137 -18.61 1.55 6.42
N ALA G 138 -17.99 0.38 6.54
CA ALA G 138 -16.62 0.16 6.07
C ALA G 138 -16.52 0.37 4.56
N MET G 139 -17.48 -0.17 3.82
CA MET G 139 -17.51 -0.02 2.37
C MET G 139 -17.47 1.46 2.00
N MET G 140 -18.30 2.25 2.67
CA MET G 140 -18.34 3.67 2.38
C MET G 140 -17.03 4.36 2.69
N ALA G 141 -16.46 4.08 3.87
CA ALA G 141 -15.19 4.72 4.22
C ALA G 141 -14.09 4.27 3.25
N THR G 142 -14.14 3.00 2.86
CA THR G 142 -13.15 2.47 1.92
C THR G 142 -13.26 3.18 0.59
N ALA G 143 -14.46 3.20 0.01
CA ALA G 143 -14.65 3.84 -1.29
C ALA G 143 -14.34 5.33 -1.26
N PHE G 144 -14.59 5.98 -0.13
CA PHE G 144 -14.30 7.39 -0.03
C PHE G 144 -12.78 7.60 -0.13
N MET G 145 -12.02 6.87 0.67
CA MET G 145 -10.55 7.01 0.65
C MET G 145 -9.97 6.64 -0.71
N GLY G 146 -10.51 5.59 -1.33
CA GLY G 146 -10.01 5.21 -2.64
C GLY G 146 -10.17 6.36 -3.61
N TYR G 147 -11.36 6.97 -3.61
CA TYR G 147 -11.65 8.07 -4.52
C TYR G 147 -10.68 9.25 -4.36
N VAL G 148 -10.08 9.37 -3.19
CA VAL G 148 -9.13 10.44 -2.93
C VAL G 148 -7.76 10.17 -3.55
N LEU G 149 -7.41 8.89 -3.67
CA LEU G 149 -6.08 8.54 -4.18
C LEU G 149 -5.61 9.16 -5.51
N PRO G 150 -6.48 9.20 -6.54
CA PRO G 150 -6.11 9.80 -7.83
C PRO G 150 -5.65 11.26 -7.72
N TRP G 151 -6.06 11.93 -6.65
CA TRP G 151 -5.76 13.34 -6.40
C TRP G 151 -6.27 14.28 -7.49
N GLY G 152 -7.50 14.04 -7.96
CA GLY G 152 -8.10 14.91 -8.96
C GLY G 152 -8.89 15.97 -8.23
N GLN G 153 -9.69 16.77 -8.94
CA GLN G 153 -10.48 17.83 -8.26
C GLN G 153 -11.52 17.26 -7.31
N MET G 154 -12.31 16.28 -7.77
CA MET G 154 -13.30 15.68 -6.91
C MET G 154 -12.63 15.05 -5.69
N SER G 155 -11.46 14.48 -5.91
CA SER G 155 -10.69 13.83 -4.85
C SER G 155 -10.34 14.80 -3.71
N PHE G 156 -9.75 15.93 -4.07
CA PHE G 156 -9.33 16.91 -3.09
C PHE G 156 -10.49 17.53 -2.32
N TRP G 157 -11.48 18.05 -3.04
CA TRP G 157 -12.60 18.69 -2.37
C TRP G 157 -13.51 17.72 -1.62
N GLY G 158 -13.64 16.51 -2.15
CA GLY G 158 -14.47 15.53 -1.46
C GLY G 158 -13.77 15.19 -0.14
N ALA G 159 -12.44 15.18 -0.14
CA ALA G 159 -11.68 14.88 1.07
C ALA G 159 -11.83 16.05 2.05
N THR G 160 -11.82 17.26 1.53
CA THR G 160 -11.98 18.44 2.35
C THR G 160 -13.33 18.37 3.06
N VAL G 161 -14.38 18.10 2.31
CA VAL G 161 -15.72 18.03 2.86
C VAL G 161 -15.99 16.89 3.84
N ILE G 162 -15.52 15.70 3.51
CA ILE G 162 -15.75 14.55 4.39
C ILE G 162 -14.95 14.65 5.68
N THR G 163 -13.76 15.22 5.64
CA THR G 163 -13.01 15.37 6.89
C THR G 163 -13.70 16.51 7.64
N GLY G 164 -14.38 17.38 6.89
CA GLY G 164 -15.09 18.50 7.48
C GLY G 164 -16.26 18.04 8.34
N LEU G 165 -16.88 16.92 7.95
CA LEU G 165 -18.00 16.40 8.71
C LEU G 165 -17.65 16.25 10.17
N PHE G 166 -16.46 15.73 10.44
CA PHE G 166 -16.00 15.53 11.82
C PHE G 166 -15.71 16.84 12.51
N GLY G 167 -15.42 17.85 11.71
CA GLY G 167 -15.14 19.16 12.27
C GLY G 167 -16.42 19.76 12.83
N ALA G 168 -17.55 19.16 12.48
CA ALA G 168 -18.85 19.63 12.94
C ALA G 168 -19.26 19.10 14.31
N ILE G 169 -18.55 18.11 14.81
CA ILE G 169 -18.88 17.59 16.13
C ILE G 169 -18.53 18.65 17.15
N PRO G 170 -19.48 19.02 18.02
CA PRO G 170 -19.28 20.05 19.06
C PRO G 170 -18.17 19.72 20.04
N GLY G 171 -17.36 20.73 20.38
CA GLY G 171 -16.28 20.53 21.34
C GLY G 171 -15.02 19.85 20.83
N ILE G 172 -15.08 18.53 20.65
CA ILE G 172 -13.92 17.78 20.20
C ILE G 172 -13.66 17.86 18.69
N GLY G 173 -14.70 18.19 17.94
CA GLY G 173 -14.61 18.32 16.49
C GLY G 173 -13.36 18.85 15.81
N HIS G 174 -12.93 20.07 16.14
CA HIS G 174 -11.75 20.63 15.51
C HIS G 174 -10.54 19.72 15.67
N SER G 175 -10.44 19.08 16.83
CA SER G 175 -9.33 18.20 17.11
C SER G 175 -9.37 16.95 16.25
N ILE G 176 -10.53 16.31 16.20
CA ILE G 176 -10.68 15.13 15.41
C ILE G 176 -10.35 15.44 13.95
N GLN G 177 -10.78 16.62 13.48
CA GLN G 177 -10.51 16.99 12.10
C GLN G 177 -9.01 17.21 11.86
N THR G 178 -8.32 17.85 12.80
CA THR G 178 -6.91 18.09 12.63
C THR G 178 -6.15 16.76 12.60
N TRP G 179 -6.61 15.83 13.44
CA TRP G 179 -6.03 14.50 13.54
C TRP G 179 -6.19 13.72 12.23
N LEU G 180 -7.38 13.75 11.65
CA LEU G 180 -7.63 13.05 10.40
C LEU G 180 -6.82 13.62 9.25
N LEU G 181 -6.60 14.93 9.27
CA LEU G 181 -5.86 15.62 8.23
C LEU G 181 -4.35 15.60 8.40
N GLY G 182 -3.89 15.47 9.64
CA GLY G 182 -2.47 15.46 9.89
C GLY G 182 -1.93 16.88 9.73
N GLY G 183 -2.84 17.86 9.73
CA GLY G 183 -2.42 19.24 9.59
C GLY G 183 -3.59 20.20 9.43
N PRO G 184 -3.31 21.47 9.09
CA PRO G 184 -4.35 22.49 8.90
C PRO G 184 -5.25 22.36 7.68
N ALA G 185 -4.85 21.53 6.73
CA ALA G 185 -5.63 21.36 5.51
C ALA G 185 -5.37 20.00 4.89
N VAL G 186 -6.16 19.67 3.87
CA VAL G 186 -5.97 18.41 3.17
C VAL G 186 -4.66 18.60 2.41
N ASP G 187 -3.68 17.73 2.68
CA ASP G 187 -2.38 17.82 2.02
C ASP G 187 -1.77 16.42 1.88
N ASN G 188 -0.46 16.35 1.65
CA ASN G 188 0.19 15.06 1.49
C ASN G 188 0.00 14.12 2.67
N ALA G 189 0.16 14.62 3.89
CA ALA G 189 -0.03 13.75 5.06
C ALA G 189 -1.40 13.07 5.00
N THR G 190 -2.39 13.77 4.44
CA THR G 190 -3.74 13.22 4.34
C THR G 190 -3.82 12.11 3.30
N LEU G 191 -3.26 12.38 2.12
CA LEU G 191 -3.26 11.41 1.02
C LEU G 191 -2.53 10.13 1.47
N ASN G 192 -1.37 10.34 2.10
CA ASN G 192 -0.53 9.25 2.57
C ASN G 192 -1.25 8.32 3.55
N ARG G 193 -1.98 8.86 4.53
CA ARG G 193 -2.67 7.99 5.49
C ARG G 193 -3.92 7.36 4.87
N PHE G 194 -4.50 8.03 3.88
CA PHE G 194 -5.67 7.46 3.23
C PHE G 194 -5.26 6.26 2.42
N PHE G 195 -4.06 6.32 1.84
CA PHE G 195 -3.58 5.17 1.07
C PHE G 195 -3.47 3.97 1.98
N SER G 196 -2.78 4.15 3.10
CA SER G 196 -2.64 3.05 4.03
C SER G 196 -3.99 2.51 4.51
N LEU G 197 -4.92 3.39 4.83
CA LEU G 197 -6.22 2.91 5.31
C LEU G 197 -7.07 2.32 4.19
N HIS G 198 -6.91 2.80 2.97
CA HIS G 198 -7.68 2.25 1.85
C HIS G 198 -7.21 0.81 1.64
N TYR G 199 -5.93 0.56 1.90
CA TYR G 199 -5.36 -0.77 1.75
C TYR G 199 -5.87 -1.69 2.87
N LEU G 200 -5.85 -1.19 4.10
CA LEU G 200 -6.28 -1.97 5.27
C LEU G 200 -7.76 -2.32 5.41
N LEU G 201 -8.66 -1.37 5.18
CA LEU G 201 -10.08 -1.64 5.35
C LEU G 201 -10.67 -2.83 4.61
N PRO G 202 -10.29 -3.01 3.34
CA PRO G 202 -10.86 -4.16 2.62
C PRO G 202 -10.65 -5.51 3.33
N PHE G 203 -9.56 -5.63 4.10
CA PHE G 203 -9.30 -6.87 4.83
C PHE G 203 -10.21 -6.99 6.05
N VAL G 204 -10.55 -5.84 6.61
CA VAL G 204 -11.44 -5.79 7.75
C VAL G 204 -12.80 -6.22 7.21
N ILE G 205 -13.17 -5.68 6.06
CA ILE G 205 -14.43 -6.04 5.44
C ILE G 205 -14.45 -7.56 5.22
N ALA G 206 -13.38 -8.09 4.63
CA ALA G 206 -13.30 -9.54 4.39
C ALA G 206 -13.51 -10.31 5.69
N ALA G 207 -12.90 -9.83 6.76
CA ALA G 207 -13.05 -10.49 8.05
C ALA G 207 -14.52 -10.42 8.49
N LEU G 208 -15.13 -9.25 8.34
CA LEU G 208 -16.53 -9.10 8.72
C LEU G 208 -17.45 -9.97 7.87
N VAL G 209 -17.14 -10.06 6.58
CA VAL G 209 -17.94 -10.88 5.68
C VAL G 209 -17.90 -12.32 6.15
N ALA G 210 -16.78 -12.73 6.74
CA ALA G 210 -16.63 -14.09 7.23
C ALA G 210 -17.64 -14.30 8.35
N ILE G 211 -17.76 -13.33 9.25
CA ILE G 211 -18.69 -13.42 10.35
C ILE G 211 -20.13 -13.35 9.84
N HIS G 212 -20.34 -12.56 8.79
CA HIS G 212 -21.65 -12.39 8.14
C HIS G 212 -22.11 -13.76 7.64
N ILE G 213 -21.23 -14.47 6.93
CA ILE G 213 -21.56 -15.79 6.39
C ILE G 213 -21.83 -16.78 7.52
N TRP G 214 -20.97 -16.75 8.53
CA TRP G 214 -21.13 -17.63 9.68
C TRP G 214 -22.51 -17.37 10.29
N ALA G 215 -22.83 -16.09 10.46
CA ALA G 215 -24.10 -15.67 11.04
C ALA G 215 -25.33 -16.20 10.30
N PHE G 216 -25.41 -16.03 8.99
CA PHE G 216 -26.59 -16.55 8.34
C PHE G 216 -26.55 -18.06 8.21
N HIS G 217 -25.38 -18.65 8.33
CA HIS G 217 -25.26 -20.10 8.29
C HIS G 217 -25.79 -20.67 9.60
N SER G 218 -25.60 -19.94 10.69
CA SER G 218 -26.06 -20.37 11.99
C SER G 218 -27.59 -20.42 12.07
N THR G 219 -28.27 -19.52 11.37
CA THR G 219 -29.72 -19.49 11.41
C THR G 219 -30.37 -20.11 10.20
N GLY G 220 -29.64 -20.20 9.10
CA GLY G 220 -30.20 -20.74 7.89
C GLY G 220 -30.75 -19.54 7.15
N ASN G 221 -30.73 -19.60 5.83
CA ASN G 221 -31.22 -18.52 5.00
C ASN G 221 -32.70 -18.29 5.15
N ASN G 222 -33.12 -17.06 4.93
CA ASN G 222 -34.53 -16.72 4.98
C ASN G 222 -34.97 -16.91 3.53
N ASN G 223 -36.28 -17.03 3.31
CA ASN G 223 -36.78 -17.22 1.95
C ASN G 223 -37.93 -16.23 1.73
N PRO G 224 -38.45 -16.13 0.50
CA PRO G 224 -39.54 -15.20 0.21
C PRO G 224 -40.85 -15.33 0.98
N THR G 225 -41.05 -16.43 1.70
CA THR G 225 -42.30 -16.58 2.45
C THR G 225 -42.14 -16.24 3.93
N GLY G 226 -40.90 -16.15 4.40
CA GLY G 226 -40.66 -15.83 5.79
C GLY G 226 -40.92 -17.04 6.68
N VAL G 227 -41.30 -18.16 6.06
CA VAL G 227 -41.57 -19.38 6.79
C VAL G 227 -40.30 -20.22 6.87
N GLU G 228 -39.88 -20.52 8.10
CA GLU G 228 -38.67 -21.31 8.33
C GLU G 228 -38.77 -22.72 7.75
N VAL G 229 -37.62 -23.38 7.66
CA VAL G 229 -37.55 -24.74 7.17
C VAL G 229 -37.93 -25.63 8.36
N ARG G 230 -38.68 -26.70 8.11
CA ARG G 230 -39.06 -27.60 9.21
C ARG G 230 -37.81 -28.30 9.74
N ARG G 231 -37.60 -28.22 11.05
CA ARG G 231 -36.42 -28.82 11.68
C ARG G 231 -36.69 -30.17 12.34
N THR G 232 -37.96 -30.54 12.46
CA THR G 232 -38.35 -31.80 13.11
C THR G 232 -37.78 -33.12 12.57
N SER G 233 -37.55 -33.24 11.27
CA SER G 233 -37.01 -34.48 10.71
C SER G 233 -36.32 -34.26 9.36
N LYS G 234 -35.23 -34.98 9.11
CA LYS G 234 -34.54 -34.83 7.85
C LYS G 234 -35.55 -35.01 6.71
N ALA G 235 -36.55 -35.86 6.96
CA ALA G 235 -37.60 -36.15 6.00
C ALA G 235 -38.27 -34.91 5.40
N GLU G 236 -38.93 -34.14 6.26
CA GLU G 236 -39.63 -32.94 5.84
C GLU G 236 -38.69 -31.79 5.53
N ALA G 237 -37.57 -31.74 6.25
CA ALA G 237 -36.58 -30.70 6.02
C ALA G 237 -36.21 -30.74 4.53
N GLN G 238 -36.09 -31.94 4.00
CA GLN G 238 -35.74 -32.12 2.59
C GLN G 238 -36.84 -31.69 1.64
N LYS G 239 -38.07 -31.73 2.11
CA LYS G 239 -39.20 -31.35 1.28
C LYS G 239 -39.16 -29.83 1.11
N ASP G 240 -38.58 -29.15 2.10
CA ASP G 240 -38.45 -27.69 2.12
C ASP G 240 -37.18 -27.18 1.44
N THR G 241 -36.15 -28.02 1.39
CA THR G 241 -34.86 -27.61 0.83
C THR G 241 -34.26 -28.44 -0.30
N VAL G 242 -33.01 -28.08 -0.60
CA VAL G 242 -32.14 -28.74 -1.59
C VAL G 242 -30.78 -28.27 -1.10
N PRO G 243 -29.73 -29.05 -1.32
CA PRO G 243 -28.42 -28.61 -0.85
C PRO G 243 -27.88 -27.43 -1.66
N PHE G 244 -27.19 -26.54 -0.98
CA PHE G 244 -26.62 -25.37 -1.63
C PHE G 244 -25.83 -25.79 -2.87
N TRP G 245 -24.97 -26.79 -2.71
CA TRP G 245 -24.22 -27.31 -3.84
C TRP G 245 -24.99 -28.54 -4.34
N PRO G 246 -25.25 -28.62 -5.65
CA PRO G 246 -24.88 -27.68 -6.71
C PRO G 246 -26.06 -26.79 -7.14
N TYR G 247 -27.22 -27.04 -6.56
CA TYR G 247 -28.43 -26.31 -6.91
C TYR G 247 -28.35 -24.79 -6.89
N PHE G 248 -27.93 -24.20 -5.78
CA PHE G 248 -27.86 -22.75 -5.75
C PHE G 248 -26.52 -22.22 -6.23
N ILE G 249 -25.45 -22.94 -5.94
CA ILE G 249 -24.12 -22.54 -6.38
C ILE G 249 -24.17 -22.27 -7.88
N ILE G 250 -24.90 -23.09 -8.62
CA ILE G 250 -24.96 -22.91 -10.05
C ILE G 250 -25.87 -21.80 -10.53
N LYS G 251 -27.00 -21.58 -9.86
CA LYS G 251 -27.83 -20.49 -10.31
C LYS G 251 -27.13 -19.17 -9.95
N ASP G 252 -26.42 -19.16 -8.83
CA ASP G 252 -25.67 -17.97 -8.42
C ASP G 252 -24.57 -17.67 -9.45
N VAL G 253 -23.77 -18.68 -9.79
CA VAL G 253 -22.72 -18.48 -10.78
C VAL G 253 -23.33 -18.05 -12.11
N PHE G 254 -24.51 -18.59 -12.42
CA PHE G 254 -25.18 -18.22 -13.66
C PHE G 254 -25.58 -16.75 -13.61
N ALA G 255 -26.16 -16.34 -12.48
CA ALA G 255 -26.59 -14.96 -12.30
C ALA G 255 -25.37 -14.05 -12.41
N LEU G 256 -24.31 -14.42 -11.69
CA LEU G 256 -23.07 -13.69 -11.68
C LEU G 256 -22.53 -13.46 -13.09
N ALA G 257 -22.63 -14.48 -13.94
CA ALA G 257 -22.15 -14.39 -15.32
C ALA G 257 -22.95 -13.36 -16.09
N VAL G 258 -24.25 -13.28 -15.83
CA VAL G 258 -25.11 -12.34 -16.51
C VAL G 258 -24.75 -10.93 -16.04
N VAL G 259 -24.57 -10.79 -14.73
CA VAL G 259 -24.21 -9.50 -14.15
C VAL G 259 -22.86 -9.04 -14.69
N LEU G 260 -21.88 -9.94 -14.71
CA LEU G 260 -20.57 -9.59 -15.22
C LEU G 260 -20.61 -9.26 -16.70
N LEU G 261 -21.57 -9.83 -17.41
CA LEU G 261 -21.73 -9.55 -18.82
C LEU G 261 -22.02 -8.06 -18.98
N VAL G 262 -22.99 -7.56 -18.23
CA VAL G 262 -23.35 -6.14 -18.28
C VAL G 262 -22.19 -5.29 -17.78
N PHE G 263 -21.60 -5.71 -16.66
CA PHE G 263 -20.49 -5.01 -16.06
C PHE G 263 -19.33 -4.81 -17.04
N PHE G 264 -18.92 -5.87 -17.73
CA PHE G 264 -17.82 -5.75 -18.68
C PHE G 264 -18.21 -4.92 -19.90
N ALA G 265 -19.48 -4.97 -20.25
CA ALA G 265 -19.98 -4.18 -21.37
C ALA G 265 -19.81 -2.71 -20.97
N ILE G 266 -20.14 -2.38 -19.72
CA ILE G 266 -20.00 -1.02 -19.22
C ILE G 266 -18.54 -0.62 -19.27
N VAL G 267 -17.70 -1.41 -18.61
CA VAL G 267 -16.27 -1.15 -18.56
C VAL G 267 -15.61 -1.06 -19.93
N GLY G 268 -16.04 -1.92 -20.85
CA GLY G 268 -15.46 -1.88 -22.17
C GLY G 268 -15.95 -0.73 -23.02
N PHE G 269 -17.24 -0.43 -22.94
CA PHE G 269 -17.82 0.61 -23.77
C PHE G 269 -18.15 1.98 -23.19
N MET G 270 -18.38 2.07 -21.89
CA MET G 270 -18.68 3.37 -21.28
C MET G 270 -18.15 3.38 -19.85
N PRO G 271 -16.84 3.18 -19.71
CA PRO G 271 -16.12 3.15 -18.43
C PRO G 271 -16.20 4.44 -17.61
N ASN G 272 -16.45 5.57 -18.26
CA ASN G 272 -16.52 6.86 -17.58
C ASN G 272 -17.91 7.40 -17.32
N TYR G 273 -18.92 6.63 -17.68
CA TYR G 273 -20.30 7.05 -17.51
C TYR G 273 -20.70 7.28 -16.04
N LEU G 274 -20.35 6.34 -15.18
CA LEU G 274 -20.70 6.47 -13.76
C LEU G 274 -19.73 7.34 -12.97
N GLY G 275 -18.87 8.08 -13.67
CA GLY G 275 -17.91 8.92 -12.97
C GLY G 275 -18.08 10.40 -13.18
N HIS G 276 -17.16 11.18 -12.60
CA HIS G 276 -17.19 12.62 -12.71
C HIS G 276 -16.01 13.17 -13.50
N PRO G 277 -16.28 13.82 -14.64
CA PRO G 277 -15.26 14.41 -15.51
C PRO G 277 -14.26 15.29 -14.79
N ASP G 278 -14.68 15.94 -13.72
CA ASP G 278 -13.76 16.82 -13.02
C ASP G 278 -12.66 16.09 -12.31
N ASN G 279 -12.74 14.78 -12.18
CA ASN G 279 -11.63 14.14 -11.51
C ASN G 279 -10.49 13.85 -12.48
N TYR G 280 -10.63 14.33 -13.71
CA TYR G 280 -9.58 14.18 -14.69
C TYR G 280 -8.84 15.50 -14.74
N ILE G 281 -9.07 16.31 -13.72
CA ILE G 281 -8.41 17.60 -13.59
C ILE G 281 -7.66 17.48 -12.28
N GLU G 282 -6.41 17.93 -12.28
CA GLU G 282 -5.58 17.82 -11.08
C GLU G 282 -6.10 18.65 -9.92
N ALA G 283 -5.97 18.08 -8.71
CA ALA G 283 -6.38 18.78 -7.52
C ALA G 283 -5.87 20.21 -7.53
N ASN G 284 -6.75 21.14 -7.25
CA ASN G 284 -6.38 22.56 -7.19
C ASN G 284 -6.87 23.03 -5.84
N PRO G 285 -5.96 23.17 -4.87
CA PRO G 285 -6.36 23.60 -3.52
C PRO G 285 -6.94 25.01 -3.46
N LEU G 286 -6.81 25.77 -4.55
CA LEU G 286 -7.32 27.13 -4.56
C LEU G 286 -8.58 27.31 -5.37
N ARG G 287 -9.28 26.23 -5.67
CA ARG G 287 -10.44 26.41 -6.50
C ARG G 287 -11.34 25.19 -6.52
N THR G 288 -12.60 25.39 -6.14
CA THR G 288 -13.56 24.31 -6.13
C THR G 288 -14.39 24.35 -7.39
N PRO G 289 -14.46 23.22 -8.13
CA PRO G 289 -15.24 23.18 -9.36
C PRO G 289 -16.68 23.60 -9.14
N ALA G 290 -17.24 24.28 -10.12
CA ALA G 290 -18.62 24.73 -10.04
C ALA G 290 -19.60 23.57 -10.03
N HIS G 291 -19.26 22.47 -10.67
CA HIS G 291 -20.19 21.35 -10.69
C HIS G 291 -19.81 20.16 -9.86
N ILE G 292 -19.17 20.43 -8.73
CA ILE G 292 -18.77 19.39 -7.82
C ILE G 292 -20.05 18.64 -7.43
N VAL G 293 -19.97 17.32 -7.49
CA VAL G 293 -21.09 16.45 -7.15
C VAL G 293 -20.50 15.15 -6.63
N PRO G 294 -21.10 14.58 -5.57
CA PRO G 294 -20.58 13.32 -5.03
C PRO G 294 -20.74 12.13 -5.96
N GLU G 295 -20.09 11.03 -5.59
CA GLU G 295 -20.15 9.77 -6.33
C GLU G 295 -21.62 9.35 -6.20
N TRP G 296 -22.24 8.87 -7.28
CA TRP G 296 -23.65 8.50 -7.20
C TRP G 296 -24.07 7.66 -6.00
N TYR G 297 -23.29 6.66 -5.61
CA TYR G 297 -23.71 5.86 -4.47
C TYR G 297 -23.69 6.63 -3.15
N PHE G 298 -23.27 7.90 -3.18
CA PHE G 298 -23.24 8.74 -1.99
C PHE G 298 -24.35 9.79 -2.04
N LEU G 299 -24.88 10.03 -3.24
CA LEU G 299 -25.92 11.04 -3.42
C LEU G 299 -27.09 11.04 -2.45
N PRO G 300 -27.77 9.90 -2.27
CA PRO G 300 -28.89 9.97 -1.32
C PRO G 300 -28.58 10.51 0.07
N PHE G 301 -27.46 10.13 0.64
CA PHE G 301 -27.12 10.61 1.98
C PHE G 301 -26.69 12.07 1.93
N TYR G 302 -26.12 12.44 0.79
CA TYR G 302 -25.68 13.80 0.55
C TYR G 302 -26.91 14.71 0.47
N ALA G 303 -27.93 14.23 -0.22
CA ALA G 303 -29.17 14.97 -0.38
C ALA G 303 -29.79 15.25 0.99
N ILE G 304 -29.83 14.23 1.83
CA ILE G 304 -30.37 14.41 3.15
C ILE G 304 -29.59 15.48 3.87
N LEU G 305 -28.25 15.40 3.81
CA LEU G 305 -27.46 16.41 4.46
C LEU G 305 -27.72 17.84 4.00
N ARG G 306 -27.69 18.13 2.71
CA ARG G 306 -27.90 19.53 2.34
C ARG G 306 -29.34 20.05 2.37
N ALA G 307 -30.30 19.19 2.69
CA ALA G 307 -31.69 19.61 2.75
C ALA G 307 -31.83 20.53 3.97
N PHE G 308 -31.01 20.28 4.99
CA PHE G 308 -31.12 21.06 6.22
C PHE G 308 -30.31 22.33 6.35
N THR G 309 -30.88 23.40 5.82
CA THR G 309 -30.27 24.73 5.86
C THR G 309 -30.79 25.46 7.10
N ALA G 310 -30.24 26.64 7.36
CA ALA G 310 -30.61 27.46 8.50
C ALA G 310 -32.10 27.80 8.54
N ASP G 311 -32.73 27.85 7.36
CA ASP G 311 -34.13 28.20 7.26
C ASP G 311 -35.16 27.12 7.55
N VAL G 312 -34.72 25.86 7.70
CA VAL G 312 -35.66 24.78 7.97
C VAL G 312 -36.18 24.91 9.39
N TRP G 313 -37.50 25.01 9.47
CA TRP G 313 -38.19 25.21 10.73
C TRP G 313 -37.70 24.27 11.82
N VAL G 314 -37.62 22.99 11.50
CA VAL G 314 -37.18 21.99 12.46
C VAL G 314 -35.73 22.27 12.93
N VAL G 315 -34.93 22.86 12.03
CA VAL G 315 -33.56 23.18 12.37
C VAL G 315 -33.58 24.40 13.28
N GLN G 316 -34.45 25.35 12.97
CA GLN G 316 -34.56 26.56 13.77
C GLN G 316 -35.07 26.20 15.16
N ILE G 317 -36.02 25.28 15.23
CA ILE G 317 -36.51 24.85 16.53
C ILE G 317 -35.34 24.21 17.28
N ALA G 318 -34.66 23.28 16.62
CA ALA G 318 -33.54 22.59 17.26
C ALA G 318 -32.43 23.54 17.70
N ASN G 319 -32.15 24.55 16.87
CA ASN G 319 -31.13 25.52 17.18
C ASN G 319 -31.49 26.29 18.45
N PHE G 320 -32.77 26.62 18.59
CA PHE G 320 -33.24 27.36 19.76
C PHE G 320 -33.21 26.48 21.00
N ILE G 321 -33.89 25.35 20.90
CA ILE G 321 -33.98 24.40 21.99
C ILE G 321 -32.65 23.92 22.57
N SER G 322 -31.63 23.85 21.73
CA SER G 322 -30.32 23.36 22.16
C SER G 322 -29.36 24.49 22.51
N PHE G 323 -29.90 25.70 22.63
CA PHE G 323 -29.08 26.86 22.94
C PHE G 323 -27.98 27.01 21.89
N GLY G 324 -28.31 26.67 20.65
CA GLY G 324 -27.34 26.82 19.56
C GLY G 324 -26.33 25.73 19.29
N ILE G 325 -26.17 24.77 20.20
CA ILE G 325 -25.22 23.68 20.00
C ILE G 325 -25.48 23.03 18.67
N ILE G 326 -26.76 22.85 18.38
CA ILE G 326 -27.13 22.17 17.17
C ILE G 326 -27.60 23.12 16.08
N ASP G 327 -26.69 23.64 15.27
CA ASP G 327 -27.08 24.52 14.19
C ASP G 327 -27.31 23.65 12.95
N ALA G 328 -27.56 24.27 11.81
CA ALA G 328 -27.81 23.51 10.58
C ALA G 328 -26.63 22.61 10.20
N LYS G 329 -25.40 23.11 10.37
CA LYS G 329 -24.22 22.33 10.02
C LYS G 329 -24.23 20.98 10.73
N PHE G 330 -24.32 21.02 12.06
CA PHE G 330 -24.33 19.79 12.82
C PHE G 330 -25.60 18.99 12.63
N PHE G 331 -26.71 19.68 12.40
CA PHE G 331 -27.99 19.01 12.19
C PHE G 331 -27.93 18.16 10.91
N GLY G 332 -27.35 18.73 9.86
CA GLY G 332 -27.23 18.01 8.61
C GLY G 332 -26.38 16.76 8.78
N VAL G 333 -25.30 16.87 9.56
CA VAL G 333 -24.42 15.76 9.81
C VAL G 333 -25.15 14.69 10.62
N LEU G 334 -25.93 15.10 11.61
CA LEU G 334 -26.68 14.15 12.42
C LEU G 334 -27.76 13.48 11.58
N ALA G 335 -28.41 14.27 10.74
CA ALA G 335 -29.47 13.72 9.90
C ALA G 335 -28.90 12.65 8.99
N MET G 336 -27.76 12.95 8.37
CA MET G 336 -27.13 12.01 7.47
C MET G 336 -26.68 10.72 8.15
N PHE G 337 -25.93 10.83 9.25
CA PHE G 337 -25.51 9.60 9.92
C PHE G 337 -26.75 8.95 10.54
N GLY G 338 -27.70 9.76 10.96
CA GLY G 338 -28.92 9.24 11.54
C GLY G 338 -29.75 8.44 10.56
N ALA G 339 -29.74 8.84 9.30
CA ALA G 339 -30.49 8.12 8.28
C ALA G 339 -29.91 6.70 8.17
N ILE G 340 -28.60 6.57 8.38
CA ILE G 340 -27.99 5.26 8.31
C ILE G 340 -28.30 4.50 9.61
N LEU G 341 -28.21 5.20 10.74
CA LEU G 341 -28.47 4.58 12.03
C LEU G 341 -29.90 4.04 12.19
N VAL G 342 -30.91 4.73 11.65
CA VAL G 342 -32.26 4.20 11.81
C VAL G 342 -32.44 2.93 11.01
N MET G 343 -31.73 2.82 9.90
CA MET G 343 -31.81 1.63 9.06
C MET G 343 -31.17 0.46 9.81
N ALA G 344 -30.15 0.75 10.60
CA ALA G 344 -29.47 -0.27 11.38
C ALA G 344 -30.38 -0.77 12.49
N LEU G 345 -31.25 0.11 12.99
CA LEU G 345 -32.16 -0.24 14.07
C LEU G 345 -33.47 -0.86 13.64
N VAL G 346 -33.71 -0.97 12.34
CA VAL G 346 -34.97 -1.53 11.86
C VAL G 346 -35.42 -2.82 12.55
N PRO G 347 -34.48 -3.67 13.00
CA PRO G 347 -34.99 -4.88 13.67
C PRO G 347 -35.83 -4.58 14.90
N TRP G 348 -35.52 -3.47 15.57
CA TRP G 348 -36.24 -3.07 16.77
C TRP G 348 -37.32 -2.03 16.55
N LEU G 349 -37.47 -1.58 15.32
CA LEU G 349 -38.49 -0.59 15.00
C LEU G 349 -39.66 -1.26 14.29
N ASP G 350 -39.39 -2.37 13.64
CA ASP G 350 -40.45 -3.11 12.94
C ASP G 350 -41.10 -4.01 13.99
N THR G 351 -42.28 -3.61 14.45
CA THR G 351 -42.97 -4.36 15.48
C THR G 351 -43.86 -5.51 14.99
N SER G 352 -44.07 -5.61 13.69
CA SER G 352 -44.90 -6.68 13.15
C SER G 352 -44.21 -8.02 13.33
N PRO G 353 -44.96 -9.06 13.72
CA PRO G 353 -44.38 -10.39 13.92
C PRO G 353 -44.37 -11.18 12.63
N VAL G 354 -44.94 -10.60 11.57
CA VAL G 354 -44.97 -11.25 10.26
C VAL G 354 -43.64 -10.97 9.58
N ARG G 355 -42.89 -12.02 9.28
CA ARG G 355 -41.57 -11.85 8.67
C ARG G 355 -41.56 -11.26 7.27
N SER G 356 -42.17 -11.95 6.31
CA SER G 356 -42.16 -11.45 4.93
C SER G 356 -43.20 -10.40 4.60
N GLY G 357 -42.75 -9.30 4.00
CA GLY G 357 -43.63 -8.23 3.62
C GLY G 357 -44.51 -8.61 2.44
N ARG G 358 -44.41 -9.87 2.02
CA ARG G 358 -45.22 -10.35 0.91
C ARG G 358 -46.65 -10.51 1.41
N TYR G 359 -46.77 -10.73 2.72
CA TYR G 359 -48.05 -10.93 3.38
C TYR G 359 -48.43 -9.74 4.29
N ARG G 360 -47.99 -8.55 3.91
CA ARG G 360 -48.29 -7.33 4.65
C ARG G 360 -48.76 -6.29 3.64
N PRO G 361 -50.08 -6.18 3.44
CA PRO G 361 -50.73 -5.26 2.50
C PRO G 361 -50.43 -3.76 2.65
N MET G 362 -50.36 -3.27 3.89
CA MET G 362 -50.07 -1.86 4.13
C MET G 362 -48.58 -1.63 3.99
N PHE G 363 -47.80 -2.57 4.56
CA PHE G 363 -46.35 -2.50 4.49
C PHE G 363 -45.90 -2.33 3.04
N LYS G 364 -46.41 -3.17 2.16
CA LYS G 364 -46.03 -3.08 0.75
C LYS G 364 -46.04 -1.67 0.22
N ILE G 365 -47.03 -0.89 0.61
CA ILE G 365 -47.12 0.48 0.13
C ILE G 365 -46.00 1.38 0.61
N TYR G 366 -45.77 1.39 1.92
CA TYR G 366 -44.73 2.22 2.48
C TYR G 366 -43.36 1.78 2.03
N PHE G 367 -43.19 0.47 1.88
CA PHE G 367 -41.92 -0.07 1.42
C PHE G 367 -41.58 0.49 0.04
N TRP G 368 -42.51 0.36 -0.92
CA TRP G 368 -42.24 0.87 -2.25
C TRP G 368 -42.08 2.37 -2.29
N LEU G 369 -42.64 3.06 -1.30
CA LEU G 369 -42.49 4.51 -1.25
C LEU G 369 -41.05 4.76 -0.80
N LEU G 370 -40.57 3.89 0.10
CA LEU G 370 -39.20 4.00 0.59
C LEU G 370 -38.23 3.78 -0.56
N ALA G 371 -38.51 2.76 -1.36
CA ALA G 371 -37.67 2.45 -2.50
C ALA G 371 -37.62 3.64 -3.46
N ALA G 372 -38.80 4.17 -3.78
CA ALA G 372 -38.89 5.31 -4.68
C ALA G 372 -38.19 6.52 -4.07
N ASP G 373 -38.31 6.64 -2.75
CA ASP G 373 -37.71 7.74 -2.01
C ASP G 373 -36.19 7.70 -2.18
N PHE G 374 -35.62 6.51 -2.06
CA PHE G 374 -34.18 6.32 -2.20
C PHE G 374 -33.75 6.82 -3.58
N VAL G 375 -34.50 6.43 -4.60
CA VAL G 375 -34.19 6.86 -5.96
C VAL G 375 -34.34 8.38 -6.10
N ILE G 376 -35.38 8.94 -5.50
CA ILE G 376 -35.59 10.38 -5.57
C ILE G 376 -34.45 11.10 -4.88
N LEU G 377 -34.06 10.65 -3.69
CA LEU G 377 -32.96 11.26 -2.96
C LEU G 377 -31.69 11.25 -3.79
N THR G 378 -31.44 10.10 -4.44
CA THR G 378 -30.26 9.97 -5.29
C THR G 378 -30.35 10.99 -6.42
N TRP G 379 -31.52 11.05 -7.05
CA TRP G 379 -31.72 11.98 -8.14
C TRP G 379 -31.64 13.45 -7.68
N VAL G 380 -32.20 13.80 -6.52
CA VAL G 380 -32.10 15.21 -6.11
C VAL G 380 -30.68 15.61 -5.72
N GLY G 381 -29.91 14.65 -5.21
CA GLY G 381 -28.55 14.96 -4.80
C GLY G 381 -27.75 15.59 -5.93
N ALA G 382 -28.09 15.23 -7.16
CA ALA G 382 -27.39 15.75 -8.33
C ALA G 382 -28.00 17.05 -8.86
N GLN G 383 -29.07 17.54 -8.22
CA GLN G 383 -29.72 18.77 -8.63
C GLN G 383 -29.19 19.93 -7.80
N GLN G 384 -29.57 21.15 -8.17
CA GLN G 384 -29.15 22.33 -7.42
C GLN G 384 -30.00 22.45 -6.17
N THR G 385 -29.64 23.42 -5.34
CA THR G 385 -30.34 23.64 -4.08
C THR G 385 -31.54 24.59 -4.22
N THR G 386 -31.75 25.11 -5.44
CA THR G 386 -32.85 26.01 -5.68
C THR G 386 -34.21 25.33 -5.64
N PHE G 387 -35.26 26.14 -5.65
CA PHE G 387 -36.63 25.65 -5.63
C PHE G 387 -36.85 24.94 -6.96
N PRO G 388 -37.58 23.81 -6.95
CA PRO G 388 -38.27 23.08 -5.88
C PRO G 388 -37.45 21.93 -5.28
N TYR G 389 -36.22 21.76 -5.75
CA TYR G 389 -35.37 20.67 -5.26
C TYR G 389 -35.18 20.72 -3.75
N ASP G 390 -35.05 21.92 -3.22
CA ASP G 390 -34.90 22.10 -1.78
C ASP G 390 -36.07 21.49 -1.03
N TRP G 391 -37.27 21.63 -1.59
CA TRP G 391 -38.48 21.07 -1.00
C TRP G 391 -38.55 19.57 -1.17
N ILE G 392 -38.24 19.12 -2.38
CA ILE G 392 -38.26 17.70 -2.67
C ILE G 392 -37.29 16.97 -1.74
N SER G 393 -36.09 17.53 -1.55
CA SER G 393 -35.15 16.86 -0.68
C SER G 393 -35.68 16.77 0.75
N LEU G 394 -36.35 17.83 1.21
CA LEU G 394 -36.90 17.83 2.57
C LEU G 394 -38.00 16.78 2.74
N ILE G 395 -38.88 16.70 1.76
CA ILE G 395 -39.96 15.73 1.82
C ILE G 395 -39.38 14.33 1.78
N ALA G 396 -38.46 14.10 0.86
CA ALA G 396 -37.85 12.78 0.72
C ALA G 396 -37.12 12.40 2.03
N SER G 397 -36.40 13.34 2.63
CA SER G 397 -35.69 13.06 3.87
C SER G 397 -36.71 12.76 4.96
N ALA G 398 -37.79 13.54 4.98
CA ALA G 398 -38.85 13.36 5.96
C ALA G 398 -39.43 11.97 5.85
N TYR G 399 -39.77 11.57 4.63
CA TYR G 399 -40.34 10.24 4.47
C TYR G 399 -39.41 9.14 4.93
N TRP G 400 -38.10 9.32 4.73
CA TRP G 400 -37.11 8.33 5.12
C TRP G 400 -37.14 8.07 6.63
N PHE G 401 -37.10 9.14 7.42
CA PHE G 401 -37.13 8.97 8.86
C PHE G 401 -38.51 8.54 9.34
N ALA G 402 -39.54 8.95 8.60
CA ALA G 402 -40.91 8.60 8.94
C ALA G 402 -41.08 7.09 8.83
N TYR G 403 -40.61 6.54 7.72
CA TYR G 403 -40.71 5.11 7.49
C TYR G 403 -40.19 4.28 8.65
N PHE G 404 -38.98 4.56 9.11
CA PHE G 404 -38.38 3.80 10.21
C PHE G 404 -38.85 4.16 11.61
N LEU G 405 -38.95 5.45 11.90
CA LEU G 405 -39.34 5.89 13.23
C LEU G 405 -40.84 5.93 13.55
N VAL G 406 -41.67 6.08 12.53
CA VAL G 406 -43.10 6.18 12.75
C VAL G 406 -43.91 5.06 12.10
N ILE G 407 -43.90 5.02 10.78
CA ILE G 407 -44.67 4.03 10.03
C ILE G 407 -44.47 2.56 10.39
N LEU G 408 -43.23 2.08 10.51
CA LEU G 408 -43.08 0.66 10.84
C LEU G 408 -43.52 0.31 12.26
N PRO G 409 -43.27 1.19 13.24
CA PRO G 409 -43.70 0.82 14.59
C PRO G 409 -45.23 0.78 14.67
N ILE G 410 -45.89 1.66 13.93
CA ILE G 410 -47.34 1.71 13.93
C ILE G 410 -47.97 0.54 13.16
N LEU G 411 -47.50 0.29 11.94
CA LEU G 411 -48.02 -0.82 11.15
C LEU G 411 -48.02 -2.13 11.94
N GLY G 412 -47.08 -2.25 12.85
CA GLY G 412 -46.97 -3.46 13.64
C GLY G 412 -48.26 -3.78 14.37
N ALA G 413 -48.87 -2.77 14.99
CA ALA G 413 -50.10 -2.96 15.75
C ALA G 413 -51.37 -2.76 14.96
N ILE G 414 -51.28 -2.05 13.84
CA ILE G 414 -52.44 -1.73 13.03
C ILE G 414 -52.75 -2.55 11.78
N GLU G 415 -51.78 -3.30 11.29
CA GLU G 415 -52.00 -4.05 10.05
C GLU G 415 -52.70 -5.40 10.13
N LYS G 416 -53.47 -5.72 9.09
CA LYS G 416 -54.12 -7.01 9.05
C LYS G 416 -53.39 -7.86 8.02
N PRO G 417 -52.44 -8.67 8.50
CA PRO G 417 -51.61 -9.56 7.70
C PRO G 417 -52.29 -10.76 7.07
N VAL G 418 -52.05 -10.93 5.77
CA VAL G 418 -52.59 -12.06 5.05
C VAL G 418 -51.86 -13.26 5.61
N ALA G 419 -52.42 -14.46 5.43
CA ALA G 419 -51.79 -15.67 5.95
C ALA G 419 -50.75 -16.22 4.99
N PRO G 420 -49.60 -16.67 5.53
CA PRO G 420 -48.54 -17.23 4.70
C PRO G 420 -48.71 -18.75 4.58
N PRO G 421 -48.13 -19.35 3.54
CA PRO G 421 -48.28 -20.80 3.44
C PRO G 421 -47.76 -21.46 4.71
N ALA G 422 -48.08 -22.74 4.92
CA ALA G 422 -47.66 -23.43 6.13
C ALA G 422 -46.25 -23.98 5.99
N THR G 423 -45.82 -24.18 4.75
CA THR G 423 -44.48 -24.69 4.49
C THR G 423 -43.88 -24.15 3.20
N ILE G 424 -42.56 -24.18 3.16
CA ILE G 424 -41.79 -23.74 2.01
C ILE G 424 -42.18 -24.67 0.86
N GLU G 425 -42.27 -25.96 1.17
CA GLU G 425 -42.65 -26.99 0.21
C GLU G 425 -43.96 -26.60 -0.46
N GLU G 426 -44.94 -26.27 0.36
CA GLU G 426 -46.24 -25.87 -0.14
C GLU G 426 -46.04 -24.74 -1.16
N ASP G 427 -45.36 -23.68 -0.74
CA ASP G 427 -45.10 -22.54 -1.62
C ASP G 427 -44.33 -22.93 -2.89
N PHE G 428 -43.34 -23.81 -2.75
CA PHE G 428 -42.54 -24.24 -3.89
C PHE G 428 -43.37 -24.92 -4.96
N ASN G 429 -44.23 -25.86 -4.56
CA ASN G 429 -45.06 -26.56 -5.51
C ASN G 429 -45.94 -25.56 -6.27
N ALA G 430 -46.50 -24.61 -5.52
CA ALA G 430 -47.36 -23.56 -6.09
C ALA G 430 -46.77 -22.93 -7.35
N ALA H 1 -21.99 28.30 -12.44
CA ALA H 1 -22.08 28.03 -13.91
C ALA H 1 -23.19 27.03 -14.23
N GLY H 2 -23.02 26.28 -15.33
CA GLY H 2 -24.03 25.31 -15.71
C GLY H 2 -23.64 24.38 -16.86
N GLY H 3 -24.64 23.93 -17.62
CA GLY H 3 -24.41 23.05 -18.75
C GLY H 3 -25.08 23.60 -20.00
N GLY H 4 -24.54 23.28 -21.18
CA GLY H 4 -25.12 23.81 -22.40
C GLY H 4 -25.26 22.91 -23.62
N HIS H 5 -25.46 23.57 -24.77
CA HIS H 5 -25.66 22.94 -26.06
C HIS H 5 -24.33 22.72 -26.81
N VAL H 6 -24.13 21.51 -27.33
CA VAL H 6 -22.94 21.17 -28.10
C VAL H 6 -23.34 20.55 -29.42
N GLU H 7 -22.68 20.97 -30.50
CA GLU H 7 -22.98 20.42 -31.82
C GLU H 7 -22.61 18.95 -31.78
N ASP H 8 -23.57 18.08 -32.10
CA ASP H 8 -23.34 16.65 -32.06
C ASP H 8 -22.64 16.12 -33.31
N VAL H 9 -21.31 16.11 -33.27
CA VAL H 9 -20.48 15.64 -34.37
C VAL H 9 -20.38 14.12 -34.36
N PRO H 10 -20.51 13.50 -35.54
CA PRO H 10 -20.41 12.03 -35.58
C PRO H 10 -18.94 11.67 -35.78
N PHE H 11 -18.29 11.27 -34.69
CA PHE H 11 -16.88 10.90 -34.75
C PHE H 11 -16.75 9.41 -35.03
N SER H 12 -15.80 9.05 -35.89
CA SER H 12 -15.58 7.65 -36.27
C SER H 12 -15.45 6.73 -35.06
N PHE H 13 -14.80 7.21 -34.00
CA PHE H 13 -14.56 6.41 -32.81
C PHE H 13 -15.73 6.14 -31.87
N GLU H 14 -16.88 6.76 -32.13
CA GLU H 14 -18.02 6.53 -31.27
C GLU H 14 -18.75 5.26 -31.66
N GLY H 15 -19.45 4.65 -30.70
CA GLY H 15 -20.15 3.42 -30.98
C GLY H 15 -19.26 2.27 -30.55
N PRO H 16 -19.83 1.13 -30.14
CA PRO H 16 -19.00 0.00 -29.71
C PRO H 16 -18.01 -0.50 -30.76
N PHE H 17 -18.28 -0.19 -32.02
CA PHE H 17 -17.41 -0.61 -33.10
C PHE H 17 -16.60 0.57 -33.64
N GLY H 18 -16.72 1.71 -32.98
CA GLY H 18 -15.99 2.90 -33.41
C GLY H 18 -14.50 2.71 -33.26
N THR H 19 -13.75 3.38 -34.13
CA THR H 19 -12.30 3.30 -34.09
C THR H 19 -11.75 4.62 -34.60
N PHE H 20 -10.55 4.95 -34.16
CA PHE H 20 -9.95 6.19 -34.60
C PHE H 20 -9.61 6.09 -36.08
N ASP H 21 -9.57 7.24 -36.75
CA ASP H 21 -9.22 7.33 -38.15
C ASP H 21 -7.79 7.85 -38.09
N GLN H 22 -6.86 6.99 -38.44
CA GLN H 22 -5.45 7.32 -38.41
C GLN H 22 -5.04 8.62 -39.08
N HIS H 23 -5.63 8.92 -40.24
CA HIS H 23 -5.28 10.15 -40.95
C HIS H 23 -5.82 11.40 -40.27
N GLN H 24 -7.02 11.29 -39.73
CA GLN H 24 -7.64 12.42 -39.03
C GLN H 24 -6.76 12.74 -37.83
N LEU H 25 -6.39 11.72 -37.07
CA LEU H 25 -5.54 11.90 -35.91
C LEU H 25 -4.25 12.61 -36.33
N GLN H 26 -3.72 12.21 -37.47
CA GLN H 26 -2.49 12.82 -37.98
C GLN H 26 -2.75 14.29 -38.30
N ARG H 27 -3.86 14.57 -38.97
CA ARG H 27 -4.20 15.96 -39.29
C ARG H 27 -4.37 16.74 -37.99
N GLY H 28 -5.10 16.13 -37.05
CA GLY H 28 -5.32 16.75 -35.76
C GLY H 28 -4.02 17.09 -35.06
N LEU H 29 -3.06 16.18 -35.13
CA LEU H 29 -1.76 16.40 -34.50
C LEU H 29 -1.09 17.62 -35.12
N GLN H 30 -1.31 17.84 -36.41
CA GLN H 30 -0.71 18.99 -37.07
C GLN H 30 -1.34 20.27 -36.53
N VAL H 31 -2.66 20.26 -36.41
CA VAL H 31 -3.39 21.41 -35.89
C VAL H 31 -2.90 21.70 -34.48
N TYR H 32 -2.87 20.68 -33.63
CA TYR H 32 -2.39 20.85 -32.27
C TYR H 32 -0.99 21.46 -32.25
N THR H 33 -0.12 20.91 -33.09
CA THR H 33 1.26 21.36 -33.19
C THR H 33 1.43 22.77 -33.73
N GLU H 34 0.74 23.06 -34.82
CA GLU H 34 0.85 24.37 -35.43
C GLU H 34 0.04 25.48 -34.75
N VAL H 35 -1.08 25.13 -34.12
CA VAL H 35 -1.92 26.14 -33.47
C VAL H 35 -1.99 26.11 -31.94
N CYS H 36 -2.67 25.11 -31.41
CA CYS H 36 -2.88 24.93 -29.96
C CYS H 36 -1.62 24.94 -29.12
N ALA H 37 -0.63 24.15 -29.53
CA ALA H 37 0.63 24.00 -28.82
C ALA H 37 1.30 25.32 -28.40
N ALA H 38 0.95 26.41 -29.05
CA ALA H 38 1.55 27.70 -28.73
C ALA H 38 1.18 28.13 -27.30
N CYS H 39 0.05 27.64 -26.80
CA CYS H 39 -0.42 28.00 -25.46
C CYS H 39 -0.68 26.78 -24.56
N HIS H 40 -1.26 25.74 -25.15
CA HIS H 40 -1.62 24.50 -24.44
C HIS H 40 -0.59 23.38 -24.50
N GLY H 41 -0.38 22.71 -23.37
CA GLY H 41 0.56 21.60 -23.35
C GLY H 41 -0.23 20.31 -23.22
N MET H 42 0.47 19.18 -23.16
CA MET H 42 -0.15 17.87 -23.00
C MET H 42 0.83 17.06 -22.15
N LYS H 43 1.13 17.61 -20.99
CA LYS H 43 2.10 17.03 -20.06
C LYS H 43 2.04 15.55 -19.68
N PHE H 44 0.89 14.89 -19.87
CA PHE H 44 0.80 13.48 -19.53
C PHE H 44 0.95 12.60 -20.74
N VAL H 45 1.18 13.22 -21.89
CA VAL H 45 1.31 12.45 -23.10
C VAL H 45 2.74 12.23 -23.55
N PRO H 46 3.18 10.97 -23.55
CA PRO H 46 4.55 10.70 -23.99
C PRO H 46 4.56 10.81 -25.52
N ILE H 47 5.51 11.58 -26.05
CA ILE H 47 5.61 11.79 -27.48
C ILE H 47 5.66 10.48 -28.24
N ARG H 48 6.42 9.52 -27.71
CA ARG H 48 6.58 8.22 -28.33
C ARG H 48 5.24 7.53 -28.59
N SER H 49 4.18 7.93 -27.91
CA SER H 49 2.91 7.26 -28.17
C SER H 49 2.38 7.61 -29.55
N LEU H 50 3.01 8.59 -30.21
CA LEU H 50 2.59 8.96 -31.54
C LEU H 50 2.85 7.76 -32.47
N SER H 51 3.71 6.86 -32.01
CA SER H 51 4.07 5.65 -32.76
C SER H 51 3.20 4.44 -32.46
N GLU H 52 2.74 4.31 -31.21
CA GLU H 52 1.94 3.16 -30.84
C GLU H 52 0.68 2.91 -31.64
N PRO H 53 0.26 1.63 -31.75
CA PRO H 53 -0.92 1.24 -32.51
C PRO H 53 -2.22 1.76 -31.88
N GLY H 54 -3.17 2.11 -32.74
CA GLY H 54 -4.44 2.62 -32.26
C GLY H 54 -4.46 4.12 -32.20
N GLY H 55 -3.42 4.76 -32.71
CA GLY H 55 -3.36 6.21 -32.71
C GLY H 55 -2.90 6.76 -34.04
N PRO H 56 -2.18 7.89 -34.06
CA PRO H 56 -1.72 8.45 -35.33
C PRO H 56 -0.84 7.42 -36.04
N GLU H 57 -0.14 6.63 -35.24
CA GLU H 57 0.78 5.59 -35.72
C GLU H 57 1.81 6.11 -36.72
N LEU H 58 2.56 7.14 -36.32
CA LEU H 58 3.61 7.69 -37.17
C LEU H 58 4.87 6.85 -37.03
N PRO H 59 5.65 6.74 -38.12
CA PRO H 59 6.89 5.98 -38.13
C PRO H 59 7.88 6.56 -37.10
N GLU H 60 8.50 5.68 -36.32
CA GLU H 60 9.44 6.08 -35.28
C GLU H 60 10.43 7.20 -35.63
N ASP H 61 10.91 7.21 -36.87
CA ASP H 61 11.86 8.24 -37.27
C ASP H 61 11.20 9.61 -37.32
N GLN H 62 9.97 9.66 -37.84
CA GLN H 62 9.22 10.91 -37.93
C GLN H 62 9.01 11.43 -36.51
N VAL H 63 8.55 10.54 -35.64
CA VAL H 63 8.32 10.87 -34.25
C VAL H 63 9.61 11.39 -33.65
N ARG H 64 10.71 10.70 -33.94
CA ARG H 64 12.02 11.08 -33.42
C ARG H 64 12.38 12.48 -33.90
N ALA H 65 12.06 12.77 -35.16
CA ALA H 65 12.34 14.08 -35.75
C ALA H 65 11.46 15.11 -35.06
N TYR H 66 10.18 14.78 -34.95
CA TYR H 66 9.18 15.62 -34.32
C TYR H 66 9.58 16.06 -32.92
N ALA H 67 9.98 15.09 -32.10
CA ALA H 67 10.38 15.37 -30.74
C ALA H 67 11.50 16.39 -30.67
N THR H 68 12.20 16.57 -31.78
CA THR H 68 13.32 17.51 -31.82
C THR H 68 12.93 18.97 -31.70
N GLN H 69 11.76 19.30 -32.22
CA GLN H 69 11.27 20.66 -32.18
C GLN H 69 11.08 21.17 -30.76
N PHE H 70 11.09 20.27 -29.79
CA PHE H 70 10.93 20.68 -28.41
C PHE H 70 12.26 20.83 -27.73
N THR H 71 12.35 21.83 -26.87
CA THR H 71 13.56 22.07 -26.11
C THR H 71 13.15 21.53 -24.76
N VAL H 72 14.03 20.78 -24.12
CA VAL H 72 13.71 20.16 -22.86
C VAL H 72 14.79 20.30 -21.81
N THR H 73 14.39 20.48 -20.55
CA THR H 73 15.35 20.57 -19.46
C THR H 73 15.62 19.14 -19.02
N ASP H 74 16.88 18.71 -19.15
CA ASP H 74 17.28 17.35 -18.83
C ASP H 74 17.13 16.87 -17.38
N GLU H 75 16.58 15.67 -17.22
CA GLU H 75 16.37 15.05 -15.91
C GLU H 75 17.61 15.17 -15.02
N GLU H 76 18.75 14.65 -15.50
CA GLU H 76 19.99 14.76 -14.74
C GLU H 76 20.56 16.14 -15.05
N THR H 77 21.40 16.20 -16.08
CA THR H 77 22.04 17.43 -16.54
C THR H 77 21.50 18.73 -15.92
N GLY H 78 20.26 19.05 -16.25
CA GLY H 78 19.66 20.28 -15.74
C GLY H 78 19.78 21.35 -16.81
N GLU H 79 20.25 20.93 -17.98
CA GLU H 79 20.42 21.82 -19.12
C GLU H 79 19.38 21.57 -20.18
N ASP H 80 19.59 22.19 -21.33
CA ASP H 80 18.67 22.03 -22.45
C ASP H 80 19.20 21.11 -23.51
N ARG H 81 18.27 20.47 -24.19
CA ARG H 81 18.58 19.55 -25.26
C ARG H 81 17.32 19.45 -26.10
N GLU H 82 17.44 18.80 -27.24
CA GLU H 82 16.28 18.63 -28.09
C GLU H 82 15.47 17.56 -27.41
N GLY H 83 14.22 17.46 -27.81
CA GLY H 83 13.36 16.46 -27.23
C GLY H 83 13.57 15.08 -27.84
N LYS H 84 13.26 14.05 -27.07
CA LYS H 84 13.38 12.68 -27.55
C LYS H 84 11.98 12.13 -27.45
N PRO H 85 11.73 11.00 -28.12
CA PRO H 85 10.40 10.38 -28.07
C PRO H 85 10.00 9.93 -26.68
N THR H 86 10.99 9.78 -25.79
CA THR H 86 10.71 9.37 -24.42
C THR H 86 10.23 10.51 -23.55
N ASP H 87 10.25 11.72 -24.10
CA ASP H 87 9.79 12.88 -23.36
C ASP H 87 8.30 13.05 -23.54
N HIS H 88 7.66 13.79 -22.63
CA HIS H 88 6.23 14.06 -22.72
C HIS H 88 6.11 15.39 -23.44
N PHE H 89 4.95 15.67 -24.03
CA PHE H 89 4.78 16.96 -24.68
C PHE H 89 4.98 17.95 -23.54
N PRO H 90 5.33 19.20 -23.86
CA PRO H 90 5.53 20.13 -22.73
C PRO H 90 4.27 20.65 -22.02
N HIS H 91 4.51 21.34 -20.91
CA HIS H 91 3.45 21.93 -20.10
C HIS H 91 2.94 23.11 -20.92
N SER H 92 1.77 23.64 -20.56
CA SER H 92 1.22 24.78 -21.28
C SER H 92 2.16 25.98 -21.16
N ALA H 93 2.48 26.58 -22.30
CA ALA H 93 3.38 27.74 -22.32
C ALA H 93 2.66 28.96 -21.74
N LEU H 94 1.34 28.99 -21.90
CA LEU H 94 0.51 30.08 -21.39
C LEU H 94 -0.09 29.66 -20.05
N GLU H 95 0.36 30.33 -18.99
CA GLU H 95 -0.06 30.03 -17.62
C GLU H 95 -1.53 29.65 -17.39
N ASN H 96 -2.46 30.34 -18.05
CA ASN H 96 -3.87 30.06 -17.86
C ASN H 96 -4.52 29.14 -18.90
N ALA H 97 -3.71 28.67 -19.85
CA ALA H 97 -4.22 27.75 -20.86
C ALA H 97 -4.21 26.40 -20.18
N PRO H 98 -5.38 25.73 -20.09
CA PRO H 98 -5.32 24.44 -19.41
C PRO H 98 -4.62 23.34 -20.22
N ASP H 99 -4.12 22.34 -19.51
CA ASP H 99 -3.44 21.23 -20.15
C ASP H 99 -4.48 20.48 -20.97
N LEU H 100 -4.13 20.08 -22.17
CA LEU H 100 -5.10 19.37 -23.02
C LEU H 100 -5.02 17.84 -23.04
N SER H 101 -4.13 17.26 -22.24
CA SER H 101 -3.97 15.81 -22.17
C SER H 101 -5.25 15.02 -21.93
N LEU H 102 -6.06 15.50 -20.98
CA LEU H 102 -7.26 14.79 -20.57
C LEU H 102 -8.57 15.57 -20.84
N MET H 103 -8.44 16.74 -21.46
CA MET H 103 -9.55 17.61 -21.80
C MET H 103 -10.74 16.88 -22.41
N ALA H 104 -10.51 15.99 -23.37
CA ALA H 104 -11.63 15.30 -24.00
C ALA H 104 -12.39 14.36 -23.05
N LYS H 105 -11.86 14.15 -21.84
CA LYS H 105 -12.54 13.29 -20.86
C LYS H 105 -12.99 14.11 -19.66
N ALA H 106 -12.43 15.31 -19.53
CA ALA H 106 -12.71 16.22 -18.43
C ALA H 106 -13.85 17.20 -18.67
N ARG H 107 -14.56 17.00 -19.78
CA ARG H 107 -15.68 17.86 -20.12
C ARG H 107 -16.81 16.98 -20.61
N ALA H 108 -18.02 17.43 -20.34
CA ALA H 108 -19.23 16.72 -20.75
C ALA H 108 -19.96 17.68 -21.68
N GLY H 109 -20.56 17.14 -22.74
CA GLY H 109 -21.27 17.98 -23.68
C GLY H 109 -22.74 17.66 -23.70
N PHE H 110 -23.08 16.49 -23.18
CA PHE H 110 -24.46 16.03 -23.12
C PHE H 110 -24.85 15.96 -21.65
N HIS H 111 -25.93 16.66 -21.30
CA HIS H 111 -26.40 16.74 -19.92
C HIS H 111 -27.88 16.35 -19.79
N GLY H 112 -28.28 15.89 -18.61
CA GLY H 112 -29.67 15.51 -18.38
C GLY H 112 -30.17 14.31 -19.18
N PRO H 113 -31.45 14.32 -19.59
CA PRO H 113 -32.46 15.38 -19.36
C PRO H 113 -33.05 15.33 -17.95
N MET H 114 -33.24 16.50 -17.34
CA MET H 114 -33.80 16.60 -15.99
C MET H 114 -32.79 16.10 -14.96
N GLY H 115 -31.51 16.08 -15.36
CA GLY H 115 -30.47 15.59 -14.47
C GLY H 115 -30.60 14.10 -14.25
N THR H 116 -31.11 13.39 -15.26
CA THR H 116 -31.31 11.94 -15.19
C THR H 116 -30.17 11.14 -15.81
N GLY H 117 -29.29 11.84 -16.54
CA GLY H 117 -28.17 11.17 -17.17
C GLY H 117 -28.54 10.29 -18.35
N ILE H 118 -29.80 10.32 -18.77
CA ILE H 118 -30.25 9.50 -19.90
C ILE H 118 -29.64 9.99 -21.22
N SER H 119 -29.33 11.29 -21.29
CA SER H 119 -28.74 11.88 -22.48
C SER H 119 -27.37 11.29 -22.78
N GLN H 120 -26.51 11.21 -21.76
CA GLN H 120 -25.17 10.66 -21.93
C GLN H 120 -25.25 9.16 -22.23
N LEU H 121 -26.15 8.48 -21.53
CA LEU H 121 -26.34 7.05 -21.70
C LEU H 121 -26.43 6.67 -23.17
N PHE H 122 -26.99 7.56 -23.98
CA PHE H 122 -27.15 7.33 -25.42
C PHE H 122 -26.24 8.17 -26.32
N ASN H 123 -25.64 9.22 -25.77
CA ASN H 123 -24.79 10.11 -26.57
C ASN H 123 -23.31 10.17 -26.17
N GLY H 124 -22.98 9.58 -25.03
CA GLY H 124 -21.60 9.60 -24.57
C GLY H 124 -21.43 10.77 -23.62
N ILE H 125 -20.24 10.93 -23.07
CA ILE H 125 -20.06 12.04 -22.16
C ILE H 125 -20.04 13.31 -23.01
N GLY H 126 -19.53 13.23 -24.23
CA GLY H 126 -19.51 14.38 -25.12
C GLY H 126 -18.32 15.34 -25.10
N GLY H 127 -17.19 14.89 -24.55
CA GLY H 127 -16.01 15.74 -24.48
C GLY H 127 -15.47 16.23 -25.81
N PRO H 128 -15.33 15.33 -26.80
CA PRO H 128 -14.82 15.84 -28.08
C PRO H 128 -15.81 16.80 -28.74
N GLU H 129 -17.10 16.49 -28.63
CA GLU H 129 -18.13 17.37 -29.20
C GLU H 129 -18.02 18.72 -28.50
N TYR H 130 -17.87 18.69 -27.18
CA TYR H 130 -17.72 19.93 -26.44
C TYR H 130 -16.55 20.75 -26.97
N ILE H 131 -15.40 20.10 -27.14
CA ILE H 131 -14.21 20.80 -27.63
C ILE H 131 -14.46 21.39 -29.01
N TYR H 132 -15.10 20.61 -29.87
CA TYR H 132 -15.43 21.03 -31.22
C TYR H 132 -16.27 22.30 -31.12
N SER H 133 -17.35 22.19 -30.36
CA SER H 133 -18.28 23.30 -30.15
C SER H 133 -17.60 24.56 -29.68
N VAL H 134 -16.61 24.45 -28.80
CA VAL H 134 -15.94 25.65 -28.34
C VAL H 134 -15.10 26.26 -29.44
N LEU H 135 -14.38 25.43 -30.18
CA LEU H 135 -13.54 25.92 -31.27
C LEU H 135 -14.40 26.55 -32.35
N THR H 136 -15.56 25.93 -32.54
CA THR H 136 -16.55 26.32 -33.54
C THR H 136 -17.47 27.46 -33.07
N GLY H 137 -17.55 27.66 -31.77
CA GLY H 137 -18.44 28.66 -31.19
C GLY H 137 -18.07 30.11 -30.95
N PHE H 138 -17.23 30.67 -31.78
CA PHE H 138 -16.89 32.07 -31.59
C PHE H 138 -17.63 32.80 -32.71
N PRO H 139 -18.69 33.55 -32.38
CA PRO H 139 -19.42 34.28 -33.42
C PRO H 139 -18.75 35.64 -33.67
N GLU H 140 -18.93 36.18 -34.86
CA GLU H 140 -18.34 37.47 -35.23
C GLU H 140 -18.90 38.59 -34.36
N GLU H 141 -20.23 38.65 -34.24
CA GLU H 141 -20.83 39.68 -33.42
C GLU H 141 -21.40 39.14 -32.12
N PRO H 142 -21.09 39.83 -31.01
CA PRO H 142 -21.55 39.42 -29.67
C PRO H 142 -23.06 39.61 -29.56
N PRO H 143 -23.71 38.92 -28.61
CA PRO H 143 -25.15 39.14 -28.53
C PRO H 143 -25.44 40.59 -28.13
N LYS H 144 -26.55 41.16 -28.56
CA LYS H 144 -26.82 42.58 -28.26
C LYS H 144 -26.84 43.05 -26.79
N CYS H 145 -27.35 42.24 -25.86
CA CYS H 145 -27.31 42.65 -24.45
C CYS H 145 -25.94 43.17 -24.06
N ALA H 146 -24.89 42.59 -24.62
CA ALA H 146 -23.51 42.97 -24.29
C ALA H 146 -22.88 44.06 -25.13
N GLU H 147 -23.35 44.19 -26.37
CA GLU H 147 -22.85 45.17 -27.33
C GLU H 147 -21.82 46.20 -26.84
N GLY H 148 -22.14 46.90 -25.76
CA GLY H 148 -21.20 47.91 -25.27
C GLY H 148 -20.41 47.54 -24.02
N HIS H 149 -20.68 46.38 -23.43
CA HIS H 149 -20.00 45.94 -22.21
C HIS H 149 -19.17 44.66 -22.28
N GLU H 150 -18.45 44.42 -23.36
CA GLU H 150 -17.64 43.20 -23.44
C GLU H 150 -16.38 43.30 -22.59
N PRO H 151 -16.19 42.35 -21.64
CA PRO H 151 -14.99 42.39 -20.80
C PRO H 151 -13.74 42.44 -21.67
N ASP H 152 -12.75 43.23 -21.28
CA ASP H 152 -11.55 43.28 -22.10
C ASP H 152 -10.66 42.07 -21.92
N GLY H 153 -10.23 41.54 -23.05
CA GLY H 153 -9.37 40.37 -23.03
C GLY H 153 -10.17 39.09 -23.10
N PHE H 154 -11.50 39.20 -23.14
CA PHE H 154 -12.31 38.01 -23.23
C PHE H 154 -13.02 37.99 -24.57
N TYR H 155 -13.61 36.86 -24.90
CA TYR H 155 -14.26 36.71 -26.18
C TYR H 155 -15.54 35.91 -25.98
N TYR H 156 -16.61 36.30 -26.66
CA TYR H 156 -17.84 35.57 -26.49
C TYR H 156 -17.78 34.22 -27.20
N ASN H 157 -18.25 33.19 -26.51
CA ASN H 157 -18.28 31.85 -27.04
C ASN H 157 -19.61 31.17 -26.72
N ARG H 158 -20.28 30.64 -27.74
CA ARG H 158 -21.57 30.00 -27.53
C ARG H 158 -21.60 28.73 -26.72
N ALA H 159 -20.51 27.97 -26.72
CA ALA H 159 -20.48 26.72 -25.97
C ALA H 159 -19.94 26.85 -24.54
N PHE H 160 -18.99 27.76 -24.34
CA PHE H 160 -18.39 27.96 -23.02
C PHE H 160 -19.42 28.38 -21.98
N GLN H 161 -19.56 27.58 -20.93
CA GLN H 161 -20.52 27.88 -19.88
C GLN H 161 -19.97 28.38 -18.56
N ASN H 162 -18.64 28.35 -18.38
CA ASN H 162 -18.10 28.80 -17.12
C ASN H 162 -17.47 30.18 -17.13
N GLY H 163 -17.75 30.97 -18.16
CA GLY H 163 -17.17 32.29 -18.23
C GLY H 163 -18.02 33.35 -17.57
N SER H 164 -17.50 34.57 -17.52
CA SER H 164 -18.24 35.67 -16.92
C SER H 164 -19.15 36.23 -17.99
N VAL H 165 -20.20 36.92 -17.55
CA VAL H 165 -21.16 37.51 -18.46
C VAL H 165 -21.49 38.91 -17.95
N PRO H 166 -21.60 39.88 -18.86
CA PRO H 166 -21.93 41.25 -18.45
C PRO H 166 -23.24 41.31 -17.67
N ASP H 167 -23.30 42.22 -16.70
CA ASP H 167 -24.51 42.38 -15.89
C ASP H 167 -25.72 42.61 -16.78
N THR H 168 -25.48 43.32 -17.88
CA THR H 168 -26.49 43.65 -18.86
C THR H 168 -27.03 42.42 -19.60
N CYS H 169 -26.44 41.26 -19.32
CA CYS H 169 -26.86 40.03 -19.96
C CYS H 169 -27.46 39.02 -18.99
N LYS H 170 -27.80 39.51 -17.80
CA LYS H 170 -28.40 38.65 -16.82
C LYS H 170 -29.87 38.99 -16.66
N ASP H 171 -30.66 37.98 -16.32
CA ASP H 171 -32.08 38.22 -16.13
C ASP H 171 -32.34 38.81 -14.75
N ALA H 172 -33.61 38.96 -14.41
CA ALA H 172 -34.04 39.52 -13.14
C ALA H 172 -33.43 38.79 -11.94
N ASN H 173 -33.17 37.50 -12.11
CA ASN H 173 -32.62 36.69 -11.03
C ASN H 173 -31.11 36.47 -11.05
N GLY H 174 -30.42 37.12 -11.99
CA GLY H 174 -28.98 36.97 -12.07
C GLY H 174 -28.48 35.89 -13.00
N VAL H 175 -29.40 35.12 -13.57
CA VAL H 175 -29.07 34.04 -14.49
C VAL H 175 -28.72 34.62 -15.86
N LYS H 176 -27.68 34.11 -16.51
CA LYS H 176 -27.31 34.66 -17.81
C LYS H 176 -28.38 34.46 -18.87
N THR H 177 -28.37 35.37 -19.83
CA THR H 177 -29.32 35.40 -20.93
C THR H 177 -28.75 34.77 -22.18
N THR H 178 -27.44 34.92 -22.33
CA THR H 178 -26.68 34.41 -23.46
C THR H 178 -26.55 32.89 -23.40
N ALA H 179 -26.42 32.26 -24.58
CA ALA H 179 -26.28 30.82 -24.65
C ALA H 179 -24.92 30.43 -24.08
N GLY H 180 -23.91 31.25 -24.35
CA GLY H 180 -22.58 30.99 -23.86
C GLY H 180 -22.11 31.98 -22.83
N SER H 181 -20.84 32.35 -22.90
CA SER H 181 -20.24 33.31 -21.99
C SER H 181 -18.87 33.73 -22.50
N TRP H 182 -18.15 34.53 -21.72
CA TRP H 182 -16.84 35.00 -22.13
C TRP H 182 -15.65 34.18 -21.63
N ILE H 183 -14.85 33.74 -22.61
CA ILE H 183 -13.68 32.88 -22.43
C ILE H 183 -12.37 33.65 -22.68
N ALA H 184 -11.33 33.35 -21.90
CA ALA H 184 -10.05 34.05 -22.07
C ALA H 184 -9.25 33.60 -23.31
N MET H 185 -9.79 32.65 -24.05
CA MET H 185 -9.12 32.15 -25.25
C MET H 185 -9.58 32.82 -26.53
N PRO H 186 -8.69 33.61 -27.18
CA PRO H 186 -9.11 34.24 -28.42
C PRO H 186 -9.34 33.17 -29.48
N PRO H 187 -10.29 33.39 -30.41
CA PRO H 187 -10.58 32.41 -31.46
C PRO H 187 -9.30 31.88 -32.07
N PRO H 188 -9.05 30.57 -31.94
CA PRO H 188 -7.82 30.01 -32.49
C PRO H 188 -7.82 29.66 -33.97
N LEU H 189 -8.94 29.17 -34.49
CA LEU H 189 -8.98 28.79 -35.90
C LEU H 189 -9.43 29.90 -36.82
N MET H 190 -9.16 29.67 -38.10
CA MET H 190 -9.43 30.60 -39.18
C MET H 190 -9.18 29.73 -40.40
N ASP H 191 -10.13 29.64 -41.32
CA ASP H 191 -9.97 28.79 -42.50
C ASP H 191 -8.56 28.73 -43.09
N ASP H 192 -8.10 27.49 -43.30
CA ASP H 192 -6.78 27.21 -43.87
C ASP H 192 -5.62 27.88 -43.16
N LEU H 193 -5.60 27.78 -41.84
CA LEU H 193 -4.54 28.34 -41.02
C LEU H 193 -3.45 27.28 -41.00
N VAL H 194 -3.84 26.11 -41.49
CA VAL H 194 -2.96 24.95 -41.57
C VAL H 194 -3.10 24.36 -42.96
N GLU H 195 -1.97 24.03 -43.56
CA GLU H 195 -1.99 23.44 -44.89
C GLU H 195 -1.72 21.95 -44.73
N TYR H 196 -2.73 21.15 -45.01
CA TYR H 196 -2.59 19.71 -44.93
C TYR H 196 -1.89 19.18 -46.17
N ALA H 197 -0.94 18.28 -45.94
CA ALA H 197 -0.18 17.69 -47.04
C ALA H 197 -1.12 17.17 -48.14
N ASP H 198 -1.89 16.14 -47.81
CA ASP H 198 -2.82 15.53 -48.75
C ASP H 198 -3.92 16.47 -49.29
N GLY H 199 -3.74 17.77 -49.08
CA GLY H 199 -4.70 18.75 -49.56
C GLY H 199 -6.11 18.69 -48.98
N HIS H 200 -6.26 18.05 -47.82
CA HIS H 200 -7.55 17.93 -47.15
C HIS H 200 -8.03 19.35 -46.84
N ASP H 201 -9.34 19.57 -46.79
CA ASP H 201 -9.82 20.92 -46.51
C ASP H 201 -9.53 21.36 -45.08
N ALA H 202 -9.00 22.58 -44.97
CA ALA H 202 -8.65 23.16 -43.69
C ALA H 202 -9.62 24.24 -43.28
N SER H 203 -10.93 23.95 -43.37
CA SER H 203 -11.94 24.92 -42.97
C SER H 203 -11.98 24.83 -41.45
N VAL H 204 -12.24 25.96 -40.80
CA VAL H 204 -12.30 25.95 -39.34
C VAL H 204 -13.09 24.72 -38.87
N HIS H 205 -14.14 24.39 -39.62
CA HIS H 205 -14.97 23.24 -39.29
C HIS H 205 -14.16 21.94 -39.30
N ALA H 206 -13.42 21.70 -40.38
CA ALA H 206 -12.62 20.47 -40.53
C ALA H 206 -11.53 20.37 -39.46
N MET H 207 -10.73 21.42 -39.32
CA MET H 207 -9.66 21.43 -38.34
C MET H 207 -10.18 21.15 -36.94
N ALA H 208 -11.28 21.82 -36.57
CA ALA H 208 -11.87 21.61 -35.26
C ALA H 208 -12.28 20.17 -35.04
N GLU H 209 -12.77 19.53 -36.10
CA GLU H 209 -13.18 18.14 -35.98
C GLU H 209 -11.98 17.22 -35.87
N ASP H 210 -10.91 17.55 -36.58
CA ASP H 210 -9.70 16.73 -36.55
C ASP H 210 -8.96 16.83 -35.22
N VAL H 211 -8.70 18.05 -34.79
CA VAL H 211 -7.98 18.26 -33.53
C VAL H 211 -8.80 17.71 -32.36
N SER H 212 -10.11 17.64 -32.53
CA SER H 212 -10.96 17.10 -31.47
C SER H 212 -10.79 15.60 -31.40
N ALA H 213 -10.67 14.97 -32.55
CA ALA H 213 -10.48 13.51 -32.59
C ALA H 213 -9.10 13.23 -32.00
N PHE H 214 -8.12 14.07 -32.37
CA PHE H 214 -6.77 13.91 -31.87
C PHE H 214 -6.75 13.99 -30.35
N LEU H 215 -7.44 14.99 -29.80
CA LEU H 215 -7.48 15.15 -28.36
C LEU H 215 -8.22 14.01 -27.68
N MET H 216 -9.16 13.39 -28.39
CA MET H 216 -9.86 12.27 -27.81
C MET H 216 -8.84 11.15 -27.65
N TRP H 217 -8.00 10.96 -28.68
CA TRP H 217 -6.97 9.92 -28.64
C TRP H 217 -5.92 10.24 -27.57
N ALA H 218 -5.53 11.50 -27.47
CA ALA H 218 -4.53 11.90 -26.49
C ALA H 218 -5.03 11.58 -25.08
N ALA H 219 -6.34 11.62 -24.88
CA ALA H 219 -6.93 11.32 -23.58
C ALA H 219 -7.18 9.83 -23.36
N GLU H 220 -7.66 9.13 -24.39
CA GLU H 220 -7.93 7.69 -24.32
C GLU H 220 -7.10 6.95 -25.36
N PRO H 221 -5.77 7.02 -25.29
CA PRO H 221 -5.00 6.29 -26.31
C PRO H 221 -5.33 4.82 -26.44
N LYS H 222 -5.84 4.24 -25.35
CA LYS H 222 -6.20 2.83 -25.29
C LYS H 222 -7.66 2.52 -25.63
N LEU H 223 -8.35 3.46 -26.27
CA LEU H 223 -9.75 3.29 -26.60
C LEU H 223 -10.05 2.00 -27.35
N MET H 224 -9.31 1.76 -28.44
CA MET H 224 -9.51 0.56 -29.25
C MET H 224 -9.23 -0.72 -28.50
N ALA H 225 -8.13 -0.75 -27.75
CA ALA H 225 -7.78 -1.94 -26.96
C ALA H 225 -8.92 -2.22 -25.98
N ARG H 226 -9.39 -1.17 -25.32
CA ARG H 226 -10.47 -1.28 -24.35
C ARG H 226 -11.70 -1.91 -24.97
N LYS H 227 -12.05 -1.42 -26.15
CA LYS H 227 -13.22 -1.92 -26.84
C LYS H 227 -13.05 -3.36 -27.30
N GLN H 228 -11.86 -3.68 -27.79
CA GLN H 228 -11.58 -5.04 -28.23
C GLN H 228 -11.72 -5.95 -27.01
N ALA H 229 -11.14 -5.52 -25.89
CA ALA H 229 -11.23 -6.30 -24.65
C ALA H 229 -12.69 -6.48 -24.27
N GLY H 230 -13.49 -5.46 -24.54
CA GLY H 230 -14.91 -5.51 -24.21
C GLY H 230 -15.67 -6.59 -24.97
N PHE H 231 -15.55 -6.59 -26.29
CA PHE H 231 -16.23 -7.60 -27.10
C PHE H 231 -15.82 -8.96 -26.59
N THR H 232 -14.51 -9.16 -26.45
CA THR H 232 -13.97 -10.42 -25.99
C THR H 232 -14.69 -10.88 -24.73
N ALA H 233 -14.63 -10.06 -23.69
CA ALA H 233 -15.27 -10.39 -22.42
C ALA H 233 -16.75 -10.69 -22.60
N VAL H 234 -17.44 -9.90 -23.42
CA VAL H 234 -18.85 -10.11 -23.65
C VAL H 234 -19.12 -11.44 -24.33
N MET H 235 -18.29 -11.81 -25.28
CA MET H 235 -18.48 -13.09 -25.97
C MET H 235 -18.28 -14.25 -25.00
N PHE H 236 -17.17 -14.26 -24.26
CA PHE H 236 -16.91 -15.33 -23.28
C PHE H 236 -18.16 -15.48 -22.41
N LEU H 237 -18.51 -14.39 -21.75
CA LEU H 237 -19.65 -14.35 -20.84
C LEU H 237 -21.00 -14.68 -21.44
N THR H 238 -21.22 -14.32 -22.70
CA THR H 238 -22.49 -14.62 -23.34
C THR H 238 -22.57 -16.14 -23.51
N VAL H 239 -21.47 -16.73 -23.96
CA VAL H 239 -21.38 -18.17 -24.15
C VAL H 239 -21.56 -18.86 -22.81
N LEU H 240 -20.68 -18.50 -21.87
CA LEU H 240 -20.70 -19.08 -20.54
C LEU H 240 -22.07 -18.94 -19.86
N SER H 241 -22.77 -17.84 -20.15
CA SER H 241 -24.09 -17.62 -19.56
C SER H 241 -25.07 -18.66 -20.07
N VAL H 242 -25.10 -18.81 -21.39
CA VAL H 242 -25.99 -19.78 -22.04
C VAL H 242 -25.73 -21.19 -21.51
N LEU H 243 -24.46 -21.56 -21.38
CA LEU H 243 -24.10 -22.88 -20.89
C LEU H 243 -24.51 -23.08 -19.43
N LEU H 244 -24.31 -22.05 -18.61
CA LEU H 244 -24.68 -22.12 -17.20
C LEU H 244 -26.19 -22.16 -17.05
N TYR H 245 -26.87 -21.56 -18.02
CA TYR H 245 -28.32 -21.53 -18.01
C TYR H 245 -28.85 -22.93 -18.28
N LEU H 246 -28.32 -23.57 -19.31
CA LEU H 246 -28.70 -24.92 -19.68
C LEU H 246 -28.38 -25.86 -18.52
N THR H 247 -27.18 -25.73 -17.99
CA THR H 247 -26.74 -26.56 -16.88
C THR H 247 -27.70 -26.34 -15.71
N ASN H 248 -28.05 -25.09 -15.49
CA ASN H 248 -28.96 -24.76 -14.40
C ASN H 248 -30.32 -25.39 -14.65
N LYS H 249 -30.82 -25.28 -15.88
CA LYS H 249 -32.13 -25.85 -16.20
C LYS H 249 -32.15 -27.38 -16.06
N ARG H 250 -31.14 -28.04 -16.60
CA ARG H 250 -31.05 -29.49 -16.49
C ARG H 250 -30.99 -29.92 -15.03
N LEU H 251 -30.16 -29.24 -14.26
CA LEU H 251 -29.99 -29.57 -12.86
C LEU H 251 -31.24 -29.42 -12.00
N TRP H 252 -32.04 -28.39 -12.24
CA TRP H 252 -33.26 -28.19 -11.47
C TRP H 252 -34.41 -29.03 -11.97
N ALA H 253 -34.38 -29.37 -13.26
CA ALA H 253 -35.43 -30.19 -13.86
C ALA H 253 -35.75 -31.37 -12.95
N GLY H 254 -34.73 -31.93 -12.33
CA GLY H 254 -34.93 -33.06 -11.45
C GLY H 254 -35.51 -32.69 -10.10
N VAL H 255 -36.26 -31.59 -10.03
CA VAL H 255 -36.85 -31.14 -8.77
C VAL H 255 -38.21 -30.46 -8.98
N LYS H 256 -38.23 -29.53 -9.93
CA LYS H 256 -39.39 -28.75 -10.37
C LYS H 256 -38.85 -27.83 -11.48
N GLY I 9 -27.37 -39.67 -21.55
CA GLY I 9 -25.98 -40.23 -21.65
C GLY I 9 -24.91 -39.16 -21.54
N THR I 10 -24.11 -39.00 -22.60
CA THR I 10 -23.05 -38.00 -22.61
C THR I 10 -23.57 -36.67 -23.17
N ARG I 11 -24.88 -36.46 -23.09
CA ARG I 11 -25.50 -35.23 -23.57
C ARG I 11 -25.34 -34.20 -22.45
N ARG I 12 -25.66 -34.66 -21.24
CA ARG I 12 -25.62 -33.90 -20.00
C ARG I 12 -24.20 -33.88 -19.44
N ASP I 13 -23.45 -34.95 -19.72
CA ASP I 13 -22.10 -35.08 -19.23
C ASP I 13 -21.20 -34.13 -20.03
N PHE I 14 -21.48 -34.03 -21.32
CA PHE I 14 -20.70 -33.16 -22.19
C PHE I 14 -20.94 -31.70 -21.79
N LEU I 15 -22.19 -31.38 -21.48
CA LEU I 15 -22.56 -30.03 -21.07
C LEU I 15 -21.74 -29.62 -19.85
N TYR I 16 -21.86 -30.40 -18.78
CA TYR I 16 -21.12 -30.13 -17.55
C TYR I 16 -19.63 -29.99 -17.85
N TYR I 17 -19.19 -30.74 -18.85
CA TYR I 17 -17.80 -30.73 -19.29
C TYR I 17 -17.47 -29.42 -20.01
N ALA I 18 -18.32 -29.08 -20.98
CA ALA I 18 -18.14 -27.86 -21.78
C ALA I 18 -18.25 -26.62 -20.89
N THR I 19 -19.09 -26.72 -19.87
CA THR I 19 -19.29 -25.62 -18.93
C THR I 19 -18.01 -25.36 -18.15
N ALA I 20 -17.57 -26.36 -17.38
CA ALA I 20 -16.34 -26.21 -16.60
C ALA I 20 -15.22 -25.74 -17.53
N GLY I 21 -15.27 -26.19 -18.78
CA GLY I 21 -14.25 -25.79 -19.74
C GLY I 21 -14.24 -24.30 -20.01
N ALA I 22 -15.43 -23.74 -20.25
CA ALA I 22 -15.56 -22.31 -20.50
C ALA I 22 -15.07 -21.55 -19.27
N GLY I 23 -15.41 -22.09 -18.09
CA GLY I 23 -14.98 -21.46 -16.86
C GLY I 23 -13.47 -21.31 -16.88
N ALA I 24 -12.78 -22.44 -16.90
CA ALA I 24 -11.32 -22.45 -16.93
C ALA I 24 -10.76 -21.40 -17.89
N VAL I 25 -11.32 -21.33 -19.09
CA VAL I 25 -10.85 -20.36 -20.08
C VAL I 25 -11.03 -18.93 -19.60
N ALA I 26 -12.22 -18.61 -19.09
CA ALA I 26 -12.49 -17.27 -18.60
C ALA I 26 -11.53 -16.94 -17.46
N THR I 27 -11.35 -17.90 -16.56
CA THR I 27 -10.46 -17.75 -15.43
C THR I 27 -9.05 -17.40 -15.88
N GLY I 28 -8.51 -18.17 -16.81
CA GLY I 28 -7.16 -17.90 -17.30
C GLY I 28 -7.10 -16.54 -17.95
N ALA I 29 -8.14 -16.20 -18.70
CA ALA I 29 -8.20 -14.90 -19.37
C ALA I 29 -8.11 -13.76 -18.37
N ALA I 30 -8.55 -14.02 -17.14
CA ALA I 30 -8.52 -13.01 -16.09
C ALA I 30 -7.17 -13.00 -15.40
N VAL I 31 -6.61 -14.19 -15.22
CA VAL I 31 -5.34 -14.34 -14.55
C VAL I 31 -4.12 -13.81 -15.32
N TRP I 32 -4.03 -14.11 -16.62
CA TRP I 32 -2.88 -13.64 -17.40
C TRP I 32 -2.59 -12.14 -17.24
N PRO I 33 -3.60 -11.28 -17.41
CA PRO I 33 -3.34 -9.83 -17.25
C PRO I 33 -2.89 -9.41 -15.84
N LEU I 34 -3.27 -10.18 -14.82
CA LEU I 34 -2.88 -9.86 -13.44
C LEU I 34 -1.38 -10.13 -13.30
N ILE I 35 -0.91 -11.04 -14.13
CA ILE I 35 0.50 -11.42 -14.15
C ILE I 35 1.26 -10.47 -15.06
N ASN I 36 0.75 -10.27 -16.26
CA ASN I 36 1.41 -9.42 -17.23
C ASN I 36 1.56 -7.93 -16.89
N GLN I 37 0.79 -7.43 -15.94
CA GLN I 37 0.91 -6.01 -15.58
C GLN I 37 2.28 -5.77 -14.93
N MET I 38 2.87 -6.85 -14.43
CA MET I 38 4.17 -6.75 -13.80
C MET I 38 5.30 -6.75 -14.82
N ASN I 39 5.02 -7.09 -16.07
CA ASN I 39 6.09 -7.07 -17.06
C ASN I 39 6.40 -5.62 -17.40
N PRO I 40 7.61 -5.36 -17.93
CA PRO I 40 8.00 -3.99 -18.28
C PRO I 40 6.92 -3.15 -18.95
N SER I 41 6.70 -1.96 -18.42
CA SER I 41 5.71 -1.07 -18.97
C SER I 41 6.32 -0.29 -20.14
N ALA I 42 5.45 0.32 -20.94
CA ALA I 42 5.88 1.04 -22.13
C ALA I 42 6.95 2.10 -21.96
N ASP I 43 6.99 2.77 -20.81
CA ASP I 43 8.00 3.78 -20.59
C ASP I 43 9.41 3.18 -20.46
N VAL I 44 9.55 1.91 -20.09
CA VAL I 44 10.91 1.37 -19.93
C VAL I 44 11.92 1.15 -21.13
N GLN I 45 11.48 0.44 -22.18
CA GLN I 45 12.15 -0.04 -23.40
C GLN I 45 12.84 0.89 -24.41
N ALA I 46 12.90 2.18 -24.09
CA ALA I 46 13.57 3.13 -24.98
C ALA I 46 15.07 3.15 -24.64
N LEU I 47 15.71 1.98 -24.80
CA LEU I 47 17.14 1.79 -24.52
C LEU I 47 18.07 2.53 -25.47
N ALA I 48 18.61 3.64 -24.98
CA ALA I 48 19.51 4.49 -25.76
C ALA I 48 20.94 3.98 -25.90
N SER I 49 21.81 4.90 -26.28
CA SER I 49 23.24 4.67 -26.43
C SER I 49 23.80 5.92 -25.79
N ILE I 50 25.00 5.83 -25.23
CA ILE I 50 25.54 7.01 -24.60
C ILE I 50 26.99 7.23 -25.01
N PHE I 51 27.48 8.43 -24.74
CA PHE I 51 28.85 8.75 -25.07
C PHE I 51 29.58 9.12 -23.80
N VAL I 52 30.81 8.64 -23.68
CA VAL I 52 31.60 8.91 -22.50
C VAL I 52 32.89 9.61 -22.89
N ASP I 53 33.11 10.78 -22.30
CA ASP I 53 34.34 11.50 -22.56
C ASP I 53 35.33 10.77 -21.69
N VAL I 54 36.46 10.39 -22.27
CA VAL I 54 37.44 9.62 -21.52
C VAL I 54 38.83 10.27 -21.52
N SER I 55 38.86 11.58 -21.78
CA SER I 55 40.11 12.34 -21.83
C SER I 55 40.82 12.60 -20.50
N SER I 56 40.09 12.52 -19.40
CA SER I 56 40.69 12.77 -18.09
C SER I 56 41.10 11.46 -17.42
N VAL I 57 41.15 10.37 -18.19
CA VAL I 57 41.49 9.09 -17.61
C VAL I 57 42.96 8.68 -17.78
N GLU I 58 43.69 8.69 -16.66
CA GLU I 58 45.10 8.31 -16.65
C GLU I 58 45.10 6.81 -16.44
N PRO I 59 46.23 6.15 -16.73
CA PRO I 59 46.26 4.69 -16.53
C PRO I 59 46.23 4.40 -15.02
N GLY I 60 45.54 3.33 -14.65
CA GLY I 60 45.43 2.97 -13.25
C GLY I 60 44.14 3.54 -12.69
N VAL I 61 43.36 4.17 -13.56
CA VAL I 61 42.12 4.78 -13.19
C VAL I 61 40.92 4.10 -13.84
N GLN I 62 39.87 3.88 -13.04
CA GLN I 62 38.65 3.27 -13.53
C GLN I 62 37.54 4.31 -13.44
N LEU I 63 36.76 4.38 -14.51
CA LEU I 63 35.65 5.29 -14.64
C LEU I 63 34.39 4.46 -14.50
N THR I 64 33.50 4.82 -13.59
CA THR I 64 32.26 4.08 -13.44
C THR I 64 31.14 4.99 -13.89
N VAL I 65 30.39 4.49 -14.85
CA VAL I 65 29.33 5.21 -15.51
C VAL I 65 28.03 4.42 -15.55
N LYS I 66 26.89 5.11 -15.54
CA LYS I 66 25.59 4.43 -15.56
C LYS I 66 25.06 4.25 -16.96
N PHE I 67 24.57 3.05 -17.24
CA PHE I 67 24.05 2.76 -18.55
C PHE I 67 23.00 1.68 -18.36
N LEU I 68 21.79 1.95 -18.82
CA LEU I 68 20.68 1.02 -18.67
C LEU I 68 20.49 0.64 -17.21
N GLY I 69 20.77 1.59 -16.31
CA GLY I 69 20.59 1.34 -14.89
C GLY I 69 21.65 0.50 -14.19
N LYS I 70 22.69 0.09 -14.91
CA LYS I 70 23.74 -0.72 -14.30
C LYS I 70 25.08 -0.03 -14.51
N PRO I 71 26.09 -0.37 -13.70
CA PRO I 71 27.39 0.27 -13.87
C PRO I 71 28.22 -0.32 -15.01
N ILE I 72 29.00 0.53 -15.63
CA ILE I 72 29.89 0.14 -16.69
C ILE I 72 31.26 0.64 -16.28
N PHE I 73 32.22 -0.26 -16.33
CA PHE I 73 33.58 0.08 -15.95
C PHE I 73 34.43 0.43 -17.15
N ILE I 74 35.22 1.47 -17.00
CA ILE I 74 36.14 1.88 -18.05
C ILE I 74 37.46 2.09 -17.36
N ARG I 75 38.33 1.10 -17.48
CA ARG I 75 39.62 1.21 -16.85
C ARG I 75 40.69 1.39 -17.89
N ARG I 76 41.60 2.32 -17.60
CA ARG I 76 42.71 2.54 -18.48
C ARG I 76 43.78 1.76 -17.73
N ARG I 77 44.09 0.59 -18.23
CA ARG I 77 45.05 -0.28 -17.57
C ARG I 77 46.51 0.14 -17.60
N THR I 78 47.22 -0.28 -16.56
CA THR I 78 48.64 0.01 -16.40
C THR I 78 49.40 -1.09 -17.13
N GLU I 79 50.73 -0.98 -17.15
CA GLU I 79 51.55 -1.99 -17.79
C GLU I 79 51.41 -3.29 -17.00
N ALA I 80 51.47 -3.17 -15.67
CA ALA I 80 51.34 -4.33 -14.81
C ALA I 80 50.02 -5.04 -15.11
N ASP I 81 48.93 -4.27 -15.24
CA ASP I 81 47.63 -4.86 -15.54
C ASP I 81 47.70 -5.65 -16.85
N ILE I 82 48.28 -5.03 -17.88
CA ILE I 82 48.39 -5.66 -19.19
C ILE I 82 49.31 -6.88 -19.18
N GLU I 83 50.43 -6.74 -18.46
CA GLU I 83 51.42 -7.81 -18.35
C GLU I 83 50.76 -9.06 -17.75
N LEU I 84 50.16 -8.91 -16.57
CA LEU I 84 49.48 -10.00 -15.87
C LEU I 84 48.34 -10.60 -16.69
N GLY I 85 47.65 -9.77 -17.44
CA GLY I 85 46.54 -10.26 -18.24
C GLY I 85 47.01 -11.17 -19.35
N ARG I 86 48.06 -10.75 -20.05
CA ARG I 86 48.58 -11.52 -21.15
C ARG I 86 49.31 -12.79 -20.71
N SER I 87 49.75 -12.79 -19.45
CA SER I 87 50.45 -13.92 -18.88
C SER I 87 49.49 -15.04 -18.52
N VAL I 88 48.19 -14.79 -18.70
CA VAL I 88 47.20 -15.80 -18.36
C VAL I 88 46.90 -16.71 -19.53
N GLN I 89 46.94 -18.01 -19.27
CA GLN I 89 46.68 -18.98 -20.32
C GLN I 89 45.22 -19.39 -20.30
N LEU I 90 44.64 -19.59 -21.47
CA LEU I 90 43.26 -20.01 -21.54
C LEU I 90 43.00 -21.11 -20.54
N GLY I 91 43.90 -22.09 -20.57
CA GLY I 91 43.81 -23.24 -19.68
C GLY I 91 43.58 -22.89 -18.22
N GLN I 92 44.01 -21.69 -17.83
CA GLN I 92 43.84 -21.25 -16.44
C GLN I 92 42.46 -20.68 -16.14
N LEU I 93 41.62 -20.54 -17.16
CA LEU I 93 40.30 -19.93 -17.00
C LEU I 93 39.05 -20.75 -16.73
N VAL I 94 38.12 -20.16 -15.98
CA VAL I 94 36.83 -20.78 -15.66
C VAL I 94 35.92 -20.65 -16.90
N ASP I 95 35.96 -19.49 -17.55
CA ASP I 95 35.16 -19.21 -18.74
C ASP I 95 36.15 -18.76 -19.82
N THR I 96 36.19 -19.52 -20.91
CA THR I 96 37.08 -19.23 -22.02
C THR I 96 36.48 -18.38 -23.12
N ASN I 97 35.20 -18.07 -23.00
CA ASN I 97 34.55 -17.23 -24.01
C ASN I 97 34.86 -15.77 -23.70
N ALA I 98 35.10 -14.99 -24.75
CA ALA I 98 35.44 -13.58 -24.60
C ALA I 98 34.29 -12.72 -24.09
N ARG I 99 33.06 -13.16 -24.30
CA ARG I 99 31.87 -12.40 -23.88
C ARG I 99 31.98 -10.98 -24.36
N ASN I 100 32.43 -10.84 -25.60
CA ASN I 100 32.63 -9.53 -26.18
C ASN I 100 31.69 -9.35 -27.37
N ALA I 101 30.72 -8.46 -27.22
CA ALA I 101 29.73 -8.20 -28.27
C ALA I 101 30.32 -7.52 -29.50
N ASN I 102 31.53 -6.99 -29.37
CA ASN I 102 32.19 -6.30 -30.47
C ASN I 102 32.87 -7.26 -31.43
N ILE I 103 33.00 -8.51 -31.04
CA ILE I 103 33.65 -9.50 -31.90
C ILE I 103 32.83 -10.78 -32.00
N ASP I 104 33.39 -11.81 -32.64
CA ASP I 104 32.68 -13.08 -32.81
C ASP I 104 32.23 -13.69 -31.50
N ALA I 105 31.03 -14.25 -31.51
CA ALA I 105 30.46 -14.88 -30.33
C ALA I 105 31.34 -16.04 -29.87
N GLY I 106 32.13 -16.58 -30.78
CA GLY I 106 32.99 -17.69 -30.44
C GLY I 106 34.38 -17.33 -29.94
N ALA I 107 34.78 -16.07 -30.10
CA ALA I 107 36.10 -15.62 -29.67
C ALA I 107 36.52 -16.15 -28.31
N GLU I 108 37.83 -16.25 -28.10
CA GLU I 108 38.39 -16.75 -26.85
C GLU I 108 38.81 -15.65 -25.89
N ALA I 109 38.71 -15.95 -24.61
CA ALA I 109 39.02 -15.04 -23.53
C ALA I 109 40.47 -14.60 -23.40
N THR I 110 41.14 -14.36 -24.52
CA THR I 110 42.53 -13.90 -24.46
C THR I 110 42.46 -12.42 -24.11
N ASP I 111 43.51 -11.92 -23.46
CA ASP I 111 43.58 -10.53 -23.06
C ASP I 111 43.35 -9.57 -24.22
N GLN I 112 43.82 -9.98 -25.40
CA GLN I 112 43.69 -9.14 -26.58
C GLN I 112 42.23 -9.04 -27.00
N ASN I 113 41.48 -10.12 -26.73
CA ASN I 113 40.08 -10.19 -27.07
C ASN I 113 39.14 -9.58 -26.03
N ARG I 114 39.73 -8.95 -25.03
CA ARG I 114 38.96 -8.36 -23.95
C ARG I 114 39.08 -6.83 -23.89
N THR I 115 39.94 -6.26 -24.74
CA THR I 115 40.13 -4.81 -24.75
C THR I 115 39.65 -4.19 -26.06
N LEU I 116 39.52 -2.87 -26.07
CA LEU I 116 39.06 -2.16 -27.26
C LEU I 116 40.21 -1.89 -28.22
N ASP I 117 41.39 -1.64 -27.66
CA ASP I 117 42.57 -1.33 -28.44
C ASP I 117 43.56 -2.50 -28.54
N GLU I 118 44.47 -2.40 -29.50
CA GLU I 118 45.52 -3.40 -29.72
C GLU I 118 46.48 -3.39 -28.55
N ALA I 119 46.75 -2.19 -28.05
CA ALA I 119 47.69 -2.05 -26.94
C ALA I 119 47.10 -2.60 -25.64
N GLY I 120 45.81 -2.89 -25.60
CA GLY I 120 45.21 -3.44 -24.40
C GLY I 120 45.15 -2.50 -23.21
N GLU I 121 45.04 -1.21 -23.50
CA GLU I 121 44.99 -0.21 -22.45
C GLU I 121 43.54 0.05 -22.04
N TRP I 122 42.60 -0.08 -22.98
CA TRP I 122 41.20 0.20 -22.67
C TRP I 122 40.28 -0.98 -22.39
N LEU I 123 40.05 -1.24 -21.11
CA LEU I 123 39.17 -2.31 -20.69
C LEU I 123 37.82 -1.67 -20.37
N VAL I 124 36.81 -2.05 -21.15
CA VAL I 124 35.45 -1.55 -21.01
C VAL I 124 34.50 -2.72 -20.82
N MET I 125 33.85 -2.78 -19.66
CA MET I 125 32.91 -3.87 -19.40
C MET I 125 31.82 -3.52 -18.42
N TRP I 126 30.81 -4.38 -18.36
CA TRP I 126 29.72 -4.21 -17.45
C TRP I 126 30.24 -4.50 -16.06
N GLY I 127 30.12 -3.54 -15.16
CA GLY I 127 30.59 -3.76 -13.79
C GLY I 127 29.51 -4.52 -13.03
N VAL I 128 28.98 -5.55 -13.68
CA VAL I 128 27.91 -6.38 -13.13
C VAL I 128 28.33 -7.84 -12.97
N CYS I 129 28.60 -8.25 -11.72
CA CYS I 129 29.01 -9.62 -11.43
C CYS I 129 28.06 -10.59 -12.13
N THR I 130 28.63 -11.62 -12.77
CA THR I 130 27.82 -12.60 -13.50
C THR I 130 27.17 -13.62 -12.57
N HIS I 131 27.47 -13.54 -11.27
CA HIS I 131 26.86 -14.46 -10.32
C HIS I 131 25.44 -13.93 -10.08
N LEU I 132 25.28 -12.94 -9.20
CA LEU I 132 23.96 -12.42 -8.91
C LEU I 132 23.78 -10.90 -9.03
N GLY I 133 24.63 -10.23 -9.82
CA GLY I 133 24.47 -8.81 -10.04
C GLY I 133 25.24 -7.71 -9.34
N CYS I 134 25.85 -7.96 -8.19
CA CYS I 134 26.58 -6.87 -7.54
C CYS I 134 27.65 -6.28 -8.44
N SER I 135 28.14 -5.11 -8.04
CA SER I 135 29.18 -4.45 -8.81
C SER I 135 30.49 -4.73 -8.09
N PRO I 136 31.43 -5.39 -8.79
CA PRO I 136 32.72 -5.72 -8.19
C PRO I 136 33.59 -4.51 -7.90
N ILE I 137 34.37 -4.60 -6.85
CA ILE I 137 35.24 -3.51 -6.45
C ILE I 137 36.56 -3.60 -7.22
N GLY I 138 37.01 -2.45 -7.73
CA GLY I 138 38.25 -2.39 -8.49
C GLY I 138 39.46 -1.95 -7.69
N GLY I 139 40.34 -1.19 -8.34
CA GLY I 139 41.55 -0.73 -7.68
C GLY I 139 42.45 -1.93 -7.45
N VAL I 140 42.45 -2.84 -8.41
CA VAL I 140 43.22 -4.07 -8.32
C VAL I 140 42.89 -4.74 -7.00
N SER I 141 41.72 -5.38 -6.95
CA SER I 141 41.26 -6.09 -5.76
C SER I 141 41.11 -7.56 -6.09
N GLY I 142 40.96 -8.40 -5.08
CA GLY I 142 40.80 -9.82 -5.32
C GLY I 142 42.15 -10.52 -5.37
N ASP I 143 42.16 -11.83 -5.57
CA ASP I 143 43.43 -12.53 -5.61
C ASP I 143 44.14 -12.45 -6.98
N PHE I 144 43.43 -12.03 -8.03
CA PHE I 144 44.02 -11.98 -9.36
C PHE I 144 44.28 -10.61 -10.01
N GLY I 145 44.62 -9.62 -9.18
CA GLY I 145 44.91 -8.29 -9.70
C GLY I 145 43.76 -7.59 -10.40
N GLY I 146 42.52 -7.95 -10.08
CA GLY I 146 41.42 -7.33 -10.79
C GLY I 146 40.33 -6.69 -9.95
N TRP I 147 39.22 -7.39 -9.83
CA TRP I 147 38.05 -6.95 -9.09
C TRP I 147 37.63 -8.01 -8.11
N PHE I 148 36.98 -7.60 -7.03
CA PHE I 148 36.48 -8.52 -6.02
C PHE I 148 35.00 -8.24 -5.76
N CYS I 149 34.15 -9.25 -5.89
CA CYS I 149 32.74 -9.07 -5.62
C CYS I 149 32.48 -9.44 -4.17
N PRO I 150 32.13 -8.44 -3.34
CA PRO I 150 31.87 -8.65 -1.92
C PRO I 150 30.58 -9.40 -1.61
N CYS I 151 29.71 -9.56 -2.60
CA CYS I 151 28.46 -10.24 -2.35
C CYS I 151 28.62 -11.73 -2.04
N HIS I 152 29.40 -12.45 -2.84
CA HIS I 152 29.59 -13.87 -2.52
C HIS I 152 31.01 -14.36 -2.75
N GLY I 153 31.93 -13.44 -2.95
CA GLY I 153 33.34 -13.80 -3.10
C GLY I 153 33.90 -14.17 -4.47
N SER I 154 33.41 -13.56 -5.53
CA SER I 154 33.93 -13.84 -6.84
C SER I 154 35.14 -12.95 -7.09
N HIS I 155 36.17 -13.50 -7.70
CA HIS I 155 37.38 -12.73 -8.01
C HIS I 155 37.52 -12.71 -9.53
N TYR I 156 37.90 -11.55 -10.07
CA TYR I 156 38.10 -11.40 -11.50
C TYR I 156 39.52 -10.89 -11.70
N ASP I 157 40.16 -11.31 -12.79
CA ASP I 157 41.54 -10.86 -13.04
C ASP I 157 41.57 -9.50 -13.72
N SER I 158 42.76 -9.04 -14.07
CA SER I 158 42.88 -7.74 -14.71
C SER I 158 42.27 -7.59 -16.10
N ALA I 159 41.62 -8.63 -16.61
CA ALA I 159 40.97 -8.53 -17.91
C ALA I 159 39.48 -8.71 -17.65
N GLY I 160 39.14 -8.83 -16.37
CA GLY I 160 37.75 -8.98 -15.98
C GLY I 160 37.25 -10.40 -16.16
N ARG I 161 38.15 -11.36 -16.12
CA ARG I 161 37.77 -12.76 -16.28
C ARG I 161 37.59 -13.39 -14.91
N ILE I 162 36.58 -14.24 -14.77
CA ILE I 162 36.29 -14.89 -13.51
C ILE I 162 37.34 -15.97 -13.24
N ARG I 163 37.91 -15.95 -12.05
CA ARG I 163 38.96 -16.90 -11.68
C ARG I 163 38.61 -17.66 -10.41
N LYS I 164 37.55 -17.21 -9.75
CA LYS I 164 37.21 -17.84 -8.49
C LYS I 164 35.84 -17.40 -7.97
N GLY I 165 35.21 -18.27 -7.21
CA GLY I 165 33.91 -17.93 -6.66
C GLY I 165 32.78 -18.59 -7.41
N PRO I 166 31.54 -18.19 -7.12
CA PRO I 166 30.37 -18.77 -7.80
C PRO I 166 30.00 -18.15 -9.15
N ALA I 167 30.59 -17.01 -9.51
CA ALA I 167 30.23 -16.41 -10.79
C ALA I 167 30.61 -17.37 -11.91
N PRO I 168 29.67 -17.64 -12.83
CA PRO I 168 29.96 -18.55 -13.92
C PRO I 168 30.71 -17.95 -15.11
N GLU I 169 30.69 -16.63 -15.26
CA GLU I 169 31.34 -16.04 -16.41
C GLU I 169 32.17 -14.80 -16.24
N ASN I 170 32.80 -14.41 -17.35
CA ASN I 170 33.62 -13.21 -17.38
C ASN I 170 32.69 -12.02 -17.52
N LEU I 171 33.07 -10.89 -16.91
CA LEU I 171 32.27 -9.69 -17.00
C LEU I 171 32.07 -9.41 -18.49
N PRO I 172 30.80 -9.26 -18.93
CA PRO I 172 30.50 -9.01 -20.34
C PRO I 172 31.03 -7.66 -20.82
N ILE I 173 31.33 -7.60 -22.11
CA ILE I 173 31.81 -6.38 -22.74
C ILE I 173 30.68 -5.99 -23.70
N PRO I 174 30.13 -4.78 -23.54
CA PRO I 174 29.04 -4.27 -24.37
C PRO I 174 29.56 -3.68 -25.68
N LEU I 175 28.64 -3.41 -26.60
CA LEU I 175 29.03 -2.78 -27.84
C LEU I 175 29.69 -1.51 -27.37
N ALA I 176 30.92 -1.31 -27.78
CA ALA I 176 31.67 -0.13 -27.38
C ALA I 176 32.76 0.08 -28.42
N LYS I 177 33.10 1.33 -28.67
CA LYS I 177 34.14 1.64 -29.63
C LYS I 177 34.43 3.11 -29.53
N PHE I 178 35.68 3.46 -29.77
CA PHE I 178 36.04 4.86 -29.72
C PHE I 178 35.43 5.52 -30.95
N ILE I 179 34.64 6.55 -30.70
CA ILE I 179 33.97 7.31 -31.75
C ILE I 179 34.92 8.40 -32.23
N ASP I 180 36.01 8.56 -31.50
CA ASP I 180 37.03 9.53 -31.82
C ASP I 180 38.12 9.50 -30.77
N GLU I 181 39.05 10.44 -30.90
CA GLU I 181 40.19 10.59 -30.01
C GLU I 181 39.97 10.31 -28.52
N THR I 182 38.97 10.93 -27.93
CA THR I 182 38.74 10.78 -26.51
C THR I 182 37.30 10.44 -26.12
N THR I 183 36.58 9.85 -27.05
CA THR I 183 35.18 9.51 -26.80
C THR I 183 34.79 8.09 -27.17
N ILE I 184 34.18 7.38 -26.23
CA ILE I 184 33.74 6.02 -26.45
C ILE I 184 32.22 6.01 -26.49
N GLN I 185 31.65 5.27 -27.44
CA GLN I 185 30.20 5.17 -27.54
C GLN I 185 29.75 3.79 -27.08
N LEU I 186 29.03 3.76 -25.96
CA LEU I 186 28.51 2.50 -25.43
C LEU I 186 27.17 2.23 -26.08
N GLY I 187 26.91 0.97 -26.40
CA GLY I 187 25.65 0.62 -27.02
C GLY I 187 25.59 1.12 -28.44
N GLY J 3 -11.76 -34.90 20.32
CA GLY J 3 -10.43 -34.98 20.99
C GLY J 3 -10.50 -35.24 22.48
N ILE J 4 -9.90 -34.33 23.25
CA ILE J 4 -9.79 -34.40 24.71
C ILE J 4 -11.08 -34.11 25.50
N PRO J 5 -11.37 -34.93 26.53
CA PRO J 5 -12.55 -34.81 27.40
C PRO J 5 -12.70 -33.52 28.21
N HIS J 6 -13.73 -32.75 27.85
CA HIS J 6 -14.05 -31.48 28.48
C HIS J 6 -15.56 -31.28 28.30
N ASP J 7 -16.05 -30.10 28.70
CA ASP J 7 -17.46 -29.76 28.55
C ASP J 7 -17.51 -28.48 27.71
N HIS J 8 -18.69 -28.05 27.30
CA HIS J 8 -18.77 -26.84 26.48
C HIS J 8 -19.17 -25.58 27.25
N TYR J 9 -19.80 -24.65 26.55
CA TYR J 9 -20.23 -23.35 27.10
C TYR J 9 -21.68 -23.36 27.59
N GLU J 10 -21.95 -22.61 28.65
CA GLU J 10 -23.30 -22.53 29.16
C GLU J 10 -23.81 -21.08 29.11
N PRO J 11 -24.85 -20.84 28.29
CA PRO J 11 -25.46 -19.53 28.10
C PRO J 11 -26.07 -19.06 29.42
N ARG J 12 -25.40 -18.13 30.11
CA ARG J 12 -25.93 -17.68 31.39
C ARG J 12 -26.78 -16.43 31.25
N THR J 13 -26.15 -15.28 31.05
CA THR J 13 -26.84 -14.00 30.91
C THR J 13 -27.92 -14.06 29.83
N GLY J 14 -28.77 -13.03 29.79
CA GLY J 14 -29.81 -12.97 28.79
C GLY J 14 -29.15 -12.61 27.47
N ILE J 15 -28.26 -11.63 27.53
CA ILE J 15 -27.53 -11.19 26.35
C ILE J 15 -26.83 -12.42 25.76
N GLU J 16 -26.32 -13.27 26.64
CA GLU J 16 -25.63 -14.50 26.22
C GLU J 16 -26.55 -15.49 25.48
N LYS J 17 -27.73 -15.78 26.02
CA LYS J 17 -28.69 -16.72 25.38
C LYS J 17 -29.23 -16.15 24.07
N TRP J 18 -29.36 -14.84 24.03
CA TRP J 18 -29.86 -14.15 22.85
C TRP J 18 -28.82 -14.31 21.76
N LEU J 19 -27.58 -14.00 22.12
CA LEU J 19 -26.47 -14.08 21.22
C LEU J 19 -26.21 -15.50 20.75
N HIS J 20 -26.18 -16.43 21.71
CA HIS J 20 -25.92 -17.83 21.39
C HIS J 20 -26.87 -18.50 20.40
N SER J 21 -28.14 -18.10 20.41
CA SER J 21 -29.11 -18.69 19.49
C SER J 21 -29.02 -18.10 18.09
N ARG J 22 -28.14 -17.11 17.93
CA ARG J 22 -27.96 -16.45 16.63
C ARG J 22 -26.56 -16.62 16.06
N LEU J 23 -25.56 -16.39 16.89
CA LEU J 23 -24.17 -16.54 16.48
C LEU J 23 -23.40 -17.04 17.69
N PRO J 24 -23.06 -18.34 17.68
CA PRO J 24 -22.32 -18.99 18.77
C PRO J 24 -20.85 -18.56 18.89
N ILE J 25 -20.57 -17.28 18.65
CA ILE J 25 -19.20 -16.82 18.73
C ILE J 25 -18.61 -16.86 20.15
N VAL J 26 -19.41 -16.53 21.16
CA VAL J 26 -18.89 -16.57 22.53
C VAL J 26 -18.60 -18.01 22.93
N ALA J 27 -19.40 -18.94 22.40
CA ALA J 27 -19.21 -20.36 22.70
C ALA J 27 -17.87 -20.81 22.12
N LEU J 28 -17.61 -20.45 20.87
CA LEU J 28 -16.38 -20.80 20.20
C LEU J 28 -15.16 -20.26 20.92
N ALA J 29 -15.23 -18.98 21.32
CA ALA J 29 -14.11 -18.36 22.04
C ALA J 29 -13.82 -19.16 23.29
N TYR J 30 -14.88 -19.51 24.01
CA TYR J 30 -14.79 -20.27 25.24
C TYR J 30 -14.15 -21.64 25.04
N ASP J 31 -14.66 -22.42 24.07
CA ASP J 31 -14.11 -23.74 23.81
C ASP J 31 -12.65 -23.67 23.36
N THR J 32 -12.24 -22.50 22.89
CA THR J 32 -10.87 -22.29 22.43
C THR J 32 -9.96 -21.92 23.58
N ILE J 33 -10.43 -20.99 24.40
CA ILE J 33 -9.70 -20.49 25.55
C ILE J 33 -9.66 -21.50 26.71
N MET J 34 -10.57 -22.48 26.72
CA MET J 34 -10.61 -23.47 27.79
C MET J 34 -10.02 -24.86 27.46
N ILE J 35 -9.52 -25.05 26.24
CA ILE J 35 -8.92 -26.33 25.83
C ILE J 35 -7.96 -26.90 26.87
N PRO J 36 -8.10 -28.19 27.18
CA PRO J 36 -7.24 -28.87 28.16
C PRO J 36 -5.82 -29.00 27.59
N THR J 37 -4.85 -28.44 28.33
CA THR J 37 -3.45 -28.42 27.91
C THR J 37 -2.52 -29.22 28.83
N PRO J 38 -1.63 -30.07 28.26
CA PRO J 38 -0.73 -30.84 29.13
C PRO J 38 -0.11 -29.96 30.24
N ARG J 39 -0.14 -30.46 31.47
CA ARG J 39 0.37 -29.73 32.63
C ARG J 39 1.88 -29.51 32.64
N ASN J 40 2.59 -30.36 31.91
CA ASN J 40 4.06 -30.33 31.91
C ASN J 40 4.79 -29.44 30.91
N LEU J 41 4.08 -28.58 30.17
CA LEU J 41 4.77 -27.72 29.21
C LEU J 41 5.82 -26.88 29.91
N ASN J 42 6.96 -26.68 29.26
CA ASN J 42 8.04 -25.88 29.83
C ASN J 42 8.21 -24.57 29.07
N TRP J 43 9.20 -23.80 29.53
CA TRP J 43 9.53 -22.51 28.97
C TRP J 43 9.93 -22.46 27.47
N MET J 44 9.79 -23.58 26.76
CA MET J 44 10.04 -23.59 25.32
C MET J 44 8.71 -23.58 24.57
N TRP J 45 7.62 -23.53 25.31
CA TRP J 45 6.28 -23.50 24.72
C TRP J 45 5.73 -22.07 24.67
N ILE J 46 6.58 -21.10 25.02
CA ILE J 46 6.15 -19.71 25.02
C ILE J 46 6.40 -18.98 23.72
N TRP J 47 7.23 -19.53 22.85
CA TRP J 47 7.54 -18.84 21.61
C TRP J 47 6.41 -18.64 20.61
N GLY J 48 5.39 -19.47 20.67
CA GLY J 48 4.27 -19.31 19.75
C GLY J 48 3.52 -18.02 20.09
N VAL J 49 3.41 -17.72 21.38
CA VAL J 49 2.74 -16.51 21.81
C VAL J 49 3.63 -15.32 21.48
N VAL J 50 4.94 -15.48 21.62
CA VAL J 50 5.83 -14.37 21.30
C VAL J 50 5.68 -14.06 19.81
N LEU J 51 5.47 -15.09 19.00
CA LEU J 51 5.31 -14.90 17.57
C LEU J 51 3.99 -14.22 17.22
N ALA J 52 2.91 -14.61 17.89
CA ALA J 52 1.61 -13.99 17.63
C ALA J 52 1.69 -12.50 17.95
N PHE J 53 2.32 -12.18 19.08
CA PHE J 53 2.48 -10.80 19.48
C PHE J 53 3.28 -10.01 18.43
N CYS J 54 4.38 -10.61 17.98
CA CYS J 54 5.24 -9.99 16.97
C CYS J 54 4.47 -9.69 15.70
N LEU J 55 3.65 -10.64 15.28
CA LEU J 55 2.88 -10.44 14.06
C LEU J 55 1.99 -9.22 14.24
N VAL J 56 1.29 -9.13 15.39
CA VAL J 56 0.43 -7.99 15.66
C VAL J 56 1.27 -6.71 15.74
N LEU J 57 2.39 -6.77 16.47
CA LEU J 57 3.26 -5.61 16.59
C LEU J 57 3.70 -5.11 15.21
N GLN J 58 4.14 -6.03 14.36
CA GLN J 58 4.60 -5.66 13.03
C GLN J 58 3.48 -5.07 12.20
N ILE J 59 2.28 -5.64 12.30
CA ILE J 59 1.17 -5.11 11.52
C ILE J 59 0.75 -3.71 11.96
N VAL J 60 0.54 -3.47 13.26
CA VAL J 60 0.13 -2.12 13.63
C VAL J 60 1.21 -1.07 13.39
N THR J 61 2.47 -1.38 13.73
CA THR J 61 3.51 -0.38 13.49
C THR J 61 3.69 -0.19 11.99
N GLY J 62 3.44 -1.25 11.23
CA GLY J 62 3.57 -1.18 9.79
C GLY J 62 2.54 -0.25 9.16
N ILE J 63 1.28 -0.47 9.51
CA ILE J 63 0.19 0.35 8.97
C ILE J 63 0.49 1.80 9.25
N VAL J 64 0.96 2.07 10.47
CA VAL J 64 1.31 3.42 10.88
C VAL J 64 2.46 3.98 10.06
N LEU J 65 3.52 3.19 9.88
CA LEU J 65 4.65 3.66 9.10
C LEU J 65 4.25 3.93 7.67
N ALA J 66 3.38 3.08 7.14
CA ALA J 66 2.91 3.26 5.76
C ALA J 66 2.14 4.57 5.60
N MET J 67 1.69 5.16 6.72
CA MET J 67 0.97 6.43 6.62
C MET J 67 1.91 7.60 6.35
N HIS J 68 3.21 7.41 6.60
CA HIS J 68 4.19 8.49 6.40
C HIS J 68 5.27 8.17 5.38
N TYR J 69 5.24 6.95 4.86
CA TYR J 69 6.24 6.47 3.91
C TYR J 69 5.85 6.66 2.43
N THR J 70 6.81 7.01 1.59
CA THR J 70 6.57 7.18 0.15
C THR J 70 7.34 6.15 -0.66
N PRO J 71 6.63 5.23 -1.32
CA PRO J 71 7.30 4.22 -2.13
C PRO J 71 7.76 4.71 -3.49
N HIS J 72 8.78 5.56 -3.51
CA HIS J 72 9.30 6.08 -4.75
C HIS J 72 10.78 6.33 -4.56
N VAL J 73 11.58 5.92 -5.53
CA VAL J 73 13.03 6.06 -5.38
C VAL J 73 13.57 7.44 -5.06
N ASP J 74 12.88 8.49 -5.49
CA ASP J 74 13.34 9.85 -5.18
C ASP J 74 12.91 10.30 -3.79
N LEU J 75 11.93 9.60 -3.21
CA LEU J 75 11.41 10.02 -1.91
C LEU J 75 11.45 9.00 -0.77
N ALA J 76 11.64 7.74 -1.11
CA ALA J 76 11.63 6.69 -0.09
C ALA J 76 12.56 6.88 1.10
N PHE J 77 13.85 7.09 0.84
CA PHE J 77 14.82 7.26 1.91
C PHE J 77 14.54 8.55 2.70
N ALA J 78 14.27 9.63 1.98
CA ALA J 78 13.96 10.92 2.61
C ALA J 78 12.76 10.77 3.53
N SER J 79 11.78 10.00 3.08
CA SER J 79 10.55 9.77 3.82
C SER J 79 10.76 8.96 5.10
N VAL J 80 11.76 8.09 5.12
CA VAL J 80 12.02 7.33 6.33
C VAL J 80 12.77 8.27 7.30
N GLU J 81 13.54 9.22 6.75
CA GLU J 81 14.21 10.16 7.62
C GLU J 81 13.19 11.16 8.19
N HIS J 82 12.17 11.48 7.40
CA HIS J 82 11.11 12.39 7.82
C HIS J 82 10.38 11.68 8.99
N ILE J 83 10.13 10.38 8.84
CA ILE J 83 9.48 9.64 9.91
C ILE J 83 10.34 9.69 11.18
N MET J 84 11.64 9.51 11.03
CA MET J 84 12.57 9.53 12.15
C MET J 84 12.66 10.87 12.89
N ARG J 85 12.68 11.95 12.13
CA ARG J 85 12.85 13.31 12.67
C ARG J 85 11.59 14.13 12.97
N ASN J 86 10.58 14.01 12.11
CA ASN J 86 9.37 14.80 12.25
C ASN J 86 8.12 14.20 12.86
N VAL J 87 7.84 12.95 12.51
CA VAL J 87 6.65 12.29 13.02
C VAL J 87 6.71 12.04 14.52
N ASN J 88 5.61 12.36 15.21
CA ASN J 88 5.55 12.16 16.65
C ASN J 88 5.76 10.70 16.98
N GLY J 89 6.86 10.42 17.67
CA GLY J 89 7.17 9.05 18.05
C GLY J 89 7.64 8.23 16.87
N GLY J 90 7.91 8.90 15.76
CA GLY J 90 8.34 8.23 14.55
C GLY J 90 9.59 7.39 14.75
N PHE J 91 10.62 8.01 15.33
CA PHE J 91 11.87 7.32 15.59
C PHE J 91 11.61 6.00 16.34
N MET J 92 10.76 6.04 17.35
CA MET J 92 10.46 4.83 18.11
C MET J 92 9.66 3.81 17.35
N LEU J 93 8.76 4.27 16.48
CA LEU J 93 7.93 3.35 15.71
C LEU J 93 8.75 2.62 14.65
N ARG J 94 9.69 3.34 14.06
CA ARG J 94 10.57 2.80 13.02
C ARG J 94 11.45 1.72 13.68
N TYR J 95 12.13 2.08 14.76
CA TYR J 95 12.98 1.13 15.46
C TYR J 95 12.18 -0.07 15.97
N LEU J 96 10.93 0.14 16.36
CA LEU J 96 10.13 -0.99 16.84
C LEU J 96 9.85 -1.95 15.69
N HIS J 97 9.57 -1.42 14.51
CA HIS J 97 9.26 -2.24 13.33
C HIS J 97 10.51 -2.99 12.89
N ALA J 98 11.63 -2.29 12.82
CA ALA J 98 12.91 -2.87 12.41
C ALA J 98 13.33 -4.00 13.36
N ASN J 99 13.54 -3.66 14.62
CA ASN J 99 13.94 -4.64 15.61
C ASN J 99 12.86 -5.69 15.86
N GLY J 100 11.64 -5.37 15.45
CA GLY J 100 10.54 -6.31 15.61
C GLY J 100 10.74 -7.49 14.68
N ALA J 101 11.33 -7.20 13.53
CA ALA J 101 11.60 -8.23 12.52
C ALA J 101 12.58 -9.22 13.14
N SER J 102 13.59 -8.69 13.82
CA SER J 102 14.61 -9.50 14.49
C SER J 102 13.95 -10.38 15.55
N LEU J 103 13.17 -9.77 16.42
CA LEU J 103 12.51 -10.51 17.48
C LEU J 103 11.67 -11.61 16.85
N PHE J 104 11.02 -11.28 15.74
CA PHE J 104 10.17 -12.22 15.04
C PHE J 104 10.98 -13.46 14.62
N PHE J 105 12.21 -13.25 14.14
CA PHE J 105 13.03 -14.39 13.72
C PHE J 105 13.69 -15.12 14.87
N ILE J 106 14.17 -14.39 15.86
CA ILE J 106 14.79 -15.01 17.02
C ILE J 106 13.75 -15.99 17.55
N ALA J 107 12.49 -15.56 17.61
CA ALA J 107 11.42 -16.39 18.11
C ALA J 107 11.09 -17.57 17.20
N VAL J 108 11.07 -17.41 15.87
CA VAL J 108 10.76 -18.58 15.05
C VAL J 108 11.84 -19.62 15.10
N TYR J 109 13.09 -19.19 15.19
CA TYR J 109 14.14 -20.19 15.23
C TYR J 109 14.03 -21.00 16.50
N LEU J 110 13.72 -20.37 17.63
CA LEU J 110 13.54 -21.10 18.88
C LEU J 110 12.29 -21.98 18.78
N HIS J 111 11.25 -21.45 18.16
CA HIS J 111 10.00 -22.17 17.97
C HIS J 111 10.27 -23.40 17.09
N ILE J 112 11.00 -23.22 15.99
CA ILE J 112 11.32 -24.32 15.07
C ILE J 112 12.18 -25.41 15.71
N PHE J 113 13.25 -25.01 16.40
CA PHE J 113 14.13 -25.97 17.03
C PHE J 113 13.44 -26.71 18.17
N ARG J 114 12.51 -26.03 18.84
CA ARG J 114 11.76 -26.66 19.92
C ARG J 114 11.03 -27.84 19.28
N GLY J 115 10.43 -27.57 18.12
CA GLY J 115 9.69 -28.61 17.41
C GLY J 115 10.55 -29.76 16.92
N LEU J 116 11.73 -29.44 16.42
CA LEU J 116 12.65 -30.46 15.91
C LEU J 116 13.11 -31.41 17.02
N TYR J 117 13.22 -30.86 18.23
CA TYR J 117 13.67 -31.61 19.38
C TYR J 117 12.63 -32.53 20.04
N TYR J 118 11.40 -32.06 20.13
CA TYR J 118 10.34 -32.83 20.78
C TYR J 118 9.44 -33.58 19.79
N GLY J 119 9.82 -33.58 18.52
CA GLY J 119 9.04 -34.26 17.51
C GLY J 119 7.63 -33.73 17.38
N SER J 120 7.49 -32.41 17.53
CA SER J 120 6.17 -31.79 17.43
C SER J 120 5.68 -31.84 15.98
N TYR J 121 6.55 -32.27 15.07
CA TYR J 121 6.21 -32.38 13.65
C TYR J 121 5.77 -33.79 13.30
N LYS J 122 6.01 -34.74 14.19
CA LYS J 122 5.65 -36.12 13.93
C LYS J 122 4.15 -36.34 14.14
N ALA J 123 3.62 -37.27 13.36
CA ALA J 123 2.21 -37.62 13.40
C ALA J 123 1.71 -37.52 14.84
N PRO J 124 0.48 -37.02 15.02
CA PRO J 124 -0.42 -36.61 13.93
C PRO J 124 -0.27 -35.13 13.57
N ARG J 125 0.87 -34.53 13.89
CA ARG J 125 1.07 -33.11 13.66
C ARG J 125 1.76 -32.62 12.39
N GLU J 126 1.70 -33.39 11.31
CA GLU J 126 2.34 -33.00 10.07
C GLU J 126 1.78 -31.73 9.43
N VAL J 127 0.45 -31.57 9.47
CA VAL J 127 -0.17 -30.39 8.88
C VAL J 127 0.25 -29.13 9.65
N THR J 128 0.25 -29.21 10.97
CA THR J 128 0.65 -28.07 11.77
C THR J 128 2.03 -27.65 11.26
N TRP J 129 2.92 -28.62 11.14
CA TRP J 129 4.29 -28.40 10.68
C TRP J 129 4.39 -27.80 9.28
N ILE J 130 3.61 -28.33 8.33
CA ILE J 130 3.65 -27.82 6.98
C ILE J 130 3.12 -26.39 6.90
N VAL J 131 2.02 -26.10 7.60
CA VAL J 131 1.48 -24.75 7.58
C VAL J 131 2.57 -23.83 8.15
N GLY J 132 3.22 -24.28 9.23
CA GLY J 132 4.27 -23.48 9.82
C GLY J 132 5.37 -23.19 8.79
N MET J 133 5.71 -24.17 7.96
CA MET J 133 6.76 -23.98 6.94
C MET J 133 6.34 -22.91 5.94
N LEU J 134 5.05 -22.88 5.60
CA LEU J 134 4.55 -21.89 4.68
C LEU J 134 4.67 -20.52 5.31
N ILE J 135 4.36 -20.45 6.60
CA ILE J 135 4.47 -19.20 7.32
C ILE J 135 5.92 -18.72 7.26
N TYR J 136 6.86 -19.64 7.49
CA TYR J 136 8.28 -19.31 7.47
C TYR J 136 8.70 -18.73 6.11
N LEU J 137 8.22 -19.34 5.02
CA LEU J 137 8.57 -18.83 3.70
C LEU J 137 8.05 -17.41 3.54
N ALA J 138 6.80 -17.20 3.93
CA ALA J 138 6.16 -15.90 3.82
C ALA J 138 6.89 -14.85 4.67
N MET J 139 7.26 -15.23 5.89
CA MET J 139 7.97 -14.32 6.79
C MET J 139 9.24 -13.84 6.11
N MET J 140 9.99 -14.76 5.51
CA MET J 140 11.23 -14.38 4.85
C MET J 140 10.97 -13.44 3.67
N ALA J 141 10.00 -13.80 2.84
CA ALA J 141 9.65 -12.96 1.70
C ALA J 141 9.26 -11.58 2.20
N THR J 142 8.40 -11.54 3.22
CA THR J 142 7.93 -10.29 3.78
C THR J 142 9.07 -9.42 4.29
N ALA J 143 9.91 -10.00 5.15
CA ALA J 143 11.03 -9.24 5.71
C ALA J 143 12.00 -8.76 4.63
N PHE J 144 12.16 -9.55 3.59
CA PHE J 144 13.06 -9.15 2.53
C PHE J 144 12.53 -7.88 1.86
N MET J 145 11.25 -7.92 1.45
CA MET J 145 10.67 -6.75 0.79
C MET J 145 10.64 -5.52 1.71
N GLY J 146 10.36 -5.73 2.99
CA GLY J 146 10.35 -4.61 3.90
C GLY J 146 11.71 -3.95 3.92
N TYR J 147 12.75 -4.76 4.01
CA TYR J 147 14.13 -4.24 4.06
C TYR J 147 14.50 -3.40 2.85
N VAL J 148 13.82 -3.63 1.73
CA VAL J 148 14.08 -2.88 0.50
C VAL J 148 13.43 -1.49 0.54
N LEU J 149 12.32 -1.36 1.26
CA LEU J 149 11.61 -0.08 1.29
C LEU J 149 12.41 1.21 1.61
N PRO J 150 13.28 1.17 2.63
CA PRO J 150 14.10 2.35 2.99
C PRO J 150 14.95 2.88 1.82
N TRP J 151 15.22 2.01 0.86
CA TRP J 151 16.05 2.33 -0.30
C TRP J 151 17.48 2.77 0.06
N GLY J 152 18.09 2.07 1.01
CA GLY J 152 19.46 2.37 1.40
C GLY J 152 20.37 1.47 0.57
N GLN J 153 21.67 1.42 0.87
CA GLN J 153 22.58 0.58 0.10
C GLN J 153 22.27 -0.91 0.23
N MET J 154 22.09 -1.39 1.46
CA MET J 154 21.77 -2.78 1.64
C MET J 154 20.47 -3.12 0.94
N SER J 155 19.53 -2.17 0.97
CA SER J 155 18.22 -2.34 0.33
C SER J 155 18.31 -2.61 -1.16
N PHE J 156 19.04 -1.75 -1.85
CA PHE J 156 19.20 -1.87 -3.29
C PHE J 156 19.93 -3.13 -3.74
N TRP J 157 21.12 -3.37 -3.17
CA TRP J 157 21.88 -4.53 -3.55
C TRP J 157 21.28 -5.85 -3.09
N GLY J 158 20.63 -5.84 -1.93
CA GLY J 158 19.98 -7.05 -1.47
C GLY J 158 18.86 -7.39 -2.43
N ALA J 159 18.20 -6.36 -2.96
CA ALA J 159 17.10 -6.58 -3.90
C ALA J 159 17.65 -7.10 -5.21
N THR J 160 18.80 -6.57 -5.61
CA THR J 160 19.45 -6.99 -6.84
C THR J 160 19.77 -8.48 -6.74
N VAL J 161 20.39 -8.88 -5.63
CA VAL J 161 20.77 -10.27 -5.41
C VAL J 161 19.61 -11.26 -5.26
N ILE J 162 18.60 -10.89 -4.48
CA ILE J 162 17.47 -11.81 -4.29
C ILE J 162 16.64 -11.98 -5.54
N THR J 163 16.50 -10.93 -6.35
CA THR J 163 15.75 -11.09 -7.58
C THR J 163 16.65 -11.89 -8.52
N GLY J 164 17.95 -11.80 -8.27
CA GLY J 164 18.93 -12.53 -9.08
C GLY J 164 18.80 -14.04 -8.88
N LEU J 165 18.40 -14.47 -7.70
CA LEU J 165 18.24 -15.89 -7.43
C LEU J 165 17.35 -16.54 -8.47
N PHE J 166 16.26 -15.88 -8.82
CA PHE J 166 15.33 -16.40 -9.80
C PHE J 166 15.90 -16.38 -11.18
N GLY J 167 16.86 -15.49 -11.40
CA GLY J 167 17.51 -15.41 -12.69
C GLY J 167 18.36 -16.64 -12.92
N ALA J 168 18.60 -17.40 -11.86
CA ALA J 168 19.41 -18.61 -11.94
C ALA J 168 18.64 -19.85 -12.37
N ILE J 169 17.32 -19.79 -12.38
CA ILE J 169 16.54 -20.93 -12.81
C ILE J 169 16.79 -21.10 -14.31
N PRO J 170 17.17 -22.32 -14.73
CA PRO J 170 17.44 -22.63 -16.15
C PRO J 170 16.23 -22.42 -17.06
N GLY J 171 16.48 -21.85 -18.24
CA GLY J 171 15.41 -21.64 -19.19
C GLY J 171 14.47 -20.47 -18.93
N ILE J 172 13.56 -20.62 -17.98
CA ILE J 172 12.59 -19.57 -17.67
C ILE J 172 13.15 -18.43 -16.82
N GLY J 173 14.23 -18.72 -16.10
CA GLY J 173 14.87 -17.74 -15.23
C GLY J 173 14.93 -16.26 -15.62
N HIS J 174 15.53 -15.93 -16.75
CA HIS J 174 15.65 -14.53 -17.16
C HIS J 174 14.29 -13.85 -17.21
N SER J 175 13.28 -14.59 -17.63
CA SER J 175 11.92 -14.06 -17.71
C SER J 175 11.34 -13.77 -16.35
N ILE J 176 11.44 -14.74 -15.45
CA ILE J 176 10.92 -14.57 -14.12
C ILE J 176 11.60 -13.37 -13.47
N GLN J 177 12.90 -13.22 -13.70
CA GLN J 177 13.59 -12.09 -13.10
C GLN J 177 13.15 -10.76 -13.69
N THR J 178 12.92 -10.69 -14.99
CA THR J 178 12.48 -9.45 -15.60
C THR J 178 11.10 -9.08 -15.07
N TRP J 179 10.27 -10.10 -14.87
CA TRP J 179 8.92 -9.94 -14.37
C TRP J 179 8.93 -9.38 -12.93
N LEU J 180 9.78 -9.94 -12.07
CA LEU J 180 9.88 -9.48 -10.70
C LEU J 180 10.38 -8.06 -10.60
N LEU J 181 11.28 -7.70 -11.52
CA LEU J 181 11.87 -6.37 -11.52
C LEU J 181 11.05 -5.30 -12.24
N GLY J 182 10.21 -5.73 -13.19
CA GLY J 182 9.41 -4.79 -13.93
C GLY J 182 10.30 -4.04 -14.91
N GLY J 183 11.48 -4.59 -15.16
CA GLY J 183 12.40 -3.94 -16.08
C GLY J 183 13.78 -4.58 -16.09
N PRO J 184 14.77 -3.95 -16.76
CA PRO J 184 16.13 -4.47 -16.84
C PRO J 184 16.97 -4.44 -15.57
N ALA J 185 16.53 -3.66 -14.58
CA ALA J 185 17.29 -3.56 -13.34
C ALA J 185 16.37 -3.20 -12.18
N VAL J 186 16.91 -3.24 -10.97
CA VAL J 186 16.14 -2.87 -9.79
C VAL J 186 15.96 -1.36 -9.93
N ASP J 187 14.70 -0.92 -9.97
CA ASP J 187 14.39 0.50 -10.11
C ASP J 187 13.08 0.83 -9.39
N ASN J 188 12.47 1.96 -9.74
CA ASN J 188 11.22 2.36 -9.09
C ASN J 188 10.11 1.33 -9.24
N ALA J 189 9.93 0.78 -10.44
CA ALA J 189 8.87 -0.22 -10.60
C ALA J 189 9.05 -1.36 -9.59
N THR J 190 10.30 -1.66 -9.25
CA THR J 190 10.58 -2.73 -8.30
C THR J 190 10.19 -2.34 -6.87
N LEU J 191 10.60 -1.14 -6.46
CA LEU J 191 10.30 -0.62 -5.14
C LEU J 191 8.78 -0.53 -4.94
N ASN J 192 8.11 0.00 -5.95
CA ASN J 192 6.67 0.18 -5.94
C ASN J 192 5.91 -1.13 -5.73
N ARG J 193 6.27 -2.20 -6.44
CA ARG J 193 5.57 -3.47 -6.26
C ARG J 193 5.94 -4.17 -4.95
N PHE J 194 7.15 -3.89 -4.47
CA PHE J 194 7.56 -4.50 -3.21
C PHE J 194 6.75 -3.88 -2.08
N PHE J 195 6.45 -2.58 -2.20
CA PHE J 195 5.65 -1.92 -1.18
C PHE J 195 4.31 -2.61 -1.09
N SER J 196 3.64 -2.73 -2.23
CA SER J 196 2.35 -3.37 -2.24
C SER J 196 2.39 -4.79 -1.69
N LEU J 197 3.40 -5.56 -2.08
CA LEU J 197 3.47 -6.94 -1.58
C LEU J 197 3.89 -7.01 -0.10
N HIS J 198 4.69 -6.06 0.36
CA HIS J 198 5.09 -6.05 1.76
C HIS J 198 3.85 -5.80 2.60
N TYR J 199 2.91 -5.03 2.07
CA TYR J 199 1.67 -4.71 2.76
C TYR J 199 0.77 -5.95 2.79
N LEU J 200 0.64 -6.60 1.63
CA LEU J 200 -0.23 -7.77 1.48
C LEU J 200 0.16 -9.06 2.22
N LEU J 201 1.43 -9.45 2.14
CA LEU J 201 1.87 -10.70 2.77
C LEU J 201 1.54 -10.90 4.24
N PRO J 202 1.73 -9.86 5.07
CA PRO J 202 1.42 -10.05 6.49
C PRO J 202 -0.01 -10.54 6.75
N PHE J 203 -0.95 -10.21 5.87
CA PHE J 203 -2.33 -10.66 6.04
C PHE J 203 -2.47 -12.12 5.66
N VAL J 204 -1.65 -12.53 4.70
CA VAL J 204 -1.65 -13.91 4.26
C VAL J 204 -1.10 -14.71 5.44
N ILE J 205 -0.02 -14.19 6.04
CA ILE J 205 0.58 -14.84 7.19
C ILE J 205 -0.50 -14.97 8.28
N ALA J 206 -1.19 -13.88 8.59
CA ALA J 206 -2.23 -13.90 9.60
C ALA J 206 -3.26 -14.99 9.29
N ALA J 207 -3.63 -15.10 8.02
CA ALA J 207 -4.60 -16.11 7.62
C ALA J 207 -4.00 -17.51 7.87
N LEU J 208 -2.74 -17.70 7.50
CA LEU J 208 -2.09 -19.00 7.70
C LEU J 208 -1.97 -19.31 9.19
N VAL J 209 -1.65 -18.30 10.00
CA VAL J 209 -1.51 -18.50 11.43
C VAL J 209 -2.86 -19.00 11.99
N ALA J 210 -3.95 -18.56 11.39
CA ALA J 210 -5.26 -18.98 11.84
C ALA J 210 -5.39 -20.48 11.62
N ILE J 211 -4.96 -20.95 10.47
CA ILE J 211 -5.02 -22.38 10.16
C ILE J 211 -4.06 -23.16 11.04
N HIS J 212 -2.91 -22.54 11.35
CA HIS J 212 -1.88 -23.12 12.20
C HIS J 212 -2.49 -23.40 13.59
N ILE J 213 -3.17 -22.40 14.15
CA ILE J 213 -3.81 -22.54 15.46
C ILE J 213 -4.90 -23.60 15.42
N TRP J 214 -5.71 -23.57 14.37
CA TRP J 214 -6.78 -24.54 14.20
C TRP J 214 -6.16 -25.94 14.18
N ALA J 215 -5.08 -26.07 13.41
CA ALA J 215 -4.38 -27.34 13.27
C ALA J 215 -3.89 -27.93 14.59
N PHE J 216 -3.17 -27.16 15.40
CA PHE J 216 -2.72 -27.75 16.65
C PHE J 216 -3.85 -27.89 17.65
N HIS J 217 -4.94 -27.15 17.44
CA HIS J 217 -6.07 -27.29 18.35
C HIS J 217 -6.79 -28.60 18.02
N SER J 218 -6.77 -28.99 16.74
CA SER J 218 -7.42 -30.22 16.32
C SER J 218 -6.73 -31.45 16.92
N THR J 219 -5.41 -31.39 17.10
CA THR J 219 -4.70 -32.54 17.65
C THR J 219 -4.36 -32.40 19.12
N GLY J 220 -4.35 -31.17 19.61
CA GLY J 220 -3.98 -30.96 20.99
C GLY J 220 -2.49 -30.71 20.97
N ASN J 221 -2.02 -29.90 21.90
CA ASN J 221 -0.60 -29.57 21.99
C ASN J 221 0.24 -30.79 22.34
N ASN J 222 1.50 -30.77 21.91
CA ASN J 222 2.43 -31.83 22.22
C ASN J 222 3.09 -31.32 23.49
N ASN J 223 3.72 -32.20 24.26
CA ASN J 223 4.39 -31.79 25.49
C ASN J 223 5.79 -32.37 25.49
N PRO J 224 6.63 -32.00 26.47
CA PRO J 224 8.01 -32.50 26.53
C PRO J 224 8.23 -34.02 26.62
N THR J 225 7.19 -34.80 26.89
CA THR J 225 7.39 -36.25 26.98
C THR J 225 6.97 -36.98 25.72
N GLY J 226 6.22 -36.29 24.85
CA GLY J 226 5.78 -36.91 23.62
C GLY J 226 4.63 -37.86 23.85
N VAL J 227 4.21 -37.95 25.12
CA VAL J 227 3.09 -38.81 25.49
C VAL J 227 1.79 -38.03 25.44
N GLU J 228 0.86 -38.51 24.65
CA GLU J 228 -0.44 -37.86 24.48
C GLU J 228 -1.25 -37.80 25.77
N VAL J 229 -2.28 -36.97 25.78
CA VAL J 229 -3.16 -36.84 26.93
C VAL J 229 -4.13 -38.01 26.82
N ARG J 230 -4.51 -38.61 27.94
CA ARG J 230 -5.44 -39.73 27.93
C ARG J 230 -6.81 -39.21 27.49
N ARG J 231 -7.40 -39.84 26.47
CA ARG J 231 -8.69 -39.42 25.95
C ARG J 231 -9.88 -40.25 26.44
N THR J 232 -9.58 -41.37 27.11
CA THR J 232 -10.63 -42.27 27.60
C THR J 232 -11.71 -41.73 28.55
N SER J 233 -11.36 -40.76 29.41
CA SER J 233 -12.36 -40.20 30.34
C SER J 233 -11.99 -38.81 30.84
N LYS J 234 -12.99 -37.94 31.04
CA LYS J 234 -12.77 -36.59 31.55
C LYS J 234 -11.91 -36.69 32.80
N ALA J 235 -12.12 -37.77 33.53
CA ALA J 235 -11.42 -38.05 34.78
C ALA J 235 -9.91 -38.00 34.68
N GLU J 236 -9.34 -38.91 33.91
CA GLU J 236 -7.89 -38.99 33.73
C GLU J 236 -7.36 -37.87 32.85
N ALA J 237 -8.15 -37.45 31.88
CA ALA J 237 -7.74 -36.37 30.99
C ALA J 237 -7.35 -35.18 31.87
N GLN J 238 -8.11 -34.96 32.93
CA GLN J 238 -7.84 -33.86 33.83
C GLN J 238 -6.58 -34.05 34.66
N LYS J 239 -6.20 -35.30 34.88
CA LYS J 239 -5.00 -35.57 35.66
C LYS J 239 -3.80 -35.15 34.80
N ASP J 240 -3.97 -35.26 33.48
CA ASP J 240 -2.92 -34.92 32.51
C ASP J 240 -2.87 -33.43 32.15
N THR J 241 -4.00 -32.74 32.28
CA THR J 241 -4.09 -31.34 31.88
C THR J 241 -4.57 -30.32 32.91
N VAL J 242 -4.78 -29.12 32.40
CA VAL J 242 -5.30 -27.96 33.12
C VAL J 242 -5.81 -27.13 31.94
N PRO J 243 -6.84 -26.31 32.15
CA PRO J 243 -7.34 -25.51 31.03
C PRO J 243 -6.37 -24.41 30.63
N PHE J 244 -6.30 -24.13 29.33
CA PHE J 244 -5.41 -23.11 28.82
C PHE J 244 -5.61 -21.80 29.60
N TRP J 245 -6.87 -21.41 29.77
CA TRP J 245 -7.19 -20.22 30.55
C TRP J 245 -7.53 -20.72 31.94
N PRO J 246 -6.95 -20.10 33.00
CA PRO J 246 -5.94 -19.04 32.98
C PRO J 246 -4.53 -19.52 33.19
N TYR J 247 -4.38 -20.81 33.42
CA TYR J 247 -3.08 -21.41 33.69
C TYR J 247 -1.96 -21.11 32.72
N PHE J 248 -2.17 -21.37 31.44
CA PHE J 248 -1.10 -21.10 30.50
C PHE J 248 -1.16 -19.68 29.94
N ILE J 249 -2.36 -19.16 29.77
CA ILE J 249 -2.52 -17.79 29.27
C ILE J 249 -1.66 -16.85 30.13
N ILE J 250 -1.64 -17.11 31.43
CA ILE J 250 -0.88 -16.25 32.32
C ILE J 250 0.62 -16.48 32.30
N LYS J 251 1.04 -17.74 32.14
CA LYS J 251 2.48 -18.01 32.08
C LYS J 251 2.96 -17.31 30.82
N ASP J 252 2.24 -17.53 29.73
CA ASP J 252 2.56 -16.94 28.43
C ASP J 252 2.71 -15.44 28.51
N VAL J 253 1.68 -14.78 29.04
CA VAL J 253 1.72 -13.33 29.16
C VAL J 253 2.89 -12.92 30.05
N PHE J 254 3.18 -13.72 31.07
CA PHE J 254 4.30 -13.41 31.95
C PHE J 254 5.62 -13.51 31.16
N ALA J 255 5.75 -14.58 30.39
CA ALA J 255 6.95 -14.79 29.58
C ALA J 255 7.08 -13.64 28.60
N LEU J 256 5.98 -13.33 27.92
CA LEU J 256 5.94 -12.26 26.95
C LEU J 256 6.43 -10.94 27.55
N ALA J 257 6.03 -10.66 28.78
CA ALA J 257 6.44 -9.43 29.47
C ALA J 257 7.94 -9.39 29.68
N VAL J 258 8.52 -10.55 29.98
CA VAL J 258 9.96 -10.63 30.20
C VAL J 258 10.67 -10.41 28.87
N VAL J 259 10.15 -11.06 27.83
CA VAL J 259 10.73 -10.93 26.49
C VAL J 259 10.65 -9.47 26.04
N LEU J 260 9.48 -8.86 26.21
CA LEU J 260 9.31 -7.48 25.80
C LEU J 260 10.20 -6.55 26.61
N LEU J 261 10.52 -6.94 27.84
CA LEU J 261 11.39 -6.14 28.68
C LEU J 261 12.74 -6.02 27.98
N VAL J 262 13.29 -7.15 27.55
CA VAL J 262 14.57 -7.17 26.86
C VAL J 262 14.46 -6.44 25.53
N PHE J 263 13.40 -6.75 24.80
CA PHE J 263 13.14 -6.13 23.50
C PHE J 263 13.12 -4.60 23.57
N PHE J 264 12.39 -4.04 24.52
CA PHE J 264 12.33 -2.60 24.65
C PHE J 264 13.65 -2.01 25.11
N ALA J 265 14.39 -2.78 25.90
CA ALA J 265 15.70 -2.33 26.36
C ALA J 265 16.59 -2.21 25.13
N ILE J 266 16.48 -3.18 24.22
CA ILE J 266 17.26 -3.16 22.97
C ILE J 266 16.88 -1.93 22.17
N VAL J 267 15.58 -1.81 21.87
CA VAL J 267 15.06 -0.70 21.09
C VAL J 267 15.36 0.65 21.70
N GLY J 268 15.29 0.75 23.03
CA GLY J 268 15.57 2.02 23.65
C GLY J 268 17.05 2.35 23.72
N PHE J 269 17.87 1.36 24.00
CA PHE J 269 19.30 1.60 24.16
C PHE J 269 20.28 1.21 23.05
N MET J 270 19.92 0.24 22.21
CA MET J 270 20.83 -0.14 21.12
C MET J 270 20.00 -0.60 19.93
N PRO J 271 19.13 0.28 19.43
CA PRO J 271 18.23 0.05 18.30
C PRO J 271 18.92 -0.31 16.97
N ASN J 272 20.19 0.09 16.82
CA ASN J 272 20.93 -0.16 15.60
C ASN J 272 21.93 -1.31 15.65
N TYR J 273 21.98 -2.00 16.78
CA TYR J 273 22.92 -3.10 16.95
C TYR J 273 22.69 -4.26 15.98
N LEU J 274 21.44 -4.69 15.84
CA LEU J 274 21.13 -5.80 14.96
C LEU J 274 20.99 -5.41 13.49
N GLY J 275 21.43 -4.20 13.15
CA GLY J 275 21.32 -3.73 11.78
C GLY J 275 22.62 -3.48 11.06
N HIS J 276 22.52 -3.00 9.83
CA HIS J 276 23.70 -2.72 9.02
C HIS J 276 23.87 -1.24 8.73
N PRO J 277 24.97 -0.64 9.22
CA PRO J 277 25.27 0.78 9.02
C PRO J 277 25.16 1.26 7.60
N ASP J 278 25.43 0.37 6.64
CA ASP J 278 25.38 0.81 5.27
C ASP J 278 23.98 1.10 4.77
N ASN J 279 22.96 0.74 5.54
CA ASN J 279 21.65 1.08 5.02
C ASN J 279 21.27 2.50 5.39
N TYR J 280 22.20 3.23 6.00
CA TYR J 280 21.96 4.63 6.32
C TYR J 280 22.65 5.45 5.23
N ILE J 281 22.97 4.78 4.14
CA ILE J 281 23.59 5.42 2.99
C ILE J 281 22.58 5.17 1.88
N GLU J 282 22.31 6.21 1.10
CA GLU J 282 21.33 6.08 0.02
C GLU J 282 21.74 5.11 -1.07
N ALA J 283 20.77 4.39 -1.59
CA ALA J 283 20.99 3.43 -2.64
C ALA J 283 21.84 4.08 -3.73
N ASN J 284 22.89 3.40 -4.13
CA ASN J 284 23.77 3.88 -5.21
C ASN J 284 23.83 2.74 -6.22
N PRO J 285 23.08 2.86 -7.32
CA PRO J 285 23.06 1.81 -8.34
C PRO J 285 24.40 1.55 -9.02
N LEU J 286 25.37 2.43 -8.78
CA LEU J 286 26.68 2.29 -9.43
C LEU J 286 27.77 1.83 -8.50
N ARG J 287 27.41 1.32 -7.34
CA ARG J 287 28.45 0.91 -6.42
C ARG J 287 27.96 0.05 -5.28
N THR J 288 28.58 -1.11 -5.15
CA THR J 288 28.19 -2.04 -4.09
C THR J 288 29.17 -1.89 -2.94
N PRO J 289 28.63 -1.68 -1.72
CA PRO J 289 29.48 -1.52 -0.54
C PRO J 289 30.43 -2.70 -0.37
N ALA J 290 31.63 -2.42 0.11
CA ALA J 290 32.62 -3.46 0.32
C ALA J 290 32.21 -4.41 1.43
N HIS J 291 31.46 -3.93 2.40
CA HIS J 291 31.07 -4.82 3.49
C HIS J 291 29.62 -5.25 3.51
N ILE J 292 29.05 -5.40 2.32
CA ILE J 292 27.69 -5.82 2.18
C ILE J 292 27.57 -7.18 2.90
N VAL J 293 26.54 -7.29 3.73
CA VAL J 293 26.29 -8.52 4.50
C VAL J 293 24.79 -8.60 4.71
N PRO J 294 24.21 -9.80 4.58
CA PRO J 294 22.77 -9.94 4.78
C PRO J 294 22.31 -9.70 6.21
N GLU J 295 21.00 -9.60 6.37
CA GLU J 295 20.36 -9.40 7.68
C GLU J 295 20.68 -10.68 8.45
N TRP J 296 21.07 -10.57 9.72
CA TRP J 296 21.46 -11.77 10.47
C TRP J 296 20.53 -12.98 10.34
N TYR J 297 19.21 -12.79 10.38
CA TYR J 297 18.34 -13.94 10.27
C TYR J 297 18.37 -14.61 8.90
N PHE J 298 19.16 -14.04 7.98
CA PHE J 298 19.31 -14.62 6.64
C PHE J 298 20.68 -15.28 6.47
N LEU J 299 21.62 -14.91 7.35
CA LEU J 299 22.97 -15.42 7.28
C LEU J 299 23.16 -16.92 7.09
N PRO J 300 22.53 -17.75 7.93
CA PRO J 300 22.75 -19.19 7.72
C PRO J 300 22.46 -19.71 6.32
N PHE J 301 21.37 -19.26 5.71
CA PHE J 301 21.03 -19.74 4.38
C PHE J 301 21.97 -19.14 3.34
N TYR J 302 22.43 -17.94 3.64
CA TYR J 302 23.35 -17.22 2.78
C TYR J 302 24.68 -17.97 2.78
N ALA J 303 25.10 -18.42 3.97
CA ALA J 303 26.35 -19.15 4.12
C ALA J 303 26.31 -20.42 3.27
N ILE J 304 25.20 -21.15 3.35
CA ILE J 304 25.06 -22.35 2.56
C ILE J 304 25.20 -21.99 1.09
N LEU J 305 24.52 -20.94 0.65
CA LEU J 305 24.63 -20.57 -0.75
C LEU J 305 26.05 -20.25 -1.22
N ARG J 306 26.79 -19.38 -0.53
CA ARG J 306 28.12 -19.10 -1.06
C ARG J 306 29.22 -20.14 -0.81
N ALA J 307 28.89 -21.20 -0.11
CA ALA J 307 29.88 -22.25 0.15
C ALA J 307 30.15 -22.96 -1.18
N PHE J 308 29.15 -22.99 -2.05
CA PHE J 308 29.28 -23.70 -3.32
C PHE J 308 29.81 -22.95 -4.53
N THR J 309 31.14 -22.88 -4.60
CA THR J 309 31.84 -22.23 -5.69
C THR J 309 32.14 -23.26 -6.76
N ALA J 310 32.67 -22.79 -7.88
CA ALA J 310 33.02 -23.66 -9.02
C ALA J 310 34.01 -24.76 -8.65
N ASP J 311 34.85 -24.50 -7.63
CA ASP J 311 35.86 -25.46 -7.21
C ASP J 311 35.39 -26.63 -6.32
N VAL J 312 34.16 -26.61 -5.83
CA VAL J 312 33.67 -27.70 -4.96
C VAL J 312 33.34 -28.99 -5.78
N TRP J 313 33.53 -30.23 -5.26
CA TRP J 313 33.28 -31.49 -6.06
C TRP J 313 31.84 -31.93 -6.40
N VAL J 314 30.92 -31.76 -5.46
CA VAL J 314 29.52 -32.16 -5.69
C VAL J 314 28.93 -31.28 -6.79
N VAL J 315 29.42 -30.05 -6.86
CA VAL J 315 28.98 -29.12 -7.87
C VAL J 315 29.44 -29.68 -9.22
N GLN J 316 30.67 -30.18 -9.29
CA GLN J 316 31.21 -30.77 -10.51
C GLN J 316 30.45 -32.02 -10.93
N ILE J 317 30.10 -32.85 -9.95
CA ILE J 317 29.33 -34.05 -10.24
C ILE J 317 28.06 -33.61 -10.94
N ALA J 318 27.28 -32.81 -10.21
CA ALA J 318 26.01 -32.27 -10.68
C ALA J 318 26.15 -31.58 -12.02
N ASN J 319 27.20 -30.78 -12.17
CA ASN J 319 27.43 -30.08 -13.42
C ASN J 319 27.55 -31.09 -14.55
N PHE J 320 28.09 -32.27 -14.23
CA PHE J 320 28.29 -33.35 -15.21
C PHE J 320 26.99 -34.09 -15.53
N ILE J 321 26.34 -34.62 -14.50
CA ILE J 321 25.09 -35.36 -14.67
C ILE J 321 24.06 -34.57 -15.46
N SER J 322 23.99 -33.27 -15.17
CA SER J 322 23.01 -32.38 -15.79
C SER J 322 23.35 -31.85 -17.17
N PHE J 323 24.50 -32.26 -17.71
CA PHE J 323 24.91 -31.79 -19.03
C PHE J 323 25.22 -30.30 -19.01
N GLY J 324 25.80 -29.84 -17.92
CA GLY J 324 26.19 -28.44 -17.79
C GLY J 324 25.10 -27.44 -17.41
N ILE J 325 23.90 -27.94 -17.13
CA ILE J 325 22.80 -27.07 -16.75
C ILE J 325 22.95 -26.62 -15.29
N ILE J 326 23.53 -27.48 -14.44
CA ILE J 326 23.71 -27.16 -13.03
C ILE J 326 25.11 -26.71 -12.68
N ASP J 327 25.39 -25.42 -12.82
CA ASP J 327 26.71 -24.91 -12.46
C ASP J 327 26.65 -24.46 -11.00
N ALA J 328 27.72 -23.86 -10.50
CA ALA J 328 27.77 -23.43 -9.10
C ALA J 328 26.66 -22.44 -8.76
N LYS J 329 26.40 -21.49 -9.65
CA LYS J 329 25.38 -20.51 -9.39
C LYS J 329 24.03 -21.18 -9.08
N PHE J 330 23.54 -22.04 -9.97
CA PHE J 330 22.28 -22.72 -9.74
C PHE J 330 22.37 -23.72 -8.59
N PHE J 331 23.54 -24.33 -8.41
CA PHE J 331 23.74 -25.30 -7.35
C PHE J 331 23.57 -24.61 -5.99
N GLY J 332 24.16 -23.42 -5.87
CA GLY J 332 24.06 -22.68 -4.62
C GLY J 332 22.61 -22.34 -4.31
N VAL J 333 21.86 -21.95 -5.34
CA VAL J 333 20.45 -21.62 -5.18
C VAL J 333 19.66 -22.85 -4.77
N LEU J 334 19.96 -23.99 -5.38
CA LEU J 334 19.25 -25.23 -5.03
C LEU J 334 19.61 -25.66 -3.62
N ALA J 335 20.88 -25.53 -3.26
CA ALA J 335 21.33 -25.91 -1.94
C ALA J 335 20.61 -25.08 -0.89
N MET J 336 20.52 -23.77 -1.13
CA MET J 336 19.86 -22.89 -0.18
C MET J 336 18.37 -23.18 -0.04
N PHE J 337 17.63 -23.26 -1.14
CA PHE J 337 16.21 -23.55 -1.00
C PHE J 337 16.06 -24.99 -0.53
N GLY J 338 17.00 -25.85 -0.93
CA GLY J 338 16.95 -27.25 -0.51
C GLY J 338 17.13 -27.41 0.99
N ALA J 339 17.96 -26.55 1.59
CA ALA J 339 18.19 -26.62 3.02
C ALA J 339 16.86 -26.35 3.74
N ILE J 340 16.03 -25.50 3.16
CA ILE J 340 14.74 -25.20 3.76
C ILE J 340 13.78 -26.36 3.47
N LEU J 341 13.81 -26.87 2.24
CA LEU J 341 12.93 -27.98 1.86
C LEU J 341 13.16 -29.25 2.67
N VAL J 342 14.41 -29.59 3.02
CA VAL J 342 14.60 -30.81 3.78
C VAL J 342 14.05 -30.67 5.19
N MET J 343 14.06 -29.45 5.71
CA MET J 343 13.53 -29.20 7.05
C MET J 343 12.01 -29.36 7.00
N ALA J 344 11.41 -29.01 5.86
CA ALA J 344 9.96 -29.14 5.70
C ALA J 344 9.58 -30.61 5.63
N LEU J 345 10.48 -31.42 5.11
CA LEU J 345 10.22 -32.86 4.95
C LEU J 345 10.55 -33.71 6.16
N VAL J 346 11.12 -33.11 7.20
CA VAL J 346 11.50 -33.88 8.38
C VAL J 346 10.46 -34.87 8.89
N PRO J 347 9.15 -34.57 8.74
CA PRO J 347 8.19 -35.57 9.25
C PRO J 347 8.34 -36.92 8.57
N TRP J 348 8.77 -36.90 7.30
CA TRP J 348 8.92 -38.13 6.53
C TRP J 348 10.35 -38.66 6.47
N LEU J 349 11.28 -37.94 7.10
CA LEU J 349 12.67 -38.36 7.11
C LEU J 349 13.02 -38.95 8.47
N ASP J 350 12.30 -38.52 9.50
CA ASP J 350 12.54 -39.04 10.84
C ASP J 350 11.75 -40.33 10.96
N THR J 351 12.43 -41.45 10.88
CA THR J 351 11.78 -42.75 10.93
C THR J 351 11.53 -43.33 12.33
N SER J 352 12.10 -42.71 13.36
CA SER J 352 11.90 -43.19 14.72
C SER J 352 10.45 -42.99 15.14
N PRO J 353 9.87 -43.99 15.82
CA PRO J 353 8.47 -43.88 16.26
C PRO J 353 8.39 -43.20 17.63
N VAL J 354 9.55 -42.90 18.22
CA VAL J 354 9.60 -42.22 19.52
C VAL J 354 9.44 -40.73 19.26
N ARG J 355 8.38 -40.14 19.80
CA ARG J 355 8.10 -38.74 19.60
C ARG J 355 9.13 -37.75 20.16
N SER J 356 9.29 -37.74 21.48
CA SER J 356 10.23 -36.81 22.09
C SER J 356 11.70 -37.24 22.09
N GLY J 357 12.56 -36.34 21.62
CA GLY J 357 13.98 -36.61 21.59
C GLY J 357 14.60 -36.63 22.97
N ARG J 358 13.77 -36.50 23.99
CA ARG J 358 14.24 -36.51 25.37
C ARG J 358 14.62 -37.96 25.70
N TYR J 359 13.97 -38.89 25.01
CA TYR J 359 14.18 -40.32 25.20
C TYR J 359 14.90 -40.97 24.01
N ARG J 360 15.76 -40.20 23.35
CA ARG J 360 16.54 -40.68 22.22
C ARG J 360 17.99 -40.26 22.43
N PRO J 361 18.80 -41.13 23.05
CA PRO J 361 20.21 -40.90 23.37
C PRO J 361 21.15 -40.52 22.22
N MET J 362 20.98 -41.15 21.07
CA MET J 362 21.83 -40.86 19.91
C MET J 362 21.33 -39.55 19.26
N PHE J 363 20.01 -39.46 19.14
CA PHE J 363 19.37 -38.29 18.55
C PHE J 363 19.87 -37.03 19.25
N LYS J 364 19.81 -37.01 20.57
CA LYS J 364 20.26 -35.85 21.35
C LYS J 364 21.60 -35.29 20.87
N ILE J 365 22.50 -36.17 20.44
CA ILE J 365 23.82 -35.72 19.98
C ILE J 365 23.77 -34.99 18.64
N TYR J 366 23.13 -35.62 17.66
CA TYR J 366 23.02 -35.03 16.34
C TYR J 366 22.19 -33.76 16.36
N PHE J 367 21.16 -33.75 17.20
CA PHE J 367 20.31 -32.59 17.34
C PHE J 367 21.15 -31.39 17.79
N TRP J 368 21.89 -31.54 18.89
CA TRP J 368 22.69 -30.43 19.37
C TRP J 368 23.80 -30.03 18.40
N LEU J 369 24.19 -30.95 17.53
CA LEU J 369 25.21 -30.63 16.54
C LEU J 369 24.50 -29.75 15.51
N LEU J 370 23.24 -30.07 15.23
CA LEU J 370 22.46 -29.31 14.28
C LEU J 370 22.28 -27.89 14.80
N ALA J 371 21.95 -27.77 16.08
CA ALA J 371 21.77 -26.48 16.70
C ALA J 371 23.04 -25.67 16.60
N ALA J 372 24.16 -26.28 16.96
CA ALA J 372 25.46 -25.60 16.91
C ALA J 372 25.79 -25.24 15.46
N ASP J 373 25.40 -26.13 14.54
CA ASP J 373 25.65 -25.94 13.13
C ASP J 373 24.95 -24.67 12.64
N PHE J 374 23.70 -24.50 13.07
CA PHE J 374 22.90 -23.33 12.70
C PHE J 374 23.64 -22.07 13.15
N VAL J 375 24.13 -22.08 14.39
CA VAL J 375 24.87 -20.94 14.92
C VAL J 375 26.16 -20.72 14.13
N ILE J 376 26.85 -21.80 13.80
CA ILE J 376 28.09 -21.68 13.04
C ILE J 376 27.81 -21.09 11.66
N LEU J 377 26.79 -21.61 10.99
CA LEU J 377 26.41 -21.11 9.67
C LEU J 377 26.12 -19.62 9.73
N THR J 378 25.38 -19.21 10.76
CA THR J 378 25.05 -17.80 10.95
C THR J 378 26.33 -17.01 11.12
N TRP J 379 27.21 -17.51 11.97
CA TRP J 379 28.48 -16.85 12.22
C TRP J 379 29.38 -16.83 10.97
N VAL J 380 29.45 -17.91 10.19
CA VAL J 380 30.32 -17.85 9.00
C VAL J 380 29.76 -16.93 7.93
N GLY J 381 28.45 -16.82 7.86
CA GLY J 381 27.84 -15.96 6.85
C GLY J 381 28.40 -14.55 6.89
N ALA J 382 28.79 -14.11 8.08
CA ALA J 382 29.34 -12.77 8.27
C ALA J 382 30.84 -12.69 8.07
N GLN J 383 31.47 -13.83 7.78
CA GLN J 383 32.93 -13.87 7.54
C GLN J 383 33.21 -13.79 6.06
N GLN J 384 34.49 -13.65 5.71
CA GLN J 384 34.87 -13.58 4.31
C GLN J 384 34.88 -14.98 3.73
N THR J 385 35.10 -15.07 2.42
CA THR J 385 35.12 -16.34 1.72
C THR J 385 36.49 -17.02 1.72
N THR J 386 37.48 -16.36 2.30
CA THR J 386 38.82 -16.90 2.35
C THR J 386 38.94 -18.08 3.29
N PHE J 387 40.08 -18.76 3.21
CA PHE J 387 40.35 -19.92 4.06
C PHE J 387 40.49 -19.40 5.49
N PRO J 388 39.99 -20.15 6.49
CA PRO J 388 39.31 -21.45 6.50
C PRO J 388 37.77 -21.37 6.46
N TYR J 389 37.23 -20.17 6.38
CA TYR J 389 35.79 -19.99 6.39
C TYR J 389 35.11 -20.77 5.27
N ASP J 390 35.74 -20.79 4.11
CA ASP J 390 35.22 -21.52 2.96
C ASP J 390 35.01 -23.00 3.31
N TRP J 391 35.94 -23.55 4.09
CA TRP J 391 35.87 -24.95 4.52
C TRP J 391 34.82 -25.13 5.59
N ILE J 392 34.82 -24.23 6.56
CA ILE J 392 33.84 -24.29 7.64
C ILE J 392 32.44 -24.24 7.08
N SER J 393 32.20 -23.35 6.12
CA SER J 393 30.86 -23.27 5.56
C SER J 393 30.48 -24.57 4.86
N LEU J 394 31.42 -25.19 4.17
CA LEU J 394 31.14 -26.45 3.48
C LEU J 394 30.81 -27.58 4.44
N ILE J 395 31.57 -27.66 5.52
CA ILE J 395 31.34 -28.71 6.51
C ILE J 395 30.00 -28.46 7.18
N ALA J 396 29.74 -27.22 7.57
CA ALA J 396 28.47 -26.88 8.21
C ALA J 396 27.29 -27.19 7.29
N SER J 397 27.43 -26.84 6.01
CA SER J 397 26.35 -27.12 5.05
C SER J 397 26.17 -28.62 4.93
N ALA J 398 27.30 -29.33 4.87
CA ALA J 398 27.29 -30.78 4.74
C ALA J 398 26.54 -31.40 5.91
N TYR J 399 26.89 -30.97 7.11
CA TYR J 399 26.22 -31.53 8.27
C TYR J 399 24.72 -31.28 8.25
N TRP J 400 24.31 -30.11 7.76
CA TRP J 400 22.90 -29.76 7.71
C TRP J 400 22.09 -30.75 6.87
N PHE J 401 22.56 -31.04 5.67
CA PHE J 401 21.87 -31.97 4.79
C PHE J 401 22.02 -33.39 5.30
N ALA J 402 23.14 -33.66 5.96
CA ALA J 402 23.41 -34.98 6.50
C ALA J 402 22.38 -35.31 7.58
N TYR J 403 22.16 -34.36 8.47
CA TYR J 403 21.21 -34.53 9.56
C TYR J 403 19.84 -34.98 9.07
N PHE J 404 19.28 -34.28 8.10
CA PHE J 404 17.96 -34.62 7.58
C PHE J 404 17.89 -35.79 6.62
N LEU J 405 18.81 -35.83 5.66
CA LEU J 405 18.80 -36.87 4.65
C LEU J 405 19.44 -38.21 5.00
N VAL J 406 20.37 -38.21 5.94
CA VAL J 406 21.06 -39.43 6.31
C VAL J 406 20.86 -39.83 7.77
N ILE J 407 21.38 -39.02 8.68
CA ILE J 407 21.30 -39.31 10.11
C ILE J 407 19.92 -39.61 10.68
N LEU J 408 18.89 -38.85 10.32
CA LEU J 408 17.56 -39.11 10.86
C LEU J 408 16.88 -40.35 10.31
N PRO J 409 17.01 -40.61 9.00
CA PRO J 409 16.34 -41.83 8.54
C PRO J 409 17.05 -43.07 9.08
N ILE J 410 18.36 -42.97 9.32
CA ILE J 410 19.14 -44.09 9.84
C ILE J 410 18.84 -44.33 11.33
N LEU J 411 18.91 -43.29 12.15
CA LEU J 411 18.65 -43.44 13.59
C LEU J 411 17.30 -44.11 13.84
N GLY J 412 16.37 -43.92 12.92
CA GLY J 412 15.05 -44.50 13.09
C GLY J 412 15.11 -46.00 13.27
N ALA J 413 15.93 -46.67 12.47
CA ALA J 413 16.07 -48.11 12.53
C ALA J 413 17.16 -48.62 13.46
N ILE J 414 18.14 -47.77 13.75
CA ILE J 414 19.27 -48.18 14.57
C ILE J 414 19.30 -47.78 16.05
N GLU J 415 18.46 -46.86 16.45
CA GLU J 415 18.46 -46.37 17.83
C GLU J 415 17.78 -47.17 18.93
N LYS J 416 18.38 -47.04 20.11
CA LYS J 416 17.95 -47.65 21.36
C LYS J 416 17.14 -46.61 22.13
N PRO J 417 15.82 -46.60 21.94
CA PRO J 417 15.02 -45.60 22.68
C PRO J 417 14.73 -45.94 24.14
N VAL J 418 15.05 -44.99 25.02
CA VAL J 418 14.77 -45.14 26.44
C VAL J 418 13.24 -45.12 26.52
N ALA J 419 12.68 -45.63 27.61
CA ALA J 419 11.23 -45.66 27.75
C ALA J 419 10.70 -44.35 28.34
N PRO J 420 9.57 -43.87 27.82
CA PRO J 420 9.00 -42.61 28.32
C PRO J 420 7.95 -42.93 29.39
N PRO J 421 7.60 -41.93 30.21
CA PRO J 421 6.59 -42.14 31.25
C PRO J 421 5.32 -42.69 30.58
N ALA J 422 4.41 -43.25 31.36
CA ALA J 422 3.19 -43.78 30.77
C ALA J 422 2.13 -42.70 30.67
N THR J 423 2.32 -41.64 31.45
CA THR J 423 1.38 -40.52 31.45
C THR J 423 2.04 -39.18 31.75
N ILE J 424 1.40 -38.12 31.29
CA ILE J 424 1.86 -36.76 31.50
C ILE J 424 1.80 -36.54 33.02
N GLU J 425 0.72 -37.02 33.64
CA GLU J 425 0.52 -36.90 35.10
C GLU J 425 1.75 -37.43 35.80
N GLU J 426 2.12 -38.65 35.42
CA GLU J 426 3.26 -39.32 35.96
C GLU J 426 4.46 -38.37 35.91
N ASP J 427 4.80 -37.91 34.71
CA ASP J 427 5.93 -37.01 34.54
C ASP J 427 5.78 -35.71 35.34
N PHE J 428 4.58 -35.15 35.40
CA PHE J 428 4.34 -33.91 36.12
C PHE J 428 4.68 -34.03 37.60
N ASN J 429 4.17 -35.08 38.25
CA ASN J 429 4.43 -35.29 39.66
C ASN J 429 5.94 -35.35 39.89
N ALA J 430 6.62 -36.10 39.02
CA ALA J 430 8.07 -36.27 39.10
C ALA J 430 8.81 -34.95 39.32
N ALA K 1 38.33 -3.36 0.94
CA ALA K 1 38.73 -2.55 2.11
C ALA K 1 38.68 -3.36 3.40
N GLY K 2 38.45 -2.69 4.53
CA GLY K 2 38.40 -3.39 5.80
C GLY K 2 37.95 -2.54 6.99
N GLY K 3 38.43 -2.90 8.18
CA GLY K 3 38.08 -2.18 9.40
C GLY K 3 39.33 -1.77 10.16
N GLY K 4 39.27 -0.68 10.93
CA GLY K 4 40.46 -0.26 11.65
C GLY K 4 40.35 0.24 13.09
N HIS K 5 41.40 0.94 13.51
CA HIS K 5 41.52 1.50 14.86
C HIS K 5 40.97 2.93 14.95
N VAL K 6 40.16 3.18 15.97
CA VAL K 6 39.59 4.50 16.20
C VAL K 6 39.84 4.92 17.64
N GLU K 7 40.24 6.18 17.83
CA GLU K 7 40.49 6.70 19.16
C GLU K 7 39.17 6.66 19.92
N ASP K 8 39.14 5.98 21.06
CA ASP K 8 37.92 5.87 21.84
C ASP K 8 37.64 7.09 22.71
N VAL K 9 36.94 8.06 22.14
CA VAL K 9 36.59 9.29 22.84
C VAL K 9 35.38 9.08 23.74
N PRO K 10 35.43 9.61 24.97
CA PRO K 10 34.29 9.44 25.88
C PRO K 10 33.33 10.60 25.63
N PHE K 11 32.25 10.33 24.89
CA PHE K 11 31.28 11.37 24.58
C PHE K 11 30.18 11.37 25.65
N SER K 12 29.76 12.55 26.06
CA SER K 12 28.74 12.70 27.09
C SER K 12 27.48 11.87 26.83
N PHE K 13 27.10 11.78 25.55
CA PHE K 13 25.90 11.06 25.15
C PHE K 13 25.93 9.53 25.17
N GLU K 14 27.09 8.95 25.42
CA GLU K 14 27.19 7.49 25.46
C GLU K 14 26.73 6.97 26.81
N GLY K 15 26.27 5.71 26.83
CA GLY K 15 25.79 5.14 28.06
C GLY K 15 24.29 5.32 28.14
N PRO K 16 23.56 4.43 28.81
CA PRO K 16 22.10 4.57 28.89
C PRO K 16 21.64 5.89 29.50
N PHE K 17 22.51 6.54 30.26
CA PHE K 17 22.16 7.81 30.89
C PHE K 17 22.85 8.97 30.19
N GLY K 18 23.53 8.67 29.08
CA GLY K 18 24.21 9.70 28.33
C GLY K 18 23.23 10.70 27.74
N THR K 19 23.69 11.94 27.60
CA THR K 19 22.87 12.99 27.03
C THR K 19 23.78 13.96 26.33
N PHE K 20 23.25 14.66 25.33
CA PHE K 20 24.05 15.62 24.61
C PHE K 20 24.38 16.79 25.53
N ASP K 21 25.50 17.44 25.23
CA ASP K 21 25.94 18.61 25.97
C ASP K 21 25.57 19.75 25.03
N GLN K 22 24.57 20.51 25.42
CA GLN K 22 24.07 21.61 24.62
C GLN K 22 25.12 22.59 24.09
N HIS K 23 26.11 22.93 24.91
CA HIS K 23 27.14 23.87 24.46
C HIS K 23 28.10 23.27 23.46
N GLN K 24 28.43 22.00 23.65
CA GLN K 24 29.32 21.30 22.74
C GLN K 24 28.65 21.27 21.37
N LEU K 25 27.38 20.88 21.36
CA LEU K 25 26.61 20.82 20.12
C LEU K 25 26.65 22.17 19.44
N GLN K 26 26.51 23.23 20.22
CA GLN K 26 26.55 24.59 19.69
C GLN K 26 27.93 24.85 19.09
N ARG K 27 28.99 24.51 19.81
CA ARG K 27 30.34 24.71 19.31
C ARG K 27 30.50 23.91 18.02
N GLY K 28 30.05 22.65 18.06
CA GLY K 28 30.13 21.79 16.91
C GLY K 28 29.44 22.38 15.70
N LEU K 29 28.26 22.98 15.92
CA LEU K 29 27.51 23.60 14.84
C LEU K 29 28.35 24.72 14.22
N GLN K 30 29.13 25.41 15.03
CA GLN K 30 29.96 26.50 14.50
C GLN K 30 31.05 25.93 13.61
N VAL K 31 31.67 24.84 14.06
CA VAL K 31 32.71 24.17 13.30
C VAL K 31 32.12 23.71 11.97
N TYR K 32 30.99 23.01 12.04
CA TYR K 32 30.35 22.53 10.82
C TYR K 32 30.07 23.70 9.88
N THR K 33 29.54 24.78 10.43
CA THR K 33 29.19 25.96 9.64
C THR K 33 30.39 26.69 9.05
N GLU K 34 31.40 26.91 9.87
CA GLU K 34 32.58 27.62 9.42
C GLU K 34 33.57 26.79 8.61
N VAL K 35 33.64 25.48 8.86
CA VAL K 35 34.58 24.64 8.14
C VAL K 35 33.99 23.61 7.16
N CYS K 36 33.37 22.57 7.72
CA CYS K 36 32.78 21.47 6.95
C CYS K 36 31.79 21.89 5.85
N ALA K 37 30.85 22.74 6.23
CA ALA K 37 29.81 23.22 5.33
C ALA K 37 30.29 23.70 3.97
N ALA K 38 31.56 24.04 3.85
CA ALA K 38 32.09 24.52 2.58
C ALA K 38 32.06 23.43 1.52
N CYS K 39 32.06 22.17 1.95
CA CYS K 39 32.06 21.05 1.01
C CYS K 39 30.92 20.05 1.29
N HIS K 40 30.65 19.79 2.57
CA HIS K 40 29.63 18.83 3.01
C HIS K 40 28.27 19.46 3.33
N GLY K 41 27.21 18.78 2.92
CA GLY K 41 25.87 19.26 3.21
C GLY K 41 25.23 18.35 4.25
N MET K 42 24.00 18.63 4.61
CA MET K 42 23.25 17.83 5.59
C MET K 42 21.81 17.87 5.13
N LYS K 43 21.63 17.46 3.88
CA LYS K 43 20.35 17.47 3.21
C LYS K 43 19.10 16.96 3.95
N PHE K 44 19.25 16.06 4.92
CA PHE K 44 18.09 15.53 5.63
C PHE K 44 17.81 16.25 6.92
N VAL K 45 18.61 17.26 7.21
CA VAL K 45 18.43 17.97 8.46
C VAL K 45 17.70 19.29 8.30
N PRO K 46 16.52 19.40 8.92
CA PRO K 46 15.78 20.66 8.82
C PRO K 46 16.45 21.65 9.76
N ILE K 47 16.77 22.83 9.24
CA ILE K 47 17.43 23.86 10.03
C ILE K 47 16.71 24.13 11.34
N ARG K 48 15.38 24.19 11.27
CA ARG K 48 14.56 24.45 12.43
C ARG K 48 14.82 23.50 13.59
N SER K 49 15.41 22.34 13.31
CA SER K 49 15.66 21.42 14.41
C SER K 49 16.75 21.96 15.34
N LEU K 50 17.43 23.03 14.91
CA LEU K 50 18.46 23.64 15.74
C LEU K 50 17.78 24.19 17.00
N SER K 51 16.46 24.38 16.91
CA SER K 51 15.67 24.90 18.02
C SER K 51 15.05 23.83 18.93
N GLU K 52 14.72 22.68 18.35
CA GLU K 52 14.08 21.61 19.14
C GLU K 52 14.88 21.15 20.36
N PRO K 53 14.17 20.66 21.39
CA PRO K 53 14.79 20.17 22.62
C PRO K 53 15.60 18.90 22.41
N GLY K 54 16.70 18.79 23.15
CA GLY K 54 17.56 17.62 23.03
C GLY K 54 18.70 17.84 22.06
N GLY K 55 18.83 19.08 21.59
CA GLY K 55 19.90 19.38 20.64
C GLY K 55 20.60 20.67 21.01
N PRO K 56 21.09 21.43 20.02
CA PRO K 56 21.79 22.68 20.34
C PRO K 56 20.84 23.61 21.09
N GLU K 57 19.56 23.49 20.76
CA GLU K 57 18.50 24.29 21.37
C GLU K 57 18.73 25.80 21.29
N LEU K 58 18.96 26.29 20.07
CA LEU K 58 19.18 27.72 19.87
C LEU K 58 17.83 28.42 19.79
N PRO K 59 17.78 29.68 20.26
CA PRO K 59 16.55 30.48 20.24
C PRO K 59 16.09 30.68 18.79
N GLU K 60 14.80 30.50 18.57
CA GLU K 60 14.19 30.61 17.26
C GLU K 60 14.65 31.79 16.39
N ASP K 61 14.91 32.93 17.00
CA ASP K 61 15.36 34.09 16.23
C ASP K 61 16.76 33.88 15.69
N GLN K 62 17.64 33.30 16.51
CA GLN K 62 19.02 33.02 16.08
C GLN K 62 18.95 32.06 14.90
N VAL K 63 18.18 31.00 15.06
CA VAL K 63 18.00 30.00 14.02
C VAL K 63 17.48 30.69 12.77
N ARG K 64 16.50 31.57 12.94
CA ARG K 64 15.93 32.30 11.82
C ARG K 64 16.99 33.14 11.13
N ALA K 65 17.87 33.75 11.91
CA ALA K 65 18.95 34.58 11.38
C ALA K 65 19.91 33.67 10.64
N TYR K 66 20.28 32.57 11.29
CA TYR K 66 21.19 31.57 10.76
C TYR K 66 20.75 31.07 9.38
N ALA K 67 19.49 30.68 9.28
CA ALA K 67 18.95 30.17 8.03
C ALA K 67 19.14 31.16 6.89
N THR K 68 19.35 32.42 7.24
CA THR K 68 19.51 33.46 6.22
C THR K 68 20.77 33.36 5.37
N GLN K 69 21.88 32.90 5.94
CA GLN K 69 23.13 32.80 5.19
C GLN K 69 23.05 31.88 3.96
N PHE K 70 22.04 31.02 3.94
CA PHE K 70 21.89 30.08 2.84
C PHE K 70 21.07 30.59 1.66
N THR K 71 21.49 30.18 0.47
CA THR K 71 20.80 30.55 -0.75
C THR K 71 20.00 29.34 -1.20
N VAL K 72 18.71 29.37 -0.92
CA VAL K 72 17.83 28.26 -1.28
C VAL K 72 17.10 28.63 -2.57
N THR K 73 16.55 27.63 -3.26
CA THR K 73 15.81 27.87 -4.49
C THR K 73 14.36 27.48 -4.21
N ASP K 74 13.48 28.46 -4.05
CA ASP K 74 12.07 28.17 -3.76
C ASP K 74 11.42 27.24 -4.78
N GLU K 75 10.70 26.24 -4.28
CA GLU K 75 10.04 25.24 -5.12
C GLU K 75 8.71 25.70 -5.69
N GLU K 76 8.36 26.96 -5.43
CA GLU K 76 7.13 27.56 -5.94
C GLU K 76 7.61 28.74 -6.77
N THR K 77 8.47 29.54 -6.14
CA THR K 77 9.07 30.73 -6.76
C THR K 77 9.83 30.33 -8.02
N GLY K 78 10.68 29.33 -7.88
CA GLY K 78 11.48 28.89 -9.00
C GLY K 78 12.71 29.79 -9.01
N GLU K 79 12.69 30.78 -8.11
CA GLU K 79 13.79 31.72 -7.99
C GLU K 79 14.49 31.53 -6.65
N ASP K 80 15.73 32.01 -6.59
CA ASP K 80 16.57 31.95 -5.40
C ASP K 80 16.06 32.89 -4.31
N ARG K 81 16.44 32.61 -3.07
CA ARG K 81 16.03 33.43 -1.95
C ARG K 81 16.87 33.09 -0.72
N GLU K 82 16.55 33.75 0.39
CA GLU K 82 17.27 33.50 1.64
C GLU K 82 16.63 32.29 2.32
N GLY K 83 17.40 31.60 3.15
CA GLY K 83 16.87 30.42 3.81
C GLY K 83 15.96 30.70 4.98
N LYS K 84 15.04 29.78 5.22
CA LYS K 84 14.13 29.91 6.34
C LYS K 84 14.40 28.70 7.22
N PRO K 85 13.91 28.71 8.46
CA PRO K 85 14.13 27.58 9.35
C PRO K 85 13.42 26.31 8.86
N THR K 86 12.46 26.46 7.96
CA THR K 86 11.74 25.31 7.43
C THR K 86 12.52 24.61 6.33
N ASP K 87 13.64 25.19 5.94
CA ASP K 87 14.46 24.60 4.90
C ASP K 87 15.44 23.62 5.52
N HIS K 88 15.97 22.71 4.72
CA HIS K 88 16.96 21.73 5.19
C HIS K 88 18.31 22.35 4.89
N PHE K 89 19.35 21.89 5.58
CA PHE K 89 20.67 22.42 5.28
C PHE K 89 20.87 22.04 3.81
N PRO K 90 21.77 22.72 3.11
CA PRO K 90 21.94 22.34 1.71
C PRO K 90 22.70 21.04 1.41
N HIS K 91 22.65 20.64 0.14
CA HIS K 91 23.35 19.45 -0.34
C HIS K 91 24.82 19.80 -0.32
N SER K 92 25.68 18.79 -0.42
CA SER K 92 27.12 19.03 -0.43
C SER K 92 27.49 19.89 -1.64
N ALA K 93 28.23 20.96 -1.39
CA ALA K 93 28.66 21.87 -2.45
C ALA K 93 29.73 21.19 -3.31
N LEU K 94 30.50 20.30 -2.69
CA LEU K 94 31.56 19.56 -3.36
C LEU K 94 31.01 18.19 -3.77
N GLU K 95 30.87 17.97 -5.07
CA GLU K 95 30.30 16.73 -5.60
C GLU K 95 30.71 15.40 -4.94
N ASN K 96 31.96 15.26 -4.55
CA ASN K 96 32.42 14.01 -3.93
C ASN K 96 32.47 14.02 -2.41
N ALA K 97 32.06 15.14 -1.80
CA ALA K 97 32.03 15.23 -0.34
C ALA K 97 30.72 14.55 0.06
N PRO K 98 30.79 13.50 0.87
CA PRO K 98 29.50 12.88 1.21
C PRO K 98 28.63 13.71 2.14
N ASP K 99 27.33 13.45 2.10
CA ASP K 99 26.40 14.16 2.94
C ASP K 99 26.69 13.75 4.38
N LEU K 100 26.68 14.71 5.29
CA LEU K 100 26.97 14.39 6.69
C LEU K 100 25.78 14.16 7.61
N SER K 101 24.57 14.23 7.07
CA SER K 101 23.35 14.04 7.88
C SER K 101 23.31 12.79 8.74
N LEU K 102 23.68 11.66 8.17
CA LEU K 102 23.60 10.39 8.88
C LEU K 102 24.94 9.73 9.08
N MET K 103 25.99 10.45 8.72
CA MET K 103 27.35 9.95 8.82
C MET K 103 27.67 9.22 10.15
N ALA K 104 27.22 9.75 11.28
CA ALA K 104 27.54 9.10 12.55
C ALA K 104 26.82 7.80 12.91
N LYS K 105 26.08 7.24 11.95
CA LYS K 105 25.38 5.96 12.15
C LYS K 105 25.68 5.13 10.92
N ALA K 106 26.16 5.81 9.89
CA ALA K 106 26.50 5.16 8.64
C ALA K 106 27.91 4.61 8.77
N ARG K 107 28.47 4.68 9.98
CA ARG K 107 29.81 4.18 10.24
C ARG K 107 29.95 3.43 11.57
N ALA K 108 30.56 2.25 11.54
CA ALA K 108 30.82 1.47 12.75
C ALA K 108 32.31 1.62 12.98
N GLY K 109 32.72 1.76 14.24
CA GLY K 109 34.13 1.92 14.56
C GLY K 109 34.64 0.75 15.38
N PHE K 110 33.70 0.02 15.96
CA PHE K 110 34.03 -1.14 16.78
C PHE K 110 33.50 -2.38 16.05
N HIS K 111 34.40 -3.33 15.80
CA HIS K 111 34.06 -4.55 15.08
C HIS K 111 34.45 -5.82 15.85
N GLY K 112 33.76 -6.93 15.58
CA GLY K 112 34.08 -8.19 16.24
C GLY K 112 33.83 -8.23 17.74
N PRO K 113 34.67 -8.94 18.51
CA PRO K 113 35.83 -9.72 18.07
C PRO K 113 35.44 -11.08 17.45
N MET K 114 36.11 -11.46 16.36
CA MET K 114 35.84 -12.73 15.67
C MET K 114 34.50 -12.64 14.95
N GLY K 115 34.02 -11.41 14.72
CA GLY K 115 32.74 -11.24 14.06
C GLY K 115 31.61 -11.67 14.97
N THR K 116 31.81 -11.53 16.28
CA THR K 116 30.81 -11.91 17.28
C THR K 116 29.95 -10.75 17.74
N GLY K 117 30.35 -9.53 17.39
CA GLY K 117 29.59 -8.36 17.78
C GLY K 117 29.68 -8.00 19.26
N ILE K 118 30.52 -8.71 20.01
CA ILE K 118 30.66 -8.45 21.43
C ILE K 118 31.33 -7.09 21.69
N SER K 119 32.15 -6.65 20.75
CA SER K 119 32.85 -5.37 20.87
C SER K 119 31.85 -4.20 20.91
N GLN K 120 30.90 -4.19 19.97
CA GLN K 120 29.91 -3.13 19.91
C GLN K 120 28.99 -3.19 21.13
N LEU K 121 28.62 -4.42 21.51
CA LEU K 121 27.73 -4.65 22.65
C LEU K 121 28.19 -3.83 23.87
N PHE K 122 29.49 -3.64 23.99
CA PHE K 122 30.06 -2.89 25.12
C PHE K 122 30.63 -1.52 24.76
N ASN K 123 30.85 -1.26 23.47
CA ASN K 123 31.45 0.01 23.03
C ASN K 123 30.56 0.90 22.15
N GLY K 124 29.43 0.37 21.69
CA GLY K 124 28.55 1.13 20.82
C GLY K 124 28.93 0.85 19.38
N ILE K 125 28.32 1.52 18.41
CA ILE K 125 28.68 1.27 17.01
C ILE K 125 29.99 2.02 16.64
N GLY K 126 30.24 3.16 17.26
CA GLY K 126 31.47 3.93 17.05
C GLY K 126 31.57 5.00 15.95
N GLY K 127 30.44 5.43 15.42
CA GLY K 127 30.45 6.43 14.36
C GLY K 127 31.07 7.76 14.73
N PRO K 128 30.70 8.33 15.89
CA PRO K 128 31.32 9.61 16.22
C PRO K 128 32.83 9.46 16.47
N GLU K 129 33.22 8.36 17.10
CA GLU K 129 34.64 8.10 17.35
C GLU K 129 35.33 8.00 16.00
N TYR K 130 34.71 7.28 15.08
CA TYR K 130 35.28 7.15 13.74
C TYR K 130 35.50 8.52 13.11
N ILE K 131 34.48 9.37 13.17
CA ILE K 131 34.58 10.70 12.58
C ILE K 131 35.71 11.51 13.22
N TYR K 132 35.79 11.42 14.54
CA TYR K 132 36.81 12.10 15.32
C TYR K 132 38.18 11.64 14.81
N SER K 133 38.36 10.33 14.80
CA SER K 133 39.59 9.70 14.36
C SER K 133 40.02 10.16 12.96
N VAL K 134 39.06 10.30 12.06
CA VAL K 134 39.44 10.74 10.72
C VAL K 134 39.92 12.19 10.73
N LEU K 135 39.21 13.04 11.45
CA LEU K 135 39.57 14.46 11.53
C LEU K 135 40.92 14.60 12.21
N THR K 136 41.12 13.74 13.20
CA THR K 136 42.32 13.69 14.02
C THR K 136 43.48 12.93 13.38
N GLY K 137 43.17 12.09 12.40
CA GLY K 137 44.17 11.25 11.76
C GLY K 137 44.96 11.66 10.52
N PHE K 138 45.25 12.96 10.34
CA PHE K 138 46.05 13.41 9.19
C PHE K 138 47.44 13.72 9.75
N PRO K 139 48.44 12.84 9.50
CA PRO K 139 49.79 13.09 10.00
C PRO K 139 50.57 13.99 9.04
N GLU K 140 51.55 14.73 9.56
CA GLU K 140 52.35 15.62 8.72
C GLU K 140 53.16 14.84 7.69
N GLU K 141 53.84 13.78 8.15
CA GLU K 141 54.64 12.98 7.24
C GLU K 141 54.01 11.63 6.94
N PRO K 142 53.95 11.28 5.65
CA PRO K 142 53.39 10.04 5.12
C PRO K 142 54.21 8.87 5.63
N PRO K 143 53.63 7.67 5.66
CA PRO K 143 54.42 6.54 6.14
C PRO K 143 55.55 6.27 5.15
N LYS K 144 56.64 5.72 5.65
CA LYS K 144 57.82 5.44 4.85
C LYS K 144 57.50 4.84 3.46
N CYS K 145 56.99 3.61 3.43
CA CYS K 145 56.68 2.91 2.20
C CYS K 145 56.20 3.78 1.03
N ALA K 146 55.44 4.82 1.32
CA ALA K 146 54.92 5.67 0.24
C ALA K 146 55.73 6.90 -0.12
N GLU K 147 56.56 7.35 0.81
CA GLU K 147 57.37 8.55 0.64
C GLU K 147 57.48 9.16 -0.77
N GLY K 148 57.75 8.35 -1.80
CA GLY K 148 57.85 8.92 -3.14
C GLY K 148 56.67 8.63 -4.06
N HIS K 149 55.69 7.86 -3.59
CA HIS K 149 54.55 7.49 -4.43
C HIS K 149 53.15 7.90 -3.93
N GLU K 150 53.02 9.10 -3.36
CA GLU K 150 51.71 9.55 -2.87
C GLU K 150 50.78 9.96 -4.02
N PRO K 151 49.60 9.33 -4.12
CA PRO K 151 48.67 9.68 -5.19
C PRO K 151 48.39 11.19 -5.16
N ASP K 152 48.31 11.79 -6.34
CA ASP K 152 48.07 13.21 -6.52
C ASP K 152 46.63 13.57 -6.12
N GLY K 153 46.47 14.53 -5.21
CA GLY K 153 45.14 14.95 -4.80
C GLY K 153 44.58 14.20 -3.61
N PHE K 154 45.39 13.31 -3.04
CA PHE K 154 44.95 12.54 -1.88
C PHE K 154 45.82 12.85 -0.69
N TYR K 155 45.39 12.40 0.48
CA TYR K 155 46.13 12.69 1.69
C TYR K 155 46.10 11.46 2.58
N TYR K 156 47.22 11.16 3.23
CA TYR K 156 47.24 9.98 4.07
C TYR K 156 46.46 10.22 5.36
N ASN K 157 45.65 9.24 5.73
CA ASN K 157 44.85 9.31 6.94
C ASN K 157 44.90 7.97 7.67
N ARG K 158 45.24 8.03 8.96
CA ARG K 158 45.37 6.86 9.80
C ARG K 158 44.09 6.04 10.03
N ALA K 159 42.94 6.73 10.06
CA ALA K 159 41.67 6.03 10.32
C ALA K 159 40.92 5.56 9.07
N PHE K 160 41.06 6.31 7.98
CA PHE K 160 40.38 5.97 6.74
C PHE K 160 40.81 4.62 6.19
N GLN K 161 39.87 3.69 6.05
CA GLN K 161 40.18 2.35 5.56
C GLN K 161 39.74 2.04 4.13
N ASN K 162 38.97 2.93 3.50
CA ASN K 162 38.52 2.61 2.15
C ASN K 162 39.26 3.35 1.04
N GLY K 163 40.40 3.94 1.36
CA GLY K 163 41.15 4.67 0.34
C GLY K 163 42.13 3.80 -0.41
N SER K 164 42.77 4.38 -1.42
CA SER K 164 43.74 3.66 -2.21
C SER K 164 45.07 3.75 -1.48
N VAL K 165 45.95 2.80 -1.76
CA VAL K 165 47.26 2.77 -1.14
C VAL K 165 48.28 2.46 -2.22
N PRO K 166 49.44 3.13 -2.18
CA PRO K 166 50.49 2.88 -3.18
C PRO K 166 50.91 1.42 -3.20
N ASP K 167 51.26 0.91 -4.37
CA ASP K 167 51.68 -0.48 -4.53
C ASP K 167 52.83 -0.78 -3.58
N THR K 168 53.68 0.23 -3.40
CA THR K 168 54.85 0.14 -2.54
C THR K 168 54.47 -0.03 -1.07
N CYS K 169 53.18 0.03 -0.76
CA CYS K 169 52.72 -0.13 0.62
C CYS K 169 51.87 -1.38 0.82
N LYS K 170 51.87 -2.28 -0.17
CA LYS K 170 51.11 -3.52 -0.11
C LYS K 170 52.07 -4.68 0.14
N ASP K 171 51.68 -5.63 1.00
CA ASP K 171 52.53 -6.78 1.30
C ASP K 171 52.56 -7.75 0.11
N ALA K 172 53.22 -8.88 0.33
CA ALA K 172 53.37 -9.92 -0.70
C ALA K 172 52.03 -10.36 -1.29
N ASN K 173 50.97 -10.30 -0.48
CA ASN K 173 49.64 -10.70 -0.92
C ASN K 173 48.71 -9.59 -1.39
N GLY K 174 49.21 -8.36 -1.44
CA GLY K 174 48.38 -7.26 -1.89
C GLY K 174 47.66 -6.50 -0.80
N VAL K 175 47.78 -6.97 0.44
CA VAL K 175 47.15 -6.34 1.59
C VAL K 175 47.96 -5.10 1.98
N LYS K 176 47.28 -3.99 2.28
CA LYS K 176 48.00 -2.78 2.65
C LYS K 176 48.84 -3.00 3.91
N THR K 177 49.88 -2.18 4.03
CA THR K 177 50.85 -2.20 5.13
C THR K 177 50.56 -1.09 6.13
N THR K 178 50.06 0.02 5.60
CA THR K 178 49.74 1.20 6.40
C THR K 178 48.50 0.96 7.25
N ALA K 179 48.41 1.70 8.36
CA ALA K 179 47.26 1.58 9.26
C ALA K 179 46.05 2.19 8.55
N GLY K 180 46.27 3.27 7.81
CA GLY K 180 45.18 3.91 7.11
C GLY K 180 45.28 3.79 5.60
N SER K 181 44.91 4.87 4.91
CA SER K 181 44.97 4.92 3.45
C SER K 181 44.79 6.36 2.98
N TRP K 182 44.72 6.54 1.66
CA TRP K 182 44.57 7.88 1.10
C TRP K 182 43.13 8.30 0.81
N ILE K 183 42.77 9.44 1.40
CA ILE K 183 41.44 10.04 1.35
C ILE K 183 41.45 11.32 0.50
N ALA K 184 40.36 11.57 -0.24
CA ALA K 184 40.30 12.77 -1.09
C ALA K 184 40.04 14.07 -0.31
N MET K 185 39.89 13.96 1.00
CA MET K 185 39.63 15.13 1.84
C MET K 185 40.89 15.72 2.45
N PRO K 186 41.28 16.94 2.04
CA PRO K 186 42.47 17.53 2.64
C PRO K 186 42.19 17.81 4.11
N PRO K 187 43.22 17.74 4.97
CA PRO K 187 43.04 18.00 6.42
C PRO K 187 42.20 19.26 6.60
N PRO K 188 40.99 19.13 7.19
CA PRO K 188 40.05 20.24 7.44
C PRO K 188 40.37 21.18 8.60
N LEU K 189 40.79 20.61 9.73
CA LEU K 189 41.07 21.42 10.91
C LEU K 189 42.43 22.13 10.87
N MET K 190 42.83 22.68 12.02
CA MET K 190 44.09 23.42 12.19
C MET K 190 43.79 24.22 13.46
N ASP K 191 44.59 24.06 14.52
CA ASP K 191 44.33 24.77 15.77
C ASP K 191 43.77 26.20 15.63
N ASP K 192 42.70 26.45 16.36
CA ASP K 192 42.02 27.75 16.38
C ASP K 192 41.64 28.30 15.01
N LEU K 193 41.04 27.44 14.19
CA LEU K 193 40.59 27.85 12.86
C LEU K 193 39.22 28.45 13.07
N VAL K 194 38.72 28.25 14.29
CA VAL K 194 37.41 28.75 14.70
C VAL K 194 37.58 29.42 16.06
N GLU K 195 36.97 30.60 16.19
CA GLU K 195 37.04 31.39 17.41
C GLU K 195 35.77 31.22 18.23
N TYR K 196 35.77 30.28 19.16
CA TYR K 196 34.59 30.08 19.97
C TYR K 196 34.29 31.33 20.79
N ALA K 197 33.03 31.72 20.80
CA ALA K 197 32.59 32.90 21.53
C ALA K 197 33.11 32.87 22.97
N ASP K 198 32.62 31.91 23.76
CA ASP K 198 33.01 31.76 25.16
C ASP K 198 34.50 31.50 25.38
N GLY K 199 35.31 31.69 24.35
CA GLY K 199 36.74 31.48 24.47
C GLY K 199 37.22 30.06 24.75
N HIS K 200 36.38 29.07 24.49
CA HIS K 200 36.71 27.66 24.70
C HIS K 200 37.91 27.32 23.81
N ASP K 201 38.70 26.28 24.14
CA ASP K 201 39.85 25.97 23.30
C ASP K 201 39.48 25.36 21.96
N ALA K 202 40.09 25.92 20.91
CA ALA K 202 39.84 25.47 19.55
C ALA K 202 41.01 24.68 18.99
N SER K 203 41.50 23.71 19.77
CA SER K 203 42.60 22.88 19.31
C SER K 203 41.96 21.86 18.37
N VAL K 204 42.67 21.45 17.33
CA VAL K 204 42.13 20.49 16.39
C VAL K 204 41.43 19.37 17.17
N HIS K 205 42.01 19.00 18.30
CA HIS K 205 41.44 17.96 19.14
C HIS K 205 40.04 18.33 19.64
N ALA K 206 39.90 19.52 20.20
CA ALA K 206 38.62 19.99 20.73
C ALA K 206 37.55 20.12 19.64
N MET K 207 37.87 20.83 18.57
CA MET K 207 36.94 21.01 17.47
C MET K 207 36.44 19.68 16.93
N ALA K 208 37.37 18.75 16.71
CA ALA K 208 37.00 17.45 16.19
C ALA K 208 36.03 16.74 17.13
N GLU K 209 36.24 16.90 18.43
CA GLU K 209 35.35 16.26 19.38
C GLU K 209 33.97 16.92 19.40
N ASP K 210 33.96 18.24 19.23
CA ASP K 210 32.69 18.98 19.23
C ASP K 210 31.86 18.73 17.98
N VAL K 211 32.47 18.86 16.81
CA VAL K 211 31.77 18.65 15.56
C VAL K 211 31.31 17.19 15.45
N SER K 212 32.00 16.30 16.14
CA SER K 212 31.62 14.89 16.12
C SER K 212 30.35 14.70 16.94
N ALA K 213 30.27 15.40 18.06
CA ALA K 213 29.08 15.30 18.92
C ALA K 213 27.92 15.91 18.13
N PHE K 214 28.20 17.03 17.47
CA PHE K 214 27.19 17.71 16.67
C PHE K 214 26.64 16.77 15.60
N LEU K 215 27.54 16.09 14.90
CA LEU K 215 27.12 15.18 13.85
C LEU K 215 26.36 13.99 14.40
N MET K 216 26.65 13.63 15.65
CA MET K 216 25.94 12.51 16.25
C MET K 216 24.49 12.98 16.42
N TRP K 217 24.32 14.21 16.88
CA TRP K 217 22.99 14.78 17.09
C TRP K 217 22.26 14.96 15.75
N ALA K 218 22.98 15.41 14.73
CA ALA K 218 22.38 15.62 13.43
C ALA K 218 21.83 14.29 12.90
N ALA K 219 22.46 13.19 13.27
CA ALA K 219 22.03 11.88 12.82
C ALA K 219 20.94 11.26 13.72
N GLU K 220 21.07 11.43 15.03
CA GLU K 220 20.09 10.92 16.00
C GLU K 220 19.51 12.06 16.82
N PRO K 221 18.84 13.03 16.18
CA PRO K 221 18.30 14.12 17.00
C PRO K 221 17.38 13.69 18.15
N LYS K 222 16.75 12.54 17.98
CA LYS K 222 15.84 12.01 18.98
C LYS K 222 16.52 11.00 19.95
N LEU K 223 17.84 11.08 20.12
CA LEU K 223 18.58 10.18 21.00
C LEU K 223 18.05 10.18 22.44
N MET K 224 17.92 11.38 23.02
CA MET K 224 17.44 11.52 24.39
C MET K 224 15.99 11.06 24.56
N ALA K 225 15.12 11.42 23.61
CA ALA K 225 13.73 11.00 23.67
C ALA K 225 13.68 9.48 23.65
N ARG K 226 14.46 8.89 22.76
CA ARG K 226 14.52 7.43 22.62
C ARG K 226 14.89 6.76 23.94
N LYS K 227 15.94 7.28 24.59
CA LYS K 227 16.39 6.71 25.86
C LYS K 227 15.34 6.90 26.94
N GLN K 228 14.74 8.09 26.99
CA GLN K 228 13.72 8.35 27.99
C GLN K 228 12.59 7.34 27.78
N ALA K 229 12.20 7.16 26.53
CA ALA K 229 11.15 6.21 26.21
C ALA K 229 11.57 4.81 26.66
N GLY K 230 12.87 4.54 26.55
CA GLY K 230 13.39 3.25 26.95
C GLY K 230 13.23 2.96 28.43
N PHE K 231 13.70 3.87 29.28
CA PHE K 231 13.57 3.69 30.72
C PHE K 231 12.12 3.47 31.06
N THR K 232 11.27 4.33 30.53
CA THR K 232 9.84 4.25 30.77
C THR K 232 9.33 2.83 30.51
N ALA K 233 9.53 2.37 29.27
CA ALA K 233 9.09 1.04 28.88
C ALA K 233 9.66 -0.04 29.80
N VAL K 234 10.93 0.09 30.16
CA VAL K 234 11.57 -0.89 31.02
C VAL K 234 10.93 -0.90 32.41
N MET K 235 10.60 0.29 32.94
CA MET K 235 9.99 0.35 34.26
C MET K 235 8.62 -0.31 34.23
N PHE K 236 7.77 0.07 33.29
CA PHE K 236 6.44 -0.52 33.16
C PHE K 236 6.57 -2.03 33.19
N LEU K 237 7.33 -2.54 32.22
CA LEU K 237 7.55 -3.96 32.06
C LEU K 237 8.21 -4.67 33.23
N THR K 238 9.11 -4.00 33.95
CA THR K 238 9.75 -4.63 35.08
C THR K 238 8.68 -4.83 36.15
N VAL K 239 7.86 -3.80 36.37
CA VAL K 239 6.78 -3.86 37.34
C VAL K 239 5.80 -4.95 36.94
N LEU K 240 5.28 -4.81 35.73
CA LEU K 240 4.31 -5.76 35.18
C LEU K 240 4.82 -7.19 35.21
N SER K 241 6.13 -7.36 35.02
CA SER K 241 6.72 -8.70 35.04
C SER K 241 6.61 -9.30 36.43
N VAL K 242 7.04 -8.53 37.42
CA VAL K 242 6.98 -8.97 38.81
C VAL K 242 5.55 -9.35 39.22
N LEU K 243 4.58 -8.51 38.83
CA LEU K 243 3.19 -8.77 39.16
C LEU K 243 2.66 -10.02 38.47
N LEU K 244 3.03 -10.21 37.20
CA LEU K 244 2.59 -11.38 36.45
C LEU K 244 3.26 -12.63 36.99
N TYR K 245 4.44 -12.44 37.56
CA TYR K 245 5.18 -13.54 38.14
C TYR K 245 4.46 -14.03 39.39
N LEU K 246 4.12 -13.08 40.26
CA LEU K 246 3.41 -13.38 41.49
C LEU K 246 2.06 -14.02 41.17
N THR K 247 1.36 -13.40 40.23
CA THR K 247 0.06 -13.90 39.80
C THR K 247 0.23 -15.32 39.27
N ASN K 248 1.29 -15.52 38.50
CA ASN K 248 1.56 -16.84 37.94
C ASN K 248 1.84 -17.81 39.07
N LYS K 249 2.66 -17.39 40.03
CA LYS K 249 3.00 -18.23 41.16
C LYS K 249 1.75 -18.64 41.93
N ARG K 250 0.98 -17.65 42.37
CA ARG K 250 -0.23 -17.94 43.15
C ARG K 250 -1.17 -18.86 42.38
N LEU K 251 -1.36 -18.59 41.09
CA LEU K 251 -2.27 -19.39 40.29
C LEU K 251 -1.88 -20.86 40.14
N TRP K 252 -0.58 -21.14 39.99
CA TRP K 252 -0.13 -22.52 39.85
C TRP K 252 -0.01 -23.23 41.19
N ALA K 253 0.21 -22.46 42.25
CA ALA K 253 0.34 -23.03 43.58
C ALA K 253 -0.77 -24.03 43.84
N GLY K 254 -1.96 -23.73 43.33
CA GLY K 254 -3.09 -24.63 43.53
C GLY K 254 -3.05 -25.85 42.61
N VAL K 255 -1.85 -26.28 42.22
CA VAL K 255 -1.71 -27.44 41.34
C VAL K 255 -0.42 -28.23 41.58
N LYS K 256 0.69 -27.51 41.44
CA LYS K 256 2.06 -28.03 41.59
C LYS K 256 2.78 -27.22 42.68
N GLY L 9 -7.40 -13.83 51.63
CA GLY L 9 -8.49 -12.82 51.47
C GLY L 9 -8.27 -11.90 50.30
N THR L 10 -8.13 -10.60 50.58
CA THR L 10 -7.91 -9.61 49.53
C THR L 10 -6.40 -9.40 49.30
N ARG L 11 -5.61 -10.41 49.67
CA ARG L 11 -4.15 -10.36 49.47
C ARG L 11 -3.90 -10.77 48.02
N ARG L 12 -4.55 -11.87 47.62
CA ARG L 12 -4.44 -12.43 46.28
C ARG L 12 -5.41 -11.73 45.33
N ASP L 13 -6.50 -11.19 45.88
CA ASP L 13 -7.48 -10.49 45.07
C ASP L 13 -6.90 -9.14 44.65
N PHE L 14 -6.17 -8.51 45.58
CA PHE L 14 -5.54 -7.22 45.30
C PHE L 14 -4.50 -7.40 44.22
N LEU L 15 -3.71 -8.47 44.33
CA LEU L 15 -2.66 -8.77 43.37
C LEU L 15 -3.24 -8.86 41.96
N TYR L 16 -4.20 -9.76 41.78
CA TYR L 16 -4.85 -9.93 40.49
C TYR L 16 -5.38 -8.60 40.00
N TYR L 17 -5.80 -7.76 40.94
CA TYR L 17 -6.34 -6.45 40.60
C TYR L 17 -5.20 -5.50 40.19
N ALA L 18 -4.13 -5.47 40.97
CA ALA L 18 -2.99 -4.61 40.68
C ALA L 18 -2.33 -5.02 39.38
N THR L 19 -2.37 -6.32 39.09
CA THR L 19 -1.80 -6.86 37.87
C THR L 19 -2.56 -6.35 36.66
N ALA L 20 -3.85 -6.68 36.57
CA ALA L 20 -4.66 -6.21 35.46
C ALA L 20 -4.51 -4.71 35.32
N GLY L 21 -4.33 -4.02 36.45
CA GLY L 21 -4.18 -2.58 36.44
C GLY L 21 -2.94 -2.15 35.69
N ALA L 22 -1.81 -2.79 35.99
CA ALA L 22 -0.55 -2.47 35.33
C ALA L 22 -0.71 -2.74 33.84
N GLY L 23 -1.40 -3.83 33.52
CA GLY L 23 -1.62 -4.17 32.14
C GLY L 23 -2.27 -3.00 31.44
N ALA L 24 -3.48 -2.66 31.85
CA ALA L 24 -4.23 -1.55 31.28
C ALA L 24 -3.33 -0.33 31.04
N VAL L 25 -2.52 0.03 32.03
CA VAL L 25 -1.62 1.17 31.90
C VAL L 25 -0.63 1.00 30.78
N ALA L 26 0.02 -0.16 30.72
CA ALA L 26 1.01 -0.44 29.68
C ALA L 26 0.32 -0.37 28.32
N THR L 27 -0.87 -0.98 28.25
CA THR L 27 -1.65 -1.00 27.02
C THR L 27 -1.92 0.42 26.51
N GLY L 28 -2.43 1.27 27.40
CA GLY L 28 -2.71 2.64 27.01
C GLY L 28 -1.45 3.35 26.56
N ALA L 29 -0.36 3.10 27.29
CA ALA L 29 0.92 3.71 26.97
C ALA L 29 1.35 3.35 25.55
N ALA L 30 0.90 2.20 25.08
CA ALA L 30 1.25 1.73 23.74
C ALA L 30 0.29 2.32 22.71
N VAL L 31 -0.97 2.43 23.09
CA VAL L 31 -2.00 2.93 22.21
C VAL L 31 -1.90 4.42 21.90
N TRP L 32 -1.68 5.26 22.91
CA TRP L 32 -1.59 6.70 22.67
C TRP L 32 -0.67 7.08 21.52
N PRO L 33 0.59 6.59 21.52
CA PRO L 33 1.49 6.95 20.42
C PRO L 33 1.03 6.47 19.02
N LEU L 34 0.25 5.40 18.96
CA LEU L 34 -0.26 4.89 17.69
C LEU L 34 -1.27 5.88 17.15
N ILE L 35 -1.90 6.60 18.06
CA ILE L 35 -2.89 7.60 17.74
C ILE L 35 -2.20 8.92 17.44
N ASN L 36 -1.32 9.33 18.33
CA ASN L 36 -0.63 10.60 18.18
C ASN L 36 0.30 10.76 16.97
N GLN L 37 0.71 9.66 16.34
CA GLN L 37 1.59 9.80 15.17
C GLN L 37 0.82 10.45 14.03
N MET L 38 -0.50 10.39 14.11
CA MET L 38 -1.33 11.00 13.09
C MET L 38 -1.51 12.49 13.31
N ASN L 39 -1.14 13.01 14.49
CA ASN L 39 -1.27 14.44 14.69
C ASN L 39 -0.19 15.15 13.89
N PRO L 40 -0.40 16.44 13.59
CA PRO L 40 0.58 17.21 12.81
C PRO L 40 2.04 16.97 13.19
N SER L 41 2.85 16.68 12.18
CA SER L 41 4.26 16.43 12.41
C SER L 41 5.00 17.77 12.46
N ALA L 42 6.22 17.74 12.99
CA ALA L 42 7.03 18.94 13.16
C ALA L 42 7.22 19.83 11.94
N ASP L 43 7.27 19.25 10.74
CA ASP L 43 7.46 20.06 9.53
C ASP L 43 6.19 20.84 9.23
N VAL L 44 5.07 20.19 9.48
CA VAL L 44 3.76 20.76 9.26
C VAL L 44 3.57 21.79 10.35
N GLN L 45 3.87 21.39 11.58
CA GLN L 45 3.72 22.33 12.68
C GLN L 45 4.57 23.60 12.50
N ALA L 46 5.40 23.66 11.48
CA ALA L 46 6.22 24.84 11.25
C ALA L 46 5.44 25.90 10.46
N LEU L 47 4.32 26.31 11.05
CA LEU L 47 3.36 27.31 10.54
C LEU L 47 3.99 28.70 10.35
N ALA L 48 4.38 29.03 9.12
CA ALA L 48 5.00 30.33 8.86
C ALA L 48 4.03 31.50 8.72
N SER L 49 4.52 32.58 8.11
CA SER L 49 3.77 33.79 7.85
C SER L 49 4.22 34.11 6.44
N ILE L 50 3.38 34.75 5.65
CA ILE L 50 3.80 35.04 4.29
C ILE L 50 3.50 36.49 3.93
N PHE L 51 4.10 36.93 2.84
CA PHE L 51 3.90 38.29 2.39
C PHE L 51 3.31 38.24 0.99
N VAL L 52 2.33 39.10 0.75
CA VAL L 52 1.68 39.15 -0.54
C VAL L 52 1.83 40.52 -1.15
N ASP L 53 2.39 40.57 -2.35
CA ASP L 53 2.53 41.83 -3.06
C ASP L 53 1.13 42.03 -3.60
N VAL L 54 0.59 43.21 -3.37
CA VAL L 54 -0.78 43.49 -3.79
C VAL L 54 -0.88 44.73 -4.69
N SER L 55 0.23 45.11 -5.31
CA SER L 55 0.30 46.27 -6.19
C SER L 55 -0.38 46.16 -7.55
N SER L 56 -0.60 44.94 -8.01
CA SER L 56 -1.24 44.74 -9.31
C SER L 56 -2.74 44.51 -9.15
N VAL L 57 -3.27 44.79 -7.97
CA VAL L 57 -4.69 44.56 -7.75
C VAL L 57 -5.58 45.78 -7.93
N GLU L 58 -6.38 45.76 -8.99
CA GLU L 58 -7.32 46.84 -9.27
C GLU L 58 -8.59 46.49 -8.52
N PRO L 59 -9.49 47.47 -8.33
CA PRO L 59 -10.73 47.16 -7.62
C PRO L 59 -11.60 46.26 -8.50
N GLY L 60 -12.28 45.31 -7.88
CA GLY L 60 -13.13 44.39 -8.62
C GLY L 60 -12.35 43.12 -8.90
N VAL L 61 -11.13 43.07 -8.36
CA VAL L 61 -10.25 41.94 -8.54
C VAL L 61 -9.97 41.20 -7.24
N GLN L 62 -10.03 39.89 -7.30
CA GLN L 62 -9.76 39.05 -6.15
C GLN L 62 -8.49 38.26 -6.40
N LEU L 63 -7.62 38.24 -5.40
CA LEU L 63 -6.36 37.53 -5.46
C LEU L 63 -6.52 36.29 -4.59
N THR L 64 -6.22 35.13 -5.14
CA THR L 64 -6.33 33.90 -4.34
C THR L 64 -4.92 33.38 -4.17
N VAL L 65 -4.56 33.22 -2.90
CA VAL L 65 -3.23 32.84 -2.48
C VAL L 65 -3.27 31.66 -1.52
N LYS L 66 -2.27 30.80 -1.54
CA LYS L 66 -2.28 29.66 -0.63
C LYS L 66 -1.53 29.99 0.65
N PHE L 67 -2.09 29.55 1.78
CA PHE L 67 -1.50 29.80 3.08
C PHE L 67 -1.96 28.66 3.97
N LEU L 68 -1.00 27.97 4.58
CA LEU L 68 -1.31 26.84 5.44
C LEU L 68 -2.16 25.81 4.69
N GLY L 69 -1.92 25.69 3.39
CA GLY L 69 -2.64 24.73 2.57
C GLY L 69 -4.06 25.07 2.19
N LYS L 70 -4.49 26.29 2.49
CA LYS L 70 -5.85 26.68 2.16
C LYS L 70 -5.85 28.00 1.43
N PRO L 71 -6.95 28.29 0.74
CA PRO L 71 -6.97 29.56 0.02
C PRO L 71 -7.31 30.77 0.88
N ILE L 72 -6.70 31.89 0.52
CA ILE L 72 -6.95 33.13 1.20
C ILE L 72 -7.34 34.10 0.11
N PHE L 73 -8.45 34.78 0.32
CA PHE L 73 -8.96 35.73 -0.65
C PHE L 73 -8.55 37.15 -0.31
N ILE L 74 -8.14 37.88 -1.33
CA ILE L 74 -7.77 39.27 -1.16
C ILE L 74 -8.49 40.01 -2.27
N ARG L 75 -9.59 40.63 -1.90
CA ARG L 75 -10.36 41.35 -2.88
C ARG L 75 -10.25 42.83 -2.64
N ARG L 76 -10.06 43.57 -3.73
CA ARG L 76 -9.99 45.00 -3.63
C ARG L 76 -11.39 45.33 -4.11
N ARG L 77 -12.25 45.68 -3.15
CA ARG L 77 -13.64 45.95 -3.46
C ARG L 77 -13.95 47.23 -4.22
N THR L 78 -15.04 47.18 -4.97
CA THR L 78 -15.51 48.29 -5.77
C THR L 78 -16.40 49.15 -4.88
N GLU L 79 -16.90 50.26 -5.42
CA GLU L 79 -17.78 51.12 -4.65
C GLU L 79 -19.08 50.37 -4.39
N ALA L 80 -19.58 49.69 -5.42
CA ALA L 80 -20.80 48.92 -5.30
C ALA L 80 -20.64 47.90 -4.17
N ASP L 81 -19.51 47.21 -4.15
CA ASP L 81 -19.26 46.21 -3.10
C ASP L 81 -19.34 46.88 -1.72
N ILE L 82 -18.67 48.02 -1.58
CA ILE L 82 -18.65 48.72 -0.29
C ILE L 82 -20.02 49.28 0.10
N GLU L 83 -20.76 49.81 -0.87
CA GLU L 83 -22.09 50.36 -0.64
C GLU L 83 -22.97 49.25 -0.05
N LEU L 84 -23.15 48.21 -0.85
CA LEU L 84 -23.97 47.07 -0.46
C LEU L 84 -23.58 46.51 0.90
N GLY L 85 -22.29 46.49 1.19
CA GLY L 85 -21.83 45.97 2.46
C GLY L 85 -22.28 46.81 3.64
N ARG L 86 -22.11 48.12 3.49
CA ARG L 86 -22.47 49.03 4.55
C ARG L 86 -23.97 49.17 4.74
N SER L 87 -24.73 48.79 3.73
CA SER L 87 -26.17 48.87 3.79
C SER L 87 -26.86 47.78 4.63
N VAL L 88 -26.11 46.82 5.15
CA VAL L 88 -26.72 45.73 5.91
C VAL L 88 -26.81 45.96 7.41
N GLN L 89 -27.92 45.57 8.02
CA GLN L 89 -28.10 45.76 9.46
C GLN L 89 -27.64 44.58 10.29
N LEU L 90 -26.86 44.88 11.32
CA LEU L 90 -26.32 43.86 12.19
C LEU L 90 -27.38 42.83 12.58
N GLY L 91 -28.64 43.23 12.53
CA GLY L 91 -29.72 42.33 12.90
C GLY L 91 -30.23 41.48 11.76
N GLN L 92 -29.74 41.73 10.55
CA GLN L 92 -30.20 40.93 9.43
C GLN L 92 -29.18 39.84 9.14
N LEU L 93 -28.06 39.86 9.85
CA LEU L 93 -27.03 38.86 9.64
C LEU L 93 -27.24 37.54 10.34
N VAL L 94 -26.93 36.45 9.63
CA VAL L 94 -27.05 35.12 10.22
C VAL L 94 -26.00 34.99 11.34
N ASP L 95 -24.83 35.62 11.16
CA ASP L 95 -23.75 35.61 12.15
C ASP L 95 -23.36 37.05 12.42
N THR L 96 -23.49 37.50 13.67
CA THR L 96 -23.16 38.88 13.98
C THR L 96 -21.74 39.10 14.46
N ASN L 97 -20.98 38.02 14.64
CA ASN L 97 -19.60 38.17 15.07
C ASN L 97 -18.73 38.49 13.86
N ALA L 98 -17.76 39.38 14.04
CA ALA L 98 -16.88 39.78 12.96
C ALA L 98 -15.93 38.69 12.49
N ARG L 99 -15.64 37.71 13.35
CA ARG L 99 -14.71 36.63 13.02
C ARG L 99 -13.44 37.20 12.44
N ASN L 100 -12.97 38.28 13.08
CA ASN L 100 -11.78 38.94 12.62
C ASN L 100 -10.69 38.85 13.70
N ALA L 101 -9.64 38.10 13.41
CA ALA L 101 -8.54 37.89 14.34
C ALA L 101 -7.71 39.15 14.59
N ASN L 102 -7.89 40.16 13.74
CA ASN L 102 -7.16 41.41 13.86
C ASN L 102 -7.76 42.36 14.88
N ILE L 103 -8.98 42.06 15.33
CA ILE L 103 -9.65 42.91 16.30
C ILE L 103 -10.25 42.10 17.45
N ASP L 104 -11.01 42.76 18.31
CA ASP L 104 -11.61 42.07 19.46
C ASP L 104 -12.47 40.89 19.07
N ALA L 105 -12.38 39.82 19.85
CA ALA L 105 -13.15 38.61 19.59
C ALA L 105 -14.65 38.91 19.66
N GLY L 106 -15.01 39.98 20.36
CA GLY L 106 -16.41 40.33 20.48
C GLY L 106 -16.96 41.25 19.40
N ALA L 107 -16.07 41.86 18.61
CA ALA L 107 -16.49 42.79 17.56
C ALA L 107 -17.71 42.31 16.76
N GLU L 108 -18.45 43.27 16.22
CA GLU L 108 -19.65 42.97 15.43
C GLU L 108 -19.39 42.96 13.92
N ALA L 109 -20.15 42.12 13.24
CA ALA L 109 -20.06 41.93 11.80
C ALA L 109 -20.43 43.13 10.92
N THR L 110 -20.02 44.32 11.33
CA THR L 110 -20.30 45.50 10.50
C THR L 110 -19.27 45.47 9.39
N ASP L 111 -19.61 46.03 8.23
CA ASP L 111 -18.70 46.06 7.09
C ASP L 111 -17.34 46.65 7.47
N GLN L 112 -17.34 47.64 8.35
CA GLN L 112 -16.11 48.31 8.77
C GLN L 112 -15.21 47.34 9.54
N ASN L 113 -15.85 46.40 10.23
CA ASN L 113 -15.15 45.40 11.03
C ASN L 113 -14.71 44.18 10.24
N ARG L 114 -14.89 44.23 8.93
CA ARG L 114 -14.55 43.13 8.06
C ARG L 114 -13.43 43.44 7.08
N THR L 115 -12.98 44.70 7.06
CA THR L 115 -11.91 45.09 6.17
C THR L 115 -10.65 45.51 6.91
N LEU L 116 -9.54 45.62 6.19
CA LEU L 116 -8.28 46.00 6.80
C LEU L 116 -8.14 47.51 6.94
N ASP L 117 -8.69 48.22 5.97
CA ASP L 117 -8.64 49.68 5.93
C ASP L 117 -9.94 50.33 6.35
N GLU L 118 -9.85 51.61 6.66
CA GLU L 118 -11.02 52.38 7.07
C GLU L 118 -11.90 52.65 5.86
N ALA L 119 -11.30 52.79 4.68
CA ALA L 119 -12.06 53.02 3.47
C ALA L 119 -12.79 51.74 3.07
N GLY L 120 -12.42 50.64 3.71
CA GLY L 120 -13.06 49.36 3.42
C GLY L 120 -12.83 48.84 2.01
N GLU L 121 -11.68 49.17 1.43
CA GLU L 121 -11.39 48.72 0.08
C GLU L 121 -10.69 47.34 0.08
N TRP L 122 -10.06 46.97 1.19
CA TRP L 122 -9.35 45.70 1.29
C TRP L 122 -9.98 44.61 2.14
N LEU L 123 -10.63 43.67 1.46
CA LEU L 123 -11.26 42.55 2.13
C LEU L 123 -10.30 41.37 2.02
N VAL L 124 -9.82 40.91 3.17
CA VAL L 124 -8.89 39.80 3.25
C VAL L 124 -9.47 38.74 4.17
N MET L 125 -9.72 37.56 3.62
CA MET L 125 -10.30 36.48 4.42
C MET L 125 -9.95 35.09 3.91
N TRP L 126 -10.19 34.10 4.76
CA TRP L 126 -9.95 32.72 4.42
C TRP L 126 -11.02 32.33 3.40
N GLY L 127 -10.60 31.90 2.22
CA GLY L 127 -11.57 31.49 1.21
C GLY L 127 -12.01 30.06 1.51
N VAL L 128 -12.31 29.81 2.79
CA VAL L 128 -12.73 28.51 3.30
C VAL L 128 -14.14 28.54 3.90
N CYS L 129 -15.11 28.00 3.16
CA CYS L 129 -16.49 27.96 3.63
C CYS L 129 -16.52 27.42 5.05
N THR L 130 -17.31 28.06 5.90
CA THR L 130 -17.41 27.65 7.30
C THR L 130 -18.33 26.44 7.49
N HIS L 131 -18.95 25.98 6.41
CA HIS L 131 -19.79 24.81 6.51
C HIS L 131 -18.88 23.60 6.55
N LEU L 132 -18.41 23.15 5.38
CA LEU L 132 -17.53 21.99 5.35
C LEU L 132 -16.21 22.15 4.58
N GLY L 133 -15.73 23.38 4.44
CA GLY L 133 -14.43 23.59 3.80
C GLY L 133 -14.21 24.02 2.35
N CYS L 134 -15.17 23.85 1.47
CA CYS L 134 -14.93 24.26 0.09
C CYS L 134 -14.56 25.72 -0.03
N SER L 135 -14.03 26.09 -1.17
CA SER L 135 -13.62 27.46 -1.43
C SER L 135 -14.75 28.10 -2.23
N PRO L 136 -15.38 29.13 -1.67
CA PRO L 136 -16.48 29.81 -2.38
C PRO L 136 -16.04 30.55 -3.63
N ILE L 137 -16.95 30.55 -4.60
CA ILE L 137 -16.70 31.20 -5.86
C ILE L 137 -17.02 32.69 -5.78
N GLY L 138 -16.00 33.50 -6.09
CA GLY L 138 -16.13 34.95 -6.05
C GLY L 138 -16.59 35.54 -7.36
N GLY L 139 -16.09 36.73 -7.68
CA GLY L 139 -16.49 37.40 -8.90
C GLY L 139 -17.92 37.87 -8.78
N VAL L 140 -18.32 38.21 -7.55
CA VAL L 140 -19.67 38.67 -7.24
C VAL L 140 -20.67 37.60 -7.68
N SER L 141 -20.71 36.51 -6.91
CA SER L 141 -21.59 35.39 -7.18
C SER L 141 -22.59 35.20 -6.05
N GLY L 142 -23.62 34.41 -6.32
CA GLY L 142 -24.62 34.15 -5.31
C GLY L 142 -25.72 35.20 -5.30
N ASP L 143 -26.58 35.09 -4.31
CA ASP L 143 -27.73 35.98 -4.14
C ASP L 143 -27.46 37.25 -3.35
N PHE L 144 -26.22 37.48 -2.93
CA PHE L 144 -25.93 38.67 -2.14
C PHE L 144 -24.68 39.40 -2.57
N GLY L 145 -24.41 39.39 -3.88
CA GLY L 145 -23.25 40.08 -4.38
C GLY L 145 -21.96 39.75 -3.67
N GLY L 146 -21.74 38.48 -3.35
CA GLY L 146 -20.50 38.11 -2.70
C GLY L 146 -19.86 36.87 -3.31
N TRP L 147 -19.97 35.76 -2.58
CA TRP L 147 -19.43 34.47 -2.96
C TRP L 147 -20.49 33.42 -2.85
N PHE L 148 -20.35 32.36 -3.64
CA PHE L 148 -21.29 31.25 -3.62
C PHE L 148 -20.52 29.94 -3.44
N CYS L 149 -20.88 29.15 -2.42
CA CYS L 149 -20.22 27.88 -2.20
C CYS L 149 -21.03 26.81 -2.93
N PRO L 150 -20.44 26.22 -3.98
CA PRO L 150 -21.11 25.18 -4.78
C PRO L 150 -21.25 23.84 -4.08
N CYS L 151 -20.55 23.65 -2.97
CA CYS L 151 -20.66 22.38 -2.28
C CYS L 151 -22.02 22.11 -1.66
N HIS L 152 -22.60 23.06 -0.94
CA HIS L 152 -23.94 22.82 -0.40
C HIS L 152 -24.85 24.03 -0.46
N GLY L 153 -24.44 25.05 -1.21
CA GLY L 153 -25.29 26.23 -1.39
C GLY L 153 -25.25 27.37 -0.40
N SER L 154 -24.09 27.66 0.16
CA SER L 154 -23.98 28.78 1.08
C SER L 154 -23.70 30.04 0.28
N HIS L 155 -24.33 31.14 0.67
CA HIS L 155 -24.13 32.42 -0.01
C HIS L 155 -23.52 33.38 1.00
N TYR L 156 -22.54 34.16 0.56
CA TYR L 156 -21.90 35.14 1.43
C TYR L 156 -22.04 36.50 0.75
N ASP L 157 -22.18 37.56 1.52
CA ASP L 157 -22.34 38.89 0.93
C ASP L 157 -20.99 39.51 0.59
N SER L 158 -21.01 40.75 0.14
CA SER L 158 -19.77 41.40 -0.24
C SER L 158 -18.79 41.71 0.89
N ALA L 159 -19.08 41.28 2.12
CA ALA L 159 -18.14 41.50 3.21
C ALA L 159 -17.74 40.10 3.68
N GLY L 160 -18.23 39.10 2.97
CA GLY L 160 -17.91 37.72 3.29
C GLY L 160 -18.72 37.18 4.45
N ARG L 161 -19.89 37.75 4.66
CA ARG L 161 -20.75 37.30 5.75
C ARG L 161 -21.77 36.29 5.23
N ILE L 162 -22.04 35.25 6.03
CA ILE L 162 -22.97 34.22 5.60
C ILE L 162 -24.40 34.76 5.68
N ARG L 163 -25.15 34.56 4.60
CA ARG L 163 -26.52 35.06 4.52
C ARG L 163 -27.52 33.96 4.18
N LYS L 164 -27.05 32.81 3.73
CA LYS L 164 -27.96 31.73 3.34
C LYS L 164 -27.20 30.40 3.21
N GLY L 165 -27.87 29.32 3.52
CA GLY L 165 -27.25 28.02 3.42
C GLY L 165 -26.94 27.39 4.76
N PRO L 166 -26.19 26.28 4.76
CA PRO L 166 -25.84 25.61 6.03
C PRO L 166 -24.61 26.14 6.75
N ALA L 167 -23.82 27.00 6.11
CA ALA L 167 -22.64 27.52 6.79
C ALA L 167 -23.07 28.30 8.03
N PRO L 168 -22.46 28.00 9.18
CA PRO L 168 -22.85 28.69 10.40
C PRO L 168 -22.21 30.05 10.61
N GLU L 169 -21.09 30.33 9.94
CA GLU L 169 -20.41 31.59 10.17
C GLU L 169 -19.88 32.39 9.00
N ASN L 170 -19.37 33.57 9.33
CA ASN L 170 -18.79 34.45 8.33
C ASN L 170 -17.37 33.95 8.05
N LEU L 171 -16.92 34.11 6.81
CA LEU L 171 -15.58 33.69 6.44
C LEU L 171 -14.64 34.39 7.42
N PRO L 172 -13.77 33.62 8.09
CA PRO L 172 -12.82 34.20 9.05
C PRO L 172 -11.80 35.10 8.40
N ILE L 173 -11.32 36.07 9.17
CA ILE L 173 -10.30 37.01 8.71
C ILE L 173 -9.09 36.68 9.57
N PRO L 174 -7.95 36.34 8.95
CA PRO L 174 -6.71 35.98 9.62
C PRO L 174 -5.91 37.22 10.03
N LEU L 175 -4.89 37.01 10.84
CA LEU L 175 -4.04 38.12 11.21
C LEU L 175 -3.54 38.61 9.87
N ALA L 176 -3.75 39.88 9.58
CA ALA L 176 -3.33 40.45 8.33
C ALA L 176 -3.18 41.94 8.55
N LYS L 177 -2.19 42.53 7.89
CA LYS L 177 -1.95 43.95 8.03
C LYS L 177 -1.01 44.41 6.94
N PHE L 178 -1.24 45.60 6.42
CA PHE L 178 -0.35 46.11 5.41
C PHE L 178 0.98 46.40 6.10
N ILE L 179 2.03 45.77 5.61
CA ILE L 179 3.37 45.93 6.14
C ILE L 179 4.01 47.15 5.48
N ASP L 180 3.33 47.66 4.46
CA ASP L 180 3.78 48.83 3.74
C ASP L 180 2.82 49.14 2.61
N GLU L 181 3.20 50.12 1.80
CA GLU L 181 2.43 50.58 0.67
C GLU L 181 1.67 49.54 -0.15
N THR L 182 2.34 48.49 -0.58
CA THR L 182 1.70 47.49 -1.42
C THR L 182 1.91 46.05 -0.96
N THR L 183 2.17 45.87 0.33
CA THR L 183 2.42 44.54 0.86
C THR L 183 1.64 44.20 2.12
N ILE L 184 0.95 43.07 2.08
CA ILE L 184 0.17 42.61 3.22
C ILE L 184 0.86 41.39 3.81
N GLN L 185 0.92 41.32 5.14
CA GLN L 185 1.54 40.19 5.80
C GLN L 185 0.47 39.35 6.46
N LEU L 186 0.28 38.13 5.96
CA LEU L 186 -0.71 37.22 6.52
C LEU L 186 -0.04 36.42 7.62
N GLY L 187 -0.78 36.19 8.70
CA GLY L 187 -0.22 35.44 9.82
C GLY L 187 0.81 36.27 10.55
N GLY M 3 41.22 -86.45 1.42
CA GLY M 3 40.70 -87.21 2.60
C GLY M 3 39.65 -88.27 2.28
N ILE M 4 39.34 -88.44 1.00
CA ILE M 4 38.37 -89.42 0.51
C ILE M 4 38.87 -90.86 0.73
N PRO M 5 37.95 -91.83 0.91
CA PRO M 5 38.35 -93.23 1.11
C PRO M 5 38.87 -93.93 -0.16
N HIS M 6 39.91 -94.75 -0.01
CA HIS M 6 40.51 -95.49 -1.13
C HIS M 6 41.30 -96.73 -0.67
N ASP M 7 41.54 -97.65 -1.61
CA ASP M 7 42.33 -98.84 -1.31
C ASP M 7 43.78 -98.41 -1.55
N HIS M 8 44.64 -98.71 -0.58
CA HIS M 8 46.05 -98.35 -0.65
C HIS M 8 46.88 -99.12 -1.66
N TYR M 9 48.19 -98.89 -1.62
CA TYR M 9 49.15 -99.53 -2.53
C TYR M 9 49.62 -100.88 -2.02
N GLU M 10 49.91 -101.81 -2.94
CA GLU M 10 50.42 -103.09 -2.49
C GLU M 10 51.54 -103.69 -3.32
N PRO M 11 52.69 -103.91 -2.67
CA PRO M 11 53.92 -104.47 -3.23
C PRO M 11 53.70 -105.85 -3.83
N ARG M 12 53.93 -105.95 -5.13
CA ARG M 12 53.77 -107.19 -5.85
C ARG M 12 55.14 -107.81 -6.15
N THR M 13 55.86 -107.24 -7.11
CA THR M 13 57.18 -107.74 -7.51
C THR M 13 58.12 -107.89 -6.32
N GLY M 14 59.24 -108.56 -6.53
CA GLY M 14 60.22 -108.73 -5.48
C GLY M 14 60.92 -107.41 -5.29
N ILE M 15 61.30 -106.79 -6.41
CA ILE M 15 61.97 -105.50 -6.38
C ILE M 15 61.08 -104.54 -5.61
N GLU M 16 59.77 -104.65 -5.81
CA GLU M 16 58.79 -103.79 -5.14
C GLU M 16 58.79 -104.01 -3.63
N LYS M 17 58.73 -105.27 -3.22
CA LYS M 17 58.70 -105.65 -1.82
C LYS M 17 59.99 -105.24 -1.10
N TRP M 18 61.11 -105.32 -1.82
CA TRP M 18 62.44 -104.97 -1.31
C TRP M 18 62.50 -103.48 -1.10
N LEU M 19 62.07 -102.76 -2.12
CA LEU M 19 62.06 -101.30 -2.12
C LEU M 19 61.11 -100.77 -1.05
N HIS M 20 59.91 -101.30 -1.00
CA HIS M 20 58.91 -100.85 -0.05
C HIS M 20 59.29 -100.93 1.42
N SER M 21 60.08 -101.93 1.80
CA SER M 21 60.50 -102.08 3.19
C SER M 21 61.64 -101.15 3.55
N ARG M 22 62.13 -100.39 2.58
CA ARG M 22 63.24 -99.47 2.78
C ARG M 22 62.88 -98.01 2.52
N LEU M 23 62.21 -97.78 1.40
CA LEU M 23 61.78 -96.44 1.03
C LEU M 23 60.47 -96.58 0.28
N PRO M 24 59.35 -96.27 0.95
CA PRO M 24 58.00 -96.36 0.39
C PRO M 24 57.71 -95.32 -0.69
N ILE M 25 58.69 -95.01 -1.53
CA ILE M 25 58.46 -94.01 -2.57
C ILE M 25 57.45 -94.45 -3.64
N VAL M 26 57.48 -95.72 -4.04
CA VAL M 26 56.54 -96.19 -5.04
C VAL M 26 55.12 -96.15 -4.48
N ALA M 27 55.01 -96.39 -3.18
CA ALA M 27 53.71 -96.37 -2.52
C ALA M 27 53.14 -94.96 -2.58
N LEU M 28 53.97 -93.98 -2.22
CA LEU M 28 53.58 -92.59 -2.22
C LEU M 28 53.14 -92.12 -3.60
N ALA M 29 53.92 -92.48 -4.62
CA ALA M 29 53.59 -92.10 -5.99
C ALA M 29 52.21 -92.63 -6.33
N TYR M 30 51.99 -93.89 -5.98
CA TYR M 30 50.73 -94.57 -6.23
C TYR M 30 49.54 -93.88 -5.55
N ASP M 31 49.65 -93.65 -4.24
CA ASP M 31 48.57 -93.00 -3.51
C ASP M 31 48.30 -91.59 -4.03
N THR M 32 49.28 -91.01 -4.73
CA THR M 32 49.14 -89.68 -5.28
C THR M 32 48.45 -89.72 -6.64
N ILE M 33 48.93 -90.63 -7.47
CA ILE M 33 48.42 -90.80 -8.83
C ILE M 33 47.03 -91.45 -8.86
N MET M 34 46.63 -92.08 -7.76
CA MET M 34 45.34 -92.75 -7.73
C MET M 34 44.20 -91.99 -7.03
N ILE M 35 44.55 -90.93 -6.30
CA ILE M 35 43.54 -90.14 -5.58
C ILE M 35 42.19 -90.04 -6.29
N PRO M 36 41.09 -90.29 -5.54
CA PRO M 36 39.73 -90.22 -6.09
C PRO M 36 39.40 -88.75 -6.41
N THR M 37 39.05 -88.49 -7.66
CA THR M 37 38.74 -87.15 -8.14
C THR M 37 37.29 -86.97 -8.62
N PRO M 38 36.60 -85.91 -8.17
CA PRO M 38 35.21 -85.71 -8.62
C PRO M 38 35.06 -85.96 -10.13
N ARG M 39 34.06 -86.75 -10.50
CA ARG M 39 33.80 -87.12 -11.90
C ARG M 39 33.38 -85.97 -12.80
N ASN M 40 32.84 -84.92 -12.20
CA ASN M 40 32.30 -83.78 -12.94
C ASN M 40 33.21 -82.63 -13.32
N LEU M 41 34.52 -82.74 -13.10
CA LEU M 41 35.41 -81.64 -13.47
C LEU M 41 35.27 -81.31 -14.94
N ASN M 42 35.33 -80.01 -15.26
CA ASN M 42 35.22 -79.58 -16.65
C ASN M 42 36.55 -79.01 -17.16
N TRP M 43 36.54 -78.58 -18.41
CA TRP M 43 37.73 -78.03 -19.06
C TRP M 43 38.46 -76.90 -18.32
N MET M 44 37.87 -76.34 -17.28
CA MET M 44 38.54 -75.27 -16.55
C MET M 44 39.46 -75.82 -15.46
N TRP M 45 39.52 -77.15 -15.39
CA TRP M 45 40.37 -77.81 -14.40
C TRP M 45 41.70 -78.25 -15.03
N ILE M 46 41.93 -77.87 -16.28
CA ILE M 46 43.14 -78.26 -16.97
C ILE M 46 44.30 -77.27 -16.82
N TRP M 47 44.00 -76.05 -16.39
CA TRP M 47 45.05 -75.05 -16.29
C TRP M 47 46.17 -75.30 -15.29
N GLY M 48 45.90 -76.10 -14.25
CA GLY M 48 46.94 -76.39 -13.29
C GLY M 48 48.03 -77.24 -13.93
N VAL M 49 47.62 -78.14 -14.83
CA VAL M 49 48.57 -78.98 -15.51
C VAL M 49 49.30 -78.15 -16.55
N VAL M 50 48.59 -77.22 -17.19
CA VAL M 50 49.27 -76.38 -18.17
C VAL M 50 50.33 -75.56 -17.44
N LEU M 51 50.06 -75.17 -16.20
CA LEU M 51 51.01 -74.38 -15.43
C LEU M 51 52.22 -75.22 -15.02
N ALA M 52 52.00 -76.46 -14.60
CA ALA M 52 53.10 -77.34 -14.21
C ALA M 52 54.05 -77.53 -15.40
N PHE M 53 53.47 -77.78 -16.56
CA PHE M 53 54.23 -77.96 -17.78
C PHE M 53 55.07 -76.73 -18.08
N CYS M 54 54.43 -75.55 -17.99
CA CYS M 54 55.09 -74.27 -18.24
C CYS M 54 56.28 -74.08 -17.33
N LEU M 55 56.09 -74.41 -16.06
CA LEU M 55 57.18 -74.24 -15.12
C LEU M 55 58.36 -75.09 -15.57
N VAL M 56 58.10 -76.35 -15.93
CA VAL M 56 59.15 -77.23 -16.39
C VAL M 56 59.75 -76.68 -17.69
N LEU M 57 58.89 -76.29 -18.64
CA LEU M 57 59.38 -75.73 -19.89
C LEU M 57 60.30 -74.55 -19.66
N GLN M 58 59.88 -73.64 -18.79
CA GLN M 58 60.68 -72.45 -18.49
C GLN M 58 62.01 -72.81 -17.84
N ILE M 59 61.98 -73.78 -16.94
CA ILE M 59 63.22 -74.17 -16.28
C ILE M 59 64.21 -74.84 -17.22
N VAL M 60 63.79 -75.83 -18.02
CA VAL M 60 64.77 -76.45 -18.90
C VAL M 60 65.28 -75.50 -19.99
N THR M 61 64.41 -74.73 -20.61
CA THR M 61 64.87 -73.82 -21.64
C THR M 61 65.73 -72.73 -21.00
N GLY M 62 65.41 -72.41 -19.75
CA GLY M 62 66.18 -71.39 -19.04
C GLY M 62 67.60 -71.83 -18.75
N ILE M 63 67.76 -73.02 -18.20
CA ILE M 63 69.07 -73.56 -17.89
C ILE M 63 69.91 -73.56 -19.14
N VAL M 64 69.29 -73.97 -20.24
CA VAL M 64 69.96 -74.03 -21.52
C VAL M 64 70.38 -72.63 -22.00
N LEU M 65 69.46 -71.66 -21.91
CA LEU M 65 69.77 -70.32 -22.34
C LEU M 65 70.90 -69.75 -21.50
N ALA M 66 70.87 -70.04 -20.20
CA ALA M 66 71.91 -69.53 -19.30
C ALA M 66 73.28 -70.08 -19.69
N MET M 67 73.32 -71.15 -20.48
CA MET M 67 74.62 -71.71 -20.89
C MET M 67 75.28 -70.84 -21.96
N HIS M 68 74.51 -70.02 -22.65
CA HIS M 68 75.03 -69.17 -23.72
C HIS M 68 74.90 -67.67 -23.47
N TYR M 69 74.27 -67.32 -22.36
CA TYR M 69 74.02 -65.93 -21.99
C TYR M 69 75.09 -65.30 -21.09
N THR M 70 75.41 -64.02 -21.33
CA THR M 70 76.41 -63.33 -20.51
C THR M 70 75.74 -62.17 -19.75
N PRO M 71 75.68 -62.26 -18.41
CA PRO M 71 75.06 -61.19 -17.62
C PRO M 71 75.98 -59.99 -17.40
N HIS M 72 76.23 -59.24 -18.45
CA HIS M 72 77.08 -58.06 -18.35
C HIS M 72 76.59 -57.04 -19.36
N VAL M 73 76.48 -55.79 -18.93
CA VAL M 73 75.95 -54.73 -19.81
C VAL M 73 76.62 -54.63 -21.19
N ASP M 74 77.91 -54.93 -21.28
CA ASP M 74 78.58 -54.83 -22.58
C ASP M 74 78.36 -56.06 -23.44
N LEU M 75 77.92 -57.15 -22.85
CA LEU M 75 77.76 -58.39 -23.59
C LEU M 75 76.37 -59.04 -23.60
N ALA M 76 75.50 -58.63 -22.67
CA ALA M 76 74.19 -59.24 -22.57
C ALA M 76 73.35 -59.27 -23.85
N PHE M 77 73.15 -58.11 -24.48
CA PHE M 77 72.32 -58.05 -25.68
C PHE M 77 73.00 -58.83 -26.83
N ALA M 78 74.31 -58.62 -26.99
CA ALA M 78 75.07 -59.31 -28.03
C ALA M 78 74.94 -60.82 -27.85
N SER M 79 74.98 -61.25 -26.60
CA SER M 79 74.88 -62.67 -26.27
C SER M 79 73.53 -63.27 -26.59
N VAL M 80 72.47 -62.48 -26.51
CA VAL M 80 71.15 -63.00 -26.84
C VAL M 80 71.07 -63.10 -28.37
N GLU M 81 71.78 -62.19 -29.06
CA GLU M 81 71.78 -62.25 -30.52
C GLU M 81 72.63 -63.44 -30.97
N HIS M 82 73.70 -63.73 -30.23
CA HIS M 82 74.57 -64.88 -30.53
C HIS M 82 73.70 -66.15 -30.37
N ILE M 83 72.89 -66.19 -29.32
CA ILE M 83 72.01 -67.33 -29.12
C ILE M 83 71.07 -67.49 -30.31
N MET M 84 70.50 -66.38 -30.74
CA MET M 84 69.56 -66.37 -31.87
C MET M 84 70.16 -66.81 -33.21
N ARG M 85 71.38 -66.37 -33.50
CA ARG M 85 72.05 -66.64 -34.77
C ARG M 85 73.00 -67.84 -34.84
N ASN M 86 73.76 -68.06 -33.78
CA ASN M 86 74.77 -69.12 -33.76
C ASN M 86 74.45 -70.45 -33.09
N VAL M 87 73.81 -70.40 -31.93
CA VAL M 87 73.50 -71.60 -31.20
C VAL M 87 72.50 -72.50 -31.92
N ASN M 88 72.80 -73.79 -31.98
CA ASN M 88 71.93 -74.74 -32.63
C ASN M 88 70.57 -74.71 -31.97
N GLY M 89 69.56 -74.32 -32.75
CA GLY M 89 68.20 -74.26 -32.21
C GLY M 89 68.03 -73.11 -31.24
N GLY M 90 69.02 -72.22 -31.18
CA GLY M 90 68.96 -71.10 -30.27
C GLY M 90 67.73 -70.23 -30.48
N PHE M 91 67.50 -69.82 -31.72
CA PHE M 91 66.36 -68.99 -32.04
C PHE M 91 65.08 -69.62 -31.48
N MET M 92 64.91 -70.93 -31.67
CA MET M 92 63.70 -71.58 -31.18
C MET M 92 63.64 -71.67 -29.65
N LEU M 93 64.79 -71.83 -29.00
CA LEU M 93 64.82 -71.94 -27.56
C LEU M 93 64.50 -70.61 -26.90
N ARG M 94 64.99 -69.52 -27.49
CA ARG M 94 64.76 -68.18 -27.00
C ARG M 94 63.27 -67.88 -27.10
N TYR M 95 62.71 -68.04 -28.29
CA TYR M 95 61.30 -67.79 -28.50
C TYR M 95 60.43 -68.69 -27.61
N LEU M 96 60.87 -69.91 -27.35
CA LEU M 96 60.08 -70.79 -26.49
C LEU M 96 60.06 -70.24 -25.06
N HIS M 97 61.19 -69.72 -24.60
CA HIS M 97 61.30 -69.18 -23.24
C HIS M 97 60.48 -67.91 -23.12
N ALA M 98 60.62 -67.02 -24.11
CA ALA M 98 59.90 -65.75 -24.11
C ALA M 98 58.38 -65.98 -24.13
N ASN M 99 57.89 -66.62 -25.19
CA ASN M 99 56.48 -66.90 -25.31
C ASN M 99 55.98 -67.85 -24.23
N GLY M 100 56.90 -68.56 -23.60
CA GLY M 100 56.52 -69.48 -22.53
C GLY M 100 56.05 -68.68 -21.34
N ALA M 101 56.64 -67.50 -21.15
CA ALA M 101 56.27 -66.63 -20.05
C ALA M 101 54.82 -66.21 -20.25
N SER M 102 54.46 -65.86 -21.48
CA SER M 102 53.10 -65.46 -21.80
C SER M 102 52.15 -66.62 -21.53
N LEU M 103 52.46 -67.79 -22.06
CA LEU M 103 51.61 -68.95 -21.84
C LEU M 103 51.43 -69.17 -20.34
N PHE M 104 52.51 -68.97 -19.60
CA PHE M 104 52.50 -69.14 -18.16
C PHE M 104 51.46 -68.20 -17.53
N PHE M 105 51.39 -66.96 -18.00
CA PHE M 105 50.43 -66.02 -17.44
C PHE M 105 49.01 -66.20 -17.95
N ILE M 106 48.86 -66.47 -19.24
CA ILE M 106 47.54 -66.70 -19.78
C ILE M 106 46.92 -67.81 -18.95
N ALA M 107 47.71 -68.82 -18.64
CA ALA M 107 47.24 -69.94 -17.83
C ALA M 107 46.95 -69.57 -16.37
N VAL M 108 47.78 -68.75 -15.72
CA VAL M 108 47.47 -68.40 -14.33
C VAL M 108 46.21 -67.58 -14.23
N TYR M 109 45.99 -66.67 -15.19
CA TYR M 109 44.81 -65.86 -15.09
C TYR M 109 43.57 -66.72 -15.23
N LEU M 110 43.58 -67.71 -16.11
CA LEU M 110 42.44 -68.61 -16.27
C LEU M 110 42.31 -69.47 -15.01
N HIS M 111 43.45 -69.90 -14.48
CA HIS M 111 43.49 -70.73 -13.28
C HIS M 111 42.91 -69.91 -12.11
N ILE M 112 43.34 -68.66 -11.97
CA ILE M 112 42.86 -67.77 -10.90
C ILE M 112 41.37 -67.47 -10.98
N PHE M 113 40.90 -67.10 -12.16
CA PHE M 113 39.49 -66.78 -12.33
C PHE M 113 38.60 -68.00 -12.16
N ARG M 114 39.13 -69.17 -12.51
CA ARG M 114 38.37 -70.41 -12.35
C ARG M 114 38.11 -70.52 -10.84
N GLY M 115 39.14 -70.25 -10.05
CA GLY M 115 39.01 -70.35 -8.61
C GLY M 115 38.07 -69.31 -8.01
N LEU M 116 38.10 -68.09 -8.54
CA LEU M 116 37.25 -67.02 -8.03
C LEU M 116 35.77 -67.32 -8.28
N TYR M 117 35.51 -68.02 -9.38
CA TYR M 117 34.15 -68.37 -9.78
C TYR M 117 33.52 -69.54 -9.03
N TYR M 118 34.30 -70.58 -8.78
CA TYR M 118 33.79 -71.78 -8.11
C TYR M 118 34.10 -71.82 -6.61
N GLY M 119 34.61 -70.71 -6.08
CA GLY M 119 34.93 -70.65 -4.67
C GLY M 119 35.96 -71.68 -4.23
N SER M 120 36.93 -71.96 -5.10
CA SER M 120 37.96 -72.94 -4.79
C SER M 120 38.88 -72.40 -3.68
N TYR M 121 38.68 -71.14 -3.32
CA TYR M 121 39.47 -70.49 -2.27
C TYR M 121 38.75 -70.55 -0.94
N LYS M 122 37.47 -70.94 -0.97
CA LYS M 122 36.67 -71.01 0.24
C LYS M 122 36.95 -72.27 1.05
N ALA M 123 36.94 -72.12 2.37
CA ALA M 123 37.19 -73.22 3.28
C ALA M 123 36.71 -74.53 2.65
N PRO M 124 37.46 -75.61 2.84
CA PRO M 124 38.69 -75.63 3.64
C PRO M 124 39.95 -75.34 2.81
N ARG M 125 39.78 -74.69 1.66
CA ARG M 125 40.89 -74.42 0.75
C ARG M 125 41.69 -73.12 0.84
N GLU M 126 41.67 -72.46 1.98
CA GLU M 126 42.38 -71.19 2.11
C GLU M 126 43.90 -71.28 1.93
N VAL M 127 44.51 -72.34 2.46
CA VAL M 127 45.95 -72.50 2.35
C VAL M 127 46.35 -72.70 0.90
N THR M 128 45.61 -73.53 0.18
CA THR M 128 45.89 -73.78 -1.22
C THR M 128 45.93 -72.41 -1.90
N TRP M 129 44.92 -71.61 -1.62
CA TRP M 129 44.79 -70.27 -2.20
C TRP M 129 45.94 -69.32 -1.84
N ILE M 130 46.34 -69.32 -0.57
CA ILE M 130 47.42 -68.44 -0.15
C ILE M 130 48.75 -68.85 -0.77
N VAL M 131 49.03 -70.16 -0.82
CA VAL M 131 50.27 -70.62 -1.41
C VAL M 131 50.24 -70.18 -2.87
N GLY M 132 49.09 -70.35 -3.52
CA GLY M 132 48.99 -69.92 -4.90
C GLY M 132 49.32 -68.45 -5.06
N MET M 133 48.88 -67.62 -4.12
CA MET M 133 49.16 -66.18 -4.18
C MET M 133 50.65 -65.91 -4.11
N LEU M 134 51.34 -66.69 -3.29
CA LEU M 134 52.78 -66.53 -3.15
C LEU M 134 53.44 -66.89 -4.48
N ILE M 135 52.93 -67.96 -5.10
CA ILE M 135 53.46 -68.38 -6.37
C ILE M 135 53.29 -67.24 -7.39
N TYR M 136 52.11 -66.62 -7.37
CA TYR M 136 51.81 -65.52 -8.29
C TYR M 136 52.79 -64.36 -8.09
N LEU M 137 53.09 -64.01 -6.85
CA LEU M 137 54.03 -62.91 -6.63
C LEU M 137 55.40 -63.28 -7.15
N ALA M 138 55.84 -64.51 -6.90
CA ALA M 138 57.13 -64.99 -7.36
C ALA M 138 57.20 -65.01 -8.90
N MET M 139 56.13 -65.49 -9.54
CA MET M 139 56.08 -65.55 -10.99
C MET M 139 56.30 -64.15 -11.56
N MET M 140 55.64 -63.17 -10.99
CA MET M 140 55.79 -61.81 -11.47
C MET M 140 57.20 -61.28 -11.30
N ALA M 141 57.78 -61.47 -10.12
CA ALA M 141 59.15 -60.99 -9.91
C ALA M 141 60.09 -61.77 -10.84
N THR M 142 59.87 -63.06 -11.01
CA THR M 142 60.73 -63.85 -11.88
C THR M 142 60.66 -63.32 -13.31
N ALA M 143 59.46 -63.18 -13.85
CA ALA M 143 59.31 -62.70 -15.22
C ALA M 143 59.84 -61.28 -15.40
N PHE M 144 59.76 -60.47 -14.37
CA PHE M 144 60.26 -59.12 -14.49
C PHE M 144 61.77 -59.16 -14.64
N MET M 145 62.46 -59.89 -13.76
CA MET M 145 63.92 -59.98 -13.84
C MET M 145 64.39 -60.62 -15.15
N GLY M 146 63.67 -61.64 -15.60
CA GLY M 146 64.03 -62.27 -16.85
C GLY M 146 64.00 -61.26 -17.97
N TYR M 147 62.92 -60.48 -18.04
CA TYR M 147 62.75 -59.47 -19.09
C TYR M 147 63.89 -58.45 -19.13
N VAL M 148 64.56 -58.26 -18.00
CA VAL M 148 65.67 -57.31 -17.91
C VAL M 148 66.95 -57.90 -18.52
N LEU M 149 67.12 -59.21 -18.46
CA LEU M 149 68.35 -59.85 -18.95
C LEU M 149 68.83 -59.48 -20.37
N PRO M 150 67.94 -59.45 -21.37
CA PRO M 150 68.34 -59.10 -22.74
C PRO M 150 69.01 -57.73 -22.86
N TRP M 151 68.75 -56.88 -21.88
CA TRP M 151 69.28 -55.50 -21.83
C TRP M 151 68.88 -54.64 -23.03
N GLY M 152 67.60 -54.75 -23.45
CA GLY M 152 67.10 -53.94 -24.54
C GLY M 152 66.51 -52.68 -23.95
N GLN M 153 65.80 -51.86 -24.73
CA GLN M 153 65.22 -50.63 -24.19
C GLN M 153 64.15 -50.89 -23.15
N MET M 154 63.21 -51.78 -23.45
CA MET M 154 62.16 -52.09 -22.48
C MET M 154 62.80 -52.65 -21.21
N SER M 155 63.86 -53.43 -21.38
CA SER M 155 64.57 -54.04 -20.26
C SER M 155 65.11 -53.00 -19.28
N PHE M 156 65.84 -52.02 -19.80
CA PHE M 156 66.45 -50.99 -18.98
C PHE M 156 65.44 -50.10 -18.28
N TRP M 157 64.50 -49.54 -19.04
CA TRP M 157 63.53 -48.64 -18.44
C TRP M 157 62.52 -49.36 -17.54
N GLY M 158 62.16 -50.58 -17.89
CA GLY M 158 61.25 -51.32 -17.04
C GLY M 158 61.94 -51.57 -15.70
N ALA M 159 63.25 -51.78 -15.73
CA ALA M 159 63.99 -52.04 -14.51
C ALA M 159 64.09 -50.75 -13.70
N THR M 160 64.26 -49.64 -14.40
CA THR M 160 64.33 -48.34 -13.76
C THR M 160 63.01 -48.09 -12.99
N VAL M 161 61.89 -48.30 -13.69
CA VAL M 161 60.58 -48.09 -13.09
C VAL M 161 60.20 -49.03 -11.95
N ILE M 162 60.46 -50.32 -12.13
CA ILE M 162 60.11 -51.28 -11.11
C ILE M 162 60.96 -51.13 -9.84
N THR M 163 62.23 -50.77 -9.99
CA THR M 163 63.03 -50.57 -8.80
C THR M 163 62.57 -49.24 -8.20
N GLY M 164 61.99 -48.40 -9.06
CA GLY M 164 61.49 -47.10 -8.62
C GLY M 164 60.31 -47.25 -7.67
N LEU M 165 59.50 -48.30 -7.86
CA LEU M 165 58.35 -48.54 -7.01
C LEU M 165 58.75 -48.54 -5.55
N PHE M 166 59.87 -49.19 -5.24
CA PHE M 166 60.34 -49.28 -3.87
C PHE M 166 60.87 -47.96 -3.38
N GLY M 167 61.27 -47.12 -4.32
CA GLY M 167 61.77 -45.81 -3.95
C GLY M 167 60.63 -44.94 -3.45
N ALA M 168 59.39 -45.40 -3.68
CA ALA M 168 58.21 -44.68 -3.26
C ALA M 168 57.78 -44.94 -1.82
N ILE M 169 58.36 -45.97 -1.19
CA ILE M 169 58.01 -46.25 0.19
C ILE M 169 58.58 -45.10 1.03
N PRO M 170 57.73 -44.48 1.86
CA PRO M 170 58.13 -43.37 2.73
C PRO M 170 59.23 -43.73 3.73
N GLY M 171 60.19 -42.82 3.91
CA GLY M 171 61.26 -43.05 4.85
C GLY M 171 62.38 -43.98 4.42
N ILE M 172 62.11 -45.30 4.42
CA ILE M 172 63.13 -46.28 4.05
C ILE M 172 63.32 -46.43 2.55
N GLY M 173 62.32 -46.03 1.78
CA GLY M 173 62.35 -46.13 0.33
C GLY M 173 63.65 -45.91 -0.45
N HIS M 174 64.26 -44.73 -0.30
CA HIS M 174 65.48 -44.45 -1.04
C HIS M 174 66.56 -45.50 -0.78
N SER M 175 66.61 -45.99 0.46
CA SER M 175 67.58 -47.00 0.84
C SER M 175 67.31 -48.33 0.16
N ILE M 176 66.06 -48.76 0.22
CA ILE M 176 65.71 -50.02 -0.39
C ILE M 176 66.00 -49.95 -1.88
N GLN M 177 65.74 -48.80 -2.49
CA GLN M 177 66.01 -48.66 -3.93
C GLN M 177 67.50 -48.73 -4.23
N THR M 178 68.32 -48.08 -3.41
CA THR M 178 69.76 -48.09 -3.65
C THR M 178 70.30 -49.52 -3.49
N TRP M 179 69.74 -50.24 -2.53
CA TRP M 179 70.11 -51.62 -2.25
C TRP M 179 69.77 -52.55 -3.43
N LEU M 180 68.58 -52.38 -3.99
CA LEU M 180 68.17 -53.21 -5.13
C LEU M 180 69.01 -52.93 -6.36
N LEU M 181 69.41 -51.67 -6.52
CA LEU M 181 70.20 -51.27 -7.68
C LEU M 181 71.69 -51.51 -7.55
N GLY M 182 72.19 -51.53 -6.32
CA GLY M 182 73.60 -51.72 -6.10
C GLY M 182 74.35 -50.46 -6.47
N GLY M 183 73.61 -49.35 -6.56
CA GLY M 183 74.22 -48.08 -6.91
C GLY M 183 73.20 -46.98 -7.19
N PRO M 184 73.65 -45.82 -7.70
CA PRO M 184 72.77 -44.69 -8.01
C PRO M 184 71.81 -44.84 -9.19
N ALA M 185 72.04 -45.85 -10.02
CA ALA M 185 71.18 -46.06 -11.18
C ALA M 185 71.20 -47.51 -11.62
N VAL M 186 70.32 -47.85 -12.56
CA VAL M 186 70.29 -49.21 -13.08
C VAL M 186 71.56 -49.34 -13.89
N ASP M 187 72.42 -50.30 -13.52
CA ASP M 187 73.69 -50.51 -14.21
C ASP M 187 74.07 -51.99 -14.17
N ASN M 188 75.34 -52.29 -14.43
CA ASN M 188 75.79 -53.68 -14.42
C ASN M 188 75.51 -54.40 -13.10
N ALA M 189 75.80 -53.78 -11.96
CA ALA M 189 75.54 -54.43 -10.69
C ALA M 189 74.08 -54.88 -10.62
N THR M 190 73.18 -54.12 -11.26
CA THR M 190 71.76 -54.47 -11.23
C THR M 190 71.46 -55.68 -12.11
N LEU M 191 72.00 -55.66 -13.33
CA LEU M 191 71.82 -56.76 -14.27
C LEU M 191 72.37 -58.06 -13.68
N ASN M 192 73.55 -57.96 -13.10
CA ASN M 192 74.25 -59.08 -12.50
C ASN M 192 73.44 -59.76 -11.39
N ARG M 193 72.86 -58.98 -10.48
CA ARG M 193 72.08 -59.60 -9.40
C ARG M 193 70.73 -60.11 -9.87
N PHE M 194 70.21 -59.51 -10.94
CA PHE M 194 68.94 -59.96 -11.47
C PHE M 194 69.12 -61.32 -12.10
N PHE M 195 70.28 -61.52 -12.73
CA PHE M 195 70.54 -62.81 -13.36
C PHE M 195 70.50 -63.88 -12.28
N SER M 196 71.26 -63.66 -11.21
CA SER M 196 71.29 -64.63 -10.13
C SER M 196 69.90 -64.89 -9.56
N LEU M 197 69.13 -63.83 -9.32
CA LEU M 197 67.80 -64.03 -8.76
C LEU M 197 66.81 -64.63 -9.77
N HIS M 198 66.99 -64.34 -11.05
CA HIS M 198 66.11 -64.93 -12.05
C HIS M 198 66.34 -66.43 -12.08
N TYR M 199 67.58 -66.84 -11.80
CA TYR M 199 67.92 -68.25 -11.77
C TYR M 199 67.32 -68.92 -10.53
N LEU M 200 67.50 -68.28 -9.39
CA LEU M 200 67.01 -68.81 -8.11
C LEU M 200 65.49 -68.91 -7.89
N LEU M 201 64.74 -67.86 -8.22
CA LEU M 201 63.31 -67.88 -7.99
C LEU M 201 62.51 -69.06 -8.54
N PRO M 202 62.79 -69.47 -9.77
CA PRO M 202 62.02 -70.60 -10.31
C PRO M 202 62.07 -71.85 -9.42
N PHE M 203 63.14 -72.03 -8.67
CA PHE M 203 63.25 -73.20 -7.79
C PHE M 203 62.40 -73.00 -6.55
N VAL M 204 62.26 -71.75 -6.14
CA VAL M 204 61.44 -71.41 -4.99
C VAL M 204 60.01 -71.69 -5.44
N ILE M 205 59.68 -71.26 -6.65
CA ILE M 205 58.34 -71.49 -7.17
C ILE M 205 58.09 -73.01 -7.18
N ALA M 206 59.04 -73.78 -7.71
CA ALA M 206 58.88 -75.23 -7.76
C ALA M 206 58.62 -75.79 -6.37
N ALA M 207 59.33 -75.26 -5.38
CA ALA M 207 59.15 -75.71 -4.00
C ALA M 207 57.74 -75.35 -3.54
N LEU M 208 57.30 -74.13 -3.83
CA LEU M 208 55.95 -73.71 -3.44
C LEU M 208 54.88 -74.54 -4.14
N VAL M 209 55.11 -74.86 -5.42
CA VAL M 209 54.15 -75.66 -6.16
C VAL M 209 54.00 -77.01 -5.50
N ALA M 210 55.07 -77.50 -4.88
CA ALA M 210 55.03 -78.79 -4.21
C ALA M 210 54.06 -78.68 -3.04
N ILE M 211 54.14 -77.59 -2.30
CA ILE M 211 53.25 -77.38 -1.16
C ILE M 211 51.82 -77.16 -1.65
N HIS M 212 51.69 -76.50 -2.80
CA HIS M 212 50.38 -76.22 -3.43
C HIS M 212 49.69 -77.56 -3.72
N ILE M 213 50.43 -78.48 -4.35
CA ILE M 213 49.88 -79.80 -4.68
C ILE M 213 49.51 -80.57 -3.42
N TRP M 214 50.40 -80.53 -2.43
CA TRP M 214 50.17 -81.21 -1.18
C TRP M 214 48.87 -80.65 -0.56
N ALA M 215 48.76 -79.32 -0.58
CA ALA M 215 47.60 -78.63 -0.03
C ALA M 215 46.27 -79.07 -0.65
N PHE M 216 46.16 -79.07 -1.98
CA PHE M 216 44.87 -79.48 -2.52
C PHE M 216 44.68 -80.99 -2.45
N HIS M 217 45.77 -81.73 -2.26
CA HIS M 217 45.64 -83.18 -2.12
C HIS M 217 45.10 -83.47 -0.72
N SER M 218 45.47 -82.63 0.25
CA SER M 218 44.99 -82.81 1.62
C SER M 218 43.48 -82.62 1.75
N THR M 219 42.92 -81.72 0.93
CA THR M 219 41.49 -81.45 1.01
C THR M 219 40.69 -82.12 -0.08
N GLY M 220 41.36 -82.49 -1.17
CA GLY M 220 40.66 -83.09 -2.27
C GLY M 220 40.26 -81.93 -3.18
N ASN M 221 40.23 -82.18 -4.48
CA ASN M 221 39.87 -81.16 -5.45
C ASN M 221 38.44 -80.68 -5.26
N ASN M 222 38.19 -79.44 -5.67
CA ASN M 222 36.86 -78.87 -5.61
C ASN M 222 36.32 -79.18 -7.01
N ASN M 223 35.02 -79.12 -7.19
CA ASN M 223 34.42 -79.40 -8.49
C ASN M 223 33.44 -78.30 -8.82
N PRO M 224 32.88 -78.29 -10.05
CA PRO M 224 31.92 -77.24 -10.44
C PRO M 224 30.65 -77.06 -9.61
N THR M 225 30.32 -78.01 -8.74
CA THR M 225 29.10 -77.86 -7.94
C THR M 225 29.37 -77.35 -6.53
N GLY M 226 30.64 -77.40 -6.11
CA GLY M 226 30.97 -76.94 -4.78
C GLY M 226 30.58 -77.95 -3.73
N VAL M 227 30.01 -79.06 -4.18
CA VAL M 227 29.58 -80.12 -3.27
C VAL M 227 30.72 -81.13 -3.11
N GLU M 228 31.14 -81.33 -1.86
CA GLU M 228 32.23 -82.25 -1.55
C GLU M 228 31.90 -83.70 -1.93
N VAL M 229 32.92 -84.54 -1.95
CA VAL M 229 32.76 -85.96 -2.25
C VAL M 229 32.31 -86.60 -0.94
N ARG M 230 31.40 -87.57 -1.00
CA ARG M 230 30.94 -88.23 0.21
C ARG M 230 32.09 -89.03 0.81
N ARG M 231 32.37 -88.81 2.09
CA ARG M 231 33.47 -89.50 2.76
C ARG M 231 33.03 -90.69 3.61
N THR M 232 31.73 -90.85 3.82
CA THR M 232 31.18 -91.92 4.65
C THR M 232 31.53 -93.38 4.30
N SER M 233 31.66 -93.71 3.01
CA SER M 233 31.99 -95.09 2.62
C SER M 233 32.65 -95.16 1.23
N LYS M 234 33.59 -96.10 1.08
CA LYS M 234 34.26 -96.30 -0.20
C LYS M 234 33.21 -96.45 -1.30
N ALA M 235 32.07 -97.02 -0.91
CA ALA M 235 30.94 -97.26 -1.78
C ALA M 235 30.44 -96.03 -2.53
N GLU M 236 29.94 -95.06 -1.78
CA GLU M 236 29.40 -93.84 -2.36
C GLU M 236 30.51 -92.91 -2.85
N ALA M 237 31.65 -92.92 -2.17
CA ALA M 237 32.76 -92.08 -2.57
C ALA M 237 33.06 -92.38 -4.04
N GLN M 238 32.97 -93.65 -4.41
CA GLN M 238 33.24 -94.08 -5.78
C GLN M 238 32.17 -93.62 -6.75
N LYS M 239 30.97 -93.43 -6.22
CA LYS M 239 29.86 -93.00 -7.04
C LYS M 239 30.06 -91.51 -7.42
N ASP M 240 30.86 -90.81 -6.60
CA ASP M 240 31.20 -89.39 -6.81
C ASP M 240 32.49 -89.17 -7.59
N THR M 241 33.39 -90.16 -7.54
CA THR M 241 34.70 -90.03 -8.18
C THR M 241 35.12 -91.09 -9.20
N VAL M 242 36.38 -90.99 -9.59
CA VAL M 242 37.09 -91.89 -10.49
C VAL M 242 38.53 -91.58 -10.11
N PRO M 243 39.44 -92.55 -10.23
CA PRO M 243 40.83 -92.24 -9.86
C PRO M 243 41.49 -91.29 -10.84
N PHE M 244 42.35 -90.43 -10.32
CA PHE M 244 43.06 -89.45 -11.14
C PHE M 244 43.71 -90.16 -12.32
N TRP M 245 44.40 -91.25 -12.06
CA TRP M 245 45.02 -92.04 -13.12
C TRP M 245 44.05 -93.18 -13.42
N PRO M 246 43.73 -93.40 -14.70
CA PRO M 246 44.17 -92.67 -15.89
C PRO M 246 43.14 -91.70 -16.42
N TYR M 247 41.98 -91.66 -15.76
CA TYR M 247 40.88 -90.81 -16.19
C TYR M 247 41.18 -89.35 -16.40
N PHE M 248 41.73 -88.67 -15.39
CA PHE M 248 42.04 -87.27 -15.57
C PHE M 248 43.41 -87.02 -16.14
N ILE M 249 44.38 -87.86 -15.77
CA ILE M 249 45.73 -87.72 -16.31
C ILE M 249 45.66 -87.65 -17.83
N ILE M 250 44.77 -88.44 -18.41
CA ILE M 250 44.66 -88.46 -19.86
C ILE M 250 43.92 -87.29 -20.48
N LYS M 251 42.86 -86.79 -19.83
CA LYS M 251 42.19 -85.66 -20.44
C LYS M 251 43.13 -84.44 -20.28
N ASP M 252 43.86 -84.40 -19.16
CA ASP M 252 44.82 -83.31 -18.92
C ASP M 252 45.87 -83.31 -20.03
N VAL M 253 46.52 -84.46 -20.23
CA VAL M 253 47.53 -84.56 -21.27
C VAL M 253 46.92 -84.23 -22.63
N PHE M 254 45.67 -84.61 -22.84
CA PHE M 254 45.00 -84.32 -24.09
C PHE M 254 44.82 -82.82 -24.24
N ALA M 255 44.38 -82.17 -23.18
CA ALA M 255 44.17 -80.73 -23.16
C ALA M 255 45.51 -80.04 -23.43
N LEU M 256 46.52 -80.48 -22.69
CA LEU M 256 47.86 -79.94 -22.82
C LEU M 256 48.35 -80.00 -24.26
N ALA M 257 48.07 -81.10 -24.95
CA ALA M 257 48.49 -81.27 -26.34
C ALA M 257 47.82 -80.25 -27.24
N VAL M 258 46.56 -79.93 -26.95
CA VAL M 258 45.83 -78.96 -27.74
C VAL M 258 46.41 -77.57 -27.48
N VAL M 259 46.67 -77.29 -26.21
CA VAL M 259 47.25 -76.00 -25.82
C VAL M 259 48.62 -75.83 -26.47
N LEU M 260 49.45 -76.87 -26.38
CA LEU M 260 50.78 -76.80 -26.96
C LEU M 260 50.72 -76.67 -28.48
N LEU M 261 49.64 -77.18 -29.07
CA LEU M 261 49.47 -77.07 -30.51
C LEU M 261 49.40 -75.60 -30.87
N VAL M 262 48.57 -74.86 -30.15
CA VAL M 262 48.42 -73.42 -30.40
C VAL M 262 49.72 -72.70 -30.06
N PHE M 263 50.28 -73.05 -28.91
CA PHE M 263 51.53 -72.44 -28.45
C PHE M 263 52.64 -72.57 -29.48
N PHE M 264 52.86 -73.77 -30.01
CA PHE M 264 53.92 -73.96 -30.99
C PHE M 264 53.59 -73.25 -32.30
N ALA M 265 52.31 -73.14 -32.62
CA ALA M 265 51.90 -72.45 -33.84
C ALA M 265 52.30 -70.98 -33.66
N ILE M 266 52.08 -70.44 -32.46
CA ILE M 266 52.46 -69.06 -32.16
C ILE M 266 53.96 -68.91 -32.30
N VAL M 267 54.70 -69.71 -31.55
CA VAL M 267 56.16 -69.66 -31.56
C VAL M 267 56.74 -69.88 -32.95
N GLY M 268 56.15 -70.77 -33.72
CA GLY M 268 56.67 -71.01 -35.05
C GLY M 268 56.31 -69.93 -36.05
N PHE M 269 55.10 -69.42 -35.97
CA PHE M 269 54.66 -68.42 -36.94
C PHE M 269 54.55 -66.95 -36.54
N MET M 270 54.40 -66.66 -35.26
CA MET M 270 54.34 -65.26 -34.83
C MET M 270 54.92 -65.12 -33.45
N PRO M 271 56.20 -65.51 -33.30
CA PRO M 271 56.97 -65.49 -32.05
C PRO M 271 57.12 -64.11 -31.41
N ASN M 272 57.00 -63.04 -32.22
CA ASN M 272 57.16 -61.68 -31.72
C ASN M 272 55.88 -60.89 -31.51
N TYR M 273 54.75 -61.54 -31.73
CA TYR M 273 53.46 -60.88 -31.58
C TYR M 273 53.17 -60.39 -30.16
N LEU M 274 53.41 -61.25 -29.17
CA LEU M 274 53.16 -60.89 -27.78
C LEU M 274 54.28 -60.09 -27.14
N GLY M 275 55.19 -59.58 -27.96
CA GLY M 275 56.31 -58.81 -27.41
C GLY M 275 56.37 -57.36 -27.83
N HIS M 276 57.42 -56.67 -27.39
CA HIS M 276 57.60 -55.27 -27.70
C HIS M 276 58.81 -55.02 -28.58
N PRO M 277 58.59 -54.50 -29.80
CA PRO M 277 59.64 -54.20 -30.77
C PRO M 277 60.80 -53.40 -30.21
N ASP M 278 60.53 -52.54 -29.24
CA ASP M 278 61.60 -51.74 -28.69
C ASP M 278 62.61 -52.52 -27.90
N ASN M 279 62.34 -53.78 -27.59
CA ASN M 279 63.37 -54.48 -26.87
C ASN M 279 64.41 -55.07 -27.81
N TYR M 280 64.28 -54.77 -29.09
CA TYR M 280 65.26 -55.21 -30.06
C TYR M 280 66.19 -54.04 -30.32
N ILE M 281 66.13 -53.06 -29.42
CA ILE M 281 66.98 -51.89 -29.49
C ILE M 281 67.77 -51.95 -28.20
N GLU M 282 69.08 -51.70 -28.28
CA GLU M 282 69.91 -51.76 -27.09
C GLU M 282 69.56 -50.71 -26.06
N ALA M 283 69.68 -51.12 -24.81
CA ALA M 283 69.43 -50.24 -23.70
C ALA M 283 70.16 -48.93 -23.93
N ASN M 284 69.45 -47.83 -23.76
CA ASN M 284 70.03 -46.49 -23.92
C ASN M 284 69.67 -45.76 -22.62
N PRO M 285 70.64 -45.65 -21.69
CA PRO M 285 70.37 -44.98 -20.42
C PRO M 285 70.01 -43.51 -20.55
N LEU M 286 70.21 -42.94 -21.74
CA LEU M 286 69.92 -41.52 -21.93
C LEU M 286 68.65 -41.24 -22.71
N ARG M 287 67.80 -42.22 -22.87
CA ARG M 287 66.61 -41.99 -23.64
C ARG M 287 65.55 -43.05 -23.48
N THR M 288 64.36 -42.61 -23.10
CA THR M 288 63.25 -43.53 -22.91
C THR M 288 62.38 -43.52 -24.16
N PRO M 289 62.12 -44.71 -24.72
CA PRO M 289 61.29 -44.79 -25.93
C PRO M 289 59.94 -44.12 -25.73
N ALA M 290 59.43 -43.52 -26.79
CA ALA M 290 58.15 -42.84 -26.73
C ALA M 290 56.99 -43.82 -26.54
N HIS M 291 57.14 -45.05 -27.02
CA HIS M 291 56.05 -45.99 -26.86
C HIS M 291 56.28 -47.10 -25.88
N ILE M 292 57.01 -46.78 -24.82
CA ILE M 292 57.28 -47.73 -23.76
C ILE M 292 55.93 -48.22 -23.24
N VAL M 293 55.80 -49.53 -23.12
CA VAL M 293 54.57 -50.17 -22.63
C VAL M 293 54.99 -51.46 -21.95
N PRO M 294 54.36 -51.78 -20.81
CA PRO M 294 54.71 -53.02 -20.11
C PRO M 294 54.31 -54.28 -20.86
N GLU M 295 54.82 -55.40 -20.37
CA GLU M 295 54.52 -56.72 -20.93
C GLU M 295 53.02 -56.90 -20.68
N TRP M 296 52.29 -57.40 -21.67
CA TRP M 296 50.85 -57.54 -21.51
C TRP M 296 50.36 -58.14 -20.18
N TYR M 297 50.99 -59.18 -19.68
CA TYR M 297 50.52 -59.76 -18.43
C TYR M 297 50.72 -58.82 -17.23
N PHE M 298 51.32 -57.65 -17.46
CA PHE M 298 51.52 -56.67 -16.39
C PHE M 298 50.59 -55.48 -16.57
N LEU M 299 50.04 -55.31 -17.76
CA LEU M 299 49.17 -54.19 -18.08
C LEU M 299 48.05 -53.87 -17.09
N PRO M 300 47.23 -54.85 -16.71
CA PRO M 300 46.17 -54.49 -15.76
C PRO M 300 46.62 -53.82 -14.46
N PHE M 301 47.71 -54.29 -13.88
CA PHE M 301 48.18 -53.69 -12.63
C PHE M 301 48.81 -52.34 -12.90
N TYR M 302 49.38 -52.22 -14.09
CA TYR M 302 50.02 -50.99 -14.55
C TYR M 302 48.94 -49.92 -14.71
N ALA M 303 47.81 -50.32 -15.30
CA ALA M 303 46.69 -49.42 -15.52
C ALA M 303 46.19 -48.87 -14.21
N ILE M 304 46.03 -49.75 -13.22
CA ILE M 304 45.58 -49.31 -11.93
C ILE M 304 46.56 -48.28 -11.38
N LEU M 305 47.85 -48.57 -11.47
CA LEU M 305 48.83 -47.63 -10.97
C LEU M 305 48.77 -46.25 -11.63
N ARG M 306 48.79 -46.15 -12.96
CA ARG M 306 48.77 -44.79 -13.50
C ARG M 306 47.43 -44.07 -13.53
N ALA M 307 46.36 -44.70 -13.06
CA ALA M 307 45.06 -44.06 -13.02
C ALA M 307 45.10 -42.98 -11.95
N PHE M 308 45.92 -43.20 -10.92
CA PHE M 308 46.00 -42.26 -9.81
C PHE M 308 46.99 -41.12 -9.88
N THR M 309 46.57 -40.05 -10.56
CA THR M 309 47.40 -38.85 -10.70
C THR M 309 47.04 -37.90 -9.57
N ALA M 310 47.77 -36.79 -9.50
CA ALA M 310 47.58 -35.78 -8.46
C ALA M 310 46.16 -35.20 -8.45
N ASP M 311 45.50 -35.22 -9.60
CA ASP M 311 44.16 -34.66 -9.71
C ASP M 311 42.99 -35.53 -9.25
N VAL M 312 43.24 -36.80 -8.94
CA VAL M 312 42.16 -37.68 -8.50
C VAL M 312 41.73 -37.32 -7.07
N TRP M 313 40.43 -37.23 -6.82
CA TRP M 313 39.94 -36.83 -5.49
C TRP M 313 40.33 -37.70 -4.28
N VAL M 314 40.32 -39.01 -4.46
CA VAL M 314 40.64 -39.94 -3.40
C VAL M 314 42.11 -39.76 -3.02
N VAL M 315 42.92 -39.43 -4.01
CA VAL M 315 44.34 -39.19 -3.78
C VAL M 315 44.45 -37.95 -2.90
N GLN M 316 43.64 -36.92 -3.19
CA GLN M 316 43.65 -35.68 -2.39
C GLN M 316 43.17 -35.93 -0.95
N ILE M 317 42.16 -36.78 -0.78
CA ILE M 317 41.68 -37.09 0.56
C ILE M 317 42.86 -37.69 1.31
N ALA M 318 43.36 -38.79 0.77
CA ALA M 318 44.50 -39.52 1.31
C ALA M 318 45.69 -38.61 1.57
N ASN M 319 46.02 -37.74 0.61
CA ASN M 319 47.15 -36.86 0.83
C ASN M 319 46.89 -35.98 2.04
N PHE M 320 45.61 -35.69 2.31
CA PHE M 320 45.25 -34.85 3.46
C PHE M 320 45.29 -35.62 4.78
N ILE M 321 44.59 -36.75 4.86
CA ILE M 321 44.57 -37.57 6.08
C ILE M 321 45.98 -37.92 6.55
N SER M 322 46.84 -38.22 5.59
CA SER M 322 48.22 -38.65 5.84
C SER M 322 49.24 -37.55 6.13
N PHE M 323 48.79 -36.30 6.13
CA PHE M 323 49.69 -35.18 6.38
C PHE M 323 50.71 -35.05 5.26
N GLY M 324 50.26 -35.33 4.03
CA GLY M 324 51.13 -35.19 2.87
C GLY M 324 52.09 -36.34 2.57
N ILE M 325 52.01 -37.41 3.35
CA ILE M 325 52.89 -38.55 3.16
C ILE M 325 52.44 -39.39 1.98
N ILE M 326 51.13 -39.54 1.85
CA ILE M 326 50.61 -40.33 0.77
C ILE M 326 50.23 -39.49 -0.44
N ASP M 327 51.18 -39.22 -1.32
CA ASP M 327 50.87 -38.45 -2.52
C ASP M 327 50.47 -39.42 -3.61
N ALA M 328 50.25 -38.92 -4.82
CA ALA M 328 49.81 -39.79 -5.91
C ALA M 328 50.84 -40.89 -6.19
N LYS M 329 52.12 -40.54 -6.08
CA LYS M 329 53.18 -41.49 -6.33
C LYS M 329 52.98 -42.75 -5.50
N PHE M 330 52.99 -42.57 -4.18
CA PHE M 330 52.82 -43.69 -3.26
C PHE M 330 51.42 -44.30 -3.32
N PHE M 331 50.42 -43.47 -3.61
CA PHE M 331 49.04 -43.94 -3.69
C PHE M 331 48.92 -44.95 -4.82
N GLY M 332 49.54 -44.64 -5.96
CA GLY M 332 49.49 -45.54 -7.10
C GLY M 332 50.14 -46.86 -6.78
N VAL M 333 51.26 -46.81 -6.06
CA VAL M 333 51.98 -48.01 -5.67
C VAL M 333 51.13 -48.84 -4.71
N LEU M 334 50.47 -48.17 -3.76
CA LEU M 334 49.63 -48.88 -2.81
C LEU M 334 48.42 -49.48 -3.51
N ALA M 335 47.85 -48.73 -4.44
CA ALA M 335 46.69 -49.21 -5.17
C ALA M 335 47.05 -50.47 -5.95
N MET M 336 48.20 -50.44 -6.62
CA MET M 336 48.62 -51.58 -7.40
C MET M 336 48.91 -52.82 -6.55
N PHE M 337 49.70 -52.68 -5.50
CA PHE M 337 49.97 -53.85 -4.67
C PHE M 337 48.68 -54.21 -3.93
N GLY M 338 47.89 -53.20 -3.60
CA GLY M 338 46.62 -53.43 -2.91
C GLY M 338 45.65 -54.23 -3.76
N ALA M 339 45.65 -54.01 -5.07
CA ALA M 339 44.76 -54.74 -5.96
C ALA M 339 45.11 -56.23 -5.88
N ILE M 340 46.38 -56.54 -5.68
CA ILE M 340 46.79 -57.93 -5.58
C ILE M 340 46.43 -58.45 -4.18
N LEU M 341 46.69 -57.62 -3.16
CA LEU M 341 46.39 -58.01 -1.79
C LEU M 341 44.91 -58.29 -1.53
N VAL M 342 44.00 -57.54 -2.13
CA VAL M 342 42.59 -57.82 -1.86
C VAL M 342 42.18 -59.15 -2.48
N MET M 343 42.81 -59.52 -3.58
CA MET M 343 42.51 -60.79 -4.24
C MET M 343 43.01 -61.93 -3.35
N ALA M 344 44.10 -61.68 -2.62
CA ALA M 344 44.64 -62.69 -1.74
C ALA M 344 43.72 -62.88 -0.54
N LEU M 345 43.03 -61.82 -0.16
CA LEU M 345 42.13 -61.87 0.99
C LEU M 345 40.71 -62.35 0.69
N VAL M 346 40.40 -62.59 -0.59
CA VAL M 346 39.06 -63.00 -0.95
C VAL M 346 38.44 -64.10 -0.07
N PRO M 347 39.24 -65.02 0.48
CA PRO M 347 38.59 -66.04 1.32
C PRO M 347 37.86 -65.44 2.51
N TRP M 348 38.38 -64.32 3.02
CA TRP M 348 37.79 -63.66 4.17
C TRP M 348 36.87 -62.50 3.84
N LEU M 349 36.72 -62.20 2.55
CA LEU M 349 35.86 -61.12 2.12
C LEU M 349 34.56 -61.68 1.55
N ASP M 350 34.63 -62.91 1.04
CA ASP M 350 33.44 -63.54 0.49
C ASP M 350 32.72 -64.19 1.67
N THR M 351 31.63 -63.56 2.10
CA THR M 351 30.88 -64.04 3.24
C THR M 351 29.80 -65.08 2.94
N SER M 352 29.51 -65.32 1.67
CA SER M 352 28.52 -66.32 1.31
C SER M 352 29.01 -67.71 1.66
N PRO M 353 28.13 -68.55 2.22
CA PRO M 353 28.51 -69.92 2.59
C PRO M 353 28.35 -70.88 1.40
N VAL M 354 27.80 -70.37 0.30
CA VAL M 354 27.62 -71.18 -0.91
C VAL M 354 28.95 -71.20 -1.65
N ARG M 355 29.52 -72.38 -1.81
CA ARG M 355 30.82 -72.51 -2.48
C ARG M 355 30.84 -72.12 -3.95
N SER M 356 30.11 -72.83 -4.79
CA SER M 356 30.12 -72.53 -6.21
C SER M 356 29.24 -71.37 -6.68
N GLY M 357 29.83 -70.46 -7.43
CA GLY M 357 29.08 -69.32 -7.94
C GLY M 357 28.10 -69.71 -9.03
N ARG M 358 28.00 -71.02 -9.27
CA ARG M 358 27.08 -71.52 -10.29
C ARG M 358 25.67 -71.38 -9.73
N TYR M 359 25.58 -71.40 -8.40
CA TYR M 359 24.31 -71.30 -7.68
C TYR M 359 24.15 -69.97 -6.94
N ARG M 360 24.75 -68.91 -7.50
CA ARG M 360 24.67 -67.58 -6.92
C ARG M 360 24.33 -66.62 -8.05
N PRO M 361 23.03 -66.34 -8.24
CA PRO M 361 22.48 -65.46 -9.28
C PRO M 361 23.00 -64.03 -9.35
N MET M 362 23.20 -63.38 -8.21
CA MET M 362 23.70 -62.01 -8.19
C MET M 362 25.22 -62.05 -8.38
N PHE M 363 25.88 -62.99 -7.71
CA PHE M 363 27.32 -63.16 -7.80
C PHE M 363 27.72 -63.27 -9.27
N LYS M 364 27.05 -64.17 -9.98
CA LYS M 364 27.32 -64.38 -11.39
C LYS M 364 27.47 -63.07 -12.19
N ILE M 365 26.72 -62.03 -11.83
CA ILE M 365 26.80 -60.75 -12.53
C ILE M 365 28.07 -59.97 -12.21
N TYR M 366 28.34 -59.81 -10.92
CA TYR M 366 29.53 -59.08 -10.50
C TYR M 366 30.81 -59.79 -10.92
N PHE M 367 30.77 -61.12 -10.89
CA PHE M 367 31.92 -61.91 -11.30
C PHE M 367 32.27 -61.59 -12.76
N TRP M 368 31.29 -61.71 -13.65
CA TRP M 368 31.57 -61.44 -15.05
C TRP M 368 31.95 -59.99 -15.32
N LEU M 369 31.56 -59.10 -14.42
CA LEU M 369 31.92 -57.70 -14.58
C LEU M 369 33.39 -57.63 -14.21
N LEU M 370 33.79 -58.41 -13.21
CA LEU M 370 35.17 -58.46 -12.77
C LEU M 370 36.05 -58.97 -13.90
N ALA M 371 35.59 -60.05 -14.54
CA ALA M 371 36.31 -60.64 -15.65
C ALA M 371 36.50 -59.61 -16.75
N ALA M 372 35.39 -58.96 -17.13
CA ALA M 372 35.44 -57.95 -18.18
C ALA M 372 36.34 -56.80 -17.76
N ASP M 373 36.30 -56.47 -16.47
CA ASP M 373 37.09 -55.40 -15.91
C ASP M 373 38.57 -55.68 -16.10
N PHE M 374 38.97 -56.92 -15.84
CA PHE M 374 40.35 -57.36 -15.99
C PHE M 374 40.78 -57.12 -17.44
N VAL M 375 39.93 -57.52 -18.39
CA VAL M 375 40.24 -57.34 -19.79
C VAL M 375 40.32 -55.85 -20.14
N ILE M 376 39.42 -55.05 -19.58
CA ILE M 376 39.42 -53.62 -19.85
C ILE M 376 40.70 -53.00 -19.31
N LEU M 377 41.05 -53.33 -18.07
CA LEU M 377 42.27 -52.80 -17.46
C LEU M 377 43.47 -53.13 -18.34
N THR M 378 43.54 -54.36 -18.80
CA THR M 378 44.63 -54.82 -19.65
C THR M 378 44.64 -53.96 -20.91
N TRP M 379 43.48 -53.80 -21.52
CA TRP M 379 43.36 -53.00 -22.73
C TRP M 379 43.68 -51.51 -22.49
N VAL M 380 43.25 -50.93 -21.36
CA VAL M 380 43.58 -49.52 -21.15
C VAL M 380 45.05 -49.30 -20.87
N GLY M 381 45.69 -50.28 -20.25
CA GLY M 381 47.10 -50.14 -19.92
C GLY M 381 47.93 -49.79 -21.15
N ALA M 382 47.48 -50.27 -22.31
CA ALA M 382 48.18 -50.02 -23.55
C ALA M 382 47.76 -48.72 -24.25
N GLN M 383 46.82 -48.00 -23.66
CA GLN M 383 46.35 -46.73 -24.23
C GLN M 383 47.07 -45.57 -23.58
N GLN M 384 46.86 -44.37 -24.10
CA GLN M 384 47.50 -43.20 -23.54
C GLN M 384 46.74 -42.77 -22.30
N THR M 385 47.28 -41.77 -21.61
CA THR M 385 46.67 -41.27 -20.39
C THR M 385 45.63 -40.17 -20.64
N THR M 386 45.44 -39.79 -21.90
CA THR M 386 44.48 -38.77 -22.24
C THR M 386 43.04 -39.22 -22.07
N PHE M 387 42.12 -38.25 -22.15
CA PHE M 387 40.68 -38.52 -22.05
C PHE M 387 40.30 -39.37 -23.25
N PRO M 388 39.41 -40.36 -23.07
CA PRO M 388 38.68 -40.83 -21.89
C PRO M 388 39.34 -42.00 -21.15
N TYR M 389 40.51 -42.42 -21.62
CA TYR M 389 41.21 -43.54 -21.01
C TYR M 389 41.46 -43.32 -19.53
N ASP M 390 41.81 -42.08 -19.18
CA ASP M 390 42.06 -41.75 -17.78
C ASP M 390 40.84 -42.06 -16.93
N TRP M 391 39.64 -41.81 -17.46
CA TRP M 391 38.40 -42.08 -16.77
C TRP M 391 38.09 -43.57 -16.73
N ILE M 392 38.27 -44.21 -17.87
CA ILE M 392 38.03 -45.64 -17.96
C ILE M 392 38.90 -46.38 -16.97
N SER M 393 40.18 -46.00 -16.87
CA SER M 393 41.06 -46.69 -15.95
C SER M 393 40.60 -46.49 -14.51
N LEU M 394 40.12 -45.29 -14.19
CA LEU M 394 39.63 -45.02 -12.83
C LEU M 394 38.41 -45.84 -12.47
N ILE M 395 37.46 -45.92 -13.41
CA ILE M 395 36.25 -46.70 -13.18
C ILE M 395 36.61 -48.16 -13.04
N ALA M 396 37.44 -48.66 -13.95
CA ALA M 396 37.85 -50.07 -13.90
C ALA M 396 38.56 -50.38 -12.59
N SER M 397 39.44 -49.48 -12.15
CA SER M 397 40.16 -49.69 -10.89
C SER M 397 39.15 -49.68 -9.75
N ALA M 398 38.20 -48.75 -9.81
CA ALA M 398 37.18 -48.61 -8.79
C ALA M 398 36.39 -49.90 -8.68
N TYR M 399 35.94 -50.42 -9.82
CA TYR M 399 35.17 -51.65 -9.79
C TYR M 399 35.95 -52.81 -9.19
N TRP M 400 37.26 -52.86 -9.45
CA TRP M 400 38.10 -53.93 -8.95
C TRP M 400 38.10 -53.98 -7.42
N PHE M 401 38.34 -52.83 -6.78
CA PHE M 401 38.35 -52.80 -5.32
C PHE M 401 36.95 -52.94 -4.76
N ALA M 402 35.97 -52.49 -5.53
CA ALA M 402 34.57 -52.56 -5.11
C ALA M 402 34.16 -54.02 -5.00
N TYR M 403 34.50 -54.79 -6.02
CA TYR M 403 34.17 -56.20 -6.06
C TYR M 403 34.61 -56.93 -4.79
N PHE M 404 35.88 -56.80 -4.43
CA PHE M 404 36.40 -57.48 -3.25
C PHE M 404 36.05 -56.86 -1.90
N LEU M 405 36.16 -55.55 -1.79
CA LEU M 405 35.91 -54.88 -0.52
C LEU M 405 34.46 -54.55 -0.18
N VAL M 406 33.60 -54.41 -1.19
CA VAL M 406 32.21 -54.07 -0.94
C VAL M 406 31.22 -55.13 -1.42
N ILE M 407 31.16 -55.34 -2.72
CA ILE M 407 30.22 -56.30 -3.30
C ILE M 407 30.21 -57.73 -2.73
N LEU M 408 31.36 -58.37 -2.51
CA LEU M 408 31.34 -59.74 -1.98
C LEU M 408 30.86 -59.84 -0.52
N PRO M 409 31.31 -58.92 0.35
CA PRO M 409 30.85 -59.02 1.73
C PRO M 409 29.34 -58.81 1.84
N ILE M 410 28.81 -57.92 1.00
CA ILE M 410 27.38 -57.64 1.02
C ILE M 410 26.55 -58.80 0.44
N LEU M 411 26.93 -59.28 -0.74
CA LEU M 411 26.24 -60.39 -1.39
C LEU M 411 26.07 -61.58 -0.43
N GLY M 412 27.01 -61.71 0.50
CA GLY M 412 26.94 -62.81 1.44
C GLY M 412 25.65 -62.83 2.24
N ALA M 413 25.24 -61.66 2.72
CA ALA M 413 24.02 -61.56 3.52
C ALA M 413 22.76 -61.26 2.74
N ILE M 414 22.91 -60.74 1.53
CA ILE M 414 21.78 -60.34 0.71
C ILE M 414 21.30 -61.25 -0.43
N GLU M 415 22.11 -62.23 -0.82
CA GLU M 415 21.76 -63.11 -1.93
C GLU M 415 20.80 -64.28 -1.68
N LYS M 416 20.01 -64.59 -2.73
CA LYS M 416 19.03 -65.68 -2.80
C LYS M 416 19.68 -66.88 -3.52
N PRO M 417 20.47 -67.69 -2.80
CA PRO M 417 21.16 -68.85 -3.37
C PRO M 417 20.28 -69.99 -3.89
N VAL M 418 20.47 -70.35 -5.15
CA VAL M 418 19.74 -71.46 -5.77
C VAL M 418 20.25 -72.70 -5.03
N ALA M 419 19.52 -73.80 -5.06
CA ALA M 419 19.97 -75.00 -4.37
C ALA M 419 20.87 -75.84 -5.28
N PRO M 420 21.95 -76.40 -4.71
CA PRO M 420 22.88 -77.22 -5.49
C PRO M 420 22.50 -78.70 -5.38
N PRO M 421 22.96 -79.52 -6.33
CA PRO M 421 22.64 -80.96 -6.25
C PRO M 421 23.00 -81.49 -4.87
N ALA M 422 22.51 -82.67 -4.52
CA ALA M 422 22.81 -83.25 -3.22
C ALA M 422 24.12 -84.03 -3.29
N THR M 423 24.49 -84.44 -4.49
CA THR M 423 25.71 -85.19 -4.72
C THR M 423 26.34 -84.92 -6.08
N ILE M 424 27.63 -85.16 -6.16
CA ILE M 424 28.38 -84.99 -7.39
C ILE M 424 27.85 -86.02 -8.38
N GLU M 425 27.55 -87.23 -7.88
CA GLU M 425 27.00 -88.32 -8.68
C GLU M 425 25.75 -87.80 -9.39
N GLU M 426 24.85 -87.25 -8.59
CA GLU M 426 23.61 -86.68 -9.08
C GLU M 426 23.94 -85.76 -10.27
N ASP M 427 24.78 -84.79 -10.02
CA ASP M 427 25.18 -83.84 -11.06
C ASP M 427 25.83 -84.50 -12.27
N PHE M 428 26.67 -85.50 -12.04
CA PHE M 428 27.35 -86.19 -13.14
C PHE M 428 26.36 -86.87 -14.07
N ASN M 429 25.40 -87.59 -13.51
CA ASN M 429 24.40 -88.28 -14.30
C ASN M 429 23.70 -87.25 -15.20
N ALA M 430 23.32 -86.12 -14.59
CA ALA M 430 22.66 -85.03 -15.28
C ALA M 430 23.26 -84.73 -16.65
N ALA N 1 55.41 -39.02 -29.95
CA ALA N 1 55.26 -39.51 -31.36
C ALA N 1 53.98 -40.34 -31.53
N GLY N 2 53.98 -41.26 -32.49
CA GLY N 2 52.82 -42.10 -32.73
C GLY N 2 53.01 -43.23 -33.73
N GLY N 3 51.92 -43.61 -34.39
CA GLY N 3 51.97 -44.69 -35.38
C GLY N 3 51.36 -44.23 -36.69
N GLY N 4 51.81 -44.80 -37.81
CA GLY N 4 51.27 -44.37 -39.10
C GLY N 4 50.94 -45.39 -40.18
N HIS N 5 50.82 -44.87 -41.40
CA HIS N 5 50.47 -45.62 -42.62
C HIS N 5 51.72 -46.17 -43.32
N VAL N 6 51.69 -47.47 -43.65
CA VAL N 6 52.81 -48.12 -44.36
C VAL N 6 52.28 -48.86 -45.58
N GLU N 7 52.96 -48.72 -46.71
CA GLU N 7 52.55 -49.40 -47.93
C GLU N 7 52.67 -50.90 -47.66
N ASP N 8 51.56 -51.61 -47.84
CA ASP N 8 51.47 -53.05 -47.62
C ASP N 8 52.09 -53.87 -48.76
N VAL N 9 53.41 -54.07 -48.71
CA VAL N 9 54.11 -54.83 -49.75
C VAL N 9 53.96 -56.34 -49.51
N PRO N 10 53.69 -57.11 -50.58
CA PRO N 10 53.55 -58.55 -50.41
C PRO N 10 54.93 -59.18 -50.55
N PHE N 11 55.56 -59.51 -49.43
CA PHE N 11 56.88 -60.11 -49.45
C PHE N 11 56.77 -61.63 -49.50
N SER N 12 57.61 -62.26 -50.31
CA SER N 12 57.60 -63.71 -50.47
C SER N 12 57.62 -64.47 -49.14
N PHE N 13 58.37 -63.96 -48.18
CA PHE N 13 58.52 -64.59 -46.87
C PHE N 13 57.34 -64.52 -45.89
N GLU N 14 56.32 -63.75 -46.23
CA GLU N 14 55.16 -63.63 -45.34
C GLU N 14 54.25 -64.85 -45.53
N GLY N 15 53.48 -65.17 -44.49
CA GLY N 15 52.60 -66.32 -44.56
C GLY N 15 53.31 -67.53 -43.98
N PRO N 16 52.57 -68.49 -43.39
CA PRO N 16 53.22 -69.66 -42.81
C PRO N 16 54.08 -70.46 -43.79
N PHE N 17 53.82 -70.29 -45.08
CA PHE N 17 54.57 -71.00 -46.09
C PHE N 17 55.54 -70.07 -46.81
N GLY N 18 55.62 -68.84 -46.32
CA GLY N 18 56.52 -67.87 -46.93
C GLY N 18 57.97 -68.28 -46.77
N THR N 19 58.79 -67.88 -47.74
CA THR N 19 60.21 -68.20 -47.70
C THR N 19 60.95 -67.08 -48.41
N PHE N 20 62.20 -66.87 -48.03
CA PHE N 20 62.98 -65.83 -48.66
C PHE N 20 63.25 -66.21 -50.10
N ASP N 21 63.44 -65.19 -50.94
CA ASP N 21 63.76 -65.37 -52.34
C ASP N 21 65.25 -65.07 -52.38
N GLN N 22 66.01 -66.13 -52.60
CA GLN N 22 67.47 -66.05 -52.63
C GLN N 22 68.05 -64.94 -53.51
N HIS N 23 67.48 -64.71 -54.68
CA HIS N 23 67.99 -63.67 -55.57
C HIS N 23 67.68 -62.27 -55.08
N GLN N 24 66.50 -62.09 -54.51
CA GLN N 24 66.11 -60.79 -53.98
C GLN N 24 67.07 -60.44 -52.86
N LEU N 25 67.29 -61.38 -51.96
CA LEU N 25 68.21 -61.18 -50.85
C LEU N 25 69.56 -60.77 -51.38
N GLN N 26 70.00 -61.42 -52.45
CA GLN N 26 71.28 -61.09 -53.07
C GLN N 26 71.24 -59.66 -53.59
N ARG N 27 70.18 -59.30 -54.30
CA ARG N 27 70.06 -57.93 -54.81
C ARG N 27 70.07 -56.97 -53.64
N GLY N 28 69.28 -57.29 -52.61
CA GLY N 28 69.20 -56.46 -51.43
C GLY N 28 70.57 -56.24 -50.81
N LEU N 29 71.37 -57.30 -50.73
CA LEU N 29 72.71 -57.20 -50.16
C LEU N 29 73.54 -56.21 -50.97
N GLN N 30 73.32 -56.16 -52.29
CA GLN N 30 74.07 -55.22 -53.11
C GLN N 30 73.68 -53.80 -52.76
N VAL N 31 72.37 -53.57 -52.62
CA VAL N 31 71.84 -52.26 -52.28
C VAL N 31 72.43 -51.84 -50.93
N TYR N 32 72.33 -52.73 -49.95
CA TYR N 32 72.87 -52.44 -48.63
C TYR N 32 74.34 -52.07 -48.72
N THR N 33 75.09 -52.88 -49.48
CA THR N 33 76.52 -52.67 -49.65
C THR N 33 76.91 -51.41 -50.39
N GLU N 34 76.23 -51.16 -51.50
CA GLU N 34 76.54 -50.00 -52.32
C GLU N 34 75.94 -48.69 -51.80
N VAL N 35 74.79 -48.75 -51.12
CA VAL N 35 74.15 -47.53 -50.62
C VAL N 35 74.15 -47.33 -49.09
N CYS N 36 73.30 -48.10 -48.42
CA CYS N 36 73.13 -48.04 -46.96
C CYS N 36 74.40 -48.11 -46.12
N ALA N 37 75.23 -49.10 -46.44
CA ALA N 37 76.48 -49.34 -45.72
C ALA N 37 77.37 -48.13 -45.52
N ALA N 38 77.17 -47.08 -46.32
CA ALA N 38 77.98 -45.88 -46.18
C ALA N 38 77.74 -45.20 -44.84
N CYS N 39 76.56 -45.40 -44.26
CA CYS N 39 76.22 -44.79 -42.98
C CYS N 39 75.78 -45.79 -41.92
N HIS N 40 75.03 -46.82 -42.34
CA HIS N 40 74.51 -47.85 -41.44
C HIS N 40 75.34 -49.12 -41.35
N GLY N 41 75.46 -49.65 -40.14
CA GLY N 41 76.19 -50.88 -39.95
C GLY N 41 75.21 -51.99 -39.62
N MET N 42 75.74 -53.18 -39.38
CA MET N 42 74.92 -54.35 -39.00
C MET N 42 75.79 -55.18 -38.07
N LYS N 43 76.23 -54.53 -37.01
CA LYS N 43 77.13 -55.15 -36.04
C LYS N 43 76.81 -56.51 -35.42
N PHE N 44 75.57 -56.97 -35.51
CA PHE N 44 75.26 -58.28 -34.95
C PHE N 44 75.23 -59.34 -36.01
N VAL N 45 75.51 -58.94 -37.25
CA VAL N 45 75.48 -59.89 -38.33
C VAL N 45 76.84 -60.39 -38.75
N PRO N 46 77.08 -61.71 -38.58
CA PRO N 46 78.37 -62.25 -38.99
C PRO N 46 78.34 -62.37 -40.51
N ILE N 47 79.37 -61.85 -41.16
CA ILE N 47 79.45 -61.89 -42.61
C ILE N 47 79.26 -63.28 -43.17
N ARG N 48 79.88 -64.25 -42.51
CA ARG N 48 79.80 -65.65 -42.92
C ARG N 48 78.38 -66.16 -43.06
N SER N 49 77.40 -65.49 -42.45
CA SER N 49 76.04 -65.96 -42.58
C SER N 49 75.53 -65.73 -44.00
N LEU N 50 76.29 -64.98 -44.80
CA LEU N 50 75.90 -64.74 -46.18
C LEU N 50 75.93 -66.08 -46.91
N SER N 51 76.65 -67.05 -46.32
CA SER N 51 76.78 -68.39 -46.89
C SER N 51 75.73 -69.39 -46.40
N GLU N 52 75.30 -69.23 -45.15
CA GLU N 52 74.30 -70.13 -44.54
C GLU N 52 73.02 -70.34 -45.35
N PRO N 53 72.40 -71.52 -45.22
CA PRO N 53 71.16 -71.83 -45.94
C PRO N 53 69.98 -71.03 -45.38
N GLY N 54 69.07 -70.66 -46.27
CA GLY N 54 67.91 -69.89 -45.86
C GLY N 54 68.14 -68.40 -46.02
N GLY N 55 69.26 -68.03 -46.63
CA GLY N 55 69.55 -66.63 -46.83
C GLY N 55 70.04 -66.36 -48.24
N PRO N 56 70.93 -65.38 -48.44
CA PRO N 56 71.42 -65.10 -49.79
C PRO N 56 72.10 -66.34 -50.35
N GLU N 57 72.70 -67.12 -49.44
CA GLU N 57 73.41 -68.34 -49.79
C GLU N 57 74.49 -68.15 -50.85
N LEU N 58 75.40 -67.22 -50.62
CA LEU N 58 76.49 -66.97 -51.54
C LEU N 58 77.62 -67.98 -51.30
N PRO N 59 78.32 -68.37 -52.37
CA PRO N 59 79.44 -69.32 -52.27
C PRO N 59 80.53 -68.75 -51.36
N GLU N 60 81.03 -69.59 -50.47
CA GLU N 60 82.05 -69.20 -49.52
C GLU N 60 83.19 -68.34 -50.03
N ASP N 61 83.63 -68.58 -51.26
CA ASP N 61 84.71 -67.82 -51.87
C ASP N 61 84.28 -66.37 -52.07
N GLN N 62 83.07 -66.19 -52.58
CA GLN N 62 82.52 -64.86 -52.83
C GLN N 62 82.45 -64.11 -51.51
N VAL N 63 81.88 -64.78 -50.52
CA VAL N 63 81.75 -64.21 -49.20
C VAL N 63 83.13 -63.83 -48.68
N ARG N 64 84.09 -64.73 -48.87
CA ARG N 64 85.47 -64.51 -48.44
C ARG N 64 86.03 -63.27 -49.13
N ALA N 65 85.71 -63.12 -50.42
CA ALA N 65 86.19 -61.97 -51.21
C ALA N 65 85.52 -60.71 -50.67
N TYR N 66 84.21 -60.82 -50.48
CA TYR N 66 83.36 -59.74 -49.98
C TYR N 66 83.89 -59.18 -48.66
N ALA N 67 84.15 -60.06 -47.71
CA ALA N 67 84.64 -59.66 -46.40
C ALA N 67 85.91 -58.83 -46.51
N THR N 68 86.58 -58.93 -47.64
CA THR N 68 87.84 -58.20 -47.84
C THR N 68 87.66 -56.68 -47.95
N GLN N 69 86.55 -56.25 -48.53
CA GLN N 69 86.25 -54.83 -48.74
C GLN N 69 86.07 -54.06 -47.43
N PHE N 70 86.22 -54.75 -46.30
CA PHE N 70 86.08 -54.13 -44.99
C PHE N 70 87.43 -54.08 -44.30
N THR N 71 87.69 -53.00 -43.57
CA THR N 71 88.93 -52.91 -42.84
C THR N 71 88.53 -52.98 -41.36
N VAL N 72 88.99 -54.02 -40.68
CA VAL N 72 88.67 -54.24 -39.28
C VAL N 72 89.94 -54.26 -38.44
N THR N 73 89.82 -53.96 -37.15
CA THR N 73 90.98 -53.99 -36.26
C THR N 73 90.98 -55.33 -35.53
N ASP N 74 91.97 -56.17 -35.87
CA ASP N 74 92.11 -57.48 -35.26
C ASP N 74 91.96 -57.33 -33.75
N GLU N 75 91.01 -58.05 -33.17
CA GLU N 75 90.73 -58.00 -31.75
C GLU N 75 91.90 -58.40 -30.84
N GLU N 76 93.07 -58.59 -31.42
CA GLU N 76 94.26 -58.99 -30.64
C GLU N 76 95.53 -58.37 -31.25
N THR N 77 95.52 -58.18 -32.56
CA THR N 77 96.64 -57.61 -33.32
C THR N 77 96.85 -56.10 -33.11
N GLY N 78 95.77 -55.34 -33.24
CA GLY N 78 95.88 -53.89 -33.07
C GLY N 78 96.17 -53.27 -34.42
N GLU N 79 96.09 -54.08 -35.47
CA GLU N 79 96.32 -53.61 -36.82
C GLU N 79 95.11 -53.94 -37.66
N ASP N 80 94.80 -53.04 -38.58
CA ASP N 80 93.68 -53.26 -39.46
C ASP N 80 94.07 -54.34 -40.45
N ARG N 81 93.07 -55.05 -40.94
CA ARG N 81 93.29 -56.11 -41.88
C ARG N 81 92.03 -56.22 -42.68
N GLU N 82 92.12 -56.85 -43.84
CA GLU N 82 90.94 -57.03 -44.65
C GLU N 82 90.09 -58.01 -43.86
N GLY N 83 88.79 -57.76 -43.86
CA GLY N 83 87.86 -58.59 -43.13
C GLY N 83 87.83 -60.05 -43.52
N LYS N 84 87.42 -60.88 -42.58
CA LYS N 84 87.30 -62.33 -42.79
C LYS N 84 85.83 -62.64 -42.61
N PRO N 85 85.36 -63.76 -43.17
CA PRO N 85 83.95 -64.13 -43.03
C PRO N 85 83.53 -64.29 -41.57
N THR N 86 84.51 -64.47 -40.68
CA THR N 86 84.21 -64.64 -39.27
C THR N 86 83.96 -63.31 -38.57
N ASP N 87 84.14 -62.22 -39.31
CA ASP N 87 83.90 -60.90 -38.74
C ASP N 87 82.45 -60.51 -38.94
N HIS N 88 81.97 -59.57 -38.14
CA HIS N 88 80.60 -59.07 -38.25
C HIS N 88 80.68 -57.87 -39.17
N PHE N 89 79.55 -57.49 -39.77
CA PHE N 89 79.57 -56.30 -40.61
C PHE N 89 79.97 -55.19 -39.64
N PRO N 90 80.50 -54.06 -40.14
CA PRO N 90 80.89 -53.01 -39.21
C PRO N 90 79.76 -52.22 -38.55
N HIS N 91 80.14 -51.42 -37.55
CA HIS N 91 79.22 -50.56 -36.82
C HIS N 91 78.87 -49.44 -37.80
N SER N 92 77.82 -48.68 -37.51
CA SER N 92 77.43 -47.58 -38.39
C SER N 92 78.56 -46.55 -38.45
N ALA N 93 78.93 -46.19 -39.67
CA ALA N 93 80.00 -45.21 -39.89
C ALA N 93 79.52 -43.82 -39.49
N LEU N 94 78.22 -43.60 -39.62
CA LEU N 94 77.60 -42.32 -39.29
C LEU N 94 76.97 -42.41 -37.89
N GLU N 95 77.57 -41.68 -36.94
CA GLU N 95 77.13 -41.65 -35.53
C GLU N 95 75.64 -41.81 -35.25
N ASN N 96 74.81 -41.06 -35.98
CA ASN N 96 73.37 -41.10 -35.74
C ASN N 96 72.57 -42.03 -36.63
N ALA N 97 73.26 -42.77 -37.50
CA ALA N 97 72.56 -43.71 -38.37
C ALA N 97 72.39 -44.95 -37.49
N PRO N 98 71.14 -45.40 -37.29
CA PRO N 98 71.00 -46.58 -36.43
C PRO N 98 71.49 -47.87 -37.07
N ASP N 99 71.85 -48.82 -36.22
CA ASP N 99 72.30 -50.11 -36.70
C ASP N 99 71.12 -50.78 -37.39
N LEU N 100 71.37 -51.44 -38.52
CA LEU N 100 70.29 -52.08 -39.24
C LEU N 100 70.12 -53.57 -39.01
N SER N 101 70.94 -54.17 -38.15
CA SER N 101 70.86 -55.61 -37.86
C SER N 101 69.47 -56.11 -37.48
N LEU N 102 68.81 -55.37 -36.60
CA LEU N 102 67.50 -55.74 -36.09
C LEU N 102 66.32 -54.83 -36.47
N MET N 103 66.61 -53.70 -37.10
CA MET N 103 65.60 -52.74 -37.53
C MET N 103 64.30 -53.35 -38.03
N ALA N 104 64.39 -54.27 -39.00
CA ALA N 104 63.20 -54.91 -39.54
C ALA N 104 62.35 -55.61 -38.49
N LYS N 105 62.79 -55.54 -37.23
CA LYS N 105 62.04 -56.18 -36.13
C LYS N 105 61.76 -55.15 -35.04
N ALA N 106 62.67 -54.18 -34.95
CA ALA N 106 62.59 -53.12 -33.97
C ALA N 106 61.53 -52.09 -34.39
N ARG N 107 60.72 -52.46 -35.38
CA ARG N 107 59.68 -51.57 -35.88
C ARG N 107 58.35 -52.30 -36.19
N ALA N 108 57.24 -51.61 -35.94
CA ALA N 108 55.90 -52.14 -36.24
C ALA N 108 55.30 -51.20 -37.27
N GLY N 109 54.59 -51.76 -38.24
CA GLY N 109 53.99 -50.93 -39.28
C GLY N 109 52.47 -51.03 -39.24
N PHE N 110 51.98 -52.05 -38.55
CA PHE N 110 50.55 -52.27 -38.41
C PHE N 110 50.20 -52.10 -36.94
N HIS N 111 49.25 -51.20 -36.67
CA HIS N 111 48.84 -50.89 -35.31
C HIS N 111 47.33 -51.03 -35.11
N GLY N 112 46.90 -51.27 -33.87
CA GLY N 112 45.48 -51.40 -33.56
C GLY N 112 44.77 -52.58 -34.22
N PRO N 113 43.49 -52.42 -34.62
CA PRO N 113 42.67 -51.21 -34.50
C PRO N 113 42.12 -51.00 -33.09
N MET N 114 42.15 -49.74 -32.62
CA MET N 114 41.67 -49.37 -31.29
C MET N 114 42.61 -49.91 -30.23
N GLY N 115 43.85 -50.19 -30.62
CA GLY N 115 44.83 -50.72 -29.70
C GLY N 115 44.48 -52.13 -29.29
N THR N 116 43.83 -52.87 -30.19
CA THR N 116 43.41 -54.25 -29.93
C THR N 116 44.40 -55.28 -30.48
N GLY N 117 45.34 -54.83 -31.30
CA GLY N 117 46.32 -55.74 -31.86
C GLY N 117 45.79 -56.69 -32.92
N ILE N 118 44.53 -56.51 -33.32
CA ILE N 118 43.93 -57.38 -34.33
C ILE N 118 44.56 -57.15 -35.70
N SER N 119 45.06 -55.94 -35.93
CA SER N 119 45.70 -55.59 -37.20
C SER N 119 46.95 -56.43 -37.45
N GLN N 120 47.83 -56.50 -36.44
CA GLN N 120 49.05 -57.28 -36.56
C GLN N 120 48.74 -58.76 -36.67
N LEU N 121 47.76 -59.21 -35.89
CA LEU N 121 47.35 -60.61 -35.86
C LEU N 121 47.16 -61.15 -37.28
N PHE N 122 46.70 -60.28 -38.19
CA PHE N 122 46.46 -60.66 -39.57
C PHE N 122 47.46 -60.09 -40.59
N ASN N 123 48.24 -59.08 -40.19
CA ASN N 123 49.19 -58.44 -41.09
C ASN N 123 50.67 -58.58 -40.72
N GLY N 124 50.95 -59.07 -39.52
CA GLY N 124 52.33 -59.21 -39.08
C GLY N 124 52.73 -57.97 -38.31
N ILE N 125 54.00 -57.88 -37.90
CA ILE N 125 54.47 -56.71 -37.17
C ILE N 125 54.76 -55.55 -38.14
N GLY N 126 54.97 -55.89 -39.41
CA GLY N 126 55.19 -54.89 -40.45
C GLY N 126 56.52 -54.14 -40.57
N GLY N 127 57.58 -54.68 -39.97
CA GLY N 127 58.87 -54.02 -40.03
C GLY N 127 59.43 -53.84 -41.43
N PRO N 128 59.41 -54.89 -42.27
CA PRO N 128 59.94 -54.68 -43.61
C PRO N 128 59.10 -53.68 -44.40
N GLU N 129 57.78 -53.72 -44.24
CA GLU N 129 56.91 -52.78 -44.93
C GLU N 129 57.25 -51.38 -44.43
N TYR N 130 57.45 -51.25 -43.13
CA TYR N 130 57.81 -49.96 -42.57
C TYR N 130 59.08 -49.43 -43.23
N ILE N 131 60.10 -50.27 -43.32
CA ILE N 131 61.37 -49.86 -43.93
C ILE N 131 61.18 -49.44 -45.38
N TYR N 132 60.39 -50.22 -46.11
CA TYR N 132 60.08 -49.95 -47.50
C TYR N 132 59.45 -48.56 -47.59
N SER N 133 58.40 -48.37 -46.80
CA SER N 133 57.66 -47.12 -46.75
C SER N 133 58.56 -45.92 -46.49
N VAL N 134 59.53 -46.06 -45.59
CA VAL N 134 60.40 -44.93 -45.33
C VAL N 134 61.30 -44.63 -46.52
N LEU N 135 61.84 -45.67 -47.13
CA LEU N 135 62.72 -45.50 -48.29
C LEU N 135 61.93 -44.90 -49.45
N THR N 136 60.69 -45.35 -49.54
CA THR N 136 59.74 -44.95 -50.56
C THR N 136 59.03 -43.63 -50.27
N GLY N 137 59.04 -43.24 -49.00
CA GLY N 137 58.34 -42.04 -48.57
C GLY N 137 58.99 -40.66 -48.57
N PHE N 138 59.94 -40.45 -49.50
CA PHE N 138 60.57 -39.13 -49.58
C PHE N 138 59.92 -38.46 -50.79
N PRO N 139 58.96 -37.54 -50.56
CA PRO N 139 58.34 -36.88 -51.71
C PRO N 139 59.16 -35.67 -52.14
N GLU N 140 59.04 -35.29 -53.41
CA GLU N 140 59.79 -34.15 -53.94
C GLU N 140 59.39 -32.83 -53.28
N GLU N 141 58.08 -32.60 -53.18
CA GLU N 141 57.60 -31.38 -52.56
C GLU N 141 57.01 -31.65 -51.18
N PRO N 142 57.44 -30.84 -50.20
CA PRO N 142 57.02 -30.89 -48.80
C PRO N 142 55.54 -30.57 -48.71
N PRO N 143 54.87 -31.00 -47.63
CA PRO N 143 53.44 -30.69 -47.53
C PRO N 143 53.28 -29.18 -47.38
N LYS N 144 52.15 -28.68 -47.85
CA LYS N 144 51.86 -27.25 -47.82
C LYS N 144 52.19 -26.52 -46.50
N CYS N 145 51.56 -26.93 -45.39
CA CYS N 145 51.79 -26.25 -44.11
C CYS N 145 53.23 -25.90 -43.77
N ALA N 146 54.19 -26.68 -44.24
CA ALA N 146 55.58 -26.39 -43.91
C ALA N 146 56.37 -25.60 -44.95
N GLU N 147 55.88 -25.59 -46.20
CA GLU N 147 56.57 -24.93 -47.29
C GLU N 147 57.66 -23.90 -46.98
N GLY N 148 57.46 -23.02 -46.00
CA GLY N 148 58.51 -22.07 -45.69
C GLY N 148 59.28 -22.32 -44.40
N HIS N 149 58.89 -23.37 -43.68
CA HIS N 149 59.51 -23.67 -42.38
C HIS N 149 60.15 -25.06 -42.22
N GLU N 150 60.82 -25.57 -43.26
CA GLU N 150 61.45 -26.89 -43.16
C GLU N 150 62.75 -26.86 -42.36
N PRO N 151 62.83 -27.66 -41.29
CA PRO N 151 64.03 -27.73 -40.45
C PRO N 151 65.28 -27.94 -41.31
N ASP N 152 66.36 -27.23 -41.01
CA ASP N 152 67.59 -27.37 -41.76
C ASP N 152 68.28 -28.70 -41.48
N GLY N 153 68.61 -29.43 -42.54
CA GLY N 153 69.30 -30.70 -42.36
C GLY N 153 68.39 -31.89 -42.22
N PHE N 154 67.09 -31.64 -42.28
CA PHE N 154 66.14 -32.72 -42.18
C PHE N 154 65.42 -32.83 -43.49
N TYR N 155 64.64 -33.89 -43.65
CA TYR N 155 63.93 -34.11 -44.89
C TYR N 155 62.55 -34.65 -44.56
N TYR N 156 61.54 -34.20 -45.28
CA TYR N 156 60.20 -34.68 -44.99
C TYR N 156 60.02 -36.11 -45.48
N ASN N 157 59.41 -36.93 -44.63
CA ASN N 157 59.16 -38.33 -44.94
C ASN N 157 57.75 -38.71 -44.51
N ARG N 158 56.99 -39.26 -45.44
CA ARG N 158 55.61 -39.66 -45.20
C ARG N 158 55.39 -40.76 -44.16
N ALA N 159 56.34 -41.69 -44.05
CA ALA N 159 56.20 -42.80 -43.11
C ALA N 159 56.80 -42.57 -41.73
N PHE N 160 57.87 -41.79 -41.67
CA PHE N 160 58.54 -41.52 -40.41
C PHE N 160 57.64 -40.77 -39.42
N GLN N 161 57.40 -41.38 -38.26
CA GLN N 161 56.53 -40.77 -37.26
C GLN N 161 57.21 -40.19 -36.03
N ASN N 162 58.52 -40.40 -35.88
CA ASN N 162 59.17 -39.87 -34.69
C ASN N 162 60.02 -38.62 -34.91
N GLY N 163 59.83 -37.97 -36.06
CA GLY N 163 60.61 -36.78 -36.33
C GLY N 163 59.96 -35.51 -35.83
N SER N 164 60.68 -34.40 -35.96
CA SER N 164 60.16 -33.12 -35.53
C SER N 164 59.31 -32.56 -36.66
N VAL N 165 58.39 -31.67 -36.32
CA VAL N 165 57.52 -31.06 -37.30
C VAL N 165 57.45 -29.58 -37.00
N PRO N 166 57.45 -28.74 -38.06
CA PRO N 166 57.38 -27.29 -37.85
C PRO N 166 56.11 -26.90 -37.08
N ASP N 167 56.23 -25.87 -36.27
CA ASP N 167 55.11 -25.36 -35.47
C ASP N 167 53.91 -25.09 -36.36
N THR N 168 54.22 -24.61 -37.56
CA THR N 168 53.23 -24.27 -38.57
C THR N 168 52.47 -25.49 -39.11
N CYS N 169 52.87 -26.69 -38.70
CA CYS N 169 52.17 -27.89 -39.14
C CYS N 169 51.49 -28.62 -37.98
N LYS N 170 51.35 -27.91 -36.87
CA LYS N 170 50.72 -28.45 -35.64
C LYS N 170 49.31 -27.87 -35.48
N ASP N 171 48.32 -28.71 -35.18
CA ASP N 171 46.95 -28.23 -35.00
C ASP N 171 46.83 -27.42 -33.71
N ALA N 172 45.59 -27.01 -33.40
CA ALA N 172 45.30 -26.22 -32.22
C ALA N 172 45.84 -26.84 -30.93
N ASN N 173 45.87 -28.16 -30.90
CA ASN N 173 46.34 -28.89 -29.72
C ASN N 173 47.79 -29.35 -29.74
N GLY N 174 48.54 -28.98 -30.76
CA GLY N 174 49.93 -29.35 -30.82
C GLY N 174 50.22 -30.64 -31.59
N VAL N 175 49.16 -31.32 -32.03
CA VAL N 175 49.28 -32.57 -32.78
C VAL N 175 49.66 -32.31 -34.23
N LYS N 176 50.43 -33.23 -34.81
CA LYS N 176 50.90 -33.16 -36.19
C LYS N 176 49.77 -33.04 -37.20
N THR N 177 50.00 -32.28 -38.27
CA THR N 177 49.02 -32.14 -39.34
C THR N 177 49.46 -33.03 -40.50
N THR N 178 50.78 -33.12 -40.68
CA THR N 178 51.38 -33.93 -41.73
C THR N 178 51.27 -35.42 -41.44
N ALA N 179 51.27 -36.22 -42.50
CA ALA N 179 51.17 -37.67 -42.36
C ALA N 179 52.48 -38.18 -41.75
N GLY N 180 53.59 -37.59 -42.18
CA GLY N 180 54.88 -38.01 -41.66
C GLY N 180 55.54 -36.95 -40.79
N SER N 181 56.85 -36.81 -40.94
CA SER N 181 57.61 -35.81 -40.19
C SER N 181 59.02 -35.72 -40.77
N TRP N 182 59.89 -34.95 -40.10
CA TRP N 182 61.25 -34.77 -40.59
C TRP N 182 62.30 -35.69 -39.99
N ILE N 183 62.99 -36.40 -40.90
CA ILE N 183 64.03 -37.40 -40.62
C ILE N 183 65.42 -36.88 -40.96
N ALA N 184 66.43 -37.25 -40.18
CA ALA N 184 67.79 -36.80 -40.46
C ALA N 184 68.46 -37.56 -41.61
N MET N 185 67.74 -38.50 -42.21
CA MET N 185 68.30 -39.27 -43.32
C MET N 185 67.91 -38.73 -44.69
N PRO N 186 68.90 -38.21 -45.45
CA PRO N 186 68.54 -37.70 -46.78
C PRO N 186 68.09 -38.87 -47.65
N PRO N 187 67.17 -38.63 -48.61
CA PRO N 187 66.70 -39.70 -49.50
C PRO N 187 67.87 -40.48 -50.09
N PRO N 188 67.95 -41.80 -49.88
CA PRO N 188 69.12 -42.42 -50.52
C PRO N 188 68.87 -43.23 -51.79
N LEU N 189 67.61 -43.46 -52.13
CA LEU N 189 67.26 -44.23 -53.32
C LEU N 189 66.79 -43.39 -54.51
N MET N 190 67.49 -43.53 -55.63
CA MET N 190 67.20 -42.80 -56.86
C MET N 190 67.30 -43.88 -57.93
N ASP N 191 66.33 -43.94 -58.83
CA ASP N 191 66.33 -44.95 -59.87
C ASP N 191 67.69 -45.33 -60.45
N ASP N 192 67.94 -46.64 -60.48
CA ASP N 192 69.17 -47.21 -61.01
C ASP N 192 70.46 -46.65 -60.41
N LEU N 193 70.49 -46.55 -59.09
CA LEU N 193 71.67 -46.05 -58.38
C LEU N 193 72.56 -47.27 -58.21
N VAL N 194 71.98 -48.42 -58.52
CA VAL N 194 72.65 -49.71 -58.43
C VAL N 194 72.37 -50.49 -59.71
N GLU N 195 73.38 -51.18 -60.20
CA GLU N 195 73.25 -51.98 -61.42
C GLU N 195 73.26 -53.47 -61.09
N TYR N 196 72.12 -54.13 -61.29
CA TYR N 196 71.97 -55.55 -60.99
C TYR N 196 72.46 -56.45 -62.12
N ALA N 197 73.21 -57.48 -61.75
CA ALA N 197 73.75 -58.42 -62.71
C ALA N 197 72.66 -58.91 -63.67
N ASP N 198 71.72 -59.68 -63.14
CA ASP N 198 70.62 -60.25 -63.92
C ASP N 198 69.74 -59.20 -64.60
N GLY N 199 70.18 -57.94 -64.64
CA GLY N 199 69.41 -56.90 -65.29
C GLY N 199 68.06 -56.56 -64.67
N HIS N 200 67.87 -56.92 -63.41
CA HIS N 200 66.62 -56.64 -62.71
C HIS N 200 66.47 -55.13 -62.67
N ASP N 201 65.25 -54.64 -62.70
CA ASP N 201 65.06 -53.21 -62.67
C ASP N 201 65.47 -52.63 -61.31
N ALA N 202 66.19 -51.51 -61.38
CA ALA N 202 66.68 -50.83 -60.20
C ALA N 202 65.91 -49.55 -59.94
N SER N 203 64.58 -49.63 -59.99
CA SER N 203 63.74 -48.47 -59.72
C SER N 203 63.74 -48.32 -58.21
N VAL N 204 63.69 -47.08 -57.73
CA VAL N 204 63.67 -46.87 -56.28
C VAL N 204 62.71 -47.86 -55.63
N HIS N 205 61.60 -48.13 -56.32
CA HIS N 205 60.60 -49.07 -55.82
C HIS N 205 61.18 -50.48 -55.64
N ALA N 206 61.85 -50.98 -56.67
CA ALA N 206 62.44 -52.31 -56.64
C ALA N 206 63.53 -52.45 -55.57
N MET N 207 64.49 -51.53 -55.60
CA MET N 207 65.58 -51.55 -54.64
C MET N 207 65.07 -51.54 -53.21
N ALA N 208 64.10 -50.65 -52.94
CA ALA N 208 63.54 -50.55 -51.60
C ALA N 208 62.92 -51.88 -51.18
N GLU N 209 62.28 -52.56 -52.12
CA GLU N 209 61.66 -53.84 -51.79
C GLU N 209 62.70 -54.93 -51.55
N ASP N 210 63.79 -54.87 -52.31
CA ASP N 210 64.84 -55.88 -52.17
C ASP N 210 65.65 -55.72 -50.89
N VAL N 211 66.11 -54.49 -50.63
CA VAL N 211 66.90 -54.23 -49.44
C VAL N 211 66.05 -54.45 -48.18
N SER N 212 64.73 -54.34 -48.33
CA SER N 212 63.84 -54.56 -47.20
C SER N 212 63.77 -56.05 -46.89
N ALA N 213 63.75 -56.86 -47.94
CA ALA N 213 63.69 -58.31 -47.77
C ALA N 213 65.03 -58.72 -47.15
N PHE N 214 66.11 -58.12 -47.64
CA PHE N 214 67.44 -58.41 -47.14
C PHE N 214 67.53 -58.12 -45.65
N LEU N 215 67.02 -56.95 -45.25
CA LEU N 215 67.06 -56.58 -43.85
C LEU N 215 66.17 -57.47 -43.01
N MET N 216 65.13 -58.03 -43.62
CA MET N 216 64.26 -58.93 -42.86
C MET N 216 65.10 -60.16 -42.54
N TRP N 217 65.86 -60.63 -43.53
CA TRP N 217 66.71 -61.81 -43.35
C TRP N 217 67.83 -61.52 -42.36
N ALA N 218 68.42 -60.33 -42.44
CA ALA N 218 69.50 -59.97 -41.54
C ALA N 218 69.00 -60.00 -40.09
N ALA N 219 67.73 -59.70 -39.89
CA ALA N 219 67.16 -59.70 -38.55
C ALA N 219 66.67 -61.09 -38.11
N GLU N 220 66.06 -61.84 -39.02
CA GLU N 220 65.57 -63.19 -38.73
C GLU N 220 66.22 -64.21 -39.66
N PRO N 221 67.56 -64.34 -39.61
CA PRO N 221 68.16 -65.32 -40.51
C PRO N 221 67.57 -66.74 -40.42
N LYS N 222 67.04 -67.07 -39.25
CA LYS N 222 66.44 -68.38 -39.01
C LYS N 222 64.95 -68.49 -39.29
N LEU N 223 64.40 -67.52 -40.02
CA LEU N 223 62.96 -67.51 -40.31
C LEU N 223 62.44 -68.82 -40.88
N MET N 224 63.07 -69.28 -41.97
CA MET N 224 62.66 -70.51 -42.62
C MET N 224 62.78 -71.73 -41.69
N ALA N 225 63.89 -71.82 -40.97
CA ALA N 225 64.07 -72.94 -40.04
C ALA N 225 62.96 -72.90 -39.00
N ARG N 226 62.69 -71.71 -38.49
CA ARG N 226 61.65 -71.51 -37.49
C ARG N 226 60.29 -72.00 -37.97
N LYS N 227 59.92 -71.60 -39.19
CA LYS N 227 58.63 -72.02 -39.75
C LYS N 227 58.62 -73.53 -39.99
N GLN N 228 59.71 -74.07 -40.51
CA GLN N 228 59.82 -75.50 -40.76
C GLN N 228 59.56 -76.21 -39.43
N ALA N 229 60.26 -75.75 -38.39
CA ALA N 229 60.11 -76.34 -37.06
C ALA N 229 58.65 -76.22 -36.62
N GLY N 230 58.00 -75.13 -37.02
CA GLY N 230 56.61 -74.91 -36.66
C GLY N 230 55.66 -75.94 -37.23
N PHE N 231 55.73 -76.15 -38.55
CA PHE N 231 54.86 -77.14 -39.20
C PHE N 231 55.05 -78.46 -38.50
N THR N 232 56.31 -78.85 -38.38
CA THR N 232 56.68 -80.09 -37.74
C THR N 232 55.96 -80.26 -36.42
N ALA N 233 56.20 -79.33 -35.50
CA ALA N 233 55.57 -79.39 -34.19
C ALA N 233 54.06 -79.46 -34.28
N VAL N 234 53.47 -78.69 -35.18
CA VAL N 234 52.02 -78.69 -35.35
C VAL N 234 51.52 -80.05 -35.83
N MET N 235 52.24 -80.67 -36.74
CA MET N 235 51.86 -81.99 -37.25
C MET N 235 51.85 -83.00 -36.12
N PHE N 236 52.99 -83.11 -35.43
CA PHE N 236 53.13 -84.03 -34.30
C PHE N 236 51.92 -83.89 -33.40
N LEU N 237 51.77 -82.67 -32.88
CA LEU N 237 50.70 -82.33 -31.96
C LEU N 237 49.28 -82.51 -32.48
N THR N 238 49.07 -82.29 -33.77
CA THR N 238 47.73 -82.47 -34.33
C THR N 238 47.41 -83.97 -34.29
N VAL N 239 48.39 -84.78 -34.68
CA VAL N 239 48.24 -86.23 -34.67
C VAL N 239 48.01 -86.69 -33.24
N LEU N 240 48.97 -86.36 -32.38
CA LEU N 240 48.93 -86.74 -30.98
C LEU N 240 47.65 -86.29 -30.30
N SER N 241 47.11 -85.15 -30.72
CA SER N 241 45.87 -84.64 -30.13
C SER N 241 44.71 -85.56 -30.48
N VAL N 242 44.59 -85.88 -31.76
CA VAL N 242 43.54 -86.77 -32.24
C VAL N 242 43.59 -88.11 -31.53
N LEU N 243 44.80 -88.67 -31.39
CA LEU N 243 44.97 -89.95 -30.71
C LEU N 243 44.59 -89.88 -29.24
N LEU N 244 44.99 -88.81 -28.57
CA LEU N 244 44.69 -88.63 -27.16
C LEU N 244 43.19 -88.40 -26.97
N TYR N 245 42.57 -87.83 -27.99
CA TYR N 245 41.15 -87.56 -27.95
C TYR N 245 40.40 -88.88 -27.99
N LEU N 246 40.76 -89.72 -28.96
CA LEU N 246 40.15 -91.03 -29.13
C LEU N 246 40.37 -91.84 -27.86
N THR N 247 41.62 -91.85 -27.38
CA THR N 247 41.97 -92.59 -26.17
C THR N 247 41.12 -92.06 -25.03
N ASN N 248 40.96 -90.74 -24.98
CA ASN N 248 40.17 -90.13 -23.92
C ASN N 248 38.72 -90.57 -24.05
N LYS N 249 38.19 -90.53 -25.26
CA LYS N 249 36.80 -90.93 -25.49
C LYS N 249 36.62 -92.38 -25.05
N ARG N 250 37.40 -93.30 -25.62
CA ARG N 250 37.26 -94.71 -25.26
C ARG N 250 37.33 -94.95 -23.76
N LEU N 251 38.30 -94.31 -23.12
CA LEU N 251 38.48 -94.47 -21.69
C LEU N 251 37.30 -94.00 -20.83
N TRP N 252 36.67 -92.90 -21.20
CA TRP N 252 35.53 -92.40 -20.43
C TRP N 252 34.23 -93.10 -20.78
N ALA N 253 34.14 -93.61 -22.01
CA ALA N 253 32.96 -94.32 -22.46
C ALA N 253 32.49 -95.30 -21.40
N GLY N 254 33.45 -95.94 -20.73
CA GLY N 254 33.10 -96.90 -19.70
C GLY N 254 32.67 -96.25 -18.39
N VAL N 255 32.10 -95.05 -18.47
CA VAL N 255 31.65 -94.33 -17.28
C VAL N 255 30.41 -93.43 -17.48
N LYS N 256 30.52 -92.44 -18.37
CA LYS N 256 29.42 -91.50 -18.58
C LYS N 256 28.27 -92.00 -19.45
N GLY O 9 38.92 -105.85 -29.28
CA GLY O 9 40.18 -106.64 -29.33
C GLY O 9 41.41 -105.75 -29.37
N THR O 10 42.19 -105.87 -30.45
CA THR O 10 43.40 -105.07 -30.60
C THR O 10 43.09 -103.76 -31.33
N ARG O 11 41.83 -103.32 -31.28
CA ARG O 11 41.51 -102.07 -31.92
C ARG O 11 41.76 -100.95 -30.93
N ARG O 12 41.42 -101.21 -29.66
CA ARG O 12 41.63 -100.26 -28.57
C ARG O 12 43.04 -100.44 -28.00
N ASP O 13 43.59 -101.64 -28.15
CA ASP O 13 44.93 -101.93 -27.66
C ASP O 13 45.93 -101.26 -28.59
N PHE O 14 45.65 -101.29 -29.89
CA PHE O 14 46.50 -100.66 -30.90
C PHE O 14 46.52 -99.16 -30.66
N LEU O 15 45.36 -98.58 -30.39
CA LEU O 15 45.23 -97.16 -30.16
C LEU O 15 46.14 -96.74 -29.01
N TYR O 16 45.93 -97.34 -27.85
CA TYR O 16 46.75 -97.04 -26.68
C TYR O 16 48.22 -97.19 -27.02
N TYR O 17 48.53 -98.13 -27.90
CA TYR O 17 49.92 -98.35 -28.31
C TYR O 17 50.39 -97.24 -29.24
N ALA O 18 49.57 -96.90 -30.24
CA ALA O 18 49.91 -95.85 -31.19
C ALA O 18 50.04 -94.51 -30.49
N THR O 19 49.23 -94.33 -29.45
CA THR O 19 49.24 -93.11 -28.66
C THR O 19 50.56 -92.96 -27.94
N ALA O 20 50.86 -93.91 -27.05
CA ALA O 20 52.12 -93.86 -26.32
C ALA O 20 53.27 -93.70 -27.30
N GLY O 21 53.12 -94.30 -28.49
CA GLY O 21 54.15 -94.20 -29.51
C GLY O 21 54.39 -92.78 -29.97
N ALA O 22 53.30 -92.06 -30.25
CA ALA O 22 53.39 -90.68 -30.70
C ALA O 22 54.03 -89.87 -29.59
N GLY O 23 53.66 -90.18 -28.36
CA GLY O 23 54.22 -89.47 -27.21
C GLY O 23 55.73 -89.58 -27.27
N ALA O 24 56.24 -90.80 -27.14
CA ALA O 24 57.67 -91.05 -27.19
C ALA O 24 58.37 -90.25 -28.29
N VAL O 25 57.77 -90.24 -29.49
CA VAL O 25 58.37 -89.50 -30.60
C VAL O 25 58.44 -88.00 -30.33
N ALA O 26 57.35 -87.44 -29.84
CA ALA O 26 57.30 -86.01 -29.53
C ALA O 26 58.34 -85.71 -28.46
N THR O 27 58.39 -86.55 -27.44
CA THR O 27 59.34 -86.40 -26.34
C THR O 27 60.77 -86.34 -26.85
N GLY O 28 61.15 -87.32 -27.67
CA GLY O 28 62.49 -87.34 -28.22
C GLY O 28 62.75 -86.10 -29.04
N ALA O 29 61.76 -85.69 -29.82
CA ALA O 29 61.89 -84.51 -30.66
C ALA O 29 62.19 -83.28 -29.82
N ALA O 30 61.75 -83.29 -28.56
CA ALA O 30 61.99 -82.17 -27.66
C ALA O 30 63.34 -82.29 -26.99
N VAL O 31 63.72 -83.52 -26.65
CA VAL O 31 64.96 -83.80 -25.99
C VAL O 31 66.22 -83.58 -26.84
N TRP O 32 66.22 -84.06 -28.09
CA TRP O 32 67.39 -83.89 -28.94
C TRP O 32 67.93 -82.45 -28.97
N PRO O 33 67.08 -81.46 -29.25
CA PRO O 33 67.58 -80.08 -29.28
C PRO O 33 68.12 -79.55 -27.96
N LEU O 34 67.66 -80.10 -26.83
CA LEU O 34 68.14 -79.68 -25.52
C LEU O 34 69.57 -80.16 -25.35
N ILE O 35 69.88 -81.24 -26.06
CA ILE O 35 71.20 -81.85 -26.05
C ILE O 35 72.08 -81.16 -27.09
N ASN O 36 71.57 -81.05 -28.30
CA ASN O 36 72.32 -80.45 -29.38
C ASN O 36 72.73 -78.97 -29.25
N GLN O 37 72.07 -78.23 -28.36
CA GLN O 37 72.44 -76.81 -28.20
C GLN O 37 73.84 -76.73 -27.61
N MET O 38 74.26 -77.80 -26.96
CA MET O 38 75.59 -77.84 -26.37
C MET O 38 76.68 -78.16 -27.39
N ASN O 39 76.31 -78.61 -28.58
CA ASN O 39 77.33 -78.89 -29.58
C ASN O 39 77.86 -77.57 -30.12
N PRO O 40 79.07 -77.59 -30.69
CA PRO O 40 79.67 -76.36 -31.22
C PRO O 40 78.72 -75.45 -31.98
N SER O 41 78.70 -74.18 -31.61
CA SER O 41 77.84 -73.22 -32.27
C SER O 41 78.53 -72.71 -33.54
N ALA O 42 77.75 -72.08 -34.41
CA ALA O 42 78.26 -71.60 -35.69
C ALA O 42 79.51 -70.71 -35.68
N ASP O 43 79.67 -69.90 -34.63
CA ASP O 43 80.83 -69.03 -34.57
C ASP O 43 82.08 -69.84 -34.33
N VAL O 44 81.89 -70.95 -33.63
CA VAL O 44 82.98 -71.84 -33.31
C VAL O 44 83.29 -72.72 -34.51
N GLN O 45 82.26 -73.38 -35.04
CA GLN O 45 82.51 -74.23 -36.19
C GLN O 45 83.23 -73.52 -37.35
N ALA O 46 83.48 -72.22 -37.23
CA ALA O 46 84.17 -71.50 -38.29
C ALA O 46 85.69 -71.64 -38.13
N LEU O 47 86.15 -72.89 -38.16
CA LEU O 47 87.55 -73.29 -38.01
C LEU O 47 88.45 -72.77 -39.13
N ALA O 48 89.19 -71.70 -38.86
CA ALA O 48 90.07 -71.09 -39.85
C ALA O 48 91.41 -71.81 -40.05
N SER O 49 92.35 -71.09 -40.66
CA SER O 49 93.69 -71.55 -40.92
C SER O 49 94.49 -70.31 -40.54
N ILE O 50 95.72 -70.46 -40.07
CA ILE O 50 96.47 -69.28 -39.71
C ILE O 50 97.87 -69.33 -40.28
N PHE O 51 98.53 -68.19 -40.26
CA PHE O 51 99.89 -68.10 -40.76
C PHE O 51 100.80 -67.66 -39.65
N VAL O 52 101.96 -68.28 -39.57
CA VAL O 52 102.91 -67.95 -38.53
C VAL O 52 104.22 -67.49 -39.15
N ASP O 53 104.65 -66.29 -38.79
CA ASP O 53 105.91 -65.78 -39.26
C ASP O 53 106.91 -66.51 -38.38
N VAL O 54 107.91 -67.12 -39.00
CA VAL O 54 108.87 -67.89 -38.25
C VAL O 54 110.32 -67.45 -38.48
N SER O 55 110.48 -66.21 -38.93
CA SER O 55 111.80 -65.65 -39.24
C SER O 55 112.68 -65.29 -38.05
N SER O 56 112.07 -65.10 -36.88
CA SER O 56 112.84 -64.75 -35.69
C SER O 56 113.17 -65.99 -34.86
N VAL O 57 113.00 -67.17 -35.44
CA VAL O 57 113.27 -68.39 -34.70
C VAL O 57 114.63 -69.02 -34.93
N GLU O 58 115.48 -68.93 -33.91
CA GLU O 58 116.82 -69.50 -33.97
C GLU O 58 116.67 -70.95 -33.52
N PRO O 59 117.67 -71.79 -33.81
CA PRO O 59 117.55 -73.19 -33.37
C PRO O 59 117.65 -73.25 -31.85
N GLY O 60 116.89 -74.15 -31.24
CA GLY O 60 116.91 -74.28 -29.79
C GLY O 60 115.77 -73.46 -29.21
N VAL O 61 114.98 -72.88 -30.11
CA VAL O 61 113.86 -72.04 -29.71
C VAL O 61 112.52 -72.64 -30.13
N GLN O 62 111.55 -72.60 -29.21
CA GLN O 62 110.21 -73.11 -29.47
C GLN O 62 109.26 -71.93 -29.45
N LEU O 63 108.38 -71.91 -30.44
CA LEU O 63 107.39 -70.87 -30.60
C LEU O 63 106.06 -71.50 -30.20
N THR O 64 105.33 -70.87 -29.29
CA THR O 64 104.04 -71.43 -28.90
C THR O 64 102.98 -70.44 -29.37
N VAL O 65 102.08 -70.96 -30.19
CA VAL O 65 101.04 -70.20 -30.84
C VAL O 65 99.66 -70.82 -30.59
N LYS O 66 98.62 -70.01 -30.45
CA LYS O 66 97.28 -70.56 -30.22
C LYS O 66 96.64 -70.84 -31.59
N PHE O 67 95.89 -71.94 -31.69
CA PHE O 67 95.20 -72.33 -32.90
C PHE O 67 94.04 -73.22 -32.45
N LEU O 68 92.83 -72.86 -32.85
CA LEU O 68 91.65 -73.60 -32.45
C LEU O 68 91.58 -73.73 -30.93
N GLY O 69 92.08 -72.72 -30.22
CA GLY O 69 92.03 -72.73 -28.78
C GLY O 69 93.06 -73.56 -28.04
N LYS O 70 93.96 -74.21 -28.75
CA LYS O 70 95.00 -75.00 -28.08
C LYS O 70 96.35 -74.54 -28.54
N PRO O 71 97.39 -74.97 -27.85
CA PRO O 71 98.73 -74.54 -28.25
C PRO O 71 99.33 -75.40 -29.34
N ILE O 72 100.14 -74.76 -30.17
CA ILE O 72 100.84 -75.43 -31.24
C ILE O 72 102.29 -75.07 -31.05
N PHE O 73 103.13 -76.09 -31.03
CA PHE O 73 104.56 -75.88 -30.84
C PHE O 73 105.30 -75.84 -32.16
N ILE O 74 106.23 -74.90 -32.26
CA ILE O 74 107.05 -74.78 -33.44
C ILE O 74 108.46 -74.66 -32.93
N ARG O 75 109.19 -75.76 -32.97
CA ARG O 75 110.55 -75.74 -32.49
C ARG O 75 111.51 -75.86 -33.64
N ARG O 76 112.55 -75.04 -33.59
CA ARG O 76 113.57 -75.10 -34.61
C ARG O 76 114.61 -75.88 -33.84
N ARG O 77 114.73 -77.17 -34.16
CA ARG O 77 115.63 -78.05 -33.46
C ARG O 77 117.12 -77.84 -33.70
N THR O 78 117.90 -78.20 -32.69
CA THR O 78 119.35 -78.08 -32.73
C THR O 78 119.89 -79.37 -33.33
N GLU O 79 121.21 -79.44 -33.49
CA GLU O 79 121.82 -80.65 -34.02
C GLU O 79 121.63 -81.79 -33.02
N ALA O 80 121.84 -81.47 -31.75
CA ALA O 80 121.67 -82.47 -30.70
C ALA O 80 120.25 -83.02 -30.76
N ASP O 81 119.26 -82.14 -30.90
CA ASP O 81 117.87 -82.59 -30.98
C ASP O 81 117.69 -83.56 -32.14
N ILE O 82 118.22 -83.19 -33.31
CA ILE O 82 118.09 -84.02 -34.51
C ILE O 82 118.85 -85.33 -34.39
N GLU O 83 120.06 -85.25 -33.81
CA GLU O 83 120.90 -86.43 -33.62
C GLU O 83 120.13 -87.46 -32.80
N LEU O 84 119.76 -87.06 -31.58
CA LEU O 84 119.05 -87.94 -30.66
C LEU O 84 117.74 -88.48 -31.23
N GLY O 85 117.07 -87.68 -32.06
CA GLY O 85 115.82 -88.13 -32.65
C GLY O 85 116.06 -89.25 -33.65
N ARG O 86 117.06 -89.08 -34.48
CA ARG O 86 117.37 -90.08 -35.49
C ARG O 86 117.97 -91.37 -34.91
N SER O 87 118.54 -91.31 -33.72
CA SER O 87 119.12 -92.50 -33.10
C SER O 87 118.08 -93.54 -32.64
N VAL O 88 116.91 -93.10 -32.21
CA VAL O 88 115.88 -94.01 -31.73
C VAL O 88 115.38 -95.00 -32.78
N GLN O 89 115.39 -96.29 -32.47
CA GLN O 89 114.90 -97.27 -33.43
C GLN O 89 113.40 -97.48 -33.33
N LEU O 90 112.77 -97.50 -34.50
CA LEU O 90 111.33 -97.65 -34.62
C LEU O 90 110.72 -98.61 -33.63
N GLY O 91 111.47 -99.64 -33.25
CA GLY O 91 110.95 -100.62 -32.32
C GLY O 91 111.06 -100.27 -30.85
N GLN O 92 111.57 -99.08 -30.52
CA GLN O 92 111.72 -98.71 -29.12
C GLN O 92 110.75 -97.66 -28.65
N LEU O 93 109.80 -97.35 -29.51
CA LEU O 93 108.79 -96.34 -29.22
C LEU O 93 107.49 -96.89 -28.72
N VAL O 94 106.84 -96.16 -27.82
CA VAL O 94 105.55 -96.61 -27.34
C VAL O 94 104.59 -96.57 -28.51
N ASP O 95 104.66 -95.50 -29.31
CA ASP O 95 103.78 -95.30 -30.47
C ASP O 95 104.60 -95.28 -31.77
N THR O 96 104.36 -96.25 -32.66
CA THR O 96 105.11 -96.28 -33.91
C THR O 96 104.48 -95.53 -35.05
N ASN O 97 103.26 -95.04 -34.84
CA ASN O 97 102.59 -94.28 -35.89
C ASN O 97 103.08 -92.85 -35.86
N ALA O 98 103.27 -92.26 -37.04
CA ALA O 98 103.77 -90.91 -37.15
C ALA O 98 102.80 -89.83 -36.66
N ARG O 99 101.49 -90.14 -36.67
CA ARG O 99 100.46 -89.19 -36.24
C ARG O 99 100.67 -87.88 -36.96
N ASN O 100 100.96 -87.98 -38.23
CA ASN O 100 101.22 -86.80 -39.04
C ASN O 100 100.16 -86.70 -40.14
N ALA O 101 99.32 -85.68 -40.02
CA ALA O 101 98.23 -85.45 -40.98
C ALA O 101 98.73 -85.04 -42.37
N ASN O 102 100.01 -84.65 -42.45
CA ASN O 102 100.59 -84.21 -43.71
C ASN O 102 101.03 -85.37 -44.59
N ILE O 103 101.07 -86.57 -44.02
CA ILE O 103 101.50 -87.73 -44.77
C ILE O 103 100.55 -88.91 -44.57
N ASP O 104 100.92 -90.08 -45.10
CA ASP O 104 100.06 -91.26 -44.99
C ASP O 104 99.72 -91.62 -43.55
N ALA O 105 98.47 -92.02 -43.33
CA ALA O 105 98.00 -92.39 -42.02
C ALA O 105 98.80 -93.58 -41.47
N GLY O 106 99.41 -94.34 -42.37
CA GLY O 106 100.18 -95.50 -41.95
C GLY O 106 101.65 -95.23 -41.68
N ALA O 107 102.15 -94.06 -42.07
CA ALA O 107 103.55 -93.71 -41.87
C ALA O 107 104.09 -94.09 -40.49
N GLU O 108 105.40 -94.32 -40.42
CA GLU O 108 106.06 -94.71 -39.17
C GLU O 108 106.71 -93.54 -38.46
N ALA O 109 106.73 -93.63 -37.13
CA ALA O 109 107.28 -92.61 -36.25
C ALA O 109 108.78 -92.35 -36.36
N THR O 110 109.33 -92.36 -37.57
CA THR O 110 110.75 -92.06 -37.73
C THR O 110 110.87 -90.55 -37.62
N ASP O 111 112.03 -90.10 -37.16
CA ASP O 111 112.30 -88.68 -36.98
C ASP O 111 112.15 -87.89 -38.29
N GLN O 112 112.35 -88.57 -39.41
CA GLN O 112 112.21 -87.90 -40.69
C GLN O 112 110.71 -87.68 -40.96
N ASN O 113 109.89 -88.60 -40.43
CA ASN O 113 108.45 -88.54 -40.59
C ASN O 113 107.73 -87.66 -39.58
N ARG O 114 108.50 -86.96 -38.76
CA ARG O 114 107.97 -86.10 -37.74
C ARG O 114 108.27 -84.62 -37.95
N THR O 115 109.06 -84.30 -38.97
CA THR O 115 109.40 -82.92 -39.25
C THR O 115 108.83 -82.44 -40.59
N LEU O 116 108.85 -81.14 -40.81
CA LEU O 116 108.33 -80.59 -42.06
C LEU O 116 109.36 -80.62 -43.18
N ASP O 117 110.62 -80.42 -42.80
CA ASP O 117 111.72 -80.40 -43.73
C ASP O 117 112.54 -81.69 -43.73
N GLU O 118 113.33 -81.87 -44.78
CA GLU O 118 114.17 -83.05 -44.92
C GLU O 118 115.33 -82.96 -43.93
N ALA O 119 115.78 -81.73 -43.66
CA ALA O 119 116.89 -81.54 -42.73
C ALA O 119 116.41 -81.82 -41.30
N GLY O 120 115.09 -81.97 -41.12
CA GLY O 120 114.53 -82.26 -39.81
C GLY O 120 114.80 -81.17 -38.78
N GLU O 121 114.77 -79.92 -39.26
CA GLU O 121 115.03 -78.74 -38.44
C GLU O 121 113.73 -78.15 -37.89
N TRP O 122 112.62 -78.36 -38.60
CA TRP O 122 111.33 -77.82 -38.19
C TRP O 122 110.30 -78.80 -37.65
N LEU O 123 110.20 -78.83 -36.32
CA LEU O 123 109.24 -79.69 -35.65
C LEU O 123 108.01 -78.84 -35.32
N VAL O 124 106.88 -79.20 -35.92
CA VAL O 124 105.64 -78.50 -35.73
C VAL O 124 104.58 -79.48 -35.26
N MET O 125 104.05 -79.27 -34.06
CA MET O 125 103.06 -80.19 -33.50
C MET O 125 102.11 -79.53 -32.52
N TRP O 126 101.02 -80.25 -32.22
CA TRP O 126 100.05 -79.78 -31.27
C TRP O 126 100.70 -79.93 -29.90
N GLY O 127 100.81 -78.83 -29.15
CA GLY O 127 101.40 -78.92 -27.82
C GLY O 127 100.34 -79.39 -26.85
N VAL O 128 99.61 -80.43 -27.27
CA VAL O 128 98.52 -81.01 -26.48
C VAL O 128 98.79 -82.48 -26.13
N CYS O 129 99.15 -82.73 -24.87
CA CYS O 129 99.41 -84.09 -24.40
C CYS O 129 98.28 -85.01 -24.83
N THR O 130 98.65 -86.18 -25.35
CA THR O 130 97.64 -87.14 -25.82
C THR O 130 97.00 -87.92 -24.68
N HIS O 131 97.45 -87.69 -23.46
CA HIS O 131 96.84 -88.36 -22.32
C HIS O 131 95.53 -87.63 -22.03
N LEU O 132 95.62 -86.50 -21.31
CA LEU O 132 94.39 -85.77 -20.98
C LEU O 132 94.38 -84.27 -21.33
N GLY O 133 95.21 -83.86 -22.30
CA GLY O 133 95.19 -82.46 -22.73
C GLY O 133 96.18 -81.38 -22.30
N CYS O 134 96.87 -81.54 -21.19
CA CYS O 134 97.80 -80.49 -20.79
C CYS O 134 98.81 -80.18 -21.87
N SER O 135 99.49 -79.05 -21.72
CA SER O 135 100.50 -78.64 -22.68
C SER O 135 101.84 -78.99 -22.06
N PRO O 136 102.61 -79.88 -22.71
CA PRO O 136 103.91 -80.29 -22.19
C PRO O 136 104.95 -79.17 -22.17
N ILE O 137 105.76 -79.19 -21.13
CA ILE O 137 106.82 -78.22 -20.91
C ILE O 137 108.03 -78.62 -21.75
N GLY O 138 108.46 -77.71 -22.62
CA GLY O 138 109.60 -77.98 -23.49
C GLY O 138 110.91 -77.46 -22.95
N GLY O 139 111.79 -77.03 -23.86
CA GLY O 139 113.08 -76.52 -23.43
C GLY O 139 113.92 -77.71 -23.01
N VAL O 140 113.67 -78.86 -23.65
CA VAL O 140 114.40 -80.08 -23.35
C VAL O 140 114.23 -80.47 -21.88
N SER O 141 113.01 -80.86 -21.55
CA SER O 141 112.67 -81.29 -20.19
C SER O 141 112.27 -82.75 -20.34
N GLY O 142 112.26 -83.49 -19.25
CA GLY O 142 111.89 -84.88 -19.34
C GLY O 142 113.14 -85.74 -19.47
N ASP O 143 112.97 -87.05 -19.32
CA ASP O 143 114.07 -87.98 -19.40
C ASP O 143 114.58 -88.29 -20.81
N PHE O 144 113.89 -87.79 -21.84
CA PHE O 144 114.28 -88.07 -23.21
C PHE O 144 114.61 -86.86 -24.08
N GLY O 145 115.12 -85.80 -23.47
CA GLY O 145 115.46 -84.61 -24.25
C GLY O 145 114.32 -84.08 -25.11
N GLY O 146 113.11 -84.02 -24.56
CA GLY O 146 111.99 -83.48 -25.32
C GLY O 146 111.10 -82.56 -24.51
N TRP O 147 109.93 -83.06 -24.15
CA TRP O 147 108.93 -82.36 -23.38
C TRP O 147 108.48 -83.19 -22.21
N PHE O 148 108.02 -82.53 -21.16
CA PHE O 148 107.54 -83.23 -19.96
C PHE O 148 106.14 -82.70 -19.62
N CYS O 149 105.17 -83.60 -19.49
CA CYS O 149 103.81 -83.19 -19.13
C CYS O 149 103.70 -83.30 -17.62
N PRO O 150 103.56 -82.15 -16.94
CA PRO O 150 103.45 -82.12 -15.48
C PRO O 150 102.12 -82.62 -14.94
N CYS O 151 101.13 -82.81 -15.81
CA CYS O 151 99.84 -83.28 -15.32
C CYS O 151 99.85 -84.69 -14.79
N HIS O 152 100.44 -85.63 -15.52
CA HIS O 152 100.50 -87.01 -15.00
C HIS O 152 101.83 -87.72 -15.28
N GLY O 153 102.82 -86.96 -15.72
CA GLY O 153 104.13 -87.52 -15.94
C GLY O 153 104.48 -88.17 -17.27
N SER O 154 103.95 -87.65 -18.37
CA SER O 154 104.29 -88.21 -19.66
C SER O 154 105.55 -87.53 -20.18
N HIS O 155 106.45 -88.31 -20.77
CA HIS O 155 107.68 -87.76 -21.32
C HIS O 155 107.65 -87.99 -22.84
N TYR O 156 108.09 -86.99 -23.59
CA TYR O 156 108.15 -87.09 -25.04
C TYR O 156 109.58 -86.80 -25.45
N ASP O 157 110.05 -87.47 -26.51
CA ASP O 157 111.43 -87.25 -26.96
C ASP O 157 111.54 -86.03 -27.86
N SER O 158 112.73 -85.79 -28.40
CA SER O 158 112.94 -84.63 -29.24
C SER O 158 112.20 -84.61 -30.57
N ALA O 159 111.36 -85.61 -30.84
CA ALA O 159 110.59 -85.62 -32.08
C ALA O 159 109.13 -85.55 -31.65
N GLY O 160 108.93 -85.43 -30.33
CA GLY O 160 107.58 -85.34 -29.80
C GLY O 160 106.90 -86.69 -29.70
N ARG O 161 107.69 -87.75 -29.58
CA ARG O 161 107.12 -89.09 -29.46
C ARG O 161 107.02 -89.48 -28.00
N ILE O 162 105.93 -90.16 -27.65
CA ILE O 162 105.72 -90.56 -26.27
C ILE O 162 106.66 -91.72 -25.93
N ARG O 163 107.36 -91.59 -24.81
CA ARG O 163 108.31 -92.61 -24.40
C ARG O 163 108.03 -93.14 -23.00
N LYS O 164 107.11 -92.49 -22.30
CA LYS O 164 106.82 -92.89 -20.94
C LYS O 164 105.62 -92.15 -20.39
N GLY O 165 104.96 -92.78 -19.43
CA GLY O 165 103.79 -92.18 -18.83
C GLY O 165 102.52 -92.78 -19.34
N PRO O 166 101.37 -92.17 -19.03
CA PRO O 166 100.08 -92.70 -19.48
C PRO O 166 99.63 -92.24 -20.86
N ALA O 167 100.30 -91.26 -21.45
CA ALA O 167 99.88 -90.80 -22.78
C ALA O 167 100.00 -91.96 -23.77
N PRO O 168 98.93 -92.23 -24.53
CA PRO O 168 98.99 -93.33 -25.48
C PRO O 168 99.67 -93.02 -26.81
N GLU O 169 99.77 -91.75 -27.17
CA GLU O 169 100.35 -91.43 -28.47
C GLU O 169 101.36 -90.30 -28.58
N ASN O 170 101.88 -90.17 -29.79
CA ASN O 170 102.84 -89.12 -30.10
C ASN O 170 102.06 -87.84 -30.35
N LEU O 171 102.63 -86.71 -29.96
CA LEU O 171 101.98 -85.44 -30.17
C LEU O 171 101.63 -85.35 -31.65
N PRO O 172 100.36 -85.09 -31.98
CA PRO O 172 99.93 -85.01 -33.38
C PRO O 172 100.56 -83.85 -34.13
N ILE O 173 100.71 -84.02 -35.43
CA ILE O 173 101.25 -82.97 -36.29
C ILE O 173 100.08 -82.59 -37.19
N PRO O 174 99.70 -81.31 -37.19
CA PRO O 174 98.59 -80.79 -37.98
C PRO O 174 99.01 -80.48 -39.41
N LEU O 175 98.03 -80.22 -40.27
CA LEU O 175 98.35 -79.84 -41.62
C LEU O 175 99.21 -78.61 -41.43
N ALA O 176 100.42 -78.65 -41.98
CA ALA O 176 101.33 -77.53 -41.85
C ALA O 176 102.29 -77.63 -43.02
N LYS O 177 102.69 -76.48 -43.53
CA LYS O 177 103.59 -76.45 -44.68
C LYS O 177 104.12 -75.05 -44.86
N PHE O 178 105.41 -74.92 -45.16
CA PHE O 178 105.96 -73.60 -45.39
C PHE O 178 105.31 -73.04 -46.64
N ILE O 179 104.67 -71.89 -46.49
CA ILE O 179 103.99 -71.22 -47.58
C ILE O 179 105.00 -70.34 -48.32
N ASP O 180 106.18 -70.23 -47.73
CA ASP O 180 107.27 -69.47 -48.31
C ASP O 180 108.47 -69.49 -47.37
N GLU O 181 109.48 -68.71 -47.73
CA GLU O 181 110.72 -68.60 -47.00
C GLU O 181 110.65 -68.60 -45.47
N THR O 182 109.79 -67.77 -44.89
CA THR O 182 109.72 -67.68 -43.45
C THR O 182 108.31 -67.77 -42.88
N THR O 183 107.40 -68.39 -43.62
CA THR O 183 106.02 -68.49 -43.19
C THR O 183 105.42 -69.88 -43.29
N ILE O 184 104.86 -70.35 -42.18
CA ILE O 184 104.22 -71.66 -42.13
C ILE O 184 102.71 -71.47 -42.04
N GLN O 185 101.96 -72.26 -42.78
CA GLN O 185 100.52 -72.18 -42.74
C GLN O 185 99.94 -73.39 -42.02
N LEU O 186 99.36 -73.16 -40.85
CA LEU O 186 98.76 -74.23 -40.07
C LEU O 186 97.32 -74.41 -40.52
N GLY O 187 96.88 -75.67 -40.62
CA GLY O 187 95.52 -75.92 -41.05
C GLY O 187 95.36 -75.63 -42.53
N GLY P 3 60.16 -96.38 11.75
CA GLY P 3 59.34 -97.61 11.91
C GLY P 3 59.19 -98.03 13.36
N ILE P 4 59.54 -97.13 14.27
CA ILE P 4 59.48 -97.36 15.71
C ILE P 4 58.17 -96.84 16.32
N PRO P 5 57.61 -97.57 17.31
CA PRO P 5 56.36 -97.11 17.94
C PRO P 5 56.54 -95.78 18.68
N HIS P 6 55.93 -94.72 18.14
CA HIS P 6 56.00 -93.39 18.74
C HIS P 6 54.58 -92.81 18.76
N ASP P 7 54.41 -91.60 19.30
CA ASP P 7 53.09 -90.98 19.36
C ASP P 7 52.94 -89.81 18.39
N HIS P 8 52.07 -90.00 17.41
CA HIS P 8 51.81 -88.97 16.40
C HIS P 8 51.45 -87.64 17.08
N TYR P 9 51.42 -86.57 16.29
CA TYR P 9 51.12 -85.21 16.74
C TYR P 9 49.64 -84.97 17.07
N GLU P 10 49.37 -83.98 17.90
CA GLU P 10 47.99 -83.63 18.23
C GLU P 10 47.82 -82.11 18.39
N PRO P 11 46.88 -81.53 17.61
CA PRO P 11 46.51 -80.11 17.54
C PRO P 11 46.00 -79.48 18.83
N ARG P 12 46.66 -78.40 19.28
CA ARG P 12 46.25 -77.72 20.49
C ARG P 12 45.58 -76.38 20.19
N THR P 13 46.37 -75.38 19.82
CA THR P 13 45.86 -74.04 19.50
C THR P 13 44.74 -74.09 18.47
N GLY P 14 44.06 -72.96 18.30
CA GLY P 14 42.99 -72.89 17.32
C GLY P 14 43.64 -72.82 15.95
N ILE P 15 44.66 -71.97 15.85
CA ILE P 15 45.40 -71.83 14.60
C ILE P 15 45.88 -73.22 14.18
N GLU P 16 46.32 -74.00 15.17
CA GLU P 16 46.79 -75.36 14.92
C GLU P 16 45.72 -76.29 14.34
N LYS P 17 44.55 -76.34 14.97
CA LYS P 17 43.48 -77.22 14.48
C LYS P 17 42.94 -76.74 13.13
N TRP P 18 42.99 -75.44 12.89
CA TRP P 18 42.52 -74.86 11.63
C TRP P 18 43.47 -75.32 10.54
N LEU P 19 44.76 -75.15 10.83
CA LEU P 19 45.82 -75.53 9.92
C LEU P 19 45.84 -77.03 9.66
N HIS P 20 45.77 -77.80 10.73
CA HIS P 20 45.82 -79.25 10.62
C HIS P 20 44.74 -79.90 9.76
N SER P 21 43.54 -79.32 9.73
CA SER P 21 42.46 -79.87 8.93
C SER P 21 42.58 -79.50 7.45
N ARG P 22 43.59 -78.70 7.13
CA ARG P 22 43.80 -78.25 5.75
C ARG P 22 45.13 -78.70 5.18
N LEU P 23 46.19 -78.53 5.95
CA LEU P 23 47.53 -78.93 5.55
C LEU P 23 48.28 -79.38 6.79
N PRO P 24 48.41 -80.69 6.97
CA PRO P 24 49.10 -81.29 8.13
C PRO P 24 50.61 -81.07 8.15
N ILE P 25 51.06 -79.89 7.73
CA ILE P 25 52.49 -79.64 7.71
C ILE P 25 53.13 -79.58 9.10
N VAL P 26 52.44 -78.99 10.07
CA VAL P 26 53.00 -78.92 11.42
C VAL P 26 53.09 -80.32 12.01
N ALA P 27 52.15 -81.17 11.64
CA ALA P 27 52.14 -82.55 12.13
C ALA P 27 53.37 -83.26 11.61
N LEU P 28 53.61 -83.14 10.30
CA LEU P 28 54.77 -83.76 9.66
C LEU P 28 56.09 -83.30 10.28
N ALA P 29 56.22 -82.00 10.49
CA ALA P 29 57.44 -81.46 11.08
C ALA P 29 57.66 -82.11 12.44
N TYR P 30 56.58 -82.19 13.21
CA TYR P 30 56.61 -82.78 14.55
C TYR P 30 57.06 -84.25 14.53
N ASP P 31 56.39 -85.06 13.70
CA ASP P 31 56.74 -86.48 13.61
C ASP P 31 58.17 -86.69 13.13
N THR P 32 58.72 -85.67 12.49
CA THR P 32 60.09 -85.74 11.97
C THR P 32 61.10 -85.35 13.05
N ILE P 33 60.80 -84.25 13.72
CA ILE P 33 61.65 -83.71 14.76
C ILE P 33 61.59 -84.53 16.05
N MET P 34 60.58 -85.37 16.17
CA MET P 34 60.42 -86.18 17.38
C MET P 34 60.92 -87.62 17.30
N ILE P 35 61.14 -88.12 16.08
CA ILE P 35 61.58 -89.50 15.88
C ILE P 35 62.48 -90.06 16.97
N PRO P 36 62.16 -91.27 17.46
CA PRO P 36 62.96 -91.92 18.51
C PRO P 36 64.33 -92.34 17.94
N THR P 37 65.40 -91.85 18.57
CA THR P 37 66.76 -92.09 18.12
C THR P 37 67.61 -92.88 19.13
N PRO P 38 68.32 -93.94 18.67
CA PRO P 38 69.15 -94.69 19.62
C PRO P 38 69.93 -93.78 20.57
N ARG P 39 69.88 -94.09 21.86
CA ARG P 39 70.55 -93.28 22.89
C ARG P 39 72.07 -93.30 22.84
N ASN P 40 72.62 -94.34 22.23
CA ASN P 40 74.07 -94.53 22.18
C ASN P 40 74.89 -93.90 21.06
N LEU P 41 74.28 -93.07 20.22
CA LEU P 41 75.04 -92.46 19.13
C LEU P 41 76.24 -91.69 19.68
N ASN P 42 77.35 -91.77 18.97
CA ASN P 42 78.56 -91.06 19.40
C ASN P 42 78.88 -89.91 18.45
N TRP P 43 80.00 -89.24 18.73
CA TRP P 43 80.46 -88.11 17.94
C TRP P 43 80.53 -88.29 16.44
N MET P 44 80.56 -89.53 15.98
CA MET P 44 80.67 -89.77 14.55
C MET P 44 79.33 -89.66 13.84
N TRP P 45 78.29 -89.33 14.61
CA TRP P 45 76.96 -89.19 14.04
C TRP P 45 76.62 -87.71 13.80
N ILE P 46 77.61 -86.84 13.99
CA ILE P 46 77.38 -85.41 13.80
C ILE P 46 77.69 -84.91 12.39
N TRP P 47 78.39 -85.70 11.60
CA TRP P 47 78.76 -85.24 10.27
C TRP P 47 77.63 -85.01 9.27
N GLY P 48 76.48 -85.66 9.47
CA GLY P 48 75.37 -85.48 8.57
C GLY P 48 74.83 -84.06 8.73
N VAL P 49 74.83 -83.56 9.96
CA VAL P 49 74.36 -82.22 10.23
C VAL P 49 75.40 -81.22 9.71
N VAL P 50 76.67 -81.56 9.85
CA VAL P 50 77.70 -80.65 9.37
C VAL P 50 77.54 -80.54 7.85
N LEU P 51 77.14 -81.63 7.20
CA LEU P 51 76.95 -81.62 5.76
C LEU P 51 75.73 -80.79 5.34
N ALA P 52 74.64 -80.92 6.08
CA ALA P 52 73.42 -80.16 5.77
C ALA P 52 73.74 -78.67 5.86
N PHE P 53 74.44 -78.28 6.92
CA PHE P 53 74.83 -76.89 7.11
C PHE P 53 75.68 -76.40 5.95
N CYS P 54 76.67 -77.21 5.57
CA CYS P 54 77.57 -76.88 4.46
C CYS P 54 76.80 -76.65 3.17
N LEU P 55 75.83 -77.52 2.90
CA LEU P 55 75.05 -77.38 1.70
C LEU P 55 74.36 -76.02 1.72
N VAL P 56 73.74 -75.68 2.85
CA VAL P 56 73.06 -74.39 2.96
C VAL P 56 74.09 -73.26 2.83
N LEU P 57 75.20 -73.37 3.55
CA LEU P 57 76.25 -72.34 3.48
C LEU P 57 76.69 -72.12 2.05
N GLN P 58 76.95 -73.20 1.33
CA GLN P 58 77.40 -73.09 -0.06
C GLN P 58 76.34 -72.46 -0.94
N ILE P 59 75.09 -72.82 -0.73
CA ILE P 59 74.04 -72.26 -1.56
C ILE P 59 73.84 -70.76 -1.31
N VAL P 60 73.72 -70.31 -0.06
CA VAL P 60 73.52 -68.88 0.13
C VAL P 60 74.74 -68.05 -0.29
N THR P 61 75.95 -68.47 0.07
CA THR P 61 77.11 -67.70 -0.33
C THR P 61 77.26 -67.75 -1.86
N GLY P 62 76.81 -68.86 -2.44
CA GLY P 62 76.90 -69.00 -3.88
C GLY P 62 75.98 -68.04 -4.62
N ILE P 63 74.72 -68.01 -4.21
CA ILE P 63 73.74 -67.11 -4.83
C ILE P 63 74.27 -65.70 -4.77
N VAL P 64 74.82 -65.36 -3.62
CA VAL P 64 75.37 -64.02 -3.43
C VAL P 64 76.56 -63.76 -4.34
N LEU P 65 77.48 -64.71 -4.42
CA LEU P 65 78.65 -64.53 -5.28
C LEU P 65 78.21 -64.40 -6.72
N ALA P 66 77.21 -65.18 -7.13
CA ALA P 66 76.73 -65.13 -8.50
C ALA P 66 76.15 -63.74 -8.82
N MET P 67 75.85 -62.94 -7.80
CA MET P 67 75.31 -61.61 -8.07
C MET P 67 76.39 -60.65 -8.53
N HIS P 68 77.66 -60.98 -8.26
CA HIS P 68 78.78 -60.10 -8.63
C HIS P 68 79.76 -60.73 -9.61
N TYR P 69 79.53 -61.98 -9.97
CA TYR P 69 80.38 -62.75 -10.86
C TYR P 69 79.97 -62.70 -12.34
N THR P 70 80.96 -62.63 -13.24
CA THR P 70 80.68 -62.61 -14.68
C THR P 70 81.25 -63.85 -15.35
N PRO P 71 80.39 -64.74 -15.86
CA PRO P 71 80.87 -65.96 -16.52
C PRO P 71 81.34 -65.73 -17.96
N HIS P 72 82.46 -65.05 -18.11
CA HIS P 72 83.00 -64.79 -19.44
C HIS P 72 84.51 -64.75 -19.32
N VAL P 73 85.20 -65.41 -20.24
CA VAL P 73 86.66 -65.48 -20.18
C VAL P 73 87.39 -64.15 -20.04
N ASP P 74 86.85 -63.08 -20.59
CA ASP P 74 87.53 -61.78 -20.48
C ASP P 74 87.22 -61.08 -19.16
N LEU P 75 86.19 -61.53 -18.46
CA LEU P 75 85.78 -60.85 -17.23
C LEU P 75 85.72 -61.69 -15.96
N ALA P 76 85.72 -63.01 -16.11
CA ALA P 76 85.60 -63.89 -14.95
C ALA P 76 86.60 -63.68 -13.82
N PHE P 77 87.89 -63.71 -14.13
CA PHE P 77 88.91 -63.54 -13.12
C PHE P 77 88.85 -62.12 -12.54
N ALA P 78 88.73 -61.12 -13.39
CA ALA P 78 88.63 -59.73 -12.94
C ALA P 78 87.46 -59.58 -11.98
N SER P 79 86.35 -60.24 -12.31
CA SER P 79 85.15 -60.19 -11.50
C SER P 79 85.30 -60.83 -10.13
N VAL P 80 86.15 -61.83 -10.01
CA VAL P 80 86.36 -62.44 -8.71
C VAL P 80 87.25 -61.49 -7.91
N GLU P 81 88.14 -60.77 -8.59
CA GLU P 81 88.99 -59.81 -7.89
C GLU P 81 88.14 -58.61 -7.45
N HIS P 82 87.15 -58.24 -8.26
CA HIS P 82 86.25 -57.14 -7.95
C HIS P 82 85.48 -57.55 -6.67
N ILE P 83 85.03 -58.81 -6.62
CA ILE P 83 84.33 -59.30 -5.44
C ILE P 83 85.23 -59.18 -4.22
N MET P 84 86.48 -59.59 -4.36
CA MET P 84 87.45 -59.56 -3.27
C MET P 84 87.77 -58.16 -2.74
N ARG P 85 87.92 -57.20 -3.66
CA ARG P 85 88.30 -55.82 -3.31
C ARG P 85 87.19 -54.79 -3.10
N ASN P 86 86.14 -54.87 -3.92
CA ASN P 86 85.07 -53.89 -3.88
C ASN P 86 83.78 -54.22 -3.15
N VAL P 87 83.29 -55.44 -3.32
CA VAL P 87 82.05 -55.84 -2.69
C VAL P 87 82.13 -55.89 -1.18
N ASN P 88 81.13 -55.31 -0.51
CA ASN P 88 81.10 -55.28 0.95
C ASN P 88 81.10 -56.71 1.46
N GLY P 89 82.18 -57.05 2.18
CA GLY P 89 82.28 -58.38 2.74
C GLY P 89 82.58 -59.43 1.67
N GLY P 90 82.92 -58.95 0.48
CA GLY P 90 83.19 -59.85 -0.63
C GLY P 90 84.31 -60.83 -0.33
N PHE P 91 85.45 -60.29 0.13
CA PHE P 91 86.59 -61.12 0.46
C PHE P 91 86.16 -62.27 1.39
N MET P 92 85.38 -61.96 2.41
CA MET P 92 84.95 -62.99 3.35
C MET P 92 83.96 -63.99 2.74
N LEU P 93 83.11 -63.53 1.84
CA LEU P 93 82.12 -64.41 1.23
C LEU P 93 82.79 -65.40 0.27
N ARG P 94 83.80 -64.90 -0.44
CA ARG P 94 84.56 -65.69 -1.39
C ARG P 94 85.28 -66.81 -0.61
N TYR P 95 86.06 -66.42 0.38
CA TYR P 95 86.77 -67.38 1.20
C TYR P 95 85.83 -68.35 1.89
N LEU P 96 84.65 -67.90 2.28
CA LEU P 96 83.72 -68.81 2.94
C LEU P 96 83.25 -69.88 1.93
N HIS P 97 82.99 -69.46 0.69
CA HIS P 97 82.53 -70.40 -0.34
C HIS P 97 83.63 -71.40 -0.69
N ALA P 98 84.85 -70.88 -0.89
CA ALA P 98 85.99 -71.70 -1.24
C ALA P 98 86.28 -72.74 -0.15
N ASN P 99 86.60 -72.26 1.05
CA ASN P 99 86.89 -73.15 2.16
C ASN P 99 85.69 -73.97 2.57
N GLY P 100 84.50 -73.53 2.16
CA GLY P 100 83.29 -74.27 2.48
C GLY P 100 83.28 -75.58 1.72
N ALA P 101 83.85 -75.55 0.52
CA ALA P 101 83.91 -76.74 -0.33
C ALA P 101 84.77 -77.78 0.41
N SER P 102 85.89 -77.34 0.98
CA SER P 102 86.76 -78.23 1.72
C SER P 102 86.03 -78.81 2.92
N LEU P 103 85.42 -77.94 3.71
CA LEU P 103 84.70 -78.41 4.88
C LEU P 103 83.67 -79.44 4.43
N PHE P 104 83.04 -79.18 3.30
CA PHE P 104 82.03 -80.07 2.76
C PHE P 104 82.64 -81.46 2.50
N PHE P 105 83.86 -81.52 1.98
CA PHE P 105 84.49 -82.80 1.72
C PHE P 105 85.09 -83.47 2.94
N ILE P 106 85.72 -82.68 3.81
CA ILE P 106 86.28 -83.23 5.03
C ILE P 106 85.14 -83.95 5.72
N ALA P 107 83.97 -83.32 5.73
CA ALA P 107 82.81 -83.91 6.36
C ALA P 107 82.27 -85.15 5.64
N VAL P 108 82.21 -85.17 4.30
CA VAL P 108 81.69 -86.41 3.66
C VAL P 108 82.62 -87.56 3.86
N TYR P 109 83.92 -87.32 3.86
CA TYR P 109 84.82 -88.43 4.02
C TYR P 109 84.64 -89.05 5.41
N LEU P 110 84.45 -88.22 6.43
CA LEU P 110 84.23 -88.73 7.77
C LEU P 110 82.87 -89.42 7.83
N HIS P 111 81.89 -88.83 7.15
CA HIS P 111 80.54 -89.37 7.10
C HIS P 111 80.59 -90.74 6.40
N ILE P 112 81.29 -90.82 5.27
CA ILE P 112 81.39 -92.09 4.52
C ILE P 112 82.13 -93.20 5.28
N PHE P 113 83.26 -92.86 5.87
CA PHE P 113 84.02 -93.85 6.62
C PHE P 113 83.28 -94.31 7.88
N ARG P 114 82.49 -93.42 8.47
CA ARG P 114 81.70 -93.77 9.63
C ARG P 114 80.78 -94.90 9.19
N GLY P 115 80.17 -94.71 8.01
CA GLY P 115 79.27 -95.71 7.48
C GLY P 115 79.93 -97.04 7.13
N LEU P 116 81.13 -96.98 6.58
CA LEU P 116 81.86 -98.18 6.19
C LEU P 116 82.22 -99.02 7.42
N TYR P 117 82.47 -98.34 8.53
CA TYR P 117 82.85 -98.98 9.77
C TYR P 117 81.72 -99.63 10.57
N TYR P 118 80.57 -98.97 10.63
CA TYR P 118 79.44 -99.48 11.39
C TYR P 118 78.40 -100.20 10.54
N GLY P 119 78.73 -100.44 9.28
CA GLY P 119 77.82 -101.14 8.39
C GLY P 119 76.49 -100.41 8.22
N SER P 120 76.53 -99.09 8.18
CA SER P 120 75.33 -98.28 8.03
C SER P 120 74.77 -98.46 6.61
N TYR P 121 75.53 -99.15 5.76
CA TYR P 121 75.13 -99.40 4.38
C TYR P 121 74.47 -100.77 4.23
N LYS P 122 74.58 -101.59 5.28
CA LYS P 122 74.00 -102.92 5.22
C LYS P 122 72.51 -102.88 5.46
N ALA P 123 71.82 -103.84 4.85
CA ALA P 123 70.38 -103.95 4.97
C ALA P 123 69.97 -103.58 6.39
N PRO P 124 68.84 -102.88 6.52
CA PRO P 124 67.97 -102.50 5.40
C PRO P 124 68.31 -101.13 4.83
N ARG P 125 69.54 -100.67 5.05
CA ARG P 125 69.96 -99.33 4.62
C ARG P 125 70.64 -99.14 3.25
N GLU P 126 70.42 -100.05 2.31
CA GLU P 126 71.06 -99.93 1.01
C GLU P 126 70.66 -98.69 0.20
N VAL P 127 69.38 -98.32 0.25
CA VAL P 127 68.90 -97.17 -0.49
C VAL P 127 69.53 -95.89 0.06
N THR P 128 69.58 -95.77 1.39
CA THR P 128 70.18 -94.60 2.01
C THR P 128 71.58 -94.47 1.42
N TRP P 129 72.30 -95.59 1.41
CA TRP P 129 73.67 -95.63 0.91
C TRP P 129 73.81 -95.26 -0.57
N ILE P 130 72.92 -95.78 -1.41
CA ILE P 130 72.98 -95.48 -2.83
C ILE P 130 72.66 -94.01 -3.10
N VAL P 131 71.65 -93.47 -2.43
CA VAL P 131 71.32 -92.07 -2.63
C VAL P 131 72.55 -91.26 -2.22
N GLY P 132 73.16 -91.63 -1.10
CA GLY P 132 74.35 -90.93 -0.66
C GLY P 132 75.42 -90.95 -1.75
N MET P 133 75.59 -92.08 -2.44
CA MET P 133 76.60 -92.19 -3.49
C MET P 133 76.31 -91.23 -4.62
N LEU P 134 75.03 -91.04 -4.93
CA LEU P 134 74.64 -90.12 -5.98
C LEU P 134 74.99 -88.71 -5.55
N ILE P 135 74.75 -88.42 -4.28
CA ILE P 135 75.06 -87.11 -3.75
C ILE P 135 76.56 -86.86 -3.90
N TYR P 136 77.35 -87.88 -3.57
CA TYR P 136 78.82 -87.78 -3.68
C TYR P 136 79.26 -87.48 -5.10
N LEU P 137 78.66 -88.14 -6.07
CA LEU P 137 79.00 -87.88 -7.46
C LEU P 137 78.70 -86.44 -7.83
N ALA P 138 77.52 -86.00 -7.45
CA ALA P 138 77.07 -84.63 -7.73
C ALA P 138 77.98 -83.60 -7.04
N MET P 139 78.32 -83.86 -5.78
CA MET P 139 79.21 -82.95 -5.05
C MET P 139 80.50 -82.75 -5.81
N MET P 140 81.08 -83.85 -6.29
CA MET P 140 82.33 -83.76 -7.03
C MET P 140 82.18 -82.98 -8.31
N ALA P 141 81.13 -83.26 -9.07
CA ALA P 141 80.91 -82.54 -10.32
C ALA P 141 80.68 -81.07 -10.02
N THR P 142 79.90 -80.79 -8.98
CA THR P 142 79.62 -79.40 -8.60
C THR P 142 80.91 -78.66 -8.24
N ALA P 143 81.69 -79.24 -7.34
CA ALA P 143 82.94 -78.58 -6.93
C ALA P 143 83.93 -78.42 -8.06
N PHE P 144 83.91 -79.35 -9.00
CA PHE P 144 84.83 -79.25 -10.13
C PHE P 144 84.44 -78.03 -10.96
N MET P 145 83.16 -77.91 -11.33
CA MET P 145 82.71 -76.78 -12.14
C MET P 145 82.91 -75.45 -11.41
N GLY P 146 82.66 -75.44 -10.10
CA GLY P 146 82.85 -74.21 -9.36
C GLY P 146 84.29 -73.76 -9.48
N TYR P 147 85.22 -74.70 -9.27
CA TYR P 147 86.65 -74.39 -9.32
C TYR P 147 87.09 -73.78 -10.65
N VAL P 148 86.34 -74.06 -11.71
CA VAL P 148 86.65 -73.55 -13.04
C VAL P 148 86.22 -72.08 -13.20
N LEU P 149 85.17 -71.67 -12.48
CA LEU P 149 84.66 -70.31 -12.62
C LEU P 149 85.65 -69.15 -12.50
N PRO P 150 86.54 -69.16 -11.50
CA PRO P 150 87.52 -68.07 -11.34
C PRO P 150 88.40 -67.84 -12.59
N TRP P 151 88.51 -68.86 -13.41
CA TRP P 151 89.33 -68.85 -14.63
C TRP P 151 90.81 -68.59 -14.37
N GLY P 152 91.36 -69.22 -13.33
CA GLY P 152 92.77 -69.08 -13.01
C GLY P 152 93.50 -70.20 -13.73
N GLN P 153 94.79 -70.41 -13.45
CA GLN P 153 95.53 -71.48 -14.12
C GLN P 153 95.02 -72.88 -13.78
N MET P 154 94.83 -73.16 -12.49
CA MET P 154 94.31 -74.44 -12.09
C MET P 154 92.94 -74.67 -12.72
N SER P 155 92.16 -73.60 -12.80
CA SER P 155 90.82 -73.66 -13.38
C SER P 155 90.81 -74.13 -14.82
N PHE P 156 91.64 -73.51 -15.64
CA PHE P 156 91.71 -73.85 -17.06
C PHE P 156 92.23 -75.25 -17.32
N TRP P 157 93.38 -75.58 -16.75
CA TRP P 157 93.96 -76.90 -16.98
C TRP P 157 93.18 -78.03 -16.32
N GLY P 158 92.60 -77.77 -15.15
CA GLY P 158 91.80 -78.79 -14.52
C GLY P 158 90.60 -79.08 -15.39
N ALA P 159 90.07 -78.05 -16.05
CA ALA P 159 88.91 -78.23 -16.92
C ALA P 159 89.33 -79.00 -18.17
N THR P 160 90.53 -78.71 -18.66
CA THR P 160 91.05 -79.40 -19.83
C THR P 160 91.16 -80.89 -19.53
N VAL P 161 91.76 -81.21 -18.38
CA VAL P 161 91.94 -82.60 -17.98
C VAL P 161 90.66 -83.37 -17.66
N ILE P 162 89.75 -82.76 -16.92
CA ILE P 162 88.53 -83.45 -16.58
C ILE P 162 87.60 -83.67 -17.77
N THR P 163 87.60 -82.74 -18.72
CA THR P 163 86.76 -82.96 -19.89
C THR P 163 87.51 -84.01 -20.72
N GLY P 164 88.82 -84.09 -20.51
CA GLY P 164 89.64 -85.05 -21.23
C GLY P 164 89.29 -86.48 -20.83
N LEU P 165 88.90 -86.68 -19.57
CA LEU P 165 88.53 -88.01 -19.10
C LEU P 165 87.51 -88.66 -20.03
N PHE P 166 86.52 -87.88 -20.44
CA PHE P 166 85.47 -88.40 -21.32
C PHE P 166 85.99 -88.65 -22.71
N GLY P 167 87.07 -87.96 -23.06
CA GLY P 167 87.65 -88.16 -24.37
C GLY P 167 88.30 -89.52 -24.44
N ALA P 168 88.47 -90.15 -23.28
CA ALA P 168 89.10 -91.46 -23.20
C ALA P 168 88.15 -92.63 -23.43
N ILE P 169 86.85 -92.36 -23.43
CA ILE P 169 85.90 -93.44 -23.67
C ILE P 169 86.04 -93.85 -25.13
N PRO P 170 86.23 -95.14 -25.39
CA PRO P 170 86.40 -95.68 -26.74
C PRO P 170 85.20 -95.42 -27.65
N GLY P 171 85.48 -95.07 -28.90
CA GLY P 171 84.40 -94.84 -29.86
C GLY P 171 83.65 -93.52 -29.75
N ILE P 172 82.77 -93.40 -28.76
CA ILE P 172 81.98 -92.19 -28.59
C ILE P 172 82.73 -91.03 -27.93
N GLY P 173 83.80 -91.38 -27.20
CA GLY P 173 84.60 -90.39 -26.50
C GLY P 173 84.86 -89.01 -27.09
N HIS P 174 85.45 -88.94 -28.27
CA HIS P 174 85.75 -87.65 -28.88
C HIS P 174 84.51 -86.77 -28.99
N SER P 175 83.37 -87.41 -29.28
CA SER P 175 82.11 -86.70 -29.42
C SER P 175 81.63 -86.14 -28.09
N ILE P 176 81.64 -86.98 -27.07
CA ILE P 176 81.20 -86.54 -25.77
C ILE P 176 82.08 -85.39 -25.30
N GLN P 177 83.38 -85.46 -25.60
CA GLN P 177 84.27 -84.40 -25.18
C GLN P 177 83.99 -83.09 -25.93
N THR P 178 83.70 -83.18 -27.24
CA THR P 178 83.43 -81.98 -28.01
C THR P 178 82.13 -81.33 -27.50
N TRP P 179 81.18 -82.18 -27.14
CA TRP P 179 79.88 -81.76 -26.63
C TRP P 179 80.03 -81.02 -25.29
N LEU P 180 80.84 -81.56 -24.38
CA LEU P 180 81.06 -80.93 -23.09
C LEU P 180 81.78 -79.59 -23.21
N LEU P 181 82.67 -79.51 -24.19
CA LEU P 181 83.45 -78.30 -24.40
C LEU P 181 82.76 -77.23 -25.24
N GLY P 182 81.84 -77.66 -26.09
CA GLY P 182 81.14 -76.72 -26.95
C GLY P 182 82.08 -76.26 -28.05
N GLY P 183 83.16 -77.00 -28.25
CA GLY P 183 84.13 -76.65 -29.28
C GLY P 183 85.39 -77.48 -29.21
N PRO P 184 86.43 -77.10 -30.00
CA PRO P 184 87.70 -77.82 -30.03
C PRO P 184 88.59 -77.72 -28.79
N ALA P 185 88.32 -76.78 -27.91
CA ALA P 185 89.12 -76.61 -26.72
C ALA P 185 88.32 -75.96 -25.60
N VAL P 186 88.90 -75.92 -24.41
CA VAL P 186 88.25 -75.28 -23.29
C VAL P 186 88.28 -73.80 -23.62
N ASP P 187 87.10 -73.18 -23.70
CA ASP P 187 87.01 -71.76 -24.04
C ASP P 187 85.77 -71.14 -23.35
N ASN P 188 85.32 -69.98 -23.83
CA ASN P 188 84.19 -69.32 -23.22
C ASN P 188 82.93 -70.19 -23.20
N ALA P 189 82.60 -70.86 -24.31
CA ALA P 189 81.41 -71.70 -24.31
C ALA P 189 81.47 -72.69 -23.14
N THR P 190 82.67 -73.14 -22.79
CA THR P 190 82.83 -74.10 -21.70
C THR P 190 82.57 -73.46 -20.34
N LEU P 191 83.17 -72.29 -20.12
CA LEU P 191 83.00 -71.55 -18.88
C LEU P 191 81.53 -71.20 -18.66
N ASN P 192 80.90 -70.74 -19.74
CA ASN P 192 79.51 -70.35 -19.72
C ASN P 192 78.56 -71.48 -19.30
N ARG P 193 78.73 -72.67 -19.86
CA ARG P 193 77.85 -73.79 -19.48
C ARG P 193 78.17 -74.33 -18.09
N PHE P 194 79.42 -74.19 -17.67
CA PHE P 194 79.80 -74.65 -16.34
C PHE P 194 79.14 -73.78 -15.31
N PHE P 195 79.03 -72.48 -15.60
CA PHE P 195 78.39 -71.58 -14.67
C PHE P 195 76.96 -72.03 -14.45
N SER P 196 76.24 -72.22 -15.55
CA SER P 196 74.87 -72.65 -15.46
C SER P 196 74.74 -73.96 -14.70
N LEU P 197 75.59 -74.94 -14.99
CA LEU P 197 75.49 -76.22 -14.29
C LEU P 197 75.95 -76.14 -12.84
N HIS P 198 76.90 -75.25 -12.54
CA HIS P 198 77.36 -75.12 -11.16
C HIS P 198 76.21 -74.58 -10.34
N TYR P 199 75.38 -73.76 -10.97
CA TYR P 199 74.23 -73.17 -10.31
C TYR P 199 73.14 -74.23 -10.08
N LEU P 200 72.86 -75.01 -11.12
CA LEU P 200 71.82 -76.04 -11.07
C LEU P 200 72.06 -77.26 -10.16
N LEU P 201 73.25 -77.84 -10.21
CA LEU P 201 73.52 -79.04 -9.42
C LEU P 201 73.23 -78.99 -7.93
N PRO P 202 73.62 -77.88 -7.26
CA PRO P 202 73.34 -77.82 -5.83
C PRO P 202 71.87 -78.04 -5.47
N PHE P 203 70.94 -77.70 -6.37
CA PHE P 203 69.52 -77.91 -6.10
C PHE P 203 69.15 -79.37 -6.26
N VAL P 204 69.86 -80.04 -7.16
CA VAL P 204 69.64 -81.45 -7.40
C VAL P 204 70.13 -82.14 -6.13
N ILE P 205 71.29 -81.72 -5.64
CA ILE P 205 71.84 -82.29 -4.43
C ILE P 205 70.80 -82.10 -3.31
N ALA P 206 70.29 -80.88 -3.15
CA ALA P 206 69.30 -80.61 -2.10
C ALA P 206 68.11 -81.55 -2.24
N ALA P 207 67.68 -81.80 -3.46
CA ALA P 207 66.56 -82.70 -3.70
C ALA P 207 66.96 -84.11 -3.26
N LEU P 208 68.16 -84.55 -3.63
CA LEU P 208 68.62 -85.89 -3.25
C LEU P 208 68.76 -86.00 -1.74
N VAL P 209 69.25 -84.96 -1.09
CA VAL P 209 69.41 -84.97 0.35
C VAL P 209 68.05 -85.16 1.01
N ALA P 210 67.00 -84.66 0.36
CA ALA P 210 65.65 -84.81 0.90
C ALA P 210 65.30 -86.30 0.90
N ILE P 211 65.63 -86.98 -0.19
CA ILE P 211 65.35 -88.40 -0.29
C ILE P 211 66.22 -89.19 0.68
N HIS P 212 67.46 -88.71 0.89
CA HIS P 212 68.43 -89.32 1.79
C HIS P 212 67.83 -89.31 3.20
N ILE P 213 67.33 -88.14 3.62
CA ILE P 213 66.73 -88.02 4.95
C ILE P 213 65.49 -88.89 5.09
N TRP P 214 64.66 -88.89 4.06
CA TRP P 214 63.45 -89.71 4.06
C TRP P 214 63.87 -91.17 4.22
N ALA P 215 64.88 -91.56 3.46
CA ALA P 215 65.39 -92.94 3.49
C ALA P 215 65.85 -93.39 4.87
N PHE P 216 66.70 -92.64 5.56
CA PHE P 216 67.11 -93.11 6.86
C PHE P 216 66.01 -92.94 7.89
N HIS P 217 65.04 -92.08 7.62
CA HIS P 217 63.94 -91.94 8.56
C HIS P 217 63.01 -93.14 8.43
N SER P 218 62.92 -93.70 7.23
CA SER P 218 62.09 -94.87 7.00
C SER P 218 62.60 -96.09 7.75
N THR P 219 63.92 -96.21 7.90
CA THR P 219 64.48 -97.35 8.59
C THR P 219 64.91 -97.06 10.02
N GLY P 220 65.11 -95.80 10.33
CA GLY P 220 65.56 -95.44 11.66
C GLY P 220 67.07 -95.44 11.57
N ASN P 221 67.71 -94.58 12.36
CA ASN P 221 69.17 -94.48 12.36
C ASN P 221 69.82 -95.75 12.84
N ASN P 222 71.05 -95.97 12.41
CA ASN P 222 71.82 -97.11 12.85
C ASN P 222 72.60 -96.53 14.03
N ASN P 223 73.14 -97.38 14.89
CA ASN P 223 73.91 -96.90 16.03
C ASN P 223 75.23 -97.68 16.08
N PRO P 224 76.14 -97.32 16.99
CA PRO P 224 77.43 -98.01 17.10
C PRO P 224 77.43 -99.51 17.39
N THR P 225 76.30 -100.08 17.80
CA THR P 225 76.28 -101.51 18.10
C THR P 225 75.70 -102.33 16.95
N GLY P 226 75.04 -101.67 16.01
CA GLY P 226 74.45 -102.39 14.89
C GLY P 226 73.19 -103.11 15.30
N VAL P 227 72.81 -102.96 16.56
CA VAL P 227 71.60 -103.59 17.09
C VAL P 227 70.43 -102.63 16.95
N GLU P 228 69.39 -103.07 16.25
CA GLU P 228 68.21 -102.26 16.01
C GLU P 228 67.48 -101.90 17.30
N VAL P 229 66.58 -100.93 17.21
CA VAL P 229 65.77 -100.51 18.35
C VAL P 229 64.63 -101.52 18.44
N ARG P 230 64.23 -101.90 19.65
CA ARG P 230 63.14 -102.85 19.81
C ARG P 230 61.83 -102.20 19.33
N ARG P 231 61.13 -102.87 18.42
CA ARG P 231 59.88 -102.34 17.86
C ARG P 231 58.62 -102.91 18.50
N THR P 232 58.77 -103.96 19.32
CA THR P 232 57.63 -104.61 19.95
C THR P 232 56.68 -103.78 20.83
N SER P 233 57.19 -102.78 21.55
CA SER P 233 56.33 -101.94 22.40
C SER P 233 56.94 -100.57 22.68
N LYS P 234 56.10 -99.53 22.74
CA LYS P 234 56.63 -98.20 23.01
C LYS P 234 57.49 -98.29 24.27
N ALA P 235 57.07 -99.15 25.20
CA ALA P 235 57.76 -99.36 26.47
C ALA P 235 59.26 -99.55 26.33
N GLU P 236 59.66 -100.64 25.68
CA GLU P 236 61.07 -100.96 25.49
C GLU P 236 61.73 -100.06 24.45
N ALA P 237 60.96 -99.66 23.44
CA ALA P 237 61.49 -98.80 22.39
C ALA P 237 62.08 -97.57 23.08
N GLN P 238 61.40 -97.09 24.12
CA GLN P 238 61.87 -95.92 24.85
C GLN P 238 63.12 -96.19 25.67
N LYS P 239 63.34 -97.44 26.05
CA LYS P 239 64.51 -97.81 26.83
C LYS P 239 65.74 -97.70 25.92
N ASP P 240 65.48 -97.93 24.62
CA ASP P 240 66.53 -97.89 23.60
C ASP P 240 66.77 -96.50 23.01
N THR P 241 65.77 -95.63 23.08
CA THR P 241 65.86 -94.30 22.48
C THR P 241 65.59 -93.09 23.37
N VAL P 242 65.54 -91.94 22.70
CA VAL P 242 65.22 -90.62 23.24
C VAL P 242 64.78 -89.90 21.97
N PRO P 243 63.89 -88.92 22.08
CA PRO P 243 63.47 -88.23 20.87
C PRO P 243 64.58 -87.34 20.30
N PHE P 244 64.64 -87.27 18.97
CA PHE P 244 65.63 -86.46 18.29
C PHE P 244 65.66 -85.06 18.88
N TRP P 245 64.49 -84.46 19.02
CA TRP P 245 64.39 -83.15 19.63
C TRP P 245 64.00 -83.35 21.10
N PRO P 246 64.75 -82.74 22.02
CA PRO P 246 65.86 -81.81 21.84
C PRO P 246 67.23 -82.48 22.09
N TYR P 247 67.18 -83.74 22.49
CA TYR P 247 68.39 -84.49 22.83
C TYR P 247 69.51 -84.49 21.80
N PHE P 248 69.21 -84.89 20.57
CA PHE P 248 70.26 -84.91 19.58
C PHE P 248 70.40 -83.60 18.83
N ILE P 249 69.27 -82.92 18.59
CA ILE P 249 69.29 -81.63 17.91
C ILE P 249 70.30 -80.73 18.61
N ILE P 250 70.35 -80.81 19.94
CA ILE P 250 71.26 -79.96 20.67
C ILE P 250 72.71 -80.40 20.67
N LYS P 251 73.00 -81.69 20.71
CA LYS P 251 74.41 -82.06 20.67
C LYS P 251 74.90 -81.77 19.25
N ASP P 252 74.05 -81.99 18.26
CA ASP P 252 74.39 -81.70 16.87
C ASP P 252 74.77 -80.23 16.73
N VAL P 253 73.87 -79.35 17.15
CA VAL P 253 74.13 -77.92 17.07
C VAL P 253 75.38 -77.57 17.86
N PHE P 254 75.60 -78.27 18.98
CA PHE P 254 76.78 -78.01 19.79
C PHE P 254 78.03 -78.41 19.00
N ALA P 255 77.97 -79.58 18.38
CA ALA P 255 79.10 -80.08 17.58
C ALA P 255 79.36 -79.11 16.44
N LEU P 256 78.28 -78.74 15.75
CA LEU P 256 78.36 -77.81 14.64
C LEU P 256 79.06 -76.52 15.04
N ALA P 257 78.76 -76.01 16.23
CA ALA P 257 79.36 -74.78 16.71
C ALA P 257 80.87 -74.93 16.89
N VAL P 258 81.28 -76.11 17.34
CA VAL P 258 82.71 -76.37 17.54
C VAL P 258 83.39 -76.46 16.17
N VAL P 259 82.74 -77.15 15.25
CA VAL P 259 83.27 -77.30 13.89
C VAL P 259 83.38 -75.94 13.23
N LEU P 260 82.32 -75.12 13.34
CA LEU P 260 82.34 -73.81 12.74
C LEU P 260 83.39 -72.92 13.39
N LEU P 261 83.69 -73.18 14.66
CA LEU P 261 84.70 -72.41 15.36
C LEU P 261 86.03 -72.60 14.62
N VAL P 262 86.38 -73.85 14.35
CA VAL P 262 87.63 -74.15 13.63
C VAL P 262 87.56 -73.60 12.22
N PHE P 263 86.44 -73.84 11.55
CA PHE P 263 86.21 -73.38 10.20
C PHE P 263 86.43 -71.87 10.04
N PHE P 264 85.82 -71.08 10.92
CA PHE P 264 85.98 -69.64 10.84
C PHE P 264 87.40 -69.21 11.19
N ALA P 265 88.04 -69.97 12.07
CA ALA P 265 89.42 -69.66 12.43
C ALA P 265 90.27 -69.83 11.17
N ILE P 266 89.99 -70.89 10.41
CA ILE P 266 90.71 -71.16 9.17
C ILE P 266 90.47 -70.01 8.20
N VAL P 267 89.19 -69.75 7.91
CA VAL P 267 88.81 -68.69 6.98
C VAL P 267 89.34 -67.32 7.40
N GLY P 268 89.33 -67.04 8.69
CA GLY P 268 89.81 -65.76 9.13
C GLY P 268 91.32 -65.64 9.11
N PHE P 269 92.01 -66.70 9.52
CA PHE P 269 93.46 -66.64 9.60
C PHE P 269 94.33 -67.32 8.54
N MET P 270 93.80 -68.33 7.86
CA MET P 270 94.58 -69.01 6.82
C MET P 270 93.65 -69.51 5.73
N PRO P 271 92.91 -68.57 5.12
CA PRO P 271 91.93 -68.82 4.06
C PRO P 271 92.50 -69.46 2.78
N ASN P 272 93.81 -69.28 2.55
CA ASN P 272 94.45 -69.82 1.36
C ASN P 272 95.27 -71.07 1.55
N TYR P 273 95.27 -71.60 2.77
CA TYR P 273 96.04 -72.79 3.08
C TYR P 273 95.61 -74.04 2.29
N LEU P 274 94.31 -74.29 2.24
CA LEU P 274 93.80 -75.45 1.53
C LEU P 274 93.66 -75.23 0.02
N GLY P 275 94.26 -74.17 -0.49
CA GLY P 275 94.16 -73.91 -1.92
C GLY P 275 95.46 -73.93 -2.69
N HIS P 276 95.38 -73.63 -3.99
CA HIS P 276 96.54 -73.65 -4.84
C HIS P 276 96.91 -72.26 -5.35
N PRO P 277 98.10 -71.77 -4.97
CA PRO P 277 98.61 -70.46 -5.37
C PRO P 277 98.51 -70.16 -6.86
N ASP P 278 98.61 -71.20 -7.68
CA ASP P 278 98.56 -70.97 -9.11
C ASP P 278 97.19 -70.54 -9.61
N ASN P 279 96.17 -70.63 -8.77
CA ASN P 279 94.90 -70.17 -9.30
C ASN P 279 94.74 -68.68 -9.13
N TYR P 280 95.79 -68.02 -8.66
CA TYR P 280 95.79 -66.57 -8.53
C TYR P 280 96.52 -66.01 -9.75
N ILE P 281 96.70 -66.87 -10.73
CA ILE P 281 97.35 -66.51 -11.98
C ILE P 281 96.28 -66.74 -13.02
N GLU P 282 96.12 -65.80 -13.95
CA GLU P 282 95.10 -65.92 -14.97
C GLU P 282 95.33 -67.09 -15.91
N ALA P 283 94.22 -67.72 -16.29
CA ALA P 283 94.27 -68.84 -17.20
C ALA P 283 95.16 -68.49 -18.39
N ASN P 284 96.08 -69.39 -18.73
CA ASN P 284 96.97 -69.18 -19.87
C ASN P 284 96.82 -70.45 -20.71
N PRO P 285 96.04 -70.36 -21.79
CA PRO P 285 95.83 -71.54 -22.64
C PRO P 285 97.09 -72.07 -23.31
N LEU P 286 98.19 -71.32 -23.24
CA LEU P 286 99.43 -71.76 -23.87
C LEU P 286 100.48 -72.24 -22.91
N ARG P 287 100.10 -72.54 -21.67
CA ARG P 287 101.11 -72.91 -20.73
C ARG P 287 100.55 -73.56 -19.47
N THR P 288 100.99 -74.78 -19.20
CA THR P 288 100.53 -75.49 -18.02
C THR P 288 101.56 -75.32 -16.91
N PRO P 289 101.11 -74.85 -15.73
CA PRO P 289 102.04 -74.66 -14.60
C PRO P 289 102.80 -75.94 -14.29
N ALA P 290 104.04 -75.77 -13.87
CA ALA P 290 104.88 -76.90 -13.52
C ALA P 290 104.38 -77.64 -12.28
N HIS P 291 103.75 -76.91 -11.37
CA HIS P 291 103.28 -77.59 -10.16
C HIS P 291 101.79 -77.77 -10.05
N ILE P 292 101.17 -78.01 -11.21
CA ILE P 292 99.73 -78.24 -11.24
C ILE P 292 99.45 -79.44 -10.34
N VAL P 293 98.45 -79.30 -9.47
CA VAL P 293 98.06 -80.35 -8.54
C VAL P 293 96.57 -80.17 -8.29
N PRO P 294 95.82 -81.27 -8.23
CA PRO P 294 94.38 -81.17 -7.98
C PRO P 294 94.04 -80.67 -6.58
N GLU P 295 92.76 -80.33 -6.40
CA GLU P 295 92.26 -79.87 -5.10
C GLU P 295 92.40 -81.08 -4.19
N TRP P 296 92.85 -80.86 -2.97
CA TRP P 296 93.07 -81.98 -2.06
C TRP P 296 91.96 -83.04 -1.98
N TYR P 297 90.69 -82.63 -1.95
CA TYR P 297 89.65 -83.64 -1.87
C TYR P 297 89.53 -84.49 -3.14
N PHE P 298 90.36 -84.20 -4.14
CA PHE P 298 90.37 -84.97 -5.39
C PHE P 298 91.62 -85.83 -5.49
N LEU P 299 92.63 -85.50 -4.70
CA LEU P 299 93.90 -86.22 -4.72
C LEU P 299 93.85 -87.74 -4.70
N PRO P 300 93.15 -88.34 -3.73
CA PRO P 300 93.14 -89.81 -3.74
C PRO P 300 92.71 -90.46 -5.05
N PHE P 301 91.68 -89.95 -5.69
CA PHE P 301 91.22 -90.56 -6.93
C PHE P 301 92.19 -90.24 -8.07
N TYR P 302 92.84 -89.10 -7.95
CA TYR P 302 93.82 -88.66 -8.92
C TYR P 302 95.03 -89.59 -8.85
N ALA P 303 95.43 -89.93 -7.64
CA ALA P 303 96.57 -90.82 -7.40
C ALA P 303 96.30 -92.17 -8.05
N ILE P 304 95.10 -92.70 -7.84
CA ILE P 304 94.75 -93.96 -8.44
C ILE P 304 94.89 -93.84 -9.95
N LEU P 305 94.34 -92.77 -10.53
CA LEU P 305 94.45 -92.62 -11.96
C LEU P 305 95.87 -92.58 -12.50
N ARG P 306 96.76 -91.74 -11.97
CA ARG P 306 98.11 -91.73 -12.55
C ARG P 306 99.04 -92.88 -12.18
N ALA P 307 98.59 -93.79 -11.33
CA ALA P 307 99.42 -94.93 -10.95
C ALA P 307 99.53 -95.84 -12.17
N PHE P 308 98.51 -95.86 -13.00
CA PHE P 308 98.49 -96.73 -14.15
C PHE P 308 99.08 -96.26 -15.46
N THR P 309 100.40 -96.38 -15.57
CA THR P 309 101.09 -95.99 -16.79
C THR P 309 101.22 -97.21 -17.70
N ALA P 310 101.77 -97.00 -18.88
CA ALA P 310 101.95 -98.05 -19.88
C ALA P 310 102.78 -99.23 -19.38
N ASP P 311 103.67 -98.97 -18.43
CA ASP P 311 104.56 -99.97 -17.87
C ASP P 311 103.97 -100.93 -16.83
N VAL P 312 102.78 -100.64 -16.31
CA VAL P 312 102.17 -101.49 -15.30
C VAL P 312 101.72 -102.80 -15.93
N TRP P 313 102.24 -103.88 -15.37
CA TRP P 313 101.95 -105.21 -15.89
C TRP P 313 100.49 -105.46 -16.14
N VAL P 314 99.66 -105.10 -15.16
CA VAL P 314 98.24 -105.33 -15.29
C VAL P 314 97.65 -104.51 -16.46
N VAL P 315 98.28 -103.38 -16.78
CA VAL P 315 97.85 -102.54 -17.88
C VAL P 315 98.23 -103.21 -19.20
N GLN P 316 99.45 -103.75 -19.24
CA GLN P 316 99.96 -104.43 -20.41
C GLN P 316 99.14 -105.68 -20.70
N ILE P 317 98.77 -106.40 -19.64
CA ILE P 317 97.94 -107.57 -19.82
C ILE P 317 96.64 -107.12 -20.46
N ALA P 318 95.99 -106.14 -19.81
CA ALA P 318 94.72 -105.62 -20.30
C ALA P 318 94.83 -105.05 -21.71
N ASN P 319 95.95 -104.40 -22.00
CA ASN P 319 96.13 -103.84 -23.32
C ASN P 319 96.24 -104.97 -24.34
N PHE P 320 96.83 -106.08 -23.94
CA PHE P 320 96.99 -107.23 -24.83
C PHE P 320 95.65 -107.93 -25.06
N ILE P 321 95.04 -108.32 -23.95
CA ILE P 321 93.77 -109.01 -23.90
C ILE P 321 92.60 -108.27 -24.57
N SER P 322 92.67 -106.93 -24.60
CA SER P 322 91.63 -106.11 -25.18
C SER P 322 91.96 -105.68 -26.61
N PHE P 323 93.02 -106.24 -27.17
CA PHE P 323 93.44 -105.88 -28.52
C PHE P 323 93.70 -104.38 -28.59
N GLY P 324 94.34 -103.85 -27.55
CA GLY P 324 94.67 -102.43 -27.51
C GLY P 324 93.55 -101.43 -27.28
N ILE P 325 92.33 -101.88 -27.03
CA ILE P 325 91.24 -100.95 -26.79
C ILE P 325 91.41 -100.31 -25.42
N ILE P 326 91.81 -101.13 -24.46
CA ILE P 326 92.04 -100.63 -23.12
C ILE P 326 93.51 -100.35 -22.86
N ASP P 327 93.97 -99.15 -23.22
CA ASP P 327 95.36 -98.80 -22.96
C ASP P 327 95.44 -98.16 -21.58
N ALA P 328 96.61 -97.67 -21.20
CA ALA P 328 96.79 -97.07 -19.88
C ALA P 328 95.86 -95.89 -19.66
N LYS P 329 95.69 -95.08 -20.70
CA LYS P 329 94.83 -93.93 -20.62
C LYS P 329 93.45 -94.33 -20.11
N PHE P 330 92.76 -95.18 -20.86
CA PHE P 330 91.43 -95.62 -20.50
C PHE P 330 91.42 -96.45 -19.21
N PHE P 331 92.49 -97.21 -18.98
CA PHE P 331 92.60 -98.03 -17.79
C PHE P 331 92.58 -97.15 -16.55
N GLY P 332 93.35 -96.05 -16.60
CA GLY P 332 93.41 -95.13 -15.48
C GLY P 332 92.04 -94.53 -15.18
N VAL P 333 91.31 -94.20 -16.24
CA VAL P 333 89.97 -93.63 -16.11
C VAL P 333 89.02 -94.66 -15.51
N LEU P 334 89.13 -95.91 -15.95
CA LEU P 334 88.27 -96.97 -15.41
C LEU P 334 88.61 -97.24 -13.96
N ALA P 335 89.91 -97.26 -13.67
CA ALA P 335 90.36 -97.50 -12.30
C ALA P 335 89.80 -96.44 -11.36
N MET P 336 89.89 -95.19 -11.78
CA MET P 336 89.41 -94.09 -10.96
C MET P 336 87.90 -94.13 -10.74
N PHE P 337 87.12 -94.25 -11.80
CA PHE P 337 85.68 -94.31 -11.61
C PHE P 337 85.34 -95.62 -10.93
N GLY P 338 86.11 -96.66 -11.22
CA GLY P 338 85.89 -97.97 -10.61
C GLY P 338 86.11 -97.94 -9.11
N ALA P 339 87.08 -97.15 -8.65
CA ALA P 339 87.36 -97.06 -7.23
C ALA P 339 86.12 -96.49 -6.53
N ILE P 340 85.40 -95.60 -7.21
CA ILE P 340 84.19 -95.03 -6.63
C ILE P 340 83.06 -96.06 -6.72
N LEU P 341 82.96 -96.73 -7.86
CA LEU P 341 81.92 -97.74 -8.06
C LEU P 341 81.98 -98.91 -7.09
N VAL P 342 83.18 -99.37 -6.73
CA VAL P 342 83.23 -100.50 -5.80
C VAL P 342 82.76 -100.08 -4.42
N MET P 343 82.97 -98.82 -4.06
CA MET P 343 82.54 -98.31 -2.78
C MET P 343 81.01 -98.24 -2.77
N ALA P 344 80.43 -97.96 -3.93
CA ALA P 344 78.97 -97.89 -4.05
C ALA P 344 78.37 -99.29 -3.89
N LEU P 345 79.12 -100.30 -4.31
CA LEU P 345 78.64 -101.68 -4.25
C LEU P 345 78.90 -102.39 -2.93
N VAL P 346 79.59 -101.74 -2.01
CA VAL P 346 79.92 -102.39 -0.74
C VAL P 346 78.76 -103.13 -0.06
N PRO P 347 77.50 -102.67 -0.24
CA PRO P 347 76.43 -103.43 0.43
C PRO P 347 76.35 -104.88 -0.05
N TRP P 348 76.72 -105.11 -1.31
CA TRP P 348 76.67 -106.44 -1.89
C TRP P 348 77.99 -107.17 -1.92
N LEU P 349 79.04 -106.53 -1.42
CA LEU P 349 80.35 -107.15 -1.37
C LEU P 349 80.67 -107.58 0.05
N ASP P 350 80.06 -106.91 1.03
CA ASP P 350 80.28 -107.26 2.42
C ASP P 350 79.32 -108.38 2.73
N THR P 351 79.83 -109.61 2.81
CA THR P 351 79.00 -110.77 3.06
C THR P 351 78.73 -111.11 4.52
N SER P 352 79.42 -110.44 5.44
CA SER P 352 79.21 -110.69 6.86
C SER P 352 77.82 -110.21 7.28
N PRO P 353 77.13 -111.01 8.11
CA PRO P 353 75.80 -110.63 8.57
C PRO P 353 75.86 -109.75 9.81
N VAL P 354 77.07 -109.57 10.34
CA VAL P 354 77.27 -108.73 11.53
C VAL P 354 77.32 -107.28 11.06
N ARG P 355 76.38 -106.47 11.53
CA ARG P 355 76.37 -105.08 11.07
C ARG P 355 77.52 -104.19 11.52
N SER P 356 77.72 -104.03 12.82
CA SER P 356 78.82 -103.18 13.28
C SER P 356 80.20 -103.81 13.30
N GLY P 357 81.16 -103.12 12.70
CA GLY P 357 82.53 -103.61 12.68
C GLY P 357 83.20 -103.53 14.02
N ARG P 358 82.43 -103.13 15.03
CA ARG P 358 82.95 -103.04 16.39
C ARG P 358 83.13 -104.45 16.92
N TYR P 359 82.32 -105.36 16.38
CA TYR P 359 82.33 -106.76 16.77
C TYR P 359 82.90 -107.68 15.67
N ARG P 360 83.83 -107.14 14.90
CA ARG P 360 84.48 -107.90 13.82
C ARG P 360 85.98 -107.67 13.95
N PRO P 361 86.68 -108.56 14.67
CA PRO P 361 88.12 -108.51 14.93
C PRO P 361 89.06 -108.43 13.72
N MET P 362 88.77 -109.17 12.67
CA MET P 362 89.62 -109.14 11.48
C MET P 362 89.26 -107.92 10.64
N PHE P 363 87.97 -107.64 10.54
CA PHE P 363 87.48 -106.50 9.80
C PHE P 363 88.19 -105.23 10.29
N LYS P 364 88.21 -105.02 11.60
CA LYS P 364 88.86 -103.83 12.14
C LYS P 364 90.22 -103.57 11.52
N ILE P 365 90.98 -104.63 11.30
CA ILE P 365 92.31 -104.45 10.74
C ILE P 365 92.30 -103.92 9.31
N TYR P 366 91.54 -104.57 8.44
CA TYR P 366 91.47 -104.15 7.05
C TYR P 366 90.82 -102.79 6.92
N PHE P 367 89.85 -102.51 7.76
CA PHE P 367 89.19 -101.22 7.75
C PHE P 367 90.20 -100.10 8.00
N TRP P 368 90.96 -100.20 9.09
CA TRP P 368 91.94 -99.17 9.40
C TRP P 368 93.04 -99.08 8.36
N LEU P 369 93.27 -100.17 7.62
CA LEU P 369 94.28 -100.13 6.58
C LEU P 369 93.67 -99.33 5.45
N LEU P 370 92.37 -99.48 5.25
CA LEU P 370 91.65 -98.75 4.21
C LEU P 370 91.71 -97.26 4.53
N ALA P 371 91.45 -96.93 5.78
CA ALA P 371 91.48 -95.54 6.22
C ALA P 371 92.86 -94.95 5.96
N ALA P 372 93.89 -95.67 6.40
CA ALA P 372 95.27 -95.21 6.21
C ALA P 372 95.59 -95.11 4.72
N ASP P 373 95.04 -96.05 3.95
CA ASP P 373 95.25 -96.10 2.52
C ASP P 373 94.73 -94.81 1.87
N PHE P 374 93.53 -94.40 2.30
CA PHE P 374 92.90 -93.19 1.78
C PHE P 374 93.84 -92.00 2.03
N VAL P 375 94.37 -91.92 3.25
CA VAL P 375 95.28 -90.83 3.59
C VAL P 375 96.57 -90.92 2.75
N ILE P 376 97.08 -92.13 2.56
CA ILE P 376 98.29 -92.31 1.77
C ILE P 376 98.04 -91.88 0.32
N LEU P 377 96.92 -92.32 -0.25
CA LEU P 377 96.57 -91.97 -1.62
C LEU P 377 96.52 -90.45 -1.76
N THR P 378 95.87 -89.80 -0.79
CA THR P 378 95.76 -88.35 -0.80
C THR P 378 97.16 -87.74 -0.78
N TRP P 379 97.99 -88.25 0.13
CA TRP P 379 99.35 -87.76 0.25
C TRP P 379 100.18 -88.04 -1.01
N VAL P 380 100.06 -89.21 -1.62
CA VAL P 380 100.87 -89.45 -2.82
C VAL P 380 100.42 -88.62 -4.01
N GLY P 381 99.12 -88.31 -4.07
CA GLY P 381 98.62 -87.52 -5.18
C GLY P 381 99.38 -86.23 -5.34
N ALA P 382 99.87 -85.69 -4.23
CA ALA P 382 100.61 -84.43 -4.25
C ALA P 382 102.12 -84.61 -4.49
N GLN P 383 102.56 -85.86 -4.64
CA GLN P 383 103.97 -86.15 -4.90
C GLN P 383 104.21 -86.31 -6.39
N GLN P 384 105.47 -86.43 -6.77
CA GLN P 384 105.80 -86.61 -8.18
C GLN P 384 105.58 -88.07 -8.56
N THR P 385 105.73 -88.37 -9.83
CA THR P 385 105.52 -89.71 -10.34
C THR P 385 106.78 -90.58 -10.28
N THR P 386 107.88 -90.00 -9.82
CA THR P 386 109.13 -90.74 -9.72
C THR P 386 109.12 -91.78 -8.61
N PHE P 387 110.15 -92.64 -8.62
CA PHE P 387 110.32 -93.69 -7.63
C PHE P 387 110.56 -92.99 -6.29
N PRO P 388 109.98 -93.51 -5.19
CA PRO P 388 109.12 -94.68 -4.97
C PRO P 388 107.62 -94.38 -4.98
N TYR P 389 107.26 -93.13 -5.22
CA TYR P 389 105.85 -92.73 -5.22
C TYR P 389 105.02 -93.55 -6.21
N ASP P 390 105.61 -93.83 -7.37
CA ASP P 390 104.93 -94.63 -8.37
C ASP P 390 104.52 -95.98 -7.81
N TRP P 391 105.39 -96.56 -6.98
CA TRP P 391 105.13 -97.85 -6.36
C TRP P 391 104.12 -97.74 -5.25
N ILE P 392 104.29 -96.72 -4.42
CA ILE P 392 103.37 -96.48 -3.32
C ILE P 392 101.96 -96.29 -3.86
N SER P 393 101.81 -95.52 -4.93
CA SER P 393 100.48 -95.31 -5.46
C SER P 393 99.88 -96.62 -5.96
N LEU P 394 100.70 -97.47 -6.58
CA LEU P 394 100.20 -98.76 -7.07
C LEU P 394 99.75 -99.68 -5.95
N ILE P 395 100.54 -99.73 -4.88
CA ILE P 395 100.20 -100.58 -3.76
C ILE P 395 98.93 -100.06 -3.10
N ALA P 396 98.87 -98.75 -2.88
CA ALA P 396 97.70 -98.13 -2.26
C ALA P 396 96.45 -98.39 -3.11
N SER P 397 96.58 -98.25 -4.43
CA SER P 397 95.44 -98.48 -5.31
C SER P 397 95.04 -99.94 -5.22
N ALA P 398 96.04 -100.82 -5.20
CA ALA P 398 95.81 -102.25 -5.12
C ALA P 398 95.04 -102.58 -3.86
N TYR P 399 95.49 -102.05 -2.73
CA TYR P 399 94.81 -102.33 -1.49
C TYR P 399 93.35 -101.86 -1.51
N TRP P 400 93.10 -100.73 -2.17
CA TRP P 400 91.75 -100.18 -2.23
C TRP P 400 90.77 -101.14 -2.91
N PHE P 401 91.14 -101.67 -4.07
CA PHE P 401 90.27 -102.60 -4.79
C PHE P 401 90.24 -103.94 -4.07
N ALA P 402 91.34 -104.28 -3.41
CA ALA P 402 91.44 -105.54 -2.69
C ALA P 402 90.42 -105.55 -1.56
N TYR P 403 90.38 -104.46 -0.80
CA TYR P 403 89.47 -104.33 0.32
C TYR P 403 88.03 -104.65 -0.08
N PHE P 404 87.53 -103.99 -1.11
CA PHE P 404 86.16 -104.20 -1.55
C PHE P 404 85.87 -105.47 -2.35
N LEU P 405 86.74 -105.78 -3.30
CA LEU P 405 86.53 -106.94 -4.16
C LEU P 405 86.99 -108.30 -3.62
N VAL P 406 87.96 -108.30 -2.71
CA VAL P 406 88.46 -109.55 -2.19
C VAL P 406 88.27 -109.72 -0.68
N ILE P 407 88.95 -108.88 0.09
CA ILE P 407 88.89 -108.95 1.54
C ILE P 407 87.51 -108.95 2.19
N LEU P 408 86.63 -108.07 1.76
CA LEU P 408 85.30 -108.05 2.35
C LEU P 408 84.47 -109.27 1.99
N PRO P 409 84.50 -109.70 0.73
CA PRO P 409 83.69 -110.88 0.43
C PRO P 409 84.22 -112.10 1.16
N ILE P 410 85.54 -112.16 1.33
CA ILE P 410 86.16 -113.28 2.02
C ILE P 410 85.87 -113.28 3.52
N LEU P 411 86.13 -112.15 4.17
CA LEU P 411 85.88 -112.03 5.61
C LEU P 411 84.47 -112.45 6.00
N GLY P 412 83.54 -112.28 5.08
CA GLY P 412 82.17 -112.64 5.35
C GLY P 412 82.03 -114.09 5.76
N ALA P 413 82.73 -114.96 5.04
CA ALA P 413 82.68 -116.40 5.27
C ALA P 413 83.70 -116.92 6.27
N ILE P 414 84.78 -116.19 6.45
CA ILE P 414 85.87 -116.62 7.29
C ILE P 414 86.05 -116.04 8.70
N GLU P 415 85.34 -114.96 9.01
CA GLU P 415 85.49 -114.33 10.31
C GLU P 415 84.66 -114.90 11.46
N LYS P 416 85.22 -114.94 12.66
CA LYS P 416 84.43 -115.43 13.79
C LYS P 416 84.09 -114.18 14.60
N PRO P 417 82.90 -113.61 14.34
CA PRO P 417 82.39 -112.40 15.00
C PRO P 417 82.04 -112.49 16.47
N VAL P 418 82.50 -111.49 17.21
CA VAL P 418 82.25 -111.38 18.63
C VAL P 418 80.75 -111.15 18.73
N ALA P 419 80.18 -111.40 19.90
CA ALA P 419 78.73 -111.20 20.06
C ALA P 419 78.43 -109.77 20.48
N PRO P 420 77.37 -109.18 19.92
CA PRO P 420 76.98 -107.82 20.26
C PRO P 420 75.94 -107.82 21.36
N PRO P 421 75.77 -106.68 22.04
CA PRO P 421 74.77 -106.56 23.10
C PRO P 421 73.42 -107.04 22.55
N ALA P 422 72.48 -107.34 23.44
CA ALA P 422 71.16 -107.80 23.01
C ALA P 422 70.26 -106.61 22.72
N THR P 423 70.60 -105.46 23.32
CA THR P 423 69.84 -104.24 23.11
C THR P 423 70.70 -102.99 23.25
N ILE P 424 70.21 -101.91 22.64
CA ILE P 424 70.89 -100.63 22.69
C ILE P 424 70.90 -100.18 24.14
N GLU P 425 69.79 -100.42 24.83
CA GLU P 425 69.66 -100.04 26.22
C GLU P 425 70.80 -100.67 27.00
N GLU P 426 70.98 -101.97 26.82
CA GLU P 426 72.04 -102.66 27.51
C GLU P 426 73.35 -101.93 27.25
N ASP P 427 73.68 -101.70 25.99
CA ASP P 427 74.92 -101.00 25.64
C ASP P 427 74.99 -99.61 26.24
N PHE P 428 73.88 -98.87 26.25
CA PHE P 428 73.85 -97.52 26.80
C PHE P 428 74.21 -97.50 28.28
N ASN P 429 73.59 -98.38 29.06
CA ASN P 429 73.86 -98.46 30.49
C ASN P 429 75.35 -98.67 30.69
N ALA P 430 75.90 -99.60 29.93
CA ALA P 430 77.32 -99.94 29.98
C ALA P 430 78.22 -98.71 30.06
N ALA Q 1 110.19 -78.10 -12.73
CA ALA Q 1 110.74 -77.18 -11.70
C ALA Q 1 110.63 -77.78 -10.30
N GLY Q 2 110.56 -76.93 -9.28
CA GLY Q 2 110.44 -77.41 -7.92
C GLY Q 2 110.18 -76.33 -6.86
N GLY Q 3 110.63 -76.60 -5.64
CA GLY Q 3 110.47 -75.65 -4.54
C GLY Q 3 111.80 -75.38 -3.85
N GLY Q 4 111.95 -74.19 -3.26
CA GLY Q 4 113.21 -73.88 -2.63
C GLY Q 4 113.24 -73.16 -1.28
N HIS Q 5 114.42 -72.59 -0.98
CA HIS Q 5 114.71 -71.89 0.26
C HIS Q 5 114.40 -70.39 0.16
N VAL Q 6 113.68 -69.85 1.14
CA VAL Q 6 113.33 -68.43 1.18
C VAL Q 6 113.71 -67.86 2.53
N GLU Q 7 114.31 -66.67 2.52
CA GLU Q 7 114.70 -66.01 3.75
C GLU Q 7 113.42 -65.70 4.52
N ASP Q 8 113.35 -66.20 5.75
CA ASP Q 8 112.20 -66.06 6.65
C ASP Q 8 112.12 -64.66 7.27
N VAL Q 9 111.56 -63.67 6.55
CA VAL Q 9 111.44 -62.31 7.08
C VAL Q 9 110.26 -62.17 8.01
N PRO Q 10 110.44 -61.49 9.16
CA PRO Q 10 109.32 -61.32 10.09
C PRO Q 10 108.56 -60.06 9.69
N PHE Q 11 107.44 -60.24 9.01
CA PHE Q 11 106.64 -59.11 8.56
C PHE Q 11 105.59 -58.76 9.63
N SER Q 12 105.41 -57.48 9.87
CA SER Q 12 104.45 -57.01 10.88
C SER Q 12 103.06 -57.64 10.75
N PHE Q 13 102.62 -57.85 9.51
CA PHE Q 13 101.30 -58.41 9.23
C PHE Q 13 101.08 -59.90 9.48
N GLU Q 14 102.14 -60.63 9.78
CA GLU Q 14 102.00 -62.06 10.03
C GLU Q 14 101.50 -62.29 11.46
N GLY Q 15 100.85 -63.43 11.68
CA GLY Q 15 100.31 -63.73 13.00
C GLY Q 15 98.86 -63.27 13.05
N PRO Q 16 98.02 -63.92 13.86
CA PRO Q 16 96.61 -63.52 13.95
C PRO Q 16 96.40 -62.07 14.36
N PHE Q 17 97.40 -61.47 14.99
CA PHE Q 17 97.30 -60.09 15.43
C PHE Q 17 98.15 -59.18 14.56
N GLY Q 18 98.71 -59.74 13.50
CA GLY Q 18 99.54 -58.96 12.59
C GLY Q 18 98.72 -57.91 11.88
N THR Q 19 99.37 -56.80 11.54
CA THR Q 19 98.71 -55.71 10.85
C THR Q 19 99.75 -55.01 10.00
N PHE Q 20 99.31 -54.40 8.91
CA PHE Q 20 100.22 -53.70 8.04
C PHE Q 20 100.78 -52.49 8.78
N ASP Q 21 101.98 -52.09 8.36
CA ASP Q 21 102.64 -50.92 8.92
C ASP Q 21 102.45 -49.88 7.82
N GLN Q 22 101.60 -48.92 8.11
CA GLN Q 22 101.26 -47.88 7.16
C GLN Q 22 102.44 -47.17 6.48
N HIS Q 23 103.50 -46.90 7.23
CA HIS Q 23 104.66 -46.22 6.64
C HIS Q 23 105.47 -47.13 5.73
N GLN Q 24 105.58 -48.40 6.10
CA GLN Q 24 106.31 -49.36 5.28
C GLN Q 24 105.59 -49.46 3.95
N LEU Q 25 104.27 -49.63 4.01
CA LEU Q 25 103.46 -49.73 2.80
C LEU Q 25 103.70 -48.51 1.93
N GLN Q 26 103.78 -47.35 2.55
CA GLN Q 26 104.03 -46.11 1.83
C GLN Q 26 105.40 -46.17 1.18
N ARG Q 27 106.42 -46.59 1.93
CA ARG Q 27 107.76 -46.70 1.37
C ARG Q 27 107.73 -47.70 0.22
N GLY Q 28 107.08 -48.83 0.45
CA GLY Q 28 106.96 -49.86 -0.56
C GLY Q 28 106.35 -49.33 -1.84
N LEU Q 29 105.29 -48.53 -1.70
CA LEU Q 29 104.63 -47.94 -2.85
C LEU Q 29 105.61 -47.08 -3.64
N GLN Q 30 106.52 -46.42 -2.95
CA GLN Q 30 107.50 -45.58 -3.64
C GLN Q 30 108.44 -46.47 -4.45
N VAL Q 31 108.90 -47.56 -3.84
CA VAL Q 31 109.78 -48.50 -4.51
C VAL Q 31 109.08 -49.04 -5.75
N TYR Q 32 107.85 -49.51 -5.57
CA TYR Q 32 107.08 -50.05 -6.68
C TYR Q 32 106.98 -49.01 -7.81
N THR Q 33 106.66 -47.78 -7.41
CA THR Q 33 106.48 -46.68 -8.36
C THR Q 33 107.75 -46.25 -9.07
N GLU Q 34 108.83 -46.10 -8.30
CA GLU Q 34 110.10 -45.66 -8.86
C GLU Q 34 110.89 -46.77 -9.56
N VAL Q 35 110.75 -48.01 -9.11
CA VAL Q 35 111.51 -49.12 -9.71
C VAL Q 35 110.70 -50.14 -10.51
N CYS Q 36 109.96 -50.99 -9.80
CA CYS Q 36 109.16 -52.05 -10.41
C CYS Q 36 108.21 -51.64 -11.53
N ALA Q 37 107.45 -50.58 -11.28
CA ALA Q 37 106.46 -50.08 -12.22
C ALA Q 37 106.96 -49.88 -13.65
N ALA Q 38 108.28 -49.79 -13.82
CA ALA Q 38 108.83 -49.60 -15.16
C ALA Q 38 108.57 -50.81 -16.04
N CYS Q 39 108.38 -51.98 -15.44
CA CYS Q 39 108.13 -53.20 -16.20
C CYS Q 39 106.86 -53.94 -15.77
N HIS Q 40 106.61 -53.94 -14.45
CA HIS Q 40 105.46 -54.62 -13.84
C HIS Q 40 104.24 -53.75 -13.63
N GLY Q 41 103.06 -54.30 -13.90
CA GLY Q 41 101.84 -53.57 -13.67
C GLY Q 41 101.10 -54.20 -12.50
N MET Q 42 99.93 -53.66 -12.17
CA MET Q 42 99.09 -54.19 -11.10
C MET Q 42 97.65 -53.94 -11.53
N LYS Q 43 97.34 -54.45 -12.72
CA LYS Q 43 96.04 -54.28 -13.34
C LYS Q 43 94.76 -54.56 -12.55
N PHE Q 44 94.83 -55.26 -11.41
CA PHE Q 44 93.61 -55.51 -10.64
C PHE Q 44 93.52 -54.57 -9.47
N VAL Q 45 94.49 -53.68 -9.34
CA VAL Q 45 94.49 -52.77 -8.22
C VAL Q 45 93.99 -51.38 -8.56
N PRO Q 46 92.86 -50.98 -7.94
CA PRO Q 46 92.34 -49.65 -8.22
C PRO Q 46 93.21 -48.66 -7.44
N ILE Q 47 93.71 -47.64 -8.13
CA ILE Q 47 94.56 -46.64 -7.50
C ILE Q 47 93.95 -46.05 -6.24
N ARG Q 48 92.65 -45.78 -6.30
CA ARG Q 48 91.92 -45.21 -5.18
C ARG Q 48 92.05 -46.02 -3.90
N SER Q 49 92.43 -47.29 -4.00
CA SER Q 49 92.57 -48.07 -2.77
C SER Q 49 93.78 -47.59 -1.97
N LEU Q 50 94.59 -46.74 -2.57
CA LEU Q 50 95.74 -46.20 -1.84
C LEU Q 50 95.21 -45.35 -0.69
N SER Q 51 93.93 -44.96 -0.78
CA SER Q 51 93.26 -44.14 0.23
C SER Q 51 92.56 -44.97 1.32
N GLU Q 52 92.00 -46.13 0.92
CA GLU Q 52 91.27 -47.00 1.84
C GLU Q 52 92.00 -47.37 3.13
N PRO Q 53 91.23 -47.59 4.22
CA PRO Q 53 91.81 -47.95 5.53
C PRO Q 53 92.39 -49.36 5.50
N GLY Q 54 93.48 -49.56 6.23
CA GLY Q 54 94.12 -50.86 6.28
C GLY Q 54 95.24 -50.98 5.26
N GLY Q 55 95.57 -49.87 4.61
CA GLY Q 55 96.61 -49.90 3.62
C GLY Q 55 97.55 -48.71 3.78
N PRO Q 56 98.12 -48.20 2.68
CA PRO Q 56 99.04 -47.05 2.81
C PRO Q 56 98.28 -45.88 3.43
N GLU Q 57 96.98 -45.82 3.14
CA GLU Q 57 96.09 -44.78 3.63
C GLU Q 57 96.59 -43.36 3.32
N LEU Q 58 96.85 -43.09 2.05
CA LEU Q 58 97.30 -41.77 1.63
C LEU Q 58 96.10 -40.86 1.46
N PRO Q 59 96.28 -39.56 1.74
CA PRO Q 59 95.20 -38.56 1.61
C PRO Q 59 94.74 -38.49 0.16
N GLU Q 60 93.43 -38.48 -0.02
CA GLU Q 60 92.84 -38.45 -1.35
C GLU Q 60 93.44 -37.51 -2.37
N ASP Q 61 93.90 -36.35 -1.94
CA ASP Q 61 94.48 -35.41 -2.89
C ASP Q 61 95.81 -35.94 -3.40
N GLN Q 62 96.60 -36.54 -2.51
CA GLN Q 62 97.89 -37.12 -2.90
C GLN Q 62 97.63 -38.21 -3.93
N VAL Q 63 96.69 -39.08 -3.60
CA VAL Q 63 96.32 -40.18 -4.48
C VAL Q 63 95.88 -39.60 -5.82
N ARG Q 64 95.08 -38.55 -5.76
CA ARG Q 64 94.58 -37.89 -6.96
C ARG Q 64 95.74 -37.34 -7.79
N ALA Q 65 96.75 -36.80 -7.10
CA ALA Q 65 97.92 -36.26 -7.78
C ALA Q 65 98.70 -37.41 -8.40
N TYR Q 66 98.88 -38.45 -7.59
CA TYR Q 66 99.59 -39.66 -7.98
C TYR Q 66 99.02 -40.28 -9.27
N ALA Q 67 97.71 -40.46 -9.29
CA ALA Q 67 97.05 -41.04 -10.44
C ALA Q 67 97.35 -40.27 -11.72
N THR Q 68 97.80 -39.04 -11.57
CA THR Q 68 98.10 -38.19 -12.71
C THR Q 68 99.31 -38.65 -13.55
N GLN Q 69 100.31 -39.24 -12.90
CA GLN Q 69 101.51 -39.70 -13.60
C GLN Q 69 101.26 -40.88 -14.54
N PHE Q 70 100.04 -41.41 -14.55
CA PHE Q 70 99.70 -42.54 -15.42
C PHE Q 70 98.95 -42.14 -16.67
N THR Q 71 99.43 -42.63 -17.82
CA THR Q 71 98.78 -42.32 -19.08
C THR Q 71 97.77 -43.43 -19.41
N VAL Q 72 96.50 -43.06 -19.37
CA VAL Q 72 95.40 -43.98 -19.66
C VAL Q 72 94.72 -43.55 -20.95
N THR Q 73 93.98 -44.48 -21.55
CA THR Q 73 93.24 -44.21 -22.78
C THR Q 73 91.79 -44.45 -22.39
N ASP Q 74 91.05 -43.37 -22.15
CA ASP Q 74 89.65 -43.43 -21.73
C ASP Q 74 88.78 -44.48 -22.43
N GLU Q 75 88.09 -45.27 -21.62
CA GLU Q 75 87.20 -46.34 -22.07
C GLU Q 75 86.38 -46.02 -23.32
N GLU Q 76 85.49 -45.05 -23.19
CA GLU Q 76 84.61 -44.64 -24.27
C GLU Q 76 85.16 -43.55 -25.21
N THR Q 77 85.98 -42.65 -24.66
CA THR Q 77 86.54 -41.56 -25.45
C THR Q 77 87.72 -42.00 -26.35
N GLY Q 78 88.34 -43.12 -26.01
CA GLY Q 78 89.46 -43.61 -26.81
C GLY Q 78 90.64 -42.67 -26.77
N GLU Q 79 90.40 -41.50 -26.18
CA GLU Q 79 91.42 -40.47 -26.06
C GLU Q 79 92.25 -40.68 -24.81
N ASP Q 80 93.50 -40.21 -24.88
CA ASP Q 80 94.44 -40.33 -23.78
C ASP Q 80 94.29 -39.17 -22.82
N ARG Q 81 94.28 -39.50 -21.53
CA ARG Q 81 94.11 -38.51 -20.47
C ARG Q 81 94.94 -38.94 -19.27
N GLU Q 82 95.06 -38.05 -18.29
CA GLU Q 82 95.82 -38.39 -17.08
C GLU Q 82 94.95 -39.30 -16.22
N GLY Q 83 95.61 -40.14 -15.43
CA GLY Q 83 94.87 -41.07 -14.60
C GLY Q 83 94.06 -40.46 -13.49
N LYS Q 84 92.97 -41.15 -13.15
CA LYS Q 84 92.07 -40.75 -12.08
C LYS Q 84 92.17 -41.84 -11.01
N PRO Q 85 91.83 -41.51 -9.75
CA PRO Q 85 91.91 -42.52 -8.69
C PRO Q 85 90.98 -43.71 -8.98
N THR Q 86 90.03 -43.53 -9.88
CA THR Q 86 89.10 -44.61 -10.22
C THR Q 86 89.71 -45.57 -11.21
N ASP Q 87 90.91 -45.26 -11.71
CA ASP Q 87 91.58 -46.14 -12.66
C ASP Q 87 92.40 -47.16 -11.89
N HIS Q 88 92.72 -48.26 -12.57
CA HIS Q 88 93.55 -49.31 -11.98
C HIS Q 88 94.97 -48.99 -12.38
N PHE Q 89 95.95 -49.52 -11.64
CA PHE Q 89 97.34 -49.28 -12.03
C PHE Q 89 97.41 -49.90 -13.43
N PRO Q 90 98.39 -49.49 -14.23
CA PRO Q 90 98.47 -50.06 -15.58
C PRO Q 90 98.97 -51.51 -15.69
N HIS Q 91 98.80 -52.09 -16.88
CA HIS Q 91 99.24 -53.43 -17.18
C HIS Q 91 100.76 -53.36 -17.23
N SER Q 92 101.42 -54.51 -17.19
CA SER Q 92 102.88 -54.52 -17.25
C SER Q 92 103.35 -53.93 -18.58
N ALA Q 93 104.28 -52.97 -18.50
CA ALA Q 93 104.80 -52.31 -19.69
C ALA Q 93 105.70 -53.29 -20.45
N LEU Q 94 106.33 -54.20 -19.72
CA LEU Q 94 107.23 -55.20 -20.29
C LEU Q 94 106.46 -56.50 -20.48
N GLU Q 95 106.23 -56.87 -21.74
CA GLU Q 95 105.49 -58.08 -22.13
C GLU Q 95 105.64 -59.32 -21.23
N ASN Q 96 106.86 -59.65 -20.85
CA ASN Q 96 107.11 -60.83 -20.03
C ASN Q 96 107.23 -60.61 -18.54
N ALA Q 97 107.04 -59.36 -18.10
CA ALA Q 97 107.09 -59.07 -16.67
C ALA Q 97 105.70 -59.44 -16.17
N PRO Q 98 105.60 -60.36 -15.21
CA PRO Q 98 104.26 -60.69 -14.75
C PRO Q 98 103.58 -59.60 -13.95
N ASP Q 99 102.24 -59.63 -13.94
CA ASP Q 99 101.48 -58.65 -13.19
C ASP Q 99 101.76 -58.89 -11.72
N LEU Q 100 101.93 -57.83 -10.95
CA LEU Q 100 102.22 -57.99 -9.54
C LEU Q 100 101.04 -57.86 -8.57
N SER Q 101 99.83 -57.68 -9.10
CA SER Q 101 98.63 -57.53 -8.26
C SER Q 101 98.43 -58.64 -7.24
N LEU Q 102 98.60 -59.88 -7.69
CA LEU Q 102 98.40 -61.02 -6.82
C LEU Q 102 99.62 -61.84 -6.44
N MET Q 103 100.75 -61.50 -7.04
CA MET Q 103 102.02 -62.18 -6.79
C MET Q 103 102.23 -62.70 -5.37
N ALA Q 104 102.00 -61.86 -4.36
CA ALA Q 104 102.19 -62.27 -2.97
C ALA Q 104 101.30 -63.43 -2.51
N LYS Q 105 100.33 -63.82 -3.33
CA LYS Q 105 99.47 -64.94 -2.97
C LYS Q 105 99.68 -66.08 -3.96
N ALA Q 106 100.23 -65.72 -5.13
CA ALA Q 106 100.49 -66.68 -6.20
C ALA Q 106 101.87 -67.32 -6.13
N ARG Q 107 102.44 -67.33 -4.93
CA ARG Q 107 103.74 -67.94 -4.73
C ARG Q 107 103.79 -68.42 -3.31
N ALA Q 108 104.51 -69.51 -3.12
CA ALA Q 108 104.66 -70.12 -1.82
C ALA Q 108 106.16 -70.13 -1.59
N GLY Q 109 106.57 -69.90 -0.33
CA GLY Q 109 107.98 -69.89 0.00
C GLY Q 109 108.31 -71.00 0.96
N PHE Q 110 107.27 -71.54 1.59
CA PHE Q 110 107.43 -72.63 2.55
C PHE Q 110 106.75 -73.86 1.95
N HIS Q 111 107.50 -74.95 1.84
CA HIS Q 111 107.01 -76.19 1.26
C HIS Q 111 107.23 -77.40 2.19
N GLY Q 112 106.40 -78.44 2.02
CA GLY Q 112 106.52 -79.63 2.83
C GLY Q 112 106.26 -79.45 4.32
N PRO Q 113 106.99 -80.19 5.19
CA PRO Q 113 108.04 -81.16 4.87
C PRO Q 113 107.48 -82.51 4.41
N MET Q 114 108.10 -83.08 3.38
CA MET Q 114 107.68 -84.37 2.82
C MET Q 114 106.36 -84.22 2.07
N GLY Q 115 106.05 -82.98 1.68
CA GLY Q 115 104.81 -82.71 0.98
C GLY Q 115 103.62 -82.88 1.90
N THR Q 116 103.84 -82.62 3.18
CA THR Q 116 102.78 -82.76 4.20
C THR Q 116 102.08 -81.44 4.51
N GLY Q 117 102.65 -80.32 4.03
CA GLY Q 117 102.05 -79.02 4.27
C GLY Q 117 102.17 -78.52 5.70
N ILE Q 118 102.89 -79.23 6.55
CA ILE Q 118 103.05 -78.82 7.94
C ILE Q 118 103.89 -77.55 8.05
N SER Q 119 104.78 -77.33 7.08
CA SER Q 119 105.64 -76.15 7.06
C SER Q 119 104.82 -74.87 6.94
N GLN Q 120 103.89 -74.85 5.98
CA GLN Q 120 103.05 -73.67 5.78
C GLN Q 120 102.12 -73.47 6.97
N LEU Q 121 101.57 -74.58 7.48
CA LEU Q 121 100.66 -74.55 8.60
C LEU Q 121 101.20 -73.67 9.74
N PHE Q 122 102.52 -73.65 9.89
CA PHE Q 122 103.17 -72.85 10.93
C PHE Q 122 103.93 -71.61 10.43
N ASN Q 123 104.19 -71.54 9.13
CA ASN Q 123 104.94 -70.42 8.56
C ASN Q 123 104.20 -69.54 7.56
N GLY Q 124 103.02 -69.97 7.14
CA GLY Q 124 102.26 -69.19 6.17
C GLY Q 124 102.56 -69.73 4.77
N ILE Q 125 101.92 -69.20 3.73
CA ILE Q 125 102.22 -69.70 2.41
C ILE Q 125 103.58 -69.14 1.95
N GLY Q 126 103.98 -68.02 2.54
CA GLY Q 126 105.29 -67.44 2.23
C GLY Q 126 105.52 -66.59 0.98
N GLY Q 127 104.46 -66.06 0.40
CA GLY Q 127 104.60 -65.25 -0.81
C GLY Q 127 105.44 -64.01 -0.64
N PRO Q 128 105.21 -63.22 0.43
CA PRO Q 128 106.06 -62.03 0.56
C PRO Q 128 107.51 -62.40 0.80
N GLU Q 129 107.76 -63.45 1.59
CA GLU Q 129 109.14 -63.86 1.83
C GLU Q 129 109.73 -64.31 0.50
N TYR Q 130 108.96 -65.04 -0.29
CA TYR Q 130 109.45 -65.47 -1.58
C TYR Q 130 109.88 -64.26 -2.42
N ILE Q 131 109.02 -63.24 -2.47
CA ILE Q 131 109.33 -62.04 -3.25
C ILE Q 131 110.60 -61.36 -2.75
N TYR Q 132 110.71 -61.27 -1.43
CA TYR Q 132 111.87 -60.68 -0.79
C TYR Q 132 113.11 -61.43 -1.24
N SER Q 133 113.05 -62.75 -1.05
CA SER Q 133 114.16 -63.64 -1.41
C SER Q 133 114.60 -63.47 -2.86
N VAL Q 134 113.66 -63.30 -3.77
CA VAL Q 134 114.06 -63.14 -5.16
C VAL Q 134 114.76 -61.80 -5.38
N LEU Q 135 114.23 -60.74 -4.77
CA LEU Q 135 114.84 -59.41 -4.91
C LEU Q 135 116.21 -59.41 -4.27
N THR Q 136 116.30 -60.13 -3.17
CA THR Q 136 117.51 -60.26 -2.36
C THR Q 136 118.49 -61.32 -2.90
N GLY Q 137 117.98 -62.22 -3.74
CA GLY Q 137 118.79 -63.30 -4.26
C GLY Q 137 119.58 -63.23 -5.55
N PHE Q 138 119.99 -62.04 -5.96
CA PHE Q 138 120.81 -61.94 -7.16
C PHE Q 138 122.23 -61.82 -6.64
N PRO Q 139 123.04 -62.89 -6.75
CA PRO Q 139 124.43 -62.81 -6.27
C PRO Q 139 125.31 -62.21 -7.36
N GLU Q 140 126.43 -61.59 -6.98
CA GLU Q 140 127.25 -61.00 -8.03
C GLU Q 140 128.01 -62.03 -8.86
N GLU Q 141 128.43 -63.11 -8.22
CA GLU Q 141 129.17 -64.18 -8.87
C GLU Q 141 128.28 -65.41 -9.06
N PRO Q 142 128.15 -65.91 -10.30
CA PRO Q 142 127.35 -67.09 -10.66
C PRO Q 142 127.94 -68.32 -9.98
N PRO Q 143 127.13 -69.38 -9.79
CA PRO Q 143 127.72 -70.56 -9.13
C PRO Q 143 128.77 -71.17 -10.07
N LYS Q 144 129.76 -71.83 -9.49
CA LYS Q 144 130.84 -72.46 -10.24
C LYS Q 144 130.42 -73.19 -11.53
N CYS Q 145 129.66 -74.27 -11.36
CA CYS Q 145 129.23 -75.08 -12.49
C CYS Q 145 128.90 -74.32 -13.78
N ALA Q 146 128.33 -73.12 -13.65
CA ALA Q 146 127.94 -72.36 -14.84
C ALA Q 146 128.96 -71.36 -15.38
N GLU Q 147 129.87 -70.93 -14.52
CA GLU Q 147 130.92 -69.96 -14.85
C GLU Q 147 131.08 -69.56 -16.33
N GLY Q 148 131.17 -70.55 -17.23
CA GLY Q 148 131.33 -70.21 -18.63
C GLY Q 148 130.12 -70.42 -19.52
N HIS Q 149 129.03 -70.92 -18.95
CA HIS Q 149 127.81 -71.22 -19.71
C HIS Q 149 126.53 -70.47 -19.29
N GLU Q 150 126.61 -69.21 -18.91
CA GLU Q 150 125.41 -68.50 -18.49
C GLU Q 150 124.55 -68.05 -19.68
N PRO Q 151 123.27 -68.45 -19.69
CA PRO Q 151 122.35 -68.08 -20.77
C PRO Q 151 122.38 -66.58 -21.01
N ASP Q 152 122.38 -66.17 -22.28
CA ASP Q 152 122.40 -64.78 -22.65
C ASP Q 152 121.06 -64.09 -22.34
N GLY Q 153 121.10 -63.01 -21.58
CA GLY Q 153 119.88 -62.30 -21.24
C GLY Q 153 119.21 -62.74 -19.95
N PHE Q 154 119.85 -63.66 -19.22
CA PHE Q 154 119.31 -64.14 -17.97
C PHE Q 154 120.25 -63.80 -16.84
N TYR Q 155 119.80 -64.00 -15.61
CA TYR Q 155 120.62 -63.68 -14.45
C TYR Q 155 120.42 -64.74 -13.40
N TYR Q 156 121.50 -65.14 -12.73
CA TYR Q 156 121.34 -66.17 -11.71
C TYR Q 156 120.66 -65.60 -10.47
N ASN Q 157 119.71 -66.37 -9.96
CA ASN Q 157 118.98 -66.01 -8.76
C ASN Q 157 118.84 -67.21 -7.83
N ARG Q 158 119.23 -67.01 -6.59
CA ARG Q 158 119.19 -68.05 -5.57
C ARG Q 158 117.80 -68.58 -5.21
N ALA Q 159 116.79 -67.73 -5.27
CA ALA Q 159 115.44 -68.16 -4.89
C ALA Q 159 114.57 -68.66 -6.03
N PHE Q 160 114.78 -68.12 -7.23
CA PHE Q 160 114.00 -68.50 -8.40
C PHE Q 160 114.19 -69.98 -8.75
N GLN Q 161 113.09 -70.74 -8.74
CA GLN Q 161 113.15 -72.17 -9.04
C GLN Q 161 112.61 -72.61 -10.39
N ASN Q 162 111.99 -71.71 -11.13
CA ASN Q 162 111.45 -72.12 -12.42
C ASN Q 162 112.25 -71.69 -13.64
N GLY Q 163 113.49 -71.26 -13.42
CA GLY Q 163 114.30 -70.83 -14.54
C GLY Q 163 115.10 -71.96 -15.18
N SER Q 164 115.78 -71.64 -16.27
CA SER Q 164 116.60 -72.63 -16.96
C SER Q 164 117.94 -72.66 -16.27
N VAL Q 165 118.64 -73.78 -16.41
CA VAL Q 165 119.95 -73.95 -15.81
C VAL Q 165 120.87 -74.58 -16.84
N PRO Q 166 122.12 -74.13 -16.91
CA PRO Q 166 123.07 -74.69 -17.88
C PRO Q 166 123.24 -76.20 -17.70
N ASP Q 167 123.45 -76.92 -18.80
CA ASP Q 167 123.64 -78.38 -18.76
C ASP Q 167 124.74 -78.72 -17.76
N THR Q 168 125.74 -77.86 -17.74
CA THR Q 168 126.91 -78.01 -16.89
C THR Q 168 126.58 -77.90 -15.40
N CYS Q 169 125.33 -77.58 -15.08
CA CYS Q 169 124.90 -77.45 -13.69
C CYS Q 169 123.89 -78.51 -13.28
N LYS Q 170 123.74 -79.53 -14.09
CA LYS Q 170 122.80 -80.57 -13.73
C LYS Q 170 123.54 -81.84 -13.41
N ASP Q 171 122.98 -82.60 -12.47
CA ASP Q 171 123.61 -83.83 -12.04
C ASP Q 171 123.43 -84.95 -13.07
N ALA Q 172 123.89 -86.13 -12.70
CA ALA Q 172 123.81 -87.32 -13.55
C ALA Q 172 122.41 -87.58 -14.07
N ASN Q 173 121.41 -87.23 -13.27
CA ASN Q 173 120.02 -87.46 -13.63
C ASN Q 173 119.27 -86.28 -14.24
N GLY Q 174 119.97 -85.18 -14.48
CA GLY Q 174 119.33 -84.02 -15.09
C GLY Q 174 118.79 -82.99 -14.10
N VAL Q 175 118.87 -83.30 -12.81
CA VAL Q 175 118.40 -82.41 -11.75
C VAL Q 175 119.40 -81.26 -11.53
N LYS Q 176 118.91 -80.04 -11.32
CA LYS Q 176 119.83 -78.91 -11.13
C LYS Q 176 120.63 -78.97 -9.84
N THR Q 177 121.88 -78.52 -9.96
CA THR Q 177 122.88 -78.52 -8.90
C THR Q 177 122.83 -77.23 -8.08
N THR Q 178 122.50 -76.14 -8.75
CA THR Q 178 122.40 -74.82 -8.14
C THR Q 178 121.18 -74.72 -7.24
N ALA Q 179 121.25 -73.83 -6.27
CA ALA Q 179 120.13 -73.61 -5.35
C ALA Q 179 119.01 -72.91 -6.12
N GLY Q 180 119.39 -71.99 -7.00
CA GLY Q 180 118.40 -71.29 -7.78
C GLY Q 180 118.42 -71.63 -9.25
N SER Q 181 118.24 -70.62 -10.09
CA SER Q 181 118.25 -70.80 -11.53
C SER Q 181 118.28 -69.43 -12.23
N TRP Q 182 118.19 -69.42 -13.55
CA TRP Q 182 118.25 -68.19 -14.32
C TRP Q 182 116.89 -67.56 -14.64
N ILE Q 183 116.76 -66.30 -14.22
CA ILE Q 183 115.54 -65.48 -14.35
C ILE Q 183 115.74 -64.36 -15.39
N ALA Q 184 114.69 -64.04 -16.14
CA ALA Q 184 114.79 -62.99 -17.16
C ALA Q 184 114.77 -61.57 -16.58
N MET Q 185 114.66 -61.47 -15.26
CA MET Q 185 114.64 -60.16 -14.60
C MET Q 185 116.00 -59.70 -14.09
N PRO Q 186 116.56 -58.65 -14.70
CA PRO Q 186 117.86 -58.20 -14.20
C PRO Q 186 117.69 -57.64 -12.78
N PRO Q 187 118.74 -57.78 -11.93
CA PRO Q 187 118.65 -57.28 -10.55
C PRO Q 187 118.07 -55.89 -10.54
N PRO Q 188 116.89 -55.73 -9.93
CA PRO Q 188 116.21 -54.43 -9.86
C PRO Q 188 116.80 -53.43 -8.85
N LEU Q 189 116.98 -53.87 -7.61
CA LEU Q 189 117.50 -53.02 -6.55
C LEU Q 189 119.02 -52.84 -6.53
N MET Q 190 119.45 -51.83 -5.79
CA MET Q 190 120.83 -51.44 -5.55
C MET Q 190 120.71 -50.37 -4.47
N ASP Q 191 121.49 -50.49 -3.40
CA ASP Q 191 121.42 -49.56 -2.29
C ASP Q 191 121.11 -48.10 -2.64
N ASP Q 192 120.11 -47.56 -1.95
CA ASP Q 192 119.67 -46.18 -2.12
C ASP Q 192 119.34 -45.77 -3.55
N LEU Q 193 118.57 -46.62 -4.22
CA LEU Q 193 118.14 -46.35 -5.59
C LEU Q 193 116.90 -45.49 -5.46
N VAL Q 194 116.42 -45.41 -4.22
CA VAL Q 194 115.24 -44.64 -3.86
C VAL Q 194 115.58 -43.84 -2.61
N GLU Q 195 115.21 -42.57 -2.61
CA GLU Q 195 115.47 -41.69 -1.49
C GLU Q 195 114.22 -41.47 -0.64
N TYR Q 196 114.13 -42.15 0.50
CA TYR Q 196 112.97 -42.01 1.38
C TYR Q 196 112.93 -40.65 2.04
N ALA Q 197 111.76 -40.02 2.03
CA ALA Q 197 111.59 -38.71 2.63
C ALA Q 197 112.17 -38.66 4.04
N ASP Q 198 111.54 -39.38 4.96
CA ASP Q 198 111.97 -39.42 6.36
C ASP Q 198 113.39 -39.93 6.57
N GLY Q 199 114.17 -40.04 5.49
CA GLY Q 199 115.55 -40.49 5.61
C GLY Q 199 115.76 -41.92 6.06
N HIS Q 200 114.75 -42.77 5.94
CA HIS Q 200 114.83 -44.18 6.33
C HIS Q 200 115.89 -44.83 5.44
N ASP Q 201 116.48 -45.96 5.86
CA ASP Q 201 117.52 -46.55 5.03
C ASP Q 201 116.99 -47.27 3.79
N ALA Q 202 117.63 -46.99 2.66
CA ALA Q 202 117.26 -47.57 1.38
C ALA Q 202 118.25 -48.63 0.94
N SER Q 203 118.60 -49.54 1.83
CA SER Q 203 119.52 -50.61 1.50
C SER Q 203 118.68 -51.62 0.73
N VAL Q 204 119.29 -52.29 -0.25
CA VAL Q 204 118.56 -53.27 -1.02
C VAL Q 204 117.71 -54.13 -0.09
N HIS Q 205 118.26 -54.42 1.08
CA HIS Q 205 117.55 -55.23 2.08
C HIS Q 205 116.25 -54.56 2.53
N ALA Q 206 116.34 -53.29 2.91
CA ALA Q 206 115.17 -52.53 3.37
C ALA Q 206 114.10 -52.38 2.30
N MET Q 207 114.51 -51.91 1.12
CA MET Q 207 113.58 -51.72 0.03
C MET Q 207 112.84 -53.01 -0.32
N ALA Q 208 113.58 -54.11 -0.40
CA ALA Q 208 112.99 -55.39 -0.72
C ALA Q 208 111.95 -55.77 0.33
N GLU Q 209 112.22 -55.45 1.59
CA GLU Q 209 111.27 -55.79 2.63
C GLU Q 209 110.03 -54.91 2.58
N ASP Q 210 110.22 -53.64 2.20
CA ASP Q 210 109.11 -52.70 2.12
C ASP Q 210 108.19 -52.99 0.94
N VAL Q 211 108.78 -53.13 -0.24
CA VAL Q 211 108.00 -53.39 -1.45
C VAL Q 211 107.31 -54.74 -1.34
N SER Q 212 107.86 -55.64 -0.52
CA SER Q 212 107.25 -56.94 -0.33
C SER Q 212 106.01 -56.80 0.52
N ALA Q 213 106.07 -55.94 1.53
CA ALA Q 213 104.92 -55.71 2.41
C ALA Q 213 103.85 -55.03 1.56
N PHE Q 214 104.29 -54.10 0.71
CA PHE Q 214 103.38 -53.37 -0.15
C PHE Q 214 102.65 -54.33 -1.07
N LEU Q 215 103.38 -55.26 -1.68
CA LEU Q 215 102.77 -56.21 -2.58
C LEU Q 215 101.85 -57.18 -1.83
N MET Q 216 102.12 -57.40 -0.54
CA MET Q 216 101.25 -58.27 0.23
C MET Q 216 99.91 -57.54 0.35
N TRP Q 217 99.97 -56.25 0.62
CA TRP Q 217 98.75 -55.44 0.75
C TRP Q 217 98.03 -55.33 -0.58
N ALA Q 218 98.77 -55.16 -1.67
CA ALA Q 218 98.17 -55.05 -2.98
C ALA Q 218 97.37 -56.31 -3.30
N ALA Q 219 97.84 -57.44 -2.80
CA ALA Q 219 97.16 -58.71 -3.03
C ALA Q 219 96.01 -58.98 -2.06
N GLU Q 220 96.22 -58.65 -0.77
CA GLU Q 220 95.20 -58.85 0.26
C GLU Q 220 94.84 -57.51 0.92
N PRO Q 221 94.34 -56.54 0.15
CA PRO Q 221 94.00 -55.28 0.81
C PRO Q 221 93.09 -55.40 2.05
N LYS Q 222 92.27 -56.43 2.10
CA LYS Q 222 91.35 -56.68 3.22
C LYS Q 222 91.90 -57.59 4.30
N LEU Q 223 93.21 -57.73 4.35
CA LEU Q 223 93.82 -58.61 5.36
C LEU Q 223 93.34 -58.31 6.78
N MET Q 224 93.49 -57.07 7.21
CA MET Q 224 93.08 -56.70 8.56
C MET Q 224 91.60 -56.91 8.83
N ALA Q 225 90.75 -56.56 7.86
CA ALA Q 225 89.31 -56.75 8.02
C ALA Q 225 89.03 -58.23 8.21
N ARG Q 226 89.68 -59.05 7.39
CA ARG Q 226 89.51 -60.49 7.45
C ARG Q 226 89.85 -61.04 8.82
N LYS Q 227 90.99 -60.61 9.36
CA LYS Q 227 91.45 -61.05 10.67
C LYS Q 227 90.54 -60.56 11.79
N GLN Q 228 90.04 -59.33 11.65
CA GLN Q 228 89.14 -58.76 12.64
C GLN Q 228 87.85 -59.60 12.61
N ALA Q 229 87.36 -59.89 11.40
CA ALA Q 229 86.16 -60.71 11.26
C ALA Q 229 86.40 -62.07 11.88
N GLY Q 230 87.63 -62.56 11.78
CA GLY Q 230 87.98 -63.85 12.34
C GLY Q 230 87.84 -63.92 13.85
N PHE Q 231 88.47 -62.99 14.55
CA PHE Q 231 88.39 -62.94 16.01
C PHE Q 231 86.94 -62.92 16.41
N THR Q 232 86.20 -61.99 15.80
CA THR Q 232 84.79 -61.83 16.08
C THR Q 232 84.07 -63.17 16.02
N ALA Q 233 84.12 -63.81 14.86
CA ALA Q 233 83.47 -65.10 14.67
C ALA Q 233 83.93 -66.12 15.71
N VAL Q 234 85.23 -66.14 16.01
CA VAL Q 234 85.74 -67.09 16.99
C VAL Q 234 85.17 -66.82 18.38
N MET Q 235 85.06 -65.55 18.74
CA MET Q 235 84.51 -65.20 20.04
C MET Q 235 83.06 -65.65 20.16
N PHE Q 236 82.22 -65.26 19.19
CA PHE Q 236 80.82 -65.66 19.21
C PHE Q 236 80.75 -67.17 19.42
N LEU Q 237 81.38 -67.89 18.51
CA LEU Q 237 81.38 -69.34 18.53
C LEU Q 237 81.98 -69.99 19.77
N THR Q 238 82.99 -69.37 20.37
CA THR Q 238 83.58 -69.92 21.57
C THR Q 238 82.56 -69.83 22.69
N VAL Q 239 81.91 -68.66 22.78
CA VAL Q 239 80.88 -68.43 23.78
C VAL Q 239 79.72 -69.40 23.55
N LEU Q 240 79.17 -69.34 22.34
CA LEU Q 240 78.05 -70.19 21.96
C LEU Q 240 78.34 -71.66 22.16
N SER Q 241 79.59 -72.05 21.98
CA SER Q 241 79.98 -73.46 22.16
C SER Q 241 79.84 -73.85 23.61
N VAL Q 242 80.42 -73.03 24.48
CA VAL Q 242 80.37 -73.26 25.92
C VAL Q 242 78.93 -73.36 26.42
N LEU Q 243 78.08 -72.44 25.95
CA LEU Q 243 76.68 -72.44 26.34
C LEU Q 243 75.94 -73.68 25.85
N LEU Q 244 76.21 -74.08 24.61
CA LEU Q 244 75.56 -75.26 24.04
C LEU Q 244 76.06 -76.52 24.72
N TYR Q 245 77.29 -76.45 25.23
CA TYR Q 245 77.88 -77.57 25.94
C TYR Q 245 77.16 -77.75 27.26
N LEU Q 246 77.00 -76.66 28.00
CA LEU Q 246 76.32 -76.68 29.28
C LEU Q 246 74.89 -77.14 29.08
N THR Q 247 74.23 -76.55 28.08
CA THR Q 247 72.85 -76.89 27.76
C THR Q 247 72.78 -78.38 27.43
N ASN Q 248 73.77 -78.85 26.68
CA ASN Q 248 73.81 -80.25 26.29
C ASN Q 248 73.99 -81.10 27.54
N LYS Q 249 74.91 -80.71 28.42
CA LYS Q 249 75.15 -81.46 29.64
C LYS Q 249 73.91 -81.54 30.53
N ARG Q 250 73.30 -80.39 30.79
CA ARG Q 250 72.11 -80.37 31.64
C ARG Q 250 71.00 -81.23 31.04
N LEU Q 251 70.80 -81.11 29.73
CA LEU Q 251 69.76 -81.85 29.05
C LEU Q 251 69.91 -83.37 29.11
N TRP Q 252 71.14 -83.86 28.96
CA TRP Q 252 71.37 -85.30 29.01
C TRP Q 252 71.45 -85.85 30.43
N ALA Q 253 71.85 -84.99 31.37
CA ALA Q 253 71.95 -85.39 32.76
C ALA Q 253 70.71 -86.17 33.18
N GLY Q 254 69.55 -85.75 32.67
CA GLY Q 254 68.32 -86.43 33.01
C GLY Q 254 68.13 -87.75 32.28
N VAL Q 255 69.23 -88.41 31.90
CA VAL Q 255 69.17 -89.68 31.19
C VAL Q 255 70.31 -90.63 31.56
N LYS Q 256 71.56 -90.14 31.57
CA LYS Q 256 72.71 -90.98 31.93
C LYS Q 256 73.38 -90.51 33.22
N GLY R 9 65.79 -73.98 39.38
CA GLY R 9 64.86 -72.84 39.13
C GLY R 9 65.19 -72.12 37.83
N THR R 10 65.54 -70.84 37.91
CA THR R 10 65.87 -70.04 36.74
C THR R 10 67.38 -70.12 36.45
N ARG R 11 68.01 -71.19 36.93
CA ARG R 11 69.44 -71.41 36.70
C ARG R 11 69.57 -72.06 35.32
N ARG R 12 68.74 -73.07 35.09
CA ARG R 12 68.72 -73.80 33.82
C ARG R 12 67.82 -73.09 32.81
N ASP R 13 66.86 -72.30 33.31
CA ASP R 13 65.96 -71.58 32.43
C ASP R 13 66.73 -70.41 31.82
N PHE R 14 67.58 -69.80 32.63
CA PHE R 14 68.40 -68.67 32.20
C PHE R 14 69.38 -69.15 31.13
N LEU R 15 69.97 -70.33 31.35
CA LEU R 15 70.92 -70.92 30.41
C LEU R 15 70.27 -71.07 29.04
N TYR R 16 69.17 -71.83 29.01
CA TYR R 16 68.45 -72.06 27.77
C TYR R 16 68.10 -70.74 27.10
N TYR R 17 67.88 -69.73 27.94
CA TYR R 17 67.55 -68.39 27.46
C TYR R 17 68.79 -67.71 26.87
N ALA R 18 69.89 -67.76 27.62
CA ALA R 18 71.14 -67.15 27.18
C ALA R 18 71.67 -67.83 25.93
N THR R 19 71.40 -69.13 25.83
CA THR R 19 71.83 -69.93 24.69
C THR R 19 71.11 -69.45 23.43
N ALA R 20 69.78 -69.57 23.42
CA ALA R 20 69.01 -69.13 22.27
C ALA R 20 69.38 -67.69 21.92
N GLY R 21 69.73 -66.92 22.94
CA GLY R 21 70.12 -65.53 22.73
C GLY R 21 71.37 -65.40 21.90
N ALA R 22 72.39 -66.18 22.26
CA ALA R 22 73.66 -66.17 21.54
C ALA R 22 73.40 -66.59 20.10
N GLY R 23 72.52 -67.59 19.95
CA GLY R 23 72.18 -68.08 18.63
C GLY R 23 71.71 -66.90 17.79
N ALA R 24 70.58 -66.32 18.18
CA ALA R 24 70.01 -65.19 17.47
C ALA R 24 71.07 -64.18 17.05
N VAL R 25 71.97 -63.84 17.98
CA VAL R 25 73.02 -62.88 17.66
C VAL R 25 73.94 -63.36 16.54
N ALA R 26 74.39 -64.60 16.64
CA ALA R 26 75.27 -65.19 15.62
C ALA R 26 74.53 -65.19 14.29
N THR R 27 73.27 -65.59 14.32
CA THR R 27 72.44 -65.65 13.13
C THR R 27 72.38 -64.28 12.44
N GLY R 28 72.05 -63.24 13.21
CA GLY R 28 71.98 -61.91 12.64
C GLY R 28 73.32 -61.49 12.07
N ALA R 29 74.38 -61.82 12.81
CA ALA R 29 75.73 -61.47 12.38
C ALA R 29 76.05 -62.09 11.01
N ALA R 30 75.39 -63.20 10.71
CA ALA R 30 75.60 -63.88 9.44
C ALA R 30 74.71 -63.29 8.36
N VAL R 31 73.50 -62.94 8.75
CA VAL R 31 72.52 -62.38 7.83
C VAL R 31 72.84 -60.97 7.32
N TRP R 32 73.25 -60.06 8.20
CA TRP R 32 73.55 -58.70 7.77
C TRP R 32 74.48 -58.63 6.54
N PRO R 33 75.63 -59.32 6.58
CA PRO R 33 76.53 -59.26 5.42
C PRO R 33 75.95 -59.84 4.12
N LEU R 34 75.00 -60.77 4.23
CA LEU R 34 74.35 -61.35 3.05
C LEU R 34 73.48 -60.29 2.40
N ILE R 35 73.04 -59.35 3.22
CA ILE R 35 72.19 -58.24 2.78
C ILE R 35 73.08 -57.11 2.28
N ASN R 36 74.06 -56.75 3.09
CA ASN R 36 74.94 -55.65 2.76
C ASN R 36 75.82 -55.79 1.52
N GLN R 37 76.02 -57.02 1.03
CA GLN R 37 76.86 -57.19 -0.16
C GLN R 37 76.16 -56.57 -1.35
N MET R 38 74.85 -56.41 -1.24
CA MET R 38 74.08 -55.81 -2.32
C MET R 38 74.15 -54.29 -2.30
N ASN R 39 74.66 -53.69 -1.22
CA ASN R 39 74.76 -52.25 -1.21
C ASN R 39 75.91 -51.83 -2.13
N PRO R 40 75.91 -50.58 -2.61
CA PRO R 40 76.96 -50.09 -3.49
C PRO R 40 78.37 -50.53 -3.11
N SER R 41 79.08 -51.08 -4.10
CA SER R 41 80.45 -51.52 -3.87
C SER R 41 81.38 -50.33 -4.01
N ALA R 42 82.61 -50.49 -3.52
CA ALA R 42 83.61 -49.42 -3.53
C ALA R 42 83.89 -48.75 -4.87
N ASP R 43 83.77 -49.47 -5.97
CA ASP R 43 84.02 -48.87 -7.27
C ASP R 43 82.91 -47.90 -7.66
N VAL R 44 81.68 -48.17 -7.24
CA VAL R 44 80.56 -47.30 -7.59
C VAL R 44 80.56 -45.93 -6.88
N GLN R 45 80.91 -45.88 -5.60
CA GLN R 45 80.95 -44.67 -4.77
C GLN R 45 81.92 -43.55 -5.18
N ALA R 46 82.71 -43.78 -6.23
CA ALA R 46 83.68 -42.78 -6.67
C ALA R 46 82.99 -41.77 -7.60
N LEU R 47 81.97 -41.12 -7.06
CA LEU R 47 81.13 -40.13 -7.74
C LEU R 47 81.89 -38.85 -8.16
N ALA R 48 82.28 -38.77 -9.43
CA ALA R 48 83.03 -37.63 -9.95
C ALA R 48 82.20 -36.38 -10.25
N SER R 49 82.80 -35.50 -11.04
CA SER R 49 82.19 -34.25 -11.51
C SER R 49 82.60 -34.26 -12.97
N ILE R 50 81.80 -33.66 -13.83
CA ILE R 50 82.18 -33.67 -15.23
C ILE R 50 82.04 -32.29 -15.84
N PHE R 51 82.64 -32.11 -17.01
CA PHE R 51 82.58 -30.84 -17.70
C PHE R 51 81.92 -31.05 -19.03
N VAL R 52 81.06 -30.13 -19.40
CA VAL R 52 80.34 -30.23 -20.66
C VAL R 52 80.62 -29.01 -21.51
N ASP R 53 81.13 -29.24 -22.71
CA ASP R 53 81.38 -28.15 -23.63
C ASP R 53 80.00 -27.85 -24.16
N VAL R 54 79.62 -26.58 -24.14
CA VAL R 54 78.29 -26.22 -24.56
C VAL R 54 78.27 -25.14 -25.65
N SER R 55 79.40 -25.03 -26.37
CA SER R 55 79.57 -24.05 -27.44
C SER R 55 78.80 -24.30 -28.74
N SER R 56 78.41 -25.55 -28.97
CA SER R 56 77.68 -25.88 -30.20
C SER R 56 76.18 -25.89 -29.95
N VAL R 57 75.75 -25.33 -28.83
CA VAL R 57 74.32 -25.34 -28.52
C VAL R 57 73.59 -24.06 -28.88
N GLU R 58 72.73 -24.15 -29.90
CA GLU R 58 71.93 -23.02 -30.35
C GLU R 58 70.66 -23.06 -29.51
N PRO R 59 69.91 -21.96 -29.47
CA PRO R 59 68.68 -21.98 -28.68
C PRO R 59 67.66 -22.89 -29.35
N GLY R 60 66.89 -23.61 -28.55
CA GLY R 60 65.89 -24.53 -29.09
C GLY R 60 66.49 -25.92 -29.16
N VAL R 61 67.72 -26.04 -28.66
CA VAL R 61 68.45 -27.30 -28.67
C VAL R 61 68.71 -27.83 -27.26
N GLN R 62 68.47 -29.13 -27.08
CA GLN R 62 68.71 -29.77 -25.79
C GLN R 62 69.85 -30.75 -25.96
N LEU R 63 70.75 -30.72 -24.98
CA LEU R 63 71.92 -31.58 -24.97
C LEU R 63 71.65 -32.62 -23.89
N THR R 64 71.76 -33.90 -24.23
CA THR R 64 71.55 -34.93 -23.23
C THR R 64 72.89 -35.61 -22.99
N VAL R 65 73.30 -35.59 -21.74
CA VAL R 65 74.59 -36.07 -21.29
C VAL R 65 74.45 -37.05 -20.12
N LYS R 66 75.34 -38.05 -20.02
CA LYS R 66 75.28 -39.00 -18.91
C LYS R 66 76.11 -38.54 -17.73
N PHE R 67 75.54 -38.69 -16.54
CA PHE R 67 76.21 -38.30 -15.34
C PHE R 67 75.66 -39.20 -14.24
N LEU R 68 76.55 -39.90 -13.55
CA LEU R 68 76.16 -40.81 -12.49
C LEU R 68 75.15 -41.82 -13.02
N GLY R 69 75.30 -42.20 -14.29
CA GLY R 69 74.42 -43.19 -14.90
C GLY R 69 73.03 -42.73 -15.28
N LYS R 70 72.75 -41.45 -15.11
CA LYS R 70 71.45 -40.91 -15.44
C LYS R 70 71.56 -39.73 -16.39
N PRO R 71 70.50 -39.46 -17.20
CA PRO R 71 70.60 -38.33 -18.12
C PRO R 71 70.46 -36.96 -17.49
N ILE R 72 71.19 -36.02 -18.07
CA ILE R 72 71.13 -34.64 -17.62
C ILE R 72 70.80 -33.83 -18.85
N PHE R 73 69.80 -32.98 -18.72
CA PHE R 73 69.36 -32.17 -19.83
C PHE R 73 69.97 -30.77 -19.76
N ILE R 74 70.41 -30.29 -20.92
CA ILE R 74 70.96 -28.95 -21.00
C ILE R 74 70.28 -28.32 -22.20
N ARG R 75 69.27 -27.51 -21.92
CA ARG R 75 68.56 -26.87 -22.98
C ARG R 75 68.88 -25.40 -23.03
N ARG R 76 69.10 -24.90 -24.23
CA ARG R 76 69.34 -23.49 -24.40
C ARG R 76 67.98 -23.06 -24.87
N ARG R 77 67.23 -22.46 -23.97
CA ARG R 77 65.86 -22.05 -24.28
C ARG R 77 65.68 -20.89 -25.25
N THR R 78 64.55 -20.93 -25.95
CA THR R 78 64.18 -19.91 -26.92
C THR R 78 63.45 -18.82 -26.16
N GLU R 79 63.08 -17.75 -26.87
CA GLU R 79 62.34 -16.66 -26.24
C GLU R 79 60.97 -17.18 -25.83
N ALA R 80 60.34 -17.95 -26.70
CA ALA R 80 59.04 -18.52 -26.40
C ALA R 80 59.13 -19.34 -25.12
N ASP R 81 60.18 -20.17 -25.00
CA ASP R 81 60.35 -20.99 -23.80
C ASP R 81 60.43 -20.10 -22.56
N ILE R 82 61.23 -19.04 -22.64
CA ILE R 82 61.42 -18.14 -21.52
C ILE R 82 60.15 -17.34 -21.20
N GLU R 83 59.49 -16.84 -22.23
CA GLU R 83 58.25 -16.10 -22.04
C GLU R 83 57.30 -17.02 -21.24
N LEU R 84 56.87 -18.11 -21.86
CA LEU R 84 55.96 -19.07 -21.23
C LEU R 84 56.32 -19.43 -19.79
N GLY R 85 57.61 -19.58 -19.54
CA GLY R 85 58.06 -19.93 -18.21
C GLY R 85 57.79 -18.84 -17.20
N ARG R 86 58.11 -17.61 -17.58
CA ARG R 86 57.91 -16.49 -16.69
C ARG R 86 56.46 -16.12 -16.50
N SER R 87 55.63 -16.52 -17.47
CA SER R 87 54.20 -16.28 -17.46
C SER R 87 53.49 -17.21 -16.50
N VAL R 88 54.22 -18.13 -15.89
CA VAL R 88 53.63 -19.08 -14.96
C VAL R 88 53.64 -18.54 -13.53
N GLN R 89 52.47 -18.56 -12.89
CA GLN R 89 52.31 -18.06 -11.53
C GLN R 89 52.51 -19.18 -10.50
N LEU R 90 53.25 -18.87 -9.43
CA LEU R 90 53.50 -19.86 -8.40
C LEU R 90 52.29 -20.72 -8.06
N GLY R 91 51.13 -20.07 -7.92
CA GLY R 91 49.90 -20.77 -7.59
C GLY R 91 49.39 -21.69 -8.69
N GLN R 92 50.07 -21.67 -9.83
CA GLN R 92 49.70 -22.50 -10.96
C GLN R 92 50.43 -23.84 -10.86
N LEU R 93 51.42 -23.92 -9.98
CA LEU R 93 52.24 -25.13 -9.86
C LEU R 93 51.86 -26.24 -8.90
N VAL R 94 52.18 -27.46 -9.30
CA VAL R 94 51.95 -28.65 -8.47
C VAL R 94 53.01 -28.66 -7.37
N ASP R 95 54.23 -28.22 -7.71
CA ASP R 95 55.35 -28.15 -6.76
C ASP R 95 55.96 -26.76 -6.84
N THR R 96 55.99 -26.08 -5.69
CA THR R 96 56.50 -24.71 -5.63
C THR R 96 57.96 -24.59 -5.22
N ASN R 97 58.58 -25.70 -4.87
CA ASN R 97 59.99 -25.65 -4.49
C ASN R 97 60.84 -25.65 -5.75
N ALA R 98 61.91 -24.87 -5.73
CA ALA R 98 62.79 -24.77 -6.89
C ALA R 98 63.60 -26.04 -7.19
N ARG R 99 63.80 -26.89 -6.17
CA ARG R 99 64.57 -28.12 -6.33
C ARG R 99 65.89 -27.80 -7.02
N ASN R 100 66.50 -26.72 -6.59
CA ASN R 100 67.75 -26.28 -7.17
C ASN R 100 68.85 -26.32 -6.12
N ALA R 101 69.80 -27.24 -6.31
CA ALA R 101 70.90 -27.41 -5.37
C ALA R 101 71.88 -26.24 -5.36
N ASN R 102 71.79 -25.37 -6.37
CA ASN R 102 72.66 -24.22 -6.47
C ASN R 102 72.22 -23.05 -5.62
N ILE R 103 70.99 -23.12 -5.12
CA ILE R 103 70.47 -22.04 -4.29
C ILE R 103 69.83 -22.56 -3.01
N ASP R 104 69.19 -21.67 -2.25
CA ASP R 104 68.55 -22.06 -1.00
C ASP R 104 67.54 -23.19 -1.16
N ALA R 105 67.55 -24.11 -0.20
CA ALA R 105 66.62 -25.23 -0.23
C ALA R 105 65.17 -24.76 -0.19
N GLY R 106 64.97 -23.55 0.32
CA GLY R 106 63.62 -23.01 0.40
C GLY R 106 63.16 -22.22 -0.81
N ALA R 107 64.07 -21.87 -1.71
CA ALA R 107 63.73 -21.09 -2.90
C ALA R 107 62.43 -21.54 -3.58
N GLU R 108 61.78 -20.61 -4.27
CA GLU R 108 60.52 -20.89 -4.97
C GLU R 108 60.71 -21.20 -6.46
N ALA R 109 59.83 -22.04 -6.97
CA ALA R 109 59.84 -22.47 -8.35
C ALA R 109 59.59 -21.42 -9.42
N THR R 110 60.15 -20.22 -9.24
CA THR R 110 59.97 -19.18 -10.26
C THR R 110 60.95 -19.51 -11.38
N ASP R 111 60.62 -19.08 -12.60
CA ASP R 111 61.44 -19.32 -13.79
C ASP R 111 62.86 -18.82 -13.60
N GLN R 112 63.02 -17.69 -12.91
CA GLN R 112 64.33 -17.13 -12.66
C GLN R 112 65.14 -18.04 -11.74
N ASN R 113 64.42 -18.75 -10.86
CA ASN R 113 65.03 -19.66 -9.91
C ASN R 113 65.28 -21.06 -10.45
N ARG R 114 65.04 -21.23 -11.75
CA ARG R 114 65.21 -22.52 -12.40
C ARG R 114 66.31 -22.53 -13.45
N THR R 115 66.90 -21.37 -13.72
CA THR R 115 67.97 -21.30 -14.71
C THR R 115 69.30 -20.92 -14.09
N LEU R 116 70.38 -21.08 -14.85
CA LEU R 116 71.71 -20.76 -14.34
C LEU R 116 72.04 -19.28 -14.50
N ASP R 117 71.52 -18.70 -15.58
CA ASP R 117 71.76 -17.30 -15.90
C ASP R 117 70.57 -16.40 -15.59
N GLU R 118 70.83 -15.09 -15.51
CA GLU R 118 69.77 -14.15 -15.24
C GLU R 118 68.87 -14.00 -16.46
N ALA R 119 69.44 -14.16 -17.65
CA ALA R 119 68.64 -14.06 -18.87
C ALA R 119 67.74 -15.30 -18.99
N GLY R 120 68.00 -16.28 -18.13
CA GLY R 120 67.23 -17.52 -18.11
C GLY R 120 67.26 -18.31 -19.41
N GLU R 121 68.43 -18.41 -20.01
CA GLU R 121 68.55 -19.12 -21.27
C GLU R 121 69.05 -20.53 -21.07
N TRP R 122 69.78 -20.74 -19.98
CA TRP R 122 70.34 -22.05 -19.70
C TRP R 122 69.62 -22.89 -18.65
N LEU R 123 68.82 -23.83 -19.13
CA LEU R 123 68.09 -24.72 -18.25
C LEU R 123 68.89 -26.02 -18.17
N VAL R 124 69.36 -26.34 -16.97
CA VAL R 124 70.16 -27.53 -16.73
C VAL R 124 69.50 -28.32 -15.62
N MET R 125 69.07 -29.54 -15.94
CA MET R 125 68.38 -30.37 -14.95
C MET R 125 68.54 -31.87 -15.21
N TRP R 126 68.21 -32.66 -14.18
CA TRP R 126 68.28 -34.10 -14.29
C TRP R 126 67.12 -34.51 -15.19
N GLY R 127 67.41 -35.20 -16.29
CA GLY R 127 66.34 -35.65 -17.17
C GLY R 127 65.74 -36.91 -16.60
N VAL R 128 65.49 -36.89 -15.30
CA VAL R 128 64.95 -38.03 -14.57
C VAL R 128 63.59 -37.72 -13.94
N CYS R 129 62.52 -38.23 -14.54
CA CYS R 129 61.16 -38.02 -14.03
C CYS R 129 61.14 -38.30 -12.52
N THR R 130 60.48 -37.42 -11.77
CA THR R 130 60.41 -37.57 -10.31
C THR R 130 59.36 -38.60 -9.89
N HIS R 131 58.63 -39.15 -10.86
CA HIS R 131 57.64 -40.15 -10.53
C HIS R 131 58.42 -41.45 -10.30
N LEU R 132 58.75 -42.16 -11.39
CA LEU R 132 59.47 -43.42 -11.24
C LEU R 132 60.76 -43.57 -12.07
N GLY R 133 61.39 -42.45 -12.43
CA GLY R 133 62.65 -42.53 -13.14
C GLY R 133 62.86 -42.37 -14.64
N CYS R 134 61.83 -42.57 -15.46
CA CYS R 134 62.05 -42.45 -16.89
C CYS R 134 62.61 -41.09 -17.27
N SER R 135 63.12 -40.99 -18.49
CA SER R 135 63.65 -39.72 -18.96
C SER R 135 62.60 -39.11 -19.87
N PRO R 136 62.12 -37.92 -19.49
CA PRO R 136 61.09 -37.24 -20.28
C PRO R 136 61.55 -36.79 -21.66
N ILE R 137 60.66 -36.88 -22.62
CA ILE R 137 60.92 -36.49 -24.01
C ILE R 137 60.80 -34.97 -24.13
N GLY R 138 61.83 -34.32 -24.66
CA GLY R 138 61.83 -32.88 -24.79
C GLY R 138 61.43 -32.36 -26.15
N GLY R 139 62.05 -31.27 -26.60
CA GLY R 139 61.70 -30.70 -27.89
C GLY R 139 60.28 -30.20 -27.87
N VAL R 140 59.91 -29.50 -26.80
CA VAL R 140 58.58 -28.96 -26.64
C VAL R 140 57.51 -30.04 -26.80
N SER R 141 57.44 -30.92 -25.82
CA SER R 141 56.46 -32.01 -25.82
C SER R 141 55.57 -31.79 -24.60
N GLY R 142 54.40 -32.40 -24.57
CA GLY R 142 53.51 -32.23 -23.43
C GLY R 142 52.52 -31.09 -23.62
N ASP R 143 51.65 -30.89 -22.63
CA ASP R 143 50.65 -29.82 -22.73
C ASP R 143 51.11 -28.49 -22.12
N PHE R 144 52.39 -28.38 -21.76
CA PHE R 144 52.88 -27.16 -21.15
C PHE R 144 54.19 -26.64 -21.73
N GLY R 145 54.40 -26.90 -23.03
CA GLY R 145 55.60 -26.46 -23.73
C GLY R 145 56.92 -27.00 -23.19
N GLY R 146 56.90 -28.16 -22.55
CA GLY R 146 58.14 -28.67 -21.97
C GLY R 146 58.56 -30.06 -22.35
N TRP R 147 58.36 -30.98 -21.42
CA TRP R 147 58.72 -32.39 -21.57
C TRP R 147 57.52 -33.27 -21.24
N PHE R 148 57.49 -34.45 -21.83
CA PHE R 148 56.43 -35.41 -21.59
C PHE R 148 57.05 -36.76 -21.20
N CYS R 149 56.64 -37.31 -20.06
CA CYS R 149 57.14 -38.60 -19.62
C CYS R 149 56.18 -39.67 -20.14
N PRO R 150 56.62 -40.50 -21.08
CA PRO R 150 55.80 -41.56 -21.66
C PRO R 150 55.52 -42.74 -20.74
N CYS R 151 56.24 -42.82 -19.62
CA CYS R 151 56.02 -43.92 -18.72
C CYS R 151 54.67 -43.90 -18.02
N HIS R 152 54.26 -42.76 -17.47
CA HIS R 152 52.93 -42.73 -16.84
C HIS R 152 52.17 -41.43 -17.09
N GLY R 153 52.66 -40.62 -18.03
CA GLY R 153 51.96 -39.40 -18.39
C GLY R 153 52.20 -38.11 -17.63
N SER R 154 53.42 -37.89 -17.14
CA SER R 154 53.71 -36.66 -16.45
C SER R 154 54.09 -35.60 -17.46
N HIS R 155 53.62 -34.38 -17.26
CA HIS R 155 53.96 -33.27 -18.16
C HIS R 155 54.74 -32.25 -17.35
N TYR R 156 55.78 -31.68 -17.95
CA TYR R 156 56.59 -30.66 -17.31
C TYR R 156 56.57 -29.45 -18.22
N ASP R 157 56.61 -28.25 -17.62
CA ASP R 157 56.60 -27.03 -18.44
C ASP R 157 57.99 -26.67 -18.93
N SER R 158 58.11 -25.53 -19.60
CA SER R 158 59.39 -25.12 -20.13
C SER R 158 60.47 -24.76 -19.09
N ALA R 159 60.17 -24.93 -17.80
CA ALA R 159 61.19 -24.65 -16.79
C ALA R 159 61.44 -25.97 -16.10
N GLY R 160 60.80 -27.02 -16.60
CA GLY R 160 60.96 -28.35 -16.04
C GLY R 160 60.14 -28.57 -14.79
N ARG R 161 59.06 -27.82 -14.63
CA ARG R 161 58.22 -27.97 -13.46
C ARG R 161 57.06 -28.90 -13.77
N ILE R 162 56.71 -29.73 -12.80
CA ILE R 162 55.63 -30.71 -13.01
C ILE R 162 54.28 -29.97 -12.98
N ARG R 163 53.45 -30.26 -13.99
CA ARG R 163 52.16 -29.60 -14.11
C ARG R 163 51.01 -30.59 -14.21
N LYS R 164 51.31 -31.85 -14.46
CA LYS R 164 50.26 -32.84 -14.61
C LYS R 164 50.83 -34.26 -14.55
N GLY R 165 50.05 -35.19 -14.02
CA GLY R 165 50.50 -36.56 -13.92
C GLY R 165 50.81 -36.99 -12.49
N PRO R 166 51.39 -38.18 -12.32
CA PRO R 166 51.73 -38.66 -10.96
C PRO R 166 53.05 -38.17 -10.39
N ALA R 167 53.91 -37.55 -11.20
CA ALA R 167 55.18 -37.09 -10.65
C ALA R 167 54.91 -36.06 -9.56
N PRO R 168 55.54 -36.24 -8.38
CA PRO R 168 55.32 -35.29 -7.29
C PRO R 168 56.14 -34.01 -7.35
N GLU R 169 57.23 -34.01 -8.10
CA GLU R 169 58.07 -32.81 -8.11
C GLU R 169 58.63 -32.32 -9.42
N ASN R 170 59.31 -31.17 -9.33
CA ASN R 170 59.95 -30.56 -10.49
C ASN R 170 61.27 -31.28 -10.70
N LEU R 171 61.66 -31.41 -11.97
CA LEU R 171 62.93 -32.06 -12.30
C LEU R 171 64.01 -31.34 -11.50
N PRO R 172 64.80 -32.08 -10.72
CA PRO R 172 65.86 -31.47 -9.90
C PRO R 172 66.96 -30.83 -10.74
N ILE R 173 67.59 -29.82 -10.16
CA ILE R 173 68.69 -29.13 -10.82
C ILE R 173 69.90 -29.45 -9.95
N PRO R 174 70.95 -30.05 -10.55
CA PRO R 174 72.17 -30.44 -9.85
C PRO R 174 73.13 -29.27 -9.70
N LEU R 175 74.17 -29.46 -8.89
CA LEU R 175 75.16 -28.43 -8.74
C LEU R 175 75.65 -28.25 -10.17
N ALA R 176 75.59 -27.03 -10.67
CA ALA R 176 76.01 -26.74 -12.03
C ALA R 176 76.36 -25.27 -12.06
N LYS R 177 77.38 -24.91 -12.83
CA LYS R 177 77.83 -23.52 -12.89
C LYS R 177 78.82 -23.34 -14.04
N PHE R 178 78.60 -22.33 -14.88
CA PHE R 178 79.52 -22.11 -15.98
C PHE R 178 80.90 -21.90 -15.39
N ILE R 179 81.84 -22.73 -15.80
CA ILE R 179 83.22 -22.67 -15.34
C ILE R 179 83.97 -21.68 -16.23
N ASP R 180 83.31 -21.26 -17.29
CA ASP R 180 83.86 -20.29 -18.23
C ASP R 180 82.88 -20.07 -19.36
N GLU R 181 83.34 -19.31 -20.34
CA GLU R 181 82.57 -18.94 -21.52
C GLU R 181 81.64 -20.01 -22.12
N THR R 182 82.17 -21.20 -22.37
CA THR R 182 81.36 -22.23 -23.00
C THR R 182 81.41 -23.58 -22.31
N THR R 183 81.72 -23.56 -21.02
CA THR R 183 81.83 -24.80 -20.26
C THR R 183 81.06 -24.81 -18.94
N ILE R 184 80.24 -25.84 -18.75
CA ILE R 184 79.47 -25.99 -17.53
C ILE R 184 80.03 -27.17 -16.74
N GLN R 185 80.17 -27.01 -15.44
CA GLN R 185 80.67 -28.09 -14.61
C GLN R 185 79.53 -28.67 -13.76
N LEU R 186 79.16 -29.90 -14.05
CA LEU R 186 78.11 -30.57 -13.31
C LEU R 186 78.72 -31.24 -12.09
N GLY R 187 78.02 -31.18 -10.97
CA GLY R 187 78.54 -31.79 -9.75
C GLY R 187 79.71 -30.99 -9.21
#